data_4ATP
#
_entry.id   4ATP
#
_cell.length_a   175.700
_cell.length_b   290.990
_cell.length_c   104.540
_cell.angle_alpha   90.00
_cell.angle_beta   90.00
_cell.angle_gamma   90.00
#
_symmetry.space_group_name_H-M   'P 21 21 2'
#
loop_
_entity.id
_entity.type
_entity.pdbx_description
1 polymer '4-AMINOBUTYRATE TRANSAMINASE'
2 non-polymer "PYRIDOXAL-5'-PHOSPHATE"
3 water water
#
_entity_poly.entity_id   1
_entity_poly.type   'polypeptide(L)'
_entity_poly.pdbx_seq_one_letter_code
;MTTTANELSYRIEQKRNINGAFPGPKSQALAERRSAVVAAGVASGVPVYVEDADGGIIRDVDGNSFIDLGSGIAVTSVGA
SDPAVVAAVQEAAAHFTHTCFMVTPYEGYVAVTEQLNRLTPGDHAKRTVLFNSGAEAVENAVKVARLATGRDAVVAFDHA
YHGRTNLTMALTAKAMPYKTNFGPFAPEVYRMPMSYPFREENPEITGAEAAKRAITMIEKQIGGDQVAAIIIEPIQGEGG
FIVPAEGFLPALSEWAKEKGIVFIADEVQSGFCRTGEWFAVDHEGVVPDIITMAKGIAGGLPLSAITGRADLLDAVHPGG
LGGTYGGNPVACAAALAAIDTMEQHDLNGRARHIEELALGKLRELAAELSAGGGSVVGDIRGRGAMLAIELVQPGSKEPN
AELTKAVAAACLKEGVIILTCGTYGNVIRLLPPLVISDELLIDGLEVLAAAIKAHA
;
_entity_poly.pdbx_strand_id   A,B,C,D,E,F,G,H,I,J,K,L
#
# COMPACT_ATOMS: atom_id res chain seq x y z
N SER A 9 -18.87 -4.38 -7.20
CA SER A 9 -17.42 -4.00 -7.51
C SER A 9 -16.54 -5.23 -7.86
N TYR A 10 -15.80 -5.15 -8.98
CA TYR A 10 -15.09 -6.30 -9.56
C TYR A 10 -13.60 -6.10 -9.71
N ARG A 11 -12.88 -7.19 -9.93
CA ARG A 11 -11.41 -7.18 -10.01
C ARG A 11 -10.90 -6.97 -11.44
N ILE A 12 -11.53 -7.62 -12.42
CA ILE A 12 -11.11 -7.46 -13.81
C ILE A 12 -12.23 -6.84 -14.63
N GLU A 13 -11.84 -6.23 -15.76
CA GLU A 13 -12.79 -5.42 -16.52
C GLU A 13 -13.95 -6.30 -16.94
N GLN A 14 -15.15 -5.80 -16.66
CA GLN A 14 -16.37 -6.55 -16.93
C GLN A 14 -16.97 -6.24 -18.28
N LYS A 15 -16.23 -6.58 -19.33
CA LYS A 15 -16.86 -6.57 -20.61
C LYS A 15 -16.23 -7.50 -21.61
N ARG A 16 -17.06 -7.82 -22.59
CA ARG A 16 -16.72 -8.79 -23.59
C ARG A 16 -15.70 -8.21 -24.55
N ASN A 17 -14.59 -8.92 -24.73
CA ASN A 17 -13.48 -8.45 -25.54
C ASN A 17 -12.65 -9.56 -26.18
N ILE A 18 -12.88 -9.80 -27.46
CA ILE A 18 -12.13 -10.79 -28.20
C ILE A 18 -11.18 -10.11 -29.18
N ASN A 19 -9.88 -10.18 -28.90
CA ASN A 19 -8.84 -9.69 -29.85
C ASN A 19 -8.43 -10.79 -30.86
N GLY A 20 -8.97 -10.73 -32.08
CA GLY A 20 -8.61 -11.71 -33.11
C GLY A 20 -8.95 -13.17 -32.79
N ALA A 21 -8.27 -14.07 -33.47
CA ALA A 21 -8.62 -15.46 -33.47
C ALA A 21 -8.23 -16.15 -32.17
N PHE A 22 -8.99 -17.18 -31.80
CA PHE A 22 -8.65 -18.07 -30.68
C PHE A 22 -9.02 -19.51 -31.02
N PRO A 23 -8.39 -20.47 -30.36
CA PRO A 23 -7.40 -20.31 -29.32
C PRO A 23 -6.14 -19.58 -29.77
N GLY A 24 -5.66 -18.64 -28.93
CA GLY A 24 -4.40 -17.97 -29.19
C GLY A 24 -3.19 -18.85 -28.90
N PRO A 25 -1.97 -18.27 -29.00
CA PRO A 25 -0.74 -19.07 -28.93
C PRO A 25 -0.56 -19.77 -27.61
N LYS A 26 -0.84 -19.08 -26.52
CA LYS A 26 -0.61 -19.67 -25.17
C LYS A 26 -1.63 -20.78 -24.85
N SER A 27 -2.87 -20.60 -25.31
CA SER A 27 -3.87 -21.63 -25.24
C SER A 27 -3.47 -22.85 -26.07
N GLN A 28 -3.04 -22.62 -27.31
CA GLN A 28 -2.59 -23.73 -28.18
C GLN A 28 -1.44 -24.50 -27.53
N ALA A 29 -0.54 -23.79 -26.87
CA ALA A 29 0.64 -24.41 -26.27
C ALA A 29 0.17 -25.37 -25.18
N LEU A 30 -0.86 -24.96 -24.42
CA LEU A 30 -1.42 -25.78 -23.35
C LEU A 30 -2.15 -27.00 -23.96
N ALA A 31 -2.95 -26.77 -25.00
CA ALA A 31 -3.63 -27.87 -25.66
C ALA A 31 -2.62 -28.92 -26.12
N GLU A 32 -1.48 -28.48 -26.65
CA GLU A 32 -0.45 -29.41 -27.14
C GLU A 32 0.12 -30.20 -25.95
N ARG A 33 0.33 -29.55 -24.82
CA ARG A 33 0.80 -30.24 -23.63
C ARG A 33 -0.24 -31.22 -23.11
N ARG A 34 -1.48 -30.75 -23.08
CA ARG A 34 -2.59 -31.53 -22.61
C ARG A 34 -2.69 -32.89 -23.29
N SER A 35 -2.62 -32.89 -24.61
CA SER A 35 -2.87 -34.14 -25.36
C SER A 35 -1.83 -35.22 -25.12
N ALA A 36 -0.68 -34.85 -24.56
CA ALA A 36 0.34 -35.85 -24.21
C ALA A 36 0.06 -36.56 -22.90
N VAL A 37 -0.88 -36.03 -22.10
CA VAL A 37 -0.95 -36.45 -20.71
C VAL A 37 -2.34 -36.58 -20.05
N VAL A 38 -3.35 -35.92 -20.59
CA VAL A 38 -4.74 -36.06 -20.13
C VAL A 38 -5.50 -37.03 -21.01
N ALA A 39 -6.29 -37.92 -20.42
CA ALA A 39 -7.05 -38.89 -21.20
C ALA A 39 -7.78 -38.20 -22.34
N ALA A 40 -7.74 -38.80 -23.51
CA ALA A 40 -8.33 -38.21 -24.71
C ALA A 40 -9.80 -37.91 -24.58
N GLY A 41 -10.50 -38.73 -23.78
CA GLY A 41 -11.94 -38.61 -23.63
C GLY A 41 -12.32 -37.42 -22.79
N VAL A 42 -11.40 -36.94 -21.96
CA VAL A 42 -11.69 -35.79 -21.12
C VAL A 42 -11.63 -34.53 -22.00
N ALA A 43 -12.80 -34.07 -22.43
CA ALA A 43 -12.94 -32.94 -23.36
C ALA A 43 -13.37 -31.71 -22.63
N SER A 44 -13.10 -30.55 -23.24
CA SER A 44 -13.58 -29.31 -22.68
C SER A 44 -14.50 -28.63 -23.68
N GLY A 45 -15.54 -27.98 -23.17
CA GLY A 45 -16.52 -27.27 -24.03
C GLY A 45 -15.92 -26.05 -24.71
N VAL A 46 -14.81 -25.57 -24.15
CA VAL A 46 -14.18 -24.35 -24.55
C VAL A 46 -12.69 -24.62 -24.86
N PRO A 47 -12.20 -24.11 -26.00
CA PRO A 47 -10.82 -24.34 -26.43
C PRO A 47 -9.75 -23.39 -25.87
N VAL A 48 -10.16 -22.37 -25.10
CA VAL A 48 -9.25 -21.43 -24.50
C VAL A 48 -9.03 -21.76 -23.00
N TYR A 49 -7.87 -21.36 -22.45
CA TYR A 49 -7.47 -21.73 -21.09
C TYR A 49 -7.58 -20.52 -20.18
N VAL A 50 -8.25 -20.66 -19.03
CA VAL A 50 -8.50 -19.55 -18.10
C VAL A 50 -7.22 -19.13 -17.42
N GLU A 51 -7.08 -17.83 -17.21
CA GLU A 51 -6.04 -17.28 -16.36
C GLU A 51 -6.67 -16.63 -15.14
N ASP A 52 -7.76 -15.89 -15.36
CA ASP A 52 -8.50 -15.21 -14.29
C ASP A 52 -9.98 -15.32 -14.59
N ALA A 53 -10.77 -15.56 -13.55
CA ALA A 53 -12.24 -15.65 -13.69
C ALA A 53 -12.85 -14.83 -12.57
N ASP A 54 -13.73 -13.88 -12.92
CA ASP A 54 -14.23 -12.88 -11.97
C ASP A 54 -15.48 -12.21 -12.51
N GLY A 55 -16.41 -11.91 -11.63
CA GLY A 55 -17.72 -11.37 -12.04
C GLY A 55 -18.40 -12.24 -13.06
N GLY A 56 -18.65 -11.67 -14.23
CA GLY A 56 -19.22 -12.40 -15.35
C GLY A 56 -18.22 -12.68 -16.50
N ILE A 57 -16.94 -12.69 -16.20
CA ILE A 57 -15.93 -12.79 -17.22
C ILE A 57 -14.98 -13.96 -16.96
N ILE A 58 -14.66 -14.68 -18.04
CA ILE A 58 -13.55 -15.60 -18.06
C ILE A 58 -12.50 -15.00 -18.98
N ARG A 59 -11.31 -14.72 -18.44
CA ARG A 59 -10.24 -14.17 -19.22
C ARG A 59 -9.18 -15.23 -19.48
N ASP A 60 -8.85 -15.44 -20.75
CA ASP A 60 -7.95 -16.51 -21.10
C ASP A 60 -6.50 -16.06 -21.06
N VAL A 61 -5.60 -17.02 -21.24
CA VAL A 61 -4.18 -16.77 -21.13
C VAL A 61 -3.64 -15.85 -22.27
N ASP A 62 -4.42 -15.64 -23.31
CA ASP A 62 -4.03 -14.78 -24.43
C ASP A 62 -4.78 -13.43 -24.33
N GLY A 63 -5.32 -13.13 -23.17
CA GLY A 63 -5.94 -11.83 -22.94
C GLY A 63 -7.32 -11.59 -23.53
N ASN A 64 -8.00 -12.63 -24.00
CA ASN A 64 -9.40 -12.51 -24.41
C ASN A 64 -10.37 -12.62 -23.24
N SER A 65 -11.44 -11.83 -23.28
CA SER A 65 -12.42 -11.81 -22.22
C SER A 65 -13.80 -12.28 -22.72
N PHE A 66 -14.20 -13.47 -22.24
CA PHE A 66 -15.51 -14.06 -22.58
C PHE A 66 -16.53 -13.77 -21.49
N ILE A 67 -17.80 -13.64 -21.88
CA ILE A 67 -18.89 -13.59 -20.91
C ILE A 67 -19.16 -15.00 -20.43
N ASP A 68 -19.27 -15.15 -19.11
CA ASP A 68 -19.46 -16.46 -18.47
C ASP A 68 -20.93 -16.64 -18.17
N LEU A 69 -21.62 -17.43 -18.98
CA LEU A 69 -23.02 -17.74 -18.73
C LEU A 69 -23.22 -19.20 -18.26
N GLY A 70 -22.16 -19.82 -17.75
CA GLY A 70 -22.25 -21.16 -17.19
C GLY A 70 -21.89 -21.29 -15.72
N SER A 71 -21.17 -20.30 -15.20
CA SER A 71 -20.62 -20.33 -13.83
C SER A 71 -20.07 -21.70 -13.40
N GLY A 72 -19.37 -22.36 -14.33
CA GLY A 72 -18.71 -23.64 -14.02
C GLY A 72 -19.71 -24.76 -13.74
N ILE A 73 -20.81 -24.76 -14.49
CA ILE A 73 -21.99 -25.59 -14.22
C ILE A 73 -22.57 -25.26 -12.84
N ALA A 74 -23.02 -24.02 -12.69
CA ALA A 74 -23.78 -23.58 -11.51
C ALA A 74 -22.99 -23.57 -10.24
N VAL A 75 -21.68 -23.50 -10.33
CA VAL A 75 -20.82 -23.57 -9.14
C VAL A 75 -20.46 -22.20 -8.57
N THR A 76 -19.89 -21.35 -9.40
CA THR A 76 -19.39 -20.04 -8.94
C THR A 76 -20.52 -19.01 -8.96
N SER A 77 -21.54 -19.27 -8.16
CA SER A 77 -22.70 -18.39 -8.12
C SER A 77 -22.30 -17.02 -7.58
N VAL A 78 -21.44 -17.02 -6.56
CA VAL A 78 -20.93 -15.80 -5.96
C VAL A 78 -19.79 -15.19 -6.75
N GLY A 79 -19.42 -15.85 -7.84
CA GLY A 79 -18.32 -15.40 -8.70
C GLY A 79 -17.11 -16.25 -8.49
N ALA A 80 -16.31 -16.37 -9.54
CA ALA A 80 -15.19 -17.28 -9.53
C ALA A 80 -14.03 -16.79 -8.68
N SER A 81 -14.06 -15.53 -8.27
CA SER A 81 -13.08 -15.01 -7.29
C SER A 81 -13.67 -13.91 -6.40
N ASP A 82 -14.72 -14.28 -5.67
CA ASP A 82 -15.29 -13.40 -4.66
C ASP A 82 -14.27 -13.09 -3.59
N PRO A 83 -13.97 -11.80 -3.40
CA PRO A 83 -12.97 -11.37 -2.44
C PRO A 83 -13.10 -12.09 -1.12
N ALA A 84 -14.32 -12.22 -0.61
CA ALA A 84 -14.51 -12.80 0.73
C ALA A 84 -14.05 -14.27 0.70
N VAL A 85 -14.49 -15.00 -0.34
CA VAL A 85 -14.08 -16.38 -0.51
C VAL A 85 -12.57 -16.47 -0.60
N VAL A 86 -11.99 -15.63 -1.44
CA VAL A 86 -10.54 -15.65 -1.66
C VAL A 86 -9.79 -15.43 -0.37
N ALA A 87 -10.20 -14.40 0.36
CA ALA A 87 -9.55 -14.06 1.64
C ALA A 87 -9.65 -15.22 2.62
N ALA A 88 -10.85 -15.82 2.69
CA ALA A 88 -11.12 -16.88 3.67
C ALA A 88 -10.26 -18.10 3.41
N VAL A 89 -10.15 -18.44 2.12
CA VAL A 89 -9.38 -19.57 1.69
C VAL A 89 -7.91 -19.33 2.03
N GLN A 90 -7.42 -18.13 1.72
CA GLN A 90 -6.03 -17.74 1.99
C GLN A 90 -5.69 -17.82 3.46
N GLU A 91 -6.59 -17.29 4.28
CA GLU A 91 -6.38 -17.27 5.72
C GLU A 91 -6.37 -18.68 6.31
N ALA A 92 -7.37 -19.49 5.92
CA ALA A 92 -7.55 -20.86 6.46
C ALA A 92 -6.40 -21.76 6.12
N ALA A 93 -5.91 -21.66 4.90
CA ALA A 93 -4.81 -22.54 4.48
C ALA A 93 -3.53 -22.35 5.31
N ALA A 94 -3.31 -21.13 5.79
CA ALA A 94 -2.12 -20.82 6.59
C ALA A 94 -2.14 -21.48 7.97
N HIS A 95 -3.31 -21.90 8.46
CA HIS A 95 -3.41 -22.56 9.76
C HIS A 95 -3.27 -24.04 9.73
N PHE A 96 -4.00 -24.67 8.80
CA PHE A 96 -3.91 -26.13 8.48
C PHE A 96 -4.79 -26.46 7.30
N THR A 97 -4.27 -27.29 6.40
CA THR A 97 -4.94 -27.62 5.15
C THR A 97 -5.97 -28.73 5.37
N HIS A 98 -5.70 -29.60 6.35
CA HIS A 98 -6.44 -30.82 6.54
C HIS A 98 -5.99 -31.51 7.77
N THR A 99 -6.94 -31.97 8.57
CA THR A 99 -6.65 -32.88 9.67
C THR A 99 -7.56 -34.10 9.68
N CYS A 100 -8.54 -34.13 8.78
CA CYS A 100 -9.61 -35.15 8.74
C CYS A 100 -10.55 -35.05 9.93
N PHE A 101 -11.73 -34.53 9.69
CA PHE A 101 -12.71 -34.31 10.77
C PHE A 101 -12.96 -35.55 11.65
N MET A 102 -13.02 -36.73 11.04
CA MET A 102 -13.19 -37.97 11.82
C MET A 102 -12.02 -38.25 12.76
N VAL A 103 -10.87 -37.62 12.55
CA VAL A 103 -9.74 -37.80 13.44
C VAL A 103 -9.66 -36.62 14.41
N THR A 104 -9.26 -35.44 13.90
CA THR A 104 -9.22 -34.24 14.71
C THR A 104 -10.15 -33.18 14.16
N PRO A 105 -11.19 -32.82 14.93
CA PRO A 105 -12.21 -31.97 14.38
C PRO A 105 -11.79 -30.52 14.45
N TYR A 106 -12.62 -29.64 13.89
CA TYR A 106 -12.32 -28.23 13.76
C TYR A 106 -13.55 -27.38 13.52
N GLU A 107 -13.46 -26.11 13.88
CA GLU A 107 -14.62 -25.24 13.93
C GLU A 107 -15.31 -25.10 12.58
N GLY A 108 -14.52 -25.02 11.52
CA GLY A 108 -15.06 -24.73 10.20
C GLY A 108 -16.16 -25.70 9.75
N TYR A 109 -15.96 -26.97 10.09
CA TYR A 109 -16.93 -28.03 9.78
C TYR A 109 -18.20 -27.75 10.54
N VAL A 110 -18.08 -27.61 11.87
CA VAL A 110 -19.23 -27.29 12.71
C VAL A 110 -19.96 -26.04 12.19
N ALA A 111 -19.20 -25.01 11.87
CA ALA A 111 -19.81 -23.74 11.50
C ALA A 111 -20.61 -23.84 10.20
N VAL A 112 -20.06 -24.54 9.21
CA VAL A 112 -20.78 -24.70 7.93
C VAL A 112 -22.08 -25.45 8.20
N THR A 113 -21.93 -26.48 9.01
CA THR A 113 -23.01 -27.30 9.51
C THR A 113 -24.12 -26.47 10.14
N GLU A 114 -23.74 -25.45 10.90
CA GLU A 114 -24.72 -24.54 11.56
C GLU A 114 -25.49 -23.73 10.54
N GLN A 115 -24.80 -23.20 9.56
CA GLN A 115 -25.44 -22.45 8.51
C GLN A 115 -26.43 -23.27 7.67
N LEU A 116 -26.05 -24.50 7.35
CA LEU A 116 -26.92 -25.33 6.53
C LEU A 116 -28.19 -25.68 7.31
N ASN A 117 -28.05 -25.96 8.60
CA ASN A 117 -29.20 -26.25 9.47
C ASN A 117 -30.16 -25.10 9.42
N ARG A 118 -29.61 -23.91 9.50
CA ARG A 118 -30.39 -22.70 9.50
C ARG A 118 -31.09 -22.43 8.18
N LEU A 119 -30.38 -22.59 7.06
CA LEU A 119 -30.85 -22.11 5.75
C LEU A 119 -31.73 -23.08 4.99
N THR A 120 -31.67 -24.34 5.37
CA THR A 120 -32.41 -25.38 4.67
C THR A 120 -33.87 -25.34 5.12
N PRO A 121 -34.78 -25.91 4.33
CA PRO A 121 -36.20 -25.84 4.70
C PRO A 121 -36.58 -26.66 5.91
N GLY A 122 -37.68 -26.24 6.52
CA GLY A 122 -38.23 -26.92 7.69
C GLY A 122 -37.65 -26.45 8.99
N ASP A 123 -38.46 -26.53 10.05
CA ASP A 123 -38.08 -26.10 11.39
C ASP A 123 -37.87 -27.25 12.35
N HIS A 124 -38.01 -28.48 11.87
CA HIS A 124 -37.72 -29.70 12.63
C HIS A 124 -36.24 -29.86 12.91
N ALA A 125 -35.90 -30.80 13.79
CA ALA A 125 -34.51 -31.06 14.13
C ALA A 125 -33.80 -31.58 12.88
N LYS A 126 -32.69 -30.97 12.53
CA LYS A 126 -31.91 -31.42 11.40
C LYS A 126 -30.46 -31.64 11.78
N ARG A 127 -29.76 -32.46 11.01
CA ARG A 127 -28.32 -32.65 11.19
C ARG A 127 -27.64 -32.70 9.83
N THR A 128 -26.33 -32.53 9.83
CA THR A 128 -25.60 -32.48 8.58
C THR A 128 -24.33 -33.32 8.64
N VAL A 129 -23.92 -33.86 7.51
CA VAL A 129 -22.59 -34.41 7.33
C VAL A 129 -22.03 -33.79 6.04
N LEU A 130 -20.71 -33.65 5.97
CA LEU A 130 -20.05 -33.03 4.83
C LEU A 130 -19.11 -34.02 4.07
N PHE A 131 -19.06 -33.84 2.77
CA PHE A 131 -18.21 -34.64 1.93
C PHE A 131 -17.59 -33.71 0.88
N ASN A 132 -17.13 -34.26 -0.23
CA ASN A 132 -16.47 -33.45 -1.26
C ASN A 132 -17.33 -33.19 -2.47
N SER A 133 -17.85 -34.24 -3.10
CA SER A 133 -18.58 -34.09 -4.37
C SER A 133 -20.07 -34.31 -4.26
N GLY A 134 -20.78 -33.82 -5.26
CA GLY A 134 -22.21 -34.02 -5.32
C GLY A 134 -22.55 -35.50 -5.31
N ALA A 135 -21.82 -36.27 -6.09
CA ALA A 135 -22.04 -37.71 -6.13
C ALA A 135 -21.92 -38.31 -4.72
N GLU A 136 -20.91 -37.88 -3.99
CA GLU A 136 -20.74 -38.41 -2.64
C GLU A 136 -21.97 -38.01 -1.78
N ALA A 137 -22.45 -36.79 -1.97
CA ALA A 137 -23.61 -36.34 -1.20
C ALA A 137 -24.81 -37.25 -1.49
N VAL A 138 -25.10 -37.50 -2.77
CA VAL A 138 -26.21 -38.37 -3.14
C VAL A 138 -26.01 -39.80 -2.63
N GLU A 139 -24.83 -40.33 -2.80
CA GLU A 139 -24.48 -41.64 -2.24
C GLU A 139 -24.81 -41.72 -0.76
N ASN A 140 -24.44 -40.69 -0.02
CA ASN A 140 -24.66 -40.69 1.43
C ASN A 140 -26.13 -40.50 1.84
N ALA A 141 -26.87 -39.69 1.08
CA ALA A 141 -28.30 -39.54 1.30
C ALA A 141 -29.00 -40.92 1.15
N VAL A 142 -28.59 -41.67 0.14
CA VAL A 142 -29.18 -42.99 -0.08
C VAL A 142 -28.74 -43.96 1.03
N LYS A 143 -27.47 -43.93 1.43
CA LYS A 143 -27.02 -44.75 2.56
C LYS A 143 -27.88 -44.53 3.79
N VAL A 144 -28.21 -43.26 4.05
CA VAL A 144 -28.96 -42.93 5.24
C VAL A 144 -30.40 -43.41 5.11
N ALA A 145 -31.02 -43.19 3.96
CA ALA A 145 -32.41 -43.64 3.75
C ALA A 145 -32.45 -45.14 3.95
N ARG A 146 -31.49 -45.84 3.38
CA ARG A 146 -31.55 -47.30 3.38
C ARG A 146 -31.39 -47.82 4.80
N LEU A 147 -30.41 -47.31 5.52
CA LEU A 147 -30.18 -47.75 6.89
C LEU A 147 -31.35 -47.36 7.79
N ALA A 148 -31.80 -46.12 7.67
CA ALA A 148 -32.84 -45.60 8.57
C ALA A 148 -34.19 -46.33 8.36
N THR A 149 -34.54 -46.65 7.14
CA THR A 149 -35.85 -47.27 6.87
C THR A 149 -35.77 -48.77 6.95
N GLY A 150 -34.57 -49.32 6.84
CA GLY A 150 -34.45 -50.77 6.68
C GLY A 150 -34.90 -51.33 5.34
N ARG A 151 -35.07 -50.48 4.34
CA ARG A 151 -35.52 -50.91 2.99
C ARG A 151 -34.45 -50.69 1.92
N ASP A 152 -34.68 -51.32 0.77
CA ASP A 152 -33.70 -51.40 -0.31
C ASP A 152 -33.98 -50.41 -1.44
N ALA A 153 -35.20 -50.44 -1.96
CA ALA A 153 -35.53 -49.77 -3.24
C ALA A 153 -35.35 -48.28 -3.16
N VAL A 154 -34.79 -47.69 -4.22
CA VAL A 154 -34.74 -46.24 -4.35
C VAL A 154 -35.39 -45.89 -5.66
N VAL A 155 -36.38 -44.97 -5.67
CA VAL A 155 -36.92 -44.55 -6.98
C VAL A 155 -36.31 -43.22 -7.46
N ALA A 156 -35.89 -43.21 -8.72
CA ALA A 156 -35.40 -42.03 -9.40
C ALA A 156 -36.25 -41.84 -10.64
N PHE A 157 -36.06 -40.72 -11.35
CA PHE A 157 -36.99 -40.32 -12.40
C PHE A 157 -36.38 -40.22 -13.78
N ASP A 158 -37.23 -40.30 -14.78
CA ASP A 158 -36.81 -40.01 -16.16
C ASP A 158 -36.19 -38.62 -16.15
N HIS A 159 -35.18 -38.45 -16.99
CA HIS A 159 -34.44 -37.20 -17.10
C HIS A 159 -33.61 -36.84 -15.89
N ALA A 160 -33.48 -37.74 -14.92
CA ALA A 160 -32.66 -37.48 -13.75
C ALA A 160 -31.19 -37.52 -14.08
N TYR A 161 -30.42 -36.74 -13.31
CA TYR A 161 -28.96 -36.86 -13.30
C TYR A 161 -28.50 -36.70 -11.86
N HIS A 162 -27.70 -37.63 -11.37
CA HIS A 162 -27.25 -37.55 -9.96
C HIS A 162 -25.80 -37.85 -9.76
N GLY A 163 -25.05 -38.13 -10.81
CA GLY A 163 -23.62 -38.35 -10.68
C GLY A 163 -22.99 -39.50 -11.43
N ARG A 164 -21.69 -39.65 -11.22
CA ARG A 164 -20.87 -40.53 -12.02
C ARG A 164 -20.21 -41.66 -11.25
N THR A 165 -20.52 -41.83 -9.98
CA THR A 165 -20.19 -43.08 -9.28
C THR A 165 -21.18 -44.18 -9.72
N ASN A 166 -20.89 -45.43 -9.39
CA ASN A 166 -21.70 -46.54 -9.88
C ASN A 166 -23.17 -46.36 -9.51
N LEU A 167 -23.44 -46.06 -8.25
CA LEU A 167 -24.84 -45.88 -7.81
C LEU A 167 -25.45 -44.64 -8.40
N THR A 168 -24.68 -43.54 -8.42
CA THR A 168 -25.24 -42.29 -8.97
C THR A 168 -25.43 -42.38 -10.50
N MET A 169 -24.63 -43.19 -11.16
CA MET A 169 -24.87 -43.55 -12.53
C MET A 169 -26.17 -44.32 -12.62
N ALA A 170 -26.34 -45.29 -11.74
CA ALA A 170 -27.58 -46.09 -11.68
C ALA A 170 -28.77 -45.14 -11.59
N LEU A 171 -28.69 -44.19 -10.67
CA LEU A 171 -29.78 -43.22 -10.45
C LEU A 171 -29.98 -42.30 -11.65
N THR A 172 -28.91 -42.04 -12.40
CA THR A 172 -28.96 -41.19 -13.57
C THR A 172 -29.68 -41.89 -14.70
N ALA A 173 -30.47 -41.14 -15.43
CA ALA A 173 -31.29 -41.69 -16.49
C ALA A 173 -30.54 -41.84 -17.82
N LYS A 174 -29.87 -40.80 -18.27
CA LYS A 174 -29.29 -40.78 -19.63
C LYS A 174 -28.01 -41.59 -19.70
N ALA A 175 -27.91 -42.47 -20.69
CA ALA A 175 -26.76 -43.38 -20.84
C ALA A 175 -25.53 -42.71 -21.47
N MET A 176 -25.73 -41.82 -22.45
CA MET A 176 -24.58 -41.16 -23.12
C MET A 176 -24.37 -39.74 -22.59
N PRO A 177 -23.18 -39.47 -22.02
CA PRO A 177 -21.96 -40.31 -21.88
C PRO A 177 -21.80 -40.93 -20.50
N TYR A 178 -22.79 -40.75 -19.67
CA TYR A 178 -22.59 -40.98 -18.24
C TYR A 178 -22.48 -42.45 -17.84
N LYS A 179 -23.12 -43.33 -18.60
CA LYS A 179 -23.28 -44.73 -18.21
C LYS A 179 -22.70 -45.77 -19.18
N THR A 180 -22.68 -45.47 -20.48
CA THR A 180 -22.36 -46.48 -21.47
C THR A 180 -21.10 -47.26 -21.12
N ASN A 181 -21.22 -48.58 -21.08
CA ASN A 181 -20.14 -49.51 -20.82
C ASN A 181 -19.50 -49.41 -19.43
N PHE A 182 -20.10 -48.65 -18.51
CA PHE A 182 -19.58 -48.56 -17.16
C PHE A 182 -20.24 -49.49 -16.11
N GLY A 183 -21.29 -50.21 -16.50
CA GLY A 183 -22.00 -51.08 -15.58
C GLY A 183 -21.24 -52.36 -15.32
N PRO A 184 -21.88 -53.34 -14.66
CA PRO A 184 -23.25 -53.37 -14.22
C PRO A 184 -23.48 -52.45 -13.03
N PHE A 185 -24.69 -51.91 -12.92
CA PHE A 185 -24.97 -50.85 -11.99
C PHE A 185 -25.59 -51.32 -10.68
N ALA A 186 -25.48 -50.49 -9.65
CA ALA A 186 -25.99 -50.77 -8.30
C ALA A 186 -27.43 -51.23 -8.36
N PRO A 187 -27.77 -52.29 -7.63
CA PRO A 187 -29.09 -52.83 -7.69
C PRO A 187 -30.17 -52.09 -6.89
N GLU A 188 -31.40 -52.44 -7.20
CA GLU A 188 -32.61 -51.95 -6.54
C GLU A 188 -32.84 -50.46 -6.74
N VAL A 189 -32.61 -50.02 -7.97
CA VAL A 189 -32.98 -48.66 -8.36
C VAL A 189 -34.08 -48.78 -9.41
N TYR A 190 -35.17 -48.05 -9.23
CA TYR A 190 -36.30 -48.12 -10.12
C TYR A 190 -36.58 -46.75 -10.67
N ARG A 191 -37.01 -46.68 -11.92
CA ARG A 191 -37.19 -45.42 -12.59
C ARG A 191 -38.67 -45.17 -12.85
N MET A 192 -39.10 -43.94 -12.61
CA MET A 192 -40.49 -43.58 -12.73
C MET A 192 -40.67 -42.35 -13.60
N PRO A 193 -41.87 -42.14 -14.12
CA PRO A 193 -42.11 -41.01 -15.02
C PRO A 193 -42.10 -39.66 -14.33
N MET A 194 -41.54 -38.69 -15.02
CA MET A 194 -41.37 -37.33 -14.55
C MET A 194 -42.54 -36.47 -15.01
N SER A 195 -42.75 -35.35 -14.34
CA SER A 195 -43.68 -34.34 -14.83
C SER A 195 -42.85 -33.42 -15.68
N TYR A 196 -43.04 -33.50 -16.99
CA TYR A 196 -42.30 -32.75 -18.00
C TYR A 196 -43.33 -32.14 -18.94
N PRO A 197 -43.92 -31.02 -18.53
CA PRO A 197 -45.10 -30.42 -19.21
C PRO A 197 -45.00 -30.35 -20.72
N PHE A 198 -43.87 -29.87 -21.21
CA PHE A 198 -43.70 -29.62 -22.63
C PHE A 198 -43.80 -30.88 -23.47
N ARG A 199 -43.52 -32.03 -22.88
CA ARG A 199 -43.57 -33.30 -23.61
C ARG A 199 -44.55 -34.36 -23.08
N GLU A 200 -45.47 -33.97 -22.24
CA GLU A 200 -46.53 -34.88 -21.78
C GLU A 200 -47.42 -35.30 -22.95
N GLU A 201 -47.71 -36.59 -23.05
CA GLU A 201 -48.53 -37.09 -24.13
C GLU A 201 -49.90 -36.49 -24.06
N ASN A 202 -50.34 -36.20 -22.86
CA ASN A 202 -51.59 -35.46 -22.64
C ASN A 202 -51.24 -34.08 -22.08
N PRO A 203 -51.21 -33.06 -22.95
CA PRO A 203 -50.73 -31.75 -22.52
C PRO A 203 -51.49 -31.16 -21.35
N GLU A 204 -52.75 -31.54 -21.19
CA GLU A 204 -53.59 -30.99 -20.11
C GLU A 204 -53.31 -31.61 -18.73
N ILE A 205 -52.42 -32.61 -18.64
CA ILE A 205 -52.15 -33.30 -17.38
C ILE A 205 -51.70 -32.33 -16.29
N THR A 206 -52.14 -32.61 -15.08
CA THR A 206 -51.92 -31.79 -13.92
C THR A 206 -50.73 -32.33 -13.14
N GLY A 207 -50.08 -31.48 -12.36
CA GLY A 207 -49.02 -31.93 -11.46
C GLY A 207 -49.48 -33.03 -10.54
N ALA A 208 -50.61 -32.81 -9.87
CA ALA A 208 -51.22 -33.84 -9.03
C ALA A 208 -51.40 -35.14 -9.79
N GLU A 209 -51.89 -35.03 -11.03
CA GLU A 209 -52.21 -36.23 -11.83
C GLU A 209 -50.92 -36.95 -12.22
N ALA A 210 -49.89 -36.17 -12.49
CA ALA A 210 -48.58 -36.69 -12.86
C ALA A 210 -47.96 -37.41 -11.68
N ALA A 211 -48.14 -36.83 -10.48
CA ALA A 211 -47.71 -37.48 -9.27
C ALA A 211 -48.47 -38.81 -9.06
N LYS A 212 -49.78 -38.82 -9.31
CA LYS A 212 -50.62 -40.00 -9.07
C LYS A 212 -50.18 -41.11 -10.01
N ARG A 213 -49.82 -40.73 -11.22
CA ARG A 213 -49.30 -41.67 -12.20
C ARG A 213 -48.02 -42.33 -11.66
N ALA A 214 -47.10 -41.52 -11.14
CA ALA A 214 -45.85 -42.03 -10.57
C ALA A 214 -46.14 -42.90 -9.36
N ILE A 215 -47.01 -42.41 -8.47
CA ILE A 215 -47.32 -43.13 -7.25
C ILE A 215 -47.91 -44.51 -7.52
N THR A 216 -48.91 -44.58 -8.38
CA THR A 216 -49.55 -45.88 -8.70
C THR A 216 -48.47 -46.84 -9.23
N MET A 217 -47.63 -46.33 -10.13
CA MET A 217 -46.63 -47.16 -10.76
C MET A 217 -45.66 -47.69 -9.68
N ILE A 218 -45.25 -46.83 -8.76
CA ILE A 218 -44.38 -47.24 -7.68
C ILE A 218 -45.06 -48.29 -6.83
N GLU A 219 -46.31 -48.05 -6.50
CA GLU A 219 -47.06 -48.94 -5.63
C GLU A 219 -47.21 -50.31 -6.31
N LYS A 220 -47.51 -50.32 -7.61
CA LYS A 220 -47.75 -51.56 -8.34
C LYS A 220 -46.47 -52.32 -8.63
N GLN A 221 -45.37 -51.60 -8.85
CA GLN A 221 -44.11 -52.24 -9.28
C GLN A 221 -43.06 -52.46 -8.20
N ILE A 222 -43.24 -51.82 -7.04
CA ILE A 222 -42.36 -52.02 -5.89
C ILE A 222 -43.16 -52.21 -4.60
N GLY A 223 -44.11 -51.31 -4.37
CA GLY A 223 -44.88 -51.24 -3.14
C GLY A 223 -44.32 -50.14 -2.21
N GLY A 224 -45.18 -49.22 -1.79
CA GLY A 224 -44.76 -48.10 -0.96
C GLY A 224 -43.95 -48.49 0.24
N ASP A 225 -44.29 -49.59 0.87
CA ASP A 225 -43.58 -49.99 2.11
C ASP A 225 -42.22 -50.63 1.86
N GLN A 226 -41.88 -50.80 0.57
CA GLN A 226 -40.60 -51.37 0.14
C GLN A 226 -39.61 -50.33 -0.34
N VAL A 227 -40.03 -49.09 -0.43
CA VAL A 227 -39.15 -48.02 -0.96
C VAL A 227 -38.41 -47.28 0.19
N ALA A 228 -37.08 -47.34 0.19
CA ALA A 228 -36.22 -46.60 1.13
C ALA A 228 -36.27 -45.10 0.88
N ALA A 229 -36.22 -44.72 -0.41
CA ALA A 229 -36.17 -43.29 -0.74
C ALA A 229 -36.70 -42.96 -2.13
N ILE A 230 -37.28 -41.77 -2.27
CA ILE A 230 -37.58 -41.17 -3.58
C ILE A 230 -36.62 -40.03 -3.71
N ILE A 231 -35.86 -40.00 -4.79
CA ILE A 231 -34.90 -38.96 -5.00
C ILE A 231 -35.29 -38.19 -6.27
N ILE A 232 -35.39 -36.86 -6.15
CA ILE A 232 -35.74 -36.04 -7.31
C ILE A 232 -35.07 -34.68 -7.21
N GLU A 233 -34.73 -34.15 -8.37
CA GLU A 233 -34.25 -32.79 -8.49
C GLU A 233 -35.49 -31.92 -8.66
N PRO A 234 -35.67 -30.91 -7.79
CA PRO A 234 -36.82 -30.01 -7.94
C PRO A 234 -36.86 -29.34 -9.32
N ILE A 235 -35.69 -28.99 -9.83
CA ILE A 235 -35.54 -28.66 -11.24
C ILE A 235 -34.44 -29.55 -11.75
N GLN A 236 -34.78 -30.35 -12.77
CA GLN A 236 -33.83 -31.31 -13.29
C GLN A 236 -32.79 -30.60 -14.13
N GLY A 237 -31.52 -30.75 -13.76
CA GLY A 237 -30.44 -30.00 -14.42
C GLY A 237 -30.03 -30.51 -15.79
N GLU A 238 -29.10 -31.46 -15.79
CA GLU A 238 -28.61 -32.04 -17.04
C GLU A 238 -29.73 -32.60 -17.91
N GLY A 239 -30.82 -33.00 -17.28
CA GLY A 239 -31.99 -33.53 -18.02
C GLY A 239 -32.65 -32.50 -18.91
N GLY A 240 -32.40 -31.22 -18.63
CA GLY A 240 -32.91 -30.12 -19.47
C GLY A 240 -33.64 -28.99 -18.75
N PHE A 241 -33.28 -28.74 -17.50
CA PHE A 241 -33.95 -27.71 -16.72
C PHE A 241 -35.46 -27.91 -16.76
N ILE A 242 -35.88 -29.15 -16.51
CA ILE A 242 -37.29 -29.50 -16.50
C ILE A 242 -37.86 -29.07 -15.15
N VAL A 243 -38.85 -28.20 -15.20
CA VAL A 243 -39.59 -27.82 -14.01
C VAL A 243 -40.92 -28.58 -14.02
N PRO A 244 -41.20 -29.33 -12.93
CA PRO A 244 -42.42 -30.13 -12.91
C PRO A 244 -43.62 -29.23 -12.77
N ALA A 245 -44.78 -29.73 -13.19
CA ALA A 245 -46.03 -28.99 -13.06
C ALA A 245 -46.29 -28.72 -11.58
N GLU A 246 -46.90 -27.57 -11.30
CA GLU A 246 -47.29 -27.23 -9.95
C GLU A 246 -48.11 -28.40 -9.34
N GLY A 247 -47.80 -28.78 -8.11
CA GLY A 247 -48.56 -29.80 -7.39
C GLY A 247 -47.96 -31.19 -7.39
N PHE A 248 -47.00 -31.41 -8.29
CA PHE A 248 -46.29 -32.68 -8.38
C PHE A 248 -45.42 -32.94 -7.15
N LEU A 249 -44.48 -32.05 -6.89
CA LEU A 249 -43.57 -32.28 -5.80
C LEU A 249 -44.27 -32.42 -4.46
N PRO A 250 -45.23 -31.53 -4.15
CA PRO A 250 -45.96 -31.72 -2.86
C PRO A 250 -46.69 -33.05 -2.75
N ALA A 251 -47.29 -33.51 -3.84
CA ALA A 251 -47.98 -34.79 -3.83
C ALA A 251 -47.01 -35.93 -3.50
N LEU A 252 -45.87 -35.97 -4.18
CA LEU A 252 -44.83 -36.96 -3.88
C LEU A 252 -44.38 -36.85 -2.42
N SER A 253 -44.19 -35.63 -1.94
CA SER A 253 -43.77 -35.44 -0.54
C SER A 253 -44.77 -36.01 0.45
N GLU A 254 -46.04 -35.69 0.22
CA GLU A 254 -47.13 -36.12 1.11
C GLU A 254 -47.17 -37.64 1.16
N TRP A 255 -47.08 -38.25 -0.03
CA TRP A 255 -47.18 -39.69 -0.16
C TRP A 255 -46.01 -40.39 0.47
N ALA A 256 -44.84 -39.82 0.27
CA ALA A 256 -43.63 -40.34 0.88
C ALA A 256 -43.80 -40.42 2.41
N LYS A 257 -44.34 -39.37 2.99
CA LYS A 257 -44.52 -39.28 4.44
C LYS A 257 -45.51 -40.37 4.85
N GLU A 258 -46.61 -40.49 4.14
CA GLU A 258 -47.58 -41.55 4.39
C GLU A 258 -46.94 -42.91 4.49
N LYS A 259 -46.03 -43.22 3.54
CA LYS A 259 -45.49 -44.56 3.40
C LYS A 259 -44.16 -44.79 4.11
N GLY A 260 -43.69 -43.81 4.87
CA GLY A 260 -42.44 -43.93 5.59
C GLY A 260 -41.25 -43.97 4.64
N ILE A 261 -41.41 -43.38 3.45
CA ILE A 261 -40.34 -43.27 2.47
C ILE A 261 -39.56 -41.94 2.60
N VAL A 262 -38.22 -42.02 2.61
CA VAL A 262 -37.40 -40.83 2.78
C VAL A 262 -37.46 -40.07 1.47
N PHE A 263 -37.90 -38.80 1.53
CA PHE A 263 -37.95 -37.94 0.34
C PHE A 263 -36.66 -37.13 0.25
N ILE A 264 -35.85 -37.43 -0.78
CA ILE A 264 -34.55 -36.77 -0.97
C ILE A 264 -34.65 -35.75 -2.08
N ALA A 265 -34.41 -34.48 -1.74
CA ALA A 265 -34.32 -33.43 -2.75
C ALA A 265 -32.87 -33.30 -3.19
N ASP A 266 -32.58 -33.57 -4.45
CA ASP A 266 -31.22 -33.30 -4.96
C ASP A 266 -31.09 -31.86 -5.43
N GLU A 267 -30.53 -31.01 -4.56
CA GLU A 267 -30.37 -29.58 -4.85
C GLU A 267 -28.89 -29.23 -5.10
N VAL A 268 -28.13 -30.18 -5.63
CA VAL A 268 -26.73 -29.93 -5.91
C VAL A 268 -26.58 -28.79 -6.90
N GLN A 269 -27.41 -28.75 -7.94
CA GLN A 269 -27.34 -27.70 -8.97
C GLN A 269 -28.28 -26.54 -8.68
N SER A 270 -29.48 -26.84 -8.17
CA SER A 270 -30.49 -25.82 -7.89
C SER A 270 -30.32 -25.08 -6.55
N GLY A 271 -29.47 -25.57 -5.67
CA GLY A 271 -29.34 -24.99 -4.32
C GLY A 271 -28.51 -23.73 -4.23
N PHE A 272 -28.60 -23.10 -3.07
CA PHE A 272 -27.91 -21.82 -2.77
C PHE A 272 -28.19 -20.61 -3.70
N CYS A 273 -29.45 -20.18 -3.69
CA CYS A 273 -29.91 -18.94 -4.31
C CYS A 273 -30.07 -19.02 -5.83
N ARG A 274 -29.65 -20.11 -6.43
CA ARG A 274 -29.65 -20.27 -7.89
C ARG A 274 -31.00 -19.98 -8.54
N THR A 275 -32.07 -20.35 -7.85
CA THR A 275 -33.41 -20.22 -8.41
C THR A 275 -34.16 -18.98 -7.89
N GLY A 276 -33.50 -18.16 -7.08
CA GLY A 276 -34.15 -16.99 -6.50
C GLY A 276 -34.71 -17.24 -5.10
N GLU A 277 -34.56 -18.48 -4.61
CA GLU A 277 -34.83 -18.83 -3.23
C GLU A 277 -33.63 -19.60 -2.78
N TRP A 278 -33.43 -19.74 -1.48
CA TRP A 278 -32.29 -20.53 -0.99
C TRP A 278 -32.24 -21.92 -1.57
N PHE A 279 -33.40 -22.59 -1.64
CA PHE A 279 -33.49 -23.88 -2.32
C PHE A 279 -34.70 -23.93 -3.25
N ALA A 280 -34.56 -24.65 -4.36
CA ALA A 280 -35.61 -24.72 -5.33
C ALA A 280 -36.93 -25.16 -4.71
N VAL A 281 -36.84 -26.00 -3.68
CA VAL A 281 -37.99 -26.63 -3.08
C VAL A 281 -38.83 -25.56 -2.37
N ASP A 282 -38.20 -24.45 -2.03
CA ASP A 282 -38.88 -23.31 -1.39
C ASP A 282 -39.97 -22.67 -2.26
N HIS A 283 -39.82 -22.75 -3.58
CA HIS A 283 -40.85 -22.24 -4.49
CA HIS A 283 -40.86 -22.23 -4.50
C HIS A 283 -42.21 -22.82 -4.17
N GLU A 284 -42.26 -24.12 -3.91
CA GLU A 284 -43.51 -24.76 -3.59
C GLU A 284 -43.69 -25.10 -2.13
N GLY A 285 -42.72 -24.75 -1.32
CA GLY A 285 -42.84 -24.97 0.12
C GLY A 285 -42.71 -26.43 0.52
N VAL A 286 -42.10 -27.24 -0.34
CA VAL A 286 -41.83 -28.62 -0.01
C VAL A 286 -40.69 -28.70 0.97
N VAL A 287 -40.82 -29.59 1.96
CA VAL A 287 -39.82 -29.73 3.03
C VAL A 287 -39.25 -31.16 2.98
N PRO A 288 -38.12 -31.36 2.30
CA PRO A 288 -37.55 -32.68 2.13
C PRO A 288 -37.02 -33.29 3.40
N ASP A 289 -36.98 -34.62 3.43
CA ASP A 289 -36.47 -35.37 4.58
C ASP A 289 -34.95 -35.29 4.60
N ILE A 290 -34.36 -35.35 3.43
CA ILE A 290 -32.93 -35.14 3.28
C ILE A 290 -32.73 -34.29 2.03
N ILE A 291 -31.72 -33.41 2.06
CA ILE A 291 -31.40 -32.63 0.88
C ILE A 291 -29.92 -32.65 0.62
N THR A 292 -29.57 -32.93 -0.63
CA THR A 292 -28.19 -33.06 -1.05
C THR A 292 -27.73 -31.75 -1.68
N MET A 293 -26.51 -31.36 -1.30
CA MET A 293 -25.92 -30.09 -1.73
C MET A 293 -24.46 -30.21 -2.17
N ALA A 294 -24.10 -29.42 -3.17
CA ALA A 294 -22.70 -29.25 -3.58
C ALA A 294 -22.55 -27.99 -4.45
N LYS A 295 -21.80 -28.09 -5.56
CA LYS A 295 -21.65 -27.01 -6.54
C LYS A 295 -21.53 -25.60 -5.87
N GLY A 296 -22.62 -24.86 -5.78
CA GLY A 296 -22.59 -23.48 -5.27
C GLY A 296 -22.22 -23.30 -3.81
N ILE A 297 -22.31 -24.34 -3.02
CA ILE A 297 -22.11 -24.25 -1.57
C ILE A 297 -20.81 -23.54 -1.15
N ALA A 298 -19.71 -23.77 -1.85
CA ALA A 298 -18.40 -23.32 -1.33
C ALA A 298 -17.63 -22.43 -2.31
N GLY A 299 -18.38 -21.67 -3.10
CA GLY A 299 -17.81 -20.72 -4.04
C GLY A 299 -16.68 -21.26 -4.91
N GLY A 300 -16.73 -22.55 -5.22
CA GLY A 300 -15.79 -23.15 -6.15
C GLY A 300 -14.88 -24.18 -5.50
N LEU A 301 -14.72 -24.12 -4.18
CA LEU A 301 -13.91 -25.11 -3.51
C LEU A 301 -14.70 -26.43 -3.40
N PRO A 302 -13.99 -27.55 -3.31
CA PRO A 302 -14.68 -28.84 -3.31
C PRO A 302 -15.31 -29.12 -1.95
N LEU A 303 -16.62 -28.88 -1.87
CA LEU A 303 -17.40 -29.27 -0.70
C LEU A 303 -18.80 -29.76 -1.12
N SER A 304 -19.33 -30.72 -0.36
CA SER A 304 -20.68 -31.19 -0.55
C SER A 304 -21.27 -31.49 0.83
N ALA A 305 -22.60 -31.66 0.88
CA ALA A 305 -23.26 -31.87 2.14
C ALA A 305 -24.59 -32.59 1.97
N ILE A 306 -24.97 -33.38 2.99
CA ILE A 306 -26.39 -33.77 3.16
C ILE A 306 -26.88 -33.15 4.46
N THR A 307 -28.05 -32.57 4.40
CA THR A 307 -28.73 -32.10 5.59
C THR A 307 -30.12 -32.73 5.60
N GLY A 308 -30.43 -33.40 6.70
CA GLY A 308 -31.76 -34.01 6.84
C GLY A 308 -32.23 -34.18 8.29
N ARG A 309 -33.41 -34.77 8.43
CA ARG A 309 -34.01 -35.02 9.72
C ARG A 309 -32.97 -35.64 10.66
N ALA A 310 -32.86 -35.11 11.87
CA ALA A 310 -32.07 -35.68 12.93
C ALA A 310 -32.34 -37.16 13.15
N ASP A 311 -33.60 -37.55 13.23
CA ASP A 311 -33.90 -38.95 13.54
C ASP A 311 -33.37 -39.90 12.47
N LEU A 312 -33.31 -39.45 11.21
CA LEU A 312 -32.78 -40.26 10.12
C LEU A 312 -31.25 -40.32 10.20
N LEU A 313 -30.61 -39.16 10.13
CA LEU A 313 -29.15 -39.12 10.16
C LEU A 313 -28.55 -39.69 11.43
N ASP A 314 -29.13 -39.40 12.58
CA ASP A 314 -28.62 -39.92 13.85
C ASP A 314 -28.83 -41.45 13.98
N ALA A 315 -29.64 -42.06 13.12
CA ALA A 315 -29.79 -43.54 13.11
C ALA A 315 -28.52 -44.28 12.70
N VAL A 316 -27.67 -43.62 11.90
CA VAL A 316 -26.47 -44.27 11.37
C VAL A 316 -25.48 -44.49 12.52
N HIS A 317 -24.87 -45.66 12.52
CA HIS A 317 -23.94 -46.03 13.56
C HIS A 317 -22.68 -45.20 13.53
N PRO A 318 -21.94 -45.14 14.65
CA PRO A 318 -20.66 -44.42 14.67
C PRO A 318 -19.70 -44.89 13.57
N GLY A 319 -19.15 -43.95 12.81
CA GLY A 319 -18.19 -44.24 11.76
C GLY A 319 -18.83 -44.65 10.44
N GLY A 320 -20.16 -44.72 10.39
CA GLY A 320 -20.85 -45.20 9.21
C GLY A 320 -20.77 -44.29 8.00
N LEU A 321 -20.92 -42.99 8.22
CA LEU A 321 -20.80 -42.01 7.19
C LEU A 321 -19.47 -41.27 7.37
N GLY A 322 -18.75 -41.03 6.27
CA GLY A 322 -17.51 -40.27 6.33
C GLY A 322 -16.71 -40.19 5.05
N GLY A 323 -15.39 -40.20 5.20
CA GLY A 323 -14.47 -39.88 4.08
C GLY A 323 -13.22 -39.20 4.64
N THR A 324 -12.11 -39.24 3.90
CA THR A 324 -10.89 -38.58 4.34
C THR A 324 -10.98 -37.03 4.27
N TYR A 325 -11.18 -36.49 3.06
CA TYR A 325 -11.09 -35.07 2.79
C TYR A 325 -12.31 -34.32 3.22
N GLY A 326 -13.41 -35.05 3.34
CA GLY A 326 -14.73 -34.45 3.50
C GLY A 326 -14.78 -33.31 4.52
N GLY A 327 -15.46 -32.22 4.14
CA GLY A 327 -15.57 -31.06 5.00
C GLY A 327 -14.22 -30.41 5.21
N ASN A 328 -13.47 -30.31 4.11
CA ASN A 328 -12.12 -29.75 4.17
C ASN A 328 -12.13 -28.31 4.69
N PRO A 329 -11.21 -27.97 5.60
CA PRO A 329 -11.30 -26.72 6.34
C PRO A 329 -11.14 -25.52 5.44
N VAL A 330 -10.29 -25.64 4.43
CA VAL A 330 -10.13 -24.56 3.47
C VAL A 330 -11.44 -24.40 2.70
N ALA A 331 -12.06 -25.53 2.34
CA ALA A 331 -13.35 -25.49 1.62
C ALA A 331 -14.41 -24.93 2.51
N CYS A 332 -14.35 -25.24 3.79
CA CYS A 332 -15.37 -24.78 4.75
C CYS A 332 -15.29 -23.27 4.89
N ALA A 333 -14.06 -22.77 5.05
CA ALA A 333 -13.81 -21.34 5.07
C ALA A 333 -14.49 -20.71 3.83
N ALA A 334 -14.25 -21.29 2.66
CA ALA A 334 -14.88 -20.82 1.41
C ALA A 334 -16.40 -20.76 1.52
N ALA A 335 -17.00 -21.82 2.05
CA ALA A 335 -18.43 -21.92 2.13
C ALA A 335 -19.01 -20.83 3.02
N LEU A 336 -18.43 -20.67 4.21
CA LEU A 336 -18.93 -19.66 5.15
C LEU A 336 -18.93 -18.26 4.46
N ALA A 337 -17.81 -17.94 3.79
CA ALA A 337 -17.69 -16.67 3.06
C ALA A 337 -18.71 -16.60 1.91
N ALA A 338 -18.84 -17.69 1.16
CA ALA A 338 -19.78 -17.74 0.04
C ALA A 338 -21.22 -17.50 0.50
N ILE A 339 -21.62 -18.20 1.54
CA ILE A 339 -22.97 -18.03 2.11
C ILE A 339 -23.15 -16.59 2.61
N ASP A 340 -22.11 -16.06 3.19
CA ASP A 340 -22.15 -14.70 3.69
C ASP A 340 -22.37 -13.72 2.58
N THR A 341 -21.64 -13.87 1.48
CA THR A 341 -21.86 -13.07 0.27
C THR A 341 -23.29 -13.20 -0.22
N MET A 342 -23.80 -14.41 -0.25
CA MET A 342 -25.20 -14.64 -0.67
C MET A 342 -26.20 -13.78 0.10
N GLU A 343 -25.98 -13.67 1.42
CA GLU A 343 -26.81 -12.83 2.28
C GLU A 343 -26.51 -11.35 2.14
N GLN A 344 -25.25 -10.96 2.39
CA GLN A 344 -24.87 -9.54 2.31
C GLN A 344 -25.33 -8.88 1.00
N HIS A 345 -25.16 -9.56 -0.14
CA HIS A 345 -25.53 -8.96 -1.42
C HIS A 345 -26.85 -9.41 -1.96
N ASP A 346 -27.65 -10.07 -1.12
CA ASP A 346 -29.00 -10.51 -1.49
C ASP A 346 -29.01 -11.19 -2.88
N LEU A 347 -28.27 -12.29 -3.00
CA LEU A 347 -28.15 -12.98 -4.26
C LEU A 347 -29.48 -13.61 -4.66
N ASN A 348 -30.34 -13.94 -3.68
CA ASN A 348 -31.69 -14.39 -4.02
C ASN A 348 -32.36 -13.31 -4.88
N GLY A 349 -32.28 -12.08 -4.41
CA GLY A 349 -32.79 -10.94 -5.18
C GLY A 349 -32.13 -10.75 -6.54
N ARG A 350 -30.82 -10.90 -6.59
CA ARG A 350 -30.13 -10.80 -7.88
C ARG A 350 -30.60 -11.89 -8.85
N ALA A 351 -30.80 -13.09 -8.32
CA ALA A 351 -31.28 -14.19 -9.11
C ALA A 351 -32.70 -13.88 -9.64
N ARG A 352 -33.56 -13.34 -8.80
CA ARG A 352 -34.94 -13.03 -9.22
C ARG A 352 -34.91 -11.97 -10.31
N HIS A 353 -33.96 -11.04 -10.17
CA HIS A 353 -33.81 -9.98 -11.13
C HIS A 353 -33.34 -10.54 -12.45
N ILE A 354 -32.34 -11.41 -12.39
CA ILE A 354 -31.86 -12.06 -13.60
C ILE A 354 -33.00 -12.74 -14.33
N GLU A 355 -33.90 -13.40 -13.60
CA GLU A 355 -35.03 -14.12 -14.22
C GLU A 355 -35.85 -13.14 -15.05
N GLU A 356 -36.21 -12.02 -14.42
CA GLU A 356 -37.06 -10.99 -15.05
C GLU A 356 -36.41 -10.46 -16.35
N LEU A 357 -35.15 -10.11 -16.27
CA LEU A 357 -34.39 -9.65 -17.42
C LEU A 357 -34.31 -10.71 -18.52
N ALA A 358 -33.83 -11.91 -18.18
CA ALA A 358 -33.52 -12.94 -19.14
C ALA A 358 -34.78 -13.50 -19.77
N LEU A 359 -35.79 -13.79 -18.96
CA LEU A 359 -37.03 -14.31 -19.52
C LEU A 359 -37.69 -13.25 -20.43
N GLY A 360 -37.53 -11.97 -20.06
CA GLY A 360 -38.00 -10.87 -20.89
C GLY A 360 -37.41 -10.93 -22.29
N LYS A 361 -36.08 -10.97 -22.36
CA LYS A 361 -35.40 -11.01 -23.65
C LYS A 361 -35.73 -12.27 -24.45
N LEU A 362 -35.79 -13.39 -23.77
CA LEU A 362 -36.09 -14.66 -24.43
C LEU A 362 -37.51 -14.71 -25.00
N ARG A 363 -38.47 -14.13 -24.29
CA ARG A 363 -39.84 -14.12 -24.77
C ARG A 363 -40.02 -13.16 -25.93
N GLU A 364 -39.24 -12.08 -25.94
CA GLU A 364 -39.14 -11.18 -27.11
C GLU A 364 -38.72 -11.98 -28.34
N LEU A 365 -37.70 -12.82 -28.17
CA LEU A 365 -37.20 -13.67 -29.25
C LEU A 365 -38.24 -14.69 -29.68
N ALA A 366 -38.96 -15.26 -28.73
CA ALA A 366 -40.04 -16.22 -29.06
C ALA A 366 -41.14 -15.57 -29.95
N ALA A 367 -41.32 -14.27 -29.74
CA ALA A 367 -42.40 -13.48 -30.34
C ALA A 367 -42.02 -13.05 -31.77
N GLU A 368 -40.74 -12.87 -32.00
CA GLU A 368 -40.24 -12.68 -33.35
C GLU A 368 -40.40 -13.97 -34.17
N LEU A 369 -39.99 -15.13 -33.61
CA LEU A 369 -40.04 -16.43 -34.34
C LEU A 369 -41.44 -17.10 -34.30
N SER A 375 -41.29 -21.80 -36.38
CA SER A 375 -40.64 -21.44 -35.10
C SER A 375 -39.80 -22.54 -34.43
N VAL A 376 -38.65 -22.14 -33.91
CA VAL A 376 -37.63 -23.06 -33.38
C VAL A 376 -37.59 -23.05 -31.88
N VAL A 377 -38.33 -22.13 -31.25
CA VAL A 377 -38.28 -22.00 -29.80
C VAL A 377 -39.47 -22.73 -29.21
N GLY A 378 -39.22 -23.93 -28.68
CA GLY A 378 -40.29 -24.78 -28.20
C GLY A 378 -40.81 -24.41 -26.84
N ASP A 379 -39.90 -24.06 -25.93
CA ASP A 379 -40.27 -23.85 -24.53
C ASP A 379 -39.23 -23.00 -23.83
N ILE A 380 -39.71 -22.06 -23.02
CA ILE A 380 -38.87 -21.24 -22.17
C ILE A 380 -39.30 -21.51 -20.73
N ARG A 381 -38.33 -21.84 -19.88
CA ARG A 381 -38.65 -22.31 -18.55
C ARG A 381 -37.48 -22.13 -17.62
N GLY A 382 -37.77 -22.28 -16.32
CA GLY A 382 -36.79 -22.16 -15.28
C GLY A 382 -37.19 -21.12 -14.31
N ARG A 383 -36.34 -20.91 -13.32
CA ARG A 383 -36.53 -19.87 -12.32
C ARG A 383 -35.20 -19.26 -11.93
N GLY A 384 -35.24 -17.98 -11.56
CA GLY A 384 -34.04 -17.29 -11.10
C GLY A 384 -32.95 -17.27 -12.13
N ALA A 385 -31.76 -17.66 -11.70
CA ALA A 385 -30.57 -17.78 -12.55
C ALA A 385 -30.35 -19.19 -13.11
N MET A 386 -31.42 -19.97 -13.14
CA MET A 386 -31.40 -21.31 -13.71
C MET A 386 -32.50 -21.35 -14.77
N LEU A 387 -32.16 -20.88 -15.97
CA LEU A 387 -33.17 -20.69 -17.02
C LEU A 387 -32.76 -21.45 -18.25
N ALA A 388 -33.73 -21.76 -19.08
CA ALA A 388 -33.44 -22.54 -20.25
C ALA A 388 -34.44 -22.31 -21.37
N ILE A 389 -33.95 -22.57 -22.57
CA ILE A 389 -34.78 -22.53 -23.74
C ILE A 389 -34.57 -23.84 -24.47
N GLU A 390 -35.65 -24.59 -24.64
CA GLU A 390 -35.64 -25.84 -25.41
C GLU A 390 -35.97 -25.56 -26.88
N LEU A 391 -35.04 -25.94 -27.73
CA LEU A 391 -35.12 -25.70 -29.16
C LEU A 391 -35.68 -26.91 -29.90
N VAL A 392 -36.63 -26.64 -30.79
CA VAL A 392 -37.29 -27.67 -31.58
C VAL A 392 -37.16 -27.41 -33.10
N GLN A 393 -37.62 -28.37 -33.87
CA GLN A 393 -37.63 -28.29 -35.35
C GLN A 393 -38.77 -27.37 -35.74
N PRO A 394 -38.61 -26.61 -36.83
CA PRO A 394 -39.64 -25.59 -37.18
C PRO A 394 -41.04 -26.17 -37.32
N GLY A 395 -41.98 -25.57 -36.60
CA GLY A 395 -43.39 -25.97 -36.68
C GLY A 395 -43.75 -27.34 -36.10
N SER A 396 -42.86 -27.93 -35.29
CA SER A 396 -43.18 -29.17 -34.56
C SER A 396 -42.54 -29.16 -33.20
N LYS A 397 -42.71 -30.26 -32.46
CA LYS A 397 -42.07 -30.45 -31.16
C LYS A 397 -40.80 -31.32 -31.23
N GLU A 398 -40.41 -31.75 -32.43
CA GLU A 398 -39.27 -32.64 -32.56
C GLU A 398 -38.02 -31.92 -32.06
N PRO A 399 -37.16 -32.61 -31.30
CA PRO A 399 -35.91 -32.00 -30.81
C PRO A 399 -34.95 -31.53 -31.91
N ASN A 400 -34.24 -30.43 -31.64
CA ASN A 400 -33.31 -29.81 -32.57
C ASN A 400 -31.92 -29.70 -31.93
N ALA A 401 -31.26 -30.83 -31.78
CA ALA A 401 -29.88 -30.82 -31.26
C ALA A 401 -28.90 -30.07 -32.19
N GLU A 402 -29.09 -30.16 -33.52
CA GLU A 402 -28.16 -29.54 -34.49
C GLU A 402 -28.10 -28.01 -34.22
N LEU A 403 -29.28 -27.39 -34.10
CA LEU A 403 -29.36 -25.97 -33.87
C LEU A 403 -28.70 -25.60 -32.55
N THR A 404 -28.96 -26.43 -31.55
CA THR A 404 -28.39 -26.23 -30.21
C THR A 404 -26.86 -26.25 -30.24
N LYS A 405 -26.27 -27.28 -30.84
CA LYS A 405 -24.82 -27.36 -30.96
C LYS A 405 -24.27 -26.13 -31.67
N ALA A 406 -24.95 -25.74 -32.75
CA ALA A 406 -24.55 -24.62 -33.59
C ALA A 406 -24.64 -23.29 -32.86
N VAL A 407 -25.70 -23.10 -32.09
CA VAL A 407 -25.87 -21.86 -31.36
C VAL A 407 -24.83 -21.70 -30.26
N ALA A 408 -24.52 -22.79 -29.58
CA ALA A 408 -23.42 -22.76 -28.60
C ALA A 408 -22.09 -22.36 -29.24
N ALA A 409 -21.79 -22.95 -30.39
CA ALA A 409 -20.55 -22.66 -31.10
C ALA A 409 -20.54 -21.19 -31.55
N ALA A 410 -21.68 -20.73 -32.10
CA ALA A 410 -21.79 -19.38 -32.58
C ALA A 410 -21.57 -18.37 -31.45
N CYS A 411 -22.14 -18.65 -30.28
CA CYS A 411 -21.96 -17.81 -29.12
C CYS A 411 -20.49 -17.76 -28.75
N LEU A 412 -19.84 -18.90 -28.77
CA LEU A 412 -18.43 -18.99 -28.35
C LEU A 412 -17.57 -18.14 -29.26
N LYS A 413 -17.86 -18.23 -30.55
CA LYS A 413 -17.19 -17.40 -31.56
C LYS A 413 -17.27 -15.87 -31.25
N GLU A 414 -18.41 -15.39 -30.76
CA GLU A 414 -18.59 -13.99 -30.40
C GLU A 414 -18.09 -13.63 -29.01
N GLY A 415 -17.52 -14.59 -28.27
CA GLY A 415 -17.01 -14.30 -26.93
C GLY A 415 -17.99 -14.53 -25.78
N VAL A 416 -18.94 -15.44 -25.99
CA VAL A 416 -19.87 -15.83 -24.95
C VAL A 416 -19.81 -17.33 -24.73
N ILE A 417 -19.38 -17.73 -23.53
CA ILE A 417 -19.37 -19.14 -23.15
C ILE A 417 -20.72 -19.52 -22.57
N ILE A 418 -21.47 -20.33 -23.30
CA ILE A 418 -22.79 -20.74 -22.88
C ILE A 418 -22.89 -22.29 -22.89
N LEU A 419 -23.63 -22.88 -21.93
CA LEU A 419 -23.74 -24.34 -21.84
C LEU A 419 -25.04 -24.87 -22.43
N THR A 420 -25.01 -26.14 -22.84
CA THR A 420 -26.19 -26.85 -23.34
C THR A 420 -26.48 -28.02 -22.42
N CYS A 421 -27.62 -28.66 -22.60
CA CYS A 421 -28.00 -29.84 -21.84
C CYS A 421 -29.22 -30.49 -22.43
N GLY A 422 -29.78 -31.45 -21.73
CA GLY A 422 -31.04 -32.09 -22.15
C GLY A 422 -30.95 -33.55 -22.56
N THR A 423 -31.99 -34.31 -22.21
CA THR A 423 -32.11 -35.70 -22.62
C THR A 423 -31.95 -35.82 -24.13
N TYR A 424 -32.55 -34.88 -24.86
CA TYR A 424 -32.46 -34.88 -26.33
C TYR A 424 -31.42 -33.90 -26.92
N GLY A 425 -30.53 -33.40 -26.08
CA GLY A 425 -29.43 -32.54 -26.51
C GLY A 425 -29.83 -31.24 -27.14
N ASN A 426 -31.05 -30.78 -26.82
CA ASN A 426 -31.66 -29.65 -27.51
C ASN A 426 -32.08 -28.53 -26.57
N VAL A 427 -31.40 -28.38 -25.43
CA VAL A 427 -31.71 -27.31 -24.46
C VAL A 427 -30.51 -26.41 -24.21
N ILE A 428 -30.68 -25.13 -24.49
CA ILE A 428 -29.69 -24.12 -24.12
C ILE A 428 -30.03 -23.68 -22.71
N ARG A 429 -29.02 -23.66 -21.85
CA ARG A 429 -29.23 -23.25 -20.49
C ARG A 429 -28.41 -22.03 -20.11
N LEU A 430 -29.04 -21.17 -19.34
CA LEU A 430 -28.38 -20.00 -18.77
C LEU A 430 -28.10 -20.26 -17.28
N LEU A 431 -26.80 -20.31 -16.95
CA LEU A 431 -26.36 -20.44 -15.57
C LEU A 431 -25.31 -19.40 -15.27
N PRO A 432 -25.70 -18.13 -15.33
CA PRO A 432 -24.71 -17.08 -15.10
C PRO A 432 -24.41 -17.02 -13.65
N PRO A 433 -23.24 -16.50 -13.28
CA PRO A 433 -23.02 -16.18 -11.88
C PRO A 433 -24.00 -15.12 -11.45
N LEU A 434 -24.46 -15.22 -10.20
CA LEU A 434 -25.49 -14.28 -9.68
C LEU A 434 -24.97 -12.86 -9.55
N VAL A 435 -23.66 -12.70 -9.42
CA VAL A 435 -23.03 -11.38 -9.34
C VAL A 435 -22.85 -10.70 -10.71
N ILE A 436 -23.34 -11.32 -11.79
CA ILE A 436 -23.23 -10.73 -13.13
C ILE A 436 -23.99 -9.39 -13.23
N SER A 437 -23.42 -8.43 -13.95
CA SER A 437 -24.05 -7.12 -14.12
C SER A 437 -25.11 -7.19 -15.18
N ASP A 438 -26.13 -6.34 -15.06
CA ASP A 438 -27.16 -6.26 -16.09
C ASP A 438 -26.56 -6.02 -17.49
N GLU A 439 -25.53 -5.17 -17.56
CA GLU A 439 -24.89 -4.78 -18.83
C GLU A 439 -24.40 -6.06 -19.52
N LEU A 440 -23.59 -6.83 -18.82
CA LEU A 440 -23.00 -8.05 -19.35
C LEU A 440 -24.04 -9.11 -19.69
N LEU A 441 -25.00 -9.30 -18.80
CA LEU A 441 -26.05 -10.28 -19.05
C LEU A 441 -26.79 -9.93 -20.34
N ILE A 442 -27.19 -8.67 -20.47
CA ILE A 442 -27.91 -8.22 -21.64
C ILE A 442 -27.07 -8.44 -22.90
N ASP A 443 -25.79 -8.12 -22.79
CA ASP A 443 -24.87 -8.31 -23.91
C ASP A 443 -24.91 -9.79 -24.33
N GLY A 444 -24.69 -10.67 -23.36
CA GLY A 444 -24.75 -12.11 -23.59
C GLY A 444 -26.04 -12.57 -24.23
N LEU A 445 -27.16 -12.10 -23.69
CA LEU A 445 -28.47 -12.46 -24.21
C LEU A 445 -28.68 -11.95 -25.64
N GLU A 446 -28.10 -10.80 -25.96
CA GLU A 446 -28.17 -10.28 -27.32
C GLU A 446 -27.39 -11.18 -28.29
N VAL A 447 -26.20 -11.60 -27.90
CA VAL A 447 -25.42 -12.54 -28.71
C VAL A 447 -26.15 -13.85 -28.91
N LEU A 448 -26.79 -14.33 -27.84
CA LEU A 448 -27.56 -15.57 -27.91
C LEU A 448 -28.71 -15.42 -28.90
N ALA A 449 -29.48 -14.36 -28.74
CA ALA A 449 -30.61 -14.11 -29.63
C ALA A 449 -30.19 -13.97 -31.12
N ALA A 450 -29.09 -13.28 -31.35
CA ALA A 450 -28.54 -13.15 -32.68
C ALA A 450 -28.13 -14.53 -33.24
N ALA A 451 -27.51 -15.38 -32.41
CA ALA A 451 -27.12 -16.72 -32.85
C ALA A 451 -28.31 -17.57 -33.29
N ILE A 452 -29.38 -17.55 -32.51
CA ILE A 452 -30.53 -18.38 -32.80
C ILE A 452 -31.12 -17.95 -34.12
N LYS A 453 -31.29 -16.64 -34.28
CA LYS A 453 -31.79 -16.07 -35.55
C LYS A 453 -30.88 -16.46 -36.70
N ALA A 454 -29.57 -16.30 -36.51
CA ALA A 454 -28.60 -16.64 -37.55
C ALA A 454 -28.72 -18.09 -38.03
N HIS A 455 -29.08 -19.02 -37.14
CA HIS A 455 -29.26 -20.44 -37.51
C HIS A 455 -30.65 -20.90 -37.11
N LEU B 8 16.01 -29.25 9.25
CA LEU B 8 14.62 -28.78 8.81
C LEU B 8 13.89 -27.77 9.75
N SER B 9 13.09 -26.83 9.17
CA SER B 9 12.50 -25.77 9.99
C SER B 9 10.97 -25.51 9.86
N TYR B 10 10.37 -25.09 10.97
CA TYR B 10 8.91 -25.11 11.19
C TYR B 10 8.30 -23.79 11.65
N ARG B 11 6.98 -23.74 11.63
CA ARG B 11 6.24 -22.53 12.01
C ARG B 11 5.94 -22.49 13.51
N ILE B 12 5.49 -23.59 14.09
CA ILE B 12 5.09 -23.59 15.49
C ILE B 12 5.97 -24.53 16.24
N GLU B 13 6.03 -24.35 17.55
CA GLU B 13 7.02 -25.05 18.37
C GLU B 13 6.80 -26.52 18.28
N GLN B 14 7.87 -27.25 18.00
CA GLN B 14 7.77 -28.67 17.74
C GLN B 14 8.05 -29.46 18.99
N LYS B 15 7.23 -29.25 20.00
CA LYS B 15 7.35 -29.99 21.25
C LYS B 15 5.97 -30.39 21.76
N ARG B 16 5.92 -31.58 22.34
CA ARG B 16 4.74 -32.06 22.99
C ARG B 16 4.51 -31.28 24.29
N ASN B 17 3.31 -30.72 24.44
CA ASN B 17 3.00 -29.83 25.56
C ASN B 17 1.52 -29.78 25.96
N ILE B 18 1.19 -30.49 27.03
CA ILE B 18 -0.17 -30.54 27.51
C ILE B 18 -0.35 -29.77 28.82
N ASN B 19 -1.02 -28.61 28.78
CA ASN B 19 -1.31 -27.80 29.99
C ASN B 19 -2.62 -28.22 30.65
N GLY B 20 -2.54 -29.04 31.69
CA GLY B 20 -3.75 -29.50 32.39
C GLY B 20 -4.72 -30.32 31.55
N ALA B 21 -5.97 -30.39 32.02
CA ALA B 21 -6.95 -31.33 31.50
C ALA B 21 -7.50 -30.88 30.16
N PHE B 22 -7.84 -31.85 29.31
CA PHE B 22 -8.51 -31.59 28.05
C PHE B 22 -9.58 -32.65 27.80
N PRO B 23 -10.59 -32.32 26.97
CA PRO B 23 -10.75 -31.06 26.26
C PRO B 23 -10.87 -29.82 27.19
N GLY B 24 -10.18 -28.75 26.81
CA GLY B 24 -10.31 -27.49 27.51
C GLY B 24 -11.60 -26.78 27.20
N PRO B 25 -11.76 -25.59 27.75
CA PRO B 25 -13.02 -24.84 27.59
C PRO B 25 -13.44 -24.53 26.15
N LYS B 26 -12.50 -24.09 25.32
CA LYS B 26 -12.82 -23.73 23.92
C LYS B 26 -13.16 -24.94 23.05
N SER B 27 -12.49 -26.06 23.31
CA SER B 27 -12.86 -27.33 22.71
C SER B 27 -14.24 -27.79 23.15
N GLN B 28 -14.51 -27.73 24.45
CA GLN B 28 -15.83 -28.10 24.96
C GLN B 28 -16.95 -27.27 24.35
N ALA B 29 -16.70 -25.98 24.17
CA ALA B 29 -17.69 -25.10 23.58
C ALA B 29 -18.02 -25.59 22.17
N LEU B 30 -16.99 -26.03 21.44
CA LEU B 30 -17.20 -26.50 20.07
C LEU B 30 -17.95 -27.82 20.07
N ALA B 31 -17.56 -28.73 20.95
CA ALA B 31 -18.28 -30.01 21.08
C ALA B 31 -19.77 -29.79 21.37
N GLU B 32 -20.08 -28.81 22.23
CA GLU B 32 -21.46 -28.47 22.57
C GLU B 32 -22.18 -27.96 21.31
N ARG B 33 -21.51 -27.14 20.51
CA ARG B 33 -22.11 -26.64 19.24
C ARG B 33 -22.31 -27.77 18.27
N ARG B 34 -21.28 -28.61 18.17
CA ARG B 34 -21.28 -29.73 17.24
C ARG B 34 -22.48 -30.63 17.41
N SER B 35 -22.78 -30.99 18.64
CA SER B 35 -23.84 -31.98 18.89
C SER B 35 -25.23 -31.47 18.53
N ALA B 36 -25.41 -30.17 18.35
CA ALA B 36 -26.70 -29.63 17.89
C ALA B 36 -26.88 -29.73 16.36
N VAL B 37 -25.80 -30.00 15.62
CA VAL B 37 -25.80 -29.74 14.16
C VAL B 37 -25.12 -30.79 13.26
N VAL B 38 -24.19 -31.57 13.80
CA VAL B 38 -23.55 -32.64 13.05
C VAL B 38 -24.16 -33.97 13.40
N ALA B 39 -24.39 -34.82 12.42
CA ALA B 39 -24.95 -36.16 12.65
C ALA B 39 -24.16 -36.89 13.75
N ALA B 40 -24.90 -37.50 14.68
CA ALA B 40 -24.31 -38.16 15.88
C ALA B 40 -23.32 -39.27 15.54
N GLY B 41 -23.52 -39.95 14.40
CA GLY B 41 -22.65 -41.01 14.00
C GLY B 41 -21.27 -40.55 13.58
N VAL B 42 -21.14 -39.29 13.18
CA VAL B 42 -19.83 -38.75 12.78
C VAL B 42 -19.08 -38.45 14.03
N ALA B 43 -18.21 -39.38 14.43
CA ALA B 43 -17.41 -39.27 15.65
C ALA B 43 -15.99 -38.90 15.28
N SER B 44 -15.27 -38.35 16.25
CA SER B 44 -13.87 -38.03 16.05
C SER B 44 -13.03 -38.81 17.03
N GLY B 45 -11.85 -39.24 16.60
CA GLY B 45 -10.95 -40.03 17.46
C GLY B 45 -10.39 -39.21 18.61
N VAL B 46 -10.39 -37.89 18.42
CA VAL B 46 -9.72 -36.96 19.29
C VAL B 46 -10.75 -35.88 19.76
N PRO B 47 -10.80 -35.59 21.07
CA PRO B 47 -11.79 -34.71 21.64
C PRO B 47 -11.43 -33.25 21.61
N VAL B 48 -10.23 -32.92 21.14
CA VAL B 48 -9.78 -31.51 21.07
C VAL B 48 -9.91 -31.00 19.64
N TYR B 49 -10.05 -29.68 19.48
CA TYR B 49 -10.28 -29.06 18.18
C TYR B 49 -9.00 -28.33 17.73
N VAL B 50 -8.54 -28.60 16.49
CA VAL B 50 -7.33 -28.00 15.95
C VAL B 50 -7.50 -26.51 15.71
N GLU B 51 -6.43 -25.75 15.97
CA GLU B 51 -6.31 -24.37 15.54
C GLU B 51 -5.20 -24.22 14.50
N ASP B 52 -4.10 -24.88 14.76
CA ASP B 52 -2.93 -24.85 13.88
C ASP B 52 -2.29 -26.23 13.83
N ALA B 53 -1.87 -26.65 12.64
CA ALA B 53 -1.25 -27.97 12.47
C ALA B 53 -0.04 -27.75 11.59
N ASP B 54 1.13 -28.18 12.08
CA ASP B 54 2.40 -27.88 11.41
C ASP B 54 3.48 -28.84 11.88
N GLY B 55 4.37 -29.21 10.97
CA GLY B 55 5.38 -30.21 11.31
C GLY B 55 4.77 -31.49 11.86
N GLY B 56 5.15 -31.86 13.08
CA GLY B 56 4.62 -33.03 13.77
C GLY B 56 3.70 -32.69 14.92
N ILE B 57 3.11 -31.50 14.91
CA ILE B 57 2.31 -31.01 16.01
C ILE B 57 0.88 -30.60 15.58
N ILE B 58 -0.09 -30.99 16.39
CA ILE B 58 -1.47 -30.49 16.28
C ILE B 58 -1.69 -29.66 17.50
N ARG B 59 -1.94 -28.38 17.30
CA ARG B 59 -2.17 -27.48 18.43
C ARG B 59 -3.65 -27.16 18.50
N ASP B 60 -4.24 -27.41 19.67
CA ASP B 60 -5.66 -27.20 19.82
C ASP B 60 -6.00 -25.76 20.21
N VAL B 61 -7.29 -25.49 20.24
CA VAL B 61 -7.79 -24.13 20.49
C VAL B 61 -7.54 -23.66 21.94
N ASP B 62 -7.19 -24.60 22.83
CA ASP B 62 -6.86 -24.28 24.22
C ASP B 62 -5.35 -24.27 24.43
N GLY B 63 -4.59 -24.22 23.34
CA GLY B 63 -3.13 -24.10 23.43
C GLY B 63 -2.34 -25.34 23.78
N ASN B 64 -2.95 -26.51 23.72
CA ASN B 64 -2.21 -27.75 23.94
C ASN B 64 -1.58 -28.21 22.63
N SER B 65 -0.38 -28.80 22.73
CA SER B 65 0.34 -29.29 21.57
C SER B 65 0.53 -30.82 21.60
N PHE B 66 -0.15 -31.51 20.69
CA PHE B 66 -0.06 -32.94 20.60
C PHE B 66 0.91 -33.33 19.49
N ILE B 67 1.58 -34.47 19.65
CA ILE B 67 2.38 -35.07 18.56
C ILE B 67 1.44 -35.76 17.57
N ASP B 68 1.64 -35.50 16.29
CA ASP B 68 0.73 -36.00 15.24
C ASP B 68 1.37 -37.18 14.60
N LEU B 69 0.89 -38.36 14.97
CA LEU B 69 1.41 -39.60 14.38
C LEU B 69 0.38 -40.23 13.38
N GLY B 70 -0.56 -39.42 12.89
CA GLY B 70 -1.56 -39.89 11.93
C GLY B 70 -1.59 -39.16 10.59
N SER B 71 -1.03 -37.97 10.57
CA SER B 71 -1.04 -37.08 9.41
C SER B 71 -2.37 -37.03 8.69
N GLY B 72 -3.45 -37.01 9.45
CA GLY B 72 -4.80 -36.94 8.87
C GLY B 72 -5.23 -38.16 8.08
N ILE B 73 -4.81 -39.33 8.56
CA ILE B 73 -4.82 -40.59 7.81
C ILE B 73 -3.98 -40.47 6.52
N ALA B 74 -2.70 -40.24 6.71
CA ALA B 74 -1.72 -40.35 5.63
C ALA B 74 -1.88 -39.28 4.56
N VAL B 75 -2.53 -38.18 4.92
CA VAL B 75 -2.77 -37.09 3.96
C VAL B 75 -1.65 -36.03 3.98
N THR B 76 -1.37 -35.46 5.13
CA THR B 76 -0.44 -34.31 5.23
C THR B 76 1.00 -34.79 5.36
N SER B 77 1.47 -35.48 4.34
CA SER B 77 2.80 -36.10 4.37
C SER B 77 3.87 -35.03 4.38
N VAL B 78 3.65 -34.00 3.59
CA VAL B 78 4.52 -32.80 3.55
C VAL B 78 4.32 -31.86 4.75
N GLY B 79 3.36 -32.20 5.63
CA GLY B 79 2.97 -31.35 6.74
C GLY B 79 1.65 -30.63 6.48
N ALA B 80 0.92 -30.36 7.56
CA ALA B 80 -0.42 -29.78 7.44
C ALA B 80 -0.40 -28.32 7.07
N SER B 81 0.77 -27.65 7.11
CA SER B 81 0.89 -26.27 6.57
C SER B 81 2.27 -25.99 5.97
N ASP B 82 2.63 -26.78 4.97
CA ASP B 82 3.87 -26.59 4.22
C ASP B 82 3.82 -25.25 3.52
N PRO B 83 4.82 -24.39 3.79
CA PRO B 83 4.83 -23.03 3.23
C PRO B 83 4.57 -22.99 1.73
N ALA B 84 5.16 -23.93 0.99
CA ALA B 84 5.01 -23.96 -0.48
C ALA B 84 3.55 -24.22 -0.82
N VAL B 85 2.96 -25.22 -0.15
CA VAL B 85 1.56 -25.55 -0.38
C VAL B 85 0.71 -24.32 -0.08
N VAL B 86 0.97 -23.74 1.08
CA VAL B 86 0.16 -22.63 1.55
C VAL B 86 0.22 -21.49 0.54
N ALA B 87 1.44 -21.18 0.11
CA ALA B 87 1.66 -20.08 -0.87
C ALA B 87 0.91 -20.37 -2.15
N ALA B 88 1.01 -21.62 -2.62
CA ALA B 88 0.42 -22.04 -3.91
C ALA B 88 -1.09 -21.91 -3.89
N VAL B 89 -1.66 -22.34 -2.77
CA VAL B 89 -3.10 -22.29 -2.57
C VAL B 89 -3.57 -20.84 -2.57
N GLN B 90 -2.85 -20.01 -1.83
CA GLN B 90 -3.18 -18.58 -1.72
C GLN B 90 -3.13 -17.90 -3.06
N GLU B 91 -2.10 -18.18 -3.83
CA GLU B 91 -1.89 -17.54 -5.12
C GLU B 91 -2.97 -17.96 -6.09
N ALA B 92 -3.23 -19.26 -6.16
CA ALA B 92 -4.18 -19.81 -7.14
C ALA B 92 -5.59 -19.35 -6.90
N ALA B 93 -5.97 -19.26 -5.63
CA ALA B 93 -7.33 -18.87 -5.26
C ALA B 93 -7.67 -17.46 -5.71
N ALA B 94 -6.63 -16.62 -5.79
CA ALA B 94 -6.80 -15.21 -6.18
C ALA B 94 -7.16 -15.03 -7.67
N HIS B 95 -6.85 -16.05 -8.48
CA HIS B 95 -7.10 -15.98 -9.91
C HIS B 95 -8.43 -16.50 -10.29
N PHE B 96 -8.76 -17.68 -9.77
CA PHE B 96 -10.09 -18.29 -9.92
C PHE B 96 -10.13 -19.52 -9.04
N THR B 97 -11.27 -19.74 -8.39
CA THR B 97 -11.48 -20.90 -7.51
C THR B 97 -11.86 -22.17 -8.28
N HIS B 98 -12.54 -21.99 -9.43
CA HIS B 98 -13.13 -23.09 -10.17
C HIS B 98 -13.71 -22.60 -11.46
N THR B 99 -13.47 -23.33 -12.54
CA THR B 99 -14.17 -23.15 -13.81
C THR B 99 -14.72 -24.44 -14.40
N CYS B 100 -14.43 -25.57 -13.75
CA CYS B 100 -14.75 -26.93 -14.24
C CYS B 100 -13.97 -27.29 -15.49
N PHE B 101 -12.95 -28.14 -15.32
CA PHE B 101 -12.08 -28.51 -16.41
C PHE B 101 -12.82 -28.95 -17.67
N MET B 102 -13.90 -29.70 -17.52
CA MET B 102 -14.70 -30.15 -18.67
C MET B 102 -15.37 -28.99 -19.42
N VAL B 103 -15.47 -27.81 -18.80
CA VAL B 103 -16.00 -26.62 -19.51
C VAL B 103 -14.88 -25.71 -19.99
N THR B 104 -14.19 -25.04 -19.06
CA THR B 104 -13.02 -24.20 -19.36
C THR B 104 -11.78 -24.73 -18.69
N PRO B 105 -10.80 -25.21 -19.48
CA PRO B 105 -9.67 -25.87 -18.90
C PRO B 105 -8.66 -24.88 -18.40
N TYR B 106 -7.60 -25.39 -17.76
CA TYR B 106 -6.61 -24.55 -17.13
C TYR B 106 -5.31 -25.29 -16.87
N GLU B 107 -4.23 -24.54 -16.76
CA GLU B 107 -2.90 -25.12 -16.76
C GLU B 107 -2.67 -26.07 -15.60
N GLY B 108 -3.19 -25.72 -14.43
CA GLY B 108 -2.92 -26.50 -13.22
C GLY B 108 -3.25 -27.96 -13.37
N TYR B 109 -4.36 -28.23 -14.06
CA TYR B 109 -4.82 -29.58 -14.27
C TYR B 109 -3.76 -30.27 -15.11
N VAL B 110 -3.47 -29.69 -16.25
CA VAL B 110 -2.47 -30.28 -17.16
C VAL B 110 -1.15 -30.51 -16.45
N ALA B 111 -0.72 -29.52 -15.67
CA ALA B 111 0.59 -29.59 -15.00
C ALA B 111 0.65 -30.75 -13.99
N VAL B 112 -0.40 -30.90 -13.17
CA VAL B 112 -0.43 -32.01 -12.17
C VAL B 112 -0.37 -33.36 -12.89
N THR B 113 -1.15 -33.41 -13.96
CA THR B 113 -1.16 -34.50 -14.93
C THR B 113 0.22 -34.86 -15.48
N GLU B 114 1.04 -33.83 -15.78
CA GLU B 114 2.41 -34.05 -16.29
C GLU B 114 3.31 -34.68 -15.21
N GLN B 115 3.20 -34.20 -14.00
CA GLN B 115 3.98 -34.74 -12.91
C GLN B 115 3.65 -36.19 -12.60
N LEU B 116 2.36 -36.53 -12.62
CA LEU B 116 1.93 -37.89 -12.25
C LEU B 116 2.40 -38.87 -13.34
N ASN B 117 2.35 -38.44 -14.60
CA ASN B 117 2.90 -39.23 -15.67
C ASN B 117 4.36 -39.56 -15.42
N ARG B 118 5.09 -38.55 -15.02
CA ARG B 118 6.53 -38.65 -14.83
C ARG B 118 6.87 -39.54 -13.63
N LEU B 119 6.15 -39.37 -12.52
CA LEU B 119 6.54 -39.97 -11.23
C LEU B 119 6.02 -41.41 -11.01
N THR B 120 4.99 -41.80 -11.76
CA THR B 120 4.40 -43.13 -11.62
C THR B 120 5.29 -44.17 -12.31
N PRO B 121 5.17 -45.44 -11.93
CA PRO B 121 6.01 -46.47 -12.50
C PRO B 121 5.78 -46.76 -13.96
N GLY B 122 6.82 -47.27 -14.61
CA GLY B 122 6.76 -47.63 -16.02
C GLY B 122 7.12 -46.49 -16.96
N ASP B 123 7.64 -46.86 -18.13
CA ASP B 123 8.04 -45.92 -19.20
C ASP B 123 7.10 -45.93 -20.39
N HIS B 124 6.08 -46.76 -20.32
CA HIS B 124 5.07 -46.81 -21.40
C HIS B 124 4.20 -45.58 -21.42
N ALA B 125 3.42 -45.45 -22.47
CA ALA B 125 2.54 -44.28 -22.63
C ALA B 125 1.49 -44.31 -21.53
N LYS B 126 1.37 -43.20 -20.78
CA LYS B 126 0.40 -43.11 -19.68
C LYS B 126 -0.46 -41.86 -19.83
N ARG B 127 -1.67 -41.90 -19.28
CA ARG B 127 -2.55 -40.73 -19.22
C ARG B 127 -3.20 -40.63 -17.84
N THR B 128 -3.77 -39.47 -17.52
CA THR B 128 -4.32 -39.21 -16.19
C THR B 128 -5.66 -38.51 -16.31
N VAL B 129 -6.57 -38.80 -15.37
CA VAL B 129 -7.75 -37.98 -15.15
C VAL B 129 -7.77 -37.66 -13.66
N LEU B 130 -8.33 -36.50 -13.31
CA LEU B 130 -8.37 -36.03 -11.92
C LEU B 130 -9.79 -35.94 -11.36
N PHE B 131 -9.92 -36.26 -10.08
CA PHE B 131 -11.18 -36.15 -9.37
C PHE B 131 -10.92 -35.57 -8.01
N ASN B 132 -11.83 -35.77 -7.08
CA ASN B 132 -11.71 -35.18 -5.76
C ASN B 132 -11.28 -36.19 -4.71
N SER B 133 -12.01 -37.31 -4.58
CA SER B 133 -11.75 -38.27 -3.49
C SER B 133 -11.11 -39.55 -3.95
N GLY B 134 -10.51 -40.25 -3.00
CA GLY B 134 -9.99 -41.59 -3.25
C GLY B 134 -11.06 -42.54 -3.78
N ALA B 135 -12.24 -42.51 -3.17
CA ALA B 135 -13.34 -43.32 -3.65
C ALA B 135 -13.68 -43.00 -5.13
N GLU B 136 -13.71 -41.72 -5.48
CA GLU B 136 -13.96 -41.37 -6.87
C GLU B 136 -12.85 -41.94 -7.79
N ALA B 137 -11.62 -41.89 -7.33
CA ALA B 137 -10.52 -42.42 -8.06
C ALA B 137 -10.76 -43.91 -8.35
N VAL B 138 -11.04 -44.69 -7.30
CA VAL B 138 -11.20 -46.13 -7.46
C VAL B 138 -12.40 -46.41 -8.36
N GLU B 139 -13.50 -45.70 -8.13
CA GLU B 139 -14.66 -45.80 -9.01
C GLU B 139 -14.27 -45.63 -10.49
N ASN B 140 -13.43 -44.65 -10.76
CA ASN B 140 -13.09 -44.35 -12.14
C ASN B 140 -12.12 -45.38 -12.73
N ALA B 141 -11.21 -45.90 -11.91
CA ALA B 141 -10.33 -46.98 -12.39
C ALA B 141 -11.18 -48.16 -12.87
N VAL B 142 -12.18 -48.52 -12.06
CA VAL B 142 -13.03 -49.63 -12.37
C VAL B 142 -13.87 -49.33 -13.63
N LYS B 143 -14.37 -48.12 -13.76
CA LYS B 143 -15.06 -47.72 -14.99
C LYS B 143 -14.21 -47.94 -16.23
N VAL B 144 -12.96 -47.56 -16.13
CA VAL B 144 -12.07 -47.69 -17.27
C VAL B 144 -11.80 -49.16 -17.56
N ALA B 145 -11.52 -49.95 -16.53
CA ALA B 145 -11.19 -51.36 -16.72
C ALA B 145 -12.37 -52.04 -17.37
N ARG B 146 -13.56 -51.72 -16.91
CA ARG B 146 -14.74 -52.36 -17.44
C ARG B 146 -14.99 -51.98 -18.90
N LEU B 147 -14.92 -50.70 -19.22
CA LEU B 147 -15.14 -50.25 -20.61
C LEU B 147 -14.02 -50.76 -21.55
N ALA B 148 -12.77 -50.63 -21.13
CA ALA B 148 -11.66 -50.99 -21.99
C ALA B 148 -11.60 -52.51 -22.25
N THR B 149 -11.90 -53.37 -21.26
CA THR B 149 -11.81 -54.81 -21.45
C THR B 149 -13.08 -55.41 -22.02
N GLY B 150 -14.19 -54.69 -21.91
CA GLY B 150 -15.48 -55.26 -22.21
C GLY B 150 -15.95 -56.32 -21.23
N ARG B 151 -15.33 -56.41 -20.06
CA ARG B 151 -15.74 -57.41 -19.05
C ARG B 151 -16.37 -56.76 -17.81
N ASP B 152 -16.99 -57.60 -16.98
CA ASP B 152 -17.77 -57.18 -15.81
C ASP B 152 -17.01 -57.35 -14.46
N ALA B 153 -16.45 -58.53 -14.22
CA ALA B 153 -15.99 -58.91 -12.91
C ALA B 153 -14.79 -58.09 -12.45
N VAL B 154 -14.77 -57.72 -11.18
CA VAL B 154 -13.61 -57.07 -10.55
C VAL B 154 -13.22 -57.86 -9.32
N VAL B 155 -11.95 -58.25 -9.17
CA VAL B 155 -11.60 -58.95 -7.96
C VAL B 155 -10.91 -58.01 -6.98
N ALA B 156 -11.36 -58.11 -5.72
CA ALA B 156 -10.77 -57.43 -4.60
C ALA B 156 -10.34 -58.47 -3.58
N PHE B 157 -9.64 -58.04 -2.54
CA PHE B 157 -9.09 -59.00 -1.60
C PHE B 157 -9.61 -58.91 -0.18
N ASP B 158 -9.42 -59.98 0.58
CA ASP B 158 -9.66 -59.95 2.02
C ASP B 158 -8.82 -58.81 2.58
N HIS B 159 -9.36 -58.16 3.62
CA HIS B 159 -8.71 -57.02 4.29
C HIS B 159 -8.57 -55.78 3.43
N ALA B 160 -9.19 -55.77 2.24
CA ALA B 160 -9.15 -54.56 1.42
C ALA B 160 -10.04 -53.46 2.01
N TYR B 161 -9.64 -52.22 1.71
CA TYR B 161 -10.48 -51.05 1.92
C TYR B 161 -10.28 -50.13 0.74
N HIS B 162 -11.38 -49.74 0.10
CA HIS B 162 -11.29 -48.87 -1.08
C HIS B 162 -12.28 -47.73 -1.08
N GLY B 163 -13.09 -47.56 -0.03
CA GLY B 163 -13.97 -46.40 0.06
C GLY B 163 -15.42 -46.62 0.46
N ARG B 164 -16.18 -45.53 0.46
CA ARG B 164 -17.47 -45.48 1.08
C ARG B 164 -18.61 -45.17 0.14
N THR B 165 -18.35 -45.11 -1.15
CA THR B 165 -19.44 -45.15 -2.14
C THR B 165 -19.95 -46.58 -2.26
N ASN B 166 -21.08 -46.77 -2.95
CA ASN B 166 -21.66 -48.11 -3.04
C ASN B 166 -20.72 -49.19 -3.63
N LEU B 167 -20.11 -48.87 -4.76
CA LEU B 167 -19.14 -49.78 -5.33
C LEU B 167 -17.90 -49.92 -4.43
N THR B 168 -17.40 -48.83 -3.87
CA THR B 168 -16.13 -48.93 -3.12
C THR B 168 -16.39 -49.63 -1.81
N MET B 169 -17.63 -49.54 -1.33
CA MET B 169 -18.06 -50.36 -0.19
C MET B 169 -18.08 -51.81 -0.61
N ALA B 170 -18.61 -52.07 -1.79
CA ALA B 170 -18.62 -53.43 -2.36
C ALA B 170 -17.20 -54.01 -2.40
N LEU B 171 -16.27 -53.22 -2.89
CA LEU B 171 -14.85 -53.62 -2.98
C LEU B 171 -14.23 -53.78 -1.58
N THR B 172 -14.72 -53.00 -0.61
CA THR B 172 -14.19 -53.04 0.72
C THR B 172 -14.61 -54.32 1.43
N ALA B 173 -13.71 -54.89 2.21
CA ALA B 173 -13.96 -56.18 2.85
C ALA B 173 -14.72 -56.05 4.17
N LYS B 174 -14.27 -55.18 5.06
CA LYS B 174 -14.83 -55.16 6.42
C LYS B 174 -16.17 -54.47 6.47
N ALA B 175 -17.14 -55.11 7.09
CA ALA B 175 -18.50 -54.58 7.13
C ALA B 175 -18.73 -53.49 8.20
N MET B 176 -18.11 -53.60 9.38
CA MET B 176 -18.28 -52.59 10.45
C MET B 176 -17.11 -51.60 10.52
N PRO B 177 -17.38 -50.29 10.31
CA PRO B 177 -18.65 -49.60 10.09
C PRO B 177 -18.97 -49.28 8.64
N TYR B 178 -18.14 -49.75 7.73
CA TYR B 178 -18.15 -49.20 6.35
C TYR B 178 -19.35 -49.62 5.52
N LYS B 179 -19.91 -50.77 5.83
CA LYS B 179 -20.95 -51.38 4.98
C LYS B 179 -22.31 -51.65 5.64
N THR B 180 -22.31 -51.96 6.94
CA THR B 180 -23.53 -52.48 7.60
C THR B 180 -24.75 -51.63 7.26
N ASN B 181 -25.78 -52.29 6.74
CA ASN B 181 -27.05 -51.68 6.41
C ASN B 181 -27.03 -50.65 5.27
N PHE B 182 -25.92 -50.54 4.56
CA PHE B 182 -25.84 -49.59 3.45
C PHE B 182 -26.06 -50.20 2.07
N GLY B 183 -26.22 -51.50 2.00
CA GLY B 183 -26.40 -52.17 0.70
C GLY B 183 -27.84 -52.04 0.20
N PRO B 184 -28.22 -52.79 -0.83
CA PRO B 184 -27.42 -53.78 -1.56
C PRO B 184 -26.28 -53.19 -2.39
N PHE B 185 -25.19 -53.96 -2.54
CA PHE B 185 -23.97 -53.44 -3.09
C PHE B 185 -23.80 -53.78 -4.56
N ALA B 186 -23.00 -52.96 -5.25
CA ALA B 186 -22.77 -53.05 -6.69
C ALA B 186 -22.37 -54.47 -7.09
N PRO B 187 -22.91 -54.98 -8.19
CA PRO B 187 -22.70 -56.35 -8.54
C PRO B 187 -21.37 -56.63 -9.26
N GLU B 188 -21.08 -57.93 -9.34
CA GLU B 188 -19.90 -58.50 -10.00
C GLU B 188 -18.57 -58.08 -9.37
N VAL B 189 -18.54 -58.10 -8.04
CA VAL B 189 -17.31 -57.95 -7.29
C VAL B 189 -17.07 -59.26 -6.58
N TYR B 190 -15.86 -59.77 -6.71
CA TYR B 190 -15.50 -61.07 -6.14
C TYR B 190 -14.30 -60.89 -5.21
N ARG B 191 -14.26 -61.65 -4.13
CA ARG B 191 -13.26 -61.46 -3.11
C ARG B 191 -12.35 -62.67 -3.03
N MET B 192 -11.05 -62.40 -2.94
CA MET B 192 -10.03 -63.45 -3.00
C MET B 192 -9.07 -63.35 -1.83
N PRO B 193 -8.36 -64.44 -1.52
CA PRO B 193 -7.51 -64.46 -0.32
C PRO B 193 -6.26 -63.66 -0.52
N MET B 194 -5.88 -62.98 0.55
CA MET B 194 -4.75 -62.07 0.57
C MET B 194 -3.53 -62.83 1.06
N SER B 195 -2.35 -62.30 0.76
CA SER B 195 -1.10 -62.78 1.37
C SER B 195 -0.93 -61.97 2.63
N TYR B 196 -1.15 -62.62 3.77
CA TYR B 196 -1.13 -61.98 5.10
C TYR B 196 -0.27 -62.88 5.99
N PRO B 197 1.06 -62.75 5.87
CA PRO B 197 2.01 -63.69 6.47
C PRO B 197 1.69 -64.08 7.89
N PHE B 198 1.41 -63.10 8.72
CA PHE B 198 1.27 -63.33 10.17
C PHE B 198 0.12 -64.24 10.50
N ARG B 199 -0.88 -64.30 9.63
CA ARG B 199 -2.05 -65.13 9.89
C ARG B 199 -2.31 -66.26 8.88
N GLU B 200 -1.34 -66.57 8.04
CA GLU B 200 -1.48 -67.68 7.11
C GLU B 200 -1.64 -68.97 7.93
N GLU B 201 -2.58 -69.81 7.53
CA GLU B 201 -2.79 -71.09 8.20
C GLU B 201 -1.56 -71.96 8.07
N ASN B 202 -0.84 -71.83 6.96
CA ASN B 202 0.44 -72.47 6.77
C ASN B 202 1.51 -71.40 6.79
N PRO B 203 2.18 -71.22 7.93
CA PRO B 203 3.13 -70.10 8.09
C PRO B 203 4.27 -70.11 7.09
N GLU B 204 4.62 -71.28 6.55
CA GLU B 204 5.73 -71.39 5.58
C GLU B 204 5.35 -70.96 4.15
N ILE B 205 4.07 -70.63 3.90
CA ILE B 205 3.63 -70.30 2.54
C ILE B 205 4.45 -69.12 1.94
N THR B 206 4.69 -69.20 0.65
CA THR B 206 5.46 -68.28 -0.11
C THR B 206 4.57 -67.29 -0.85
N GLY B 207 5.10 -66.11 -1.16
CA GLY B 207 4.34 -65.09 -1.90
C GLY B 207 3.83 -65.69 -3.21
N ALA B 208 4.73 -66.33 -3.95
CA ALA B 208 4.39 -67.03 -5.17
C ALA B 208 3.24 -68.01 -4.96
N GLU B 209 3.33 -68.77 -3.87
CA GLU B 209 2.33 -69.78 -3.57
C GLU B 209 0.99 -69.14 -3.21
N ALA B 210 1.04 -68.02 -2.51
CA ALA B 210 -0.15 -67.26 -2.12
C ALA B 210 -0.82 -66.70 -3.35
N ALA B 211 -0.02 -66.20 -4.28
CA ALA B 211 -0.53 -65.73 -5.56
C ALA B 211 -1.17 -66.87 -6.36
N LYS B 212 -0.55 -68.04 -6.35
CA LYS B 212 -1.10 -69.20 -7.08
C LYS B 212 -2.45 -69.60 -6.51
N ARG B 213 -2.56 -69.52 -5.18
CA ARG B 213 -3.80 -69.81 -4.50
C ARG B 213 -4.89 -68.87 -4.99
N ALA B 214 -4.58 -67.58 -5.01
CA ALA B 214 -5.53 -66.58 -5.47
C ALA B 214 -5.87 -66.79 -6.95
N ILE B 215 -4.86 -67.05 -7.76
CA ILE B 215 -5.05 -67.21 -9.19
C ILE B 215 -5.94 -68.41 -9.54
N THR B 216 -5.67 -69.56 -8.94
CA THR B 216 -6.50 -70.74 -9.18
C THR B 216 -7.95 -70.44 -8.79
N MET B 217 -8.14 -69.79 -7.66
CA MET B 217 -9.46 -69.50 -7.17
C MET B 217 -10.19 -68.59 -8.15
N ILE B 218 -9.50 -67.56 -8.65
CA ILE B 218 -10.08 -66.63 -9.65
C ILE B 218 -10.46 -67.39 -10.89
N GLU B 219 -9.56 -68.26 -11.34
CA GLU B 219 -9.75 -69.00 -12.56
C GLU B 219 -10.94 -69.95 -12.43
N LYS B 220 -11.02 -70.62 -11.28
CA LYS B 220 -12.08 -71.60 -11.06
C LYS B 220 -13.43 -70.95 -10.80
N GLN B 221 -13.46 -69.79 -10.15
CA GLN B 221 -14.73 -69.15 -9.73
C GLN B 221 -15.25 -68.00 -10.60
N ILE B 222 -14.40 -67.50 -11.49
CA ILE B 222 -14.79 -66.46 -12.47
C ILE B 222 -14.26 -66.80 -13.86
N GLY B 223 -12.98 -67.11 -13.94
CA GLY B 223 -12.31 -67.34 -15.21
C GLY B 223 -11.51 -66.12 -15.61
N GLY B 224 -10.22 -66.30 -15.86
CA GLY B 224 -9.34 -65.18 -16.18
C GLY B 224 -9.86 -64.27 -17.27
N ASP B 225 -10.47 -64.83 -18.30
CA ASP B 225 -10.94 -64.04 -19.45
C ASP B 225 -12.25 -63.28 -19.15
N GLN B 226 -12.82 -63.50 -17.96
CA GLN B 226 -14.05 -62.80 -17.51
C GLN B 226 -13.77 -61.64 -16.55
N VAL B 227 -12.51 -61.47 -16.12
CA VAL B 227 -12.18 -60.45 -15.15
C VAL B 227 -11.71 -59.16 -15.82
N ALA B 228 -12.43 -58.06 -15.57
CA ALA B 228 -12.07 -56.75 -16.05
C ALA B 228 -10.85 -56.21 -15.30
N ALA B 229 -10.82 -56.41 -13.99
CA ALA B 229 -9.75 -55.82 -13.16
C ALA B 229 -9.46 -56.57 -11.90
N ILE B 230 -8.20 -56.62 -11.51
CA ILE B 230 -7.80 -57.04 -10.15
C ILE B 230 -7.37 -55.75 -9.47
N ILE B 231 -7.95 -55.44 -8.32
CA ILE B 231 -7.58 -54.22 -7.57
C ILE B 231 -7.00 -54.60 -6.21
N ILE B 232 -5.82 -54.07 -5.92
CA ILE B 232 -5.15 -54.41 -4.64
C ILE B 232 -4.36 -53.23 -4.16
N GLU B 233 -4.33 -53.07 -2.85
CA GLU B 233 -3.44 -52.15 -2.18
C GLU B 233 -2.11 -52.88 -1.97
N PRO B 234 -1.02 -52.34 -2.51
CA PRO B 234 0.29 -52.94 -2.26
C PRO B 234 0.63 -53.08 -0.78
N ILE B 235 0.24 -52.10 0.03
CA ILE B 235 0.17 -52.29 1.48
C ILE B 235 -1.26 -51.94 1.88
N GLN B 236 -1.96 -52.89 2.48
CA GLN B 236 -3.37 -52.71 2.80
C GLN B 236 -3.47 -51.82 4.01
N GLY B 237 -4.16 -50.71 3.87
CA GLY B 237 -4.21 -49.69 4.93
C GLY B 237 -5.11 -50.04 6.09
N GLU B 238 -6.38 -49.69 5.96
CA GLU B 238 -7.35 -49.90 7.04
C GLU B 238 -7.41 -51.36 7.43
N GLY B 239 -7.06 -52.25 6.51
CA GLY B 239 -7.05 -53.68 6.79
C GLY B 239 -6.05 -54.07 7.84
N GLY B 240 -5.05 -53.22 8.06
CA GLY B 240 -4.05 -53.46 9.12
C GLY B 240 -2.59 -53.34 8.70
N PHE B 241 -2.32 -52.54 7.69
CA PHE B 241 -0.96 -52.40 7.17
C PHE B 241 -0.36 -53.77 6.86
N ILE B 242 -1.12 -54.56 6.10
CA ILE B 242 -0.71 -55.90 5.70
C ILE B 242 0.20 -55.75 4.49
N VAL B 243 1.44 -56.23 4.64
CA VAL B 243 2.39 -56.28 3.53
C VAL B 243 2.38 -57.72 3.07
N PRO B 244 2.14 -57.91 1.76
CA PRO B 244 2.13 -59.27 1.25
C PRO B 244 3.54 -59.82 1.23
N ALA B 245 3.66 -61.15 1.25
CA ALA B 245 4.95 -61.79 1.11
C ALA B 245 5.59 -61.40 -0.22
N GLU B 246 6.91 -61.31 -0.22
CA GLU B 246 7.68 -61.09 -1.45
C GLU B 246 7.27 -62.11 -2.54
N GLY B 247 7.03 -61.61 -3.75
CA GLY B 247 6.69 -62.44 -4.90
C GLY B 247 5.20 -62.55 -5.25
N PHE B 248 4.36 -62.14 -4.31
CA PHE B 248 2.91 -62.14 -4.50
C PHE B 248 2.50 -61.14 -5.58
N LEU B 249 2.82 -59.88 -5.36
CA LEU B 249 2.36 -58.85 -6.27
C LEU B 249 2.85 -59.06 -7.70
N PRO B 250 4.15 -59.35 -7.88
CA PRO B 250 4.58 -59.63 -9.25
C PRO B 250 3.84 -60.79 -9.91
N ALA B 251 3.56 -61.86 -9.15
CA ALA B 251 2.86 -63.01 -9.71
C ALA B 251 1.48 -62.58 -10.24
N LEU B 252 0.74 -61.84 -9.43
CA LEU B 252 -0.54 -61.32 -9.83
C LEU B 252 -0.41 -60.45 -11.06
N SER B 253 0.60 -59.60 -11.07
CA SER B 253 0.79 -58.71 -12.20
C SER B 253 1.02 -59.49 -13.49
N GLU B 254 1.88 -60.50 -13.41
CA GLU B 254 2.28 -61.27 -14.58
C GLU B 254 1.07 -61.98 -15.15
N TRP B 255 0.29 -62.57 -14.26
CA TRP B 255 -0.91 -63.29 -14.64
C TRP B 255 -1.95 -62.41 -15.23
N ALA B 256 -2.13 -61.23 -14.65
CA ALA B 256 -3.11 -60.27 -15.15
C ALA B 256 -2.80 -59.91 -16.61
N LYS B 257 -1.51 -59.72 -16.91
CA LYS B 257 -1.06 -59.38 -18.25
C LYS B 257 -1.37 -60.53 -19.18
N GLU B 258 -1.03 -61.73 -18.76
CA GLU B 258 -1.40 -62.92 -19.50
C GLU B 258 -2.85 -62.97 -19.90
N LYS B 259 -3.74 -62.65 -18.98
CA LYS B 259 -5.18 -62.82 -19.20
C LYS B 259 -5.91 -61.58 -19.68
N GLY B 260 -5.19 -60.51 -19.99
CA GLY B 260 -5.82 -59.27 -20.44
C GLY B 260 -6.60 -58.52 -19.37
N ILE B 261 -6.26 -58.77 -18.10
CA ILE B 261 -6.93 -58.19 -16.96
C ILE B 261 -6.18 -56.96 -16.51
N VAL B 262 -6.93 -55.88 -16.29
CA VAL B 262 -6.33 -54.62 -15.85
C VAL B 262 -5.94 -54.79 -14.40
N PHE B 263 -4.64 -54.61 -14.11
CA PHE B 263 -4.14 -54.63 -12.74
C PHE B 263 -4.14 -53.21 -12.16
N ILE B 264 -5.00 -52.99 -11.17
CA ILE B 264 -5.13 -51.69 -10.53
C ILE B 264 -4.44 -51.69 -9.19
N ALA B 265 -3.44 -50.83 -9.02
CA ALA B 265 -2.80 -50.64 -7.70
C ALA B 265 -3.50 -49.49 -6.99
N ASP B 266 -4.12 -49.77 -5.86
CA ASP B 266 -4.72 -48.68 -5.07
C ASP B 266 -3.70 -48.10 -4.13
N GLU B 267 -3.11 -47.00 -4.56
CA GLU B 267 -2.04 -46.31 -3.80
C GLU B 267 -2.57 -45.01 -3.17
N VAL B 268 -3.85 -44.96 -2.84
CA VAL B 268 -4.40 -43.78 -2.22
C VAL B 268 -3.68 -43.49 -0.92
N GLN B 269 -3.44 -44.51 -0.12
CA GLN B 269 -2.81 -44.29 1.19
C GLN B 269 -1.30 -44.47 1.12
N SER B 270 -0.83 -45.45 0.33
CA SER B 270 0.62 -45.78 0.23
C SER B 270 1.41 -44.89 -0.73
N GLY B 271 0.72 -44.14 -1.56
CA GLY B 271 1.38 -43.32 -2.57
C GLY B 271 2.05 -42.02 -2.08
N PHE B 272 2.85 -41.43 -2.97
CA PHE B 272 3.61 -40.20 -2.71
C PHE B 272 4.55 -40.23 -1.49
N CYS B 273 5.55 -41.10 -1.58
CA CYS B 273 6.72 -41.14 -0.66
C CYS B 273 6.46 -41.79 0.67
N ARG B 274 5.20 -42.12 0.94
CA ARG B 274 4.79 -42.65 2.24
C ARG B 274 5.62 -43.84 2.67
N THR B 275 5.99 -44.70 1.71
CA THR B 275 6.67 -45.98 2.03
C THR B 275 8.18 -45.91 1.83
N GLY B 276 8.70 -44.73 1.47
CA GLY B 276 10.12 -44.56 1.19
C GLY B 276 10.44 -44.66 -0.30
N GLU B 277 9.43 -44.90 -1.13
CA GLU B 277 9.55 -44.83 -2.57
C GLU B 277 8.36 -44.03 -3.02
N TRP B 278 8.39 -43.57 -4.25
CA TRP B 278 7.24 -42.79 -4.75
C TRP B 278 5.95 -43.52 -4.63
N PHE B 279 5.98 -44.81 -4.99
CA PHE B 279 4.81 -45.67 -4.85
C PHE B 279 5.20 -47.01 -4.25
N ALA B 280 4.31 -47.57 -3.43
CA ALA B 280 4.62 -48.83 -2.70
C ALA B 280 5.01 -49.95 -3.67
N VAL B 281 4.48 -49.88 -4.89
CA VAL B 281 4.76 -50.91 -5.89
C VAL B 281 6.23 -50.90 -6.30
N ASP B 282 6.86 -49.73 -6.17
CA ASP B 282 8.28 -49.58 -6.51
C ASP B 282 9.23 -50.45 -5.68
N HIS B 283 8.83 -50.82 -4.47
CA HIS B 283 9.61 -51.76 -3.67
C HIS B 283 9.87 -53.01 -4.43
N GLU B 284 8.86 -53.57 -5.10
CA GLU B 284 9.04 -54.82 -5.83
C GLU B 284 9.12 -54.65 -7.34
N GLY B 285 9.05 -53.40 -7.79
CA GLY B 285 9.18 -53.11 -9.21
C GLY B 285 7.98 -53.52 -10.04
N VAL B 286 6.83 -53.66 -9.39
CA VAL B 286 5.60 -53.92 -10.11
C VAL B 286 5.14 -52.65 -10.84
N VAL B 287 4.64 -52.82 -12.07
CA VAL B 287 4.24 -51.68 -12.93
C VAL B 287 2.76 -51.84 -13.24
N PRO B 288 1.89 -51.16 -12.46
CA PRO B 288 0.42 -51.35 -12.61
C PRO B 288 -0.15 -50.76 -13.86
N ASP B 289 -1.26 -51.31 -14.32
CA ASP B 289 -1.90 -50.88 -15.56
C ASP B 289 -2.64 -49.60 -15.28
N ILE B 290 -3.24 -49.51 -14.10
CA ILE B 290 -3.82 -48.25 -13.62
C ILE B 290 -3.46 -48.12 -12.14
N ILE B 291 -3.23 -46.90 -11.69
CA ILE B 291 -2.94 -46.66 -10.30
C ILE B 291 -3.79 -45.52 -9.78
N THR B 292 -4.45 -45.76 -8.64
CA THR B 292 -5.36 -44.79 -8.01
C THR B 292 -4.65 -44.03 -6.87
N MET B 293 -4.86 -42.71 -6.86
CA MET B 293 -4.15 -41.80 -5.97
C MET B 293 -5.10 -40.77 -5.33
N ALA B 294 -4.80 -40.43 -4.07
CA ALA B 294 -5.45 -39.31 -3.40
C ALA B 294 -4.65 -38.95 -2.15
N LYS B 295 -5.33 -38.74 -1.02
CA LYS B 295 -4.69 -38.46 0.27
C LYS B 295 -3.43 -37.53 0.08
N GLY B 296 -2.24 -38.10 0.06
CA GLY B 296 -0.98 -37.29 0.08
C GLY B 296 -0.70 -36.42 -1.14
N ILE B 297 -1.38 -36.70 -2.24
CA ILE B 297 -1.14 -36.01 -3.50
C ILE B 297 -1.11 -34.47 -3.41
N ALA B 298 -1.99 -33.86 -2.62
CA ALA B 298 -2.19 -32.42 -2.69
C ALA B 298 -2.04 -31.73 -1.32
N GLY B 299 -1.16 -32.29 -0.49
CA GLY B 299 -0.81 -31.69 0.79
C GLY B 299 -1.98 -31.30 1.70
N GLY B 300 -3.11 -31.99 1.53
CA GLY B 300 -4.27 -31.72 2.33
C GLY B 300 -5.46 -31.18 1.59
N LEU B 301 -5.27 -30.61 0.41
CA LEU B 301 -6.42 -30.16 -0.38
C LEU B 301 -7.11 -31.37 -1.02
N PRO B 302 -8.39 -31.23 -1.35
CA PRO B 302 -9.13 -32.35 -1.94
C PRO B 302 -8.81 -32.58 -3.40
N LEU B 303 -7.95 -33.55 -3.67
CA LEU B 303 -7.62 -33.98 -5.04
C LEU B 303 -7.40 -35.48 -5.06
N SER B 304 -7.80 -36.08 -6.16
CA SER B 304 -7.51 -37.50 -6.43
C SER B 304 -7.20 -37.70 -7.91
N ALA B 305 -6.67 -38.88 -8.26
CA ALA B 305 -6.27 -39.14 -9.64
C ALA B 305 -6.27 -40.61 -9.96
N ILE B 306 -6.54 -40.96 -11.22
CA ILE B 306 -6.10 -42.23 -11.80
C ILE B 306 -5.02 -41.92 -12.86
N THR B 307 -3.92 -42.69 -12.84
CA THR B 307 -2.92 -42.65 -13.91
C THR B 307 -2.68 -44.06 -14.42
N GLY B 308 -2.85 -44.27 -15.73
CA GLY B 308 -2.69 -45.61 -16.31
C GLY B 308 -2.32 -45.61 -17.78
N ARG B 309 -2.23 -46.81 -18.33
CA ARG B 309 -1.91 -47.01 -19.74
C ARG B 309 -2.78 -46.18 -20.65
N ALA B 310 -2.14 -45.49 -21.59
CA ALA B 310 -2.84 -44.65 -22.52
C ALA B 310 -3.91 -45.45 -23.25
N ASP B 311 -3.56 -46.65 -23.68
CA ASP B 311 -4.50 -47.43 -24.51
C ASP B 311 -5.78 -47.74 -23.73
N LEU B 312 -5.66 -47.90 -22.42
CA LEU B 312 -6.84 -48.15 -21.57
C LEU B 312 -7.66 -46.88 -21.36
N LEU B 313 -7.02 -45.84 -20.81
CA LEU B 313 -7.73 -44.62 -20.53
C LEU B 313 -8.29 -43.94 -21.77
N ASP B 314 -7.53 -43.94 -22.85
CA ASP B 314 -7.99 -43.30 -24.08
C ASP B 314 -9.15 -44.05 -24.73
N ALA B 315 -9.39 -45.28 -24.33
CA ALA B 315 -10.53 -46.03 -24.87
C ALA B 315 -11.87 -45.40 -24.49
N VAL B 316 -11.91 -44.66 -23.38
CA VAL B 316 -13.18 -44.17 -22.85
C VAL B 316 -13.68 -43.09 -23.77
N HIS B 317 -14.96 -43.10 -24.05
CA HIS B 317 -15.57 -42.15 -24.97
C HIS B 317 -15.55 -40.73 -24.42
N PRO B 318 -15.66 -39.74 -25.32
CA PRO B 318 -15.69 -38.35 -24.87
C PRO B 318 -16.79 -38.11 -23.85
N GLY B 319 -16.44 -37.46 -22.74
CA GLY B 319 -17.37 -37.12 -21.69
C GLY B 319 -17.67 -38.25 -20.70
N GLY B 320 -17.10 -39.41 -20.91
CA GLY B 320 -17.38 -40.57 -20.10
C GLY B 320 -16.90 -40.43 -18.66
N LEU B 321 -15.69 -39.93 -18.49
CA LEU B 321 -15.12 -39.77 -17.17
C LEU B 321 -15.17 -38.31 -16.82
N GLY B 322 -15.52 -37.98 -15.58
CA GLY B 322 -15.51 -36.58 -15.15
C GLY B 322 -16.09 -36.31 -13.76
N GLY B 323 -16.76 -35.16 -13.64
CA GLY B 323 -17.12 -34.59 -12.34
C GLY B 323 -17.05 -33.06 -12.40
N THR B 324 -17.76 -32.38 -11.51
CA THR B 324 -17.79 -30.92 -11.51
C THR B 324 -16.49 -30.34 -10.96
N TYR B 325 -16.20 -30.65 -9.71
CA TYR B 325 -15.09 -30.07 -8.98
C TYR B 325 -13.74 -30.62 -9.43
N GLY B 326 -13.76 -31.82 -9.99
CA GLY B 326 -12.55 -32.62 -10.16
C GLY B 326 -11.38 -31.86 -10.75
N GLY B 327 -10.21 -32.08 -10.15
CA GLY B 327 -9.01 -31.38 -10.58
C GLY B 327 -9.14 -29.89 -10.31
N ASN B 328 -9.64 -29.58 -9.12
CA ASN B 328 -9.82 -28.19 -8.74
C ASN B 328 -8.48 -27.41 -8.75
N PRO B 329 -8.50 -26.18 -9.30
CA PRO B 329 -7.27 -25.46 -9.56
C PRO B 329 -6.52 -25.09 -8.31
N VAL B 330 -7.23 -24.74 -7.27
CA VAL B 330 -6.59 -24.46 -5.97
C VAL B 330 -5.96 -25.73 -5.43
N ALA B 331 -6.66 -26.84 -5.56
CA ALA B 331 -6.10 -28.13 -5.17
C ALA B 331 -4.89 -28.50 -6.04
N CYS B 332 -4.94 -28.17 -7.32
CA CYS B 332 -3.86 -28.51 -8.24
C CYS B 332 -2.61 -27.75 -7.87
N ALA B 333 -2.78 -26.46 -7.60
CA ALA B 333 -1.69 -25.64 -7.12
C ALA B 333 -1.06 -26.33 -5.92
N ALA B 334 -1.89 -26.79 -4.99
CA ALA B 334 -1.40 -27.47 -3.79
C ALA B 334 -0.58 -28.73 -4.13
N ALA B 335 -1.06 -29.51 -5.10
CA ALA B 335 -0.37 -30.75 -5.53
C ALA B 335 1.01 -30.45 -6.12
N LEU B 336 1.09 -29.50 -7.04
CA LEU B 336 2.38 -29.13 -7.67
C LEU B 336 3.41 -28.73 -6.61
N ALA B 337 3.00 -27.90 -5.66
CA ALA B 337 3.83 -27.51 -4.52
C ALA B 337 4.18 -28.70 -3.62
N ALA B 338 3.18 -29.52 -3.30
CA ALA B 338 3.39 -30.70 -2.45
C ALA B 338 4.40 -31.64 -3.07
N ILE B 339 4.22 -31.96 -4.36
CA ILE B 339 5.17 -32.82 -5.07
C ILE B 339 6.58 -32.20 -5.10
N ASP B 340 6.61 -30.90 -5.32
CA ASP B 340 7.85 -30.17 -5.30
C ASP B 340 8.58 -30.29 -3.96
N THR B 341 7.86 -30.08 -2.87
CA THR B 341 8.43 -30.30 -1.54
C THR B 341 8.97 -31.74 -1.41
N MET B 342 8.20 -32.72 -1.86
CA MET B 342 8.61 -34.12 -1.75
C MET B 342 9.99 -34.34 -2.38
N GLU B 343 10.23 -33.71 -3.53
CA GLU B 343 11.51 -33.74 -4.21
C GLU B 343 12.57 -32.88 -3.50
N GLN B 344 12.30 -31.58 -3.37
CA GLN B 344 13.27 -30.64 -2.77
C GLN B 344 13.79 -31.15 -1.42
N HIS B 345 12.93 -31.68 -0.57
CA HIS B 345 13.35 -32.15 0.76
C HIS B 345 13.53 -33.65 0.85
N ASP B 346 13.53 -34.34 -0.30
CA ASP B 346 13.81 -35.78 -0.34
C ASP B 346 13.00 -36.54 0.70
N LEU B 347 11.68 -36.46 0.57
CA LEU B 347 10.78 -37.07 1.55
C LEU B 347 10.84 -38.60 1.48
N ASN B 348 11.20 -39.14 0.31
CA ASN B 348 11.48 -40.58 0.23
C ASN B 348 12.57 -40.96 1.24
N GLY B 349 13.67 -40.21 1.23
CA GLY B 349 14.73 -40.36 2.19
C GLY B 349 14.26 -40.18 3.62
N ARG B 350 13.43 -39.17 3.87
CA ARG B 350 12.93 -38.95 5.23
C ARG B 350 12.09 -40.13 5.67
N ALA B 351 11.32 -40.66 4.74
CA ALA B 351 10.48 -41.82 5.02
C ALA B 351 11.33 -43.05 5.36
N ARG B 352 12.39 -43.28 4.58
CA ARG B 352 13.28 -44.44 4.83
C ARG B 352 13.94 -44.28 6.18
N HIS B 353 14.27 -43.04 6.53
CA HIS B 353 14.89 -42.75 7.80
C HIS B 353 13.93 -43.00 8.95
N ILE B 354 12.69 -42.53 8.80
CA ILE B 354 11.62 -42.82 9.77
C ILE B 354 11.46 -44.33 10.00
N GLU B 355 11.52 -45.12 8.92
CA GLU B 355 11.43 -46.56 9.04
C GLU B 355 12.51 -47.09 9.98
N GLU B 356 13.77 -46.72 9.70
CA GLU B 356 14.96 -47.20 10.46
C GLU B 356 14.80 -46.86 11.94
N LEU B 357 14.43 -45.63 12.22
CA LEU B 357 14.22 -45.19 13.57
C LEU B 357 13.08 -45.94 14.25
N ALA B 358 11.91 -45.91 13.63
CA ALA B 358 10.68 -46.42 14.24
C ALA B 358 10.72 -47.93 14.40
N LEU B 359 11.16 -48.65 13.36
CA LEU B 359 11.26 -50.09 13.47
C LEU B 359 12.32 -50.50 14.50
N GLY B 360 13.39 -49.72 14.61
CA GLY B 360 14.38 -49.90 15.67
C GLY B 360 13.74 -49.87 17.05
N LYS B 361 13.04 -48.80 17.36
CA LYS B 361 12.45 -48.64 18.69
C LYS B 361 11.37 -49.70 18.95
N LEU B 362 10.57 -50.01 17.93
CA LEU B 362 9.51 -51.03 18.07
C LEU B 362 10.06 -52.44 18.31
N ARG B 363 11.16 -52.79 17.64
CA ARG B 363 11.78 -54.10 17.82
C ARG B 363 12.47 -54.23 19.20
N GLU B 364 12.99 -53.10 19.71
CA GLU B 364 13.45 -53.02 21.12
C GLU B 364 12.33 -53.36 22.10
N LEU B 365 11.15 -52.80 21.85
CA LEU B 365 9.96 -53.09 22.64
C LEU B 365 9.52 -54.55 22.52
N ALA B 366 9.60 -55.11 21.33
CA ALA B 366 9.24 -56.53 21.11
C ALA B 366 10.13 -57.45 21.95
N ALA B 367 11.34 -56.98 22.16
CA ALA B 367 12.39 -57.75 22.73
C ALA B 367 12.16 -57.90 24.26
N GLU B 368 11.24 -57.08 24.80
CA GLU B 368 10.49 -57.39 26.06
C GLU B 368 8.95 -57.56 25.86
N SER B 375 3.76 -62.39 25.97
CA SER B 375 4.01 -61.27 25.02
C SER B 375 2.81 -60.86 24.18
N VAL B 376 2.66 -59.55 24.05
CA VAL B 376 1.49 -58.93 23.53
C VAL B 376 1.77 -58.34 22.10
N VAL B 377 3.02 -58.37 21.67
CA VAL B 377 3.40 -57.86 20.36
C VAL B 377 3.51 -58.98 19.38
N GLY B 378 2.50 -59.13 18.52
CA GLY B 378 2.44 -60.22 17.57
C GLY B 378 3.29 -60.03 16.33
N ASP B 379 3.30 -58.82 15.77
CA ASP B 379 3.96 -58.60 14.50
C ASP B 379 4.28 -57.13 14.29
N ILE B 380 5.47 -56.85 13.76
CA ILE B 380 5.88 -55.52 13.41
C ILE B 380 6.15 -55.52 11.91
N ARG B 381 5.56 -54.58 11.20
CA ARG B 381 5.58 -54.61 9.77
C ARG B 381 5.30 -53.26 9.18
N GLY B 382 5.56 -53.16 7.89
CA GLY B 382 5.40 -51.92 7.14
C GLY B 382 6.69 -51.42 6.54
N ARG B 383 6.60 -50.27 5.91
CA ARG B 383 7.80 -49.65 5.49
C ARG B 383 7.63 -48.18 5.34
N GLY B 384 8.79 -47.53 5.35
CA GLY B 384 8.87 -46.08 5.34
C GLY B 384 8.14 -45.50 6.54
N ALA B 385 7.28 -44.53 6.25
CA ALA B 385 6.42 -43.89 7.25
C ALA B 385 5.01 -44.51 7.31
N MET B 386 4.90 -45.76 6.88
CA MET B 386 3.65 -46.53 6.96
C MET B 386 3.95 -47.82 7.70
N LEU B 387 3.96 -47.73 9.02
CA LEU B 387 4.45 -48.82 9.88
C LEU B 387 3.36 -49.22 10.83
N ALA B 388 3.43 -50.44 11.33
CA ALA B 388 2.38 -50.93 12.23
C ALA B 388 2.86 -52.00 13.18
N ILE B 389 2.16 -52.10 14.30
CA ILE B 389 2.40 -53.14 15.24
C ILE B 389 1.05 -53.78 15.53
N GLU B 390 0.95 -55.08 15.26
CA GLU B 390 -0.25 -55.88 15.53
C GLU B 390 -0.18 -56.52 16.91
N LEU B 391 -1.15 -56.17 17.75
CA LEU B 391 -1.16 -56.58 19.13
C LEU B 391 -2.07 -57.80 19.32
N VAL B 392 -1.54 -58.77 20.06
CA VAL B 392 -2.22 -60.02 20.32
C VAL B 392 -2.40 -60.27 21.80
N GLN B 393 -3.13 -61.34 22.11
CA GLN B 393 -3.31 -61.80 23.47
C GLN B 393 -2.01 -62.48 23.92
N PRO B 394 -1.65 -62.36 25.22
CA PRO B 394 -0.37 -62.91 25.70
C PRO B 394 -0.19 -64.38 25.37
N GLY B 395 0.93 -64.69 24.72
CA GLY B 395 1.29 -66.08 24.41
C GLY B 395 0.45 -66.78 23.36
N SER B 396 -0.33 -66.02 22.58
CA SER B 396 -1.03 -66.60 21.44
C SER B 396 -1.09 -65.62 20.30
N LYS B 397 -1.77 -66.00 19.23
CA LYS B 397 -2.01 -65.12 18.07
C LYS B 397 -3.43 -64.50 18.07
N GLU B 398 -4.25 -64.76 19.11
CA GLU B 398 -5.60 -64.22 19.14
C GLU B 398 -5.52 -62.66 19.18
N PRO B 399 -6.38 -61.97 18.42
CA PRO B 399 -6.38 -60.50 18.39
C PRO B 399 -6.70 -59.85 19.73
N ASN B 400 -6.10 -58.69 19.97
CA ASN B 400 -6.24 -57.93 21.22
C ASN B 400 -6.75 -56.48 20.97
N ALA B 401 -8.01 -56.36 20.55
CA ALA B 401 -8.61 -55.04 20.27
C ALA B 401 -8.67 -54.19 21.55
N GLU B 402 -8.91 -54.84 22.70
CA GLU B 402 -9.05 -54.10 23.94
C GLU B 402 -7.76 -53.31 24.24
N LEU B 403 -6.61 -54.00 24.18
CA LEU B 403 -5.31 -53.39 24.43
C LEU B 403 -5.05 -52.25 23.44
N THR B 404 -5.44 -52.47 22.18
CA THR B 404 -5.28 -51.49 21.10
C THR B 404 -6.08 -50.22 21.38
N LYS B 405 -7.37 -50.34 21.70
CA LYS B 405 -8.19 -49.20 22.11
C LYS B 405 -7.55 -48.45 23.31
N ALA B 406 -7.11 -49.24 24.29
CA ALA B 406 -6.50 -48.71 25.54
C ALA B 406 -5.19 -47.96 25.31
N VAL B 407 -4.33 -48.52 24.47
CA VAL B 407 -3.06 -47.86 24.16
C VAL B 407 -3.30 -46.55 23.43
N ALA B 408 -4.22 -46.55 22.49
CA ALA B 408 -4.52 -45.32 21.73
C ALA B 408 -4.99 -44.22 22.70
N ALA B 409 -5.84 -44.61 23.65
CA ALA B 409 -6.36 -43.70 24.64
C ALA B 409 -5.24 -43.21 25.55
N ALA B 410 -4.36 -44.14 25.97
CA ALA B 410 -3.24 -43.82 26.88
C ALA B 410 -2.28 -42.85 26.22
N CYS B 411 -2.03 -43.05 24.93
CA CYS B 411 -1.20 -42.12 24.18
C CYS B 411 -1.82 -40.73 24.12
N LEU B 412 -3.12 -40.69 23.87
CA LEU B 412 -3.82 -39.41 23.72
C LEU B 412 -3.67 -38.62 25.02
N LYS B 413 -3.83 -39.33 26.14
CA LYS B 413 -3.73 -38.75 27.46
C LYS B 413 -2.39 -38.05 27.69
N GLU B 414 -1.32 -38.64 27.19
CA GLU B 414 0.02 -38.05 27.31
C GLU B 414 0.34 -37.00 26.25
N GLY B 415 -0.60 -36.72 25.34
CA GLY B 415 -0.35 -35.74 24.27
C GLY B 415 0.21 -36.31 22.96
N VAL B 416 -0.11 -37.56 22.67
CA VAL B 416 0.27 -38.17 21.39
C VAL B 416 -0.97 -38.73 20.66
N ILE B 417 -1.32 -38.13 19.51
CA ILE B 417 -2.45 -38.60 18.70
C ILE B 417 -1.99 -39.70 17.78
N ILE B 418 -2.44 -40.92 18.06
CA ILE B 418 -2.04 -42.07 17.28
C ILE B 418 -3.28 -42.79 16.76
N LEU B 419 -3.22 -43.34 15.56
CA LEU B 419 -4.36 -44.04 14.97
C LEU B 419 -4.26 -45.56 15.11
N THR B 420 -5.42 -46.21 15.06
CA THR B 420 -5.50 -47.67 15.04
C THR B 420 -6.17 -48.12 13.74
N CYS B 421 -6.16 -49.41 13.50
CA CYS B 421 -6.79 -49.99 12.30
C CYS B 421 -6.81 -51.50 12.39
N GLY B 422 -7.19 -52.16 11.30
CA GLY B 422 -7.17 -53.62 11.22
C GLY B 422 -8.53 -54.30 11.12
N THR B 423 -8.56 -55.38 10.34
CA THR B 423 -9.75 -56.23 10.27
C THR B 423 -10.22 -56.64 11.65
N TYR B 424 -9.28 -56.96 12.55
CA TYR B 424 -9.65 -57.38 13.91
C TYR B 424 -9.51 -56.27 14.96
N GLY B 425 -9.35 -55.03 14.51
CA GLY B 425 -9.26 -53.87 15.39
C GLY B 425 -8.07 -53.80 16.32
N ASN B 426 -7.00 -54.52 15.97
CA ASN B 426 -5.89 -54.78 16.90
C ASN B 426 -4.55 -54.37 16.35
N VAL B 427 -4.53 -53.35 15.50
CA VAL B 427 -3.31 -52.90 14.92
C VAL B 427 -3.11 -51.42 15.20
N ILE B 428 -2.00 -51.10 15.85
CA ILE B 428 -1.59 -49.70 16.01
C ILE B 428 -0.79 -49.33 14.79
N ARG B 429 -1.10 -48.20 14.19
CA ARG B 429 -0.38 -47.75 13.00
C ARG B 429 0.30 -46.43 13.25
N LEU B 430 1.50 -46.32 12.70
CA LEU B 430 2.25 -45.07 12.66
C LEU B 430 2.12 -44.49 11.24
N LEU B 431 1.46 -43.34 11.13
CA LEU B 431 1.42 -42.54 9.89
C LEU B 431 1.83 -41.08 10.18
N PRO B 432 3.08 -40.89 10.66
CA PRO B 432 3.52 -39.53 10.93
C PRO B 432 3.70 -38.76 9.64
N PRO B 433 3.61 -37.42 9.70
CA PRO B 433 4.06 -36.65 8.55
C PRO B 433 5.54 -36.89 8.31
N LEU B 434 5.93 -36.91 7.04
CA LEU B 434 7.31 -37.18 6.67
C LEU B 434 8.29 -36.08 7.13
N VAL B 435 7.78 -34.87 7.28
CA VAL B 435 8.58 -33.76 7.78
C VAL B 435 8.79 -33.78 9.32
N ILE B 436 8.32 -34.81 10.01
CA ILE B 436 8.51 -34.88 11.45
C ILE B 436 10.01 -34.94 11.80
N SER B 437 10.40 -34.30 12.88
CA SER B 437 11.77 -34.37 13.40
C SER B 437 12.02 -35.66 14.18
N ASP B 438 13.26 -36.13 14.17
CA ASP B 438 13.67 -37.29 14.94
C ASP B 438 13.27 -37.15 16.42
N GLU B 439 13.47 -35.95 16.96
CA GLU B 439 13.24 -35.64 18.38
C GLU B 439 11.78 -35.97 18.72
N LEU B 440 10.84 -35.39 17.95
CA LEU B 440 9.43 -35.59 18.15
C LEU B 440 8.98 -37.03 17.88
N LEU B 441 9.50 -37.64 16.81
CA LEU B 441 9.17 -39.03 16.53
C LEU B 441 9.58 -39.93 17.69
N ILE B 442 10.82 -39.74 18.18
CA ILE B 442 11.32 -40.56 19.29
C ILE B 442 10.46 -40.37 20.54
N ASP B 443 10.08 -39.11 20.79
CA ASP B 443 9.26 -38.80 21.95
C ASP B 443 7.97 -39.62 21.82
N GLY B 444 7.31 -39.51 20.65
CA GLY B 444 6.06 -40.21 20.39
C GLY B 444 6.21 -41.70 20.58
N LEU B 445 7.28 -42.26 20.01
CA LEU B 445 7.54 -43.71 20.13
C LEU B 445 7.77 -44.14 21.57
N GLU B 446 8.39 -43.26 22.37
CA GLU B 446 8.60 -43.53 23.79
C GLU B 446 7.26 -43.60 24.53
N VAL B 447 6.38 -42.64 24.24
CA VAL B 447 5.02 -42.62 24.81
C VAL B 447 4.27 -43.85 24.43
N LEU B 448 4.40 -44.27 23.17
CA LEU B 448 3.72 -45.45 22.67
C LEU B 448 4.21 -46.67 23.41
N ALA B 449 5.52 -46.83 23.47
CA ALA B 449 6.11 -47.98 24.15
C ALA B 449 5.72 -48.04 25.65
N ALA B 450 5.72 -46.90 26.32
CA ALA B 450 5.30 -46.81 27.73
C ALA B 450 3.86 -47.24 27.86
N ALA B 451 3.00 -46.77 26.94
CA ALA B 451 1.56 -47.08 26.97
C ALA B 451 1.28 -48.60 26.80
N ILE B 452 1.98 -49.26 25.87
CA ILE B 452 1.81 -50.69 25.70
C ILE B 452 2.21 -51.46 26.97
N LYS B 453 3.39 -51.13 27.50
CA LYS B 453 3.87 -51.73 28.77
C LYS B 453 2.90 -51.47 29.92
N ALA B 454 2.45 -50.23 30.05
CA ALA B 454 1.50 -49.85 31.11
C ALA B 454 0.17 -50.66 31.05
N HIS B 455 -0.30 -51.08 29.85
CA HIS B 455 -1.58 -51.85 29.70
C HIS B 455 -1.36 -53.16 28.97
N SER C 9 -35.65 -108.22 -7.45
CA SER C 9 -36.33 -108.63 -8.77
C SER C 9 -36.50 -107.55 -9.90
N TYR C 10 -36.02 -107.84 -11.11
CA TYR C 10 -35.88 -106.85 -12.18
C TYR C 10 -36.58 -107.18 -13.49
N ARG C 11 -36.69 -106.19 -14.38
CA ARG C 11 -37.40 -106.33 -15.65
C ARG C 11 -36.48 -106.77 -16.78
N ILE C 12 -35.28 -106.21 -16.87
CA ILE C 12 -34.34 -106.58 -17.93
C ILE C 12 -33.09 -107.20 -17.35
N GLU C 13 -32.38 -107.96 -18.18
CA GLU C 13 -31.32 -108.80 -17.68
C GLU C 13 -30.26 -107.91 -17.07
N GLN C 14 -29.86 -108.26 -15.85
CA GLN C 14 -28.92 -107.44 -15.09
C GLN C 14 -27.48 -107.88 -15.29
N LYS C 15 -27.00 -107.84 -16.54
CA LYS C 15 -25.59 -108.21 -16.87
C LYS C 15 -25.02 -107.22 -17.88
N ARG C 16 -23.75 -106.90 -17.68
CA ARG C 16 -23.03 -106.06 -18.60
C ARG C 16 -22.79 -106.81 -19.91
N ASN C 17 -23.18 -106.21 -21.03
CA ASN C 17 -23.13 -106.84 -22.33
C ASN C 17 -22.97 -105.88 -23.50
N ILE C 18 -21.75 -105.79 -24.02
CA ILE C 18 -21.46 -104.96 -25.19
C ILE C 18 -21.17 -105.82 -26.43
N ASN C 19 -22.07 -105.79 -27.41
CA ASN C 19 -21.86 -106.47 -28.72
C ASN C 19 -21.19 -105.55 -29.72
N GLY C 20 -19.89 -105.72 -29.90
CA GLY C 20 -19.15 -104.93 -30.89
C GLY C 20 -19.10 -103.43 -30.62
N ALA C 21 -18.84 -102.67 -31.68
CA ALA C 21 -18.57 -101.23 -31.58
C ALA C 21 -19.83 -100.43 -31.33
N PHE C 22 -19.68 -99.32 -30.60
CA PHE C 22 -20.74 -98.37 -30.40
C PHE C 22 -20.16 -96.97 -30.47
N PRO C 23 -21.00 -95.97 -30.82
CA PRO C 23 -22.43 -96.07 -31.02
C PRO C 23 -22.78 -96.95 -32.22
N GLY C 24 -23.80 -97.78 -32.06
CA GLY C 24 -24.31 -98.60 -33.13
C GLY C 24 -25.13 -97.79 -34.12
N PRO C 25 -25.70 -98.46 -35.14
CA PRO C 25 -26.42 -97.79 -36.22
C PRO C 25 -27.60 -96.94 -35.76
N LYS C 26 -28.42 -97.45 -34.86
CA LYS C 26 -29.61 -96.72 -34.42
C LYS C 26 -29.25 -95.50 -33.56
N SER C 27 -28.20 -95.62 -32.74
CA SER C 27 -27.66 -94.50 -31.99
C SER C 27 -27.10 -93.44 -32.92
N GLN C 28 -26.30 -93.85 -33.89
CA GLN C 28 -25.75 -92.92 -34.87
C GLN C 28 -26.85 -92.16 -35.61
N ALA C 29 -27.92 -92.86 -35.96
CA ALA C 29 -29.06 -92.26 -36.67
C ALA C 29 -29.67 -91.15 -35.84
N LEU C 30 -29.78 -91.39 -34.54
CA LEU C 30 -30.30 -90.38 -33.61
C LEU C 30 -29.33 -89.19 -33.46
N ALA C 31 -28.04 -89.49 -33.29
CA ALA C 31 -27.04 -88.41 -33.27
C ALA C 31 -27.16 -87.50 -34.52
N GLU C 32 -27.35 -88.11 -35.69
CA GLU C 32 -27.41 -87.35 -36.96
C GLU C 32 -28.67 -86.48 -36.92
N ARG C 33 -29.77 -86.99 -36.38
CA ARG C 33 -30.99 -86.18 -36.23
C ARG C 33 -30.80 -85.05 -35.23
N ARG C 34 -30.16 -85.39 -34.11
CA ARG C 34 -29.89 -84.47 -33.04
C ARG C 34 -29.18 -83.21 -33.52
N SER C 35 -28.11 -83.40 -34.28
CA SER C 35 -27.25 -82.26 -34.64
C SER C 35 -27.92 -81.25 -35.55
N ALA C 36 -29.05 -81.61 -36.15
CA ALA C 36 -29.83 -80.65 -36.93
C ALA C 36 -30.69 -79.70 -36.08
N VAL C 37 -30.92 -80.06 -34.82
CA VAL C 37 -32.05 -79.46 -34.06
C VAL C 37 -31.84 -79.17 -32.57
N VAL C 38 -30.85 -79.81 -31.95
CA VAL C 38 -30.47 -79.49 -30.56
C VAL C 38 -29.26 -78.56 -30.57
N ALA C 39 -29.25 -77.56 -29.69
CA ALA C 39 -28.09 -76.65 -29.61
C ALA C 39 -26.78 -77.43 -29.46
N ALA C 40 -25.76 -76.97 -30.19
CA ALA C 40 -24.46 -77.67 -30.27
C ALA C 40 -23.80 -77.81 -28.90
N GLY C 41 -24.04 -76.85 -28.01
CA GLY C 41 -23.46 -76.84 -26.69
C GLY C 41 -24.03 -77.91 -25.77
N VAL C 42 -25.24 -78.40 -26.07
CA VAL C 42 -25.89 -79.39 -25.24
C VAL C 42 -25.28 -80.74 -25.59
N ALA C 43 -24.28 -81.15 -24.82
CA ALA C 43 -23.49 -82.39 -25.06
C ALA C 43 -23.94 -83.47 -24.11
N SER C 44 -23.66 -84.70 -24.48
CA SER C 44 -23.97 -85.82 -23.62
C SER C 44 -22.68 -86.56 -23.29
N GLY C 45 -22.59 -87.05 -22.06
CA GLY C 45 -21.41 -87.78 -21.61
C GLY C 45 -21.25 -89.12 -22.26
N VAL C 46 -22.36 -89.62 -22.81
CA VAL C 46 -22.47 -90.97 -23.32
C VAL C 46 -23.01 -90.88 -24.77
N PRO C 47 -22.35 -91.55 -25.71
CA PRO C 47 -22.73 -91.45 -27.13
C PRO C 47 -23.87 -92.38 -27.60
N VAL C 48 -24.37 -93.24 -26.72
CA VAL C 48 -25.44 -94.19 -27.04
C VAL C 48 -26.77 -93.70 -26.48
N TYR C 49 -27.87 -94.12 -27.10
CA TYR C 49 -29.18 -93.63 -26.76
C TYR C 49 -29.97 -94.70 -26.02
N VAL C 50 -30.57 -94.35 -24.86
CA VAL C 50 -31.32 -95.33 -24.05
C VAL C 50 -32.60 -95.74 -24.74
N GLU C 51 -32.93 -97.02 -24.58
CA GLU C 51 -34.27 -97.55 -24.90
C GLU C 51 -35.00 -98.00 -23.65
N ASP C 52 -34.26 -98.67 -22.75
CA ASP C 52 -34.79 -99.13 -21.47
C ASP C 52 -33.72 -98.94 -20.40
N ALA C 53 -34.14 -98.55 -19.22
CA ALA C 53 -33.23 -98.39 -18.11
C ALA C 53 -33.94 -99.03 -16.87
N ASP C 54 -33.25 -99.95 -16.22
CA ASP C 54 -33.85 -100.76 -15.14
C ASP C 54 -32.78 -101.40 -14.29
N GLY C 55 -33.03 -101.50 -13.00
CA GLY C 55 -32.01 -101.97 -12.06
C GLY C 55 -30.72 -101.16 -12.20
N GLY C 56 -29.63 -101.85 -12.51
CA GLY C 56 -28.32 -101.24 -12.68
C GLY C 56 -27.86 -101.22 -14.12
N ILE C 57 -28.82 -101.29 -15.06
CA ILE C 57 -28.51 -101.39 -16.48
C ILE C 57 -29.16 -100.29 -17.30
N ILE C 58 -28.38 -99.73 -18.22
CA ILE C 58 -28.89 -98.86 -19.26
C ILE C 58 -28.71 -99.64 -20.55
N ARG C 59 -29.83 -99.90 -21.23
CA ARG C 59 -29.80 -100.64 -22.49
C ARG C 59 -30.10 -99.72 -23.64
N ASP C 60 -29.18 -99.70 -24.60
CA ASP C 60 -29.28 -98.76 -25.66
C ASP C 60 -30.13 -99.31 -26.81
N VAL C 61 -30.39 -98.45 -27.80
CA VAL C 61 -31.27 -98.78 -28.90
C VAL C 61 -30.67 -99.84 -29.83
N ASP C 62 -29.39 -100.12 -29.68
CA ASP C 62 -28.71 -101.17 -30.47
C ASP C 62 -28.52 -102.43 -29.64
N GLY C 63 -29.24 -102.53 -28.53
CA GLY C 63 -29.20 -103.73 -27.71
C GLY C 63 -28.00 -103.93 -26.80
N ASN C 64 -27.16 -102.92 -26.61
CA ASN C 64 -26.04 -103.04 -25.67
C ASN C 64 -26.49 -102.71 -24.27
N SER C 65 -25.93 -103.42 -23.29
CA SER C 65 -26.28 -103.22 -21.89
C SER C 65 -25.07 -102.70 -21.09
N PHE C 66 -25.15 -101.44 -20.66
CA PHE C 66 -24.13 -100.81 -19.82
C PHE C 66 -24.51 -100.86 -18.34
N ILE C 67 -23.51 -100.98 -17.48
CA ILE C 67 -23.76 -100.84 -16.04
C ILE C 67 -23.94 -99.34 -15.73
N ASP C 68 -24.97 -99.02 -14.98
CA ASP C 68 -25.30 -97.64 -14.66
C ASP C 68 -24.78 -97.27 -13.29
N LEU C 69 -23.67 -96.55 -13.24
CA LEU C 69 -23.10 -96.13 -11.97
C LEU C 69 -23.33 -94.62 -11.70
N GLY C 70 -24.28 -94.03 -12.40
CA GLY C 70 -24.59 -92.60 -12.25
C GLY C 70 -26.03 -92.27 -11.85
N SER C 71 -26.91 -93.24 -12.04
CA SER C 71 -28.34 -93.11 -11.77
C SER C 71 -28.91 -91.76 -12.19
N GLY C 72 -28.45 -91.28 -13.34
CA GLY C 72 -28.96 -90.04 -13.90
C GLY C 72 -28.60 -88.80 -13.09
N ILE C 73 -27.37 -88.81 -12.55
CA ILE C 73 -26.92 -87.87 -11.53
C ILE C 73 -27.79 -87.98 -10.29
N ALA C 74 -27.75 -89.16 -9.67
CA ALA C 74 -28.34 -89.36 -8.35
C ALA C 74 -29.88 -89.28 -8.30
N VAL C 75 -30.52 -89.45 -9.44
CA VAL C 75 -31.97 -89.28 -9.56
C VAL C 75 -32.71 -90.60 -9.38
N THR C 76 -32.36 -91.61 -10.18
CA THR C 76 -33.09 -92.86 -10.17
C THR C 76 -32.54 -93.81 -9.10
N SER C 77 -32.66 -93.37 -7.85
CA SER C 77 -32.15 -94.14 -6.71
C SER C 77 -32.92 -95.46 -6.56
N VAL C 78 -34.24 -95.38 -6.76
CA VAL C 78 -35.11 -96.56 -6.71
C VAL C 78 -35.07 -97.37 -8.01
N GLY C 79 -34.31 -96.89 -8.99
CA GLY C 79 -34.23 -97.52 -10.28
C GLY C 79 -35.00 -96.72 -11.32
N ALA C 80 -34.53 -96.80 -12.56
CA ALA C 80 -35.08 -95.98 -13.65
C ALA C 80 -36.45 -96.46 -14.10
N SER C 81 -36.87 -97.64 -13.68
CA SER C 81 -38.26 -98.08 -13.94
C SER C 81 -38.78 -98.99 -12.83
N ASP C 82 -38.79 -98.47 -11.61
CA ASP C 82 -39.36 -99.19 -10.47
C ASP C 82 -40.86 -99.45 -10.71
N PRO C 83 -41.26 -100.72 -10.64
CA PRO C 83 -42.64 -101.10 -10.95
C PRO C 83 -43.68 -100.26 -10.23
N ALA C 84 -43.45 -99.97 -8.96
CA ALA C 84 -44.40 -99.15 -8.20
C ALA C 84 -44.52 -97.74 -8.81
N VAL C 85 -43.37 -97.12 -9.09
CA VAL C 85 -43.34 -95.78 -9.68
C VAL C 85 -44.06 -95.83 -11.00
N VAL C 86 -43.70 -96.81 -11.83
CA VAL C 86 -44.28 -96.93 -13.15
C VAL C 86 -45.81 -97.05 -13.07
N ALA C 87 -46.29 -97.95 -12.19
CA ALA C 87 -47.72 -98.16 -12.01
C ALA C 87 -48.43 -96.89 -11.57
N ALA C 88 -47.81 -96.19 -10.61
CA ALA C 88 -48.40 -95.00 -9.99
C ALA C 88 -48.54 -93.88 -11.02
N VAL C 89 -47.51 -93.73 -11.84
CA VAL C 89 -47.50 -92.72 -12.89
C VAL C 89 -48.61 -93.03 -13.87
N GLN C 90 -48.69 -94.30 -14.26
CA GLN C 90 -49.68 -94.76 -15.27
C GLN C 90 -51.11 -94.52 -14.79
N GLU C 91 -51.35 -94.86 -13.53
CA GLU C 91 -52.65 -94.69 -12.94
C GLU C 91 -53.03 -93.21 -12.85
N ALA C 92 -52.11 -92.40 -12.32
CA ALA C 92 -52.35 -90.98 -12.08
C ALA C 92 -52.62 -90.18 -13.34
N ALA C 93 -51.85 -90.47 -14.37
CA ALA C 93 -51.95 -89.76 -15.63
C ALA C 93 -53.34 -89.97 -16.29
N ALA C 94 -54.00 -91.10 -16.02
CA ALA C 94 -55.35 -91.42 -16.57
C ALA C 94 -56.45 -90.55 -15.99
N HIS C 95 -56.22 -90.02 -14.79
CA HIS C 95 -57.24 -89.20 -14.11
C HIS C 95 -57.15 -87.74 -14.50
N PHE C 96 -55.93 -87.19 -14.46
CA PHE C 96 -55.64 -85.82 -14.89
C PHE C 96 -54.14 -85.60 -14.82
N THR C 97 -53.59 -84.89 -15.81
CA THR C 97 -52.18 -84.64 -15.90
C THR C 97 -51.76 -83.44 -15.07
N HIS C 98 -52.68 -82.48 -14.91
CA HIS C 98 -52.37 -81.18 -14.32
C HIS C 98 -53.62 -80.37 -14.15
N THR C 99 -53.75 -79.75 -12.98
CA THR C 99 -54.75 -78.70 -12.79
C THR C 99 -54.17 -77.40 -12.18
N CYS C 100 -52.87 -77.42 -11.84
CA CYS C 100 -52.20 -76.35 -11.09
C CYS C 100 -52.69 -76.21 -9.65
N PHE C 101 -51.88 -76.65 -8.71
CA PHE C 101 -52.28 -76.68 -7.31
C PHE C 101 -52.82 -75.34 -6.81
N MET C 102 -52.20 -74.24 -7.25
CA MET C 102 -52.64 -72.90 -6.82
C MET C 102 -54.05 -72.58 -7.31
N VAL C 103 -54.54 -73.32 -8.32
CA VAL C 103 -55.91 -73.12 -8.81
C VAL C 103 -56.84 -74.16 -8.21
N THR C 104 -56.72 -75.40 -8.67
CA THR C 104 -57.52 -76.51 -8.15
C THR C 104 -56.60 -77.54 -7.50
N PRO C 105 -56.68 -77.68 -6.18
CA PRO C 105 -55.76 -78.57 -5.50
C PRO C 105 -56.16 -80.03 -5.61
N TYR C 106 -55.31 -80.91 -5.07
CA TYR C 106 -55.45 -82.34 -5.22
C TYR C 106 -54.65 -83.11 -4.21
N GLU C 107 -55.07 -84.34 -3.96
CA GLU C 107 -54.55 -85.11 -2.83
C GLU C 107 -53.06 -85.39 -2.93
N GLY C 108 -52.60 -85.69 -4.13
CA GLY C 108 -51.22 -86.10 -4.33
C GLY C 108 -50.19 -85.11 -3.78
N TYR C 109 -50.48 -83.83 -3.94
CA TYR C 109 -49.63 -82.76 -3.46
C TYR C 109 -49.61 -82.89 -1.94
N VAL C 110 -50.78 -82.83 -1.33
CA VAL C 110 -50.90 -82.90 0.14
C VAL C 110 -50.19 -84.13 0.67
N ALA C 111 -50.39 -85.25 0.01
CA ALA C 111 -49.83 -86.53 0.45
C ALA C 111 -48.29 -86.50 0.42
N VAL C 112 -47.70 -86.00 -0.66
CA VAL C 112 -46.23 -85.94 -0.77
C VAL C 112 -45.71 -85.06 0.37
N THR C 113 -46.40 -83.95 0.53
CA THR C 113 -46.20 -83.00 1.62
C THR C 113 -46.21 -83.64 3.02
N GLU C 114 -47.11 -84.59 3.23
CA GLU C 114 -47.20 -85.32 4.50
C GLU C 114 -45.96 -86.19 4.71
N GLN C 115 -45.54 -86.88 3.65
CA GLN C 115 -44.37 -87.74 3.74
C GLN C 115 -43.08 -86.96 4.04
N LEU C 116 -42.94 -85.81 3.39
CA LEU C 116 -41.74 -85.03 3.55
C LEU C 116 -41.67 -84.44 4.98
N ASN C 117 -42.81 -84.01 5.49
CA ASN C 117 -42.90 -83.60 6.89
C ASN C 117 -42.40 -84.69 7.81
N ARG C 118 -42.84 -85.91 7.54
CA ARG C 118 -42.55 -87.05 8.40
C ARG C 118 -41.08 -87.43 8.33
N LEU C 119 -40.51 -87.44 7.12
CA LEU C 119 -39.19 -88.07 6.89
C LEU C 119 -38.03 -87.13 7.13
N THR C 120 -38.28 -85.83 7.11
CA THR C 120 -37.21 -84.84 7.25
C THR C 120 -36.83 -84.73 8.73
N PRO C 121 -35.62 -84.26 9.01
CA PRO C 121 -35.19 -84.16 10.39
C PRO C 121 -35.98 -83.17 11.25
N GLY C 122 -35.96 -83.43 12.55
CA GLY C 122 -36.60 -82.58 13.53
C GLY C 122 -38.04 -82.97 13.80
N ASP C 123 -38.50 -82.69 15.03
CA ASP C 123 -39.89 -82.92 15.48
C ASP C 123 -40.73 -81.61 15.57
N HIS C 124 -40.13 -80.47 15.30
CA HIS C 124 -40.84 -79.18 15.29
C HIS C 124 -41.85 -79.06 14.17
N ALA C 125 -42.66 -78.01 14.20
CA ALA C 125 -43.67 -77.79 13.18
C ALA C 125 -43.00 -77.48 11.85
N LYS C 126 -43.35 -78.23 10.81
CA LYS C 126 -42.75 -78.04 9.49
C LYS C 126 -43.83 -77.87 8.44
N ARG C 127 -43.50 -77.20 7.35
CA ARG C 127 -44.39 -77.09 6.20
C ARG C 127 -43.62 -77.30 4.92
N THR C 128 -44.34 -77.56 3.84
CA THR C 128 -43.68 -77.84 2.58
C THR C 128 -44.33 -77.13 1.42
N VAL C 129 -43.56 -76.76 0.41
CA VAL C 129 -44.10 -76.31 -0.86
C VAL C 129 -43.37 -77.08 -1.92
N LEU C 130 -44.04 -77.31 -3.05
CA LEU C 130 -43.47 -78.14 -4.13
C LEU C 130 -43.25 -77.37 -5.43
N PHE C 131 -42.19 -77.73 -6.13
CA PHE C 131 -41.87 -77.12 -7.40
C PHE C 131 -41.41 -78.23 -8.34
N ASN C 132 -40.67 -77.87 -9.39
CA ASN C 132 -40.26 -78.84 -10.39
C ASN C 132 -38.79 -79.20 -10.28
N SER C 133 -37.90 -78.20 -10.30
CA SER C 133 -36.45 -78.47 -10.33
C SER C 133 -35.74 -78.16 -9.02
N GLY C 134 -34.56 -78.73 -8.87
CA GLY C 134 -33.69 -78.41 -7.76
C GLY C 134 -33.38 -76.93 -7.67
N ALA C 135 -33.06 -76.32 -8.81
CA ALA C 135 -32.83 -74.89 -8.83
C ALA C 135 -34.04 -74.11 -8.31
N GLU C 136 -35.23 -74.51 -8.71
CA GLU C 136 -36.43 -73.80 -8.20
C GLU C 136 -36.54 -73.97 -6.69
N ALA C 137 -36.21 -75.17 -6.21
CA ALA C 137 -36.26 -75.44 -4.77
C ALA C 137 -35.29 -74.47 -4.02
N VAL C 138 -34.05 -74.39 -4.47
CA VAL C 138 -33.10 -73.53 -3.83
C VAL C 138 -33.55 -72.07 -3.92
N GLU C 139 -33.99 -71.64 -5.10
CA GLU C 139 -34.54 -70.29 -5.27
C GLU C 139 -35.60 -69.98 -4.23
N ASN C 140 -36.49 -70.92 -4.02
CA ASN C 140 -37.58 -70.70 -3.09
C ASN C 140 -37.14 -70.70 -1.62
N ALA C 141 -36.15 -71.54 -1.27
CA ALA C 141 -35.59 -71.51 0.08
C ALA C 141 -35.07 -70.13 0.37
N VAL C 142 -34.35 -69.57 -0.59
CA VAL C 142 -33.75 -68.26 -0.41
C VAL C 142 -34.82 -67.18 -0.34
N LYS C 143 -35.84 -67.27 -1.19
CA LYS C 143 -36.98 -66.35 -1.09
C LYS C 143 -37.56 -66.35 0.32
N VAL C 144 -37.70 -67.54 0.91
CA VAL C 144 -38.35 -67.64 2.21
C VAL C 144 -37.42 -67.02 3.25
N ALA C 145 -36.14 -67.35 3.18
CA ALA C 145 -35.18 -66.86 4.17
C ALA C 145 -35.18 -65.34 4.12
N ARG C 146 -35.16 -64.79 2.92
CA ARG C 146 -35.08 -63.37 2.78
C ARG C 146 -36.31 -62.67 3.34
N LEU C 147 -37.48 -63.17 2.99
CA LEU C 147 -38.71 -62.54 3.48
C LEU C 147 -38.80 -62.73 4.98
N ALA C 148 -38.54 -63.94 5.46
CA ALA C 148 -38.84 -64.26 6.86
C ALA C 148 -37.90 -63.49 7.78
N THR C 149 -36.65 -63.31 7.39
CA THR C 149 -35.67 -62.63 8.24
C THR C 149 -35.67 -61.13 8.01
N GLY C 150 -36.19 -60.68 6.88
CA GLY C 150 -36.07 -59.27 6.49
C GLY C 150 -34.65 -58.87 6.10
N ARG C 151 -33.77 -59.84 5.88
CA ARG C 151 -32.40 -59.54 5.46
C ARG C 151 -32.12 -59.92 4.00
N ASP C 152 -30.96 -59.46 3.50
CA ASP C 152 -30.55 -59.61 2.11
C ASP C 152 -29.51 -60.73 1.89
N ALA C 153 -28.43 -60.72 2.67
CA ALA C 153 -27.21 -61.49 2.37
C ALA C 153 -27.47 -62.99 2.46
N VAL C 154 -26.91 -63.74 1.51
CA VAL C 154 -26.94 -65.20 1.59
C VAL C 154 -25.51 -65.71 1.47
N VAL C 155 -25.05 -66.54 2.41
CA VAL C 155 -23.69 -67.08 2.26
C VAL C 155 -23.71 -68.50 1.69
N ALA C 156 -22.86 -68.70 0.68
CA ALA C 156 -22.63 -69.98 0.05
C ALA C 156 -21.16 -70.30 0.21
N PHE C 157 -20.77 -71.51 -0.20
CA PHE C 157 -19.39 -71.95 0.07
C PHE C 157 -18.56 -72.25 -1.16
N ASP C 158 -17.26 -72.26 -0.98
CA ASP C 158 -16.38 -72.75 -2.02
C ASP C 158 -16.86 -74.15 -2.37
N HIS C 159 -16.70 -74.52 -3.64
CA HIS C 159 -17.06 -75.83 -4.15
C HIS C 159 -18.54 -76.11 -4.18
N ALA C 160 -19.34 -75.11 -3.90
CA ALA C 160 -20.79 -75.30 -3.91
C ALA C 160 -21.32 -75.38 -5.32
N TYR C 161 -22.41 -76.12 -5.46
CA TYR C 161 -23.18 -76.12 -6.68
C TYR C 161 -24.66 -76.13 -6.26
N HIS C 162 -25.44 -75.17 -6.76
CA HIS C 162 -26.87 -75.10 -6.44
C HIS C 162 -27.81 -74.89 -7.61
N GLY C 163 -27.29 -74.81 -8.84
CA GLY C 163 -28.16 -74.70 -10.01
C GLY C 163 -27.80 -73.67 -11.07
N ARG C 164 -28.66 -73.59 -12.08
CA ARG C 164 -28.35 -72.93 -13.33
C ARG C 164 -29.28 -71.76 -13.67
N THR C 165 -30.16 -71.39 -12.75
CA THR C 165 -30.81 -70.09 -12.85
C THR C 165 -29.83 -69.00 -12.40
N ASN C 166 -30.20 -67.73 -12.61
CA ASN C 166 -29.28 -66.63 -12.32
C ASN C 166 -28.82 -66.59 -10.86
N LEU C 167 -29.75 -66.66 -9.93
CA LEU C 167 -29.37 -66.72 -8.51
C LEU C 167 -28.64 -68.03 -8.15
N THR C 168 -29.09 -69.19 -8.64
CA THR C 168 -28.43 -70.45 -8.30
C THR C 168 -27.04 -70.55 -8.95
N MET C 169 -26.87 -69.88 -10.08
CA MET C 169 -25.55 -69.70 -10.64
C MET C 169 -24.71 -68.84 -9.71
N ALA C 170 -25.30 -67.77 -9.24
CA ALA C 170 -24.61 -66.86 -8.27
C ALA C 170 -24.12 -67.66 -7.08
N LEU C 171 -25.02 -68.52 -6.54
CA LEU C 171 -24.69 -69.35 -5.39
C LEU C 171 -23.62 -70.39 -5.73
N THR C 172 -23.59 -70.81 -6.99
CA THR C 172 -22.65 -71.85 -7.44
C THR C 172 -21.24 -71.28 -7.53
N ALA C 173 -20.24 -72.07 -7.15
CA ALA C 173 -18.85 -71.59 -7.09
C ALA C 173 -18.16 -71.67 -8.42
N LYS C 174 -18.20 -72.82 -9.08
CA LYS C 174 -17.39 -73.04 -10.28
C LYS C 174 -17.97 -72.31 -11.50
N ALA C 175 -17.12 -71.59 -12.23
CA ALA C 175 -17.56 -70.83 -13.41
C ALA C 175 -17.74 -71.67 -14.68
N MET C 176 -16.88 -72.66 -14.92
CA MET C 176 -16.95 -73.47 -16.16
C MET C 176 -17.57 -74.83 -15.90
N PRO C 177 -18.70 -75.12 -16.57
CA PRO C 177 -19.46 -74.36 -17.57
C PRO C 177 -20.66 -73.60 -17.06
N TYR C 178 -20.88 -73.60 -15.75
CA TYR C 178 -22.16 -73.20 -15.19
C TYR C 178 -22.46 -71.69 -15.29
N LYS C 179 -21.41 -70.86 -15.29
CA LYS C 179 -21.56 -69.40 -15.14
C LYS C 179 -20.99 -68.55 -16.29
N THR C 180 -19.91 -69.01 -16.93
CA THR C 180 -19.17 -68.18 -17.88
C THR C 180 -20.11 -67.48 -18.87
N ASN C 181 -19.97 -66.17 -18.96
CA ASN C 181 -20.73 -65.32 -19.87
C ASN C 181 -22.26 -65.27 -19.61
N PHE C 182 -22.75 -65.82 -18.50
CA PHE C 182 -24.18 -65.79 -18.23
C PHE C 182 -24.64 -64.69 -17.26
N GLY C 183 -23.71 -63.95 -16.69
CA GLY C 183 -24.04 -62.89 -15.70
C GLY C 183 -24.53 -61.64 -16.37
N PRO C 184 -24.62 -60.54 -15.63
CA PRO C 184 -24.30 -60.36 -14.22
C PRO C 184 -25.24 -61.12 -13.30
N PHE C 185 -24.71 -61.53 -12.16
CA PHE C 185 -25.42 -62.42 -11.26
C PHE C 185 -26.15 -61.71 -10.11
N ALA C 186 -27.17 -62.38 -9.58
CA ALA C 186 -28.03 -61.86 -8.51
C ALA C 186 -27.19 -61.36 -7.32
N PRO C 187 -27.55 -60.20 -6.75
CA PRO C 187 -26.71 -59.56 -5.79
C PRO C 187 -26.86 -60.06 -4.37
N GLU C 188 -25.91 -59.66 -3.54
CA GLU C 188 -25.86 -60.01 -2.13
C GLU C 188 -25.66 -61.51 -1.84
N VAL C 189 -24.78 -62.13 -2.59
CA VAL C 189 -24.33 -63.48 -2.33
C VAL C 189 -22.87 -63.41 -1.96
N TYR C 190 -22.50 -64.04 -0.86
CA TYR C 190 -21.13 -64.00 -0.37
C TYR C 190 -20.60 -65.42 -0.26
N ARG C 191 -19.32 -65.60 -0.55
CA ARG C 191 -18.74 -66.92 -0.57
C ARG C 191 -17.75 -67.10 0.59
N MET C 192 -17.84 -68.25 1.24
CA MET C 192 -17.03 -68.54 2.41
C MET C 192 -16.28 -69.87 2.27
N PRO C 193 -15.19 -70.04 3.04
CA PRO C 193 -14.39 -71.24 2.92
C PRO C 193 -15.08 -72.49 3.46
N MET C 194 -14.87 -73.58 2.74
CA MET C 194 -15.47 -74.88 3.03
C MET C 194 -14.50 -75.67 3.89
N SER C 195 -15.04 -76.66 4.59
CA SER C 195 -14.21 -77.66 5.24
C SER C 195 -13.97 -78.74 4.21
N TYR C 196 -12.76 -78.81 3.68
CA TYR C 196 -12.37 -79.75 2.63
C TYR C 196 -11.08 -80.42 3.07
N PRO C 197 -11.19 -81.43 3.92
CA PRO C 197 -10.02 -82.01 4.64
C PRO C 197 -8.80 -82.29 3.78
N PHE C 198 -9.02 -82.89 2.63
CA PHE C 198 -7.90 -83.34 1.79
C PHE C 198 -7.06 -82.21 1.27
N ARG C 199 -7.63 -81.02 1.20
CA ARG C 199 -6.92 -79.84 0.66
C ARG C 199 -6.76 -78.66 1.63
N GLU C 200 -7.03 -78.88 2.91
CA GLU C 200 -6.77 -77.86 3.93
C GLU C 200 -5.30 -77.54 4.00
N GLU C 201 -4.97 -76.24 4.02
CA GLU C 201 -3.58 -75.83 4.07
C GLU C 201 -2.94 -76.31 5.36
N ASN C 202 -3.75 -76.39 6.40
CA ASN C 202 -3.33 -76.98 7.65
C ASN C 202 -4.08 -78.29 7.83
N PRO C 203 -3.41 -79.41 7.54
CA PRO C 203 -4.11 -80.71 7.53
C PRO C 203 -4.72 -81.07 8.85
N GLU C 204 -4.17 -80.55 9.96
CA GLU C 204 -4.67 -80.88 11.30
C GLU C 204 -5.93 -80.11 11.70
N ILE C 205 -6.41 -79.21 10.85
CA ILE C 205 -7.59 -78.40 11.18
C ILE C 205 -8.83 -79.26 11.49
N THR C 206 -9.59 -78.81 12.47
CA THR C 206 -10.75 -79.50 12.97
C THR C 206 -11.99 -78.93 12.34
N GLY C 207 -13.06 -79.70 12.32
CA GLY C 207 -14.36 -79.23 11.82
C GLY C 207 -14.82 -77.99 12.56
N ALA C 208 -14.77 -78.04 13.89
CA ALA C 208 -15.08 -76.88 14.74
C ALA C 208 -14.24 -75.65 14.36
N GLU C 209 -12.94 -75.87 14.14
CA GLU C 209 -12.04 -74.78 13.78
C GLU C 209 -12.38 -74.22 12.40
N ALA C 210 -12.73 -75.11 11.48
CA ALA C 210 -13.07 -74.74 10.12
C ALA C 210 -14.35 -73.89 10.14
N ALA C 211 -15.27 -74.28 11.01
CA ALA C 211 -16.51 -73.54 11.17
C ALA C 211 -16.22 -72.17 11.76
N LYS C 212 -15.32 -72.12 12.73
CA LYS C 212 -14.97 -70.84 13.37
C LYS C 212 -14.31 -69.89 12.31
N ARG C 213 -13.50 -70.46 11.43
CA ARG C 213 -12.91 -69.70 10.35
C ARG C 213 -13.98 -69.06 9.45
N ALA C 214 -14.96 -69.86 9.06
CA ALA C 214 -16.07 -69.38 8.26
C ALA C 214 -16.85 -68.35 9.05
N ILE C 215 -17.15 -68.65 10.31
CA ILE C 215 -17.99 -67.75 11.09
C ILE C 215 -17.36 -66.36 11.26
N THR C 216 -16.09 -66.31 11.63
CA THR C 216 -15.38 -65.06 11.84
C THR C 216 -15.46 -64.28 10.53
N MET C 217 -15.22 -64.96 9.43
CA MET C 217 -15.17 -64.30 8.15
C MET C 217 -16.52 -63.70 7.81
N ILE C 218 -17.59 -64.46 8.06
CA ILE C 218 -18.96 -63.96 7.84
C ILE C 218 -19.20 -62.73 8.70
N GLU C 219 -18.82 -62.82 9.96
CA GLU C 219 -19.08 -61.77 10.94
C GLU C 219 -18.32 -60.50 10.54
N LYS C 220 -17.08 -60.66 10.10
CA LYS C 220 -16.25 -59.54 9.75
C LYS C 220 -16.65 -58.94 8.40
N GLN C 221 -17.11 -59.75 7.44
CA GLN C 221 -17.34 -59.27 6.08
C GLN C 221 -18.81 -59.00 5.74
N ILE C 222 -19.73 -59.46 6.58
CA ILE C 222 -21.17 -59.18 6.43
C ILE C 222 -21.82 -58.77 7.74
N GLY C 223 -21.56 -59.56 8.77
CA GLY C 223 -22.19 -59.38 10.06
C GLY C 223 -23.33 -60.37 10.22
N GLY C 224 -23.30 -61.16 11.29
CA GLY C 224 -24.31 -62.18 11.52
C GLY C 224 -25.73 -61.66 11.36
N ASP C 225 -26.00 -60.45 11.83
CA ASP C 225 -27.38 -59.97 11.88
C ASP C 225 -27.83 -59.48 10.51
N GLN C 226 -26.91 -59.52 9.53
CA GLN C 226 -27.19 -59.11 8.15
C GLN C 226 -27.41 -60.30 7.20
N VAL C 227 -27.23 -61.52 7.68
CA VAL C 227 -27.31 -62.70 6.83
C VAL C 227 -28.71 -63.36 6.91
N ALA C 228 -29.41 -63.41 5.77
CA ALA C 228 -30.74 -64.06 5.70
C ALA C 228 -30.61 -65.56 5.79
N ALA C 229 -29.60 -66.10 5.11
CA ALA C 229 -29.44 -67.55 5.00
C ALA C 229 -28.00 -68.01 4.82
N ILE C 230 -27.66 -69.16 5.40
CA ILE C 230 -26.42 -69.90 5.09
C ILE C 230 -26.90 -71.12 4.35
N ILE C 231 -26.39 -71.36 3.15
CA ILE C 231 -26.82 -72.52 2.37
C ILE C 231 -25.61 -73.40 2.12
N ILE C 232 -25.74 -74.67 2.46
CA ILE C 232 -24.63 -75.60 2.27
C ILE C 232 -25.16 -76.99 1.95
N GLU C 233 -24.43 -77.70 1.09
CA GLU C 233 -24.66 -79.11 0.81
C GLU C 233 -23.92 -79.91 1.87
N PRO C 234 -24.59 -80.81 2.60
CA PRO C 234 -23.93 -81.59 3.63
C PRO C 234 -22.83 -82.45 3.04
N ILE C 235 -23.04 -82.97 1.84
CA ILE C 235 -21.93 -83.49 1.00
C ILE C 235 -22.02 -82.75 -0.33
N GLN C 236 -20.96 -82.05 -0.69
CA GLN C 236 -20.98 -81.20 -1.87
C GLN C 236 -20.84 -82.09 -3.08
N GLY C 237 -21.80 -81.98 -3.98
CA GLY C 237 -21.90 -82.91 -5.13
C GLY C 237 -20.93 -82.63 -6.24
N GLU C 238 -21.37 -81.77 -7.16
CA GLU C 238 -20.55 -81.39 -8.31
C GLU C 238 -19.18 -80.83 -7.90
N GLY C 239 -19.08 -80.27 -6.69
CA GLY C 239 -17.81 -79.77 -6.16
C GLY C 239 -16.77 -80.85 -5.94
N GLY C 240 -17.22 -82.11 -5.83
CA GLY C 240 -16.31 -83.26 -5.70
C GLY C 240 -16.59 -84.20 -4.56
N PHE C 241 -17.85 -84.33 -4.17
CA PHE C 241 -18.24 -85.22 -3.04
C PHE C 241 -17.36 -84.89 -1.84
N ILE C 242 -17.27 -83.59 -1.53
CA ILE C 242 -16.51 -83.11 -0.38
C ILE C 242 -17.38 -83.31 0.87
N VAL C 243 -16.87 -84.12 1.80
CA VAL C 243 -17.49 -84.27 3.08
C VAL C 243 -16.73 -83.39 4.08
N PRO C 244 -17.43 -82.48 4.77
CA PRO C 244 -16.77 -81.67 5.74
C PRO C 244 -16.35 -82.47 6.95
N ALA C 245 -15.34 -81.98 7.64
CA ALA C 245 -14.85 -82.60 8.83
C ALA C 245 -15.94 -82.60 9.89
N GLU C 246 -15.94 -83.63 10.71
CA GLU C 246 -16.89 -83.76 11.80
C GLU C 246 -16.88 -82.50 12.63
N GLY C 247 -18.06 -82.01 12.99
CA GLY C 247 -18.19 -80.83 13.84
C GLY C 247 -18.41 -79.49 13.15
N PHE C 248 -18.14 -79.46 11.84
CA PHE C 248 -18.34 -78.28 11.00
C PHE C 248 -19.81 -77.93 10.79
CA LEU C 249 -21.94 -78.59 10.12
C LEU C 249 -22.74 -78.21 11.41
N PRO C 250 -22.53 -78.94 12.50
CA PRO C 250 -23.23 -78.52 13.75
C PRO C 250 -22.85 -77.11 14.21
N ALA C 251 -21.56 -76.75 14.07
CA ALA C 251 -21.10 -75.42 14.53
C ALA C 251 -21.81 -74.33 13.74
N LEU C 252 -21.86 -74.49 12.41
CA LEU C 252 -22.63 -73.57 11.55
C LEU C 252 -24.12 -73.51 11.95
N SER C 253 -24.71 -74.66 12.21
CA SER C 253 -26.11 -74.71 12.60
C SER C 253 -26.36 -73.95 13.91
N GLU C 254 -25.51 -74.21 14.91
CA GLU C 254 -25.67 -73.60 16.24
C GLU C 254 -25.58 -72.06 16.10
N TRP C 255 -24.63 -71.61 15.32
CA TRP C 255 -24.38 -70.20 15.12
C TRP C 255 -25.46 -69.53 14.36
N ALA C 256 -25.96 -70.20 13.33
CA ALA C 256 -27.09 -69.67 12.55
C ALA C 256 -28.30 -69.42 13.46
N LYS C 257 -28.56 -70.36 14.36
CA LYS C 257 -29.66 -70.24 15.31
C LYS C 257 -29.43 -69.05 16.24
N GLU C 258 -28.22 -68.94 16.80
CA GLU C 258 -27.91 -67.75 17.59
C GLU C 258 -28.23 -66.43 16.88
N LYS C 259 -27.85 -66.32 15.61
CA LYS C 259 -27.90 -65.03 14.92
C LYS C 259 -29.19 -64.81 14.15
N GLY C 260 -30.14 -65.72 14.28
CA GLY C 260 -31.40 -65.59 13.56
C GLY C 260 -31.28 -65.80 12.06
N ILE C 261 -30.25 -66.54 11.64
CA ILE C 261 -29.98 -66.85 10.25
C ILE C 261 -30.63 -68.17 9.87
N VAL C 262 -31.34 -68.20 8.74
CA VAL C 262 -31.96 -69.43 8.25
C VAL C 262 -30.86 -70.36 7.72
N PHE C 263 -30.72 -71.55 8.30
CA PHE C 263 -29.76 -72.55 7.84
C PHE C 263 -30.45 -73.45 6.82
N ILE C 264 -30.01 -73.37 5.56
CA ILE C 264 -30.57 -74.16 4.48
C ILE C 264 -29.63 -75.32 4.15
N ALA C 265 -30.12 -76.54 4.27
CA ALA C 265 -29.39 -77.73 3.83
C ALA C 265 -29.82 -78.06 2.40
N ASP C 266 -28.90 -77.99 1.45
CA ASP C 266 -29.25 -78.38 0.10
C ASP C 266 -29.01 -79.87 -0.10
N GLU C 267 -30.10 -80.63 -0.01
CA GLU C 267 -30.06 -82.08 -0.09
C GLU C 267 -30.66 -82.55 -1.41
N VAL C 268 -30.55 -81.74 -2.45
CA VAL C 268 -31.07 -82.11 -3.76
C VAL C 268 -30.39 -83.38 -4.27
N GLN C 269 -29.08 -83.48 -4.11
CA GLN C 269 -28.33 -84.69 -4.56
C GLN C 269 -28.17 -85.74 -3.44
N SER C 270 -27.95 -85.30 -2.21
CA SER C 270 -27.69 -86.19 -1.09
C SER C 270 -28.94 -86.76 -0.43
N GLY C 271 -30.09 -86.19 -0.73
CA GLY C 271 -31.33 -86.60 -0.05
C GLY C 271 -31.95 -87.92 -0.52
N PHE C 272 -32.91 -88.40 0.27
CA PHE C 272 -33.63 -89.67 0.01
C PHE C 272 -32.77 -90.92 -0.10
N CYS C 273 -32.13 -91.24 1.02
CA CYS C 273 -31.42 -92.54 1.25
C CYS C 273 -30.06 -92.67 0.59
N ARG C 274 -29.71 -91.69 -0.22
CA ARG C 274 -28.49 -91.74 -1.04
C ARG C 274 -27.25 -91.99 -0.20
N THR C 275 -27.20 -91.43 1.02
CA THR C 275 -26.01 -91.54 1.86
C THR C 275 -26.12 -92.66 2.93
N GLY C 276 -27.22 -93.42 2.90
CA GLY C 276 -27.46 -94.44 3.93
C GLY C 276 -28.31 -93.96 5.09
N GLU C 277 -28.72 -92.71 5.07
CA GLU C 277 -29.73 -92.14 5.98
C GLU C 277 -30.70 -91.40 5.09
N TRP C 278 -31.86 -91.08 5.60
CA TRP C 278 -32.85 -90.35 4.80
C TRP C 278 -32.31 -89.07 4.26
N PHE C 279 -31.56 -88.34 5.10
CA PHE C 279 -30.87 -87.13 4.65
C PHE C 279 -29.45 -87.10 5.17
N ALA C 280 -28.55 -86.56 4.36
CA ALA C 280 -27.11 -86.54 4.71
C ALA C 280 -26.86 -85.85 6.08
N VAL C 281 -27.72 -84.92 6.43
CA VAL C 281 -27.64 -84.18 7.65
C VAL C 281 -27.84 -85.10 8.89
N ASP C 282 -28.53 -86.22 8.67
CA ASP C 282 -28.80 -87.20 9.75
C ASP C 282 -27.54 -87.87 10.27
N HIS C 283 -26.50 -87.95 9.45
CA HIS C 283 -25.22 -88.49 9.90
C HIS C 283 -24.77 -87.78 11.15
N GLU C 284 -24.86 -86.46 11.17
CA GLU C 284 -24.38 -85.68 12.32
C GLU C 284 -25.52 -85.13 13.19
N GLY C 285 -26.77 -85.47 12.85
CA GLY C 285 -27.91 -85.06 13.63
C GLY C 285 -28.24 -83.58 13.54
N VAL C 286 -27.76 -82.92 12.49
CA VAL C 286 -28.08 -81.53 12.25
C VAL C 286 -29.51 -81.42 11.79
N VAL C 287 -30.22 -80.42 12.28
CA VAL C 287 -31.63 -80.19 11.98
C VAL C 287 -31.79 -78.84 11.27
N PRO C 288 -31.79 -78.83 9.95
CA PRO C 288 -31.87 -77.57 9.18
C PRO C 288 -33.19 -76.83 9.29
N ASP C 289 -33.14 -75.50 9.13
CA ASP C 289 -34.32 -74.64 9.20
C ASP C 289 -35.15 -74.78 7.94
N ILE C 290 -34.48 -74.91 6.80
CA ILE C 290 -35.13 -75.31 5.55
C ILE C 290 -34.24 -76.35 4.88
N ILE C 291 -34.86 -77.31 4.22
CA ILE C 291 -34.11 -78.28 3.45
C ILE C 291 -34.66 -78.39 2.01
N THR C 292 -33.78 -78.30 1.01
CA THR C 292 -34.14 -78.31 -0.41
C THR C 292 -33.92 -79.71 -1.01
N MET C 293 -34.90 -80.15 -1.80
CA MET C 293 -34.98 -81.50 -2.29
C MET C 293 -35.39 -81.55 -3.76
N ALA C 294 -34.81 -82.50 -4.48
CA ALA C 294 -35.25 -82.84 -5.84
C ALA C 294 -34.69 -84.20 -6.25
N LYS C 295 -34.16 -84.31 -7.46
CA LYS C 295 -33.47 -85.51 -7.96
C LYS C 295 -34.19 -86.82 -7.52
N GLY C 296 -33.70 -87.47 -6.49
CA GLY C 296 -34.28 -88.77 -6.04
C GLY C 296 -35.72 -88.82 -5.54
N ILE C 297 -36.27 -87.67 -5.17
CA ILE C 297 -37.60 -87.58 -4.57
C ILE C 297 -38.71 -88.32 -5.36
N ALA C 298 -38.70 -88.27 -6.69
CA ALA C 298 -39.87 -88.77 -7.48
C ALA C 298 -39.48 -89.82 -8.52
N GLY C 299 -38.46 -90.58 -8.22
CA GLY C 299 -38.05 -91.70 -9.06
C GLY C 299 -37.84 -91.39 -10.52
N GLY C 300 -37.49 -90.15 -10.81
CA GLY C 300 -37.19 -89.74 -12.17
C GLY C 300 -38.16 -88.74 -12.74
N LEU C 301 -39.35 -88.64 -12.16
CA LEU C 301 -40.26 -87.60 -12.61
C LEU C 301 -39.76 -86.21 -12.12
N PRO C 302 -40.11 -85.16 -12.85
CA PRO C 302 -39.77 -83.84 -12.40
C PRO C 302 -40.54 -83.33 -11.17
N LEU C 303 -39.91 -83.42 -10.01
CA LEU C 303 -40.46 -82.83 -8.79
C LEU C 303 -39.34 -82.32 -7.89
N SER C 304 -39.64 -81.23 -7.18
CA SER C 304 -38.72 -80.68 -6.16
C SER C 304 -39.54 -80.15 -4.98
N ALA C 305 -38.87 -79.88 -3.88
CA ALA C 305 -39.57 -79.41 -2.68
C ALA C 305 -38.64 -78.61 -1.77
N ILE C 306 -39.21 -77.65 -1.04
CA ILE C 306 -38.61 -77.17 0.19
C ILE C 306 -39.48 -77.62 1.38
N THR C 307 -38.83 -78.10 2.42
CA THR C 307 -39.50 -78.36 3.67
C THR C 307 -38.73 -77.65 4.78
N GLY C 308 -39.43 -76.81 5.55
CA GLY C 308 -38.81 -76.08 6.64
C GLY C 308 -39.77 -75.68 7.74
N ARG C 309 -39.22 -74.98 8.72
CA ARG C 309 -39.96 -74.52 9.87
C ARG C 309 -41.26 -73.83 9.45
N ALA C 310 -42.37 -74.22 10.09
CA ALA C 310 -43.66 -73.58 9.84
C ALA C 310 -43.58 -72.05 9.96
N ASP C 311 -42.93 -71.56 11.01
CA ASP C 311 -42.92 -70.12 11.24
C ASP C 311 -42.26 -69.38 10.06
N LEU C 312 -41.26 -70.01 9.42
CA LEU C 312 -40.57 -69.39 8.29
C LEU C 312 -41.42 -69.45 7.06
N LEU C 313 -41.78 -70.65 6.64
CA LEU C 313 -42.61 -70.80 5.43
C LEU C 313 -43.96 -70.11 5.52
N ASP C 314 -44.62 -70.19 6.67
CA ASP C 314 -45.93 -69.53 6.81
C ASP C 314 -45.85 -68.01 6.82
N ALA C 315 -44.66 -67.46 7.01
CA ALA C 315 -44.49 -65.98 6.98
C ALA C 315 -44.75 -65.41 5.59
N VAL C 316 -44.59 -66.23 4.55
CA VAL C 316 -44.70 -65.72 3.20
C VAL C 316 -46.14 -65.42 2.92
N HIS C 317 -46.37 -64.29 2.29
CA HIS C 317 -47.74 -63.83 1.95
C HIS C 317 -48.45 -64.71 0.96
N PRO C 318 -49.78 -64.65 0.94
CA PRO C 318 -50.55 -65.49 0.01
C PRO C 318 -50.15 -65.26 -1.44
N GLY C 319 -49.88 -66.34 -2.17
CA GLY C 319 -49.46 -66.27 -3.55
C GLY C 319 -47.96 -66.00 -3.79
N GLY C 320 -47.20 -65.80 -2.72
CA GLY C 320 -45.81 -65.44 -2.83
C GLY C 320 -44.94 -66.52 -3.42
N LEU C 321 -45.16 -67.76 -2.98
CA LEU C 321 -44.40 -68.89 -3.49
C LEU C 321 -45.31 -69.67 -4.43
N GLY C 322 -44.78 -70.12 -5.57
CA GLY C 322 -45.56 -70.97 -6.48
C GLY C 322 -44.90 -71.32 -7.81
N GLY C 323 -45.73 -71.41 -8.86
CA GLY C 323 -45.35 -71.96 -10.15
C GLY C 323 -46.53 -72.66 -10.80
N THR C 324 -46.51 -72.81 -12.11
CA THR C 324 -47.60 -73.47 -12.83
C THR C 324 -47.61 -74.99 -12.60
N TYR C 325 -46.53 -75.65 -13.02
CA TYR C 325 -46.43 -77.10 -13.03
C TYR C 325 -46.20 -77.68 -11.63
N GLY C 326 -45.65 -76.86 -10.74
CA GLY C 326 -45.12 -77.34 -9.46
C GLY C 326 -46.01 -78.32 -8.73
N GLY C 327 -45.40 -79.40 -8.23
CA GLY C 327 -46.14 -80.45 -7.53
C GLY C 327 -47.07 -81.17 -8.45
N ASN C 328 -46.59 -81.45 -9.65
CA ASN C 328 -47.41 -82.11 -10.67
C ASN C 328 -47.92 -83.46 -10.18
N PRO C 329 -49.22 -83.73 -10.41
CA PRO C 329 -49.89 -84.90 -9.78
C PRO C 329 -49.28 -86.21 -10.24
N VAL C 330 -48.90 -86.30 -11.50
CA VAL C 330 -48.25 -87.50 -12.00
C VAL C 330 -46.89 -87.65 -11.28
N ALA C 331 -46.16 -86.56 -11.11
CA ALA C 331 -44.87 -86.58 -10.39
C ALA C 331 -45.08 -86.92 -8.95
N CYS C 332 -46.17 -86.43 -8.36
CA CYS C 332 -46.48 -86.72 -6.96
C CYS C 332 -46.76 -88.19 -6.73
N ALA C 333 -47.54 -88.77 -7.62
CA ALA C 333 -47.81 -90.18 -7.58
C ALA C 333 -46.49 -90.90 -7.58
N ALA C 334 -45.60 -90.50 -8.47
CA ALA C 334 -44.27 -91.11 -8.57
C ALA C 334 -43.54 -91.05 -7.23
N ALA C 335 -43.60 -89.88 -6.61
CA ALA C 335 -42.87 -89.63 -5.38
C ALA C 335 -43.37 -90.56 -4.27
N LEU C 336 -44.68 -90.61 -4.08
CA LEU C 336 -45.26 -91.46 -3.06
C LEU C 336 -44.77 -92.92 -3.22
N ALA C 337 -44.82 -93.42 -4.44
CA ALA C 337 -44.36 -94.75 -4.74
C ALA C 337 -42.89 -94.88 -4.48
N ALA C 338 -42.12 -93.91 -4.96
CA ALA C 338 -40.63 -93.93 -4.78
C ALA C 338 -40.26 -93.98 -3.30
N ILE C 339 -40.86 -93.11 -2.49
CA ILE C 339 -40.65 -93.14 -1.05
C ILE C 339 -41.06 -94.49 -0.44
N ASP C 340 -42.18 -95.01 -0.92
CA ASP C 340 -42.67 -96.29 -0.46
C ASP C 340 -41.66 -97.42 -0.75
N THR C 341 -41.13 -97.45 -1.96
CA THR C 341 -40.08 -98.38 -2.30
C THR C 341 -38.88 -98.22 -1.39
N MET C 342 -38.47 -96.97 -1.15
CA MET C 342 -37.34 -96.71 -0.27
C MET C 342 -37.51 -97.41 1.09
N GLU C 343 -38.73 -97.38 1.63
CA GLU C 343 -39.07 -98.00 2.90
C GLU C 343 -39.20 -99.51 2.76
N GLN C 344 -40.13 -99.95 1.91
CA GLN C 344 -40.39 -101.39 1.73
C GLN C 344 -39.10 -102.17 1.49
N HIS C 345 -38.19 -101.65 0.65
CA HIS C 345 -36.93 -102.36 0.37
C HIS C 345 -35.72 -101.86 1.14
N ASP C 346 -35.95 -101.05 2.17
CA ASP C 346 -34.88 -100.58 3.05
C ASP C 346 -33.67 -100.08 2.27
N LEU C 347 -33.89 -99.04 1.47
CA LEU C 347 -32.83 -98.52 0.59
C LEU C 347 -31.74 -97.84 1.38
N ASN C 348 -32.07 -97.32 2.57
CA ASN C 348 -31.03 -96.87 3.48
C ASN C 348 -30.02 -97.98 3.74
N GLY C 349 -30.54 -99.16 4.11
CA GLY C 349 -29.72 -100.35 4.28
C GLY C 349 -28.93 -100.74 3.03
N ARG C 350 -29.59 -100.70 1.88
CA ARG C 350 -28.89 -101.03 0.65
C ARG C 350 -27.73 -100.06 0.42
N ALA C 351 -27.97 -98.79 0.73
CA ALA C 351 -26.94 -97.77 0.56
C ALA C 351 -25.78 -98.04 1.46
N ARG C 352 -26.07 -98.36 2.73
CA ARG C 352 -25.00 -98.63 3.70
C ARG C 352 -24.19 -99.84 3.24
N HIS C 353 -24.87 -100.82 2.66
CA HIS C 353 -24.22 -102.02 2.16
C HIS C 353 -23.36 -101.71 0.95
N ILE C 354 -23.89 -100.93 0.02
CA ILE C 354 -23.08 -100.43 -1.09
C ILE C 354 -21.78 -99.75 -0.61
N GLU C 355 -21.89 -98.93 0.44
CA GLU C 355 -20.72 -98.23 0.97
C GLU C 355 -19.65 -99.25 1.35
N GLU C 356 -20.04 -100.24 2.16
CA GLU C 356 -19.13 -101.27 2.68
C GLU C 356 -18.42 -101.98 1.53
N LEU C 357 -19.18 -102.40 0.54
CA LEU C 357 -18.66 -103.08 -0.63
C LEU C 357 -17.69 -102.20 -1.43
N ALA C 358 -18.16 -101.02 -1.81
CA ALA C 358 -17.42 -100.15 -2.72
C ALA C 358 -16.19 -99.55 -2.06
N LEU C 359 -16.33 -99.08 -0.84
CA LEU C 359 -15.17 -98.54 -0.16
C LEU C 359 -14.13 -99.66 0.07
N GLY C 360 -14.60 -100.88 0.31
CA GLY C 360 -13.72 -102.03 0.46
C GLY C 360 -12.84 -102.17 -0.79
N LYS C 361 -13.48 -102.26 -1.95
CA LYS C 361 -12.75 -102.50 -3.19
C LYS C 361 -11.82 -101.33 -3.51
N LEU C 362 -12.30 -100.12 -3.26
CA LEU C 362 -11.50 -98.93 -3.53
C LEU C 362 -10.25 -98.83 -2.65
N ARG C 363 -10.39 -99.21 -1.39
CA ARG C 363 -9.23 -99.17 -0.48
C ARG C 363 -8.21 -100.26 -0.82
N GLU C 364 -8.71 -101.40 -1.30
CA GLU C 364 -7.84 -102.46 -1.85
C GLU C 364 -6.97 -101.88 -2.96
N LEU C 365 -7.61 -101.11 -3.86
CA LEU C 365 -6.93 -100.47 -4.96
C LEU C 365 -5.91 -99.46 -4.45
N ALA C 366 -6.26 -98.72 -3.40
CA ALA C 366 -5.33 -97.72 -2.81
C ALA C 366 -4.06 -98.39 -2.29
N ALA C 367 -4.22 -99.63 -1.85
CA ALA C 367 -3.16 -100.38 -1.17
C ALA C 367 -2.18 -100.90 -2.26
N GLU C 368 -2.72 -101.32 -3.39
CA GLU C 368 -1.89 -101.73 -4.51
C GLU C 368 -1.00 -100.57 -5.06
N LEU C 369 -1.60 -99.38 -5.20
CA LEU C 369 -0.89 -98.18 -5.76
C LEU C 369 0.09 -97.44 -4.81
N SER C 375 1.83 -92.97 -6.23
CA SER C 375 0.38 -93.28 -6.16
C SER C 375 -0.52 -92.18 -6.66
N VAL C 376 -1.59 -92.62 -7.30
CA VAL C 376 -2.47 -91.78 -8.06
C VAL C 376 -3.82 -91.56 -7.32
N VAL C 377 -4.00 -92.26 -6.19
CA VAL C 377 -5.25 -92.23 -5.46
C VAL C 377 -5.06 -91.33 -4.28
N GLY C 378 -5.57 -90.12 -4.39
CA GLY C 378 -5.37 -89.09 -3.35
C GLY C 378 -6.28 -89.22 -2.15
N ASP C 379 -7.55 -89.52 -2.39
CA ASP C 379 -8.53 -89.53 -1.29
C ASP C 379 -9.77 -90.36 -1.69
N ILE C 380 -10.27 -91.14 -0.73
CA ILE C 380 -11.48 -91.91 -0.89
C ILE C 380 -12.44 -91.44 0.19
N ARG C 381 -13.63 -91.05 -0.23
CA ARG C 381 -14.56 -90.40 0.67
C ARG C 381 -15.99 -90.56 0.22
N GLY C 382 -16.90 -90.19 1.10
CA GLY C 382 -18.32 -90.26 0.83
C GLY C 382 -19.02 -91.17 1.81
N ARG C 383 -20.32 -91.30 1.63
CA ARG C 383 -21.13 -92.16 2.46
C ARG C 383 -22.21 -92.81 1.64
N GLY C 384 -22.56 -94.04 2.03
CA GLY C 384 -23.63 -94.76 1.37
C GLY C 384 -23.37 -94.99 -0.09
N ALA C 385 -24.36 -94.63 -0.92
CA ALA C 385 -24.26 -94.74 -2.40
C ALA C 385 -23.80 -93.43 -3.07
N MET C 386 -23.15 -92.57 -2.28
CA MET C 386 -22.58 -91.31 -2.76
C MET C 386 -21.10 -91.31 -2.39
N LEU C 387 -20.30 -91.96 -3.20
CA LEU C 387 -18.90 -92.23 -2.88
C LEU C 387 -18.03 -91.66 -3.98
N ALA C 388 -16.79 -91.36 -3.65
CA ALA C 388 -15.91 -90.78 -4.62
C ALA C 388 -14.43 -91.07 -4.35
N ILE C 389 -13.66 -91.02 -5.42
CA ILE C 389 -12.24 -91.17 -5.33
C ILE C 389 -11.62 -90.02 -6.09
N GLU C 390 -10.84 -89.22 -5.36
CA GLU C 390 -10.14 -88.06 -5.94
C GLU C 390 -8.76 -88.48 -6.41
N LEU C 391 -8.52 -88.30 -7.69
CA LEU C 391 -7.28 -88.75 -8.33
C LEU C 391 -6.29 -87.60 -8.44
N VAL C 392 -5.05 -87.90 -8.09
CA VAL C 392 -3.96 -86.94 -8.09
C VAL C 392 -2.81 -87.38 -9.01
N GLN C 393 -1.85 -86.50 -9.17
CA GLN C 393 -0.61 -86.79 -9.87
C GLN C 393 0.27 -87.69 -8.97
N PRO C 394 1.03 -88.63 -9.56
CA PRO C 394 1.86 -89.56 -8.75
C PRO C 394 2.78 -88.86 -7.74
N GLY C 395 2.65 -89.27 -6.48
CA GLY C 395 3.51 -88.75 -5.42
C GLY C 395 3.31 -87.31 -5.01
N SER C 396 2.18 -86.71 -5.40
CA SER C 396 1.83 -85.37 -4.91
C SER C 396 0.31 -85.24 -4.73
N LYS C 397 -0.13 -84.06 -4.35
CA LYS C 397 -1.55 -83.75 -4.22
C LYS C 397 -2.10 -82.99 -5.44
N GLU C 398 -1.29 -82.73 -6.47
CA GLU C 398 -1.73 -81.94 -7.62
C GLU C 398 -2.88 -82.72 -8.33
N PRO C 399 -3.94 -82.02 -8.76
CA PRO C 399 -5.06 -82.67 -9.41
C PRO C 399 -4.69 -83.34 -10.72
N ASN C 400 -5.38 -84.44 -11.03
CA ASN C 400 -5.15 -85.25 -12.22
C ASN C 400 -6.44 -85.39 -13.04
N ALA C 401 -6.86 -84.31 -13.67
CA ALA C 401 -8.04 -84.31 -14.54
C ALA C 401 -7.83 -85.22 -15.77
N GLU C 402 -6.61 -85.30 -16.30
CA GLU C 402 -6.34 -86.15 -17.48
C GLU C 402 -6.68 -87.62 -17.20
N LEU C 403 -6.16 -88.14 -16.09
CA LEU C 403 -6.41 -89.52 -15.70
C LEU C 403 -7.90 -89.76 -15.50
N THR C 404 -8.55 -88.79 -14.89
CA THR C 404 -9.98 -88.88 -14.60
C THR C 404 -10.78 -88.99 -15.88
N LYS C 405 -10.54 -88.09 -16.82
CA LYS C 405 -11.23 -88.12 -18.12
C LYS C 405 -11.02 -89.48 -18.78
N ALA C 406 -9.76 -89.91 -18.76
CA ALA C 406 -9.32 -91.15 -19.40
C ALA C 406 -9.97 -92.37 -18.77
N VAL C 407 -10.03 -92.41 -17.44
CA VAL C 407 -10.64 -93.54 -16.74
C VAL C 407 -12.14 -93.62 -17.06
N ALA C 408 -12.81 -92.48 -17.11
CA ALA C 408 -14.24 -92.45 -17.46
C ALA C 408 -14.45 -93.02 -18.85
N ALA C 409 -13.58 -92.60 -19.79
CA ALA C 409 -13.64 -93.06 -21.20
C ALA C 409 -13.37 -94.58 -21.25
N ALA C 410 -12.35 -95.03 -20.50
CA ALA C 410 -11.97 -96.45 -20.48
C ALA C 410 -13.11 -97.30 -19.94
N CYS C 411 -13.77 -96.83 -18.90
CA CYS C 411 -14.92 -97.53 -18.34
C CYS C 411 -16.05 -97.63 -19.34
N LEU C 412 -16.30 -96.54 -20.05
CA LEU C 412 -17.39 -96.49 -21.02
C LEU C 412 -17.13 -97.54 -22.10
N LYS C 413 -15.89 -97.59 -22.56
CA LYS C 413 -15.48 -98.54 -23.56
C LYS C 413 -15.81 -100.01 -23.17
N GLU C 414 -15.64 -100.35 -21.89
CA GLU C 414 -15.93 -101.69 -21.39
C GLU C 414 -17.40 -101.90 -21.02
N GLY C 415 -18.24 -100.91 -21.21
CA GLY C 415 -19.65 -101.05 -20.87
C GLY C 415 -20.06 -100.63 -19.47
N VAL C 416 -19.31 -99.70 -18.90
CA VAL C 416 -19.66 -99.11 -17.60
C VAL C 416 -19.79 -97.58 -17.73
N ILE C 417 -21.00 -97.06 -17.52
CA ILE C 417 -21.21 -95.63 -17.53
C ILE C 417 -20.97 -95.07 -16.13
N ILE C 418 -19.89 -94.30 -15.99
CA ILE C 418 -19.47 -93.73 -14.69
C ILE C 418 -19.30 -92.22 -14.82
N LEU C 419 -19.68 -91.46 -13.78
CA LEU C 419 -19.61 -89.99 -13.85
C LEU C 419 -18.39 -89.44 -13.13
N THR C 420 -17.96 -88.25 -13.56
CA THR C 420 -16.88 -87.53 -12.91
C THR C 420 -17.43 -86.22 -12.34
N CYS C 421 -16.62 -85.52 -11.55
CA CYS C 421 -16.98 -84.23 -11.02
C CYS C 421 -15.77 -83.56 -10.39
N GLY C 422 -16.00 -82.47 -9.69
CA GLY C 422 -14.94 -81.80 -8.92
C GLY C 422 -14.60 -80.42 -9.43
N THR C 423 -14.29 -79.53 -8.48
CA THR C 423 -13.75 -78.20 -8.81
C THR C 423 -12.56 -78.31 -9.75
N TYR C 424 -11.69 -79.31 -9.51
CA TYR C 424 -10.50 -79.48 -10.33
C TYR C 424 -10.64 -80.61 -11.39
N GLY C 425 -11.86 -81.08 -11.62
CA GLY C 425 -12.15 -82.07 -12.63
C GLY C 425 -11.49 -83.42 -12.42
N ASN C 426 -11.14 -83.74 -11.19
CA ASN C 426 -10.32 -84.88 -10.91
C ASN C 426 -10.93 -85.85 -9.91
N VAL C 427 -12.24 -85.92 -9.87
CA VAL C 427 -12.94 -86.83 -8.96
C VAL C 427 -13.86 -87.76 -9.71
N ILE C 428 -13.62 -89.07 -9.54
CA ILE C 428 -14.55 -90.07 -10.03
C ILE C 428 -15.58 -90.33 -8.95
N ARG C 429 -16.85 -90.30 -9.33
CA ARG C 429 -17.93 -90.48 -8.38
C ARG C 429 -18.79 -91.68 -8.71
N LEU C 430 -19.17 -92.38 -7.65
CA LEU C 430 -20.06 -93.52 -7.75
C LEU C 430 -21.43 -93.09 -7.25
N LEU C 431 -22.37 -93.07 -8.17
CA LEU C 431 -23.78 -92.81 -7.85
C LEU C 431 -24.68 -93.89 -8.44
N PRO C 432 -24.45 -95.14 -8.07
CA PRO C 432 -25.27 -96.21 -8.57
C PRO C 432 -26.68 -96.11 -8.03
N PRO C 433 -27.66 -96.67 -8.74
CA PRO C 433 -28.96 -96.80 -8.15
C PRO C 433 -28.88 -97.71 -6.97
N LEU C 434 -29.66 -97.42 -5.95
CA LEU C 434 -29.60 -98.19 -4.69
C LEU C 434 -30.09 -99.63 -4.86
N VAL C 435 -30.96 -99.86 -5.86
CA VAL C 435 -31.47 -101.19 -6.17
C VAL C 435 -30.46 -102.05 -6.97
N ILE C 436 -29.24 -101.56 -7.21
CA ILE C 436 -28.22 -102.35 -7.93
C ILE C 436 -27.82 -103.60 -7.15
N SER C 437 -27.55 -104.68 -7.85
CA SER C 437 -27.14 -105.95 -7.22
C SER C 437 -25.66 -105.93 -6.90
N ASP C 438 -25.26 -106.66 -5.87
CA ASP C 438 -23.85 -106.80 -5.52
C ASP C 438 -23.01 -107.29 -6.71
N GLU C 439 -23.56 -108.24 -7.47
CA GLU C 439 -22.87 -108.82 -8.63
C GLU C 439 -22.48 -107.70 -9.62
N LEU C 440 -23.47 -106.90 -10.03
CA LEU C 440 -23.25 -105.81 -10.98
C LEU C 440 -22.33 -104.72 -10.42
N LEU C 441 -22.54 -104.33 -9.16
CA LEU C 441 -21.72 -103.31 -8.55
C LEU C 441 -20.24 -103.78 -8.56
N ILE C 442 -20.01 -105.02 -8.12
CA ILE C 442 -18.65 -105.56 -8.09
C ILE C 442 -18.04 -105.58 -9.49
N ASP C 443 -18.84 -105.97 -10.48
CA ASP C 443 -18.38 -106.01 -11.86
C ASP C 443 -17.91 -104.60 -12.24
N GLY C 444 -18.78 -103.61 -12.01
CA GLY C 444 -18.47 -102.21 -12.30
C GLY C 444 -17.22 -101.72 -11.59
N LEU C 445 -17.09 -102.04 -10.30
CA LEU C 445 -15.92 -101.66 -9.52
C LEU C 445 -14.65 -102.33 -10.01
N GLU C 446 -14.78 -103.55 -10.53
CA GLU C 446 -13.62 -104.23 -11.11
C GLU C 446 -13.16 -103.52 -12.38
N VAL C 447 -14.10 -103.14 -13.23
CA VAL C 447 -13.77 -102.40 -14.46
C VAL C 447 -13.10 -101.09 -14.10
N LEU C 448 -13.62 -100.44 -13.07
CA LEU C 448 -13.08 -99.15 -12.65
C LEU C 448 -11.63 -99.32 -12.19
N ALA C 449 -11.41 -100.29 -11.29
CA ALA C 449 -10.05 -100.55 -10.76
C ALA C 449 -9.09 -100.89 -11.92
N ALA C 450 -9.54 -101.70 -12.87
CA ALA C 450 -8.72 -102.04 -14.01
C ALA C 450 -8.37 -100.79 -14.83
N ALA C 451 -9.35 -99.92 -15.04
CA ALA C 451 -9.13 -98.68 -15.82
C ALA C 451 -8.09 -97.76 -15.16
N ILE C 452 -8.17 -97.58 -13.85
CA ILE C 452 -7.23 -96.73 -13.17
C ILE C 452 -5.83 -97.31 -13.30
N LYS C 453 -5.68 -98.60 -13.05
CA LYS C 453 -4.39 -99.27 -13.21
C LYS C 453 -3.87 -99.12 -14.65
N ALA C 454 -4.75 -99.35 -15.63
CA ALA C 454 -4.38 -99.24 -17.04
C ALA C 454 -3.80 -97.87 -17.39
N HIS C 455 -4.28 -96.81 -16.73
CA HIS C 455 -3.77 -95.43 -16.95
C HIS C 455 -3.31 -94.88 -15.62
N SER D 9 -64.70 -86.83 -28.73
CA SER D 9 -65.30 -87.79 -27.72
C SER D 9 -64.55 -87.84 -26.36
N TYR D 10 -65.29 -87.81 -25.27
CA TYR D 10 -64.74 -87.58 -23.94
C TYR D 10 -64.90 -88.76 -22.98
N ARG D 11 -64.18 -88.72 -21.87
CA ARG D 11 -64.16 -89.80 -20.90
C ARG D 11 -65.21 -89.65 -19.82
N ILE D 12 -65.40 -88.43 -19.30
CA ILE D 12 -66.38 -88.20 -18.24
C ILE D 12 -67.45 -87.23 -18.75
N GLU D 13 -68.62 -87.29 -18.11
CA GLU D 13 -69.78 -86.59 -18.62
C GLU D 13 -69.49 -85.11 -18.67
N GLN D 14 -69.76 -84.52 -19.81
CA GLN D 14 -69.44 -83.13 -20.04
C GLN D 14 -70.62 -82.24 -19.73
N LYS D 15 -71.05 -82.26 -18.48
CA LYS D 15 -72.16 -81.43 -18.03
C LYS D 15 -71.83 -80.82 -16.66
N ARG D 16 -72.19 -79.56 -16.49
CA ARG D 16 -72.07 -78.91 -15.21
C ARG D 16 -73.05 -79.52 -14.23
N ASN D 17 -72.54 -79.97 -13.08
CA ASN D 17 -73.35 -80.63 -12.09
C ASN D 17 -72.85 -80.46 -10.65
N ILE D 18 -73.52 -79.59 -9.91
CA ILE D 18 -73.19 -79.41 -8.51
C ILE D 18 -74.28 -79.98 -7.59
N ASN D 19 -73.95 -81.03 -6.84
CA ASN D 19 -74.85 -81.57 -5.83
C ASN D 19 -74.68 -80.86 -4.52
N GLY D 20 -75.59 -79.96 -4.20
CA GLY D 20 -75.57 -79.28 -2.89
C GLY D 20 -74.34 -78.43 -2.62
N ALA D 21 -74.06 -78.20 -1.34
CA ALA D 21 -72.97 -77.33 -0.91
C ALA D 21 -71.60 -78.00 -1.08
N PHE D 22 -70.60 -77.16 -1.35
CA PHE D 22 -69.21 -77.57 -1.39
C PHE D 22 -68.39 -76.50 -0.70
N PRO D 23 -67.21 -76.84 -0.20
CA PRO D 23 -66.57 -78.16 -0.32
C PRO D 23 -67.34 -79.25 0.41
N GLY D 24 -67.47 -80.41 -0.22
CA GLY D 24 -68.07 -81.57 0.39
C GLY D 24 -67.14 -82.22 1.41
N PRO D 25 -67.57 -83.35 1.99
CA PRO D 25 -66.85 -83.97 3.11
C PRO D 25 -65.43 -84.41 2.76
N LYS D 26 -65.24 -85.01 1.60
CA LYS D 26 -63.92 -85.51 1.20
C LYS D 26 -62.95 -84.35 0.89
N SER D 27 -63.45 -83.29 0.29
CA SER D 27 -62.67 -82.06 0.08
C SER D 27 -62.28 -81.42 1.41
N GLN D 28 -63.24 -81.28 2.32
CA GLN D 28 -62.94 -80.76 3.65
C GLN D 28 -61.89 -81.56 4.37
N ALA D 29 -61.96 -82.88 4.25
CA ALA D 29 -61.01 -83.76 4.90
C ALA D 29 -59.57 -83.45 4.38
N LEU D 30 -59.47 -83.21 3.07
CA LEU D 30 -58.19 -82.89 2.45
C LEU D 30 -57.69 -81.50 2.91
N ALA D 31 -58.57 -80.50 2.91
CA ALA D 31 -58.21 -79.20 3.43
C ALA D 31 -57.65 -79.28 4.85
N GLU D 32 -58.29 -80.09 5.68
CA GLU D 32 -57.84 -80.25 7.07
C GLU D 32 -56.43 -80.85 7.07
N ARG D 33 -56.17 -81.84 6.23
CA ARG D 33 -54.85 -82.45 6.15
C ARG D 33 -53.83 -81.44 5.66
N ARG D 34 -54.24 -80.68 4.63
CA ARG D 34 -53.39 -79.71 3.96
C ARG D 34 -52.83 -78.71 4.93
N SER D 35 -53.69 -78.17 5.77
CA SER D 35 -53.24 -77.08 6.63
C SER D 35 -52.20 -77.51 7.68
N ALA D 36 -52.05 -78.81 7.91
CA ALA D 36 -51.00 -79.27 8.83
C ALA D 36 -49.61 -79.33 8.19
N VAL D 37 -49.56 -79.27 6.86
CA VAL D 37 -48.36 -79.70 6.14
C VAL D 37 -47.90 -78.86 4.92
N VAL D 38 -48.81 -78.08 4.33
CA VAL D 38 -48.50 -77.21 3.19
C VAL D 38 -48.37 -75.78 3.70
N ALA D 39 -47.34 -75.04 3.23
CA ALA D 39 -47.12 -73.65 3.72
C ALA D 39 -48.42 -72.86 3.61
N ALA D 40 -48.72 -72.08 4.65
CA ALA D 40 -49.95 -71.33 4.78
C ALA D 40 -50.18 -70.36 3.65
N GLY D 41 -49.11 -69.83 3.08
CA GLY D 41 -49.22 -68.84 2.02
C GLY D 41 -49.66 -69.43 0.71
N VAL D 42 -49.46 -70.73 0.53
CA VAL D 42 -49.84 -71.39 -0.72
C VAL D 42 -51.33 -71.63 -0.67
N ALA D 43 -52.07 -70.73 -1.30
CA ALA D 43 -53.56 -70.77 -1.33
C ALA D 43 -54.01 -71.30 -2.67
N SER D 44 -55.23 -71.81 -2.70
CA SER D 44 -55.80 -72.28 -3.98
C SER D 44 -57.03 -71.48 -4.31
N GLY D 45 -57.23 -71.21 -5.59
CA GLY D 45 -58.38 -70.40 -6.02
C GLY D 45 -59.71 -71.11 -5.82
N VAL D 46 -59.65 -72.44 -5.71
CA VAL D 46 -60.80 -73.30 -5.69
C VAL D 46 -60.71 -74.19 -4.43
N PRO D 47 -61.82 -74.30 -3.64
CA PRO D 47 -61.81 -75.03 -2.37
C PRO D 47 -62.09 -76.53 -2.48
N VAL D 48 -62.36 -77.02 -3.71
CA VAL D 48 -62.65 -78.45 -3.94
C VAL D 48 -61.42 -79.14 -4.52
N TYR D 49 -61.29 -80.43 -4.29
CA TYR D 49 -60.09 -81.20 -4.69
C TYR D 49 -60.41 -82.10 -5.88
N VAL D 50 -59.60 -82.04 -6.94
CA VAL D 50 -59.84 -82.79 -8.18
C VAL D 50 -59.61 -84.29 -8.00
N GLU D 51 -60.46 -85.07 -8.67
CA GLU D 51 -60.27 -86.50 -8.80
C GLU D 51 -60.03 -86.88 -10.25
N ASP D 52 -60.81 -86.27 -11.15
CA ASP D 52 -60.67 -86.48 -12.58
C ASP D 52 -60.89 -85.15 -13.31
N ALA D 53 -60.10 -84.92 -14.35
CA ALA D 53 -60.24 -83.72 -15.17
C ALA D 53 -60.13 -84.13 -16.62
N ASP D 54 -61.12 -83.71 -17.40
CA ASP D 54 -61.29 -84.20 -18.78
C ASP D 54 -62.23 -83.30 -19.56
N GLY D 55 -61.93 -83.10 -20.84
CA GLY D 55 -62.68 -82.16 -21.64
C GLY D 55 -62.73 -80.80 -20.98
N GLY D 56 -63.93 -80.33 -20.70
CA GLY D 56 -64.15 -79.03 -20.09
C GLY D 56 -64.62 -79.14 -18.65
N ILE D 57 -64.33 -80.26 -18.01
CA ILE D 57 -64.86 -80.53 -16.69
C ILE D 57 -63.73 -80.84 -15.70
N ILE D 58 -63.86 -80.29 -14.50
CA ILE D 58 -63.12 -80.71 -13.34
C ILE D 58 -64.11 -81.37 -12.39
N ARG D 59 -63.89 -82.66 -12.11
CA ARG D 59 -64.74 -83.39 -11.19
C ARG D 59 -64.03 -83.60 -9.85
N ASP D 60 -64.68 -83.16 -8.78
CA ASP D 60 -64.05 -83.18 -7.45
C ASP D 60 -64.31 -84.50 -6.74
N VAL D 61 -63.67 -84.68 -5.61
CA VAL D 61 -63.68 -85.95 -4.92
C VAL D 61 -65.05 -86.26 -4.31
N ASP D 62 -65.93 -85.28 -4.29
CA ASP D 62 -67.29 -85.45 -3.77
C ASP D 62 -68.27 -85.52 -4.95
N GLY D 63 -67.76 -85.76 -6.15
CA GLY D 63 -68.60 -86.02 -7.31
C GLY D 63 -69.26 -84.83 -7.95
N ASN D 64 -68.84 -83.63 -7.59
CA ASN D 64 -69.31 -82.41 -8.27
C ASN D 64 -68.54 -82.14 -9.55
N SER D 65 -69.23 -81.67 -10.58
CA SER D 65 -68.60 -81.42 -11.89
C SER D 65 -68.66 -79.94 -12.26
N PHE D 66 -67.48 -79.29 -12.25
CA PHE D 66 -67.37 -77.87 -12.57
C PHE D 66 -66.94 -77.70 -14.00
N ILE D 67 -67.40 -76.61 -14.63
CA ILE D 67 -66.87 -76.24 -15.95
C ILE D 67 -65.49 -75.60 -15.77
N ASP D 68 -64.53 -76.03 -16.56
CA ASP D 68 -63.15 -75.58 -16.44
C ASP D 68 -62.92 -74.53 -17.48
N LEU D 69 -62.90 -73.26 -17.05
CA LEU D 69 -62.58 -72.16 -17.95
C LEU D 69 -61.15 -71.57 -17.69
N GLY D 70 -60.28 -72.35 -17.01
CA GLY D 70 -58.89 -71.93 -16.76
C GLY D 70 -57.79 -72.84 -17.33
N SER D 71 -58.14 -74.08 -17.65
CA SER D 71 -57.23 -75.09 -18.16
C SER D 71 -55.90 -75.10 -17.43
N GLY D 72 -55.96 -74.93 -16.12
CA GLY D 72 -54.75 -74.99 -15.29
C GLY D 72 -53.79 -73.84 -15.55
N ILE D 73 -54.33 -72.66 -15.80
CA ILE D 73 -53.62 -71.51 -16.33
C ILE D 73 -53.02 -71.80 -17.69
N ALA D 74 -53.89 -72.07 -18.66
CA ALA D 74 -53.50 -72.20 -20.08
C ALA D 74 -52.58 -73.40 -20.37
N VAL D 75 -52.61 -74.41 -19.50
CA VAL D 75 -51.72 -75.60 -19.64
C VAL D 75 -52.39 -76.79 -20.39
N THR D 76 -53.55 -77.24 -19.92
CA THR D 76 -54.20 -78.38 -20.50
C THR D 76 -55.06 -77.97 -21.71
N SER D 77 -54.40 -77.44 -22.74
CA SER D 77 -55.11 -76.96 -23.94
C SER D 77 -55.76 -78.10 -24.71
N VAL D 78 -55.04 -79.23 -24.77
CA VAL D 78 -55.54 -80.47 -25.34
C VAL D 78 -56.47 -81.25 -24.40
N GLY D 79 -56.68 -80.72 -23.20
CA GLY D 79 -57.50 -81.39 -22.19
C GLY D 79 -56.61 -82.02 -21.12
N ALA D 80 -57.16 -82.08 -19.91
CA ALA D 80 -56.41 -82.57 -18.77
C ALA D 80 -56.16 -84.06 -18.78
N SER D 81 -56.84 -84.82 -19.64
CA SER D 81 -56.52 -86.24 -19.83
C SER D 81 -56.78 -86.71 -21.28
N ASP D 82 -56.08 -86.08 -22.22
CA ASP D 82 -56.14 -86.46 -23.61
C ASP D 82 -55.65 -87.88 -23.76
N PRO D 83 -56.48 -88.76 -24.33
CA PRO D 83 -56.13 -90.18 -24.49
C PRO D 83 -54.75 -90.40 -25.06
N ALA D 84 -54.40 -89.62 -26.08
CA ALA D 84 -53.10 -89.78 -26.71
C ALA D 84 -51.94 -89.47 -25.72
N VAL D 85 -52.08 -88.34 -25.03
CA VAL D 85 -51.13 -87.94 -24.01
C VAL D 85 -51.04 -89.04 -22.93
N VAL D 86 -52.20 -89.48 -22.46
CA VAL D 86 -52.23 -90.48 -21.40
C VAL D 86 -51.49 -91.75 -21.82
N ALA D 87 -51.83 -92.24 -23.00
CA ALA D 87 -51.22 -93.46 -23.54
C ALA D 87 -49.72 -93.32 -23.69
N ALA D 88 -49.27 -92.17 -24.21
CA ALA D 88 -47.84 -91.94 -24.45
C ALA D 88 -47.04 -91.89 -23.13
N VAL D 89 -47.62 -91.24 -22.11
CA VAL D 89 -47.01 -91.14 -20.80
C VAL D 89 -46.89 -92.54 -20.20
N GLN D 90 -47.98 -93.31 -20.28
CA GLN D 90 -48.02 -94.67 -19.74
C GLN D 90 -46.98 -95.57 -20.39
N GLU D 91 -46.87 -95.48 -21.72
CA GLU D 91 -45.93 -96.29 -22.47
C GLU D 91 -44.49 -95.90 -22.15
N ALA D 92 -44.20 -94.60 -22.18
CA ALA D 92 -42.83 -94.08 -21.94
C ALA D 92 -42.29 -94.38 -20.53
N ALA D 93 -43.15 -94.27 -19.53
CA ALA D 93 -42.75 -94.50 -18.14
C ALA D 93 -42.30 -95.93 -17.91
N ALA D 94 -42.86 -96.87 -18.69
CA ALA D 94 -42.52 -98.28 -18.57
C ALA D 94 -41.09 -98.62 -19.03
N HIS D 95 -40.51 -97.76 -19.87
CA HIS D 95 -39.17 -97.99 -20.40
C HIS D 95 -38.08 -97.41 -19.56
N PHE D 96 -38.27 -96.14 -19.17
CA PHE D 96 -37.38 -95.41 -18.23
C PHE D 96 -38.00 -94.06 -17.92
N THR D 97 -37.93 -93.66 -16.66
CA THR D 97 -38.49 -92.39 -16.20
C THR D 97 -37.56 -91.19 -16.46
N HIS D 98 -36.25 -91.47 -16.45
CA HIS D 98 -35.26 -90.44 -16.48
C HIS D 98 -33.90 -91.07 -16.66
N THR D 99 -33.08 -90.50 -17.54
CA THR D 99 -31.65 -90.79 -17.54
C THR D 99 -30.74 -89.54 -17.55
N CYS D 100 -31.36 -88.36 -17.60
CA CYS D 100 -30.68 -87.05 -17.79
C CYS D 100 -30.03 -86.93 -19.16
N PHE D 101 -30.65 -86.16 -20.03
CA PHE D 101 -30.18 -86.02 -21.40
C PHE D 101 -28.68 -85.69 -21.50
N MET D 102 -28.17 -84.83 -20.61
CA MET D 102 -26.75 -84.49 -20.61
C MET D 102 -25.84 -85.68 -20.28
N VAL D 103 -26.38 -86.76 -19.70
CA VAL D 103 -25.59 -87.99 -19.45
C VAL D 103 -25.86 -89.02 -20.56
N THR D 104 -27.06 -89.64 -20.56
CA THR D 104 -27.47 -90.61 -21.58
C THR D 104 -28.67 -90.09 -22.35
N PRO D 105 -28.50 -89.79 -23.64
CA PRO D 105 -29.56 -89.13 -24.36
C PRO D 105 -30.60 -90.14 -24.81
N TYR D 106 -31.67 -89.63 -25.43
CA TYR D 106 -32.80 -90.45 -25.83
C TYR D 106 -33.66 -89.76 -26.89
N GLU D 107 -34.40 -90.58 -27.64
CA GLU D 107 -35.09 -90.13 -28.85
C GLU D 107 -36.13 -89.06 -28.55
N GLY D 108 -36.86 -89.21 -27.45
CA GLY D 108 -37.93 -88.29 -27.10
C GLY D 108 -37.53 -86.81 -27.11
N TYR D 109 -36.34 -86.55 -26.59
CA TYR D 109 -35.82 -85.18 -26.52
C TYR D 109 -35.63 -84.70 -27.93
N VAL D 110 -34.86 -85.46 -28.72
CA VAL D 110 -34.57 -85.08 -30.09
C VAL D 110 -35.86 -84.84 -30.86
N ALA D 111 -36.82 -85.75 -30.68
CA ALA D 111 -38.07 -85.68 -31.41
C ALA D 111 -38.84 -84.39 -31.10
N VAL D 112 -38.94 -84.05 -29.82
CA VAL D 112 -39.69 -82.87 -29.40
C VAL D 112 -39.04 -81.67 -30.06
N THR D 113 -37.73 -81.69 -29.96
CA THR D 113 -36.85 -80.72 -30.59
C THR D 113 -37.10 -80.54 -32.10
N GLU D 114 -37.37 -81.63 -32.81
CA GLU D 114 -37.70 -81.58 -34.25
C GLU D 114 -39.03 -80.88 -34.50
N GLN D 115 -40.02 -81.21 -33.70
CA GLN D 115 -41.33 -80.60 -33.85
C GLN D 115 -41.30 -79.10 -33.60
N LEU D 116 -40.56 -78.68 -32.59
CA LEU D 116 -40.54 -77.25 -32.23
C LEU D 116 -39.84 -76.45 -33.32
N ASN D 117 -38.77 -77.03 -33.87
CA ASN D 117 -38.11 -76.43 -35.03
C ASN D 117 -39.08 -76.20 -36.16
N ARG D 118 -39.91 -77.21 -36.41
CA ARG D 118 -40.85 -77.17 -37.51
C ARG D 118 -41.97 -76.18 -37.28
N LEU D 119 -42.53 -76.15 -36.07
CA LEU D 119 -43.77 -75.42 -35.80
C LEU D 119 -43.58 -73.95 -35.46
N THR D 120 -42.38 -73.57 -35.07
CA THR D 120 -42.11 -72.19 -34.65
C THR D 120 -41.97 -71.32 -35.90
N PRO D 121 -42.18 -70.01 -35.76
CA PRO D 121 -42.03 -69.12 -36.90
C PRO D 121 -40.63 -69.03 -37.50
N GLY D 122 -40.61 -68.63 -38.77
CA GLY D 122 -39.37 -68.43 -39.51
C GLY D 122 -38.82 -69.69 -40.14
N ASP D 123 -38.10 -69.51 -41.26
CA ASP D 123 -37.53 -70.60 -42.05
C ASP D 123 -36.03 -70.69 -41.92
N HIS D 124 -35.45 -69.78 -41.13
CA HIS D 124 -34.00 -69.80 -40.84
C HIS D 124 -33.60 -70.99 -39.99
N ALA D 125 -32.30 -71.23 -39.88
CA ALA D 125 -31.80 -72.34 -39.06
C ALA D 125 -32.15 -72.07 -37.59
N LYS D 126 -32.79 -73.04 -36.95
CA LYS D 126 -33.16 -72.91 -35.56
C LYS D 126 -32.66 -74.12 -34.74
N ARG D 127 -32.46 -73.91 -33.45
CA ARG D 127 -32.09 -74.99 -32.53
C ARG D 127 -32.91 -74.87 -31.25
N THR D 128 -32.96 -75.94 -30.48
CA THR D 128 -33.76 -75.96 -29.27
C THR D 128 -33.01 -76.59 -28.08
N VAL D 129 -33.31 -76.13 -26.88
CA VAL D 129 -32.92 -76.82 -25.63
C VAL D 129 -34.17 -76.91 -24.75
N LEU D 130 -34.22 -77.94 -23.91
CA LEU D 130 -35.41 -78.21 -23.11
C LEU D 130 -35.13 -78.10 -21.63
N PHE D 131 -36.13 -77.65 -20.89
CA PHE D 131 -36.05 -77.60 -19.45
C PHE D 131 -37.38 -78.05 -18.86
N ASN D 132 -37.67 -77.67 -17.62
CA ASN D 132 -38.90 -78.07 -16.94
C ASN D 132 -39.94 -76.98 -16.86
N SER D 133 -39.57 -75.79 -16.35
CA SER D 133 -40.56 -74.71 -16.12
C SER D 133 -40.43 -73.55 -17.06
N GLY D 134 -41.48 -72.76 -17.14
CA GLY D 134 -41.47 -71.52 -17.92
C GLY D 134 -40.39 -70.58 -17.45
N ALA D 135 -40.29 -70.43 -16.13
CA ALA D 135 -39.22 -69.59 -15.59
C ALA D 135 -37.83 -70.10 -16.04
N GLU D 136 -37.62 -71.42 -16.05
CA GLU D 136 -36.34 -71.92 -16.50
C GLU D 136 -36.12 -71.58 -18.00
N ALA D 137 -37.20 -71.67 -18.78
CA ALA D 137 -37.11 -71.30 -20.22
C ALA D 137 -36.66 -69.83 -20.37
N VAL D 138 -37.30 -68.92 -19.66
CA VAL D 138 -36.96 -67.54 -19.77
C VAL D 138 -35.53 -67.28 -19.28
N GLU D 139 -35.17 -67.85 -18.14
CA GLU D 139 -33.81 -67.75 -17.63
C GLU D 139 -32.82 -68.14 -18.69
N ASN D 140 -33.09 -69.24 -19.38
CA ASN D 140 -32.15 -69.73 -20.41
C ASN D 140 -32.12 -68.89 -21.69
N ALA D 141 -33.27 -68.35 -22.09
CA ALA D 141 -33.30 -67.40 -23.22
C ALA D 141 -32.38 -66.20 -22.92
N VAL D 142 -32.46 -65.69 -21.70
CA VAL D 142 -31.65 -64.55 -21.32
C VAL D 142 -30.16 -64.94 -21.24
N LYS D 143 -29.86 -66.11 -20.69
CA LYS D 143 -28.49 -66.60 -20.70
C LYS D 143 -27.93 -66.59 -22.11
N VAL D 144 -28.71 -67.05 -23.08
CA VAL D 144 -28.23 -67.19 -24.44
C VAL D 144 -28.03 -65.81 -25.05
N ALA D 145 -29.00 -64.92 -24.85
CA ALA D 145 -28.88 -63.56 -25.37
C ALA D 145 -27.65 -62.89 -24.82
N ARG D 146 -27.44 -63.02 -23.52
CA ARG D 146 -26.31 -62.35 -22.89
C ARG D 146 -24.94 -62.89 -23.36
N LEU D 147 -24.79 -64.21 -23.42
CA LEU D 147 -23.56 -64.81 -23.92
C LEU D 147 -23.36 -64.50 -25.42
N ALA D 148 -24.39 -64.67 -26.24
CA ALA D 148 -24.22 -64.51 -27.72
C ALA D 148 -23.89 -63.10 -28.07
N THR D 149 -24.51 -62.12 -27.43
CA THR D 149 -24.32 -60.73 -27.81
C THR D 149 -23.14 -60.11 -27.12
N GLY D 150 -22.70 -60.70 -26.02
CA GLY D 150 -21.69 -60.08 -25.19
C GLY D 150 -22.18 -58.85 -24.43
N ARG D 151 -23.50 -58.64 -24.36
CA ARG D 151 -24.03 -57.53 -23.59
C ARG D 151 -24.80 -57.97 -22.31
N ASP D 152 -25.13 -56.97 -21.46
CA ASP D 152 -25.71 -57.17 -20.12
C ASP D 152 -27.21 -56.89 -20.06
N ALA D 153 -27.60 -55.72 -20.54
CA ALA D 153 -28.92 -55.23 -20.28
C ALA D 153 -30.03 -56.07 -20.95
N VAL D 154 -31.14 -56.26 -20.24
CA VAL D 154 -32.31 -56.89 -20.79
C VAL D 154 -33.50 -55.96 -20.57
N VAL D 155 -34.27 -55.64 -21.61
CA VAL D 155 -35.48 -54.81 -21.36
C VAL D 155 -36.74 -55.67 -21.30
N ALA D 156 -37.54 -55.40 -20.28
CA ALA D 156 -38.87 -55.99 -20.10
C ALA D 156 -39.87 -54.85 -20.03
N PHE D 157 -41.16 -55.18 -19.99
CA PHE D 157 -42.18 -54.15 -20.12
C PHE D 157 -43.09 -54.01 -18.92
N ASP D 158 -43.76 -52.86 -18.81
CA ASP D 158 -44.84 -52.71 -17.87
C ASP D 158 -45.84 -53.84 -18.12
N HIS D 159 -46.47 -54.31 -17.05
CA HIS D 159 -47.45 -55.39 -17.10
C HIS D 159 -46.88 -56.73 -17.48
N ALA D 160 -45.56 -56.84 -17.57
CA ALA D 160 -44.93 -58.14 -17.86
C ALA D 160 -45.04 -59.13 -16.69
N TYR D 161 -45.12 -60.41 -17.02
CA TYR D 161 -44.92 -61.48 -16.06
C TYR D 161 -44.10 -62.57 -16.73
N HIS D 162 -42.99 -62.97 -16.10
CA HIS D 162 -42.11 -63.98 -16.68
C HIS D 162 -41.65 -65.03 -15.71
N GLY D 163 -42.11 -64.99 -14.44
CA GLY D 163 -41.79 -66.06 -13.50
C GLY D 163 -41.34 -65.67 -12.11
N ARG D 164 -41.01 -66.69 -11.34
CA ARG D 164 -40.82 -66.57 -9.89
C ARG D 164 -39.42 -66.91 -9.37
N THR D 165 -38.49 -67.17 -10.28
CA THR D 165 -37.08 -67.16 -9.91
C THR D 165 -36.61 -65.71 -9.74
N ASN D 166 -35.43 -65.53 -9.19
CA ASN D 166 -34.96 -64.15 -8.92
C ASN D 166 -34.90 -63.26 -10.17
N LEU D 167 -34.31 -63.75 -11.24
CA LEU D 167 -34.25 -62.99 -12.49
C LEU D 167 -35.65 -62.82 -13.09
N THR D 168 -36.46 -63.89 -13.09
CA THR D 168 -37.79 -63.79 -13.72
C THR D 168 -38.71 -62.90 -12.90
N MET D 169 -38.46 -62.84 -11.59
CA MET D 169 -39.13 -61.86 -10.75
C MET D 169 -38.68 -60.48 -11.18
N ALA D 170 -37.38 -60.32 -11.36
CA ALA D 170 -36.85 -59.03 -11.80
C ALA D 170 -37.51 -58.60 -13.08
N LEU D 171 -37.62 -59.53 -14.04
CA LEU D 171 -38.28 -59.26 -15.33
C LEU D 171 -39.77 -58.98 -15.16
N THR D 172 -40.39 -59.58 -14.15
CA THR D 172 -41.80 -59.37 -13.86
C THR D 172 -42.06 -57.97 -13.32
N ALA D 173 -43.16 -57.37 -13.74
CA ALA D 173 -43.50 -55.99 -13.35
C ALA D 173 -44.20 -55.90 -11.99
N LYS D 174 -45.26 -56.67 -11.79
CA LYS D 174 -46.10 -56.51 -10.62
C LYS D 174 -45.44 -57.08 -9.36
N ALA D 175 -45.40 -56.28 -8.28
CA ALA D 175 -44.74 -56.68 -7.05
C ALA D 175 -45.60 -57.63 -6.16
N MET D 176 -46.92 -57.44 -6.10
CA MET D 176 -47.80 -58.30 -5.25
C MET D 176 -48.55 -59.35 -6.06
N PRO D 177 -48.32 -60.65 -5.76
CA PRO D 177 -47.48 -61.26 -4.73
C PRO D 177 -46.12 -61.74 -5.19
N TYR D 178 -45.77 -61.46 -6.44
CA TYR D 178 -44.64 -62.15 -7.08
C TYR D 178 -43.25 -61.74 -6.57
N LYS D 179 -43.13 -60.53 -6.06
CA LYS D 179 -41.81 -59.95 -5.72
C LYS D 179 -41.61 -59.44 -4.28
N THR D 180 -42.66 -58.94 -3.65
CA THR D 180 -42.55 -58.31 -2.37
C THR D 180 -41.68 -59.11 -1.42
N ASN D 181 -40.67 -58.46 -0.89
CA ASN D 181 -39.76 -58.99 0.10
C ASN D 181 -38.90 -60.15 -0.37
N PHE D 182 -38.89 -60.43 -1.66
CA PHE D 182 -38.05 -61.53 -2.18
C PHE D 182 -36.73 -61.11 -2.79
N GLY D 183 -36.49 -59.82 -2.90
CA GLY D 183 -35.23 -59.30 -3.50
C GLY D 183 -34.04 -59.40 -2.54
N PRO D 184 -32.92 -58.74 -2.87
CA PRO D 184 -32.67 -57.90 -4.07
C PRO D 184 -32.64 -58.67 -5.36
N PHE D 185 -33.06 -58.01 -6.44
CA PHE D 185 -33.28 -58.70 -7.72
C PHE D 185 -32.11 -58.60 -8.68
N ALA D 186 -32.05 -59.55 -9.59
CA ALA D 186 -30.99 -59.66 -10.59
C ALA D 186 -30.77 -58.35 -11.33
N PRO D 187 -29.50 -57.97 -11.50
CA PRO D 187 -29.23 -56.67 -12.04
C PRO D 187 -29.33 -56.56 -13.57
N GLU D 188 -29.33 -55.32 -14.04
CA GLU D 188 -29.33 -54.95 -15.42
C GLU D 188 -30.59 -55.36 -16.15
N VAL D 189 -31.72 -55.15 -15.49
CA VAL D 189 -33.02 -55.31 -16.10
C VAL D 189 -33.66 -53.93 -16.12
N TYR D 190 -34.17 -53.53 -17.27
CA TYR D 190 -34.76 -52.19 -17.44
C TYR D 190 -36.19 -52.36 -17.91
N ARG D 191 -37.07 -51.48 -17.45
CA ARG D 191 -38.49 -51.61 -17.74
C ARG D 191 -38.96 -50.48 -18.65
N MET D 192 -39.75 -50.82 -19.64
CA MET D 192 -40.17 -49.85 -20.67
C MET D 192 -41.69 -49.86 -20.82
N PRO D 193 -42.25 -48.80 -21.40
CA PRO D 193 -43.71 -48.70 -21.51
C PRO D 193 -44.29 -49.61 -22.55
N MET D 194 -45.45 -50.17 -22.21
CA MET D 194 -46.13 -51.16 -23.03
C MET D 194 -47.15 -50.43 -23.89
N SER D 195 -47.55 -51.08 -24.98
CA SER D 195 -48.71 -50.64 -25.74
C SER D 195 -49.94 -51.29 -25.12
N TYR D 196 -50.73 -50.50 -24.41
CA TYR D 196 -51.89 -50.95 -23.66
C TYR D 196 -53.04 -50.02 -24.03
N PRO D 197 -53.65 -50.23 -25.19
CA PRO D 197 -54.62 -49.31 -25.79
C PRO D 197 -55.64 -48.74 -24.84
N PHE D 198 -56.25 -49.61 -24.03
CA PHE D 198 -57.35 -49.19 -23.19
C PHE D 198 -56.95 -48.14 -22.15
N ARG D 199 -55.66 -48.11 -21.80
CA ARG D 199 -55.19 -47.15 -20.78
C ARG D 199 -54.14 -46.17 -21.23
N GLU D 200 -53.94 -46.05 -22.52
CA GLU D 200 -53.03 -45.03 -23.05
C GLU D 200 -53.52 -43.65 -22.67
N GLU D 201 -52.60 -42.80 -22.22
CA GLU D 201 -52.94 -41.42 -21.89
C GLU D 201 -53.44 -40.65 -23.11
N ASN D 202 -52.88 -40.97 -24.28
CA ASN D 202 -53.39 -40.48 -25.55
C ASN D 202 -54.08 -41.62 -26.31
N PRO D 203 -55.43 -41.66 -26.26
CA PRO D 203 -56.16 -42.84 -26.77
C PRO D 203 -55.94 -43.07 -28.24
N GLU D 204 -55.57 -42.03 -28.97
CA GLU D 204 -55.32 -42.13 -30.42
C GLU D 204 -53.94 -42.72 -30.81
N ILE D 205 -53.08 -42.97 -29.82
CA ILE D 205 -51.73 -43.46 -30.11
C ILE D 205 -51.74 -44.75 -30.93
N THR D 206 -50.78 -44.84 -31.82
CA THR D 206 -50.61 -45.94 -32.74
C THR D 206 -49.58 -46.94 -32.26
N GLY D 207 -49.66 -48.18 -32.71
CA GLY D 207 -48.70 -49.19 -32.37
C GLY D 207 -47.29 -48.77 -32.71
N ALA D 208 -47.10 -48.33 -33.95
CA ALA D 208 -45.81 -47.79 -34.38
C ALA D 208 -45.35 -46.66 -33.44
N GLU D 209 -46.27 -45.77 -33.06
CA GLU D 209 -45.92 -44.65 -32.19
C GLU D 209 -45.55 -45.12 -30.77
N ALA D 210 -46.24 -46.15 -30.29
CA ALA D 210 -45.97 -46.75 -28.96
C ALA D 210 -44.61 -47.45 -28.94
N ALA D 211 -44.30 -48.11 -30.05
CA ALA D 211 -42.98 -48.69 -30.26
C ALA D 211 -41.89 -47.61 -30.29
N LYS D 212 -42.16 -46.49 -30.97
CA LYS D 212 -41.17 -45.42 -31.06
C LYS D 212 -40.90 -44.83 -29.66
N ARG D 213 -41.95 -44.72 -28.86
CA ARG D 213 -41.85 -44.22 -27.49
C ARG D 213 -40.93 -45.12 -26.70
N ALA D 214 -41.14 -46.44 -26.81
CA ALA D 214 -40.31 -47.42 -26.12
C ALA D 214 -38.87 -47.32 -26.66
N ILE D 215 -38.73 -47.27 -27.99
CA ILE D 215 -37.40 -47.31 -28.60
C ILE D 215 -36.55 -46.11 -28.20
N THR D 216 -37.13 -44.92 -28.25
CA THR D 216 -36.41 -43.70 -27.88
C THR D 216 -35.96 -43.83 -26.43
N MET D 217 -36.86 -44.30 -25.58
CA MET D 217 -36.54 -44.44 -24.13
C MET D 217 -35.39 -45.41 -23.93
N ILE D 218 -35.42 -46.55 -24.64
CA ILE D 218 -34.34 -47.55 -24.55
C ILE D 218 -33.02 -46.95 -24.99
N GLU D 219 -33.08 -46.22 -26.10
CA GLU D 219 -31.88 -45.66 -26.69
C GLU D 219 -31.31 -44.63 -25.74
N LYS D 220 -32.17 -43.80 -25.17
CA LYS D 220 -31.70 -42.71 -24.33
C LYS D 220 -31.22 -43.21 -22.97
N GLN D 221 -31.85 -44.27 -22.44
CA GLN D 221 -31.59 -44.72 -21.06
C GLN D 221 -30.66 -45.95 -20.94
N ILE D 222 -30.42 -46.63 -22.05
CA ILE D 222 -29.48 -47.75 -22.09
C ILE D 222 -28.54 -47.65 -23.31
N GLY D 223 -29.14 -47.45 -24.48
CA GLY D 223 -28.41 -47.45 -25.75
C GLY D 223 -28.62 -48.79 -26.43
N GLY D 224 -29.11 -48.76 -27.66
CA GLY D 224 -29.40 -49.96 -28.43
C GLY D 224 -28.25 -50.97 -28.46
N ASP D 225 -27.02 -50.49 -28.59
CA ASP D 225 -25.88 -51.38 -28.69
C ASP D 225 -25.48 -52.01 -27.34
N GLN D 226 -26.14 -51.60 -26.26
CA GLN D 226 -25.88 -52.14 -24.91
C GLN D 226 -26.90 -53.19 -24.46
N VAL D 227 -27.95 -53.41 -25.26
CA VAL D 227 -29.02 -54.28 -24.85
C VAL D 227 -28.79 -55.67 -25.44
N ALA D 228 -28.70 -56.65 -24.57
CA ALA D 228 -28.58 -58.04 -24.97
C ALA D 228 -29.91 -58.58 -25.54
N ALA D 229 -31.04 -58.21 -24.89
CA ALA D 229 -32.33 -58.74 -25.27
C ALA D 229 -33.48 -57.87 -24.93
N ILE D 230 -34.49 -57.89 -25.77
CA ILE D 230 -35.81 -57.36 -25.44
C ILE D 230 -36.68 -58.56 -25.27
N ILE D 231 -37.37 -58.66 -24.14
CA ILE D 231 -38.29 -59.77 -23.89
C ILE D 231 -39.73 -59.26 -23.72
N ILE D 232 -40.67 -59.82 -24.48
CA ILE D 232 -42.05 -59.37 -24.41
C ILE D 232 -42.97 -60.56 -24.69
N GLU D 233 -44.11 -60.54 -24.02
CA GLU D 233 -45.19 -61.46 -24.28
C GLU D 233 -46.03 -60.82 -25.37
N PRO D 234 -46.25 -61.53 -26.48
CA PRO D 234 -47.11 -60.98 -27.53
C PRO D 234 -48.52 -60.63 -27.04
N ILE D 235 -49.05 -61.48 -26.18
CA ILE D 235 -50.20 -61.10 -25.38
C ILE D 235 -49.79 -61.30 -23.92
N GLN D 236 -49.86 -60.23 -23.14
CA GLN D 236 -49.38 -60.26 -21.75
C GLN D 236 -50.40 -60.99 -20.90
N GLY D 237 -49.98 -62.06 -20.23
CA GLY D 237 -50.91 -62.94 -19.53
C GLY D 237 -51.38 -62.37 -18.21
N GLU D 238 -50.62 -62.65 -17.16
CA GLU D 238 -50.98 -62.22 -15.80
C GLU D 238 -51.20 -60.72 -15.76
N GLY D 239 -50.54 -59.98 -16.65
CA GLY D 239 -50.68 -58.51 -16.71
C GLY D 239 -52.09 -58.07 -17.06
N GLY D 240 -52.87 -58.95 -17.67
CA GLY D 240 -54.27 -58.67 -17.98
C GLY D 240 -54.71 -58.93 -19.41
N PHE D 241 -54.04 -59.88 -20.07
CA PHE D 241 -54.36 -60.21 -21.46
C PHE D 241 -54.34 -58.93 -22.29
N ILE D 242 -53.25 -58.17 -22.13
CA ILE D 242 -53.05 -56.95 -22.87
C ILE D 242 -52.54 -57.31 -24.25
N VAL D 243 -53.31 -56.92 -25.26
CA VAL D 243 -52.89 -57.06 -26.68
C VAL D 243 -52.40 -55.70 -27.16
N PRO D 244 -51.16 -55.64 -27.66
CA PRO D 244 -50.60 -54.36 -28.07
C PRO D 244 -51.28 -53.92 -29.34
N ALA D 245 -51.26 -52.63 -29.60
CA ALA D 245 -51.78 -52.07 -30.83
C ALA D 245 -51.03 -52.66 -32.01
N GLU D 246 -51.76 -52.82 -33.11
CA GLU D 246 -51.17 -53.32 -34.35
C GLU D 246 -49.96 -52.47 -34.68
N GLY D 247 -48.85 -53.12 -35.05
CA GLY D 247 -47.64 -52.41 -35.51
C GLY D 247 -46.53 -52.25 -34.47
N PHE D 248 -46.89 -52.45 -33.21
CA PHE D 248 -45.96 -52.35 -32.10
C PHE D 248 -44.93 -53.47 -32.15
N LEU D 249 -45.39 -54.72 -32.14
CA LEU D 249 -44.46 -55.83 -32.11
C LEU D 249 -43.51 -55.86 -33.32
N PRO D 250 -44.03 -55.63 -34.56
CA PRO D 250 -43.11 -55.57 -35.70
C PRO D 250 -42.08 -54.46 -35.60
N ALA D 251 -42.47 -53.29 -35.10
CA ALA D 251 -41.49 -52.19 -34.96
C ALA D 251 -40.37 -52.57 -34.01
N LEU D 252 -40.71 -53.14 -32.86
CA LEU D 252 -39.70 -53.61 -31.91
C LEU D 252 -38.81 -54.66 -32.55
N SER D 253 -39.40 -55.58 -33.28
CA SER D 253 -38.64 -56.65 -33.93
C SER D 253 -37.64 -56.07 -34.92
N GLU D 254 -38.11 -55.13 -35.73
CA GLU D 254 -37.28 -54.52 -36.78
C GLU D 254 -36.09 -53.80 -36.14
N TRP D 255 -36.38 -53.04 -35.10
CA TRP D 255 -35.38 -52.28 -34.40
C TRP D 255 -34.38 -53.16 -33.71
N ALA D 256 -34.85 -54.25 -33.12
CA ALA D 256 -33.97 -55.17 -32.43
C ALA D 256 -32.95 -55.72 -33.43
N LYS D 257 -33.42 -56.05 -34.63
CA LYS D 257 -32.56 -56.61 -35.70
C LYS D 257 -31.53 -55.56 -36.07
N GLU D 258 -31.98 -54.33 -36.25
CA GLU D 258 -31.10 -53.21 -36.52
C GLU D 258 -29.95 -53.09 -35.54
N LYS D 259 -30.24 -53.24 -34.26
CA LYS D 259 -29.28 -52.98 -33.20
C LYS D 259 -28.57 -54.21 -32.68
N GLY D 260 -28.78 -55.37 -33.30
CA GLY D 260 -28.15 -56.61 -32.85
C GLY D 260 -28.65 -57.11 -31.51
N ILE D 261 -29.87 -56.72 -31.17
CA ILE D 261 -30.51 -57.11 -29.94
C ILE D 261 -31.36 -58.35 -30.15
N VAL D 262 -31.20 -59.35 -29.27
CA VAL D 262 -31.96 -60.57 -29.34
C VAL D 262 -33.40 -60.31 -28.92
N PHE D 263 -34.35 -60.54 -29.84
CA PHE D 263 -35.78 -60.33 -29.56
C PHE D 263 -36.40 -61.64 -29.06
N ILE D 264 -36.78 -61.67 -27.77
CA ILE D 264 -37.32 -62.86 -27.14
C ILE D 264 -38.82 -62.75 -27.00
N ALA D 265 -39.56 -63.66 -27.65
CA ALA D 265 -41.01 -63.71 -27.50
C ALA D 265 -41.35 -64.71 -26.42
N ASP D 266 -41.97 -64.24 -25.34
CA ASP D 266 -42.34 -65.15 -24.29
C ASP D 266 -43.73 -65.67 -24.58
N GLU D 267 -43.76 -66.88 -25.13
CA GLU D 267 -45.00 -67.53 -25.51
C GLU D 267 -45.34 -68.70 -24.57
N VAL D 268 -44.91 -68.62 -23.31
CA VAL D 268 -45.18 -69.69 -22.37
C VAL D 268 -46.69 -69.85 -22.23
N GLN D 269 -47.43 -68.75 -22.16
CA GLN D 269 -48.88 -68.83 -21.96
C GLN D 269 -49.61 -68.78 -23.30
N SER D 270 -49.14 -67.95 -24.22
CA SER D 270 -49.82 -67.76 -25.51
C SER D 270 -49.51 -68.84 -26.58
N GLY D 271 -48.48 -69.64 -26.36
CA GLY D 271 -48.06 -70.61 -27.36
C GLY D 271 -48.96 -71.85 -27.52
N PHE D 272 -48.69 -72.60 -28.56
CA PHE D 272 -49.38 -73.87 -28.89
C PHE D 272 -50.89 -73.74 -29.02
N CYS D 273 -51.28 -72.97 -30.03
CA CYS D 273 -52.67 -72.90 -30.54
C CYS D 273 -53.60 -72.06 -29.71
N ARG D 274 -53.14 -71.61 -28.55
CA ARG D 274 -53.98 -70.92 -27.58
C ARG D 274 -54.68 -69.71 -28.19
N THR D 275 -54.02 -69.02 -29.11
CA THR D 275 -54.58 -67.80 -29.70
C THR D 275 -55.24 -68.03 -31.08
N GLY D 276 -55.28 -69.27 -31.54
CA GLY D 276 -55.83 -69.59 -32.87
C GLY D 276 -54.78 -69.71 -33.94
N GLU D 277 -53.52 -69.48 -33.57
CA GLU D 277 -52.37 -69.74 -34.43
C GLU D 277 -51.41 -70.52 -33.56
N TRP D 278 -50.44 -71.17 -34.17
CA TRP D 278 -49.46 -71.89 -33.37
C TRP D 278 -48.81 -71.03 -32.31
N PHE D 279 -48.43 -69.81 -32.68
CA PHE D 279 -47.86 -68.87 -31.76
C PHE D 279 -48.48 -67.48 -31.93
N ALA D 280 -48.63 -66.76 -30.84
CA ALA D 280 -49.29 -65.48 -30.88
C ALA D 280 -48.65 -64.52 -31.88
N VAL D 281 -47.35 -64.67 -32.05
CA VAL D 281 -46.60 -63.78 -32.93
C VAL D 281 -47.05 -63.94 -34.37
N ASP D 282 -47.60 -65.12 -34.69
CA ASP D 282 -48.06 -65.42 -36.05
C ASP D 282 -49.20 -64.52 -36.52
N HIS D 283 -50.00 -64.00 -35.58
CA HIS D 283 -51.03 -63.02 -35.91
C HIS D 283 -50.47 -61.88 -36.70
N GLU D 284 -49.31 -61.33 -36.29
CA GLU D 284 -48.69 -60.21 -37.00
C GLU D 284 -47.48 -60.58 -37.84
N GLY D 285 -47.16 -61.87 -37.89
CA GLY D 285 -46.07 -62.36 -38.72
C GLY D 285 -44.69 -62.00 -38.19
N VAL D 286 -44.61 -61.69 -36.91
CA VAL D 286 -43.34 -61.41 -36.29
C VAL D 286 -42.55 -62.70 -36.09
N VAL D 287 -41.24 -62.67 -36.34
CA VAL D 287 -40.35 -63.85 -36.29
C VAL D 287 -39.28 -63.63 -35.23
N PRO D 288 -39.52 -64.10 -34.01
CA PRO D 288 -38.59 -63.84 -32.92
C PRO D 288 -37.26 -64.51 -33.07
N ASP D 289 -36.23 -63.93 -32.45
CA ASP D 289 -34.89 -64.52 -32.44
C ASP D 289 -34.82 -65.71 -31.51
N ILE D 290 -35.51 -65.62 -30.37
CA ILE D 290 -35.68 -66.77 -29.46
C ILE D 290 -37.09 -66.74 -29.00
N ILE D 291 -37.67 -67.91 -28.80
CA ILE D 291 -39.01 -67.96 -28.26
C ILE D 291 -39.05 -68.95 -27.10
N THR D 292 -39.63 -68.52 -25.97
CA THR D 292 -39.75 -69.34 -24.77
C THR D 292 -41.13 -70.01 -24.70
N MET D 293 -41.11 -71.28 -24.34
CA MET D 293 -42.30 -72.10 -24.29
C MET D 293 -42.40 -72.95 -23.02
N ALA D 294 -43.65 -73.16 -22.57
CA ALA D 294 -43.97 -74.15 -21.51
C ALA D 294 -45.47 -74.43 -21.49
N LYS D 295 -46.06 -74.47 -20.31
CA LYS D 295 -47.51 -74.61 -20.13
C LYS D 295 -48.10 -75.65 -21.13
N GLY D 296 -48.69 -75.19 -22.21
CA GLY D 296 -49.39 -76.07 -23.15
C GLY D 296 -48.59 -77.12 -23.88
N ILE D 297 -47.28 -76.94 -23.92
CA ILE D 297 -46.41 -77.79 -24.74
C ILE D 297 -46.61 -79.31 -24.51
N ALA D 298 -46.81 -79.74 -23.28
CA ALA D 298 -46.75 -81.18 -22.96
C ALA D 298 -48.02 -81.71 -22.31
N GLY D 299 -49.15 -81.09 -22.66
CA GLY D 299 -50.46 -81.54 -22.20
C GLY D 299 -50.58 -81.72 -20.69
N GLY D 300 -49.80 -80.96 -19.92
CA GLY D 300 -49.90 -81.02 -18.47
C GLY D 300 -48.66 -81.52 -17.80
N LEU D 301 -47.83 -82.27 -18.50
CA LEU D 301 -46.58 -82.72 -17.91
C LEU D 301 -45.57 -81.55 -17.82
N PRO D 302 -44.63 -81.62 -16.88
CA PRO D 302 -43.67 -80.54 -16.74
C PRO D 302 -42.59 -80.54 -17.81
N LEU D 303 -42.78 -79.68 -18.81
CA LEU D 303 -41.76 -79.46 -19.86
C LEU D 303 -41.76 -78.01 -20.28
N SER D 304 -40.59 -77.51 -20.63
CA SER D 304 -40.44 -76.18 -21.18
C SER D 304 -39.35 -76.19 -22.26
N ALA D 305 -39.24 -75.12 -23.03
CA ALA D 305 -38.24 -75.05 -24.11
C ALA D 305 -37.89 -73.65 -24.47
N ILE D 306 -36.68 -73.47 -24.99
CA ILE D 306 -36.37 -72.32 -25.83
C ILE D 306 -36.04 -72.81 -27.24
N THR D 307 -36.58 -72.12 -28.24
CA THR D 307 -36.20 -72.36 -29.62
C THR D 307 -35.81 -71.04 -30.25
N GLY D 308 -34.62 -70.99 -30.83
CA GLY D 308 -34.12 -69.77 -31.47
C GLY D 308 -33.09 -69.99 -32.56
N ARG D 309 -32.62 -68.89 -33.10
CA ARG D 309 -31.62 -68.89 -34.18
C ARG D 309 -30.44 -69.77 -33.82
N ALA D 310 -30.03 -70.62 -34.75
CA ALA D 310 -28.89 -71.53 -34.56
C ALA D 310 -27.66 -70.74 -34.16
N ASP D 311 -27.42 -69.61 -34.81
CA ASP D 311 -26.18 -68.87 -34.55
C ASP D 311 -26.12 -68.33 -33.13
N LEU D 312 -27.28 -68.00 -32.56
CA LEU D 312 -27.37 -67.60 -31.15
C LEU D 312 -27.18 -68.80 -30.21
N LEU D 313 -28.06 -69.79 -30.31
CA LEU D 313 -28.00 -70.91 -29.38
C LEU D 313 -26.69 -71.70 -29.48
N ASP D 314 -26.17 -71.86 -30.68
CA ASP D 314 -24.95 -72.63 -30.86
C ASP D 314 -23.74 -71.91 -30.32
N ALA D 315 -23.88 -70.62 -30.07
CA ALA D 315 -22.77 -69.85 -29.48
C ALA D 315 -22.40 -70.31 -28.03
N VAL D 316 -23.38 -70.89 -27.31
CA VAL D 316 -23.19 -71.25 -25.90
C VAL D 316 -22.21 -72.42 -25.85
N HIS D 317 -21.28 -72.36 -24.93
CA HIS D 317 -20.25 -73.37 -24.77
C HIS D 317 -20.81 -74.71 -24.32
N PRO D 318 -20.08 -75.79 -24.59
CA PRO D 318 -20.53 -77.11 -24.10
C PRO D 318 -20.81 -77.10 -22.60
N GLY D 319 -21.98 -77.62 -22.22
CA GLY D 319 -22.37 -77.79 -20.82
C GLY D 319 -23.00 -76.54 -20.23
N GLY D 320 -23.05 -75.45 -21.01
CA GLY D 320 -23.47 -74.15 -20.49
C GLY D 320 -24.93 -74.11 -20.13
N LEU D 321 -25.75 -74.69 -20.98
CA LEU D 321 -27.19 -74.74 -20.74
C LEU D 321 -27.54 -76.15 -20.35
N GLY D 322 -28.40 -76.31 -19.35
CA GLY D 322 -28.85 -77.64 -18.94
C GLY D 322 -29.71 -77.69 -17.70
N GLY D 323 -29.54 -78.75 -16.92
CA GLY D 323 -30.46 -79.10 -15.84
C GLY D 323 -30.56 -80.63 -15.71
N THR D 324 -30.96 -81.11 -14.53
CA THR D 324 -31.08 -82.55 -14.29
C THR D 324 -32.29 -83.17 -15.02
N TYR D 325 -33.48 -82.72 -14.66
CA TYR D 325 -34.73 -83.29 -15.15
C TYR D 325 -35.05 -82.89 -16.57
N GLY D 326 -34.47 -81.77 -17.00
CA GLY D 326 -34.91 -81.09 -18.24
C GLY D 326 -35.09 -81.99 -19.45
N GLY D 327 -36.21 -81.78 -20.16
CA GLY D 327 -36.55 -82.63 -21.28
C GLY D 327 -36.81 -84.07 -20.83
N ASN D 328 -37.53 -84.18 -19.73
CA ASN D 328 -37.86 -85.49 -19.21
C ASN D 328 -38.58 -86.34 -20.28
N PRO D 329 -38.19 -87.61 -20.41
CA PRO D 329 -38.71 -88.49 -21.44
C PRO D 329 -40.21 -88.74 -21.36
N VAL D 330 -40.71 -88.89 -20.15
CA VAL D 330 -42.15 -89.05 -19.96
C VAL D 330 -42.88 -87.76 -20.41
N ALA D 331 -42.31 -86.62 -20.04
CA ALA D 331 -42.87 -85.35 -20.47
C ALA D 331 -42.76 -85.16 -21.98
N CYS D 332 -41.66 -85.65 -22.57
CA CYS D 332 -41.46 -85.52 -24.01
C CYS D 332 -42.51 -86.32 -24.75
N ALA D 333 -42.73 -87.55 -24.29
CA ALA D 333 -43.75 -88.42 -24.86
C ALA D 333 -45.06 -87.66 -24.85
N ALA D 334 -45.37 -87.07 -23.71
CA ALA D 334 -46.58 -86.29 -23.57
C ALA D 334 -46.64 -85.14 -24.64
N ALA D 335 -45.53 -84.43 -24.85
CA ALA D 335 -45.50 -83.29 -25.77
C ALA D 335 -45.76 -83.74 -27.19
N LEU D 336 -45.09 -84.81 -27.62
CA LEU D 336 -45.27 -85.31 -28.97
C LEU D 336 -46.74 -85.64 -29.21
N ALA D 337 -47.35 -86.33 -28.26
CA ALA D 337 -48.77 -86.65 -28.36
C ALA D 337 -49.61 -85.38 -28.38
N ALA D 338 -49.33 -84.47 -27.45
CA ALA D 338 -50.08 -83.23 -27.34
C ALA D 338 -50.05 -82.49 -28.67
N ILE D 339 -48.86 -82.33 -29.23
CA ILE D 339 -48.70 -81.60 -30.49
C ILE D 339 -49.46 -82.34 -31.60
N ASP D 340 -49.40 -83.65 -31.57
CA ASP D 340 -50.13 -84.47 -32.51
C ASP D 340 -51.62 -84.23 -32.42
N THR D 341 -52.16 -84.23 -31.19
CA THR D 341 -53.57 -83.91 -30.99
C THR D 341 -53.90 -82.52 -31.55
N MET D 342 -53.02 -81.56 -31.29
CA MET D 342 -53.23 -80.20 -31.78
C MET D 342 -53.46 -80.17 -33.30
N GLU D 343 -52.67 -80.97 -34.02
CA GLU D 343 -52.80 -81.10 -35.47
C GLU D 343 -54.00 -81.94 -35.88
N GLN D 344 -54.04 -83.20 -35.44
CA GLN D 344 -55.12 -84.12 -35.80
C GLN D 344 -56.50 -83.46 -35.58
N HIS D 345 -56.73 -82.78 -34.47
CA HIS D 345 -58.04 -82.18 -34.20
C HIS D 345 -58.13 -80.70 -34.49
N ASP D 346 -57.13 -80.16 -35.19
CA ASP D 346 -57.15 -78.76 -35.62
C ASP D 346 -57.54 -77.82 -34.48
N LEU D 347 -56.72 -77.82 -33.43
CA LEU D 347 -57.01 -77.01 -32.25
C LEU D 347 -56.87 -75.52 -32.55
N ASN D 348 -56.04 -75.16 -33.51
CA ASN D 348 -56.04 -73.78 -33.96
C ASN D 348 -57.44 -73.38 -34.36
N GLY D 349 -58.07 -74.22 -35.19
CA GLY D 349 -59.45 -73.99 -35.62
C GLY D 349 -60.42 -73.94 -34.46
N ARG D 350 -60.26 -74.85 -33.52
CA ARG D 350 -61.14 -74.85 -32.34
C ARG D 350 -60.98 -73.56 -31.56
N ALA D 351 -59.75 -73.09 -31.46
CA ALA D 351 -59.46 -71.85 -30.78
C ALA D 351 -60.13 -70.67 -31.47
N ARG D 352 -60.02 -70.61 -32.81
CA ARG D 352 -60.64 -69.51 -33.58
C ARG D 352 -62.15 -69.54 -33.41
N HIS D 353 -62.70 -70.75 -33.34
CA HIS D 353 -64.12 -70.92 -33.11
C HIS D 353 -64.53 -70.46 -31.73
N ILE D 354 -63.76 -70.84 -30.70
CA ILE D 354 -63.97 -70.35 -29.32
C ILE D 354 -63.98 -68.83 -29.27
N GLU D 355 -63.08 -68.18 -30.00
CA GLU D 355 -63.05 -66.72 -30.08
C GLU D 355 -64.39 -66.17 -30.58
N GLU D 356 -64.85 -66.67 -31.72
CA GLU D 356 -66.08 -66.20 -32.36
C GLU D 356 -67.30 -66.34 -31.42
N LEU D 357 -67.43 -67.50 -30.81
CA LEU D 357 -68.48 -67.77 -29.84
C LEU D 357 -68.38 -66.84 -28.61
N ALA D 358 -67.21 -66.84 -27.98
CA ALA D 358 -67.02 -66.16 -26.72
C ALA D 358 -67.09 -64.65 -26.88
N LEU D 359 -66.42 -64.11 -27.89
CA LEU D 359 -66.45 -62.68 -28.07
C LEU D 359 -67.86 -62.23 -28.43
N GLY D 360 -68.59 -63.08 -29.15
CA GLY D 360 -69.99 -62.83 -29.44
C GLY D 360 -70.80 -62.61 -28.17
N LYS D 361 -70.75 -63.59 -27.26
CA LYS D 361 -71.52 -63.52 -26.02
C LYS D 361 -71.09 -62.35 -25.15
N LEU D 362 -69.78 -62.12 -25.08
CA LEU D 362 -69.24 -61.03 -24.25
C LEU D 362 -69.65 -59.63 -24.78
N ARG D 363 -69.70 -59.46 -26.10
CA ARG D 363 -70.14 -58.19 -26.68
C ARG D 363 -71.64 -57.96 -26.49
N GLU D 364 -72.43 -59.04 -26.51
CA GLU D 364 -73.85 -59.00 -26.12
C GLU D 364 -74.02 -58.46 -24.69
N LEU D 365 -73.19 -58.95 -23.77
CA LEU D 365 -73.20 -58.43 -22.39
C LEU D 365 -73.09 -56.90 -22.29
N ALA D 366 -72.44 -56.20 -23.23
CA ALA D 366 -72.67 -54.74 -23.36
C ALA D 366 -73.81 -54.38 -24.39
N SER D 375 -72.00 -48.23 -16.88
CA SER D 375 -71.44 -49.50 -17.39
C SER D 375 -70.14 -49.93 -16.73
N VAL D 376 -70.06 -51.24 -16.53
CA VAL D 376 -69.03 -51.87 -15.72
C VAL D 376 -68.01 -52.64 -16.64
N VAL D 377 -68.31 -52.72 -17.93
CA VAL D 377 -67.45 -53.42 -18.87
C VAL D 377 -66.60 -52.43 -19.61
N GLY D 378 -65.35 -52.34 -19.22
CA GLY D 378 -64.42 -51.40 -19.83
C GLY D 378 -63.85 -51.80 -21.18
N ASP D 379 -63.49 -53.08 -21.34
CA ASP D 379 -62.77 -53.49 -22.52
C ASP D 379 -62.87 -55.01 -22.71
N ILE D 380 -63.06 -55.44 -23.96
CA ILE D 380 -63.10 -56.86 -24.30
C ILE D 380 -62.00 -57.07 -25.31
N ARG D 381 -61.13 -58.03 -25.03
CA ARG D 381 -59.95 -58.19 -25.86
C ARG D 381 -59.42 -59.61 -25.79
N GLY D 382 -58.48 -59.91 -26.69
CA GLY D 382 -57.84 -61.19 -26.75
C GLY D 382 -58.03 -61.85 -28.10
N ARG D 383 -57.45 -63.04 -28.25
CA ARG D 383 -57.56 -63.82 -29.49
C ARG D 383 -57.67 -65.28 -29.17
N GLY D 384 -58.41 -65.99 -30.01
CA GLY D 384 -58.58 -67.43 -29.87
C GLY D 384 -59.22 -67.83 -28.54
N ALA D 385 -58.58 -68.77 -27.84
CA ALA D 385 -59.03 -69.22 -26.52
C ALA D 385 -58.23 -68.51 -25.39
N MET D 386 -57.71 -67.32 -25.69
CA MET D 386 -57.07 -66.44 -24.70
C MET D 386 -57.81 -65.09 -24.73
N LEU D 387 -58.91 -64.99 -24.02
CA LEU D 387 -59.80 -63.83 -24.10
C LEU D 387 -59.97 -63.24 -22.73
N ALA D 388 -60.35 -61.97 -22.68
CA ALA D 388 -60.51 -61.30 -21.41
C ALA D 388 -61.51 -60.14 -21.44
N ILE D 389 -62.09 -59.86 -20.29
CA ILE D 389 -62.95 -58.71 -20.12
C ILE D 389 -62.45 -57.94 -18.91
N GLU D 390 -62.07 -56.67 -19.15
CA GLU D 390 -61.54 -55.79 -18.09
C GLU D 390 -62.70 -55.00 -17.51
N LEU D 391 -62.90 -55.16 -16.22
CA LEU D 391 -64.02 -54.55 -15.52
C LEU D 391 -63.60 -53.24 -14.85
N VAL D 392 -64.43 -52.22 -15.03
CA VAL D 392 -64.20 -50.90 -14.48
C VAL D 392 -65.36 -50.46 -13.55
N GLN D 393 -65.15 -49.33 -12.90
CA GLN D 393 -66.16 -48.68 -12.07
C GLN D 393 -67.22 -48.04 -13.01
N PRO D 394 -68.52 -48.07 -12.61
CA PRO D 394 -69.58 -47.56 -13.50
C PRO D 394 -69.30 -46.15 -14.02
N GLY D 395 -69.33 -46.00 -15.34
CA GLY D 395 -69.18 -44.66 -15.96
C GLY D 395 -67.81 -44.03 -15.92
N SER D 396 -66.78 -44.82 -15.60
CA SER D 396 -65.38 -44.35 -15.69
C SER D 396 -64.46 -45.46 -16.14
N LYS D 397 -63.17 -45.17 -16.18
CA LYS D 397 -62.14 -46.17 -16.47
C LYS D 397 -61.43 -46.70 -15.22
N GLU D 398 -61.85 -46.27 -14.03
CA GLU D 398 -61.19 -46.69 -12.80
C GLU D 398 -61.34 -48.23 -12.65
N PRO D 399 -60.26 -48.93 -12.27
CA PRO D 399 -60.34 -50.37 -12.08
C PRO D 399 -61.37 -50.81 -11.03
N ASN D 400 -61.98 -51.98 -11.25
CA ASN D 400 -62.98 -52.57 -10.35
C ASN D 400 -62.59 -53.99 -9.88
N ALA D 401 -61.57 -54.07 -9.03
CA ALA D 401 -61.13 -55.36 -8.48
C ALA D 401 -62.21 -56.02 -7.63
N GLU D 402 -62.99 -55.22 -6.90
CA GLU D 402 -64.05 -55.79 -6.05
C GLU D 402 -65.06 -56.62 -6.88
N LEU D 403 -65.57 -56.03 -7.96
CA LEU D 403 -66.50 -56.71 -8.83
C LEU D 403 -65.88 -57.99 -9.39
N THR D 404 -64.59 -57.90 -9.76
CA THR D 404 -63.86 -59.00 -10.35
C THR D 404 -63.77 -60.15 -9.37
N LYS D 405 -63.34 -59.88 -8.15
CA LYS D 405 -63.31 -60.93 -7.12
C LYS D 405 -64.67 -61.58 -6.92
N ALA D 406 -65.70 -60.73 -6.85
CA ALA D 406 -67.07 -61.14 -6.59
C ALA D 406 -67.65 -62.00 -7.72
N VAL D 407 -67.35 -61.62 -8.95
CA VAL D 407 -67.84 -62.37 -10.09
C VAL D 407 -67.20 -63.75 -10.13
N ALA D 408 -65.90 -63.82 -9.85
CA ALA D 408 -65.19 -65.09 -9.83
C ALA D 408 -65.80 -66.02 -8.77
N ALA D 409 -66.10 -65.47 -7.59
CA ALA D 409 -66.76 -66.21 -6.51
C ALA D 409 -68.16 -66.68 -6.91
N ALA D 410 -68.94 -65.77 -7.51
CA ALA D 410 -70.30 -66.07 -7.97
C ALA D 410 -70.29 -67.22 -8.99
N CYS D 411 -69.34 -67.18 -9.92
CA CYS D 411 -69.21 -68.24 -10.93
C CYS D 411 -68.87 -69.57 -10.29
N LEU D 412 -67.95 -69.54 -9.33
CA LEU D 412 -67.56 -70.75 -8.62
C LEU D 412 -68.77 -71.38 -7.93
N LYS D 413 -69.58 -70.54 -7.28
CA LYS D 413 -70.81 -70.97 -6.60
C LYS D 413 -71.75 -71.75 -7.52
N GLU D 414 -71.87 -71.33 -8.77
CA GLU D 414 -72.72 -72.02 -9.76
C GLU D 414 -72.04 -73.17 -10.49
N GLY D 415 -70.80 -73.47 -10.15
CA GLY D 415 -70.11 -74.62 -10.75
C GLY D 415 -69.29 -74.28 -11.98
N VAL D 416 -68.82 -73.04 -12.05
CA VAL D 416 -67.88 -72.61 -13.10
C VAL D 416 -66.58 -72.07 -12.50
N ILE D 417 -65.48 -72.77 -12.74
CA ILE D 417 -64.15 -72.31 -12.28
C ILE D 417 -63.58 -71.37 -13.32
N ILE D 418 -63.48 -70.10 -12.98
CA ILE D 418 -62.97 -69.08 -13.88
C ILE D 418 -61.84 -68.29 -13.21
N LEU D 419 -60.81 -67.91 -13.97
CA LEU D 419 -59.66 -67.23 -13.40
C LEU D 419 -59.71 -65.74 -13.62
N THR D 420 -59.00 -65.01 -12.76
CA THR D 420 -58.84 -63.56 -12.88
C THR D 420 -57.37 -63.23 -13.06
N CYS D 421 -57.09 -61.98 -13.36
CA CYS D 421 -55.70 -61.51 -13.53
C CYS D 421 -55.67 -59.98 -13.65
N GLY D 422 -54.51 -59.43 -14.01
CA GLY D 422 -54.35 -58.00 -14.26
C GLY D 422 -53.48 -57.24 -13.27
N THR D 423 -52.74 -56.26 -13.78
CA THR D 423 -51.99 -55.31 -12.96
C THR D 423 -52.88 -54.71 -11.88
N TYR D 424 -54.12 -54.37 -12.23
CA TYR D 424 -55.02 -53.75 -11.26
C TYR D 424 -56.07 -54.73 -10.69
N GLY D 425 -55.85 -56.03 -10.87
CA GLY D 425 -56.72 -57.08 -10.32
C GLY D 425 -58.16 -57.09 -10.82
N ASN D 426 -58.38 -56.50 -12.01
CA ASN D 426 -59.71 -56.21 -12.49
C ASN D 426 -59.98 -56.80 -13.88
N VAL D 427 -59.32 -57.89 -14.20
CA VAL D 427 -59.54 -58.57 -15.49
C VAL D 427 -59.99 -60.02 -15.31
N ILE D 428 -61.18 -60.35 -15.85
CA ILE D 428 -61.64 -61.74 -15.92
C ILE D 428 -61.10 -62.33 -17.20
N ARG D 429 -60.49 -63.49 -17.10
CA ARG D 429 -59.91 -64.12 -18.26
C ARG D 429 -60.55 -65.47 -18.53
N LEU D 430 -60.74 -65.73 -19.83
CA LEU D 430 -61.20 -67.03 -20.30
C LEU D 430 -59.99 -67.78 -20.87
N LEU D 431 -59.65 -68.89 -20.23
CA LEU D 431 -58.62 -69.81 -20.73
C LEU D 431 -59.19 -71.23 -20.71
N PRO D 432 -60.26 -71.48 -21.49
CA PRO D 432 -60.80 -72.82 -21.55
C PRO D 432 -59.88 -73.77 -22.29
N PRO D 433 -60.00 -75.07 -22.04
CA PRO D 433 -59.29 -76.00 -22.88
C PRO D 433 -59.86 -75.94 -24.28
N LEU D 434 -59.00 -76.11 -25.27
CA LEU D 434 -59.41 -75.99 -26.67
C LEU D 434 -60.39 -77.10 -27.10
N VAL D 435 -60.33 -78.26 -26.43
CA VAL D 435 -61.27 -79.34 -26.69
C VAL D 435 -62.67 -79.14 -26.08
N ILE D 436 -62.94 -78.02 -25.44
CA ILE D 436 -64.24 -77.77 -24.81
C ILE D 436 -65.34 -77.74 -25.87
N SER D 437 -66.52 -78.24 -25.52
CA SER D 437 -67.68 -78.24 -26.44
C SER D 437 -68.39 -76.91 -26.43
N ASP D 438 -69.01 -76.57 -27.54
CA ASP D 438 -69.78 -75.32 -27.61
C ASP D 438 -70.87 -75.24 -26.52
N GLU D 439 -71.50 -76.37 -26.26
CA GLU D 439 -72.56 -76.48 -25.26
C GLU D 439 -72.03 -76.01 -23.87
N LEU D 440 -70.92 -76.61 -23.42
CA LEU D 440 -70.29 -76.28 -22.14
C LEU D 440 -69.76 -74.85 -22.08
N LEU D 441 -69.09 -74.41 -23.14
CA LEU D 441 -68.59 -73.06 -23.19
C LEU D 441 -69.73 -72.05 -23.05
N ILE D 442 -70.81 -72.24 -23.83
CA ILE D 442 -71.99 -71.35 -23.75
C ILE D 442 -72.59 -71.36 -22.34
N ASP D 443 -72.67 -72.54 -21.74
CA ASP D 443 -73.18 -72.67 -20.38
C ASP D 443 -72.33 -71.80 -19.45
N GLY D 444 -71.00 -71.98 -19.50
CA GLY D 444 -70.06 -71.20 -18.69
C GLY D 444 -70.20 -69.70 -18.90
N LEU D 445 -70.28 -69.30 -20.16
CA LEU D 445 -70.46 -67.90 -20.50
C LEU D 445 -71.78 -67.33 -19.98
N GLU D 446 -72.82 -68.16 -19.97
CA GLU D 446 -74.12 -67.72 -19.43
C GLU D 446 -73.99 -67.44 -17.93
N VAL D 447 -73.34 -68.37 -17.21
CA VAL D 447 -73.07 -68.19 -15.76
C VAL D 447 -72.24 -66.93 -15.48
N LEU D 448 -71.23 -66.69 -16.33
CA LEU D 448 -70.41 -65.49 -16.23
C LEU D 448 -71.23 -64.22 -16.42
N ALA D 449 -72.01 -64.17 -17.51
CA ALA D 449 -72.90 -63.03 -17.79
C ALA D 449 -73.89 -62.78 -16.64
N ALA D 450 -74.48 -63.85 -16.11
CA ALA D 450 -75.41 -63.75 -14.97
C ALA D 450 -74.69 -63.18 -13.74
N ALA D 451 -73.46 -63.64 -13.47
CA ALA D 451 -72.69 -63.15 -12.30
C ALA D 451 -72.38 -61.64 -12.40
N ILE D 452 -71.97 -61.19 -13.58
CA ILE D 452 -71.63 -59.77 -13.74
C ILE D 452 -72.88 -58.93 -13.48
N LYS D 453 -74.01 -59.31 -14.10
CA LYS D 453 -75.29 -58.62 -13.89
C LYS D 453 -75.68 -58.65 -12.43
N ALA D 454 -75.54 -59.80 -11.80
CA ALA D 454 -75.83 -59.93 -10.38
C ALA D 454 -75.07 -58.95 -9.48
N HIS D 455 -73.84 -58.60 -9.86
CA HIS D 455 -73.04 -57.62 -9.14
C HIS D 455 -72.56 -56.54 -10.10
N LEU E 8 10.57 -23.81 29.96
CA LEU E 8 9.31 -23.10 29.51
C LEU E 8 8.77 -23.55 28.13
N SER E 9 7.49 -23.20 27.90
CA SER E 9 6.76 -23.56 26.67
C SER E 9 6.32 -22.38 25.80
N TYR E 10 6.53 -22.49 24.50
CA TYR E 10 6.30 -21.39 23.55
C TYR E 10 5.35 -21.70 22.43
N ARG E 11 4.92 -20.67 21.72
CA ARG E 11 3.94 -20.79 20.62
C ARG E 11 4.59 -21.05 19.27
N ILE E 12 5.65 -20.33 18.97
CA ILE E 12 6.34 -20.48 17.68
C ILE E 12 7.75 -21.00 17.90
N GLU E 13 8.31 -21.58 16.85
CA GLU E 13 9.58 -22.32 16.99
C GLU E 13 10.64 -21.37 17.47
N GLN E 14 11.33 -21.77 18.52
CA GLN E 14 12.34 -20.93 19.12
C GLN E 14 13.75 -21.19 18.58
N LYS E 15 13.92 -20.96 17.28
CA LYS E 15 15.20 -21.12 16.59
C LYS E 15 15.42 -19.99 15.63
N ARG E 16 16.67 -19.55 15.58
CA ARG E 16 17.08 -18.57 14.60
C ARG E 16 17.08 -19.20 13.23
N ASN E 17 16.37 -18.58 12.29
CA ASN E 17 16.21 -19.10 10.97
C ASN E 17 16.01 -18.04 9.87
N ILE E 18 17.06 -17.78 9.09
CA ILE E 18 16.98 -16.83 7.98
C ILE E 18 17.06 -17.51 6.61
N ASN E 19 15.93 -17.54 5.88
CA ASN E 19 15.85 -18.13 4.52
C ASN E 19 16.16 -17.09 3.47
N GLY E 20 17.39 -17.08 2.98
CA GLY E 20 17.78 -16.12 1.95
C GLY E 20 17.68 -14.64 2.34
N ALA E 21 17.66 -13.78 1.35
CA ALA E 21 17.89 -12.35 1.56
C ALA E 21 16.66 -11.69 2.15
N PHE E 22 16.89 -10.66 2.96
CA PHE E 22 15.80 -9.84 3.49
C PHE E 22 16.20 -8.36 3.44
N PRO E 23 15.24 -7.46 3.38
CA PRO E 23 13.81 -7.72 3.45
C PRO E 23 13.28 -8.53 2.28
N GLY E 24 12.42 -9.50 2.57
CA GLY E 24 11.76 -10.28 1.54
C GLY E 24 10.66 -9.52 0.85
N PRO E 25 9.95 -10.20 -0.05
CA PRO E 25 8.94 -9.51 -0.90
C PRO E 25 7.81 -8.85 -0.12
N LYS E 26 7.28 -9.53 0.90
CA LYS E 26 6.14 -8.99 1.66
C LYS E 26 6.56 -7.81 2.54
N SER E 27 7.76 -7.87 3.09
CA SER E 27 8.34 -6.76 3.82
C SER E 27 8.54 -5.57 2.88
N GLN E 28 9.15 -5.81 1.73
CA GLN E 28 9.35 -4.74 0.74
C GLN E 28 8.02 -4.08 0.34
N ALA E 29 6.96 -4.89 0.18
CA ALA E 29 5.66 -4.38 -0.22
C ALA E 29 5.15 -3.41 0.86
N LEU E 30 5.38 -3.76 2.12
CA LEU E 30 4.99 -2.88 3.24
C LEU E 30 5.84 -1.61 3.27
N ALA E 31 7.14 -1.73 3.12
CA ALA E 31 8.01 -0.57 3.03
C ALA E 31 7.52 0.40 1.97
N GLU E 32 7.14 -0.14 0.81
CA GLU E 32 6.70 0.69 -0.32
C GLU E 32 5.38 1.38 0.04
N ARG E 33 4.50 0.69 0.75
CA ARG E 33 3.27 1.33 1.27
C ARG E 33 3.59 2.41 2.31
N ARG E 34 4.51 2.07 3.21
CA ARG E 34 4.90 2.95 4.33
C ARG E 34 5.36 4.31 3.85
N SER E 35 6.22 4.33 2.86
CA SER E 35 6.83 5.58 2.42
C SER E 35 5.82 6.54 1.78
N ALA E 36 4.64 6.05 1.41
CA ALA E 36 3.61 6.94 0.90
C ALA E 36 2.83 7.67 1.99
N VAL E 37 2.97 7.24 3.24
CA VAL E 37 2.02 7.63 4.29
C VAL E 37 2.59 7.93 5.71
N VAL E 38 3.72 7.34 6.06
CA VAL E 38 4.37 7.58 7.35
C VAL E 38 5.48 8.61 7.19
N ALA E 39 5.59 9.54 8.13
CA ALA E 39 6.61 10.58 8.07
C ALA E 39 7.98 9.98 7.82
N ALA E 40 8.75 10.61 6.95
CA ALA E 40 10.06 10.09 6.57
C ALA E 40 11.03 9.98 7.74
N GLY E 41 10.88 10.85 8.75
CA GLY E 41 11.76 10.82 9.90
C GLY E 41 11.56 9.62 10.80
N VAL E 42 10.37 9.03 10.76
CA VAL E 42 10.05 7.88 11.60
C VAL E 42 10.72 6.66 10.97
N ALA E 43 11.89 6.32 11.50
CA ALA E 43 12.72 5.24 10.97
C ALA E 43 12.62 4.03 11.85
N SER E 44 12.93 2.87 11.30
CA SER E 44 12.94 1.65 12.09
C SER E 44 14.34 1.04 12.09
N GLY E 45 14.73 0.45 13.22
CA GLY E 45 16.04 -0.16 13.34
C GLY E 45 16.19 -1.41 12.48
N VAL E 46 15.05 -1.98 12.11
CA VAL E 46 14.98 -3.25 11.43
C VAL E 46 14.14 -3.09 10.14
N PRO E 47 14.64 -3.63 9.01
CA PRO E 47 13.94 -3.48 7.75
C PRO E 47 12.81 -4.51 7.45
N VAL E 48 12.62 -5.49 8.33
CA VAL E 48 11.62 -6.53 8.16
C VAL E 48 10.41 -6.25 9.03
N TYR E 49 9.25 -6.76 8.63
CA TYR E 49 7.99 -6.47 9.28
C TYR E 49 7.49 -7.68 10.04
N VAL E 50 7.14 -7.49 11.33
CA VAL E 50 6.72 -8.58 12.23
C VAL E 50 5.35 -9.11 11.80
N GLU E 51 5.19 -10.42 11.92
CA GLU E 51 3.90 -11.06 11.83
C GLU E 51 3.53 -11.70 13.16
N ASP E 52 4.51 -12.33 13.80
CA ASP E 52 4.33 -12.96 15.11
C ASP E 52 5.60 -12.74 15.95
N ALA E 53 5.42 -12.46 17.25
CA ALA E 53 6.55 -12.27 18.21
C ALA E 53 6.22 -13.06 19.45
N ASP E 54 7.15 -13.90 19.85
CA ASP E 54 6.90 -14.86 20.92
C ASP E 54 8.22 -15.42 21.43
N GLY E 55 8.29 -15.67 22.72
CA GLY E 55 9.51 -16.08 23.35
C GLY E 55 10.65 -15.14 23.06
N GLY E 56 11.68 -15.68 22.44
CA GLY E 56 12.84 -14.88 22.01
C GLY E 56 12.94 -14.67 20.50
N ILE E 57 11.82 -14.78 19.79
CA ILE E 57 11.82 -14.75 18.36
C ILE E 57 10.91 -13.65 17.83
N ILE E 58 11.38 -12.94 16.80
CA ILE E 58 10.54 -12.09 15.97
C ILE E 58 10.49 -12.74 14.61
N ARG E 59 9.29 -13.12 14.19
CA ARG E 59 9.10 -13.77 12.89
C ARG E 59 8.47 -12.80 11.92
N ASP E 60 9.13 -12.58 10.80
CA ASP E 60 8.67 -11.59 9.85
C ASP E 60 7.65 -12.16 8.87
N VAL E 61 7.09 -11.29 8.04
CA VAL E 61 6.01 -11.65 7.15
C VAL E 61 6.49 -12.57 6.01
N ASP E 62 7.80 -12.70 5.84
CA ASP E 62 8.36 -13.59 4.81
C ASP E 62 8.87 -14.88 5.45
N GLY E 63 8.44 -15.14 6.68
CA GLY E 63 8.83 -16.38 7.37
C GLY E 63 10.21 -16.49 7.97
N ASN E 64 10.97 -15.40 8.06
CA ASN E 64 12.26 -15.43 8.72
C ASN E 64 12.11 -15.27 10.21
N SER E 65 12.95 -15.97 10.97
CA SER E 65 12.90 -15.92 12.43
C SER E 65 14.18 -15.34 13.04
N PHE E 66 14.06 -14.13 13.61
CA PHE E 66 15.19 -13.43 14.23
C PHE E 66 15.18 -13.62 15.73
N ILE E 67 16.36 -13.66 16.34
CA ILE E 67 16.44 -13.67 17.79
C ILE E 67 16.21 -12.25 18.28
N ASP E 68 15.35 -12.10 19.28
CA ASP E 68 14.93 -10.78 19.78
C ASP E 68 15.70 -10.45 21.04
N LEU E 69 16.68 -9.58 20.91
CA LEU E 69 17.51 -9.19 22.05
C LEU E 69 17.20 -7.75 22.49
N GLY E 70 16.05 -7.23 22.06
CA GLY E 70 15.63 -5.87 22.43
C GLY E 70 14.31 -5.76 23.18
N SER E 71 13.50 -6.82 23.10
CA SER E 71 12.18 -6.89 23.70
C SER E 71 11.39 -5.60 23.55
N GLY E 72 11.50 -4.98 22.38
CA GLY E 72 10.75 -3.78 22.09
C GLY E 72 11.17 -2.58 22.92
N ILE E 73 12.47 -2.49 23.17
CA ILE E 73 13.06 -1.56 24.16
C ILE E 73 12.55 -1.86 25.56
N ALA E 74 12.83 -3.07 26.03
CA ALA E 74 12.59 -3.45 27.42
C ALA E 74 11.11 -3.55 27.78
N VAL E 75 10.24 -3.70 26.79
CA VAL E 75 8.79 -3.70 27.02
C VAL E 75 8.23 -5.13 27.23
N THR E 76 8.51 -6.03 26.30
CA THR E 76 7.91 -7.36 26.33
C THR E 76 8.79 -8.29 27.17
N SER E 77 8.93 -7.97 28.45
CA SER E 77 9.77 -8.75 29.35
C SER E 77 9.20 -10.16 29.55
N VAL E 78 7.86 -10.21 29.65
CA VAL E 78 7.14 -11.47 29.76
C VAL E 78 6.97 -12.18 28.41
N GLY E 79 7.46 -11.56 27.35
CA GLY E 79 7.29 -12.09 26.01
C GLY E 79 6.23 -11.30 25.27
N ALA E 80 6.41 -11.22 23.96
CA ALA E 80 5.54 -10.40 23.15
C ALA E 80 4.17 -11.02 22.92
N SER E 81 4.00 -12.29 23.30
CA SER E 81 2.65 -12.88 23.32
C SER E 81 2.54 -13.94 24.42
N ASP E 82 2.68 -13.49 25.65
CA ASP E 82 2.41 -14.33 26.81
C ASP E 82 0.96 -14.75 26.88
N PRO E 83 0.71 -16.06 26.88
CA PRO E 83 -0.65 -16.60 26.88
C PRO E 83 -1.55 -15.97 27.89
N ALA E 84 -1.04 -15.74 29.11
CA ALA E 84 -1.88 -15.14 30.14
C ALA E 84 -2.28 -13.70 29.76
N VAL E 85 -1.31 -12.91 29.29
CA VAL E 85 -1.57 -11.54 28.84
C VAL E 85 -2.60 -11.60 27.74
N VAL E 86 -2.34 -12.46 26.74
CA VAL E 86 -3.22 -12.53 25.58
C VAL E 86 -4.66 -12.84 26.00
N ALA E 87 -4.81 -13.85 26.84
CA ALA E 87 -6.13 -14.27 27.31
C ALA E 87 -6.83 -13.12 28.04
N ALA E 88 -6.08 -12.44 28.90
CA ALA E 88 -6.63 -11.37 29.74
C ALA E 88 -7.13 -10.20 28.88
N VAL E 89 -6.32 -9.83 27.89
CA VAL E 89 -6.66 -8.78 26.97
C VAL E 89 -7.94 -9.13 26.21
N GLN E 90 -7.98 -10.38 25.71
CA GLN E 90 -9.13 -10.87 24.93
C GLN E 90 -10.40 -10.84 25.74
N GLU E 91 -10.31 -11.28 26.99
CA GLU E 91 -11.46 -11.32 27.88
C GLU E 91 -11.95 -9.91 28.21
N ALA E 92 -11.02 -9.02 28.59
CA ALA E 92 -11.35 -7.66 29.02
C ALA E 92 -11.98 -6.83 27.92
N ALA E 93 -11.44 -6.97 26.72
CA ALA E 93 -11.94 -6.20 25.56
C ALA E 93 -13.42 -6.53 25.24
N ALA E 94 -13.84 -7.76 25.53
CA ALA E 94 -15.20 -8.20 25.28
C ALA E 94 -16.25 -7.52 26.19
N HIS E 95 -15.81 -6.98 27.31
CA HIS E 95 -16.72 -6.32 28.27
C HIS E 95 -16.88 -4.88 28.01
N PHE E 96 -15.76 -4.19 27.84
CA PHE E 96 -15.71 -2.77 27.47
C PHE E 96 -14.27 -2.37 27.22
N THR E 97 -14.05 -1.57 26.18
CA THR E 97 -12.71 -1.13 25.78
C THR E 97 -12.22 0.07 26.61
N HIS E 98 -13.16 0.91 27.07
CA HIS E 98 -12.85 2.18 27.68
C HIS E 98 -14.10 2.81 28.21
N THR E 99 -14.04 3.33 29.43
CA THR E 99 -15.07 4.21 29.93
C THR E 99 -14.52 5.52 30.51
N CYS E 100 -13.19 5.66 30.55
CA CYS E 100 -12.49 6.73 31.24
C CYS E 100 -12.67 6.72 32.76
N PHE E 101 -11.63 6.32 33.46
CA PHE E 101 -11.68 6.14 34.90
C PHE E 101 -12.22 7.38 35.62
N MET E 102 -11.85 8.58 35.16
CA MET E 102 -12.31 9.82 35.80
C MET E 102 -13.82 10.03 35.62
N VAL E 103 -14.44 9.29 34.69
CA VAL E 103 -15.90 9.35 34.53
C VAL E 103 -16.57 8.16 35.20
N THR E 104 -16.42 6.97 34.64
CA THR E 104 -16.96 5.74 35.22
C THR E 104 -15.81 4.79 35.56
N PRO E 105 -15.55 4.56 36.86
CA PRO E 105 -14.42 3.75 37.23
C PRO E 105 -14.69 2.26 37.07
N TYR E 106 -13.66 1.45 37.32
CA TYR E 106 -13.69 0.02 37.07
C TYR E 106 -12.60 -0.71 37.82
N GLU E 107 -12.85 -2.01 38.05
CA GLU E 107 -12.01 -2.80 38.94
C GLU E 107 -10.54 -2.90 38.48
N GLY E 108 -10.34 -3.04 37.18
CA GLY E 108 -9.00 -3.25 36.66
C GLY E 108 -7.99 -2.18 37.07
N TYR E 109 -8.45 -0.93 37.09
CA TYR E 109 -7.61 0.19 37.49
C TYR E 109 -7.24 -0.01 38.96
N VAL E 110 -8.25 -0.15 39.80
CA VAL E 110 -8.02 -0.35 41.23
C VAL E 110 -7.06 -1.51 41.45
N ALA E 111 -7.29 -2.62 40.73
CA ALA E 111 -6.51 -3.83 40.95
C ALA E 111 -5.05 -3.64 40.60
N VAL E 112 -4.79 -2.97 39.47
CA VAL E 112 -3.39 -2.72 39.07
C VAL E 112 -2.72 -1.91 40.17
N THR E 113 -3.48 -0.92 40.61
CA THR E 113 -3.12 0.00 41.69
C THR E 113 -2.74 -0.71 42.97
N GLU E 114 -3.47 -1.78 43.27
CA GLU E 114 -3.15 -2.61 44.44
C GLU E 114 -1.80 -3.32 44.27
N GLN E 115 -1.58 -3.89 43.10
CA GLN E 115 -0.36 -4.61 42.84
C GLN E 115 0.86 -3.71 42.94
N LEU E 116 0.73 -2.50 42.41
CA LEU E 116 1.88 -1.59 42.37
C LEU E 116 2.22 -1.12 43.77
N ASN E 117 1.19 -0.90 44.58
CA ASN E 117 1.38 -0.60 46.00
C ASN E 117 2.17 -1.69 46.70
N ARG E 118 1.79 -2.93 46.42
CA ARG E 118 2.41 -4.10 47.03
C ARG E 118 3.85 -4.30 46.58
N LEU E 119 4.13 -4.16 45.28
CA LEU E 119 5.41 -4.56 44.71
C LEU E 119 6.51 -3.54 44.78
N THR E 120 6.13 -2.29 44.97
CA THR E 120 7.12 -1.19 44.98
C THR E 120 7.82 -1.12 46.33
N PRO E 121 8.98 -0.51 46.41
CA PRO E 121 9.73 -0.50 47.64
C PRO E 121 9.08 0.31 48.73
N GLY E 122 9.46 -0.01 49.96
CA GLY E 122 8.99 0.67 51.16
C GLY E 122 7.69 0.11 51.69
N ASP E 123 7.50 0.28 53.00
CA ASP E 123 6.28 -0.16 53.73
C ASP E 123 5.37 0.99 54.17
N HIS E 124 5.78 2.22 53.85
CA HIS E 124 4.94 3.39 54.12
C HIS E 124 3.68 3.43 53.27
N ALA E 125 2.77 4.35 53.61
CA ALA E 125 1.54 4.53 52.86
C ALA E 125 1.88 5.03 51.45
N LYS E 126 1.39 4.33 50.45
CA LYS E 126 1.62 4.70 49.06
C LYS E 126 0.29 4.83 48.30
N ARG E 127 0.28 5.62 47.22
CA ARG E 127 -0.87 5.71 46.31
C ARG E 127 -0.39 5.75 44.88
N THR E 128 -1.30 5.50 43.95
CA THR E 128 -0.93 5.36 42.54
C THR E 128 -1.93 6.04 41.63
N VAL E 129 -1.42 6.56 40.51
CA VAL E 129 -2.26 7.02 39.44
C VAL E 129 -1.71 6.42 38.16
N LEU E 130 -2.60 6.21 37.19
CA LEU E 130 -2.25 5.54 35.93
C LEU E 130 -2.42 6.43 34.69
N PHE E 131 -1.50 6.26 33.75
CA PHE E 131 -1.54 6.97 32.49
C PHE E 131 -1.18 6.01 31.37
N ASN E 132 -0.79 6.53 30.23
CA ASN E 132 -0.52 5.69 29.07
C ASN E 132 0.97 5.51 28.81
N SER E 133 1.73 6.61 28.70
CA SER E 133 3.15 6.54 28.33
C SER E 133 4.11 6.84 29.47
N GLY E 134 5.35 6.39 29.31
CA GLY E 134 6.42 6.71 30.23
C GLY E 134 6.59 8.23 30.38
N ALA E 135 6.59 8.95 29.27
CA ALA E 135 6.65 10.39 29.32
C ALA E 135 5.50 10.98 30.19
N GLU E 136 4.28 10.47 30.02
CA GLU E 136 3.16 10.98 30.83
C GLU E 136 3.41 10.68 32.32
N ALA E 137 3.97 9.51 32.60
CA ALA E 137 4.29 9.15 33.98
C ALA E 137 5.30 10.16 34.58
N VAL E 138 6.40 10.43 33.87
CA VAL E 138 7.41 11.39 34.36
C VAL E 138 6.81 12.80 34.51
N GLU E 139 6.05 13.23 33.51
CA GLU E 139 5.33 14.50 33.60
C GLU E 139 4.51 14.58 34.88
N ASN E 140 3.81 13.52 35.19
CA ASN E 140 2.93 13.53 36.36
C ASN E 140 3.69 13.46 37.70
N ALA E 141 4.81 12.72 37.73
CA ALA E 141 5.64 12.71 38.92
C ALA E 141 6.11 14.15 39.22
N VAL E 142 6.51 14.88 38.18
CA VAL E 142 7.01 16.22 38.35
C VAL E 142 5.86 17.15 38.80
N LYS E 143 4.69 16.98 38.20
CA LYS E 143 3.51 17.76 38.63
C LYS E 143 3.26 17.58 40.11
N VAL E 144 3.36 16.34 40.57
CA VAL E 144 3.08 16.06 41.98
C VAL E 144 4.18 16.71 42.87
N ALA E 145 5.44 16.55 42.48
CA ALA E 145 6.53 17.09 43.29
C ALA E 145 6.37 18.59 43.40
N ARG E 146 6.06 19.21 42.29
CA ARG E 146 5.95 20.66 42.27
C ARG E 146 4.79 21.18 43.12
N LEU E 147 3.62 20.57 42.98
CA LEU E 147 2.47 20.97 43.78
C LEU E 147 2.68 20.64 45.27
N ALA E 148 3.17 19.45 45.55
CA ALA E 148 3.28 18.98 46.96
C ALA E 148 4.31 19.81 47.72
N THR E 149 5.43 20.15 47.10
CA THR E 149 6.49 20.88 47.80
C THR E 149 6.31 22.37 47.75
N GLY E 150 5.49 22.84 46.82
CA GLY E 150 5.42 24.29 46.54
C GLY E 150 6.69 24.86 45.87
N ARG E 151 7.59 24.02 45.38
CA ARG E 151 8.80 24.50 44.71
C ARG E 151 8.80 24.24 43.18
N ASP E 152 9.74 24.88 42.50
CA ASP E 152 9.81 24.93 41.05
C ASP E 152 10.87 23.98 40.48
N ALA E 153 12.10 24.10 40.98
CA ALA E 153 13.24 23.50 40.31
C ALA E 153 13.16 21.98 40.33
N VAL E 154 13.54 21.36 39.21
CA VAL E 154 13.69 19.93 39.15
C VAL E 154 15.15 19.61 38.69
N VAL E 155 15.89 18.75 39.38
CA VAL E 155 17.21 18.37 38.87
C VAL E 155 17.15 17.03 38.17
N ALA E 156 17.75 17.00 36.99
CA ALA E 156 18.00 15.77 36.22
C ALA E 156 19.52 15.66 36.01
N PHE E 157 19.95 14.55 35.44
CA PHE E 157 21.37 14.28 35.34
C PHE E 157 21.92 14.19 33.92
N ASP E 158 23.24 14.34 33.80
CA ASP E 158 23.91 14.03 32.56
C ASP E 158 23.56 12.61 32.19
N HIS E 159 23.45 12.37 30.88
CA HIS E 159 23.08 11.05 30.32
C HIS E 159 21.67 10.60 30.61
N ALA E 160 20.84 11.47 31.19
CA ALA E 160 19.45 11.11 31.47
C ALA E 160 18.63 11.06 30.17
N TYR E 161 17.62 10.22 30.19
CA TYR E 161 16.59 10.21 29.17
C TYR E 161 15.25 9.97 29.89
N HIS E 162 14.27 10.85 29.67
CA HIS E 162 12.99 10.71 30.31
C HIS E 162 11.80 10.91 29.40
N GLY E 163 11.99 11.15 28.11
CA GLY E 163 10.88 11.24 27.19
C GLY E 163 10.88 12.38 26.19
N ARG E 164 9.81 12.42 25.41
CA ARG E 164 9.75 13.21 24.19
C ARG E 164 8.67 14.28 24.19
N THR E 165 7.99 14.46 25.31
CA THR E 165 7.19 15.66 25.50
C THR E 165 8.11 16.84 25.80
N ASN E 166 7.57 18.05 25.78
CA ASN E 166 8.43 19.24 25.99
C ASN E 166 9.24 19.23 27.31
N LEU E 167 8.56 18.95 28.42
CA LEU E 167 9.23 18.85 29.71
C LEU E 167 10.15 17.65 29.76
N THR E 168 9.72 16.52 29.23
CA THR E 168 10.58 15.31 29.33
C THR E 168 11.80 15.43 28.41
N MET E 169 11.63 16.20 27.34
CA MET E 169 12.77 16.57 26.50
C MET E 169 13.69 17.44 27.33
N ALA E 170 13.10 18.39 28.03
CA ALA E 170 13.85 19.28 28.88
C ALA E 170 14.70 18.44 29.84
N LEU E 171 14.05 17.46 30.47
CA LEU E 171 14.72 16.60 31.46
C LEU E 171 15.76 15.72 30.81
N THR E 172 15.55 15.40 29.55
CA THR E 172 16.49 14.56 28.79
C THR E 172 17.77 15.33 28.48
N ALA E 173 18.91 14.64 28.56
CA ALA E 173 20.23 15.26 28.35
C ALA E 173 20.58 15.38 26.88
N LYS E 174 20.51 14.28 26.14
CA LYS E 174 21.06 14.24 24.77
C LYS E 174 20.15 14.98 23.79
N ALA E 175 20.73 15.87 22.99
CA ALA E 175 19.95 16.65 21.99
C ALA E 175 19.58 15.89 20.72
N MET E 176 20.47 15.03 20.19
CA MET E 176 20.22 14.32 18.93
C MET E 176 19.81 12.88 19.17
N PRO E 177 18.59 12.50 18.73
CA PRO E 177 17.57 13.22 17.99
C PRO E 177 16.42 13.78 18.83
N TYR E 178 16.51 13.65 20.15
CA TYR E 178 15.36 13.86 21.01
C TYR E 178 14.89 15.33 21.12
N LYS E 179 15.81 16.28 20.97
CA LYS E 179 15.56 17.71 21.31
C LYS E 179 15.78 18.71 20.17
N THR E 180 16.75 18.45 19.29
CA THR E 180 17.16 19.43 18.28
C THR E 180 15.95 20.07 17.58
N ASN E 181 15.90 21.40 17.62
CA ASN E 181 14.85 22.21 16.99
C ASN E 181 13.44 22.05 17.52
N PHE E 182 13.27 21.34 18.63
CA PHE E 182 11.93 21.19 19.22
C PHE E 182 11.57 22.15 20.34
N GLY E 183 12.53 22.97 20.78
CA GLY E 183 12.30 23.88 21.96
C GLY E 183 11.51 25.09 21.55
N PRO E 184 11.49 26.13 22.37
CA PRO E 184 12.14 26.24 23.70
C PRO E 184 11.54 25.30 24.75
N PHE E 185 12.38 24.86 25.68
CA PHE E 185 11.99 23.80 26.61
C PHE E 185 11.52 24.33 27.97
N ALA E 186 10.73 23.50 28.64
CA ALA E 186 10.10 23.82 29.92
C ALA E 186 11.12 24.36 30.90
N PRO E 187 10.76 25.41 31.62
CA PRO E 187 11.71 26.04 32.47
C PRO E 187 11.96 25.36 33.83
N GLU E 188 13.03 25.81 34.49
CA GLU E 188 13.42 25.41 35.84
C GLU E 188 13.82 23.95 35.96
N VAL E 189 14.57 23.50 34.97
CA VAL E 189 15.18 22.20 35.00
C VAL E 189 16.68 22.42 35.02
N TYR E 190 17.35 21.76 35.94
CA TYR E 190 18.77 21.95 36.11
C TYR E 190 19.45 20.61 35.94
N ARG E 191 20.64 20.60 35.37
CA ARG E 191 21.34 19.37 35.08
C ARG E 191 22.61 19.22 35.94
N MET E 192 22.80 18.03 36.49
CA MET E 192 23.87 17.76 37.43
C MET E 192 24.68 16.55 37.00
N PRO E 193 25.91 16.46 37.50
CA PRO E 193 26.77 15.39 37.05
C PRO E 193 26.35 14.04 37.59
N MET E 194 26.53 13.03 36.76
CA MET E 194 26.17 11.67 37.06
C MET E 194 27.37 10.93 37.63
N SER E 195 27.12 9.84 38.32
CA SER E 195 28.17 8.89 38.64
C SER E 195 28.27 7.90 37.47
N TYR E 196 29.33 8.04 36.69
CA TYR E 196 29.58 7.23 35.48
C TYR E 196 31.01 6.70 35.56
N PRO E 197 31.21 5.59 36.28
CA PRO E 197 32.55 5.12 36.68
C PRO E 197 33.55 5.06 35.58
N PHE E 198 33.13 4.52 34.45
CA PHE E 198 34.05 4.29 33.35
C PHE E 198 34.63 5.58 32.77
N ARG E 199 33.93 6.70 32.95
CA ARG E 199 34.39 7.96 32.39
C ARG E 199 34.64 9.08 33.41
N GLU E 200 34.71 8.73 34.68
CA GLU E 200 35.09 9.71 35.71
C GLU E 200 36.50 10.20 35.47
N GLU E 201 36.68 11.51 35.56
CA GLU E 201 38.01 12.09 35.35
C GLU E 201 38.98 11.60 36.39
N ASN E 202 38.46 11.34 37.58
CA ASN E 202 39.22 10.70 38.64
C ASN E 202 38.67 9.30 38.86
N PRO E 203 39.33 8.29 38.29
CA PRO E 203 38.79 6.93 38.32
C PRO E 203 38.56 6.39 39.70
N GLU E 204 39.29 6.90 40.69
CA GLU E 204 39.17 6.41 42.08
C GLU E 204 37.96 6.98 42.84
N ILE E 205 37.20 7.87 42.22
CA ILE E 205 36.07 8.50 42.90
C ILE E 205 35.05 7.48 43.36
N THR E 206 34.47 7.78 44.50
CA THR E 206 33.52 6.92 45.18
C THR E 206 32.10 7.35 44.87
N GLY E 207 31.13 6.44 45.02
CA GLY E 207 29.73 6.79 44.89
C GLY E 207 29.32 7.91 45.84
N ALA E 208 29.65 7.78 47.12
CA ALA E 208 29.41 8.85 48.09
C ALA E 208 30.03 10.18 47.64
N GLU E 209 31.25 10.12 47.10
CA GLU E 209 31.95 11.33 46.69
C GLU E 209 31.31 11.95 45.47
N ALA E 210 30.82 11.11 44.57
CA ALA E 210 30.12 11.57 43.37
C ALA E 210 28.79 12.23 43.76
N ALA E 211 28.13 11.66 44.74
CA ALA E 211 26.90 12.23 45.30
C ALA E 211 27.19 13.57 45.94
N LYS E 212 28.29 13.67 46.69
CA LYS E 212 28.64 14.92 47.34
C LYS E 212 28.91 16.01 46.29
N ARG E 213 29.58 15.63 45.21
CA ARG E 213 29.83 16.54 44.11
C ARG E 213 28.53 17.10 43.53
N ALA E 214 27.58 16.21 43.28
CA ALA E 214 26.28 16.63 42.81
C ALA E 214 25.59 17.53 43.86
N ILE E 215 25.59 17.09 45.12
CA ILE E 215 24.83 17.78 46.17
C ILE E 215 25.35 19.21 46.39
N THR E 216 26.66 19.37 46.45
CA THR E 216 27.22 20.68 46.59
C THR E 216 26.78 21.56 45.43
N MET E 217 26.86 21.01 44.23
CA MET E 217 26.55 21.78 43.03
C MET E 217 25.09 22.22 43.05
N ILE E 218 24.20 21.30 43.47
CA ILE E 218 22.77 21.63 43.60
C ILE E 218 22.60 22.73 44.63
N GLU E 219 23.28 22.59 45.75
CA GLU E 219 23.13 23.53 46.86
C GLU E 219 23.62 24.91 46.43
N LYS E 220 24.74 24.95 45.73
CA LYS E 220 25.34 26.23 45.36
C LYS E 220 24.60 26.88 44.22
N GLN E 221 24.01 26.10 43.31
CA GLN E 221 23.40 26.66 42.07
C GLN E 221 21.88 26.78 42.06
N ILE E 222 21.25 26.15 43.05
CA ILE E 222 19.79 26.23 43.22
C ILE E 222 19.41 26.42 44.68
N GLY E 223 19.97 25.58 45.54
CA GLY E 223 19.66 25.58 46.97
C GLY E 223 18.70 24.46 47.28
N GLY E 224 19.06 23.61 48.25
CA GLY E 224 18.26 22.43 48.60
C GLY E 224 16.79 22.73 48.86
N ASP E 225 16.51 23.84 49.51
CA ASP E 225 15.15 24.20 49.85
C ASP E 225 14.35 24.75 48.65
N GLN E 226 15.00 24.92 47.50
CA GLN E 226 14.36 25.39 46.26
C GLN E 226 14.02 24.28 45.28
N VAL E 227 14.45 23.04 45.57
CA VAL E 227 14.30 21.95 44.61
C VAL E 227 13.05 21.12 44.92
N ALA E 228 12.13 21.05 43.96
CA ALA E 228 10.90 20.26 44.08
C ALA E 228 11.22 18.79 44.01
N ALA E 229 12.11 18.43 43.09
CA ALA E 229 12.37 17.00 42.80
C ALA E 229 13.74 16.73 42.23
N ILE E 230 14.33 15.61 42.62
CA ILE E 230 15.52 15.07 41.96
C ILE E 230 14.98 13.86 41.23
N ILE E 231 15.21 13.79 39.93
CA ILE E 231 14.77 12.64 39.14
C ILE E 231 15.98 11.93 38.57
N ILE E 232 16.05 10.63 38.79
CA ILE E 232 17.17 9.84 38.25
C ILE E 232 16.71 8.45 37.90
N GLU E 233 17.33 7.90 36.87
CA GLU E 233 17.18 6.50 36.51
C GLU E 233 18.24 5.73 37.30
N PRO E 234 17.83 4.71 38.05
CA PRO E 234 18.83 3.94 38.83
C PRO E 234 19.84 3.29 37.93
N ILE E 235 19.40 2.87 36.75
CA ILE E 235 20.31 2.55 35.67
C ILE E 235 19.83 3.37 34.51
N GLN E 236 20.73 4.20 34.00
CA GLN E 236 20.38 5.08 32.91
C GLN E 236 20.29 4.27 31.59
N GLY E 237 19.12 4.31 30.94
CA GLY E 237 18.86 3.49 29.74
C GLY E 237 19.52 3.99 28.47
N GLU E 238 18.81 4.89 27.77
CA GLU E 238 19.30 5.42 26.52
C GLU E 238 20.68 6.09 26.67
N GLY E 239 20.98 6.57 27.87
CA GLY E 239 22.28 7.17 28.15
C GLY E 239 23.46 6.22 28.06
N GLY E 240 23.17 4.92 28.14
CA GLY E 240 24.20 3.89 27.92
C GLY E 240 24.29 2.83 29.01
N PHE E 241 23.17 2.54 29.68
CA PHE E 241 23.15 1.54 30.75
C PHE E 241 24.21 1.87 31.75
N ILE E 242 24.24 3.13 32.16
CA ILE E 242 25.19 3.61 33.15
C ILE E 242 24.66 3.22 34.53
N VAL E 243 25.46 2.41 35.23
CA VAL E 243 25.17 2.05 36.60
C VAL E 243 26.07 2.92 37.48
N PRO E 244 25.46 3.66 38.42
CA PRO E 244 26.25 4.53 39.28
C PRO E 244 27.05 3.72 40.26
N ALA E 245 28.14 4.30 40.76
CA ALA E 245 28.95 3.64 41.77
C ALA E 245 28.11 3.39 43.02
N GLU E 246 28.40 2.28 43.71
CA GLU E 246 27.74 1.96 44.95
C GLU E 246 27.83 3.17 45.92
N GLY E 247 26.71 3.51 46.56
CA GLY E 247 26.66 4.58 47.54
C GLY E 247 26.13 5.93 47.04
N PHE E 248 26.09 6.09 45.72
CA PHE E 248 25.59 7.30 45.09
C PHE E 248 24.08 7.47 45.33
N LEU E 249 23.30 6.50 44.89
CA LEU E 249 21.85 6.61 44.99
C LEU E 249 21.39 6.80 46.44
N PRO E 250 21.94 6.01 47.39
CA PRO E 250 21.50 6.25 48.79
C PRO E 250 21.85 7.66 49.32
N ALA E 251 23.01 8.19 48.94
CA ALA E 251 23.43 9.52 49.39
C ALA E 251 22.46 10.57 48.88
N LEU E 252 22.12 10.52 47.59
CA LEU E 252 21.08 11.39 47.03
C LEU E 252 19.73 11.23 47.75
N SER E 253 19.32 9.99 48.02
CA SER E 253 18.06 9.75 48.71
C SER E 253 18.02 10.34 50.12
N GLU E 254 19.10 10.12 50.87
CA GLU E 254 19.22 10.60 52.27
C GLU E 254 19.15 12.15 52.26
N TRP E 255 19.89 12.77 51.34
CA TRP E 255 19.92 14.24 51.23
C TRP E 255 18.62 14.83 50.80
N ALA E 256 17.96 14.19 49.85
CA ALA E 256 16.66 14.64 49.43
C ALA E 256 15.71 14.69 50.62
N LYS E 257 15.74 13.65 51.45
CA LYS E 257 14.84 13.56 52.63
C LYS E 257 15.15 14.73 53.56
N GLU E 258 16.45 14.94 53.83
CA GLU E 258 16.93 16.06 54.70
C GLU E 258 16.34 17.38 54.19
N LYS E 259 16.29 17.61 52.88
CA LYS E 259 15.90 18.92 52.34
C LYS E 259 14.45 19.03 51.88
N GLY E 260 13.66 18.01 52.12
CA GLY E 260 12.26 18.03 51.72
C GLY E 260 12.04 17.93 50.23
N ILE E 261 13.04 17.36 49.53
CA ILE E 261 13.02 17.22 48.07
C ILE E 261 12.46 15.87 47.69
N VAL E 262 11.51 15.85 46.77
CA VAL E 262 10.91 14.59 46.35
C VAL E 262 11.92 13.86 45.49
N PHE E 263 12.30 12.66 45.89
CA PHE E 263 13.21 11.82 45.12
C PHE E 263 12.39 10.92 44.20
N ILE E 264 12.50 11.17 42.89
CA ILE E 264 11.80 10.39 41.87
C ILE E 264 12.78 9.39 41.22
N ALA E 265 12.46 8.11 41.32
CA ALA E 265 13.18 7.07 40.60
C ALA E 265 12.46 6.79 39.28
N ASP E 266 13.12 7.04 38.14
CA ASP E 266 12.53 6.70 36.87
C ASP E 266 12.89 5.29 36.53
N GLU E 267 11.94 4.39 36.80
CA GLU E 267 12.09 2.96 36.53
C GLU E 267 11.24 2.50 35.34
N VAL E 268 11.05 3.39 34.37
CA VAL E 268 10.28 3.05 33.19
C VAL E 268 10.93 1.91 32.43
N GLN E 269 12.26 1.96 32.29
CA GLN E 269 13.01 0.91 31.57
C GLN E 269 13.53 -0.19 32.51
N SER E 270 13.96 0.19 33.71
CA SER E 270 14.57 -0.76 34.65
C SER E 270 13.59 -1.52 35.50
N GLY E 271 12.33 -1.09 35.50
CA GLY E 271 11.32 -1.70 36.39
C GLY E 271 10.80 -3.07 35.96
N PHE E 272 10.09 -3.72 36.86
CA PHE E 272 9.42 -5.01 36.64
C PHE E 272 10.34 -6.15 36.20
N CYS E 273 11.27 -6.48 37.11
CA CYS E 273 12.11 -7.70 37.04
C CYS E 273 13.27 -7.61 36.07
N ARG E 274 13.32 -6.53 35.31
CA ARG E 274 14.36 -6.35 34.27
C ARG E 274 15.77 -6.56 34.79
N THR E 275 16.02 -6.12 36.03
CA THR E 275 17.38 -6.13 36.59
C THR E 275 17.63 -7.29 37.54
N GLY E 276 16.64 -8.15 37.69
CA GLY E 276 16.76 -9.29 38.60
C GLY E 276 16.12 -9.01 39.96
N GLU E 277 15.61 -7.79 40.14
CA GLU E 277 14.81 -7.43 41.30
C GLU E 277 13.60 -6.75 40.74
N TRP E 278 12.55 -6.62 41.54
CA TRP E 278 11.35 -5.94 41.04
C TRP E 278 11.64 -4.57 40.52
N PHE E 279 12.47 -3.82 41.23
CA PHE E 279 12.90 -2.49 40.79
C PHE E 279 14.40 -2.31 40.99
N ALA E 280 15.03 -1.58 40.09
CA ALA E 280 16.47 -1.42 40.12
C ALA E 280 16.95 -0.92 41.46
N VAL E 281 16.12 -0.12 42.07
CA VAL E 281 16.44 0.57 43.28
C VAL E 281 16.63 -0.46 44.44
N ASP E 282 16.00 -1.61 44.29
CA ASP E 282 16.09 -2.66 45.27
C ASP E 282 17.51 -3.19 45.44
N HIS E 283 18.32 -3.10 44.40
CA HIS E 283 19.70 -3.57 44.50
C HIS E 283 20.36 -2.92 45.68
N GLU E 284 20.15 -1.62 45.87
CA GLU E 284 20.80 -0.88 46.96
C GLU E 284 19.86 -0.56 48.08
N GLY E 285 18.61 -1.00 47.99
CA GLY E 285 17.65 -0.80 49.04
C GLY E 285 17.18 0.63 49.17
N VAL E 286 17.33 1.43 48.12
CA VAL E 286 16.84 2.83 48.17
C VAL E 286 15.30 2.79 48.00
N VAL E 287 14.61 3.65 48.74
CA VAL E 287 13.14 3.71 48.76
C VAL E 287 12.70 5.09 48.26
N PRO E 288 12.36 5.19 46.96
CA PRO E 288 12.00 6.48 46.37
C PRO E 288 10.70 7.05 46.88
N ASP E 289 10.58 8.38 46.83
CA ASP E 289 9.37 9.09 47.26
C ASP E 289 8.30 8.93 46.20
N ILE E 290 8.69 8.98 44.92
CA ILE E 290 7.79 8.62 43.80
C ILE E 290 8.56 7.80 42.80
N ILE E 291 7.90 6.83 42.18
CA ILE E 291 8.57 6.01 41.19
C ILE E 291 7.70 5.95 39.94
N THR E 292 8.33 6.20 38.79
CA THR E 292 7.66 6.24 37.50
C THR E 292 7.85 4.92 36.78
N MET E 293 6.77 4.43 36.20
CA MET E 293 6.75 3.13 35.56
C MET E 293 6.02 3.14 34.20
N ALA E 294 6.53 2.33 33.27
CA ALA E 294 5.82 2.02 32.00
C ALA E 294 6.44 0.74 31.35
N LYS E 295 6.69 0.81 30.04
CA LYS E 295 7.33 -0.26 29.29
C LYS E 295 6.84 -1.69 29.77
N GLY E 296 7.62 -2.35 30.63
CA GLY E 296 7.32 -3.75 31.04
C GLY E 296 6.07 -4.00 31.85
N ILE E 297 5.50 -2.96 32.44
CA ILE E 297 4.30 -3.07 33.31
C ILE E 297 3.12 -3.87 32.74
N ALA E 298 2.82 -3.72 31.44
CA ALA E 298 1.58 -4.30 30.89
C ALA E 298 1.82 -5.23 29.72
N GLY E 299 2.97 -5.89 29.71
CA GLY E 299 3.28 -6.90 28.71
C GLY E 299 3.12 -6.47 27.28
N GLY E 300 3.29 -5.18 27.03
CA GLY E 300 3.17 -4.66 25.68
C GLY E 300 2.02 -3.71 25.44
N LEU E 301 1.00 -3.76 26.28
CA LEU E 301 -0.11 -2.81 26.11
C LEU E 301 0.30 -1.43 26.63
N PRO E 302 -0.37 -0.37 26.18
CA PRO E 302 0.03 0.97 26.57
C PRO E 302 -0.48 1.32 27.94
N LEU E 303 0.41 1.20 28.93
CA LEU E 303 0.08 1.61 30.32
C LEU E 303 1.30 2.20 30.97
N SER E 304 1.10 3.19 31.81
CA SER E 304 2.16 3.77 32.65
C SER E 304 1.59 4.14 34.02
N ALA E 305 2.46 4.42 34.96
CA ALA E 305 2.02 4.69 36.33
C ALA E 305 3.02 5.53 37.09
N ILE E 306 2.52 6.30 38.07
CA ILE E 306 3.34 6.79 39.17
C ILE E 306 2.82 6.20 40.49
N THR E 307 3.76 5.72 41.34
CA THR E 307 3.44 5.23 42.67
C THR E 307 4.37 5.89 43.67
N GLY E 308 3.79 6.58 44.64
CA GLY E 308 4.56 7.31 45.63
C GLY E 308 3.86 7.52 46.96
N ARG E 309 4.54 8.23 47.84
CA ARG E 309 4.04 8.52 49.17
C ARG E 309 2.64 9.08 49.11
N ALA E 310 1.76 8.53 49.94
CA ALA E 310 0.39 8.99 50.08
C ALA E 310 0.32 10.49 50.32
N ASP E 311 1.14 10.98 51.24
CA ASP E 311 1.06 12.40 51.59
C ASP E 311 1.39 13.32 50.42
N LEU E 312 2.28 12.87 49.53
CA LEU E 312 2.62 13.63 48.30
C LEU E 312 1.51 13.56 47.27
N LEU E 313 1.18 12.35 46.84
CA LEU E 313 0.16 12.21 45.83
C LEU E 313 -1.21 12.74 46.26
N ASP E 314 -1.61 12.51 47.53
CA ASP E 314 -2.94 12.95 47.99
C ASP E 314 -3.02 14.46 48.11
N ALA E 315 -1.87 15.14 48.11
CA ALA E 315 -1.88 16.62 48.15
C ALA E 315 -2.54 17.23 46.88
N VAL E 316 -2.55 16.51 45.77
CA VAL E 316 -3.05 17.07 44.51
C VAL E 316 -4.53 17.19 44.57
N HIS E 317 -5.03 18.31 44.08
CA HIS E 317 -6.45 18.63 44.16
C HIS E 317 -7.27 17.74 43.27
N PRO E 318 -8.56 17.60 43.57
CA PRO E 318 -9.43 16.75 42.73
C PRO E 318 -9.35 17.14 41.28
N GLY E 319 -9.12 16.17 40.40
CA GLY E 319 -9.11 16.36 38.97
C GLY E 319 -7.78 16.84 38.44
N GLY E 320 -6.81 17.05 39.32
CA GLY E 320 -5.54 17.63 38.96
C GLY E 320 -4.74 16.73 38.04
N LEU E 321 -4.73 15.46 38.36
CA LEU E 321 -3.99 14.46 37.60
C LEU E 321 -5.01 13.68 36.84
N GLY E 322 -4.70 13.38 35.57
CA GLY E 322 -5.57 12.51 34.79
C GLY E 322 -5.18 12.40 33.32
N GLY E 323 -6.21 12.31 32.47
CA GLY E 323 -6.06 11.89 31.07
C GLY E 323 -7.30 11.09 30.63
N THR E 324 -7.57 11.04 29.35
CA THR E 324 -8.72 10.29 28.83
C THR E 324 -8.50 8.76 28.92
N TYR E 325 -7.49 8.24 28.22
CA TYR E 325 -7.25 6.82 28.05
C TYR E 325 -6.64 6.19 29.27
N GLY E 326 -6.00 7.00 30.09
CA GLY E 326 -5.13 6.51 31.19
C GLY E 326 -5.73 5.39 32.05
N GLY E 327 -4.92 4.38 32.30
CA GLY E 327 -5.36 3.20 33.00
C GLY E 327 -6.40 2.43 32.22
N ASN E 328 -6.17 2.30 30.92
CA ASN E 328 -7.13 1.63 30.05
C ASN E 328 -7.38 0.18 30.54
N PRO E 329 -8.67 -0.22 30.58
CA PRO E 329 -9.05 -1.50 31.18
C PRO E 329 -8.44 -2.71 30.49
N VAL E 330 -8.35 -2.66 29.18
CA VAL E 330 -7.71 -3.74 28.43
C VAL E 330 -6.21 -3.78 28.81
N ALA E 331 -5.58 -2.61 28.91
CA ALA E 331 -4.18 -2.50 29.34
C ALA E 331 -4.02 -2.98 30.77
N CYS E 332 -4.99 -2.66 31.63
CA CYS E 332 -4.93 -3.07 33.03
C CYS E 332 -5.01 -4.60 33.12
N ALA E 333 -5.93 -5.21 32.38
CA ALA E 333 -6.00 -6.67 32.36
C ALA E 333 -4.64 -7.24 31.98
N ALA E 334 -4.00 -6.66 30.95
CA ALA E 334 -2.67 -7.09 30.50
C ALA E 334 -1.65 -6.98 31.64
N ALA E 335 -1.68 -5.89 32.40
CA ALA E 335 -0.73 -5.69 33.49
C ALA E 335 -0.90 -6.75 34.56
N LEU E 336 -2.13 -6.97 35.00
CA LEU E 336 -2.38 -7.96 36.05
C LEU E 336 -1.76 -9.31 35.63
N ALA E 337 -2.04 -9.71 34.40
CA ALA E 337 -1.57 -10.99 33.88
C ALA E 337 -0.04 -10.96 33.78
N ALA E 338 0.50 -9.86 33.26
CA ALA E 338 1.95 -9.73 33.13
C ALA E 338 2.63 -9.88 34.48
N ILE E 339 2.13 -9.14 35.49
CA ILE E 339 2.72 -9.22 36.82
C ILE E 339 2.59 -10.64 37.38
N ASP E 340 1.46 -11.25 37.11
CA ASP E 340 1.25 -12.60 37.53
C ASP E 340 2.28 -13.54 36.91
N THR E 341 2.51 -13.41 35.61
CA THR E 341 3.53 -14.21 34.96
C THR E 341 4.89 -13.98 35.60
N MET E 342 5.21 -12.73 35.87
CA MET E 342 6.49 -12.40 36.51
C MET E 342 6.70 -13.22 37.79
N GLU E 343 5.64 -13.36 38.58
CA GLU E 343 5.66 -14.13 39.84
C GLU E 343 5.66 -15.64 39.57
N GLN E 344 4.62 -16.13 38.88
CA GLN E 344 4.48 -17.56 38.60
C GLN E 344 5.74 -18.15 37.99
N HIS E 345 6.38 -17.47 37.04
CA HIS E 345 7.58 -18.00 36.41
C HIS E 345 8.88 -17.45 36.94
N ASP E 346 8.82 -16.76 38.09
CA ASP E 346 10.03 -16.24 38.73
C ASP E 346 10.96 -15.53 37.76
N LEU E 347 10.46 -14.46 37.15
CA LEU E 347 11.22 -13.75 36.13
C LEU E 347 12.40 -13.01 36.73
N ASN E 348 12.28 -12.63 38.00
CA ASN E 348 13.46 -12.09 38.72
C ASN E 348 14.64 -13.11 38.66
N GLY E 349 14.34 -14.36 38.97
CA GLY E 349 15.28 -15.44 38.82
C GLY E 349 15.80 -15.64 37.39
N ARG E 350 14.90 -15.59 36.41
CA ARG E 350 15.32 -15.73 35.02
C ARG E 350 16.25 -14.61 34.61
N ALA E 351 15.94 -13.42 35.11
CA ALA E 351 16.78 -12.27 34.84
C ALA E 351 18.15 -12.46 35.45
N ARG E 352 18.20 -12.92 36.70
CA ARG E 352 19.51 -13.13 37.37
C ARG E 352 20.33 -14.16 36.59
N HIS E 353 19.63 -15.16 36.06
CA HIS E 353 20.27 -16.25 35.32
C HIS E 353 20.80 -15.74 34.03
N ILE E 354 19.99 -14.92 33.34
CA ILE E 354 20.46 -14.25 32.12
C ILE E 354 21.77 -13.47 32.37
N GLU E 355 21.84 -12.76 33.49
CA GLU E 355 23.02 -11.98 33.84
C GLU E 355 24.25 -12.90 33.86
N GLU E 356 24.13 -14.01 34.60
CA GLU E 356 25.25 -14.94 34.81
C GLU E 356 25.74 -15.48 33.48
N LEU E 357 24.81 -15.90 32.65
CA LEU E 357 25.13 -16.41 31.32
C LEU E 357 25.76 -15.36 30.40
N ALA E 358 25.10 -14.22 30.29
CA ALA E 358 25.52 -13.18 29.35
C ALA E 358 26.82 -12.51 29.79
N LEU E 359 26.94 -12.15 31.05
CA LEU E 359 28.17 -11.53 31.52
C LEU E 359 29.33 -12.53 31.39
N GLY E 360 29.04 -13.82 31.59
CA GLY E 360 30.03 -14.86 31.39
C GLY E 360 30.61 -14.80 29.99
N LYS E 361 29.74 -14.85 28.99
CA LYS E 361 30.18 -14.91 27.59
C LYS E 361 30.89 -13.61 27.20
N LEU E 362 30.38 -12.49 27.68
CA LEU E 362 30.97 -11.20 27.37
C LEU E 362 32.36 -11.03 27.99
N ARG E 363 32.56 -11.54 29.19
CA ARG E 363 33.89 -11.46 29.83
C ARG E 363 34.93 -12.39 29.18
N GLU E 364 34.45 -13.53 28.67
CA GLU E 364 35.26 -14.38 27.82
C GLU E 364 35.77 -13.62 26.61
N LEU E 365 34.88 -12.87 25.97
CA LEU E 365 35.23 -12.03 24.83
C LEU E 365 36.22 -10.95 25.23
N ALA E 366 36.05 -10.39 26.43
CA ALA E 366 36.95 -9.38 26.97
C ALA E 366 38.39 -9.90 27.01
N ALA E 367 38.54 -11.21 27.08
CA ALA E 367 39.90 -11.78 26.76
C ALA E 367 40.50 -11.26 25.39
N GLU E 368 40.65 -9.94 25.22
CA GLU E 368 41.42 -9.26 24.16
C GLU E 368 42.51 -8.35 24.78
N SER E 375 42.64 -3.38 22.51
CA SER E 375 41.31 -3.87 22.85
C SER E 375 40.18 -2.86 22.66
N VAL E 376 39.04 -3.40 22.22
CA VAL E 376 37.92 -2.62 21.72
C VAL E 376 36.74 -2.68 22.74
N VAL E 377 36.86 -3.51 23.78
CA VAL E 377 35.80 -3.61 24.81
C VAL E 377 36.20 -2.80 26.04
N GLY E 378 35.60 -1.62 26.17
CA GLY E 378 35.94 -0.69 27.22
C GLY E 378 35.37 -1.06 28.57
N ASP E 379 34.11 -1.51 28.58
CA ASP E 379 33.40 -1.70 29.85
C ASP E 379 32.21 -2.63 29.64
N ILE E 380 32.03 -3.54 30.60
CA ILE E 380 30.90 -4.43 30.63
C ILE E 380 30.16 -4.14 31.92
N ARG E 381 28.87 -3.87 31.81
CA ARG E 381 28.11 -3.43 32.97
C ARG E 381 26.64 -3.74 32.82
N GLY E 382 25.93 -3.57 33.93
CA GLY E 382 24.51 -3.79 33.98
C GLY E 382 24.15 -4.84 35.03
N ARG E 383 22.85 -5.10 35.13
CA ARG E 383 22.37 -6.13 36.01
C ARG E 383 21.20 -6.86 35.35
N GLY E 384 21.04 -8.15 35.68
CA GLY E 384 19.93 -8.95 35.23
C GLY E 384 19.87 -9.03 33.74
N ALA E 385 18.69 -8.73 33.17
CA ALA E 385 18.48 -8.68 31.70
C ALA E 385 18.60 -7.28 31.12
N MET E 386 19.32 -6.41 31.81
CA MET E 386 19.64 -5.07 31.34
C MET E 386 21.15 -4.92 31.38
N LEU E 387 21.80 -5.40 30.34
CA LEU E 387 23.27 -5.52 30.32
C LEU E 387 23.81 -4.75 29.14
N ALA E 388 25.07 -4.31 29.23
CA ALA E 388 25.66 -3.51 28.15
C ALA E 388 27.16 -3.68 28.03
N ILE E 389 27.64 -3.48 26.81
CA ILE E 389 29.06 -3.48 26.57
C ILE E 389 29.36 -2.19 25.81
N GLU E 390 30.21 -1.35 26.44
CA GLU E 390 30.63 -0.05 25.85
C GLU E 390 31.91 -0.25 25.05
N LEU E 391 31.83 0.06 23.76
CA LEU E 391 32.92 -0.17 22.84
C LEU E 391 33.71 1.07 22.62
N VAL E 392 35.02 0.91 22.66
CA VAL E 392 35.97 2.00 22.53
C VAL E 392 36.94 1.77 21.36
N GLN E 393 37.74 2.78 21.09
CA GLN E 393 38.82 2.70 20.09
C GLN E 393 39.97 1.86 20.70
N PRO E 394 40.66 1.07 19.87
CA PRO E 394 41.71 0.18 20.40
C PRO E 394 42.77 0.90 21.26
N GLY E 395 42.98 0.39 22.48
CA GLY E 395 44.01 0.93 23.37
C GLY E 395 43.76 2.31 23.96
N SER E 396 42.52 2.79 23.88
CA SER E 396 42.14 4.04 24.56
C SER E 396 40.71 3.96 25.06
N LYS E 397 40.24 5.06 25.63
CA LYS E 397 38.85 5.19 26.09
C LYS E 397 37.97 5.98 25.11
N GLU E 398 38.50 6.39 23.96
CA GLU E 398 37.71 7.17 23.00
C GLU E 398 36.52 6.32 22.48
N PRO E 399 35.33 6.92 22.34
CA PRO E 399 34.15 6.17 21.91
C PRO E 399 34.29 5.64 20.49
N ASN E 400 33.68 4.48 20.25
CA ASN E 400 33.72 3.78 18.95
C ASN E 400 32.29 3.55 18.44
N ALA E 401 31.61 4.62 18.04
CA ALA E 401 30.29 4.52 17.44
C ALA E 401 30.29 3.71 16.12
N GLU E 402 31.34 3.82 15.31
CA GLU E 402 31.40 3.13 14.03
C GLU E 402 31.29 1.62 14.24
N LEU E 403 32.12 1.10 15.14
CA LEU E 403 32.14 -0.34 15.44
C LEU E 403 30.79 -0.80 15.96
N THR E 404 30.17 0.04 16.79
CA THR E 404 28.87 -0.23 17.35
C THR E 404 27.82 -0.34 16.26
N LYS E 405 27.73 0.65 15.37
CA LYS E 405 26.77 0.60 14.26
C LYS E 405 26.99 -0.69 13.46
N ALA E 406 28.26 -0.99 13.19
CA ALA E 406 28.66 -2.08 12.32
C ALA E 406 28.32 -3.42 12.95
N VAL E 407 28.56 -3.55 14.25
CA VAL E 407 28.25 -4.79 14.94
C VAL E 407 26.73 -5.05 14.97
N ALA E 408 25.94 -4.01 15.19
CA ALA E 408 24.49 -4.15 15.15
C ALA E 408 24.05 -4.63 13.79
N ALA E 409 24.61 -4.03 12.75
CA ALA E 409 24.25 -4.39 11.37
C ALA E 409 24.68 -5.86 11.08
N ALA E 410 25.87 -6.25 11.53
CA ALA E 410 26.38 -7.61 11.34
C ALA E 410 25.48 -8.62 11.99
N CYS E 411 25.05 -8.33 13.21
CA CYS E 411 24.14 -9.19 13.96
C CYS E 411 22.82 -9.34 13.24
N LEU E 412 22.30 -8.24 12.73
CA LEU E 412 21.04 -8.25 12.01
C LEU E 412 21.15 -9.19 10.79
N LYS E 413 22.26 -9.08 10.08
CA LYS E 413 22.51 -9.87 8.89
C LYS E 413 22.43 -11.39 9.20
N GLU E 414 22.89 -11.79 10.38
CA GLU E 414 22.86 -13.20 10.80
C GLU E 414 21.54 -13.61 11.46
N GLY E 415 20.59 -12.70 11.55
CA GLY E 415 19.31 -13.04 12.17
C GLY E 415 19.20 -12.77 13.67
N VAL E 416 19.97 -11.80 14.16
CA VAL E 416 19.87 -11.36 15.53
C VAL E 416 19.57 -9.86 15.58
N ILE E 417 18.40 -9.50 16.11
CA ILE E 417 18.05 -8.09 16.31
C ILE E 417 18.54 -7.61 17.65
N ILE E 418 19.53 -6.73 17.62
CA ILE E 418 20.15 -6.19 18.84
C ILE E 418 20.11 -4.67 18.83
N LEU E 419 19.89 -4.06 19.98
CA LEU E 419 19.80 -2.58 20.05
C LEU E 419 21.09 -1.91 20.57
N THR E 420 21.27 -0.66 20.20
CA THR E 420 22.42 0.13 20.64
C THR E 420 21.90 1.32 21.42
N CYS E 421 22.80 2.05 22.05
CA CYS E 421 22.42 3.24 22.80
C CYS E 421 23.68 3.98 23.25
N GLY E 422 23.49 4.97 24.11
CA GLY E 422 24.61 5.74 24.67
C GLY E 422 24.69 7.21 24.24
N THR E 423 25.11 8.05 25.17
CA THR E 423 25.45 9.44 24.88
C THR E 423 26.38 9.53 23.68
N TYR E 424 27.37 8.65 23.62
CA TYR E 424 28.34 8.69 22.52
C TYR E 424 28.09 7.66 21.40
N GLY E 425 26.90 7.09 21.39
CA GLY E 425 26.49 6.11 20.39
C GLY E 425 27.29 4.83 20.32
N ASN E 426 27.95 4.47 21.41
CA ASN E 426 28.98 3.42 21.39
C ASN E 426 28.72 2.31 22.40
N VAL E 427 27.45 2.09 22.75
CA VAL E 427 27.08 1.05 23.71
C VAL E 427 26.11 0.05 23.08
N ILE E 428 26.52 -1.23 23.05
CA ILE E 428 25.62 -2.31 22.65
C ILE E 428 24.89 -2.74 23.90
N ARG E 429 23.57 -2.83 23.82
CA ARG E 429 22.78 -3.22 24.97
C ARG E 429 22.01 -4.52 24.70
N LEU E 430 21.97 -5.35 25.72
CA LEU E 430 21.17 -6.58 25.71
C LEU E 430 19.92 -6.37 26.54
N LEU E 431 18.78 -6.40 25.86
CA LEU E 431 17.48 -6.31 26.52
C LEU E 431 16.58 -7.45 26.01
N PRO E 432 17.00 -8.69 26.25
CA PRO E 432 16.21 -9.82 25.82
C PRO E 432 14.97 -9.92 26.64
N PRO E 433 13.91 -10.52 26.08
CA PRO E 433 12.79 -10.87 26.95
C PRO E 433 13.25 -11.86 28.03
N LEU E 434 12.71 -11.73 29.23
CA LEU E 434 13.11 -12.57 30.35
C LEU E 434 12.72 -14.05 30.13
N VAL E 435 11.70 -14.32 29.31
CA VAL E 435 11.31 -15.69 28.99
C VAL E 435 12.18 -16.36 27.89
N ILE E 436 13.22 -15.69 27.43
CA ILE E 436 14.13 -16.29 26.46
C ILE E 436 14.79 -17.59 27.00
N SER E 437 14.96 -18.57 26.14
CA SER E 437 15.64 -19.80 26.49
C SER E 437 17.17 -19.65 26.47
N ASP E 438 17.84 -20.43 27.30
CA ASP E 438 19.30 -20.43 27.33
C ASP E 438 19.90 -20.70 25.94
N GLU E 439 19.27 -21.64 25.23
CA GLU E 439 19.71 -22.04 23.89
C GLU E 439 19.77 -20.78 22.98
N LEU E 440 18.66 -20.06 22.87
CA LEU E 440 18.57 -18.88 22.02
C LEU E 440 19.46 -17.73 22.47
N LEU E 441 19.47 -17.47 23.77
CA LEU E 441 20.34 -16.44 24.30
C LEU E 441 21.82 -16.74 23.93
N ILE E 442 22.27 -17.99 24.17
CA ILE E 442 23.65 -18.36 23.86
C ILE E 442 23.94 -18.20 22.37
N ASP E 443 22.97 -18.59 21.56
CA ASP E 443 23.11 -18.45 20.12
C ASP E 443 23.35 -16.97 19.81
N GLY E 444 22.47 -16.12 20.31
CA GLY E 444 22.56 -14.67 20.09
C GLY E 444 23.89 -14.11 20.52
N LEU E 445 24.34 -14.51 21.72
CA LEU E 445 25.60 -14.03 22.26
C LEU E 445 26.77 -14.48 21.43
N GLU E 446 26.66 -15.68 20.84
CA GLU E 446 27.73 -16.18 19.97
C GLU E 446 27.81 -15.30 18.73
N VAL E 447 26.66 -14.99 18.14
CA VAL E 447 26.61 -14.14 16.95
C VAL E 447 27.20 -12.79 17.26
N LEU E 448 26.86 -12.28 18.43
CA LEU E 448 27.36 -10.97 18.86
C LEU E 448 28.88 -10.99 18.97
N ALA E 449 29.40 -11.98 19.70
CA ALA E 449 30.83 -12.12 19.89
C ALA E 449 31.54 -12.24 18.53
N ALA E 450 30.98 -13.03 17.62
CA ALA E 450 31.58 -13.21 16.29
C ALA E 450 31.61 -11.88 15.53
N ALA E 451 30.53 -11.10 15.64
CA ALA E 451 30.42 -9.80 14.96
C ALA E 451 31.46 -8.80 15.47
N ILE E 452 31.66 -8.74 16.78
CA ILE E 452 32.65 -7.81 17.34
C ILE E 452 34.06 -8.19 16.87
N LYS E 453 34.40 -9.47 16.96
CA LYS E 453 35.66 -9.96 16.43
C LYS E 453 35.80 -9.66 14.93
N ALA E 454 34.76 -9.94 14.17
CA ALA E 454 34.78 -9.67 12.74
C ALA E 454 35.09 -8.20 12.38
N HIS E 455 34.67 -7.25 13.21
CA HIS E 455 34.95 -5.82 12.99
C HIS E 455 35.62 -5.26 14.23
N SER F 9 -27.70 -4.04 15.74
CA SER F 9 -27.84 -5.07 16.87
C SER F 9 -26.78 -4.96 18.02
N TYR F 10 -27.23 -5.18 19.26
CA TYR F 10 -26.45 -4.96 20.47
C TYR F 10 -26.28 -6.20 21.31
N ARG F 11 -25.34 -6.15 22.25
CA ARG F 11 -24.99 -7.29 23.08
C ARG F 11 -25.79 -7.35 24.38
N ILE F 12 -25.97 -6.21 25.03
CA ILE F 12 -26.75 -6.18 26.27
C ILE F 12 -28.01 -5.35 26.08
N GLU F 13 -28.98 -5.56 26.98
CA GLU F 13 -30.28 -4.92 26.84
C GLU F 13 -30.11 -3.42 26.84
N GLN F 14 -30.69 -2.78 25.83
CA GLN F 14 -30.57 -1.36 25.65
C GLN F 14 -31.71 -0.59 26.29
N LYS F 15 -31.85 -0.73 27.61
CA LYS F 15 -32.88 -0.04 28.35
C LYS F 15 -32.32 0.50 29.64
N ARG F 16 -32.77 1.67 30.01
CA ARG F 16 -32.44 2.25 31.30
C ARG F 16 -33.13 1.46 32.39
N ASN F 17 -32.35 0.98 33.34
CA ASN F 17 -32.86 0.15 34.43
C ASN F 17 -32.08 0.27 35.75
N ILE F 18 -32.65 1.00 36.71
CA ILE F 18 -32.04 1.15 38.02
C ILE F 18 -32.85 0.37 39.06
N ASN F 19 -32.27 -0.73 39.58
CA ASN F 19 -32.87 -1.49 40.71
C ASN F 19 -32.41 -0.99 42.06
N GLY F 20 -33.24 -0.19 42.70
CA GLY F 20 -32.90 0.33 44.04
C GLY F 20 -31.65 1.20 44.09
N ALA F 21 -31.12 1.35 45.29
CA ALA F 21 -30.13 2.37 45.61
C ALA F 21 -28.78 2.02 45.06
N PHE F 22 -28.02 3.05 44.69
CA PHE F 22 -26.63 2.89 44.28
C PHE F 22 -25.78 4.03 44.83
N PRO F 23 -24.48 3.79 45.00
CA PRO F 23 -23.78 2.58 44.64
C PRO F 23 -24.25 1.35 45.43
N GLY F 24 -24.40 0.22 44.72
CA GLY F 24 -24.71 -1.04 45.36
C GLY F 24 -23.52 -1.66 46.07
N PRO F 25 -23.71 -2.86 46.62
CA PRO F 25 -22.70 -3.47 47.48
C PRO F 25 -21.37 -3.71 46.79
N LYS F 26 -21.41 -4.19 45.55
CA LYS F 26 -20.16 -4.52 44.83
C LYS F 26 -19.39 -3.28 44.42
N SER F 27 -20.11 -2.22 44.05
CA SER F 27 -19.52 -0.91 43.81
C SER F 27 -18.88 -0.34 45.08
N GLN F 28 -19.60 -0.38 46.19
CA GLN F 28 -19.07 0.09 47.47
C GLN F 28 -17.82 -0.65 47.87
N ALA F 29 -17.79 -1.95 47.60
CA ALA F 29 -16.62 -2.80 47.93
C ALA F 29 -15.40 -2.29 47.15
N LEU F 30 -15.63 -1.91 45.89
CA LEU F 30 -14.56 -1.40 45.06
C LEU F 30 -14.12 -0.02 45.53
N ALA F 31 -15.07 0.86 45.83
CA ALA F 31 -14.75 2.17 46.40
C ALA F 31 -13.86 2.03 47.65
N GLU F 32 -14.20 1.09 48.51
CA GLU F 32 -13.44 0.90 49.73
C GLU F 32 -12.00 0.48 49.36
N ARG F 33 -11.86 -0.42 48.38
CA ARG F 33 -10.51 -0.86 47.93
C ARG F 33 -9.75 0.30 47.33
N ARG F 34 -10.46 1.07 46.51
CA ARG F 34 -9.90 2.20 45.80
C ARG F 34 -9.25 3.20 46.74
N SER F 35 -9.95 3.58 47.79
CA SER F 35 -9.44 4.62 48.68
C SER F 35 -8.15 4.26 49.44
N ALA F 36 -7.79 2.99 49.50
CA ALA F 36 -6.50 2.60 50.11
C ALA F 36 -5.31 2.79 49.18
N VAL F 37 -5.58 2.96 47.88
CA VAL F 37 -4.55 2.69 46.89
C VAL F 37 -4.47 3.64 45.67
N VAL F 38 -5.58 4.32 45.36
CA VAL F 38 -5.59 5.35 44.30
C VAL F 38 -5.51 6.76 44.93
N ALA F 39 -4.71 7.64 44.35
CA ALA F 39 -4.56 9.00 44.87
C ALA F 39 -5.92 9.62 45.12
N ALA F 40 -6.04 10.31 46.26
CA ALA F 40 -7.31 10.88 46.71
C ALA F 40 -7.89 11.85 45.72
N GLY F 41 -7.01 12.54 44.99
CA GLY F 41 -7.46 13.56 44.04
C GLY F 41 -8.12 12.97 42.82
N VAL F 42 -7.80 11.71 42.52
CA VAL F 42 -8.29 11.09 41.31
C VAL F 42 -9.73 10.70 41.59
N ALA F 43 -10.64 11.53 41.13
CA ALA F 43 -12.07 11.36 41.39
C ALA F 43 -12.77 10.88 40.14
N SER F 44 -13.93 10.30 40.35
CA SER F 44 -14.75 9.86 39.24
C SER F 44 -16.07 10.55 39.31
N GLY F 45 -16.62 10.89 38.16
CA GLY F 45 -17.90 11.59 38.10
C GLY F 45 -19.05 10.74 38.55
N VAL F 46 -18.83 9.42 38.53
CA VAL F 46 -19.88 8.43 38.67
C VAL F 46 -19.43 7.47 39.78
N PRO F 47 -20.31 7.20 40.77
CA PRO F 47 -19.95 6.38 41.94
C PRO F 47 -20.10 4.85 41.75
N VAL F 48 -20.61 4.42 40.60
CA VAL F 48 -20.80 3.00 40.29
C VAL F 48 -19.67 2.49 39.37
N TYR F 49 -19.37 1.20 39.44
CA TYR F 49 -18.26 0.63 38.70
C TYR F 49 -18.79 -0.18 37.51
N VAL F 50 -18.24 0.05 36.32
CA VAL F 50 -18.67 -0.67 35.11
C VAL F 50 -18.28 -2.15 35.11
N GLU F 51 -19.16 -2.97 34.55
CA GLU F 51 -18.85 -4.36 34.26
C GLU F 51 -18.93 -4.62 32.78
N ASP F 52 -19.94 -4.06 32.15
CA ASP F 52 -20.13 -4.15 30.70
C ASP F 52 -20.61 -2.79 30.15
N ALA F 53 -20.06 -2.39 29.00
CA ALA F 53 -20.44 -1.13 28.35
C ALA F 53 -20.68 -1.46 26.89
N ASP F 54 -21.87 -1.14 26.39
CA ASP F 54 -22.29 -1.55 25.04
C ASP F 54 -23.45 -0.71 24.56
N GLY F 55 -23.48 -0.39 23.26
CA GLY F 55 -24.49 0.51 22.71
C GLY F 55 -24.55 1.84 23.42
N GLY F 56 -25.72 2.15 24.00
CA GLY F 56 -25.88 3.35 24.82
C GLY F 56 -25.99 3.10 26.34
N ILE F 57 -25.49 1.95 26.80
CA ILE F 57 -25.68 1.52 28.19
C ILE F 57 -24.32 1.29 28.88
N ILE F 58 -24.24 1.73 30.12
CA ILE F 58 -23.20 1.35 31.02
C ILE F 58 -23.88 0.51 32.10
N ARG F 59 -23.48 -0.74 32.21
CA ARG F 59 -24.02 -1.63 33.22
C ARG F 59 -23.02 -1.84 34.34
N ASP F 60 -23.43 -1.55 35.57
CA ASP F 60 -22.53 -1.61 36.69
C ASP F 60 -22.46 -3.00 37.28
N VAL F 61 -21.55 -3.18 38.22
CA VAL F 61 -21.29 -4.48 38.81
C VAL F 61 -22.48 -5.00 39.66
N ASP F 62 -23.43 -4.12 39.98
CA ASP F 62 -24.59 -4.51 40.77
C ASP F 62 -25.81 -4.68 39.85
N GLY F 63 -25.56 -4.78 38.56
CA GLY F 63 -26.64 -5.00 37.60
C GLY F 63 -27.51 -3.82 37.21
N ASN F 64 -27.13 -2.60 37.56
CA ASN F 64 -27.89 -1.43 37.12
C ASN F 64 -27.45 -1.00 35.74
N SER F 65 -28.41 -0.57 34.92
CA SER F 65 -28.13 -0.10 33.57
C SER F 65 -28.39 1.41 33.39
N PHE F 66 -27.31 2.18 33.24
CA PHE F 66 -27.39 3.63 32.99
C PHE F 66 -27.32 3.95 31.49
N ILE F 67 -28.00 5.01 31.07
CA ILE F 67 -27.84 5.53 29.69
C ILE F 67 -26.52 6.30 29.64
N ASP F 68 -25.72 6.01 28.62
CA ASP F 68 -24.42 6.62 28.48
C ASP F 68 -24.52 7.77 27.51
N LEU F 69 -24.51 9.00 28.03
CA LEU F 69 -24.53 10.18 27.18
C LEU F 69 -23.16 10.91 27.14
N GLY F 70 -22.10 10.20 27.53
CA GLY F 70 -20.75 10.79 27.55
C GLY F 70 -19.74 10.08 26.65
N SER F 71 -20.04 8.84 26.31
CA SER F 71 -19.14 7.96 25.54
C SER F 71 -17.68 8.06 25.97
N GLY F 72 -17.46 8.17 27.28
CA GLY F 72 -16.11 8.20 27.85
C GLY F 72 -15.33 9.46 27.49
N ILE F 73 -16.04 10.59 27.46
CA ILE F 73 -15.59 11.85 26.90
C ILE F 73 -15.27 11.70 25.40
N ALA F 74 -16.31 11.35 24.64
CA ALA F 74 -16.24 11.32 23.17
C ALA F 74 -15.30 10.28 22.59
N VAL F 75 -15.03 9.22 23.34
CA VAL F 75 -14.10 8.16 22.91
C VAL F 75 -14.76 6.99 22.21
N THR F 76 -15.73 6.40 22.86
CA THR F 76 -16.39 5.22 22.34
C THR F 76 -17.54 5.64 21.41
N SER F 77 -17.20 6.30 20.33
CA SER F 77 -18.19 6.73 19.35
C SER F 77 -18.89 5.54 18.67
N VAL F 78 -18.10 4.52 18.34
CA VAL F 78 -18.61 3.28 17.73
C VAL F 78 -19.24 2.35 18.77
N GLY F 79 -19.21 2.77 20.05
CA GLY F 79 -19.69 1.93 21.15
C GLY F 79 -18.53 1.32 21.94
N ALA F 80 -18.76 1.11 23.22
CA ALA F 80 -17.67 0.65 24.11
C ALA F 80 -17.29 -0.79 23.92
N SER F 81 -18.09 -1.54 23.18
CA SER F 81 -17.71 -2.90 22.78
C SER F 81 -18.27 -3.28 21.41
N ASP F 82 -17.87 -2.51 20.41
CA ASP F 82 -18.19 -2.82 19.02
C ASP F 82 -17.57 -4.17 18.62
N PRO F 83 -18.43 -5.13 18.21
CA PRO F 83 -17.96 -6.47 17.82
C PRO F 83 -16.71 -6.46 16.94
N ALA F 84 -16.67 -5.56 15.93
CA ALA F 84 -15.52 -5.50 14.99
C ALA F 84 -14.24 -5.11 15.76
N VAL F 85 -14.34 -4.06 16.59
CA VAL F 85 -13.24 -3.63 17.41
C VAL F 85 -12.79 -4.79 18.32
N VAL F 86 -13.74 -5.41 19.01
CA VAL F 86 -13.42 -6.47 19.97
C VAL F 86 -12.71 -7.61 19.26
N ALA F 87 -13.26 -8.04 18.13
CA ALA F 87 -12.68 -9.16 17.37
C ALA F 87 -11.25 -8.84 16.89
N ALA F 88 -11.06 -7.61 16.41
CA ALA F 88 -9.78 -7.18 15.91
C ALA F 88 -8.72 -7.16 17.00
N VAL F 89 -9.10 -6.63 18.16
CA VAL F 89 -8.20 -6.57 19.30
C VAL F 89 -7.80 -7.98 19.71
N GLN F 90 -8.78 -8.87 19.82
CA GLN F 90 -8.56 -10.25 20.21
C GLN F 90 -7.60 -10.94 19.25
N GLU F 91 -7.83 -10.76 17.97
CA GLU F 91 -7.01 -11.40 16.95
C GLU F 91 -5.58 -10.89 16.98
N ALA F 92 -5.42 -9.56 17.02
CA ALA F 92 -4.09 -8.90 16.99
C ALA F 92 -3.22 -9.22 18.17
N ALA F 93 -3.82 -9.30 19.34
CA ALA F 93 -3.08 -9.61 20.56
C ALA F 93 -2.42 -10.97 20.52
N ALA F 94 -3.05 -11.91 19.82
CA ALA F 94 -2.55 -13.28 19.74
C ALA F 94 -1.27 -13.40 18.93
N HIS F 95 -1.01 -12.42 18.07
CA HIS F 95 0.20 -12.43 17.21
C HIS F 95 1.38 -11.76 17.84
N PHE F 96 1.16 -10.56 18.39
CA PHE F 96 2.17 -9.81 19.21
C PHE F 96 1.53 -8.54 19.78
N THR F 97 1.86 -8.21 21.01
CA THR F 97 1.25 -7.08 21.70
C THR F 97 1.98 -5.80 21.37
N HIS F 98 3.27 -5.91 21.05
CA HIS F 98 4.14 -4.76 20.92
C HIS F 98 5.49 -5.20 20.42
N THR F 99 6.03 -4.49 19.44
CA THR F 99 7.45 -4.62 19.06
C THR F 99 8.16 -3.28 18.98
N CYS F 100 7.42 -2.17 19.16
CA CYS F 100 7.91 -0.80 18.97
C CYS F 100 8.21 -0.47 17.51
N PHE F 101 7.33 0.28 16.89
CA PHE F 101 7.45 0.58 15.46
C PHE F 101 8.85 1.10 15.06
N MET F 102 9.47 1.92 15.91
CA MET F 102 10.82 2.47 15.62
C MET F 102 11.89 1.37 15.62
N VAL F 103 11.59 0.21 16.20
CA VAL F 103 12.52 -0.92 16.15
C VAL F 103 12.12 -1.89 15.02
N THR F 104 11.03 -2.65 15.22
CA THR F 104 10.53 -3.59 14.21
C THR F 104 9.13 -3.16 13.80
N PRO F 105 8.98 -2.72 12.57
CA PRO F 105 7.70 -2.20 12.13
C PRO F 105 6.72 -3.30 11.81
N TYR F 106 5.48 -2.89 11.49
CA TYR F 106 4.37 -3.81 11.28
C TYR F 106 3.25 -3.16 10.50
N GLU F 107 2.45 -4.01 9.86
CA GLU F 107 1.43 -3.55 8.92
C GLU F 107 0.39 -2.63 9.54
N GLY F 108 -0.05 -2.95 10.74
CA GLY F 108 -1.13 -2.20 11.38
C GLY F 108 -0.89 -0.71 11.46
N TYR F 109 0.36 -0.34 11.75
CA TYR F 109 0.75 1.07 11.84
C TYR F 109 0.58 1.68 10.46
N VAL F 110 1.21 1.06 9.47
CA VAL F 110 1.14 1.54 8.10
C VAL F 110 -0.32 1.65 7.63
N ALA F 111 -1.13 0.64 7.96
CA ALA F 111 -2.54 0.65 7.52
C ALA F 111 -3.32 1.80 8.12
N VAL F 112 -3.14 2.03 9.43
CA VAL F 112 -3.91 3.08 10.11
C VAL F 112 -3.54 4.41 9.45
N THR F 113 -2.24 4.53 9.24
CA THR F 113 -1.64 5.63 8.54
C THR F 113 -2.25 5.88 7.16
N GLU F 114 -2.55 4.82 6.43
CA GLU F 114 -3.18 4.94 5.12
C GLU F 114 -4.61 5.48 5.24
N GLN F 115 -5.37 4.97 6.21
CA GLN F 115 -6.73 5.44 6.40
C GLN F 115 -6.78 6.92 6.79
N LEU F 116 -5.87 7.35 7.64
CA LEU F 116 -5.91 8.71 8.13
C LEU F 116 -5.57 9.65 6.97
N ASN F 117 -4.59 9.26 6.15
CA ASN F 117 -4.25 10.03 4.96
C ASN F 117 -5.46 10.22 4.09
N ARG F 118 -6.22 9.14 3.93
CA ARG F 118 -7.41 9.14 3.08
C ARG F 118 -8.56 9.97 3.63
N LEU F 119 -8.83 9.86 4.93
CA LEU F 119 -10.04 10.47 5.53
C LEU F 119 -9.90 11.92 5.98
N THR F 120 -8.69 12.39 6.17
CA THR F 120 -8.44 13.75 6.65
C THR F 120 -8.60 14.76 5.51
N PRO F 121 -8.83 16.04 5.84
CA PRO F 121 -9.12 17.00 4.77
C PRO F 121 -7.90 17.34 3.93
N GLY F 122 -8.20 17.84 2.73
CA GLY F 122 -7.20 18.25 1.78
C GLY F 122 -6.71 17.10 0.90
N ASP F 123 -6.29 17.47 -0.32
CA ASP F 123 -5.85 16.51 -1.32
C ASP F 123 -4.37 16.58 -1.55
N HIS F 124 -3.70 17.45 -0.83
CA HIS F 124 -2.23 17.56 -0.88
C HIS F 124 -1.54 16.38 -0.22
N ALA F 125 -0.24 16.30 -0.43
CA ALA F 125 0.51 15.20 0.12
C ALA F 125 0.49 15.29 1.63
N LYS F 126 0.15 14.20 2.28
CA LYS F 126 0.09 14.16 3.73
C LYS F 126 0.89 12.97 4.28
N ARG F 127 1.34 13.10 5.52
CA ARG F 127 2.02 12.01 6.23
C ARG F 127 1.52 11.96 7.67
N THR F 128 1.77 10.83 8.32
CA THR F 128 1.21 10.61 9.64
C THR F 128 2.26 10.01 10.56
N VAL F 129 2.18 10.34 11.84
CA VAL F 129 2.92 9.62 12.87
C VAL F 129 1.91 9.31 13.95
N LEU F 130 2.14 8.20 14.66
CA LEU F 130 1.21 7.74 15.70
C LEU F 130 1.82 7.76 17.10
N PHE F 131 1.00 8.06 18.08
CA PHE F 131 1.38 8.05 19.47
C PHE F 131 0.27 7.43 20.31
N ASN F 132 0.22 7.71 21.62
CA ASN F 132 -0.76 7.09 22.50
C ASN F 132 -1.88 8.02 22.92
N SER F 133 -1.52 9.20 23.44
CA SER F 133 -2.54 10.17 23.96
C SER F 133 -2.72 11.40 23.10
N GLY F 134 -3.85 12.05 23.32
CA GLY F 134 -4.14 13.33 22.67
C GLY F 134 -3.05 14.34 23.01
N ALA F 135 -2.65 14.41 24.26
CA ALA F 135 -1.57 15.34 24.65
C ALA F 135 -0.31 15.05 23.86
N GLU F 136 0.04 13.78 23.71
CA GLU F 136 1.24 13.45 22.91
C GLU F 136 1.07 13.93 21.45
N ALA F 137 -0.14 13.78 20.91
CA ALA F 137 -0.43 14.27 19.55
C ALA F 137 -0.15 15.73 19.45
N VAL F 138 -0.75 16.50 20.34
CA VAL F 138 -0.58 17.98 20.33
C VAL F 138 0.88 18.36 20.54
N GLU F 139 1.54 17.73 21.51
CA GLU F 139 2.97 17.92 21.70
C GLU F 139 3.78 17.72 20.41
N ASN F 140 3.44 16.67 19.67
CA ASN F 140 4.16 16.36 18.42
C ASN F 140 3.81 17.30 17.24
N ALA F 141 2.54 17.72 17.16
CA ALA F 141 2.16 18.74 16.19
C ALA F 141 2.99 20.03 16.41
N VAL F 142 3.16 20.45 17.67
CA VAL F 142 3.93 21.66 17.99
C VAL F 142 5.40 21.44 17.68
N LYS F 143 5.95 20.28 18.05
CA LYS F 143 7.34 19.96 17.67
C LYS F 143 7.57 20.13 16.16
N VAL F 144 6.62 19.67 15.37
CA VAL F 144 6.77 19.69 13.92
C VAL F 144 6.67 21.12 13.40
N ALA F 145 5.69 21.86 13.87
CA ALA F 145 5.54 23.24 13.44
C ALA F 145 6.82 24.02 13.81
N ARG F 146 7.36 23.79 15.00
CA ARG F 146 8.51 24.57 15.45
C ARG F 146 9.74 24.27 14.62
N LEU F 147 10.01 22.99 14.41
CA LEU F 147 11.16 22.57 13.60
C LEU F 147 10.99 22.97 12.13
N ALA F 148 9.80 22.76 11.56
CA ALA F 148 9.58 23.06 10.13
C ALA F 148 9.68 24.54 9.83
N THR F 149 9.13 25.39 10.69
CA THR F 149 9.07 26.82 10.42
C THR F 149 10.33 27.53 10.91
N GLY F 150 11.07 26.92 11.82
CA GLY F 150 12.19 27.59 12.47
C GLY F 150 11.77 28.69 13.44
N ARG F 151 10.49 28.74 13.81
CA ARG F 151 10.01 29.72 14.78
C ARG F 151 9.58 29.11 16.13
N ASP F 152 9.36 29.99 17.11
CA ASP F 152 9.14 29.62 18.53
C ASP F 152 7.67 29.73 18.92
N ALA F 153 7.07 30.88 18.65
CA ALA F 153 5.79 31.25 19.24
C ALA F 153 4.67 30.34 18.77
N VAL F 154 3.80 29.95 19.68
CA VAL F 154 2.59 29.19 19.34
C VAL F 154 1.36 29.93 19.90
N VAL F 155 0.35 30.21 19.08
CA VAL F 155 -0.82 30.88 19.64
C VAL F 155 -1.91 29.86 19.90
N ALA F 156 -2.49 29.96 21.08
CA ALA F 156 -3.67 29.20 21.47
C ALA F 156 -4.76 30.20 21.88
N PHE F 157 -5.97 29.72 22.14
CA PHE F 157 -7.10 30.63 22.35
C PHE F 157 -7.74 30.56 23.71
N ASP F 158 -8.47 31.60 24.07
CA ASP F 158 -9.31 31.56 25.25
C ASP F 158 -10.23 30.36 25.13
N HIS F 159 -10.55 29.74 26.27
CA HIS F 159 -11.40 28.55 26.33
C HIS F 159 -10.79 27.29 25.73
N ALA F 160 -9.51 27.33 25.36
CA ALA F 160 -8.86 26.15 24.77
C ALA F 160 -8.61 25.11 25.85
N TYR F 161 -8.62 23.85 25.42
CA TYR F 161 -8.10 22.74 26.19
C TYR F 161 -7.33 21.81 25.23
N HIS F 162 -6.09 21.49 25.59
CA HIS F 162 -5.25 20.62 24.75
C HIS F 162 -4.48 19.56 25.50
N GLY F 163 -4.63 19.46 26.82
CA GLY F 163 -3.99 18.37 27.57
C GLY F 163 -3.30 18.69 28.86
N ARG F 164 -2.69 17.67 29.44
CA ARG F 164 -2.21 17.73 30.80
C ARG F 164 -0.71 17.51 30.98
N THR F 165 0.01 17.43 29.86
CA THR F 165 1.46 17.59 29.93
C THR F 165 1.81 19.08 30.15
N ASN F 166 3.06 19.36 30.48
CA ASN F 166 3.46 20.75 30.75
C ASN F 166 3.12 21.73 29.61
N LEU F 167 3.48 21.36 28.37
CA LEU F 167 3.18 22.22 27.22
C LEU F 167 1.70 22.26 26.95
N THR F 168 1.03 21.12 27.06
CA THR F 168 -0.40 21.11 26.72
C THR F 168 -1.21 21.85 27.79
N MET F 169 -0.69 21.84 29.01
CA MET F 169 -1.24 22.66 30.08
C MET F 169 -1.04 24.11 29.69
N ALA F 170 0.18 24.43 29.23
CA ALA F 170 0.49 25.79 28.81
C ALA F 170 -0.54 26.24 27.76
N LEU F 171 -0.78 25.39 26.76
CA LEU F 171 -1.73 25.68 25.71
C LEU F 171 -3.17 25.76 26.21
N THR F 172 -3.47 25.02 27.27
CA THR F 172 -4.80 25.01 27.87
C THR F 172 -5.08 26.33 28.60
N ALA F 173 -6.31 26.83 28.47
CA ALA F 173 -6.69 28.13 29.02
C ALA F 173 -7.08 28.07 30.50
N LYS F 174 -7.98 27.16 30.85
CA LYS F 174 -8.54 27.11 32.21
C LYS F 174 -7.54 26.53 33.23
N ALA F 175 -7.34 27.24 34.35
CA ALA F 175 -6.37 26.82 35.36
C ALA F 175 -6.91 25.70 36.29
N MET F 176 -8.20 25.71 36.63
CA MET F 176 -8.77 24.73 37.58
C MET F 176 -9.56 23.66 36.86
N PRO F 177 -9.15 22.38 37.00
CA PRO F 177 -8.06 21.80 37.77
C PRO F 177 -6.79 21.51 37.01
N TYR F 178 -6.76 21.91 35.74
CA TYR F 178 -5.73 21.42 34.82
C TYR F 178 -4.31 21.95 35.08
N LYS F 179 -4.20 23.14 35.66
CA LYS F 179 -2.93 23.86 35.74
C LYS F 179 -2.47 24.25 37.14
N THR F 180 -3.40 24.55 38.04
CA THR F 180 -3.06 25.10 39.34
C THR F 180 -1.92 24.36 40.01
N ASN F 181 -0.90 25.12 40.38
CA ASN F 181 0.30 24.63 41.08
C ASN F 181 1.18 23.63 40.29
N PHE F 182 0.91 23.42 39.00
CA PHE F 182 1.72 22.47 38.20
C PHE F 182 2.83 23.11 37.34
N GLY F 183 2.91 24.43 37.33
CA GLY F 183 3.91 25.14 36.52
C GLY F 183 5.26 25.13 37.20
N PRO F 184 6.21 25.93 36.71
CA PRO F 184 6.10 26.88 35.59
C PRO F 184 5.92 26.21 34.22
N PHE F 185 5.20 26.88 33.32
CA PHE F 185 4.80 26.26 32.07
C PHE F 185 5.72 26.58 30.90
N ALA F 186 5.66 25.73 29.88
CA ALA F 186 6.48 25.86 28.68
C ALA F 186 6.38 27.26 28.12
N PRO F 187 7.52 27.82 27.70
CA PRO F 187 7.55 29.16 27.20
C PRO F 187 7.08 29.35 25.74
N GLU F 188 6.87 30.62 25.41
CA GLU F 188 6.49 31.10 24.07
C GLU F 188 5.15 30.57 23.61
N VAL F 189 4.19 30.55 24.53
CA VAL F 189 2.80 30.30 24.19
C VAL F 189 1.99 31.54 24.47
N TYR F 190 1.22 31.99 23.50
CA TYR F 190 0.50 33.26 23.61
C TYR F 190 -0.98 32.95 23.43
N ARG F 191 -1.83 33.68 24.15
CA ARG F 191 -3.26 33.43 24.13
C ARG F 191 -4.01 34.56 23.47
N MET F 192 -4.97 34.20 22.63
CA MET F 192 -5.73 35.17 21.83
C MET F 192 -7.23 34.97 22.00
N PRO F 193 -8.02 36.00 21.68
CA PRO F 193 -9.44 35.92 21.88
C PRO F 193 -10.12 34.98 20.89
N MET F 194 -11.13 34.28 21.39
CA MET F 194 -11.89 33.30 20.64
C MET F 194 -13.13 33.95 20.07
N SER F 195 -13.71 33.33 19.06
CA SER F 195 -15.04 33.70 18.60
C SER F 195 -16.02 32.88 19.38
N TYR F 196 -16.72 33.54 20.31
CA TYR F 196 -17.63 32.90 21.25
C TYR F 196 -18.92 33.70 21.23
N PRO F 197 -19.75 33.47 20.21
CA PRO F 197 -20.92 34.29 19.92
C PRO F 197 -21.76 34.68 21.13
N PHE F 198 -22.09 33.72 21.97
CA PHE F 198 -23.03 33.95 23.07
C PHE F 198 -22.50 34.96 24.07
N ARG F 199 -21.19 35.12 24.13
CA ARG F 199 -20.61 36.03 25.11
C ARG F 199 -19.75 37.17 24.54
N GLU F 200 -19.85 37.41 23.24
CA GLU F 200 -19.18 38.56 22.63
C GLU F 200 -19.73 39.86 23.22
N GLU F 201 -18.83 40.77 23.57
CA GLU F 201 -19.25 42.05 24.15
C GLU F 201 -20.09 42.82 23.16
N ASN F 202 -19.80 42.63 21.88
CA ASN F 202 -20.61 43.17 20.81
C ASN F 202 -21.31 42.01 20.13
N PRO F 203 -22.57 41.76 20.48
CA PRO F 203 -23.28 40.59 19.97
C PRO F 203 -23.35 40.50 18.47
N GLU F 204 -23.28 41.63 17.78
CA GLU F 204 -23.39 41.64 16.29
C GLU F 204 -22.09 41.25 15.57
N ILE F 205 -21.00 41.04 16.32
CA ILE F 205 -19.70 40.76 15.71
C ILE F 205 -19.74 39.55 14.77
N THR F 206 -18.99 39.64 13.69
CA THR F 206 -18.94 38.64 12.65
C THR F 206 -17.74 37.72 12.84
N GLY F 207 -17.81 36.52 12.28
CA GLY F 207 -16.68 35.61 12.32
C GLY F 207 -15.43 36.26 11.73
N ALA F 208 -15.58 36.81 10.52
CA ALA F 208 -14.49 37.55 9.86
C ALA F 208 -13.92 38.65 10.79
N GLU F 209 -14.81 39.38 11.46
CA GLU F 209 -14.38 40.46 12.34
C GLU F 209 -13.65 39.93 13.57
N ALA F 210 -14.12 38.81 14.08
CA ALA F 210 -13.50 38.17 15.24
C ALA F 210 -12.11 37.66 14.90
N ALA F 211 -11.99 37.12 13.68
CA ALA F 211 -10.71 36.68 13.16
C ALA F 211 -9.75 37.86 12.98
N LYS F 212 -10.27 38.99 12.49
CA LYS F 212 -9.45 40.18 12.31
C LYS F 212 -8.94 40.70 13.68
N ARG F 213 -9.81 40.62 14.69
CA ARG F 213 -9.45 41.02 16.03
C ARG F 213 -8.27 40.18 16.52
N ALA F 214 -8.38 38.87 16.34
CA ALA F 214 -7.33 37.98 16.76
C ALA F 214 -6.05 38.28 15.95
N ILE F 215 -6.20 38.44 14.65
CA ILE F 215 -5.04 38.59 13.78
C ILE F 215 -4.26 39.85 14.12
N THR F 216 -4.95 40.96 14.27
CA THR F 216 -4.28 42.23 14.62
C THR F 216 -3.51 42.06 15.92
N MET F 217 -4.16 41.44 16.89
CA MET F 217 -3.54 41.24 18.18
C MET F 217 -2.26 40.39 18.07
N ILE F 218 -2.33 39.31 17.29
CA ILE F 218 -1.17 38.44 17.05
C ILE F 218 -0.07 39.25 16.40
N GLU F 219 -0.44 40.03 15.39
CA GLU F 219 0.53 40.79 14.60
C GLU F 219 1.21 41.84 15.48
N LYS F 220 0.43 42.51 16.33
CA LYS F 220 0.96 43.54 17.18
C LYS F 220 1.78 42.98 18.35
N GLN F 221 1.40 41.83 18.88
CA GLN F 221 2.01 41.32 20.13
C GLN F 221 3.07 40.22 19.92
N ILE F 222 3.13 39.67 18.71
CA ILE F 222 4.16 38.69 18.36
C ILE F 222 4.76 38.99 16.99
N GLY F 223 3.89 39.19 16.00
CA GLY F 223 4.30 39.34 14.63
C GLY F 223 4.09 38.05 13.86
N GLY F 224 3.33 38.12 12.76
CA GLY F 224 3.00 36.94 11.96
C GLY F 224 4.21 36.08 11.62
N ASP F 225 5.33 36.71 11.30
CA ASP F 225 6.51 35.98 10.84
C ASP F 225 7.27 35.32 11.98
N GLN F 226 6.81 35.55 13.22
CA GLN F 226 7.39 34.95 14.41
C GLN F 226 6.61 33.76 14.96
N VAL F 227 5.44 33.49 14.39
CA VAL F 227 4.59 32.46 14.91
C VAL F 227 4.81 31.13 14.18
N ALA F 228 5.22 30.09 14.91
CA ALA F 228 5.35 28.73 14.37
C ALA F 228 4.01 28.10 14.05
N ALA F 229 3.03 28.29 14.94
CA ALA F 229 1.73 27.65 14.78
C ALA F 229 0.60 28.36 15.46
N ILE F 230 -0.57 28.27 14.87
CA ILE F 230 -1.84 28.62 15.52
C ILE F 230 -2.52 27.31 15.77
N ILE F 231 -2.93 27.05 17.01
CA ILE F 231 -3.62 25.79 17.34
C ILE F 231 -5.02 26.14 17.84
N ILE F 232 -6.03 25.50 17.26
CA ILE F 232 -7.40 25.76 17.67
C ILE F 232 -8.23 24.51 17.49
N GLU F 233 -9.19 24.35 18.39
CA GLU F 233 -10.21 23.34 18.27
C GLU F 233 -11.33 23.94 17.44
N PRO F 234 -11.72 23.29 16.35
CA PRO F 234 -12.85 23.79 15.56
C PRO F 234 -14.12 23.93 16.36
N ILE F 235 -14.35 22.98 17.25
CA ILE F 235 -15.33 23.18 18.31
C ILE F 235 -14.58 22.94 19.58
N GLN F 236 -14.58 23.95 20.44
CA GLN F 236 -13.84 23.86 21.69
C GLN F 236 -14.58 22.94 22.67
N GLY F 237 -13.91 21.87 23.11
CA GLY F 237 -14.57 20.84 23.95
C GLY F 237 -14.79 21.24 25.41
N GLU F 238 -13.77 20.99 26.23
CA GLU F 238 -13.84 21.30 27.66
C GLU F 238 -14.17 22.76 27.92
N GLY F 239 -13.82 23.62 26.96
CA GLY F 239 -14.14 25.05 27.07
C GLY F 239 -15.64 25.36 27.07
N GLY F 240 -16.43 24.44 26.54
CA GLY F 240 -17.87 24.58 26.59
C GLY F 240 -18.60 24.33 25.28
N PHE F 241 -18.02 23.50 24.42
CA PHE F 241 -18.60 23.26 23.10
C PHE F 241 -18.90 24.60 22.41
N ILE F 242 -17.90 25.48 22.40
CA ILE F 242 -17.99 26.75 21.74
C ILE F 242 -17.76 26.55 20.24
N VAL F 243 -18.76 26.90 19.46
CA VAL F 243 -18.64 26.91 18.01
C VAL F 243 -18.42 28.35 17.56
N PRO F 244 -17.35 28.58 16.80
CA PRO F 244 -17.04 29.95 16.40
C PRO F 244 -18.00 30.38 15.36
N ALA F 245 -18.17 31.68 15.21
CA ALA F 245 -19.04 32.23 14.19
C ALA F 245 -18.52 31.85 12.79
N GLU F 246 -19.44 31.65 11.86
CA GLU F 246 -19.09 31.35 10.49
C GLU F 246 -18.10 32.38 9.95
N GLY F 247 -17.05 31.91 9.29
CA GLY F 247 -16.05 32.80 8.70
C GLY F 247 -14.76 33.01 9.49
N PHE F 248 -14.79 32.67 10.77
CA PHE F 248 -13.64 32.80 11.66
C PHE F 248 -12.54 31.85 11.26
N LEU F 249 -12.85 30.55 11.23
CA LEU F 249 -11.82 29.56 10.97
C LEU F 249 -11.17 29.74 9.60
N PRO F 250 -11.97 29.96 8.56
CA PRO F 250 -11.33 30.22 7.26
C PRO F 250 -10.42 31.45 7.23
N ALA F 251 -10.83 32.53 7.90
CA ALA F 251 -9.97 33.72 7.94
C ALA F 251 -8.63 33.43 8.58
N LEU F 252 -8.64 32.76 9.74
CA LEU F 252 -7.40 32.34 10.38
C LEU F 252 -6.57 31.46 9.45
N SER F 253 -7.22 30.52 8.78
CA SER F 253 -6.51 29.62 7.88
C SER F 253 -5.82 30.40 6.74
N GLU F 254 -6.56 31.34 6.13
CA GLU F 254 -6.05 32.14 4.97
C GLU F 254 -4.84 32.94 5.43
N TRP F 255 -4.96 33.56 6.60
CA TRP F 255 -3.90 34.36 7.14
C TRP F 255 -2.69 33.55 7.51
N ALA F 256 -2.92 32.38 8.09
CA ALA F 256 -1.83 31.51 8.48
C ALA F 256 -0.98 31.15 7.26
N LYS F 257 -1.66 30.84 6.15
CA LYS F 257 -1.01 30.51 4.86
C LYS F 257 -0.18 31.70 4.37
N GLU F 258 -0.79 32.89 4.39
CA GLU F 258 -0.08 34.13 4.08
C GLU F 258 1.23 34.29 4.84
N LYS F 259 1.21 34.03 6.15
CA LYS F 259 2.36 34.32 6.99
C LYS F 259 3.29 33.14 7.22
N GLY F 260 3.05 32.00 6.55
CA GLY F 260 3.90 30.82 6.73
C GLY F 260 3.76 30.18 8.10
N ILE F 261 2.61 30.39 8.74
CA ILE F 261 2.28 29.83 10.04
C ILE F 261 1.54 28.50 9.89
N VAL F 262 1.99 27.48 10.62
CA VAL F 262 1.36 26.18 10.58
C VAL F 262 0.03 26.26 11.32
N PHE F 263 -1.07 25.96 10.63
CA PHE F 263 -2.41 25.97 11.23
C PHE F 263 -2.75 24.56 11.73
N ILE F 264 -2.85 24.38 13.04
CA ILE F 264 -3.08 23.08 13.66
C ILE F 264 -4.51 23.02 14.12
N ALA F 265 -5.27 22.07 13.60
CA ALA F 265 -6.65 21.83 14.05
C ALA F 265 -6.61 20.72 15.08
N ASP F 266 -6.98 21.02 16.31
CA ASP F 266 -7.03 20.00 17.33
C ASP F 266 -8.40 19.34 17.27
N GLU F 267 -8.46 18.19 16.61
CA GLU F 267 -9.68 17.41 16.45
C GLU F 267 -9.67 16.13 17.33
N VAL F 268 -8.99 16.19 18.47
CA VAL F 268 -8.94 15.05 19.40
C VAL F 268 -10.36 14.66 19.86
N GLN F 269 -11.18 15.64 20.19
CA GLN F 269 -12.54 15.38 20.64
C GLN F 269 -13.54 15.42 19.49
N SER F 270 -13.38 16.36 18.57
CA SER F 270 -14.36 16.57 17.49
C SER F 270 -14.19 15.63 16.31
N GLY F 271 -13.06 14.94 16.25
CA GLY F 271 -12.76 14.09 15.09
C GLY F 271 -13.51 12.75 15.02
N PHE F 272 -13.43 12.12 13.85
CA PHE F 272 -14.06 10.80 13.54
C PHE F 272 -15.57 10.72 13.70
N CYS F 273 -16.28 11.50 12.88
CA CYS F 273 -17.74 11.44 12.73
C CYS F 273 -18.55 12.10 13.85
N ARG F 274 -17.88 12.53 14.90
CA ARG F 274 -18.54 13.10 16.08
C ARG F 274 -19.51 14.24 15.74
N THR F 275 -19.15 15.08 14.76
CA THR F 275 -19.92 16.26 14.42
C THR F 275 -20.82 16.07 13.20
N GLY F 276 -20.86 14.86 12.66
CA GLY F 276 -21.66 14.58 11.48
C GLY F 276 -20.86 14.68 10.20
N GLU F 277 -19.58 15.01 10.31
CA GLU F 277 -18.63 14.94 9.21
C GLU F 277 -17.44 14.22 9.77
N TRP F 278 -16.55 13.75 8.92
CA TRP F 278 -15.36 13.09 9.41
C TRP F 278 -14.61 13.94 10.37
N PHE F 279 -14.48 15.23 10.05
CA PHE F 279 -13.79 16.17 10.93
C PHE F 279 -14.55 17.48 11.02
N ALA F 280 -14.53 18.12 12.19
CA ALA F 280 -15.32 19.32 12.41
C ALA F 280 -15.00 20.42 11.39
N VAL F 281 -13.77 20.43 10.92
CA VAL F 281 -13.33 21.45 9.99
C VAL F 281 -14.09 21.33 8.65
N ASP F 282 -14.55 20.12 8.35
CA ASP F 282 -15.26 19.85 7.11
C ASP F 282 -16.56 20.63 6.98
N HIS F 283 -17.17 21.00 8.10
CA HIS F 283 -18.37 21.85 8.06
C HIS F 283 -18.11 23.13 7.30
N GLU F 284 -16.96 23.78 7.51
CA GLU F 284 -16.64 25.04 6.81
C GLU F 284 -15.63 24.85 5.68
N GLY F 285 -15.20 23.62 5.43
CA GLY F 285 -14.24 23.34 4.37
C GLY F 285 -12.83 23.86 4.62
N VAL F 286 -12.49 24.07 5.89
CA VAL F 286 -11.14 24.45 6.28
C VAL F 286 -10.20 23.24 6.15
N VAL F 287 -9.01 23.47 5.65
CA VAL F 287 -8.02 22.43 5.43
C VAL F 287 -6.76 22.73 6.24
N PRO F 288 -6.64 22.12 7.43
CA PRO F 288 -5.51 22.39 8.29
C PRO F 288 -4.20 21.88 7.79
N ASP F 289 -3.13 22.51 8.22
CA ASP F 289 -1.77 22.08 7.85
C ASP F 289 -1.38 20.82 8.64
N ILE F 290 -1.75 20.78 9.92
CA ILE F 290 -1.57 19.56 10.74
C ILE F 290 -2.87 19.38 11.51
N ILE F 291 -3.28 18.13 11.70
CA ILE F 291 -4.46 17.88 12.49
C ILE F 291 -4.17 16.80 13.52
N THR F 292 -4.54 17.10 14.76
CA THR F 292 -4.30 16.18 15.89
C THR F 292 -5.53 15.36 16.22
N MET F 293 -5.30 14.07 16.46
CA MET F 293 -6.35 13.10 16.66
C MET F 293 -6.07 12.16 17.83
N ALA F 294 -7.14 11.80 18.54
CA ALA F 294 -7.12 10.68 19.54
C ALA F 294 -8.55 10.25 19.85
N LYS F 295 -8.87 10.10 21.12
CA LYS F 295 -10.22 9.74 21.59
C LYS F 295 -10.93 8.69 20.66
N GLY F 296 -11.79 9.15 19.78
CA GLY F 296 -12.59 8.27 18.94
C GLY F 296 -11.86 7.38 17.92
N ILE F 297 -10.63 7.72 17.62
CA ILE F 297 -9.87 7.03 16.58
C ILE F 297 -9.85 5.50 16.68
N ALA F 298 -9.72 4.95 17.89
CA ALA F 298 -9.42 3.51 18.04
C ALA F 298 -10.48 2.78 18.88
N GLY F 299 -11.73 3.28 18.83
CA GLY F 299 -12.85 2.65 19.54
C GLY F 299 -12.63 2.32 21.01
N GLY F 300 -11.78 3.09 21.67
CA GLY F 300 -11.54 2.91 23.08
C GLY F 300 -10.13 2.54 23.41
N LEU F 301 -9.39 1.99 22.48
CA LEU F 301 -7.99 1.66 22.79
C LEU F 301 -7.12 2.93 22.78
N PRO F 302 -5.98 2.88 23.45
CA PRO F 302 -5.10 4.05 23.50
C PRO F 302 -4.28 4.27 22.24
N LEU F 303 -4.78 5.16 21.38
CA LEU F 303 -4.07 5.56 20.15
C LEU F 303 -4.31 7.03 19.86
N SER F 304 -3.28 7.68 19.31
CA SER F 304 -3.37 9.07 18.87
C SER F 304 -2.52 9.26 17.64
N ALA F 305 -2.72 10.40 16.97
CA ALA F 305 -2.06 10.60 15.70
C ALA F 305 -1.95 12.08 15.36
N ILE F 306 -0.90 12.44 14.62
CA ILE F 306 -0.89 13.68 13.85
C ILE F 306 -0.85 13.31 12.36
N THR F 307 -1.69 14.00 11.56
CA THR F 307 -1.62 13.90 10.10
C THR F 307 -1.50 15.30 9.56
N GLY F 308 -0.45 15.54 8.77
CA GLY F 308 -0.25 16.86 8.18
C GLY F 308 0.53 16.85 6.88
N ARG F 309 0.76 18.04 6.36
CA ARG F 309 1.50 18.23 5.12
CA ARG F 309 1.50 18.24 5.11
C ARG F 309 2.81 17.44 5.14
N ALA F 310 3.06 16.71 4.07
CA ALA F 310 4.30 15.96 3.93
C ALA F 310 5.53 16.84 4.11
N ASP F 311 5.52 18.01 3.50
CA ASP F 311 6.70 18.86 3.55
C ASP F 311 7.03 19.23 5.01
N LEU F 312 5.99 19.37 5.87
CA LEU F 312 6.20 19.76 7.28
C LEU F 312 6.72 18.56 8.03
N LEU F 313 5.95 17.47 8.01
CA LEU F 313 6.34 16.29 8.78
C LEU F 313 7.64 15.71 8.32
N ASP F 314 7.88 15.68 7.01
CA ASP F 314 9.14 15.10 6.47
C ASP F 314 10.37 15.98 6.75
N ALA F 315 10.16 17.22 7.16
CA ALA F 315 11.25 18.10 7.60
C ALA F 315 11.97 17.63 8.89
N VAL F 316 11.27 16.89 9.73
CA VAL F 316 11.85 16.41 11.00
C VAL F 316 12.93 15.38 10.71
N HIS F 317 14.03 15.49 11.44
CA HIS F 317 15.17 14.58 11.28
C HIS F 317 14.84 13.17 11.71
N PRO F 318 15.56 12.19 11.17
CA PRO F 318 15.33 10.82 11.58
C PRO F 318 15.37 10.64 13.09
N GLY F 319 14.35 9.98 13.64
CA GLY F 319 14.27 9.66 15.06
C GLY F 319 13.73 10.79 15.92
N GLY F 320 13.42 11.93 15.28
CA GLY F 320 12.99 13.10 15.99
C GLY F 320 11.64 12.91 16.66
N LEU F 321 10.71 12.28 15.96
CA LEU F 321 9.41 12.04 16.50
C LEU F 321 9.29 10.58 16.83
N GLY F 322 8.71 10.25 18.00
CA GLY F 322 8.50 8.85 18.36
C GLY F 322 7.94 8.62 19.73
N GLY F 323 8.39 7.53 20.35
CA GLY F 323 7.79 6.99 21.59
C GLY F 323 7.91 5.48 21.60
N THR F 324 7.83 4.86 22.77
CA THR F 324 7.89 3.40 22.88
C THR F 324 6.63 2.71 22.37
N TYR F 325 5.50 3.00 23.03
CA TYR F 325 4.23 2.32 22.78
C TYR F 325 3.55 2.76 21.50
N GLY F 326 3.87 3.96 21.07
CA GLY F 326 3.08 4.64 20.06
C GLY F 326 2.72 3.81 18.86
N GLY F 327 1.48 3.93 18.44
CA GLY F 327 0.97 3.13 17.33
C GLY F 327 0.94 1.67 17.69
N ASN F 328 0.50 1.37 18.90
CA ASN F 328 0.44 -0.01 19.38
C ASN F 328 -0.44 -0.91 18.50
N PRO F 329 0.05 -2.10 18.15
CA PRO F 329 -0.56 -2.92 17.09
C PRO F 329 -1.97 -3.38 17.46
N VAL F 330 -2.20 -3.67 18.73
CA VAL F 330 -3.54 -4.02 19.20
C VAL F 330 -4.44 -2.78 19.07
N ALA F 331 -3.92 -1.61 19.40
CA ALA F 331 -4.63 -0.35 19.26
C ALA F 331 -4.90 -0.03 17.77
N CYS F 332 -3.94 -0.34 16.91
CA CYS F 332 -4.09 -0.11 15.47
C CYS F 332 -5.19 -1.00 14.92
N ALA F 333 -5.16 -2.26 15.31
CA ALA F 333 -6.24 -3.18 14.90
C ALA F 333 -7.58 -2.56 15.26
N ALA F 334 -7.68 -2.09 16.49
CA ALA F 334 -8.90 -1.49 16.95
C ALA F 334 -9.32 -0.32 16.03
N ALA F 335 -8.36 0.52 15.64
CA ALA F 335 -8.67 1.70 14.82
C ALA F 335 -9.23 1.28 13.50
N LEU F 336 -8.56 0.36 12.84
CA LEU F 336 -8.98 -0.06 11.51
C LEU F 336 -10.43 -0.53 11.54
N ALA F 337 -10.74 -1.35 12.54
CA ALA F 337 -12.11 -1.82 12.77
C ALA F 337 -13.05 -0.68 13.08
N ALA F 338 -12.63 0.19 14.00
CA ALA F 338 -13.46 1.34 14.38
C ALA F 338 -13.81 2.23 13.17
N ILE F 339 -12.81 2.58 12.38
CA ILE F 339 -13.03 3.36 11.14
C ILE F 339 -13.94 2.61 10.18
N ASP F 340 -13.74 1.31 10.08
CA ASP F 340 -14.57 0.50 9.23
C ASP F 340 -16.02 0.57 9.65
N THR F 341 -16.28 0.41 10.96
CA THR F 341 -17.62 0.52 11.48
C THR F 341 -18.19 1.89 11.12
N MET F 342 -17.38 2.94 11.28
CA MET F 342 -17.85 4.30 11.00
C MET F 342 -18.41 4.39 9.59
N GLU F 343 -17.74 3.75 8.65
CA GLU F 343 -18.15 3.72 7.25
C GLU F 343 -19.32 2.77 7.04
N GLN F 344 -19.14 1.50 7.37
CA GLN F 344 -20.20 0.50 7.14
C GLN F 344 -21.55 0.97 7.69
N HIS F 345 -21.56 1.52 8.89
CA HIS F 345 -22.83 1.93 9.52
C HIS F 345 -23.16 3.39 9.37
N ASP F 346 -22.41 4.09 8.51
CA ASP F 346 -22.66 5.51 8.23
C ASP F 346 -22.87 6.30 9.51
N LEU F 347 -21.82 6.34 10.35
CA LEU F 347 -21.91 7.03 11.64
C LEU F 347 -21.99 8.54 11.47
N ASN F 348 -21.45 9.07 10.35
CA ASN F 348 -21.68 10.50 10.00
C ASN F 348 -23.18 10.79 9.92
N GLY F 349 -23.90 9.92 9.19
CA GLY F 349 -25.35 9.97 9.16
C GLY F 349 -26.03 9.83 10.51
N ARG F 350 -25.57 8.87 11.32
CA ARG F 350 -26.15 8.69 12.65
C ARG F 350 -25.94 9.92 13.49
N ALA F 351 -24.76 10.53 13.36
CA ALA F 351 -24.44 11.76 14.10
C ALA F 351 -25.35 12.94 13.65
N ARG F 352 -25.57 13.08 12.35
CA ARG F 352 -26.48 14.13 11.85
C ARG F 352 -27.90 13.91 12.36
N HIS F 353 -28.30 12.64 12.43
CA HIS F 353 -29.63 12.29 12.92
C HIS F 353 -29.78 12.59 14.39
N ILE F 354 -28.75 12.24 15.17
CA ILE F 354 -28.70 12.61 16.60
C ILE F 354 -28.88 14.10 16.79
N GLU F 355 -28.22 14.90 15.96
CA GLU F 355 -28.33 16.36 16.05
C GLU F 355 -29.80 16.79 15.93
N GLU F 356 -30.45 16.31 14.86
CA GLU F 356 -31.84 16.66 14.55
C GLU F 356 -32.76 16.31 15.76
N LEU F 357 -32.62 15.11 16.27
CA LEU F 357 -33.41 14.63 17.41
C LEU F 357 -33.14 15.45 18.68
N ALA F 358 -31.88 15.57 19.05
CA ALA F 358 -31.47 16.19 20.32
C ALA F 358 -31.73 17.70 20.30
N LEU F 359 -31.37 18.38 19.21
CA LEU F 359 -31.61 19.81 19.14
C LEU F 359 -33.11 20.11 19.10
N GLY F 360 -33.88 19.21 18.47
CA GLY F 360 -35.35 19.28 18.51
C GLY F 360 -35.90 19.33 19.93
N LYS F 361 -35.53 18.32 20.74
CA LYS F 361 -36.03 18.22 22.13
C LYS F 361 -35.54 19.42 22.96
N LEU F 362 -34.29 19.81 22.76
CA LEU F 362 -33.72 20.94 23.52
C LEU F 362 -34.38 22.27 23.20
N ARG F 363 -34.72 22.49 21.95
CA ARG F 363 -35.40 23.74 21.55
C ARG F 363 -36.86 23.79 22.02
N GLU F 364 -37.52 22.63 22.07
CA GLU F 364 -38.81 22.49 22.76
C GLU F 364 -38.72 22.96 24.21
N LEU F 365 -37.67 22.54 24.90
CA LEU F 365 -37.44 22.95 26.29
C LEU F 365 -37.38 24.51 26.46
N ALA F 366 -37.03 25.32 25.44
CA ALA F 366 -37.39 26.79 25.49
C ALA F 366 -38.74 27.22 24.78
N SER F 375 -35.94 32.66 32.30
CA SER F 375 -35.39 31.48 31.62
C SER F 375 -33.92 31.19 31.93
N VAL F 376 -33.65 29.90 32.00
CA VAL F 376 -32.41 29.35 32.53
C VAL F 376 -31.56 28.75 31.37
N VAL F 377 -32.14 28.69 30.17
CA VAL F 377 -31.45 28.12 29.00
C VAL F 377 -30.87 29.24 28.11
N GLY F 378 -29.57 29.50 28.27
CA GLY F 378 -28.92 30.64 27.59
C GLY F 378 -28.63 30.42 26.13
N ASP F 379 -28.16 29.22 25.77
CA ASP F 379 -27.69 28.96 24.42
C ASP F 379 -27.68 27.46 24.16
N ILE F 380 -28.12 27.09 22.96
CA ILE F 380 -28.08 25.70 22.48
C ILE F 380 -27.22 25.67 21.22
N ARG F 381 -26.20 24.82 21.21
CA ARG F 381 -25.18 24.88 20.17
C ARG F 381 -24.48 23.56 20.03
N GLY F 382 -23.72 23.44 18.93
CA GLY F 382 -23.01 22.23 18.61
C GLY F 382 -23.45 21.65 17.29
N ARG F 383 -22.81 20.56 16.89
CA ARG F 383 -23.15 19.86 15.68
C ARG F 383 -23.05 18.35 15.87
N GLY F 384 -23.88 17.62 15.15
CA GLY F 384 -23.87 16.16 15.20
C GLY F 384 -24.13 15.61 16.59
N ALA F 385 -23.26 14.72 17.03
CA ALA F 385 -23.31 14.14 18.36
C ALA F 385 -22.41 14.86 19.37
N MET F 386 -22.11 16.11 19.09
CA MET F 386 -21.34 16.97 19.99
C MET F 386 -22.20 18.23 20.22
N LEU F 387 -23.14 18.13 21.15
CA LEU F 387 -24.14 19.17 21.35
C LEU F 387 -24.07 19.66 22.78
N ALA F 388 -24.52 20.89 23.01
CA ALA F 388 -24.44 21.44 24.37
C ALA F 388 -25.54 22.48 24.63
N ILE F 389 -25.84 22.63 25.91
CA ILE F 389 -26.77 23.64 26.35
C ILE F 389 -26.10 24.38 27.49
N GLU F 390 -25.90 25.68 27.30
CA GLU F 390 -25.26 26.57 28.30
C GLU F 390 -26.35 27.17 29.16
N LEU F 391 -26.24 26.91 30.45
CA LEU F 391 -27.24 27.32 31.42
C LEU F 391 -26.81 28.61 32.10
N VAL F 392 -27.78 29.51 32.21
CA VAL F 392 -27.56 30.83 32.81
C VAL F 392 -28.51 31.04 34.02
N GLN F 393 -28.29 32.15 34.71
CA GLN F 393 -29.18 32.60 35.78
C GLN F 393 -30.48 33.18 35.14
N PRO F 394 -31.65 33.01 35.80
CA PRO F 394 -32.91 33.43 35.20
C PRO F 394 -32.92 34.90 34.76
N GLY F 395 -33.28 35.13 33.50
CA GLY F 395 -33.39 36.49 32.97
C GLY F 395 -32.10 37.28 32.80
N SER F 396 -30.95 36.61 32.84
CA SER F 396 -29.68 37.24 32.50
C SER F 396 -28.76 36.27 31.76
N LYS F 397 -27.55 36.73 31.44
CA LYS F 397 -26.50 35.90 30.85
C LYS F 397 -25.48 35.37 31.89
N GLU F 398 -25.66 35.68 33.17
CA GLU F 398 -24.69 35.28 34.19
C GLU F 398 -24.65 33.73 34.22
N PRO F 399 -23.45 33.14 34.30
CA PRO F 399 -23.35 31.68 34.39
C PRO F 399 -24.06 31.04 35.60
N ASN F 400 -24.57 29.83 35.39
CA ASN F 400 -25.27 29.06 36.41
C ASN F 400 -24.61 27.68 36.63
N ALA F 401 -23.44 27.68 37.25
CA ALA F 401 -22.73 26.44 37.61
C ALA F 401 -23.55 25.57 38.59
N GLU F 402 -24.26 26.19 39.54
CA GLU F 402 -25.05 25.44 40.54
C GLU F 402 -26.09 24.56 39.87
N LEU F 403 -26.87 25.15 38.99
CA LEU F 403 -27.90 24.41 38.29
C LEU F 403 -27.29 23.27 37.49
N THR F 404 -26.15 23.56 36.86
CA THR F 404 -25.45 22.58 36.02
C THR F 404 -25.02 21.39 36.86
N LYS F 405 -24.37 21.64 37.99
CA LYS F 405 -23.95 20.56 38.91
C LYS F 405 -25.15 19.73 39.34
N ALA F 406 -26.21 20.44 39.70
CA ALA F 406 -27.43 19.84 40.18
C ALA F 406 -28.16 19.00 39.11
N VAL F 407 -28.23 19.49 37.89
CA VAL F 407 -28.87 18.73 36.81
C VAL F 407 -28.11 17.44 36.50
N ALA F 408 -26.77 17.52 36.49
CA ALA F 408 -25.94 16.33 36.24
C ALA F 408 -26.16 15.27 37.33
N ALA F 409 -26.24 15.72 38.58
CA ALA F 409 -26.55 14.85 39.73
C ALA F 409 -27.97 14.25 39.62
N ALA F 410 -28.96 15.08 39.26
CA ALA F 410 -30.33 14.63 39.11
C ALA F 410 -30.47 13.59 38.02
N CYS F 411 -29.78 13.81 36.90
CA CYS F 411 -29.79 12.84 35.81
C CYS F 411 -29.16 11.51 36.26
N LEU F 412 -28.06 11.59 36.99
CA LEU F 412 -27.40 10.38 37.47
C LEU F 412 -28.37 9.58 38.34
N LYS F 413 -29.07 10.29 39.23
CA LYS F 413 -30.05 9.68 40.13
C LYS F 413 -31.08 8.85 39.36
N GLU F 414 -31.52 9.34 38.20
CA GLU F 414 -32.52 8.64 37.37
C GLU F 414 -31.93 7.60 36.42
N GLY F 415 -30.61 7.41 36.47
CA GLY F 415 -29.96 6.41 35.61
C GLY F 415 -29.46 6.92 34.27
N VAL F 416 -29.14 8.21 34.21
CA VAL F 416 -28.55 8.82 33.01
C VAL F 416 -27.21 9.48 33.35
N ILE F 417 -26.12 8.94 32.79
CA ILE F 417 -24.78 9.50 33.01
C ILE F 417 -24.53 10.56 31.97
N ILE F 418 -24.47 11.80 32.42
CA ILE F 418 -24.32 12.94 31.54
C ILE F 418 -23.15 13.80 32.01
N LEU F 419 -22.40 14.36 31.08
CA LEU F 419 -21.20 15.16 31.45
C LEU F 419 -21.48 16.66 31.37
N THR F 420 -20.70 17.41 32.13
CA THR F 420 -20.72 18.85 32.10
C THR F 420 -19.35 19.37 31.63
N CYS F 421 -19.28 20.67 31.35
CA CYS F 421 -18.02 21.31 30.95
C CYS F 421 -18.17 22.82 30.96
N GLY F 422 -17.15 23.51 30.44
CA GLY F 422 -17.21 24.96 30.30
C GLY F 422 -16.22 25.73 31.15
N THR F 423 -15.70 26.83 30.58
CA THR F 423 -14.89 27.78 31.31
C THR F 423 -15.57 28.19 32.62
N TYR F 424 -16.88 28.42 32.56
CA TYR F 424 -17.63 28.87 33.75
C TYR F 424 -18.42 27.75 34.42
N GLY F 425 -18.11 26.50 34.08
CA GLY F 425 -18.74 25.33 34.69
C GLY F 425 -20.24 25.18 34.50
N ASN F 426 -20.78 25.77 33.44
CA ASN F 426 -22.21 25.96 33.30
C ASN F 426 -22.74 25.43 31.98
N VAL F 427 -22.05 24.45 31.42
CA VAL F 427 -22.50 23.83 30.14
C VAL F 427 -22.74 22.34 30.28
N ILE F 428 -23.97 21.91 29.99
CA ILE F 428 -24.27 20.50 29.89
C ILE F 428 -23.99 20.06 28.47
N ARG F 429 -23.24 18.96 28.34
CA ARG F 429 -22.86 18.49 27.02
C ARG F 429 -23.39 17.10 26.78
N LEU F 430 -23.87 16.90 25.56
CA LEU F 430 -24.29 15.61 25.08
C LEU F 430 -23.18 15.01 24.19
N LEU F 431 -22.57 13.93 24.65
CA LEU F 431 -21.59 13.18 23.85
C LEU F 431 -21.97 11.69 23.82
N PRO F 432 -23.17 11.37 23.28
CA PRO F 432 -23.58 9.98 23.26
C PRO F 432 -22.76 9.22 22.26
N PRO F 433 -22.64 7.91 22.44
CA PRO F 433 -22.09 7.11 21.34
C PRO F 433 -22.98 7.19 20.12
N LEU F 434 -22.37 7.19 18.96
CA LEU F 434 -23.10 7.38 17.70
C LEU F 434 -24.03 6.19 17.41
N VAL F 435 -23.69 5.02 17.95
CA VAL F 435 -24.53 3.83 17.77
C VAL F 435 -25.76 3.80 18.71
N ILE F 436 -25.98 4.85 19.48
CA ILE F 436 -27.15 4.91 20.39
C ILE F 436 -28.47 4.89 19.61
N SER F 437 -29.46 4.20 20.15
CA SER F 437 -30.78 4.11 19.49
C SER F 437 -31.61 5.35 19.77
N ASP F 438 -32.51 5.69 18.86
CA ASP F 438 -33.42 6.82 19.05
C ASP F 438 -34.26 6.68 20.36
N GLU F 439 -34.69 5.48 20.65
CA GLU F 439 -35.44 5.18 21.86
C GLU F 439 -34.66 5.61 23.13
N LEU F 440 -33.43 5.11 23.28
CA LEU F 440 -32.54 5.45 24.43
C LEU F 440 -32.12 6.93 24.49
N LEU F 441 -31.74 7.49 23.36
CA LEU F 441 -31.43 8.92 23.31
C LEU F 441 -32.65 9.76 23.79
N ILE F 442 -33.86 9.48 23.24
CA ILE F 442 -35.07 10.23 23.63
C ILE F 442 -35.36 10.07 25.13
N ASP F 443 -35.18 8.86 25.63
CA ASP F 443 -35.33 8.60 27.06
C ASP F 443 -34.40 9.50 27.84
N GLY F 444 -33.12 9.47 27.47
CA GLY F 444 -32.11 10.32 28.11
C GLY F 444 -32.46 11.79 28.07
N LEU F 445 -32.85 12.26 26.89
CA LEU F 445 -33.21 13.66 26.72
C LEU F 445 -34.44 14.06 27.54
N GLU F 446 -35.38 13.11 27.71
CA GLU F 446 -36.53 13.34 28.57
C GLU F 446 -36.08 13.52 30.04
N VAL F 447 -35.17 12.66 30.49
CA VAL F 447 -34.64 12.75 31.84
C VAL F 447 -33.92 14.07 32.06
N LEU F 448 -33.19 14.50 31.04
CA LEU F 448 -32.45 15.76 31.10
C LEU F 448 -33.43 16.91 31.23
N ALA F 449 -34.41 16.94 30.33
CA ALA F 449 -35.41 18.02 30.32
C ALA F 449 -36.16 18.08 31.67
N ALA F 450 -36.49 16.93 32.23
CA ALA F 450 -37.14 16.87 33.53
C ALA F 450 -36.26 17.48 34.61
N ALA F 451 -34.98 17.11 34.57
CA ALA F 451 -34.04 17.56 35.60
C ALA F 451 -33.88 19.10 35.58
N ILE F 452 -33.78 19.68 34.39
CA ILE F 452 -33.62 21.12 34.28
C ILE F 452 -34.86 21.82 34.85
N LYS F 453 -36.04 21.36 34.44
CA LYS F 453 -37.31 21.90 34.97
C LYS F 453 -37.37 21.75 36.48
N ALA F 454 -37.02 20.57 36.98
CA ALA F 454 -37.06 20.32 38.42
C ALA F 454 -36.16 21.30 39.22
N HIS F 455 -35.06 21.81 38.64
CA HIS F 455 -34.15 22.81 39.34
C HIS F 455 -33.84 24.24 38.83
N SER G 9 12.84 81.78 35.45
CA SER G 9 14.14 82.32 34.89
C SER G 9 15.06 81.25 34.27
N TYR G 10 15.55 81.51 33.06
CA TYR G 10 16.26 80.50 32.24
C TYR G 10 17.67 80.90 31.83
N ARG G 11 18.44 79.92 31.36
CA ARG G 11 19.84 80.11 30.97
C ARG G 11 20.01 80.52 29.50
N ILE G 12 19.26 79.90 28.60
CA ILE G 12 19.35 80.22 27.19
C ILE G 12 18.05 80.78 26.68
N GLU G 13 18.13 81.50 25.56
CA GLU G 13 16.97 82.22 25.08
C GLU G 13 15.83 81.25 24.80
N GLN G 14 14.67 81.56 25.35
CA GLN G 14 13.52 80.71 25.22
C GLN G 14 12.65 81.08 24.04
N LYS G 15 13.21 81.02 22.85
CA LYS G 15 12.44 81.29 21.61
C LYS G 15 12.80 80.30 20.51
N ARG G 16 11.79 79.89 19.77
CA ARG G 16 11.98 78.99 18.64
C ARG G 16 12.73 79.75 17.55
N ASN G 17 13.85 79.20 17.08
CA ASN G 17 14.71 79.88 16.09
C ASN G 17 15.47 78.92 15.18
N ILE G 18 15.00 78.77 13.95
CA ILE G 18 15.67 77.92 12.97
C ILE G 18 16.32 78.74 11.87
N ASN G 19 17.65 78.78 11.84
CA ASN G 19 18.41 79.47 10.79
C ASN G 19 18.69 78.54 9.62
N GLY G 20 17.90 78.66 8.56
CA GLY G 20 18.11 77.85 7.37
C GLY G 20 17.96 76.34 7.57
N ALA G 21 18.56 75.58 6.66
CA ALA G 21 18.37 74.13 6.60
C ALA G 21 19.12 73.43 7.73
N PHE G 22 18.56 72.31 8.15
CA PHE G 22 19.23 71.41 9.06
C PHE G 22 18.95 69.97 8.63
N PRO G 23 19.85 69.04 8.99
CA PRO G 23 21.00 69.24 9.87
C PRO G 23 22.05 70.15 9.26
N GLY G 24 22.60 71.05 10.07
CA GLY G 24 23.68 71.92 9.64
C GLY G 24 25.01 71.18 9.56
N PRO G 25 26.07 71.91 9.24
CA PRO G 25 27.39 71.30 9.03
C PRO G 25 27.94 70.51 10.21
N LYS G 26 27.85 71.07 11.42
CA LYS G 26 28.44 70.45 12.62
C LYS G 26 27.63 69.20 13.05
N SER G 27 26.31 69.24 12.86
CA SER G 27 25.43 68.07 13.03
C SER G 27 25.76 66.97 11.97
N GLN G 28 25.88 67.34 10.70
CA GLN G 28 26.26 66.39 9.64
C GLN G 28 27.61 65.72 9.94
N ALA G 29 28.57 66.48 10.46
CA ALA G 29 29.89 65.93 10.78
C ALA G 29 29.77 64.85 11.81
N LEU G 30 28.90 65.09 12.79
CA LEU G 30 28.66 64.11 13.86
C LEU G 30 27.94 62.86 13.31
N ALA G 31 26.90 63.07 12.50
CA ALA G 31 26.24 61.94 11.82
C ALA G 31 27.26 61.07 11.06
N GLU G 32 28.19 61.69 10.36
CA GLU G 32 29.19 60.97 9.59
C GLU G 32 30.08 60.15 10.53
N ARG G 33 30.45 60.74 11.66
CA ARG G 33 31.26 60.02 12.65
C ARG G 33 30.47 58.86 13.23
N ARG G 34 29.20 59.14 13.54
CA ARG G 34 28.30 58.18 14.16
C ARG G 34 28.21 56.90 13.37
N SER G 35 28.01 57.02 12.07
CA SER G 35 27.76 55.85 11.26
C SER G 35 28.95 54.89 11.16
N ALA G 36 30.14 55.34 11.55
CA ALA G 36 31.32 54.46 11.57
C ALA G 36 31.37 53.59 12.83
N VAL G 37 30.59 53.96 13.84
CA VAL G 37 30.87 53.46 15.20
C VAL G 37 29.67 53.11 16.12
N VAL G 38 28.49 53.63 15.82
CA VAL G 38 27.27 53.25 16.49
C VAL G 38 26.45 52.24 15.65
N ALA G 39 25.91 51.19 16.29
CA ALA G 39 25.09 50.21 15.61
C ALA G 39 24.03 50.87 14.73
N ALA G 40 23.87 50.35 13.52
CA ALA G 40 22.97 50.93 12.51
C ALA G 40 21.52 50.99 12.98
N GLY G 41 21.13 50.04 13.83
CA GLY G 41 19.76 49.99 14.33
C GLY G 41 19.42 51.09 15.33
N VAL G 42 20.45 51.65 15.97
CA VAL G 42 20.23 52.70 16.95
C VAL G 42 19.98 54.02 16.21
N ALA G 43 18.70 54.35 16.02
CA ALA G 43 18.29 55.51 15.24
C ALA G 43 17.85 56.61 16.17
N SER G 44 17.89 57.86 15.69
CA SER G 44 17.40 58.97 16.48
C SER G 44 16.23 59.65 15.77
N GLY G 45 15.24 60.10 16.54
CA GLY G 45 14.04 60.72 15.98
C GLY G 45 14.34 62.08 15.37
N VAL G 46 15.48 62.65 15.78
CA VAL G 46 15.86 64.01 15.47
C VAL G 46 17.28 63.97 14.84
N PRO G 47 17.47 64.65 13.68
CA PRO G 47 18.74 64.59 12.95
C PRO G 47 19.80 65.61 13.38
N VAL G 48 19.46 66.49 14.32
CA VAL G 48 20.38 67.51 14.84
C VAL G 48 20.95 67.08 16.22
N TYR G 49 22.15 67.56 16.55
CA TYR G 49 22.87 67.15 17.76
C TYR G 49 22.84 68.27 18.80
N VAL G 50 22.45 67.95 20.05
CA VAL G 50 22.32 68.96 21.13
C VAL G 50 23.66 69.49 21.58
N GLU G 51 23.70 70.79 21.88
CA GLU G 51 24.84 71.44 22.55
C GLU G 51 24.40 71.87 23.95
N ASP G 52 23.21 72.45 24.03
CA ASP G 52 22.63 72.93 25.29
C ASP G 52 21.12 72.67 25.29
N ALA G 53 20.59 72.23 26.44
CA ALA G 53 19.14 72.00 26.61
C ALA G 53 18.71 72.63 27.90
N ASP G 54 17.70 73.49 27.83
CA ASP G 54 17.30 74.30 28.98
C ASP G 54 15.89 74.86 28.78
N GLY G 55 15.15 74.95 29.86
CA GLY G 55 13.75 75.36 29.76
C GLY G 55 12.96 74.49 28.80
N GLY G 56 12.39 75.12 27.78
CA GLY G 56 11.67 74.41 26.73
C GLY G 56 12.41 74.38 25.39
N ILE G 57 13.74 74.50 25.42
CA ILE G 57 14.52 74.63 24.20
C ILE G 57 15.62 73.59 24.13
N ILE G 58 15.78 73.00 22.94
CA ILE G 58 16.97 72.22 22.60
C ILE G 58 17.73 73.01 21.57
N ARG G 59 18.96 73.41 21.89
CA ARG G 59 19.80 74.16 20.95
C ARG G 59 20.86 73.24 20.39
N ASP G 60 20.89 73.15 19.06
CA ASP G 60 21.82 72.22 18.41
C ASP G 60 23.19 72.85 18.19
N VAL G 61 24.13 72.05 17.72
CA VAL G 61 25.51 72.47 17.59
C VAL G 61 25.70 73.51 16.46
N ASP G 62 24.68 73.70 15.61
CA ASP G 62 24.70 74.71 14.55
C ASP G 62 23.88 75.95 14.95
N GLY G 63 23.58 76.08 16.24
CA GLY G 63 22.90 77.25 16.75
C GLY G 63 21.41 77.35 16.49
N ASN G 64 20.77 76.28 16.05
CA ASN G 64 19.30 76.27 15.93
C ASN G 64 18.61 75.96 17.26
N SER G 65 17.49 76.63 17.52
CA SER G 65 16.75 76.43 18.76
C SER G 65 15.36 75.82 18.50
N PHE G 66 15.19 74.55 18.91
CA PHE G 66 13.91 73.85 18.77
C PHE G 66 13.12 73.92 20.07
N ILE G 67 11.79 73.96 19.94
CA ILE G 67 10.94 73.78 21.11
C ILE G 67 10.92 72.29 21.50
N ASP G 68 11.11 72.01 22.78
CA ASP G 68 11.21 70.64 23.30
C ASP G 68 9.88 70.22 23.89
N LEU G 69 9.13 69.42 23.14
CA LEU G 69 7.84 68.92 23.63
C LEU G 69 7.91 67.42 24.01
N GLY G 70 9.12 66.90 24.23
CA GLY G 70 9.30 65.50 24.60
C GLY G 70 10.00 65.28 25.93
N SER G 71 10.69 66.32 26.41
CA SER G 71 11.51 66.26 27.64
C SER G 71 12.31 64.97 27.79
N GLY G 72 12.85 64.49 26.69
CA GLY G 72 13.68 63.27 26.69
C GLY G 72 12.92 61.98 27.02
N ILE G 73 11.69 61.90 26.52
CA ILE G 73 10.67 60.92 26.93
C ILE G 73 10.34 61.07 28.43
N ALA G 74 9.81 62.22 28.80
CA ALA G 74 9.29 62.46 30.12
C ALA G 74 10.34 62.42 31.25
N VAL G 75 11.61 62.65 30.89
CA VAL G 75 12.71 62.62 31.88
C VAL G 75 13.03 63.99 32.51
N THR G 76 13.31 64.99 31.68
CA THR G 76 13.73 66.32 32.17
C THR G 76 12.50 67.19 32.50
N SER G 77 11.70 66.74 33.48
CA SER G 77 10.47 67.46 33.85
C SER G 77 10.80 68.81 34.47
N VAL G 78 11.84 68.82 35.30
CA VAL G 78 12.35 70.04 35.90
C VAL G 78 13.20 70.88 34.93
N GLY G 79 13.39 70.38 33.72
CA GLY G 79 14.26 71.03 32.73
C GLY G 79 15.60 70.32 32.60
N ALA G 80 16.15 70.38 31.40
CA ALA G 80 17.36 69.60 31.09
C ALA G 80 18.61 70.15 31.74
N SER G 81 18.52 71.37 32.29
CA SER G 81 19.64 71.92 33.09
C SER G 81 19.14 72.86 34.20
N ASP G 82 18.32 72.31 35.08
CA ASP G 82 17.87 73.00 36.27
C ASP G 82 19.05 73.37 37.18
N PRO G 83 19.22 74.69 37.46
CA PRO G 83 20.38 75.19 38.22
C PRO G 83 20.62 74.41 39.49
N ALA G 84 19.54 74.07 40.20
CA ALA G 84 19.67 73.33 41.46
C ALA G 84 20.27 71.90 41.21
N VAL G 85 19.71 71.21 40.22
CA VAL G 85 20.24 69.90 39.80
C VAL G 85 21.71 70.01 39.38
N VAL G 86 22.00 70.98 38.52
CA VAL G 86 23.34 71.18 38.00
C VAL G 86 24.35 71.42 39.13
N ALA G 87 23.99 72.32 40.04
CA ALA G 87 24.82 72.63 41.21
C ALA G 87 25.06 71.40 42.06
N ALA G 88 23.98 70.65 42.31
CA ALA G 88 24.01 69.46 43.17
C ALA G 88 24.95 68.37 42.61
N VAL G 89 24.83 68.18 41.29
CA VAL G 89 25.64 67.21 40.57
C VAL G 89 27.11 67.61 40.66
N GLN G 90 27.36 68.89 40.41
CA GLN G 90 28.73 69.44 40.44
C GLN G 90 29.38 69.28 41.80
N GLU G 91 28.61 69.59 42.84
CA GLU G 91 29.11 69.51 44.22
C GLU G 91 29.39 68.07 44.61
N ALA G 92 28.44 67.18 44.33
CA ALA G 92 28.51 65.76 44.72
C ALA G 92 29.67 65.02 44.05
N ALA G 93 29.89 65.30 42.77
CA ALA G 93 30.92 64.64 42.01
C ALA G 93 32.33 64.93 42.55
N ALA G 94 32.49 66.10 43.17
CA ALA G 94 33.77 66.53 43.74
C ALA G 94 34.19 65.70 44.99
N HIS G 95 33.20 65.11 45.67
CA HIS G 95 33.46 64.37 46.90
C HIS G 95 33.77 62.92 46.66
N PHE G 96 32.94 62.29 45.82
CA PHE G 96 33.16 60.90 45.32
C PHE G 96 32.09 60.59 44.27
N THR G 97 32.49 59.89 43.23
CA THR G 97 31.58 59.55 42.13
C THR G 97 30.75 58.29 42.44
N HIS G 98 31.33 57.40 43.25
CA HIS G 98 30.79 56.07 43.45
C HIS G 98 31.58 55.35 44.50
N THR G 99 30.88 54.70 45.41
CA THR G 99 31.50 53.73 46.32
C THR G 99 30.74 52.40 46.39
N CYS G 100 29.60 52.32 45.70
CA CYS G 100 28.67 51.18 45.76
C CYS G 100 28.00 51.03 47.12
N PHE G 101 26.73 51.40 47.17
CA PHE G 101 26.00 51.42 48.43
C PHE G 101 26.10 50.10 49.21
N MET G 102 26.07 48.98 48.50
CA MET G 102 26.18 47.66 49.15
C MET G 102 27.53 47.45 49.81
N VAL G 103 28.54 48.23 49.44
CA VAL G 103 29.86 48.14 50.08
C VAL G 103 30.04 49.24 51.14
N THR G 104 30.20 50.50 50.71
CA THR G 104 30.28 51.63 51.60
C THR G 104 29.13 52.58 51.36
N PRO G 105 28.24 52.71 52.35
CA PRO G 105 27.03 53.50 52.12
C PRO G 105 27.28 54.99 52.25
N TYR G 106 26.25 55.80 51.97
CA TYR G 106 26.38 57.24 51.94
C TYR G 106 25.01 57.91 52.08
N GLU G 107 25.04 59.16 52.55
CA GLU G 107 23.83 59.87 52.91
C GLU G 107 22.85 60.02 51.76
N GLY G 108 23.37 60.28 50.57
CA GLY G 108 22.51 60.61 49.42
C GLY G 108 21.47 59.55 49.10
N TYR G 109 21.88 58.30 49.25
CA TYR G 109 21.00 57.16 49.03
C TYR G 109 19.89 57.21 50.08
N VAL G 110 20.28 57.25 51.36
CA VAL G 110 19.33 57.31 52.46
C VAL G 110 18.37 58.49 52.29
N ALA G 111 18.91 59.65 51.91
CA ALA G 111 18.10 60.86 51.76
C ALA G 111 17.05 60.74 50.67
N VAL G 112 17.45 60.21 49.51
CA VAL G 112 16.52 60.06 48.40
C VAL G 112 15.40 59.13 48.82
N THR G 113 15.84 58.07 49.49
CA THR G 113 14.98 57.08 50.11
C THR G 113 13.94 57.68 51.05
N GLU G 114 14.36 58.67 51.84
CA GLU G 114 13.44 59.37 52.75
C GLU G 114 12.35 60.12 51.95
N GLN G 115 12.77 60.81 50.91
CA GLN G 115 11.84 61.62 50.13
C GLN G 115 10.81 60.77 49.45
N LEU G 116 11.25 59.64 48.90
CA LEU G 116 10.33 58.79 48.17
C LEU G 116 9.30 58.17 49.15
N ASN G 117 9.75 57.80 50.35
CA ASN G 117 8.84 57.34 51.38
C ASN G 117 7.76 58.36 51.67
N ARG G 118 8.19 59.62 51.77
CA ARG G 118 7.32 60.72 52.08
C ARG G 118 6.34 61.02 50.95
N LEU G 119 6.83 61.04 49.71
CA LEU G 119 6.04 61.56 48.57
C LEU G 119 5.09 60.54 47.89
N THR G 120 5.36 59.25 48.11
CA THR G 120 4.55 58.20 47.51
C THR G 120 3.23 58.02 48.26
N PRO G 121 2.21 57.45 47.62
CA PRO G 121 0.91 57.32 48.27
C PRO G 121 0.90 56.36 49.46
N GLY G 122 -0.08 56.57 50.33
CA GLY G 122 -0.29 55.75 51.50
C GLY G 122 0.50 56.20 52.70
N ASP G 123 -0.04 55.91 53.89
CA ASP G 123 0.61 56.24 55.18
C ASP G 123 1.21 55.03 55.90
N HIS G 124 1.05 53.85 55.31
CA HIS G 124 1.59 52.60 55.86
C HIS G 124 3.10 52.60 55.81
N ALA G 125 3.70 51.63 56.49
CA ALA G 125 5.15 51.50 56.51
C ALA G 125 5.67 51.19 55.11
N LYS G 126 6.64 51.97 54.63
CA LYS G 126 7.18 51.76 53.30
C LYS G 126 8.68 51.68 53.35
N ARG G 127 9.29 51.00 52.37
CA ARG G 127 10.75 50.99 52.21
C ARG G 127 11.12 51.15 50.75
N THR G 128 12.38 51.47 50.49
CA THR G 128 12.82 51.73 49.12
C THR G 128 14.17 51.08 48.82
N VAL G 129 14.37 50.68 47.57
CA VAL G 129 15.69 50.29 47.06
C VAL G 129 15.89 51.04 45.76
N LEU G 130 17.15 51.33 45.44
CA LEU G 130 17.48 52.15 44.29
C LEU G 130 18.32 51.39 43.28
N PHE G 131 18.07 51.72 42.01
CA PHE G 131 18.80 51.14 40.90
C PHE G 131 19.06 52.23 39.87
N ASN G 132 19.37 51.85 38.63
CA ASN G 132 19.73 52.82 37.60
C ASN G 132 18.61 53.06 36.62
N SER G 133 18.06 51.99 36.03
CA SER G 133 17.06 52.15 34.95
C SER G 133 15.67 51.78 35.34
N GLY G 134 14.71 52.26 34.58
CA GLY G 134 13.30 51.87 34.77
C GLY G 134 13.15 50.36 34.66
N ALA G 135 13.79 49.74 33.66
CA ALA G 135 13.70 48.29 33.52
C ALA G 135 14.20 47.62 34.77
N GLU G 136 15.31 48.08 35.34
CA GLU G 136 15.83 47.48 36.55
C GLU G 136 14.80 47.61 37.66
N ALA G 137 14.14 48.77 37.73
CA ALA G 137 13.11 48.98 38.74
C ALA G 137 12.03 47.91 38.59
N VAL G 138 11.49 47.75 37.39
CA VAL G 138 10.39 46.82 37.17
C VAL G 138 10.84 45.40 37.46
N GLU G 139 12.04 45.05 36.99
CA GLU G 139 12.64 43.76 37.32
C GLU G 139 12.64 43.50 38.83
N ASN G 140 13.03 44.50 39.59
CA ASN G 140 13.12 44.34 41.03
C ASN G 140 11.77 44.29 41.72
N ALA G 141 10.79 45.05 41.23
CA ALA G 141 9.42 44.98 41.75
C ALA G 141 8.91 43.54 41.61
N VAL G 142 9.14 42.94 40.46
CA VAL G 142 8.67 41.60 40.22
C VAL G 142 9.45 40.61 41.09
N LYS G 143 10.77 40.78 41.23
CA LYS G 143 11.55 39.94 42.16
C LYS G 143 10.91 39.94 43.56
N VAL G 144 10.50 41.12 44.01
CA VAL G 144 10.00 41.26 45.38
C VAL G 144 8.65 40.61 45.48
N ALA G 145 7.78 40.86 44.52
CA ALA G 145 6.45 40.23 44.54
C ALA G 145 6.59 38.71 44.54
N ARG G 146 7.48 38.18 43.71
CA ARG G 146 7.63 36.76 43.61
C ARG G 146 8.14 36.16 44.90
N LEU G 147 9.17 36.75 45.48
CA LEU G 147 9.77 36.23 46.71
C LEU G 147 8.77 36.39 47.87
N ALA G 148 8.15 37.55 47.99
CA ALA G 148 7.28 37.84 49.11
C ALA G 148 6.04 36.97 49.09
N THR G 149 5.47 36.72 47.92
CA THR G 149 4.19 35.95 47.84
C THR G 149 4.43 34.47 47.72
N GLY G 150 5.64 34.09 47.35
CA GLY G 150 5.91 32.68 47.05
C GLY G 150 5.27 32.17 45.75
N ARG G 151 4.76 33.08 44.90
CA ARG G 151 4.10 32.68 43.66
C ARG G 151 4.93 33.10 42.45
N ASP G 152 4.52 32.58 41.29
CA ASP G 152 5.23 32.71 40.02
C ASP G 152 4.61 33.74 39.08
N ALA G 153 3.31 33.62 38.85
CA ALA G 153 2.67 34.32 37.76
C ALA G 153 2.70 35.84 37.97
N VAL G 154 2.93 36.59 36.88
CA VAL G 154 2.78 38.05 36.87
C VAL G 154 1.81 38.45 35.76
N VAL G 155 0.78 39.26 36.04
CA VAL G 155 -0.06 39.72 34.92
C VAL G 155 0.31 41.13 34.49
N ALA G 156 0.40 41.29 33.19
CA ALA G 156 0.58 42.59 32.54
C ALA G 156 -0.56 42.77 31.56
N PHE G 157 -0.68 43.96 30.99
CA PHE G 157 -1.84 44.28 30.18
C PHE G 157 -1.56 44.54 28.70
N ASP G 158 -2.60 44.44 27.89
CA ASP G 158 -2.51 44.91 26.50
C ASP G 158 -2.05 46.36 26.53
N HIS G 159 -1.26 46.74 25.50
CA HIS G 159 -0.71 48.10 25.37
C HIS G 159 0.31 48.47 26.42
N ALA G 160 0.73 47.51 27.25
CA ALA G 160 1.74 47.82 28.24
C ALA G 160 3.10 48.01 27.60
N TYR G 161 3.93 48.80 28.26
CA TYR G 161 5.35 48.85 27.98
C TYR G 161 6.10 48.96 29.32
N HIS G 162 7.09 48.08 29.56
CA HIS G 162 7.82 48.08 30.82
C HIS G 162 9.31 47.93 30.68
N GLY G 163 9.82 47.84 29.45
CA GLY G 163 11.26 47.83 29.29
C GLY G 163 11.84 46.82 28.32
N ARG G 164 13.17 46.82 28.25
CA ARG G 164 13.90 46.15 27.18
C ARG G 164 14.84 45.07 27.66
N THR G 165 14.83 44.75 28.95
CA THR G 165 15.45 43.50 29.41
C THR G 165 14.54 42.34 29.06
N ASN G 166 15.04 41.12 29.20
CA ASN G 166 14.24 39.95 28.78
C ASN G 166 12.87 39.88 29.45
N LEU G 167 12.85 40.02 30.78
CA LEU G 167 11.58 39.99 31.51
C LEU G 167 10.72 41.19 31.19
N THR G 168 11.34 42.37 31.10
CA THR G 168 10.53 43.59 30.84
C THR G 168 10.01 43.61 29.39
N MET G 169 10.75 42.96 28.50
CA MET G 169 10.23 42.69 27.17
C MET G 169 9.04 41.75 27.28
N ALA G 170 9.18 40.72 28.10
CA ALA G 170 8.10 39.76 28.31
C ALA G 170 6.86 40.49 28.75
N LEU G 171 7.03 41.38 29.71
CA LEU G 171 5.91 42.17 30.26
C LEU G 171 5.35 43.15 29.22
N THR G 172 6.21 43.62 28.31
CA THR G 172 5.78 44.55 27.30
C THR G 172 4.88 43.87 26.27
N ALA G 173 3.88 44.60 25.80
CA ALA G 173 2.90 44.05 24.87
C ALA G 173 3.34 44.10 23.38
N LYS G 174 3.75 45.26 22.91
CA LYS G 174 4.03 45.44 21.51
C LYS G 174 5.35 44.79 21.10
N ALA G 175 5.33 44.00 20.01
CA ALA G 175 6.52 43.28 19.54
C ALA G 175 7.49 44.15 18.74
N MET G 176 6.99 45.06 17.91
CA MET G 176 7.88 45.90 17.08
C MET G 176 8.06 47.30 17.69
N PRO G 177 9.30 47.68 18.03
CA PRO G 177 10.59 47.02 17.83
C PRO G 177 11.14 46.35 19.07
N TYR G 178 10.34 46.34 20.13
CA TYR G 178 10.86 46.01 21.45
C TYR G 178 11.23 44.53 21.65
N LYS G 179 10.58 43.64 20.92
CA LYS G 179 10.67 42.19 21.18
C LYS G 179 11.15 41.33 20.01
N THR G 180 10.79 41.71 18.77
CA THR G 180 11.00 40.83 17.61
C THR G 180 12.39 40.20 17.59
N ASN G 181 12.45 38.88 17.53
CA ASN G 181 13.69 38.10 17.48
C ASN G 181 14.59 38.16 18.72
N PHE G 182 14.10 38.76 19.81
CA PHE G 182 14.93 38.83 21.04
C PHE G 182 14.62 37.76 22.10
N GLY G 183 13.61 36.92 21.87
CA GLY G 183 13.24 35.89 22.81
C GLY G 183 14.16 34.69 22.70
N PRO G 184 13.81 33.57 23.35
CA PRO G 184 12.57 33.33 24.12
C PRO G 184 12.49 34.12 25.41
N PHE G 185 11.28 34.50 25.80
CA PHE G 185 11.08 35.42 26.92
C PHE G 185 10.82 34.73 28.27
N ALA G 186 11.10 35.46 29.35
CA ALA G 186 10.93 34.99 30.72
C ALA G 186 9.54 34.39 30.92
N PRO G 187 9.47 33.25 31.60
CA PRO G 187 8.22 32.55 31.73
C PRO G 187 7.27 33.06 32.82
N GLU G 188 6.03 32.59 32.75
CA GLU G 188 4.95 32.87 33.68
C GLU G 188 4.53 34.33 33.70
N VAL G 189 4.43 34.91 32.52
CA VAL G 189 3.86 36.25 32.34
C VAL G 189 2.60 36.09 31.55
N TYR G 190 1.52 36.68 32.03
CA TYR G 190 0.21 36.51 31.39
C TYR G 190 -0.33 37.88 31.03
N ARG G 191 -1.05 37.98 29.92
CA ARG G 191 -1.51 39.25 29.44
C ARG G 191 -3.01 39.35 29.51
N MET G 192 -3.51 40.49 29.97
CA MET G 192 -4.94 40.67 30.19
C MET G 192 -5.45 41.93 29.51
N PRO G 193 -6.76 42.02 29.33
CA PRO G 193 -7.30 43.18 28.59
C PRO G 193 -7.29 44.46 29.39
N MET G 194 -7.01 45.55 28.70
CA MET G 194 -6.90 46.87 29.27
C MET G 194 -8.22 47.59 29.17
N SER G 195 -8.39 48.62 29.99
CA SER G 195 -9.51 49.55 29.83
C SER G 195 -9.02 50.64 28.93
N TYR G 196 -9.50 50.63 27.69
CA TYR G 196 -9.08 51.55 26.64
C TYR G 196 -10.34 52.10 26.00
N PRO G 197 -10.96 53.08 26.66
CA PRO G 197 -12.30 53.58 26.30
C PRO G 197 -12.55 53.80 24.83
N PHE G 198 -11.60 54.48 24.17
CA PHE G 198 -11.80 54.86 22.78
C PHE G 198 -11.98 53.66 21.84
N ARG G 199 -11.44 52.51 22.23
CA ARG G 199 -11.49 51.33 21.36
C ARG G 199 -12.21 50.12 21.95
N GLU G 200 -12.94 50.32 23.03
CA GLU G 200 -13.77 49.25 23.58
C GLU G 200 -14.81 48.82 22.58
N GLU G 201 -14.96 47.53 22.38
CA GLU G 201 -15.97 47.03 21.44
C GLU G 201 -17.37 47.45 21.86
N ASN G 202 -17.57 47.55 23.18
CA ASN G 202 -18.80 48.09 23.74
C ASN G 202 -18.49 49.44 24.36
N PRO G 203 -18.78 50.52 23.63
CA PRO G 203 -18.35 51.84 24.08
C PRO G 203 -18.91 52.24 25.44
N GLU G 204 -20.07 51.70 25.81
CA GLU G 204 -20.71 52.03 27.09
C GLU G 204 -20.08 51.32 28.32
N ILE G 205 -19.09 50.46 28.10
CA ILE G 205 -18.47 49.72 29.20
C ILE G 205 -17.90 50.65 30.27
N THR G 206 -18.02 50.21 31.51
CA THR G 206 -17.62 50.94 32.70
C THR G 206 -16.26 50.48 33.18
N GLY G 207 -15.55 51.34 33.91
CA GLY G 207 -14.26 50.97 34.48
C GLY G 207 -14.39 49.74 35.35
N ALA G 208 -15.36 49.76 36.25
CA ALA G 208 -15.70 48.61 37.08
C ALA G 208 -15.90 47.33 36.23
N GLU G 209 -16.66 47.48 35.13
CA GLU G 209 -16.98 46.33 34.27
C GLU G 209 -15.75 45.83 33.52
N ALA G 210 -14.89 46.75 33.11
CA ALA G 210 -13.66 46.41 32.46
C ALA G 210 -12.71 45.68 33.43
N ALA G 211 -12.71 46.12 34.69
CA ALA G 211 -11.92 45.45 35.74
C ALA G 211 -12.46 44.05 36.00
N LYS G 212 -13.78 43.90 36.00
CA LYS G 212 -14.37 42.61 36.23
C LYS G 212 -13.99 41.67 35.10
N ARG G 213 -13.95 42.18 33.88
CA ARG G 213 -13.59 41.38 32.71
C ARG G 213 -12.17 40.85 32.89
N ALA G 214 -11.26 41.72 33.29
CA ALA G 214 -9.88 41.31 33.52
C ALA G 214 -9.83 40.31 34.66
N ILE G 215 -10.53 40.59 35.75
CA ILE G 215 -10.46 39.76 36.96
C ILE G 215 -10.96 38.36 36.72
N THR G 216 -12.11 38.22 36.06
CA THR G 216 -12.65 36.91 35.72
C THR G 216 -11.64 36.13 34.87
N MET G 217 -11.07 36.80 33.88
CA MET G 217 -10.11 36.18 33.00
C MET G 217 -8.89 35.69 33.80
N ILE G 218 -8.39 36.51 34.71
CA ILE G 218 -7.24 36.14 35.55
C ILE G 218 -7.59 34.93 36.39
N GLU G 219 -8.77 34.97 36.98
CA GLU G 219 -9.22 33.91 37.88
C GLU G 219 -9.38 32.61 37.12
N LYS G 220 -9.96 32.69 35.93
CA LYS G 220 -10.19 31.49 35.14
C LYS G 220 -8.91 30.92 34.52
N GLN G 221 -7.95 31.79 34.15
CA GLN G 221 -6.77 31.35 33.37
C GLN G 221 -5.49 31.21 34.16
N ILE G 222 -5.49 31.72 35.39
CA ILE G 222 -4.36 31.55 36.33
C ILE G 222 -4.84 31.16 37.72
N GLY G 223 -5.83 31.89 38.21
CA GLY G 223 -6.30 31.73 39.58
C GLY G 223 -5.68 32.79 40.48
N GLY G 224 -6.52 33.57 41.15
CA GLY G 224 -6.04 34.66 42.00
C GLY G 224 -4.95 34.30 42.98
N ASP G 225 -5.04 33.13 43.57
CA ASP G 225 -4.06 32.70 44.55
C ASP G 225 -2.71 32.28 43.94
N GLN G 226 -2.62 32.25 42.61
CA GLN G 226 -1.41 31.87 41.88
C GLN G 226 -0.63 33.06 41.34
N VAL G 227 -1.20 34.25 41.46
CA VAL G 227 -0.59 35.44 40.87
C VAL G 227 0.28 36.17 41.91
N ALA G 228 1.57 36.30 41.64
CA ALA G 228 2.50 37.05 42.49
C ALA G 228 2.25 38.56 42.39
N ALA G 229 1.96 39.05 41.19
CA ALA G 229 1.81 40.47 40.99
C ALA G 229 0.94 40.84 39.79
N ILE G 230 0.22 41.94 39.90
CA ILE G 230 -0.39 42.60 38.76
C ILE G 230 0.44 43.86 38.57
N ILE G 231 0.93 44.09 37.36
CA ILE G 231 1.67 45.32 37.06
C ILE G 231 0.92 46.13 35.99
N ILE G 232 0.68 47.40 36.27
CA ILE G 232 0.01 48.25 35.32
C ILE G 232 0.49 49.68 35.42
N GLU G 233 0.52 50.35 34.27
CA GLU G 233 0.81 51.78 34.19
C GLU G 233 -0.52 52.53 34.35
N PRO G 234 -0.62 53.47 35.31
CA PRO G 234 -1.89 54.15 35.54
C PRO G 234 -2.29 54.94 34.33
N ILE G 235 -1.30 55.48 33.64
CA ILE G 235 -1.49 55.94 32.24
C ILE G 235 -0.43 55.21 31.41
N GLN G 236 -0.89 54.47 30.41
CA GLN G 236 0.03 53.66 29.61
C GLN G 236 0.77 54.57 28.63
N GLY G 237 2.10 54.57 28.72
CA GLY G 237 2.93 55.53 27.96
C GLY G 237 3.08 55.18 26.50
N GLU G 238 4.08 54.37 26.19
CA GLU G 238 4.36 53.95 24.81
C GLU G 238 3.15 53.30 24.13
N GLY G 239 2.28 52.70 24.91
CA GLY G 239 1.02 52.13 24.40
C GLY G 239 0.06 53.14 23.79
N GLY G 240 0.21 54.41 24.16
CA GLY G 240 -0.58 55.48 23.55
C GLY G 240 -1.26 56.44 24.51
N PHE G 241 -0.66 56.65 25.68
CA PHE G 241 -1.23 57.52 26.71
C PHE G 241 -2.70 57.12 26.96
N ILE G 242 -2.90 55.81 27.16
CA ILE G 242 -4.24 55.26 27.41
C ILE G 242 -4.54 55.48 28.89
N VAL G 243 -5.62 56.22 29.14
CA VAL G 243 -6.13 56.38 30.51
C VAL G 243 -7.32 55.49 30.68
N PRO G 244 -7.28 54.64 31.71
CA PRO G 244 -8.38 53.69 31.91
C PRO G 244 -9.59 54.42 32.40
N ALA G 245 -10.77 53.85 32.17
CA ALA G 245 -12.02 54.44 32.64
C ALA G 245 -11.97 54.54 34.15
N GLU G 246 -12.64 55.56 34.68
CA GLU G 246 -12.76 55.70 36.14
C GLU G 246 -13.27 54.40 36.74
N GLY G 247 -12.67 53.97 37.83
CA GLY G 247 -13.14 52.79 38.57
C GLY G 247 -12.40 51.50 38.29
N PHE G 248 -11.64 51.48 37.21
CA PHE G 248 -10.87 50.32 36.81
C PHE G 248 -9.74 50.09 37.79
N LEU G 249 -8.86 51.06 37.95
CA LEU G 249 -7.71 50.86 38.81
C LEU G 249 -8.10 50.51 40.25
N PRO G 250 -9.11 51.19 40.83
CA PRO G 250 -9.46 50.83 42.22
C PRO G 250 -10.01 49.40 42.33
N ALA G 251 -10.78 48.97 41.35
CA ALA G 251 -11.29 47.59 41.33
C ALA G 251 -10.14 46.59 41.37
N LEU G 252 -9.17 46.77 40.48
CA LEU G 252 -8.00 45.91 40.45
C LEU G 252 -7.30 45.94 41.77
N SER G 253 -7.15 47.13 42.34
CA SER G 253 -6.42 47.26 43.61
C SER G 253 -7.12 46.49 44.74
N GLU G 254 -8.44 46.63 44.80
CA GLU G 254 -9.25 45.98 45.85
C GLU G 254 -9.06 44.48 45.72
N TRP G 255 -9.19 43.99 44.49
CA TRP G 255 -9.15 42.58 44.22
C TRP G 255 -7.80 42.02 44.50
N ALA G 256 -6.76 42.75 44.15
CA ALA G 256 -5.40 42.29 44.42
C ALA G 256 -5.23 42.07 45.91
N LYS G 257 -5.77 42.98 46.70
CA LYS G 257 -5.63 42.94 48.18
C LYS G 257 -6.35 41.69 48.66
N GLU G 258 -7.57 41.50 48.17
CA GLU G 258 -8.34 40.31 48.47
C GLU G 258 -7.56 39.02 48.26
N LYS G 259 -6.84 38.92 47.14
CA LYS G 259 -6.19 37.69 46.75
C LYS G 259 -4.73 37.59 47.12
N GLY G 260 -4.22 38.54 47.88
CA GLY G 260 -2.81 38.50 48.31
C GLY G 260 -1.84 38.71 47.19
N ILE G 261 -2.31 39.36 46.12
CA ILE G 261 -1.50 39.70 44.94
C ILE G 261 -0.87 41.09 45.08
N VAL G 262 0.43 41.18 44.83
CA VAL G 262 1.11 42.48 44.92
C VAL G 262 0.70 43.34 43.73
N PHE G 263 0.10 44.50 44.01
CA PHE G 263 -0.30 45.46 42.96
C PHE G 263 0.83 46.45 42.72
N ILE G 264 1.47 46.33 41.55
CA ILE G 264 2.61 47.17 41.18
C ILE G 264 2.15 48.27 40.21
N ALA G 265 2.30 49.52 40.63
CA ALA G 265 2.01 50.66 39.73
C ALA G 265 3.31 51.07 39.04
N ASP G 266 3.35 50.96 37.72
CA ASP G 266 4.56 51.39 37.00
C ASP G 266 4.43 52.86 36.65
N GLU G 267 5.06 53.69 37.49
CA GLU G 267 5.00 55.14 37.35
C GLU G 267 6.35 55.68 36.87
N VAL G 268 7.07 54.88 36.09
CA VAL G 268 8.34 55.33 35.55
C VAL G 268 8.13 56.58 34.69
N GLN G 269 7.09 56.59 33.85
CA GLN G 269 6.84 57.71 32.95
C GLN G 269 5.87 58.72 33.59
N SER G 270 4.86 58.23 34.29
CA SER G 270 3.79 59.08 34.86
C SER G 270 4.13 59.72 36.21
N GLY G 271 5.18 59.26 36.83
CA GLY G 271 5.56 59.76 38.16
C GLY G 271 6.23 61.12 38.23
N PHE G 272 6.33 61.63 39.45
CA PHE G 272 6.94 62.94 39.75
C PHE G 272 6.35 64.15 39.00
N CYS G 273 5.07 64.42 39.30
CA CYS G 273 4.35 65.64 38.93
C CYS G 273 3.88 65.69 37.49
N ARG G 274 4.28 64.69 36.70
CA ARG G 274 4.00 64.68 35.27
C ARG G 274 2.52 64.85 34.96
N THR G 275 1.66 64.28 35.79
CA THR G 275 0.22 64.29 35.52
C THR G 275 -0.53 65.38 36.29
N GLY G 276 0.19 66.19 37.05
CA GLY G 276 -0.44 67.21 37.90
C GLY G 276 -0.66 66.77 39.35
N GLU G 277 -0.28 65.53 39.65
CA GLU G 277 -0.20 65.03 41.01
C GLU G 277 1.15 64.38 41.13
N TRP G 278 1.62 64.13 42.34
CA TRP G 278 2.91 63.47 42.49
C TRP G 278 2.99 62.16 41.75
N PHE G 279 1.93 61.37 41.81
CA PHE G 279 1.83 60.12 41.07
C PHE G 279 0.47 59.97 40.40
N ALA G 280 0.44 59.38 39.19
CA ALA G 280 -0.80 59.27 38.43
C ALA G 280 -1.89 58.58 39.23
N VAL G 281 -1.48 57.67 40.12
CA VAL G 281 -2.44 56.90 40.94
C VAL G 281 -3.22 57.84 41.89
N ASP G 282 -2.60 58.98 42.24
CA ASP G 282 -3.25 59.96 43.12
C ASP G 282 -4.54 60.55 42.54
N HIS G 283 -4.68 60.58 41.23
CA HIS G 283 -5.92 61.02 40.61
C HIS G 283 -7.09 60.26 41.17
N GLU G 284 -6.95 58.93 41.31
CA GLU G 284 -8.06 58.09 41.78
C GLU G 284 -7.88 57.61 43.21
N GLY G 285 -6.80 58.03 43.84
CA GLY G 285 -6.56 57.67 45.22
C GLY G 285 -6.19 56.21 45.43
N VAL G 286 -5.70 55.57 44.39
CA VAL G 286 -5.21 54.19 44.48
C VAL G 286 -3.88 54.19 45.21
N VAL G 287 -3.68 53.21 46.09
CA VAL G 287 -2.48 53.12 46.93
C VAL G 287 -1.75 51.78 46.62
N PRO G 288 -0.75 51.80 45.73
CA PRO G 288 -0.10 50.57 45.28
C PRO G 288 0.77 49.91 46.31
N ASP G 289 0.94 48.61 46.18
CA ASP G 289 1.74 47.82 47.11
C ASP G 289 3.20 48.08 46.83
N ILE G 290 3.56 48.19 45.54
CA ILE G 290 4.90 48.62 45.13
C ILE G 290 4.73 49.58 43.98
N ILE G 291 5.59 50.58 43.91
CA ILE G 291 5.54 51.52 42.81
C ILE G 291 6.93 51.72 42.24
N THR G 292 7.01 51.56 40.91
CA THR G 292 8.30 51.66 40.19
C THR G 292 8.48 53.06 39.61
N MET G 293 9.71 53.57 39.77
CA MET G 293 10.05 54.92 39.39
C MET G 293 11.38 55.04 38.67
N ALA G 294 11.43 55.95 37.71
CA ALA G 294 12.70 56.34 37.07
C ALA G 294 12.48 57.66 36.32
N LYS G 295 12.97 57.76 35.08
CA LYS G 295 12.79 58.94 34.21
C LYS G 295 12.90 60.28 35.00
N GLY G 296 11.76 60.86 35.38
CA GLY G 296 11.74 62.20 36.04
C GLY G 296 12.39 62.34 37.42
N ILE G 297 12.59 61.24 38.10
CA ILE G 297 13.10 61.23 39.47
C ILE G 297 14.38 62.04 39.69
N ALA G 298 15.34 62.01 38.77
CA ALA G 298 16.65 62.62 39.06
C ALA G 298 17.09 63.67 38.03
N GLY G 299 16.11 64.36 37.46
CA GLY G 299 16.35 65.46 36.54
C GLY G 299 17.29 65.17 35.37
N GLY G 300 17.34 63.92 34.95
CA GLY G 300 18.15 63.53 33.80
C GLY G 300 19.29 62.62 34.14
N LEU G 301 19.71 62.57 35.39
CA LEU G 301 20.74 61.61 35.76
C LEU G 301 20.16 60.17 35.85
N PRO G 302 21.01 59.15 35.69
CA PRO G 302 20.50 57.79 35.72
C PRO G 302 20.18 57.30 37.13
N LEU G 303 18.90 57.32 37.49
CA LEU G 303 18.46 56.76 38.75
C LEU G 303 17.08 56.14 38.58
N SER G 304 16.82 55.07 39.34
CA SER G 304 15.51 54.43 39.39
C SER G 304 15.26 53.91 40.80
N ALA G 305 14.00 53.56 41.08
CA ALA G 305 13.65 53.15 42.43
C ALA G 305 12.41 52.30 42.45
N ILE G 306 12.35 51.39 43.43
CA ILE G 306 11.06 50.81 43.86
C ILE G 306 10.78 51.27 45.28
N THR G 307 9.54 51.66 45.53
CA THR G 307 9.10 51.96 46.87
C THR G 307 7.80 51.22 47.14
N GLY G 308 7.79 50.43 48.22
CA GLY G 308 6.61 49.63 48.54
C GLY G 308 6.48 49.29 50.01
N ARG G 309 5.44 48.52 50.30
CA ARG G 309 5.16 48.05 51.66
C ARG G 309 6.40 47.47 52.31
N ALA G 310 6.67 47.91 53.53
CA ALA G 310 7.80 47.39 54.33
C ALA G 310 7.76 45.84 54.41
N ASP G 311 6.59 45.27 54.66
CA ASP G 311 6.49 43.83 54.87
C ASP G 311 6.86 43.06 53.61
N LEU G 312 6.58 43.61 52.42
CA LEU G 312 7.00 43.01 51.15
C LEU G 312 8.51 43.16 50.94
N LEU G 313 9.00 44.40 50.90
CA LEU G 313 10.44 44.63 50.61
C LEU G 313 11.38 44.08 51.64
N ASP G 314 10.99 44.14 52.90
CA ASP G 314 11.83 43.56 53.96
C ASP G 314 11.88 42.04 53.95
N ALA G 315 10.95 41.40 53.25
CA ALA G 315 10.95 39.94 53.09
C ALA G 315 12.19 39.40 52.34
N VAL G 316 12.77 40.23 51.47
CA VAL G 316 13.87 39.79 50.64
C VAL G 316 15.10 39.61 51.51
N HIS G 317 15.81 38.53 51.26
CA HIS G 317 16.97 38.17 52.05
C HIS G 317 18.12 39.15 51.87
N PRO G 318 19.06 39.20 52.85
CA PRO G 318 20.27 40.02 52.69
C PRO G 318 21.03 39.74 51.41
N GLY G 319 21.31 40.79 50.66
CA GLY G 319 22.04 40.71 49.39
C GLY G 319 21.20 40.33 48.18
N GLY G 320 19.90 40.13 48.38
CA GLY G 320 19.03 39.70 47.30
C GLY G 320 18.76 40.72 46.22
N LEU G 321 18.52 41.95 46.63
CA LEU G 321 18.30 43.04 45.70
C LEU G 321 19.55 43.92 45.67
N GLY G 322 19.97 44.37 44.50
CA GLY G 322 21.10 45.28 44.39
C GLY G 322 21.57 45.61 42.98
N GLY G 323 22.88 45.75 42.83
CA GLY G 323 23.53 46.30 41.63
C GLY G 323 24.79 47.09 42.01
N THR G 324 25.72 47.26 41.07
CA THR G 324 26.93 48.01 41.32
C THR G 324 26.66 49.52 41.43
N TYR G 325 26.16 50.10 40.35
CA TYR G 325 25.98 51.57 40.24
C TYR G 325 24.79 52.09 41.03
N GLY G 326 23.83 51.23 41.30
CA GLY G 326 22.51 51.63 41.79
C GLY G 326 22.51 52.62 42.94
N GLY G 327 21.65 53.63 42.83
CA GLY G 327 21.61 54.72 43.78
C GLY G 327 22.91 55.51 43.76
N ASN G 328 23.40 55.81 42.57
CA ASN G 328 24.67 56.53 42.43
C ASN G 328 24.58 57.92 43.09
N PRO G 329 25.63 58.30 43.84
CA PRO G 329 25.58 59.49 44.70
C PRO G 329 25.40 60.79 43.94
N VAL G 330 26.03 60.88 42.78
CA VAL G 330 25.82 62.04 41.92
C VAL G 330 24.38 62.08 41.46
N ALA G 331 23.85 60.92 41.10
CA ALA G 331 22.46 60.83 40.65
C ALA G 331 21.51 61.15 41.78
N CYS G 332 21.87 60.72 42.97
CA CYS G 332 21.04 60.99 44.17
C CYS G 332 20.97 62.48 44.42
N ALA G 333 22.15 63.13 44.37
CA ALA G 333 22.23 64.59 44.51
C ALA G 333 21.24 65.21 43.56
N ALA G 334 21.29 64.75 42.33
CA ALA G 334 20.38 65.26 41.31
C ALA G 334 18.93 65.11 41.72
N ALA G 335 18.59 63.93 42.22
CA ALA G 335 17.21 63.60 42.58
C ALA G 335 16.68 64.50 43.72
N LEU G 336 17.49 64.66 44.78
CA LEU G 336 17.13 65.55 45.89
C LEU G 336 16.83 66.97 45.38
N ALA G 337 17.73 67.48 44.53
CA ALA G 337 17.53 68.80 43.93
C ALA G 337 16.29 68.83 43.04
N ALA G 338 16.13 67.82 42.19
CA ALA G 338 14.98 67.76 41.28
C ALA G 338 13.68 67.78 42.07
N ILE G 339 13.59 66.94 43.11
CA ILE G 339 12.37 66.88 43.94
C ILE G 339 12.14 68.22 44.61
N ASP G 340 13.23 68.84 45.04
CA ASP G 340 13.16 70.13 45.67
C ASP G 340 12.59 71.17 44.72
N THR G 341 13.09 71.20 43.49
CA THR G 341 12.53 72.07 42.48
C THR G 341 11.05 71.81 42.30
N MET G 342 10.68 70.55 42.22
CA MET G 342 9.28 70.20 42.00
C MET G 342 8.39 70.86 43.04
N GLU G 343 8.87 70.88 44.29
CA GLU G 343 8.14 71.51 45.41
C GLU G 343 8.24 73.04 45.38
N GLN G 344 9.47 73.56 45.44
CA GLN G 344 9.69 75.02 45.45
C GLN G 344 8.91 75.71 44.33
N HIS G 345 8.89 75.16 43.12
CA HIS G 345 8.19 75.81 41.99
C HIS G 345 6.84 75.23 41.68
N ASP G 346 6.31 74.40 42.58
CA ASP G 346 4.97 73.85 42.42
C ASP G 346 4.75 73.31 41.01
N LEU G 347 5.55 72.32 40.62
CA LEU G 347 5.46 71.74 39.28
C LEU G 347 4.15 70.97 39.07
N ASN G 348 3.55 70.47 40.15
CA ASN G 348 2.21 69.91 40.04
C ASN G 348 1.26 70.95 39.47
N GLY G 349 1.31 72.15 40.05
CA GLY G 349 0.54 73.27 39.56
C GLY G 349 0.86 73.64 38.12
N ARG G 350 2.16 73.67 37.78
CA ARG G 350 2.60 74.00 36.42
C ARG G 350 2.03 72.93 35.44
N ALA G 351 2.02 71.67 35.89
CA ALA G 351 1.48 70.58 35.08
C ALA G 351 -0.03 70.75 34.87
N ARG G 352 -0.75 71.08 35.94
CA ARG G 352 -2.20 71.23 35.87
C ARG G 352 -2.53 72.42 34.94
N HIS G 353 -1.68 73.44 34.98
CA HIS G 353 -1.83 74.59 34.09
C HIS G 353 -1.57 74.23 32.64
N ILE G 354 -0.49 73.49 32.39
CA ILE G 354 -0.23 72.97 31.05
C ILE G 354 -1.43 72.19 30.49
N GLU G 355 -2.08 71.38 31.32
CA GLU G 355 -3.25 70.62 30.89
C GLU G 355 -4.31 71.57 30.34
N GLU G 356 -4.65 72.58 31.16
CA GLU G 356 -5.73 73.55 30.82
C GLU G 356 -5.42 74.20 29.48
N LEU G 357 -4.20 74.68 29.34
CA LEU G 357 -3.77 75.35 28.13
C LEU G 357 -3.83 74.43 26.92
N ALA G 358 -3.16 73.30 27.03
CA ALA G 358 -2.96 72.40 25.90
C ALA G 358 -4.26 71.75 25.48
N LEU G 359 -5.02 71.26 26.46
CA LEU G 359 -6.29 70.63 26.11
C LEU G 359 -7.24 71.65 25.50
N GLY G 360 -7.15 72.90 25.96
CA GLY G 360 -7.92 74.00 25.38
C GLY G 360 -7.67 74.16 23.89
N LYS G 361 -6.40 74.31 23.52
CA LYS G 361 -6.04 74.48 22.11
C LYS G 361 -6.43 73.24 21.27
N LEU G 362 -6.20 72.05 21.82
CA LEU G 362 -6.48 70.79 21.11
C LEU G 362 -7.97 70.58 20.87
N ARG G 363 -8.80 70.93 21.85
CA ARG G 363 -10.25 70.78 21.70
C ARG G 363 -10.81 71.82 20.69
N GLU G 364 -10.21 73.01 20.64
CA GLU G 364 -10.52 74.02 19.60
C GLU G 364 -10.24 73.42 18.21
N LEU G 365 -9.11 72.71 18.07
CA LEU G 365 -8.77 72.03 16.82
C LEU G 365 -9.78 70.95 16.47
N ALA G 366 -10.30 70.23 17.47
CA ALA G 366 -11.40 69.28 17.16
C ALA G 366 -12.56 69.93 16.30
N ALA G 367 -12.68 69.51 15.04
CA ALA G 367 -13.46 70.28 13.99
C ALA G 367 -13.42 69.57 12.60
N SER G 375 -13.19 64.06 9.71
CA SER G 375 -12.35 64.40 10.86
C SER G 375 -11.31 63.35 11.23
N VAL G 376 -10.15 63.87 11.57
CA VAL G 376 -8.94 63.10 11.70
C VAL G 376 -8.51 63.03 13.18
N VAL G 377 -9.22 63.74 14.05
CA VAL G 377 -8.93 63.72 15.49
C VAL G 377 -9.86 62.79 16.23
N GLY G 378 -9.38 61.60 16.56
CA GLY G 378 -10.23 60.57 17.17
C GLY G 378 -10.48 60.76 18.65
N ASP G 379 -9.45 61.15 19.39
CA ASP G 379 -9.54 61.18 20.83
C ASP G 379 -8.48 62.08 21.39
N ILE G 380 -8.87 62.85 22.39
CA ILE G 380 -7.93 63.69 23.15
C ILE G 380 -7.99 63.25 24.60
N ARG G 381 -6.83 62.95 25.18
CA ARG G 381 -6.81 62.35 26.50
C ARG G 381 -5.50 62.62 27.18
N GLY G 382 -5.48 62.32 28.47
CA GLY G 382 -4.29 62.49 29.28
C GLY G 382 -4.55 63.43 30.45
N ARG G 383 -3.54 63.63 31.26
CA ARG G 383 -3.63 64.53 32.39
C ARG G 383 -2.33 65.27 32.57
N GLY G 384 -2.45 66.51 33.06
CA GLY G 384 -1.27 67.32 33.35
C GLY G 384 -0.41 67.56 32.12
N ALA G 385 0.89 67.28 32.26
CA ALA G 385 1.84 67.43 31.17
C ALA G 385 2.11 66.09 30.46
N MET G 386 1.15 65.17 30.55
CA MET G 386 1.18 63.89 29.83
C MET G 386 -0.10 63.79 29.03
N LEU G 387 -0.12 64.43 27.87
CA LEU G 387 -1.35 64.63 27.10
C LEU G 387 -1.14 64.07 25.69
N ALA G 388 -2.23 63.69 25.04
CA ALA G 388 -2.10 63.04 23.77
C ALA G 388 -3.32 63.19 22.89
N ILE G 389 -3.08 63.09 21.58
CA ILE G 389 -4.17 63.13 20.61
C ILE G 389 -3.99 61.94 19.67
N GLU G 390 -5.02 61.08 19.61
CA GLU G 390 -5.00 59.89 18.78
C GLU G 390 -5.64 60.22 17.47
N LEU G 391 -4.87 60.02 16.40
CA LEU G 391 -5.30 60.40 15.06
C LEU G 391 -5.85 59.20 14.32
N VAL G 392 -6.99 59.42 13.66
CA VAL G 392 -7.68 58.39 12.92
C VAL G 392 -7.87 58.76 11.46
N GLN G 393 -8.38 57.81 10.69
CA GLN G 393 -8.74 58.02 9.29
C GLN G 393 -10.05 58.84 9.24
N PRO G 394 -10.19 59.73 8.24
CA PRO G 394 -11.36 60.60 8.20
C PRO G 394 -12.67 59.84 8.29
N GLY G 395 -13.52 60.25 9.22
CA GLY G 395 -14.86 59.68 9.35
C GLY G 395 -14.95 58.23 9.83
N SER G 396 -13.85 57.70 10.41
CA SER G 396 -13.88 56.39 11.05
C SER G 396 -12.95 56.36 12.26
N LYS G 397 -12.85 55.20 12.90
CA LYS G 397 -11.93 54.97 14.02
C LYS G 397 -10.63 54.27 13.58
N GLU G 398 -10.45 54.00 12.29
CA GLU G 398 -9.27 53.29 11.83
C GLU G 398 -8.03 54.11 12.14
N PRO G 399 -6.95 53.47 12.62
CA PRO G 399 -5.72 54.21 12.93
C PRO G 399 -5.08 54.90 11.73
N ASN G 400 -4.44 56.04 11.98
CA ASN G 400 -3.80 56.85 10.96
C ASN G 400 -2.32 57.09 11.30
N ALA G 401 -1.51 56.04 11.20
CA ALA G 401 -0.06 56.17 11.40
C ALA G 401 0.61 57.11 10.38
N GLU G 402 0.15 57.10 9.12
CA GLU G 402 0.77 57.95 8.05
C GLU G 402 0.69 59.44 8.42
N LEU G 403 -0.51 59.90 8.82
CA LEU G 403 -0.69 61.27 9.27
C LEU G 403 0.18 61.61 10.48
N THR G 404 0.29 60.66 11.40
CA THR G 404 1.06 60.85 12.61
C THR G 404 2.52 61.04 12.28
N LYS G 405 3.08 60.15 11.46
CA LYS G 405 4.48 60.29 11.04
C LYS G 405 4.72 61.64 10.37
N ALA G 406 3.78 62.00 9.51
CA ALA G 406 3.85 63.22 8.73
C ALA G 406 3.79 64.48 9.60
N VAL G 407 2.90 64.48 10.57
CA VAL G 407 2.76 65.62 11.44
C VAL G 407 4.01 65.81 12.29
N ALA G 408 4.59 64.70 12.77
CA ALA G 408 5.83 64.77 13.58
C ALA G 408 6.97 65.34 12.75
N ALA G 409 7.05 64.91 11.50
CA ALA G 409 8.04 65.43 10.54
C ALA G 409 7.80 66.94 10.23
N ALA G 410 6.54 67.31 10.00
CA ALA G 410 6.17 68.69 9.73
C ALA G 410 6.54 69.61 10.91
N CYS G 411 6.25 69.16 12.12
CA CYS G 411 6.61 69.93 13.32
C CYS G 411 8.11 70.11 13.43
N LEU G 412 8.85 69.04 13.17
CA LEU G 412 10.29 69.10 13.25
C LEU G 412 10.81 70.18 12.28
N LYS G 413 10.27 70.16 11.07
CA LYS G 413 10.65 71.09 9.99
C LYS G 413 10.51 72.56 10.46
N GLU G 414 9.47 72.87 11.22
CA GLU G 414 9.24 74.21 11.77
C GLU G 414 9.98 74.50 13.08
N GLY G 415 10.78 73.55 13.58
CA GLY G 415 11.56 73.78 14.82
C GLY G 415 10.88 73.33 16.11
N VAL G 416 9.99 72.34 16.00
CA VAL G 416 9.29 71.79 17.17
C VAL G 416 9.54 70.29 17.23
N ILE G 417 10.28 69.85 18.24
CA ILE G 417 10.56 68.42 18.43
C ILE G 417 9.41 67.81 19.24
N ILE G 418 8.60 66.96 18.59
CA ILE G 418 7.44 66.35 19.21
C ILE G 418 7.50 64.83 19.04
N LEU G 419 7.06 64.08 20.05
CA LEU G 419 7.16 62.61 20.01
C LEU G 419 5.84 61.96 19.66
N THR G 420 5.92 60.75 19.10
CA THR G 420 4.74 59.94 18.79
C THR G 420 4.81 58.66 19.62
N CYS G 421 3.72 57.89 19.60
CA CYS G 421 3.66 56.60 20.29
C CYS G 421 2.41 55.85 19.87
N GLY G 422 2.12 54.75 20.56
CA GLY G 422 0.88 54.00 20.37
C GLY G 422 1.06 52.59 19.80
N THR G 423 0.21 51.68 20.26
CA THR G 423 0.14 50.34 19.72
C THR G 423 -0.01 50.40 18.21
N TYR G 424 -0.85 51.31 17.72
CA TYR G 424 -1.08 51.42 16.27
C TYR G 424 -0.32 52.56 15.60
N GLY G 425 0.69 53.10 16.31
CA GLY G 425 1.57 54.15 15.77
C GLY G 425 0.89 55.46 15.39
N ASN G 426 -0.27 55.73 15.99
CA ASN G 426 -1.13 56.81 15.55
C ASN G 426 -1.46 57.80 16.67
N VAL G 427 -0.56 57.96 17.63
CA VAL G 427 -0.78 58.88 18.74
C VAL G 427 0.33 59.89 18.84
N ILE G 428 -0.05 61.16 18.76
CA ILE G 428 0.87 62.24 19.06
C ILE G 428 0.80 62.52 20.53
N ARG G 429 1.97 62.59 21.17
CA ARG G 429 2.02 62.85 22.58
C ARG G 429 2.78 64.13 22.93
N LEU G 430 2.25 64.85 23.92
CA LEU G 430 2.86 66.06 24.42
C LEU G 430 3.48 65.71 25.79
N LEU G 431 4.81 65.76 25.84
CA LEU G 431 5.56 65.58 27.08
C LEU G 431 6.54 66.71 27.26
N PRO G 432 6.02 67.94 27.35
CA PRO G 432 6.90 69.07 27.55
C PRO G 432 7.51 69.03 28.93
N PRO G 433 8.70 69.65 29.10
CA PRO G 433 9.16 69.89 30.46
C PRO G 433 8.19 70.79 31.23
N LEU G 434 8.03 70.54 32.52
CA LEU G 434 7.03 71.25 33.32
C LEU G 434 7.41 72.75 33.49
N VAL G 435 8.70 73.06 33.40
CA VAL G 435 9.19 74.43 33.48
C VAL G 435 8.95 75.26 32.20
N ILE G 436 8.31 74.69 31.19
CA ILE G 436 8.10 75.39 29.91
C ILE G 436 7.23 76.62 30.12
N SER G 437 7.53 77.70 29.41
CA SER G 437 6.72 78.91 29.50
C SER G 437 5.45 78.79 28.66
N ASP G 438 4.40 79.47 29.07
CA ASP G 438 3.16 79.49 28.30
C ASP G 438 3.42 79.95 26.86
N GLU G 439 4.33 80.93 26.70
CA GLU G 439 4.64 81.52 25.37
C GLU G 439 5.13 80.41 24.43
N LEU G 440 6.16 79.69 24.86
CA LEU G 440 6.73 78.58 24.09
C LEU G 440 5.74 77.41 23.86
N LEU G 441 5.02 77.00 24.91
CA LEU G 441 4.04 75.91 24.77
C LEU G 441 3.01 76.30 23.70
N ILE G 442 2.47 77.52 23.78
CA ILE G 442 1.45 77.98 22.82
C ILE G 442 2.02 78.01 21.40
N ASP G 443 3.25 78.47 21.27
CA ASP G 443 3.92 78.49 19.98
C ASP G 443 3.95 77.05 19.44
N GLY G 444 4.46 76.14 20.26
CA GLY G 444 4.54 74.71 19.87
C GLY G 444 3.19 74.16 19.46
N LEU G 445 2.17 74.43 20.27
CA LEU G 445 0.82 73.96 19.98
C LEU G 445 0.27 74.54 18.70
N GLU G 446 0.64 75.77 18.39
CA GLU G 446 0.21 76.41 17.15
C GLU G 446 0.84 75.68 15.95
N VAL G 447 2.13 75.39 16.05
CA VAL G 447 2.84 74.63 15.01
C VAL G 447 2.24 73.26 14.80
N LEU G 448 1.89 72.61 15.91
CA LEU G 448 1.24 71.30 15.88
C LEU G 448 -0.10 71.40 15.17
N ALA G 449 -0.91 72.34 15.61
CA ALA G 449 -2.24 72.54 15.03
C ALA G 449 -2.14 72.83 13.51
N ALA G 450 -1.16 73.65 13.11
CA ALA G 450 -0.92 73.96 11.71
C ALA G 450 -0.57 72.70 10.92
N ALA G 451 0.31 71.88 11.51
CA ALA G 451 0.75 70.63 10.86
C ALA G 451 -0.42 69.65 10.62
N ILE G 452 -1.30 69.48 11.61
CA ILE G 452 -2.42 68.56 11.45
C ILE G 452 -3.33 69.04 10.33
N LYS G 453 -3.66 70.33 10.36
CA LYS G 453 -4.47 70.93 9.30
C LYS G 453 -3.80 70.75 7.94
N ALA G 454 -2.49 71.03 7.87
CA ALA G 454 -1.73 70.92 6.61
C ALA G 454 -1.78 69.51 6.02
N HIS G 455 -1.91 68.47 6.86
CA HIS G 455 -2.11 67.08 6.38
C HIS G 455 -3.35 66.45 7.04
N SER H 9 49.22 62.89 42.04
CA SER H 9 48.90 63.85 43.17
C SER H 9 47.45 63.75 43.60
N TYR H 10 47.21 63.78 44.92
CA TYR H 10 45.89 63.47 45.50
C TYR H 10 45.24 64.65 46.24
N ARG H 11 43.95 64.52 46.50
CA ARG H 11 43.14 65.57 47.14
C ARG H 11 43.11 65.44 48.67
N ILE H 12 42.96 64.23 49.19
CA ILE H 12 42.94 64.03 50.65
C ILE H 12 44.13 63.19 51.08
N GLU H 13 44.45 63.28 52.36
CA GLU H 13 45.67 62.66 52.85
C GLU H 13 45.60 61.16 52.61
N GLN H 14 46.65 60.63 52.00
CA GLN H 14 46.71 59.22 51.66
C GLN H 14 47.36 58.38 52.74
N LYS H 15 46.78 58.38 53.93
CA LYS H 15 47.28 57.57 55.05
C LYS H 15 46.12 56.91 55.81
N ARG H 16 46.35 55.68 56.26
CA ARG H 16 45.37 54.95 57.10
C ARG H 16 45.31 55.65 58.46
N ASN H 17 44.12 56.07 58.89
CA ASN H 17 43.95 56.80 60.17
C ASN H 17 42.58 56.54 60.83
N ILE H 18 42.57 55.69 61.85
CA ILE H 18 41.35 55.40 62.59
C ILE H 18 41.42 56.02 63.99
N ASN H 19 40.60 57.07 64.22
CA ASN H 19 40.47 57.72 65.55
C ASN H 19 39.38 57.04 66.40
N GLY H 20 39.79 56.14 67.31
CA GLY H 20 38.84 55.45 68.17
C GLY H 20 37.81 54.56 67.47
N ALA H 21 36.72 54.28 68.17
CA ALA H 21 35.75 53.28 67.75
C ALA H 21 34.89 53.78 66.60
N PHE H 22 34.49 52.84 65.74
CA PHE H 22 33.51 53.12 64.68
C PHE H 22 32.54 51.95 64.55
N PRO H 23 31.33 52.21 64.02
CA PRO H 23 30.87 53.49 63.50
C PRO H 23 30.81 54.60 64.55
N GLY H 24 31.27 55.78 64.16
CA GLY H 24 31.17 56.96 65.00
C GLY H 24 29.74 57.53 65.04
N PRO H 25 29.56 58.65 65.73
CA PRO H 25 28.23 59.23 65.96
C PRO H 25 27.48 59.57 64.69
N LYS H 26 28.17 60.19 63.73
CA LYS H 26 27.50 60.64 62.49
C LYS H 26 27.12 59.46 61.57
N SER H 27 27.97 58.43 61.53
CA SER H 27 27.64 57.16 60.89
C SER H 27 26.44 56.49 61.55
N GLN H 28 26.45 56.39 62.87
CA GLN H 28 25.33 55.80 63.60
C GLN H 28 24.03 56.53 63.31
N ALA H 29 24.09 57.85 63.24
CA ALA H 29 22.90 58.67 62.99
C ALA H 29 22.32 58.31 61.63
N LEU H 30 23.19 58.08 60.66
CA LEU H 30 22.76 57.69 59.32
C LEU H 30 22.17 56.26 59.31
N ALA H 31 22.84 55.32 59.97
CA ALA H 31 22.29 53.96 60.12
C ALA H 31 20.89 53.98 60.70
N GLU H 32 20.68 54.83 61.71
CA GLU H 32 19.37 54.94 62.35
C GLU H 32 18.35 55.44 61.34
N ARG H 33 18.74 56.42 60.54
CA ARG H 33 17.82 56.96 59.53
C ARG H 33 17.53 55.90 58.47
N ARG H 34 18.59 55.21 58.07
CA ARG H 34 18.53 54.18 57.04
C ARG H 34 17.50 53.13 57.35
N SER H 35 17.53 52.60 58.56
CA SER H 35 16.65 51.49 58.93
C SER H 35 15.15 51.86 58.91
N ALA H 36 14.82 53.15 58.90
CA ALA H 36 13.42 53.56 58.76
C ALA H 36 12.91 53.57 57.34
N VAL H 37 13.80 53.44 56.37
CA VAL H 37 13.39 53.74 54.96
C VAL H 37 14.00 52.91 53.83
N VAL H 38 15.15 52.27 54.07
CA VAL H 38 15.76 51.39 53.11
C VAL H 38 15.40 49.93 53.42
N ALA H 39 15.04 49.14 52.40
CA ALA H 39 14.68 47.74 52.59
C ALA H 39 15.75 47.01 53.43
N ALA H 40 15.29 46.20 54.38
CA ALA H 40 16.17 45.54 55.35
C ALA H 40 17.23 44.65 54.69
N GLY H 41 16.86 44.08 53.55
CA GLY H 41 17.76 43.19 52.82
C GLY H 41 18.94 43.90 52.15
N VAL H 42 18.80 45.21 51.91
CA VAL H 42 19.86 45.98 51.30
C VAL H 42 20.91 46.26 52.35
N ALA H 43 21.94 45.44 52.39
CA ALA H 43 22.95 45.45 53.47
C ALA H 43 24.25 46.00 52.94
N SER H 44 25.09 46.54 53.83
CA SER H 44 26.36 47.08 53.42
C SER H 44 27.46 46.35 54.12
N GLY H 45 28.57 46.11 53.42
CA GLY H 45 29.68 45.35 53.99
C GLY H 45 30.38 46.12 55.08
N VAL H 46 30.20 47.44 55.04
CA VAL H 46 30.96 48.37 55.83
C VAL H 46 29.97 49.24 56.61
N PRO H 47 30.21 49.41 57.94
CA PRO H 47 29.24 50.11 58.81
C PRO H 47 29.40 51.64 58.89
N VAL H 48 30.43 52.17 58.23
CA VAL H 48 30.70 53.61 58.20
C VAL H 48 30.22 54.24 56.89
N TYR H 49 29.90 55.51 56.93
CA TYR H 49 29.33 56.22 55.77
C TYR H 49 30.36 57.15 55.14
N VAL H 50 30.56 57.07 53.82
CA VAL H 50 31.60 57.88 53.12
C VAL H 50 31.19 59.34 53.09
N GLU H 51 32.19 60.21 53.23
CA GLU H 51 32.05 61.62 52.95
C GLU H 51 32.86 62.02 51.73
N ASP H 52 34.07 61.47 51.65
CA ASP H 52 34.98 61.71 50.56
C ASP H 52 35.74 60.44 50.23
N ALA H 53 35.97 60.21 48.94
CA ALA H 53 36.75 59.06 48.51
C ALA H 53 37.70 59.53 47.44
N ASP H 54 38.98 59.20 47.60
CA ASP H 54 40.03 59.72 46.73
C ASP H 54 41.30 58.89 46.86
N GLY H 55 42.03 58.74 45.76
CA GLY H 55 43.20 57.89 45.76
C GLY H 55 42.87 56.49 46.28
N GLY H 56 43.56 56.08 47.34
CA GLY H 56 43.35 54.79 47.97
C GLY H 56 42.66 54.90 49.33
N ILE H 57 41.91 55.97 49.55
CA ILE H 57 41.32 56.25 50.86
C ILE H 57 39.82 56.48 50.76
N ILE H 58 39.10 55.88 51.71
CA ILE H 58 37.70 56.21 51.93
C ILE H 58 37.65 56.90 53.29
N ARG H 59 37.19 58.17 53.31
CA ARG H 59 37.09 58.93 54.58
C ARG H 59 35.64 59.04 54.97
N ASP H 60 35.34 58.58 56.18
CA ASP H 60 33.97 58.54 56.64
C ASP H 60 33.53 59.86 57.26
N VAL H 61 32.24 59.96 57.58
CA VAL H 61 31.64 61.18 58.07
C VAL H 61 32.15 61.57 59.49
N ASP H 62 32.81 60.64 60.18
CA ASP H 62 33.40 60.89 61.49
C ASP H 62 34.93 61.04 61.37
N GLY H 63 35.42 61.31 60.15
CA GLY H 63 36.82 61.66 59.96
C GLY H 63 37.80 60.52 59.98
N ASN H 64 37.33 59.28 59.95
CA ASN H 64 38.25 58.12 59.85
C ASN H 64 38.65 57.85 58.40
N SER H 65 39.90 57.47 58.18
CA SER H 65 40.43 57.20 56.85
C SER H 65 40.83 55.74 56.66
N PHE H 66 40.03 55.02 55.86
CA PHE H 66 40.28 53.60 55.57
C PHE H 66 41.03 53.46 54.26
N ILE H 67 41.86 52.43 54.17
CA ILE H 67 42.45 52.08 52.88
C ILE H 67 41.38 51.35 52.05
N ASP H 68 41.25 51.75 50.79
CA ASP H 68 40.24 51.20 49.89
C ASP H 68 40.84 50.14 48.98
N LEU H 69 40.60 48.88 49.30
CA LEU H 69 41.10 47.77 48.49
C LEU H 69 39.98 47.09 47.68
N GLY H 70 38.87 47.79 47.48
CA GLY H 70 37.75 47.27 46.72
C GLY H 70 37.34 48.11 45.52
N SER H 71 37.75 49.37 45.51
CA SER H 71 37.38 50.34 44.47
C SER H 71 35.94 50.26 44.04
N GLY H 72 35.05 50.04 45.00
CA GLY H 72 33.60 49.99 44.72
C GLY H 72 33.17 48.81 43.88
N ILE H 73 33.82 47.66 44.13
CA ILE H 73 33.77 46.45 43.27
C ILE H 73 34.31 46.76 41.87
N ALA H 74 35.60 47.11 41.82
CA ALA H 74 36.32 47.28 40.57
C ALA H 74 35.75 48.41 39.68
N VAL H 75 35.07 49.40 40.27
CA VAL H 75 34.50 50.54 39.52
C VAL H 75 35.43 51.77 39.42
N THR H 76 35.89 52.27 40.56
CA THR H 76 36.72 53.49 40.60
C THR H 76 38.20 53.17 40.38
N SER H 77 38.51 52.62 39.20
CA SER H 77 39.89 52.22 38.88
C SER H 77 40.83 53.44 38.78
N VAL H 78 40.31 54.51 38.18
CA VAL H 78 41.00 55.80 38.09
C VAL H 78 40.94 56.60 39.40
N GLY H 79 40.24 56.08 40.41
CA GLY H 79 40.04 56.77 41.67
C GLY H 79 38.63 57.31 41.78
N ALA H 80 38.14 57.39 43.01
CA ALA H 80 36.77 57.79 43.28
C ALA H 80 36.48 59.26 43.02
N SER H 81 37.53 60.06 42.90
CA SER H 81 37.37 61.47 42.50
C SER H 81 38.57 61.96 41.69
N ASP H 82 38.81 61.30 40.57
CA ASP H 82 39.81 61.74 39.59
C ASP H 82 39.46 63.14 39.07
N PRO H 83 40.39 64.10 39.24
CA PRO H 83 40.15 65.49 38.86
C PRO H 83 39.57 65.64 37.46
N ALA H 84 40.11 64.87 36.51
CA ALA H 84 39.64 64.94 35.14
C ALA H 84 38.15 64.55 35.04
N VAL H 85 37.83 63.40 35.66
CA VAL H 85 36.44 62.89 35.66
C VAL H 85 35.55 63.93 36.31
N VAL H 86 35.98 64.42 37.48
CA VAL H 86 35.18 65.40 38.23
C VAL H 86 34.91 66.66 37.37
N ALA H 87 35.97 67.19 36.76
CA ALA H 87 35.87 68.36 35.91
C ALA H 87 34.89 68.12 34.75
N ALA H 88 35.06 66.96 34.11
CA ALA H 88 34.29 66.60 32.91
C ALA H 88 32.79 66.48 33.22
N VAL H 89 32.50 65.85 34.35
CA VAL H 89 31.14 65.70 34.84
C VAL H 89 30.52 67.09 35.10
N GLN H 90 31.28 67.94 35.80
CA GLN H 90 30.82 69.28 36.17
C GLN H 90 30.50 70.09 34.95
N GLU H 91 31.41 70.03 33.97
CA GLU H 91 31.26 70.80 32.75
C GLU H 91 30.03 70.33 31.95
N ALA H 92 29.92 69.02 31.78
CA ALA H 92 28.87 68.40 30.96
C ALA H 92 27.46 68.63 31.52
N ALA H 93 27.34 68.54 32.84
CA ALA H 93 26.05 68.75 33.51
C ALA H 93 25.49 70.16 33.30
N ALA H 94 26.38 71.15 33.13
CA ALA H 94 26.00 72.55 32.92
C ALA H 94 25.34 72.80 31.58
N HIS H 95 25.60 71.93 30.60
CA HIS H 95 25.03 72.08 29.25
C HIS H 95 23.68 71.41 29.08
N PHE H 96 23.60 70.15 29.53
CA PHE H 96 22.34 69.37 29.57
C PHE H 96 22.61 68.03 30.27
N THR H 97 21.66 67.60 31.10
CA THR H 97 21.79 66.38 31.90
C THR H 97 21.37 65.13 31.11
N HIS H 98 20.44 65.32 30.17
CA HIS H 98 19.83 64.24 29.43
C HIS H 98 18.96 64.77 28.34
N THR H 99 19.07 64.16 27.16
CA THR H 99 18.07 64.36 26.10
C THR H 99 17.54 63.05 25.49
N CYS H 100 18.10 61.91 25.94
CA CYS H 100 17.84 60.57 25.37
C CYS H 100 18.37 60.42 23.94
N PHE H 101 19.47 59.71 23.80
CA PHE H 101 20.13 59.55 22.52
C PHE H 101 19.17 59.12 21.40
N MET H 102 18.22 58.25 21.70
CA MET H 102 17.24 57.79 20.70
C MET H 102 16.29 58.90 20.24
N VAL H 103 16.20 59.99 21.01
CA VAL H 103 15.39 61.16 20.56
C VAL H 103 16.28 62.25 19.93
N THR H 104 17.09 62.91 20.76
CA THR H 104 18.06 63.90 20.30
C THR H 104 19.47 63.49 20.66
N PRO H 105 20.29 63.21 19.64
CA PRO H 105 21.61 62.67 19.91
C PRO H 105 22.59 63.76 20.29
N TYR H 106 23.81 63.36 20.61
CA TYR H 106 24.84 64.25 21.13
C TYR H 106 26.24 63.67 21.05
N GLU H 107 27.23 64.57 21.02
CA GLU H 107 28.62 64.21 20.69
C GLU H 107 29.18 63.20 21.67
N GLY H 108 28.87 63.36 22.95
CA GLY H 108 29.46 62.49 23.99
C GLY H 108 29.27 60.99 23.77
N TYR H 109 28.07 60.62 23.31
CA TYR H 109 27.73 59.23 23.01
C TYR H 109 28.64 58.76 21.88
N VAL H 110 28.62 59.49 20.75
CA VAL H 110 29.46 59.15 19.60
C VAL H 110 30.92 59.04 20.02
N ALA H 111 31.38 59.98 20.83
CA ALA H 111 32.77 60.04 21.23
C ALA H 111 33.19 58.80 22.03
N VAL H 112 32.36 58.43 23.01
CA VAL H 112 32.68 57.28 23.87
C VAL H 112 32.74 56.02 23.00
N THR H 113 31.77 55.96 22.11
CA THR H 113 31.68 54.97 21.04
C THR H 113 32.93 54.84 20.18
N GLU H 114 33.55 55.98 19.84
CA GLU H 114 34.81 55.99 19.08
C GLU H 114 35.94 55.37 19.90
N GLN H 115 36.02 55.72 21.17
CA GLN H 115 37.11 55.22 22.01
C GLN H 115 37.02 53.74 22.22
N LEU H 116 35.78 53.24 22.40
CA LEU H 116 35.60 51.82 22.67
C LEU H 116 35.95 51.00 21.41
N ASN H 117 35.56 51.52 20.24
CA ASN H 117 35.95 50.91 18.98
C ASN H 117 37.46 50.75 18.90
N ARG H 118 38.16 51.83 19.28
CA ARG H 118 39.61 51.88 19.19
C ARG H 118 40.29 50.95 20.18
N LEU H 119 39.81 50.91 21.41
CA LEU H 119 40.53 50.25 22.52
C LEU H 119 40.24 48.76 22.65
N THR H 120 39.13 48.30 22.08
CA THR H 120 38.73 46.91 22.20
C THR H 120 39.56 46.06 21.24
N PRO H 121 39.68 44.77 21.52
CA PRO H 121 40.48 43.91 20.66
C PRO H 121 39.96 43.76 19.23
N GLY H 122 40.89 43.43 18.34
CA GLY H 122 40.59 43.17 16.95
C GLY H 122 40.60 44.41 16.08
N ASP H 123 40.91 44.23 14.81
CA ASP H 123 40.98 45.30 13.81
C ASP H 123 39.79 45.30 12.84
N HIS H 124 38.90 44.31 12.98
CA HIS H 124 37.69 44.20 12.13
C HIS H 124 36.69 45.32 12.39
N ALA H 125 35.68 45.43 11.55
CA ALA H 125 34.65 46.46 11.71
C ALA H 125 33.84 46.21 12.99
N LYS H 126 33.77 47.22 13.85
CA LYS H 126 33.06 47.08 15.12
C LYS H 126 32.04 48.19 15.28
N ARG H 127 31.00 47.94 16.07
CA ARG H 127 30.05 48.95 16.44
C ARG H 127 29.71 48.84 17.93
N THR H 128 29.10 49.88 18.47
CA THR H 128 28.85 49.96 19.90
C THR H 128 27.46 50.51 20.17
N VAL H 129 26.85 50.03 21.24
CA VAL H 129 25.65 50.67 21.79
C VAL H 129 25.89 50.83 23.30
N LEU H 130 25.26 51.85 23.88
CA LEU H 130 25.49 52.19 25.28
C LEU H 130 24.23 52.02 26.11
N PHE H 131 24.43 51.58 27.35
CA PHE H 131 23.34 51.47 28.32
C PHE H 131 23.84 51.96 29.67
N ASN H 132 23.16 51.57 30.76
CA ASN H 132 23.50 52.06 32.09
C ASN H 132 24.24 51.05 32.92
N SER H 133 23.69 49.84 33.05
CA SER H 133 24.29 48.83 33.94
C SER H 133 24.96 47.69 33.21
N GLY H 134 25.81 46.99 33.92
CA GLY H 134 26.43 45.77 33.42
C GLY H 134 25.39 44.73 33.03
N ALA H 135 24.38 44.54 33.86
CA ALA H 135 23.28 43.65 33.52
C ALA H 135 22.61 44.04 32.18
N GLU H 136 22.38 45.34 31.98
CA GLU H 136 21.79 45.78 30.72
C GLU H 136 22.73 45.45 29.55
N ALA H 137 24.01 45.61 29.78
CA ALA H 137 24.97 45.30 28.74
C ALA H 137 24.85 43.82 28.34
N VAL H 138 24.90 42.93 29.33
CA VAL H 138 24.87 41.51 29.06
C VAL H 138 23.52 41.15 28.40
N GLU H 139 22.42 41.70 28.89
CA GLU H 139 21.12 41.51 28.27
C GLU H 139 21.14 41.84 26.79
N ASN H 140 21.77 42.95 26.46
CA ASN H 140 21.81 43.41 25.08
C ASN H 140 22.76 42.61 24.19
N ALA H 141 23.88 42.15 24.75
CA ALA H 141 24.76 41.24 24.04
C ALA H 141 23.98 39.97 23.61
N VAL H 142 23.19 39.42 24.54
CA VAL H 142 22.43 38.23 24.25
C VAL H 142 21.33 38.52 23.24
N LYS H 143 20.64 39.67 23.37
CA LYS H 143 19.66 40.07 22.38
C LYS H 143 20.27 40.06 20.99
N VAL H 144 21.47 40.59 20.87
CA VAL H 144 22.09 40.69 19.55
C VAL H 144 22.47 39.32 19.04
N ALA H 145 23.08 38.49 19.89
CA ALA H 145 23.45 37.13 19.44
C ALA H 145 22.21 36.39 18.96
N ARG H 146 21.14 36.49 19.73
CA ARG H 146 19.95 35.74 19.40
C ARG H 146 19.34 36.20 18.08
N LEU H 147 19.21 37.50 17.89
CA LEU H 147 18.65 38.04 16.64
C LEU H 147 19.61 37.78 15.46
N ALA H 148 20.90 38.02 15.65
CA ALA H 148 21.89 37.86 14.57
C ALA H 148 22.02 36.40 14.09
N THR H 149 22.04 35.45 15.01
CA THR H 149 22.21 34.06 14.64
C THR H 149 20.89 33.35 14.29
N GLY H 150 19.76 33.91 14.71
CA GLY H 150 18.48 33.21 14.60
C GLY H 150 18.34 32.01 15.54
N ARG H 151 19.22 31.89 16.54
CA ARG H 151 19.14 30.78 17.49
C ARG H 151 18.75 31.23 18.90
N ASP H 152 18.44 30.24 19.76
CA ASP H 152 17.89 30.44 21.11
C ASP H 152 18.92 30.26 22.22
N ALA H 153 19.61 29.13 22.21
CA ALA H 153 20.41 28.69 23.36
C ALA H 153 21.56 29.64 23.65
N VAL H 154 21.81 29.88 24.93
CA VAL H 154 23.03 30.59 25.38
C VAL H 154 23.74 29.74 26.40
N VAL H 155 25.03 29.50 26.23
CA VAL H 155 25.74 28.78 27.26
C VAL H 155 26.51 29.73 28.17
N ALA H 156 26.40 29.47 29.46
CA ALA H 156 27.18 30.12 30.51
C ALA H 156 27.90 29.07 31.28
N PHE H 157 28.75 29.49 32.21
CA PHE H 157 29.59 28.54 32.90
C PHE H 157 29.37 28.43 34.42
N ASP H 158 29.84 27.32 35.00
CA ASP H 158 29.93 27.22 36.44
C ASP H 158 30.74 28.39 36.96
N HIS H 159 30.38 28.88 38.13
CA HIS H 159 31.04 30.04 38.78
C HIS H 159 30.84 31.35 38.08
N ALA H 160 29.98 31.38 37.08
CA ALA H 160 29.71 32.63 36.39
C ALA H 160 28.87 33.57 37.25
N TYR H 161 29.07 34.88 37.03
CA TYR H 161 28.16 35.93 37.53
C TYR H 161 27.98 36.99 36.46
N HIS H 162 26.74 37.32 36.13
CA HIS H 162 26.49 38.27 35.05
C HIS H 162 25.39 39.26 35.34
N GLY H 163 24.79 39.20 36.54
CA GLY H 163 23.85 40.23 36.91
C GLY H 163 22.57 39.78 37.59
N ARG H 164 21.71 40.76 37.86
CA ARG H 164 20.57 40.59 38.73
C ARG H 164 19.23 40.83 38.09
N THR H 165 19.19 41.02 36.79
CA THR H 165 17.92 40.93 36.05
C THR H 165 17.59 39.45 35.88
N ASN H 166 16.36 39.15 35.46
CA ASN H 166 15.93 37.76 35.34
C ASN H 166 16.85 36.92 34.45
N LEU H 167 17.17 37.41 33.25
CA LEU H 167 18.09 36.66 32.36
C LEU H 167 19.48 36.61 32.92
N THR H 168 19.97 37.72 33.47
CA THR H 168 21.37 37.74 33.97
C THR H 168 21.50 36.92 35.27
N MET H 169 20.40 36.80 36.00
CA MET H 169 20.31 35.80 37.08
C MET H 169 20.38 34.42 36.50
N ALA H 170 19.64 34.19 35.43
CA ALA H 170 19.63 32.89 34.77
C ALA H 170 21.04 32.52 34.40
N LEU H 171 21.75 33.46 33.79
CA LEU H 171 23.12 33.25 33.35
C LEU H 171 24.05 33.07 34.54
N THR H 172 23.72 33.69 35.67
CA THR H 172 24.54 33.58 36.87
C THR H 172 24.45 32.16 37.48
N ALA H 173 25.57 31.63 37.99
CA ALA H 173 25.62 30.25 38.58
C ALA H 173 25.14 30.17 40.01
N LYS H 174 25.69 31.02 40.89
CA LYS H 174 25.42 30.92 42.32
C LYS H 174 24.02 31.42 42.71
N ALA H 175 23.28 30.63 43.47
CA ALA H 175 21.94 31.00 43.87
C ALA H 175 21.84 31.98 45.03
N MET H 176 22.72 31.85 46.03
CA MET H 176 22.66 32.71 47.23
C MET H 176 23.68 33.83 47.12
N PRO H 177 23.23 35.10 47.11
CA PRO H 177 21.87 35.65 47.27
C PRO H 177 21.22 36.06 45.97
N TYR H 178 21.88 35.77 44.86
CA TYR H 178 21.51 36.41 43.58
C TYR H 178 20.21 35.89 42.97
N LYS H 179 19.82 34.63 43.27
CA LYS H 179 18.70 33.97 42.60
C LYS H 179 17.58 33.48 43.49
N THR H 180 17.89 33.05 44.71
CA THR H 180 16.91 32.36 45.55
C THR H 180 15.56 33.06 45.60
N ASN H 181 14.51 32.33 45.26
CA ASN H 181 13.12 32.81 45.23
C ASN H 181 12.78 33.88 44.22
N PHE H 182 13.70 34.20 43.32
CA PHE H 182 13.42 35.24 42.31
C PHE H 182 12.95 34.72 40.95
N GLY H 183 12.96 33.41 40.74
CA GLY H 183 12.56 32.82 39.46
C GLY H 183 11.06 32.80 39.26
N PRO H 184 10.56 32.04 38.27
CA PRO H 184 11.29 31.21 37.30
C PRO H 184 12.12 32.02 36.32
N PHE H 185 13.25 31.44 35.89
CA PHE H 185 14.26 32.18 35.13
C PHE H 185 14.16 31.99 33.62
N ALA H 186 14.71 32.96 32.88
CA ALA H 186 14.60 33.04 31.40
C ALA H 186 15.06 31.75 30.80
N PRO H 187 14.34 31.28 29.77
CA PRO H 187 14.60 29.95 29.25
C PRO H 187 15.75 29.88 28.27
N GLU H 188 16.18 28.65 28.00
CA GLU H 188 17.21 28.31 27.05
C GLU H 188 18.57 28.83 27.41
N VAL H 189 18.89 28.69 28.69
CA VAL H 189 20.23 28.97 29.18
C VAL H 189 20.81 27.67 29.71
N TYR H 190 22.00 27.33 29.28
CA TYR H 190 22.60 26.05 29.62
C TYR H 190 23.91 26.32 30.31
N ARG H 191 24.25 25.47 31.28
CA ARG H 191 25.47 25.68 32.05
C ARG H 191 26.50 24.61 31.79
N MET H 192 27.75 25.03 31.63
CA MET H 192 28.84 24.12 31.25
C MET H 192 30.03 24.26 32.20
N PRO H 193 30.91 23.25 32.23
CA PRO H 193 31.99 23.24 33.21
C PRO H 193 33.07 24.22 32.85
N MET H 194 33.61 24.83 33.88
CA MET H 194 34.62 25.88 33.77
C MET H 194 35.98 25.24 33.87
N SER H 195 37.00 25.96 33.39
CA SER H 195 38.38 25.60 33.70
C SER H 195 38.76 26.31 34.99
N TYR H 196 38.84 25.54 36.07
CA TYR H 196 39.09 26.05 37.44
C TYR H 196 40.23 25.21 38.03
N PRO H 197 41.49 25.55 37.69
CA PRO H 197 42.66 24.69 37.93
C PRO H 197 42.74 24.15 39.34
N PHE H 198 42.52 25.02 40.31
CA PHE H 198 42.71 24.65 41.70
C PHE H 198 41.76 23.56 42.18
N ARG H 199 40.62 23.44 41.53
CA ARG H 199 39.62 22.43 41.93
C ARG H 199 39.26 21.38 40.85
N GLU H 200 40.04 21.28 39.79
CA GLU H 200 39.86 20.21 38.81
C GLU H 200 40.05 18.87 39.45
N GLU H 201 39.14 17.94 39.17
CA GLU H 201 39.23 16.61 39.76
C GLU H 201 40.49 15.89 39.27
N ASN H 202 40.92 16.22 38.06
CA ASN H 202 42.21 15.78 37.53
C ASN H 202 43.14 16.99 37.44
N PRO H 203 44.03 17.15 38.43
CA PRO H 203 44.86 18.38 38.51
C PRO H 203 45.75 18.59 37.30
N GLU H 204 46.11 17.53 36.59
CA GLU H 204 46.96 17.64 35.39
C GLU H 204 46.21 18.07 34.11
N ILE H 205 44.89 18.26 34.17
CA ILE H 205 44.12 18.69 32.99
C ILE H 205 44.63 20.01 32.38
N THR H 206 44.56 20.08 31.07
CA THR H 206 45.03 21.20 30.27
C THR H 206 43.88 22.11 29.91
N GLY H 207 44.18 23.38 29.62
CA GLY H 207 43.18 24.32 29.14
C GLY H 207 42.46 23.80 27.89
N ALA H 208 43.24 23.37 26.90
CA ALA H 208 42.68 22.73 25.69
C ALA H 208 41.75 21.58 26.06
N GLU H 209 42.16 20.75 27.01
CA GLU H 209 41.39 19.57 27.40
C GLU H 209 40.10 19.96 28.14
N ALA H 210 40.19 21.02 28.95
CA ALA H 210 39.03 21.56 29.64
C ALA H 210 38.04 22.15 28.63
N ALA H 211 38.56 22.82 27.61
CA ALA H 211 37.72 23.35 26.57
C ALA H 211 37.03 22.22 25.79
N LYS H 212 37.76 21.14 25.52
CA LYS H 212 37.21 20.00 24.76
C LYS H 212 36.07 19.39 25.57
N ARG H 213 36.24 19.34 26.89
CA ARG H 213 35.24 18.81 27.77
C ARG H 213 33.97 19.63 27.66
N ALA H 214 34.12 20.94 27.71
CA ALA H 214 32.96 21.83 27.55
C ALA H 214 32.34 21.66 26.18
N ILE H 215 33.18 21.63 25.14
CA ILE H 215 32.68 21.61 23.77
C ILE H 215 31.89 20.35 23.49
N THR H 216 32.42 19.20 23.89
CA THR H 216 31.70 17.93 23.70
C THR H 216 30.35 17.96 24.40
N MET H 217 30.35 18.45 25.65
CA MET H 217 29.13 18.54 26.42
C MET H 217 28.10 19.44 25.72
N ILE H 218 28.54 20.59 25.22
CA ILE H 218 27.66 21.50 24.49
C ILE H 218 27.09 20.80 23.25
N GLU H 219 27.96 20.12 22.53
CA GLU H 219 27.58 19.51 21.26
C GLU H 219 26.58 18.41 21.54
N LYS H 220 26.83 17.63 22.59
CA LYS H 220 25.97 16.48 22.92
C LYS H 220 24.65 16.89 23.57
N GLN H 221 24.63 17.99 24.32
CA GLN H 221 23.42 18.42 25.07
C GLN H 221 22.60 19.55 24.46
N ILE H 222 23.17 20.22 23.45
CA ILE H 222 22.47 21.30 22.71
C ILE H 222 22.69 21.17 21.20
N GLY H 223 23.96 21.02 20.82
CA GLY H 223 24.36 21.04 19.42
C GLY H 223 24.89 22.41 19.01
N GLY H 224 26.10 22.45 18.48
CA GLY H 224 26.77 23.70 18.13
C GLY H 224 25.92 24.63 17.31
N ASP H 225 25.16 24.08 16.37
CA ASP H 225 24.40 24.89 15.43
C ASP H 225 23.13 25.43 16.05
N GLN H 226 22.86 25.04 17.29
CA GLN H 226 21.70 25.53 18.06
C GLN H 226 22.06 26.64 19.07
N VAL H 227 23.35 26.94 19.25
CA VAL H 227 23.77 27.90 20.26
C VAL H 227 23.93 29.31 19.66
N ALA H 228 23.15 30.28 20.16
CA ALA H 228 23.26 31.68 19.73
C ALA H 228 24.57 32.32 20.27
N ALA H 229 24.94 31.99 21.51
CA ALA H 229 26.10 32.60 22.15
C ALA H 229 26.72 31.78 23.25
N ILE H 230 28.03 31.88 23.39
CA ILE H 230 28.76 31.42 24.57
C ILE H 230 29.20 32.68 25.29
N ILE H 231 28.86 32.81 26.57
CA ILE H 231 29.24 33.99 27.34
C ILE H 231 30.12 33.58 28.51
N ILE H 232 31.27 34.24 28.63
CA ILE H 232 32.23 33.86 29.68
C ILE H 232 32.99 35.08 30.12
N GLU H 233 33.31 35.12 31.40
CA GLU H 233 34.19 36.10 31.97
C GLU H 233 35.61 35.57 31.83
N PRO H 234 36.53 36.34 31.21
CA PRO H 234 37.91 35.86 31.06
C PRO H 234 38.58 35.63 32.38
N ILE H 235 38.26 36.46 33.36
CA ILE H 235 38.50 36.11 34.76
C ILE H 235 37.17 36.24 35.48
N GLN H 236 36.75 35.15 36.12
CA GLN H 236 35.42 35.13 36.75
C GLN H 236 35.50 35.89 38.06
N GLY H 237 34.67 36.92 38.18
CA GLY H 237 34.75 37.83 39.31
C GLY H 237 34.14 37.25 40.58
N GLU H 238 32.84 37.45 40.75
CA GLU H 238 32.17 37.02 41.97
C GLU H 238 32.34 35.53 42.21
N GLY H 239 32.57 34.76 41.15
CA GLY H 239 32.82 33.34 41.27
C GLY H 239 34.08 33.00 42.05
N GLY H 240 35.00 33.97 42.14
CA GLY H 240 36.25 33.78 42.91
C GLY H 240 37.56 34.13 42.23
N PHE H 241 37.51 35.04 41.28
CA PHE H 241 38.69 35.41 40.51
C PHE H 241 39.34 34.14 39.95
N ILE H 242 38.51 33.34 39.29
CA ILE H 242 38.98 32.09 38.65
C ILE H 242 39.59 32.45 37.31
N VAL H 243 40.88 32.15 37.16
CA VAL H 243 41.53 32.30 35.88
C VAL H 243 41.58 30.92 35.24
N PRO H 244 41.05 30.78 34.01
CA PRO H 244 41.11 29.51 33.33
C PRO H 244 42.52 29.15 32.91
N ALA H 245 42.78 27.87 32.76
CA ALA H 245 44.09 27.42 32.32
C ALA H 245 44.36 27.95 30.92
N GLU H 246 45.64 28.19 30.64
CA GLU H 246 46.08 28.67 29.34
C GLU H 246 45.53 27.72 28.26
N GLY H 247 44.99 28.29 27.20
CA GLY H 247 44.50 27.51 26.05
C GLY H 247 43.00 27.23 26.01
N PHE H 248 42.34 27.43 27.15
CA PHE H 248 40.89 27.27 27.28
C PHE H 248 40.13 28.33 26.45
N LEU H 249 40.37 29.61 26.74
CA LEU H 249 39.62 30.66 26.06
C LEU H 249 39.81 30.65 24.55
N PRO H 250 41.06 30.50 24.06
CA PRO H 250 41.22 30.41 22.59
C PRO H 250 40.50 29.23 21.97
N ALA H 251 40.51 28.08 22.64
CA ALA H 251 39.83 26.91 22.12
C ALA H 251 38.31 27.16 21.96
N LEU H 252 37.70 27.72 22.99
CA LEU H 252 36.29 28.13 22.92
C LEU H 252 36.06 29.12 21.80
N SER H 253 36.94 30.11 21.67
CA SER H 253 36.79 31.13 20.63
C SER H 253 36.85 30.51 19.23
N GLU H 254 37.80 29.61 19.04
CA GLU H 254 38.01 28.97 17.74
C GLU H 254 36.75 28.16 17.37
N TRP H 255 36.26 27.41 18.34
CA TRP H 255 35.11 26.55 18.13
C TRP H 255 33.86 27.35 17.89
N ALA H 256 33.70 28.44 18.62
CA ALA H 256 32.55 29.30 18.42
C ALA H 256 32.51 29.84 16.97
N LYS H 257 33.68 30.20 16.45
CA LYS H 257 33.80 30.68 15.07
C LYS H 257 33.42 29.58 14.10
N GLU H 258 33.95 28.38 14.31
CA GLU H 258 33.55 27.22 13.48
C GLU H 258 32.06 27.03 13.43
N LYS H 259 31.37 27.14 14.56
CA LYS H 259 29.96 26.83 14.62
C LYS H 259 28.99 28.01 14.43
N GLY H 260 29.51 29.18 14.09
CA GLY H 260 28.66 30.36 13.90
C GLY H 260 28.06 30.93 15.19
N ILE H 261 28.69 30.61 16.31
CA ILE H 261 28.23 30.99 17.63
C ILE H 261 28.88 32.30 18.00
N VAL H 262 28.10 33.25 18.49
CA VAL H 262 28.63 34.53 18.96
C VAL H 262 29.36 34.31 20.29
N PHE H 263 30.66 34.62 20.31
CA PHE H 263 31.46 34.50 21.54
C PHE H 263 31.43 35.84 22.28
N ILE H 264 30.78 35.85 23.45
CA ILE H 264 30.65 37.08 24.26
C ILE H 264 31.62 37.04 25.44
N ALA H 265 32.54 38.02 25.50
CA ALA H 265 33.44 38.16 26.64
C ALA H 265 32.82 39.15 27.61
N ASP H 266 32.50 38.70 28.82
CA ASP H 266 31.95 39.63 29.82
C ASP H 266 33.08 40.24 30.60
N GLU H 267 33.44 41.47 30.20
CA GLU H 267 34.56 42.21 30.80
C GLU H 267 34.05 43.37 31.66
N VAL H 268 32.86 43.20 32.24
CA VAL H 268 32.29 44.26 33.08
C VAL H 268 33.23 44.53 34.26
N GLN H 269 33.79 43.49 34.87
CA GLN H 269 34.67 43.66 36.02
C GLN H 269 36.12 43.72 35.59
N SER H 270 36.50 42.91 34.63
CA SER H 270 37.91 42.77 34.23
C SER H 270 38.38 43.84 33.25
N GLY H 271 37.44 44.58 32.67
CA GLY H 271 37.77 45.54 31.63
C GLY H 271 38.39 46.86 32.10
N PHE H 272 38.93 47.61 31.14
CA PHE H 272 39.59 48.90 31.38
C PHE H 272 40.77 48.89 32.38
N CYS H 273 41.82 48.18 31.97
CA CYS H 273 43.15 48.22 32.62
C CYS H 273 43.26 47.42 33.90
N ARG H 274 42.14 46.91 34.39
CA ARG H 274 42.09 46.21 35.67
C ARG H 274 43.10 45.08 35.78
N THR H 275 43.35 44.37 34.67
CA THR H 275 44.24 43.20 34.71
C THR H 275 45.66 43.49 34.22
N GLY H 276 45.94 44.75 33.88
CA GLY H 276 47.25 45.12 33.32
C GLY H 276 47.27 45.16 31.80
N GLU H 277 46.15 44.85 31.17
CA GLU H 277 45.91 45.09 29.75
C GLU H 277 44.58 45.78 29.64
N TRP H 278 44.28 46.37 28.50
CA TRP H 278 42.98 47.03 28.35
C TRP H 278 41.82 46.13 28.64
N PHE H 279 41.90 44.90 28.14
CA PHE H 279 40.90 43.88 28.44
C PHE H 279 41.57 42.55 28.80
N ALA H 280 40.95 41.81 29.70
CA ALA H 280 41.53 40.56 30.18
C ALA H 280 41.85 39.62 29.05
N VAL H 281 41.05 39.71 27.99
CA VAL H 281 41.14 38.80 26.87
C VAL H 281 42.46 39.03 26.11
N ASP H 282 43.02 40.23 26.26
CA ASP H 282 44.32 40.59 25.66
C ASP H 282 45.48 39.76 26.17
N HIS H 283 45.39 39.26 27.39
CA HIS H 283 46.43 38.36 27.90
C HIS H 283 46.68 37.21 26.97
N GLU H 284 45.60 36.61 26.47
CA GLU H 284 45.73 35.42 25.60
C GLU H 284 45.49 35.76 24.12
N GLY H 285 45.23 37.02 23.83
CA GLY H 285 45.01 37.45 22.45
C GLY H 285 43.69 37.00 21.85
N VAL H 286 42.73 36.66 22.70
CA VAL H 286 41.43 36.30 22.20
C VAL H 286 40.70 37.52 21.72
N VAL H 287 39.96 37.39 20.64
CA VAL H 287 39.23 38.50 20.05
C VAL H 287 37.73 38.20 20.00
N PRO H 288 36.97 38.67 20.99
CA PRO H 288 35.57 38.31 21.12
C PRO H 288 34.71 38.91 20.07
N ASP H 289 33.59 38.26 19.80
CA ASP H 289 32.63 38.73 18.80
C ASP H 289 31.85 39.90 19.35
N ILE H 290 31.50 39.80 20.63
CA ILE H 290 30.91 40.93 21.39
C ILE H 290 31.55 40.97 22.75
N ILE H 291 31.76 42.18 23.27
CA ILE H 291 32.33 42.31 24.60
C ILE H 291 31.51 43.29 25.41
N THR H 292 31.15 42.87 26.63
CA THR H 292 30.28 43.66 27.52
C THR H 292 31.11 44.39 28.56
N MET H 293 30.74 45.66 28.77
CA MET H 293 31.50 46.56 29.61
C MET H 293 30.63 47.38 30.54
N ALA H 294 31.14 47.63 31.74
CA ALA H 294 30.55 48.63 32.66
C ALA H 294 31.57 48.97 33.75
N LYS H 295 31.12 49.02 35.02
CA LYS H 295 32.00 49.27 36.17
C LYS H 295 33.08 50.37 35.88
N GLY H 296 34.30 49.97 35.55
CA GLY H 296 35.42 50.92 35.36
C GLY H 296 35.33 51.93 34.22
N ILE H 297 34.46 51.67 33.26
CA ILE H 297 34.35 52.49 32.06
C ILE H 297 34.22 54.00 32.32
N ALA H 298 33.45 54.40 33.32
CA ALA H 298 33.07 55.80 33.47
C ALA H 298 33.44 56.40 34.83
N GLY H 299 34.52 55.89 35.40
CA GLY H 299 35.07 56.41 36.66
C GLY H 299 34.07 56.54 37.79
N GLY H 300 33.02 55.72 37.78
CA GLY H 300 32.04 55.75 38.84
C GLY H 300 30.66 56.17 38.40
N LEU H 301 30.55 56.88 37.29
CA LEU H 301 29.22 57.25 36.78
C LEU H 301 28.52 56.02 36.13
N PRO H 302 27.18 56.00 36.09
CA PRO H 302 26.47 54.88 35.56
C PRO H 302 26.48 54.81 34.02
N LEU H 303 27.39 53.99 33.51
CA LEU H 303 27.46 53.74 32.07
C LEU H 303 27.86 52.30 31.82
N SER H 304 27.33 51.75 30.74
CA SER H 304 27.70 50.41 30.28
C SER H 304 27.68 50.37 28.77
N ALA H 305 28.24 49.32 28.20
CA ALA H 305 28.37 49.25 26.75
C ALA H 305 28.51 47.82 26.25
N ILE H 306 28.02 47.57 25.03
CA ILE H 306 28.46 46.41 24.25
C ILE H 306 29.23 46.97 23.04
N THR H 307 30.37 46.34 22.74
CA THR H 307 31.09 46.58 21.49
C THR H 307 31.37 45.25 20.81
N GLY H 308 30.95 45.14 19.56
CA GLY H 308 31.15 43.90 18.80
C GLY H 308 31.21 44.06 17.29
N ARG H 309 31.33 42.93 16.60
CA ARG H 309 31.32 42.90 15.15
C ARG H 309 30.16 43.69 14.54
N ALA H 310 30.49 44.55 13.58
CA ALA H 310 29.50 45.33 12.87
C ALA H 310 28.39 44.46 12.32
N ASP H 311 28.76 43.34 11.69
CA ASP H 311 27.75 42.53 11.00
C ASP H 311 26.74 41.99 11.99
N LEU H 312 27.16 41.73 13.22
CA LEU H 312 26.22 41.26 14.26
C LEU H 312 25.35 42.40 14.74
N LEU H 313 25.97 43.46 15.27
CA LEU H 313 25.18 44.54 15.83
C LEU H 313 24.29 45.21 14.80
N ASP H 314 24.80 45.39 13.59
CA ASP H 314 24.02 46.08 12.54
C ASP H 314 22.85 45.24 12.06
N ALA H 315 22.85 43.95 12.38
CA ALA H 315 21.71 43.08 12.02
C ALA H 315 20.41 43.48 12.74
N VAL H 316 20.52 44.10 13.92
CA VAL H 316 19.36 44.43 14.73
C VAL H 316 18.57 45.51 14.04
N HIS H 317 17.26 45.37 14.04
CA HIS H 317 16.36 46.28 13.38
C HIS H 317 16.37 47.64 14.03
N PRO H 318 16.01 48.69 13.29
CA PRO H 318 15.86 50.01 13.91
C PRO H 318 15.02 50.00 15.17
N GLY H 319 15.55 50.56 16.25
CA GLY H 319 14.82 50.73 17.50
C GLY H 319 14.83 49.49 18.37
N GLY H 320 15.49 48.43 17.90
CA GLY H 320 15.54 47.19 18.64
C GLY H 320 16.31 47.27 19.95
N LEU H 321 17.46 47.92 19.92
CA LEU H 321 18.28 48.08 21.11
C LEU H 321 18.13 49.50 21.62
N GLY H 322 18.03 49.68 22.94
CA GLY H 322 17.96 51.03 23.52
C GLY H 322 17.68 51.11 25.01
N GLY H 323 16.94 52.14 25.40
CA GLY H 323 16.78 52.55 26.82
C GLY H 323 16.67 54.07 26.93
N THR H 324 16.11 54.55 28.01
CA THR H 324 15.91 55.99 28.20
C THR H 324 17.23 56.70 28.54
N TYR H 325 17.82 56.32 29.67
CA TYR H 325 19.00 56.98 30.21
C TYR H 325 20.26 56.63 29.44
N GLY H 326 20.25 55.48 28.77
CA GLY H 326 21.46 54.87 28.22
C GLY H 326 22.41 55.81 27.48
N GLY H 327 23.70 55.71 27.78
CA GLY H 327 24.70 56.60 27.23
C GLY H 327 24.46 58.02 27.68
N ASN H 328 24.20 58.18 28.98
CA ASN H 328 23.95 59.51 29.53
C ASN H 328 25.14 60.43 29.31
N PRO H 329 24.88 61.67 28.88
CA PRO H 329 25.95 62.61 28.51
C PRO H 329 26.91 62.97 29.63
N VAL H 330 26.39 63.13 30.84
CA VAL H 330 27.25 63.36 31.97
C VAL H 330 28.14 62.13 32.20
N ALA H 331 27.54 60.94 32.10
CA ALA H 331 28.26 59.69 32.25
C ALA H 331 29.30 59.51 31.13
N CYS H 332 28.94 59.95 29.92
CA CYS H 332 29.85 59.87 28.76
C CYS H 332 31.05 60.78 28.96
N ALA H 333 30.80 62.00 29.41
CA ALA H 333 31.87 62.93 29.75
C ALA H 333 32.82 62.25 30.74
N ALA H 334 32.27 61.61 31.77
CA ALA H 334 33.11 60.87 32.73
C ALA H 334 33.96 59.85 32.06
N ALA H 335 33.36 59.08 31.17
CA ALA H 335 34.06 57.98 30.50
C ALA H 335 35.24 58.48 29.69
N LEU H 336 35.01 59.50 28.88
CA LEU H 336 36.07 60.08 28.04
C LEU H 336 37.26 60.48 28.92
N ALA H 337 36.96 61.18 30.01
CA ALA H 337 37.98 61.58 30.96
C ALA H 337 38.65 60.38 31.61
N ALA H 338 37.85 59.41 32.04
CA ALA H 338 38.36 58.20 32.70
C ALA H 338 39.33 57.45 31.79
N ILE H 339 38.92 57.25 30.55
CA ILE H 339 39.78 56.57 29.57
C ILE H 339 41.05 57.38 29.32
N ASP H 340 40.89 58.69 29.28
CA ASP H 340 42.02 59.59 29.11
C ASP H 340 43.03 59.44 30.25
N THR H 341 42.53 59.44 31.48
CA THR H 341 43.39 59.20 32.64
C THR H 341 44.10 57.86 32.51
N MET H 342 43.36 56.83 32.11
CA MET H 342 43.96 55.49 31.96
C MET H 342 45.20 55.53 31.06
N GLU H 343 45.11 56.29 29.97
CA GLU H 343 46.21 56.47 29.04
C GLU H 343 47.30 57.40 29.60
N GLN H 344 46.91 58.64 29.92
CA GLN H 344 47.89 59.63 30.40
C GLN H 344 48.73 59.06 31.53
N HIS H 345 48.13 58.36 32.48
CA HIS H 345 48.89 57.83 33.62
C HIS H 345 49.27 56.39 33.52
N ASP H 346 49.12 55.81 32.33
CA ASP H 346 49.53 54.43 32.07
C ASP H 346 49.05 53.50 33.18
N LEU H 347 47.72 53.43 33.34
CA LEU H 347 47.13 52.61 34.40
C LEU H 347 47.34 51.11 34.14
N ASN H 348 47.48 50.72 32.87
CA ASN H 348 47.91 49.35 32.56
C ASN H 348 49.20 49.04 33.29
N GLY H 349 50.18 49.94 33.15
CA GLY H 349 51.47 49.82 33.86
C GLY H 349 51.32 49.80 35.37
N ARG H 350 50.47 50.69 35.89
CA ARG H 350 50.26 50.73 37.34
C ARG H 350 49.67 49.38 37.82
N ALA H 351 48.76 48.84 37.01
CA ALA H 351 48.14 47.57 37.31
C ALA H 351 49.18 46.44 37.33
N ARG H 352 50.06 46.42 36.33
CA ARG H 352 51.11 45.38 36.26
C ARG H 352 52.03 45.50 37.47
N HIS H 353 52.28 46.74 37.88
CA HIS H 353 53.14 47.00 39.03
C HIS H 353 52.48 46.51 40.30
N ILE H 354 51.19 46.83 40.46
CA ILE H 354 50.40 46.33 41.60
C ILE H 354 50.49 44.80 41.69
N GLU H 355 50.42 44.12 40.54
CA GLU H 355 50.49 42.67 40.54
C GLU H 355 51.80 42.21 41.14
N GLU H 356 52.91 42.76 40.64
CA GLU H 356 54.29 42.40 41.10
C GLU H 356 54.41 42.60 42.62
N LEU H 357 53.99 43.77 43.10
CA LEU H 357 54.04 44.11 44.55
C LEU H 357 53.15 43.17 45.40
N ALA H 358 51.87 43.05 45.02
CA ALA H 358 50.88 42.30 45.81
C ALA H 358 51.13 40.79 45.76
N LEU H 359 51.42 40.24 44.58
CA LEU H 359 51.70 38.81 44.49
C LEU H 359 52.99 38.47 45.24
N GLY H 360 53.96 39.39 45.23
CA GLY H 360 55.19 39.24 46.01
C GLY H 360 54.91 39.05 47.50
N LYS H 361 54.18 39.98 48.09
CA LYS H 361 53.88 39.92 49.50
C LYS H 361 53.02 38.66 49.85
N LEU H 362 52.06 38.34 48.99
CA LEU H 362 51.18 37.18 49.21
C LEU H 362 51.93 35.86 49.14
N ARG H 363 52.88 35.75 48.21
CA ARG H 363 53.69 34.51 48.08
C ARG H 363 54.67 34.35 49.28
N GLU H 364 55.16 35.48 49.82
CA GLU H 364 55.91 35.49 51.10
C GLU H 364 55.08 34.89 52.23
N LEU H 365 53.82 35.30 52.32
CA LEU H 365 52.88 34.77 53.29
C LEU H 365 52.62 33.28 53.09
N ALA H 366 52.52 32.85 51.83
CA ALA H 366 52.36 31.43 51.51
C ALA H 366 53.51 30.58 52.11
N ALA H 367 54.68 31.22 52.21
CA ALA H 367 55.98 30.65 52.67
C ALA H 367 56.49 31.22 54.01
N SER H 375 48.74 24.47 56.33
CA SER H 375 48.60 25.78 55.65
C SER H 375 47.18 26.11 55.18
N VAL H 376 46.88 27.38 55.25
CA VAL H 376 45.54 27.90 55.11
C VAL H 376 45.40 28.65 53.76
N VAL H 377 46.53 28.79 53.04
CA VAL H 377 46.52 29.49 51.74
C VAL H 377 46.53 28.47 50.63
N GLY H 378 45.36 28.26 50.03
CA GLY H 378 45.19 27.24 49.00
C GLY H 378 45.73 27.63 47.64
N ASP H 379 45.46 28.87 47.22
CA ASP H 379 45.79 29.30 45.87
C ASP H 379 45.90 30.82 45.79
N ILE H 380 46.90 31.29 45.06
CA ILE H 380 47.07 32.72 44.79
C ILE H 380 46.99 32.87 43.28
N ARG H 381 46.12 33.76 42.84
CA ARG H 381 45.85 33.87 41.43
C ARG H 381 45.33 35.25 41.06
N GLY H 382 45.29 35.50 39.76
CA GLY H 382 44.79 36.77 39.23
C GLY H 382 45.84 37.46 38.41
N ARG H 383 45.47 38.61 37.87
CA ARG H 383 46.39 39.41 37.11
C ARG H 383 46.16 40.86 37.39
N GLY H 384 47.24 41.64 37.31
CA GLY H 384 47.15 43.09 37.47
C GLY H 384 46.60 43.48 38.83
N ALA H 385 45.58 44.36 38.82
CA ALA H 385 44.90 44.80 40.05
C ALA H 385 43.64 44.01 40.33
N MET H 386 43.56 42.79 39.78
CA MET H 386 42.45 41.87 40.03
C MET H 386 43.06 40.56 40.55
N LEU H 387 43.35 40.54 41.84
CA LEU H 387 44.11 39.45 42.42
C LEU H 387 43.31 38.82 43.53
N ALA H 388 43.61 37.57 43.85
CA ALA H 388 42.86 36.89 44.90
C ALA H 388 43.69 35.80 45.58
N ILE H 389 43.29 35.53 46.82
CA ILE H 389 43.86 34.44 47.56
C ILE H 389 42.70 33.60 48.06
N GLU H 390 42.69 32.32 47.66
CA GLU H 390 41.66 31.38 48.08
C GLU H 390 42.12 30.65 49.33
N LEU H 391 41.32 30.77 50.38
CA LEU H 391 41.66 30.22 51.67
C LEU H 391 40.97 28.88 51.89
N VAL H 392 41.75 27.94 52.39
CA VAL H 392 41.29 26.59 52.64
C VAL H 392 41.48 26.21 54.11
N GLN H 393 40.97 25.03 54.45
CA GLN H 393 41.17 24.45 55.77
C GLN H 393 42.62 23.93 55.85
N PRO H 394 43.25 24.03 57.04
CA PRO H 394 44.65 23.59 57.17
C PRO H 394 44.92 22.17 56.65
N GLY H 395 45.90 22.06 55.76
CA GLY H 395 46.31 20.75 55.24
C GLY H 395 45.34 20.02 54.33
N SER H 396 44.33 20.74 53.81
CA SER H 396 43.43 20.18 52.80
C SER H 396 43.00 21.24 51.80
N LYS H 397 42.14 20.83 50.86
CA LYS H 397 41.54 21.77 49.88
C LYS H 397 40.11 22.21 50.26
N GLU H 398 39.58 21.77 51.41
CA GLU H 398 38.22 22.14 51.80
C GLU H 398 38.13 23.67 51.99
N PRO H 399 37.03 24.28 51.53
CA PRO H 399 36.87 25.73 51.64
C PRO H 399 36.79 26.22 53.07
N ASN H 400 37.30 27.43 53.31
CA ASN H 400 37.37 28.04 54.64
C ASN H 400 36.67 29.42 54.66
N ALA H 401 35.35 29.40 54.55
CA ALA H 401 34.58 30.65 54.57
C ALA H 401 34.73 31.35 55.92
N GLU H 402 34.81 30.59 57.02
CA GLU H 402 34.85 31.18 58.36
C GLU H 402 36.10 32.09 58.48
N LEU H 403 37.26 31.58 58.08
CA LEU H 403 38.49 32.36 58.10
C LEU H 403 38.37 33.62 57.23
N THR H 404 37.75 33.46 56.06
CA THR H 404 37.58 34.53 55.09
C THR H 404 36.74 35.64 55.69
N LYS H 405 35.59 35.30 56.26
CA LYS H 405 34.75 36.30 56.91
C LYS H 405 35.52 37.02 58.01
N ALA H 406 36.25 36.23 58.80
CA ALA H 406 37.00 36.73 59.95
C ALA H 406 38.16 37.67 59.53
N VAL H 407 38.88 37.31 58.47
CA VAL H 407 39.98 38.12 57.99
C VAL H 407 39.48 39.46 57.46
N ALA H 408 38.36 39.42 56.74
CA ALA H 408 37.77 40.68 56.24
C ALA H 408 37.39 41.58 57.39
N ALA H 409 36.79 40.99 58.44
CA ALA H 409 36.37 41.73 59.64
C ALA H 409 37.60 42.32 60.36
N ALA H 410 38.64 41.51 60.48
CA ALA H 410 39.89 41.92 61.13
C ALA H 410 40.51 43.09 60.40
N CYS H 411 40.53 43.02 59.07
CA CYS H 411 41.08 44.10 58.25
C CYS H 411 40.28 45.38 58.43
N LEU H 412 38.96 45.26 58.46
CA LEU H 412 38.09 46.41 58.63
C LEU H 412 38.40 47.09 59.97
N LYS H 413 38.56 46.28 61.01
CA LYS H 413 38.88 46.77 62.37
C LYS H 413 40.15 47.66 62.39
N GLU H 414 41.16 47.27 61.61
CA GLU H 414 42.40 48.04 61.53
C GLU H 414 42.35 49.18 60.51
N GLY H 415 41.21 49.41 59.87
CA GLY H 415 41.10 50.51 58.90
C GLY H 415 41.43 50.15 57.45
N VAL H 416 41.24 48.87 57.09
CA VAL H 416 41.40 48.42 55.70
C VAL H 416 40.08 47.78 55.22
N ILE H 417 39.43 48.43 54.27
CA ILE H 417 38.21 47.88 53.64
C ILE H 417 38.59 46.93 52.50
N ILE H 418 38.35 45.64 52.71
CA ILE H 418 38.71 44.62 51.74
C ILE H 418 37.47 43.77 51.39
N LEU H 419 37.34 43.34 50.14
CA LEU H 419 36.18 42.54 49.71
C LEU H 419 36.47 41.04 49.65
N THR H 420 35.41 40.25 49.79
CA THR H 420 35.51 38.78 49.62
C THR H 420 34.62 38.37 48.45
N CYS H 421 34.73 37.11 48.07
CA CYS H 421 33.89 36.56 47.00
C CYS H 421 34.03 35.04 46.94
N GLY H 422 33.49 34.42 45.90
CA GLY H 422 33.70 32.99 45.63
C GLY H 422 32.45 32.16 45.75
N THR H 423 32.36 31.14 44.88
CA THR H 423 31.30 30.16 44.95
C THR H 423 31.19 29.59 46.36
N TYR H 424 32.35 29.33 46.98
CA TYR H 424 32.35 28.76 48.32
C TYR H 424 32.61 29.77 49.44
N GLY H 425 32.49 31.06 49.12
CA GLY H 425 32.66 32.15 50.09
C GLY H 425 34.03 32.27 50.73
N ASN H 426 35.06 31.73 50.08
CA ASN H 426 36.35 31.53 50.70
C ASN H 426 37.48 32.17 49.91
N VAL H 427 37.18 33.25 49.18
CA VAL H 427 38.20 33.95 48.40
C VAL H 427 38.28 35.40 48.85
N ILE H 428 39.47 35.82 49.30
CA ILE H 428 39.75 37.24 49.53
C ILE H 428 40.23 37.83 48.23
N ARG H 429 39.63 38.95 47.83
CA ARG H 429 40.01 39.59 46.58
C ARG H 429 40.56 40.99 46.80
N LEU H 430 41.59 41.31 46.02
CA LEU H 430 42.18 42.63 45.99
C LEU H 430 41.72 43.32 44.74
N LEU H 431 40.94 44.38 44.91
CA LEU H 431 40.52 45.25 43.81
C LEU H 431 40.81 46.71 44.15
N PRO H 432 42.10 47.05 44.36
CA PRO H 432 42.43 48.43 44.71
C PRO H 432 42.25 49.32 43.51
N PRO H 433 42.01 50.61 43.73
CA PRO H 433 42.07 51.53 42.61
C PRO H 433 43.48 51.52 42.04
N LEU H 434 43.57 51.66 40.72
CA LEU H 434 44.86 51.57 40.02
C LEU H 434 45.79 52.78 40.38
N VAL H 435 45.20 53.90 40.80
CA VAL H 435 45.96 55.06 41.27
C VAL H 435 46.49 54.97 42.72
N ILE H 436 46.29 53.84 43.38
CA ILE H 436 46.81 53.67 44.76
C ILE H 436 48.34 53.75 44.80
N SER H 437 48.87 54.36 45.86
CA SER H 437 50.32 54.48 46.04
C SER H 437 50.89 53.19 46.60
N ASP H 438 52.15 52.93 46.27
CA ASP H 438 52.85 51.75 46.80
C ASP H 438 52.79 51.70 48.34
N GLU H 439 52.95 52.88 48.96
CA GLU H 439 52.98 53.02 50.44
C GLU H 439 51.67 52.44 51.02
N LEU H 440 50.54 52.98 50.54
CA LEU H 440 49.20 52.55 50.99
C LEU H 440 48.91 51.06 50.67
N LEU H 441 49.25 50.62 49.46
CA LEU H 441 49.03 49.24 49.08
C LEU H 441 49.81 48.32 50.03
N ILE H 442 51.11 48.63 50.25
CA ILE H 442 51.94 47.79 51.13
C ILE H 442 51.35 47.76 52.56
N ASP H 443 50.89 48.91 53.01
CA ASP H 443 50.29 49.01 54.34
C ASP H 443 49.11 48.02 54.39
N GLY H 444 48.22 48.14 53.42
CA GLY H 444 47.02 47.28 53.33
C GLY H 444 47.37 45.82 53.29
N LEU H 445 48.35 45.48 52.46
CA LEU H 445 48.81 44.10 52.38
C LEU H 445 49.42 43.59 53.69
N GLU H 446 50.09 44.47 54.44
CA GLU H 446 50.66 44.09 55.74
C GLU H 446 49.54 43.78 56.72
N VAL H 447 48.51 44.63 56.75
CA VAL H 447 47.34 44.37 57.59
C VAL H 447 46.66 43.05 57.23
N LEU H 448 46.55 42.77 55.93
CA LEU H 448 45.93 41.54 55.43
C LEU H 448 46.75 40.34 55.90
N ALA H 449 48.05 40.38 55.67
CA ALA H 449 48.95 39.29 56.09
C ALA H 449 48.88 39.05 57.61
N ALA H 450 48.85 40.13 58.38
CA ALA H 450 48.72 40.03 59.83
C ALA H 450 47.40 39.34 60.22
N ALA H 451 46.31 39.72 59.54
CA ALA H 451 44.96 39.15 59.81
C ALA H 451 44.92 37.65 59.56
N ILE H 452 45.49 37.22 58.46
CA ILE H 452 45.47 35.81 58.12
C ILE H 452 46.25 35.01 59.17
N LYS H 453 47.45 35.49 59.49
CA LYS H 453 48.26 34.87 60.56
C LYS H 453 47.51 34.84 61.89
N ALA H 454 46.89 35.97 62.25
CA ALA H 454 46.10 36.05 63.48
C ALA H 454 45.00 34.99 63.59
N HIS H 455 44.39 34.62 62.46
CA HIS H 455 43.33 33.59 62.42
C HIS H 455 43.76 32.51 61.44
N TYR I 10 -31.95 15.14 -37.98
CA TYR I 10 -30.89 15.90 -38.65
C TYR I 10 -31.40 16.96 -39.59
N ARG I 11 -30.53 17.88 -39.96
CA ARG I 11 -30.87 19.02 -40.81
C ARG I 11 -30.67 18.74 -42.28
N ILE I 12 -29.56 18.10 -42.65
CA ILE I 12 -29.29 17.79 -44.05
C ILE I 12 -29.26 16.28 -44.26
N GLU I 13 -29.48 15.87 -45.51
CA GLU I 13 -29.69 14.47 -45.79
C GLU I 13 -28.44 13.68 -45.39
N GLN I 14 -28.66 12.63 -44.63
CA GLN I 14 -27.56 11.84 -44.09
C GLN I 14 -27.20 10.66 -44.98
N LYS I 15 -26.79 10.97 -46.22
CA LYS I 15 -26.35 9.92 -47.17
C LYS I 15 -25.10 10.36 -47.92
N ARG I 16 -24.20 9.43 -48.13
CA ARG I 16 -23.00 9.67 -48.91
C ARG I 16 -23.40 9.87 -50.38
N ASN I 17 -22.98 10.99 -50.97
CA ASN I 17 -23.39 11.35 -52.34
C ASN I 17 -22.36 12.21 -53.09
N ILE I 18 -21.61 11.58 -53.98
CA ILE I 18 -20.61 12.27 -54.78
C ILE I 18 -21.05 12.36 -56.24
N ASN I 19 -21.41 13.58 -56.69
CA ASN I 19 -21.75 13.83 -58.12
C ASN I 19 -20.51 14.18 -58.94
N GLY I 20 -19.96 13.21 -59.66
CA GLY I 20 -18.81 13.45 -60.51
C GLY I 20 -17.54 13.89 -59.78
N ALA I 21 -16.62 14.52 -60.54
CA ALA I 21 -15.27 14.81 -60.05
C ALA I 21 -15.25 15.98 -59.08
N PHE I 22 -14.32 15.92 -58.13
CA PHE I 22 -14.06 17.02 -57.22
C PHE I 22 -12.55 17.18 -57.04
N PRO I 23 -12.09 18.37 -56.67
CA PRO I 23 -12.89 19.53 -56.31
C PRO I 23 -13.70 20.07 -57.50
N GLY I 24 -14.95 20.44 -57.25
CA GLY I 24 -15.78 21.06 -58.25
C GLY I 24 -15.41 22.51 -58.50
N PRO I 25 -16.18 23.19 -59.35
CA PRO I 25 -15.85 24.57 -59.76
C PRO I 25 -15.77 25.57 -58.61
N LYS I 26 -16.72 25.52 -57.68
CA LYS I 26 -16.75 26.49 -56.59
C LYS I 26 -15.64 26.28 -55.58
N SER I 27 -15.31 25.02 -55.34
CA SER I 27 -14.14 24.65 -54.54
C SER I 27 -12.84 25.12 -55.20
N GLN I 28 -12.68 24.83 -56.48
CA GLN I 28 -11.51 25.31 -57.23
C GLN I 28 -11.37 26.84 -57.19
N ALA I 29 -12.49 27.56 -57.27
CA ALA I 29 -12.49 29.02 -57.22
C ALA I 29 -11.94 29.50 -55.88
N LEU I 30 -12.31 28.80 -54.80
CA LEU I 30 -11.81 29.12 -53.46
C LEU I 30 -10.32 28.79 -53.32
N ALA I 31 -9.91 27.62 -53.80
CA ALA I 31 -8.48 27.26 -53.83
C ALA I 31 -7.65 28.34 -54.53
N GLU I 32 -8.15 28.86 -55.65
CA GLU I 32 -7.46 29.87 -56.44
C GLU I 32 -7.34 31.14 -55.61
N ARG I 33 -8.39 31.50 -54.90
CA ARG I 33 -8.33 32.65 -54.01
C ARG I 33 -7.35 32.44 -52.86
N ARG I 34 -7.43 31.24 -52.28
CA ARG I 34 -6.63 30.85 -51.13
C ARG I 34 -5.15 31.04 -51.38
N SER I 35 -4.67 30.55 -52.52
CA SER I 35 -3.24 30.55 -52.78
C SER I 35 -2.66 31.95 -52.91
N ALA I 36 -3.49 32.97 -53.09
CA ALA I 36 -2.99 34.36 -53.14
C ALA I 36 -2.73 34.97 -51.77
N VAL I 37 -3.28 34.35 -50.73
CA VAL I 37 -3.45 35.08 -49.47
C VAL I 37 -3.15 34.28 -48.18
N VAL I 38 -3.25 32.95 -48.25
CA VAL I 38 -2.94 32.09 -47.13
C VAL I 38 -1.54 31.50 -47.28
N ALA I 39 -0.76 31.49 -46.21
CA ALA I 39 0.59 30.93 -46.25
C ALA I 39 0.59 29.52 -46.87
N ALA I 40 1.58 29.28 -47.73
CA ALA I 40 1.67 28.04 -48.54
C ALA I 40 1.73 26.81 -47.66
N GLY I 41 2.32 26.95 -46.48
CA GLY I 41 2.48 25.81 -45.55
C GLY I 41 1.20 25.35 -44.90
N VAL I 42 0.20 26.22 -44.84
CA VAL I 42 -1.09 25.87 -44.28
C VAL I 42 -1.82 25.03 -45.32
N ALA I 43 -1.75 23.71 -45.15
CA ALA I 43 -2.34 22.72 -46.08
C ALA I 43 -3.61 22.15 -45.49
N SER I 44 -4.49 21.64 -46.33
CA SER I 44 -5.70 20.99 -45.85
C SER I 44 -5.73 19.54 -46.30
N GLY I 45 -6.23 18.65 -45.46
CA GLY I 45 -6.30 17.23 -45.79
C GLY I 45 -7.30 16.94 -46.90
N VAL I 46 -8.22 17.88 -47.10
CA VAL I 46 -9.37 17.72 -47.98
C VAL I 46 -9.44 18.89 -48.97
N PRO I 47 -9.59 18.59 -50.29
CA PRO I 47 -9.54 19.62 -51.33
C PRO I 47 -10.87 20.33 -51.61
N VAL I 48 -11.95 19.89 -50.96
CA VAL I 48 -13.28 20.50 -51.13
C VAL I 48 -13.62 21.44 -49.95
N TYR I 49 -14.43 22.44 -50.19
CA TYR I 49 -14.71 23.48 -49.20
C TYR I 49 -16.12 23.28 -48.63
N VAL I 50 -16.27 23.26 -47.30
CA VAL I 50 -17.59 23.02 -46.67
C VAL I 50 -18.53 24.19 -46.88
N GLU I 51 -19.81 23.88 -47.09
CA GLU I 51 -20.91 24.86 -47.04
C GLU I 51 -21.78 24.59 -45.82
N ASP I 52 -22.06 23.30 -45.57
CA ASP I 52 -22.84 22.87 -44.40
C ASP I 52 -22.26 21.58 -43.82
N ALA I 53 -22.24 21.48 -42.50
CA ALA I 53 -21.73 20.27 -41.80
C ALA I 53 -22.73 19.91 -40.72
N ASP I 54 -23.21 18.66 -40.72
CA ASP I 54 -24.33 18.25 -39.85
C ASP I 54 -24.39 16.74 -39.78
N GLY I 55 -24.76 16.24 -38.62
CA GLY I 55 -24.76 14.80 -38.39
C GLY I 55 -23.40 14.20 -38.74
N GLY I 56 -23.41 13.26 -39.68
CA GLY I 56 -22.20 12.60 -40.13
C GLY I 56 -21.80 13.00 -41.54
N ILE I 57 -22.25 14.18 -41.98
CA ILE I 57 -22.04 14.62 -43.36
C ILE I 57 -21.35 15.98 -43.42
N ILE I 58 -20.37 16.07 -44.32
CA ILE I 58 -19.78 17.36 -44.73
C ILE I 58 -20.28 17.57 -46.16
N ARG I 59 -21.07 18.63 -46.37
CA ARG I 59 -21.54 18.95 -47.75
C ARG I 59 -20.72 20.13 -48.28
N ASP I 60 -20.10 19.92 -49.44
CA ASP I 60 -19.23 20.95 -50.01
C ASP I 60 -20.02 21.96 -50.83
N VAL I 61 -19.32 23.00 -51.28
CA VAL I 61 -19.96 24.12 -51.97
C VAL I 61 -20.47 23.73 -53.36
N ASP I 62 -20.06 22.56 -53.85
CA ASP I 62 -20.52 22.05 -55.14
C ASP I 62 -21.59 20.95 -54.94
N GLY I 63 -22.16 20.89 -53.74
CA GLY I 63 -23.23 19.96 -53.46
C GLY I 63 -22.87 18.49 -53.24
N ASN I 64 -21.60 18.16 -53.08
CA ASN I 64 -21.21 16.79 -52.73
C ASN I 64 -21.33 16.53 -51.24
N SER I 65 -21.76 15.32 -50.87
CA SER I 65 -21.92 14.95 -49.47
C SER I 65 -20.96 13.83 -49.05
N PHE I 66 -19.96 14.18 -48.23
CA PHE I 66 -18.98 13.21 -47.72
C PHE I 66 -19.37 12.72 -46.33
N ILE I 67 -19.03 11.47 -46.02
CA ILE I 67 -19.16 10.98 -44.66
C ILE I 67 -18.00 11.54 -43.81
N ASP I 68 -18.33 12.05 -42.64
CA ASP I 68 -17.36 12.72 -41.77
C ASP I 68 -16.92 11.75 -40.71
N LEU I 69 -15.74 11.19 -40.85
CA LEU I 69 -15.20 10.29 -39.85
C LEU I 69 -14.05 10.94 -39.04
N GLY I 70 -13.98 12.27 -39.04
CA GLY I 70 -12.93 13.00 -38.30
C GLY I 70 -13.44 13.98 -37.27
N SER I 71 -14.70 14.38 -37.42
CA SER I 71 -15.35 15.39 -36.57
C SER I 71 -14.46 16.59 -36.26
N GLY I 72 -13.70 17.04 -37.26
CA GLY I 72 -12.83 18.21 -37.12
C GLY I 72 -11.67 18.01 -36.17
N ILE I 73 -11.11 16.81 -36.18
CA ILE I 73 -10.19 16.30 -35.17
C ILE I 73 -10.85 16.29 -33.79
N ALA I 74 -11.89 15.48 -33.66
CA ALA I 74 -12.51 15.18 -32.37
C ALA I 74 -13.17 16.35 -31.71
N VAL I 75 -13.53 17.36 -32.50
CA VAL I 75 -14.17 18.56 -31.95
C VAL I 75 -15.71 18.51 -31.94
N THR I 76 -16.31 18.26 -33.10
CA THR I 76 -17.77 18.32 -33.25
C THR I 76 -18.40 16.98 -32.86
N SER I 77 -18.20 16.58 -31.60
CA SER I 77 -18.69 15.29 -31.12
C SER I 77 -20.23 15.27 -31.11
N VAL I 78 -20.82 16.41 -30.73
CA VAL I 78 -22.28 16.59 -30.75
C VAL I 78 -22.81 16.92 -32.15
N GLY I 79 -21.90 17.01 -33.13
CA GLY I 79 -22.26 17.37 -34.48
C GLY I 79 -21.86 18.81 -34.77
N ALA I 80 -21.54 19.06 -36.04
CA ALA I 80 -21.05 20.36 -36.45
C ALA I 80 -22.12 21.47 -36.47
N SER I 81 -23.39 21.09 -36.37
CA SER I 81 -24.48 22.07 -36.24
C SER I 81 -25.63 21.55 -35.37
N ASP I 82 -25.31 21.19 -34.13
CA ASP I 82 -26.32 20.75 -33.17
C ASP I 82 -27.29 21.88 -32.89
N PRO I 83 -28.60 21.65 -33.15
CA PRO I 83 -29.63 22.67 -32.96
C PRO I 83 -29.51 23.42 -31.64
N ALA I 84 -29.25 22.70 -30.55
CA ALA I 84 -29.15 23.34 -29.23
C ALA I 84 -27.96 24.31 -29.20
N VAL I 85 -26.80 23.83 -29.67
CA VAL I 85 -25.59 24.65 -29.74
C VAL I 85 -25.86 25.89 -30.62
N VAL I 86 -26.44 25.65 -31.80
CA VAL I 86 -26.72 26.74 -32.75
C VAL I 86 -27.64 27.81 -32.13
N ALA I 87 -28.73 27.35 -31.52
CA ALA I 87 -29.67 28.23 -30.87
C ALA I 87 -28.98 29.05 -29.74
N ALA I 88 -28.17 28.37 -28.94
CA ALA I 88 -27.52 28.98 -27.77
C ALA I 88 -26.52 30.07 -28.21
N VAL I 89 -25.76 29.77 -29.28
CA VAL I 89 -24.80 30.72 -29.84
C VAL I 89 -25.54 31.96 -30.33
N GLN I 90 -26.63 31.71 -31.06
CA GLN I 90 -27.43 32.78 -31.67
C GLN I 90 -28.00 33.70 -30.61
N GLU I 91 -28.57 33.10 -29.56
CA GLU I 91 -29.18 33.87 -28.47
C GLU I 91 -28.11 34.70 -27.72
N ALA I 92 -26.98 34.06 -27.37
CA ALA I 92 -25.93 34.69 -26.57
C ALA I 92 -25.24 35.85 -27.28
N ALA I 93 -25.00 35.68 -28.58
CA ALA I 93 -24.33 36.69 -29.37
C ALA I 93 -25.12 38.00 -29.44
N ALA I 94 -26.45 37.90 -29.35
CA ALA I 94 -27.33 39.06 -29.38
C ALA I 94 -27.23 39.96 -28.14
N HIS I 95 -26.78 39.41 -27.02
CA HIS I 95 -26.70 40.16 -25.76
C HIS I 95 -25.40 40.87 -25.60
N PHE I 96 -24.31 40.15 -25.89
CA PHE I 96 -22.94 40.69 -25.93
C PHE I 96 -21.99 39.59 -26.42
N THR I 97 -21.04 39.98 -27.26
CA THR I 97 -20.06 39.05 -27.83
C THR I 97 -18.89 38.78 -26.87
N HIS I 98 -18.55 39.79 -26.06
CA HIS I 98 -17.36 39.76 -25.26
C HIS I 98 -17.35 40.95 -24.33
N THR I 99 -16.98 40.71 -23.08
CA THR I 99 -16.64 41.79 -22.15
C THR I 99 -15.31 41.57 -21.42
N CYS I 100 -14.68 40.40 -21.64
CA CYS I 100 -13.50 39.95 -20.91
C CYS I 100 -13.79 39.66 -19.44
N PHE I 101 -13.84 38.38 -19.09
CA PHE I 101 -14.18 37.97 -17.74
C PHE I 101 -13.36 38.68 -16.66
N MET I 102 -12.07 38.89 -16.90
CA MET I 102 -11.21 39.57 -15.92
C MET I 102 -11.59 41.02 -15.70
N VAL I 103 -12.39 41.59 -16.60
CA VAL I 103 -12.87 42.96 -16.43
C VAL I 103 -14.31 42.98 -15.91
N THR I 104 -15.26 42.60 -16.77
CA THR I 104 -16.66 42.46 -16.37
C THR I 104 -17.13 41.01 -16.52
N PRO I 105 -17.41 40.34 -15.40
CA PRO I 105 -17.75 38.92 -15.48
C PRO I 105 -19.18 38.70 -15.94
N TYR I 106 -19.54 37.43 -16.12
CA TYR I 106 -20.82 37.05 -16.65
C TYR I 106 -21.18 35.60 -16.33
N GLU I 107 -22.46 35.30 -16.34
CA GLU I 107 -22.97 34.02 -15.87
C GLU I 107 -22.40 32.83 -16.64
N GLY I 108 -22.29 32.98 -17.96
CA GLY I 108 -21.91 31.84 -18.82
C GLY I 108 -20.60 31.17 -18.41
N TYR I 109 -19.64 32.01 -18.00
CA TYR I 109 -18.36 31.53 -17.55
C TYR I 109 -18.61 30.69 -16.31
N VAL I 110 -19.26 31.29 -15.31
CA VAL I 110 -19.51 30.62 -14.04
C VAL I 110 -20.25 29.31 -14.27
N ALA I 111 -21.26 29.35 -15.14
CA ALA I 111 -22.08 28.17 -15.40
C ALA I 111 -21.26 27.02 -16.03
N VAL I 112 -20.41 27.32 -17.01
CA VAL I 112 -19.56 26.27 -17.66
C VAL I 112 -18.67 25.66 -16.61
N THR I 113 -18.09 26.54 -15.82
CA THR I 113 -17.30 26.22 -14.66
C THR I 113 -17.99 25.24 -13.71
N GLU I 114 -19.29 25.44 -13.48
CA GLU I 114 -20.08 24.55 -12.61
C GLU I 114 -20.20 23.16 -13.22
N GLN I 115 -20.49 23.11 -14.51
CA GLN I 115 -20.63 21.84 -15.19
C GLN I 115 -19.33 21.04 -15.19
N LEU I 116 -18.22 21.71 -15.39
CA LEU I 116 -16.95 21.02 -15.47
C LEU I 116 -16.59 20.46 -14.09
N ASN I 117 -16.88 21.23 -13.03
CA ASN I 117 -16.67 20.76 -11.67
C ASN I 117 -17.44 19.46 -11.43
N ARG I 118 -18.67 19.46 -11.92
CA ARG I 118 -19.57 18.35 -11.72
C ARG I 118 -19.16 17.11 -12.51
N LEU I 119 -18.77 17.29 -13.77
CA LEU I 119 -18.56 16.18 -14.69
C LEU I 119 -17.17 15.54 -14.65
N THR I 120 -16.20 16.24 -14.09
CA THR I 120 -14.83 15.74 -14.04
C THR I 120 -14.69 14.74 -12.92
N PRO I 121 -13.68 13.88 -12.98
CA PRO I 121 -13.53 12.86 -11.94
C PRO I 121 -13.21 13.41 -10.54
N GLY I 122 -13.57 12.61 -9.54
CA GLY I 122 -13.27 12.90 -8.17
C GLY I 122 -14.37 13.72 -7.52
N ASP I 123 -14.49 13.58 -6.20
CA ASP I 123 -15.45 14.32 -5.38
C ASP I 123 -14.78 15.43 -4.55
N HIS I 124 -13.46 15.59 -4.65
CA HIS I 124 -12.72 16.61 -3.88
C HIS I 124 -13.03 17.98 -4.34
N ALA I 125 -12.57 18.98 -3.62
CA ALA I 125 -12.78 20.36 -4.03
C ALA I 125 -12.05 20.65 -5.31
N LYS I 126 -12.77 21.16 -6.30
CA LYS I 126 -12.15 21.48 -7.59
C LYS I 126 -12.47 22.92 -8.01
N ARG I 127 -11.60 23.49 -8.83
CA ARG I 127 -11.85 24.81 -9.42
C ARG I 127 -11.48 24.80 -10.90
N THR I 128 -11.95 25.80 -11.64
CA THR I 128 -11.74 25.85 -13.07
C THR I 128 -11.37 27.24 -13.53
N VAL I 129 -10.53 27.31 -14.58
CA VAL I 129 -10.27 28.56 -15.31
C VAL I 129 -10.45 28.23 -16.78
N LEU I 130 -10.89 29.22 -17.54
CA LEU I 130 -11.19 29.02 -18.96
C LEU I 130 -10.28 29.83 -19.88
N PHE I 131 -9.97 29.23 -21.03
CA PHE I 131 -9.16 29.88 -22.05
C PHE I 131 -9.76 29.56 -23.41
N ASN I 132 -8.98 29.71 -24.48
CA ASN I 132 -9.50 29.52 -25.82
C ASN I 132 -9.04 28.21 -26.42
N SER I 133 -7.74 27.94 -26.45
CA SER I 133 -7.20 26.75 -27.14
C SER I 133 -6.68 25.67 -26.20
N GLY I 134 -6.56 24.47 -26.74
CA GLY I 134 -5.98 23.37 -26.01
C GLY I 134 -4.59 23.72 -25.54
N ALA I 135 -3.80 24.31 -26.42
CA ALA I 135 -2.44 24.68 -26.05
C ALA I 135 -2.48 25.62 -24.86
N GLU I 136 -3.40 26.57 -24.87
CA GLU I 136 -3.49 27.50 -23.76
C GLU I 136 -3.84 26.76 -22.46
N ALA I 137 -4.74 25.78 -22.59
CA ALA I 137 -5.08 24.94 -21.45
C ALA I 137 -3.84 24.24 -20.85
N VAL I 138 -3.07 23.55 -21.70
CA VAL I 138 -1.90 22.83 -21.24
C VAL I 138 -0.88 23.81 -20.65
N GLU I 139 -0.67 24.93 -21.33
CA GLU I 139 0.22 25.99 -20.82
C GLU I 139 -0.17 26.36 -19.40
N ASN I 140 -1.46 26.54 -19.18
CA ASN I 140 -1.92 27.00 -17.88
C ASN I 140 -1.88 25.94 -16.80
N ALA I 141 -2.13 24.69 -17.17
CA ALA I 141 -1.92 23.59 -16.24
C ALA I 141 -0.49 23.60 -15.73
N VAL I 142 0.47 23.77 -16.64
CA VAL I 142 1.88 23.73 -16.28
C VAL I 142 2.23 24.93 -15.43
N LYS I 143 1.71 26.08 -15.78
CA LYS I 143 1.89 27.27 -14.93
C LYS I 143 1.45 27.01 -13.50
N VAL I 144 0.29 26.38 -13.35
CA VAL I 144 -0.27 26.14 -12.03
C VAL I 144 0.60 25.11 -11.28
N ALA I 145 1.01 24.04 -11.94
CA ALA I 145 1.83 23.02 -11.32
C ALA I 145 3.11 23.66 -10.82
N ARG I 146 3.72 24.46 -11.69
CA ARG I 146 5.02 25.03 -11.36
C ARG I 146 4.92 26.00 -10.16
N LEU I 147 3.92 26.87 -10.18
CA LEU I 147 3.73 27.80 -9.08
C LEU I 147 3.33 27.06 -7.80
N ALA I 148 2.37 26.13 -7.91
CA ALA I 148 1.83 25.47 -6.70
C ALA I 148 2.88 24.61 -6.01
N THR I 149 3.74 23.93 -6.78
CA THR I 149 4.72 23.02 -6.19
C THR I 149 6.01 23.71 -5.87
N GLY I 150 6.25 24.87 -6.45
CA GLY I 150 7.56 25.51 -6.37
C GLY I 150 8.67 24.79 -7.14
N ARG I 151 8.32 23.85 -8.02
CA ARG I 151 9.33 23.12 -8.79
C ARG I 151 9.30 23.47 -10.30
N ASP I 152 10.33 23.04 -11.01
CA ASP I 152 10.57 23.39 -12.41
C ASP I 152 10.19 22.27 -13.39
N ALA I 153 10.70 21.07 -13.15
CA ALA I 153 10.70 20.00 -14.15
C ALA I 153 9.29 19.54 -14.47
N VAL I 154 9.02 19.30 -15.76
CA VAL I 154 7.75 18.69 -16.18
C VAL I 154 8.06 17.47 -17.04
N VAL I 155 7.48 16.32 -16.72
CA VAL I 155 7.76 15.17 -17.56
C VAL I 155 6.61 14.93 -18.52
N ALA I 156 6.98 14.68 -19.76
CA ALA I 156 6.06 14.27 -20.80
C ALA I 156 6.54 12.96 -21.36
N PHE I 157 5.77 12.37 -22.26
CA PHE I 157 6.10 11.03 -22.74
C PHE I 157 6.44 10.92 -24.22
N ASP I 158 7.10 9.82 -24.59
CA ASP I 158 7.19 9.45 -25.99
C ASP I 158 5.80 9.39 -26.60
N HIS I 159 5.70 9.80 -27.87
CA HIS I 159 4.43 9.84 -28.63
C HIS I 159 3.46 10.89 -28.19
N ALA I 160 3.87 11.77 -27.27
CA ALA I 160 2.96 12.81 -26.77
C ALA I 160 2.75 13.86 -27.80
N TYR I 161 1.59 14.49 -27.73
CA TYR I 161 1.29 15.71 -28.45
C TYR I 161 0.47 16.62 -27.54
N HIS I 162 0.92 17.85 -27.35
CA HIS I 162 0.23 18.79 -26.46
C HIS I 162 0.07 20.18 -27.01
N GLY I 163 0.55 20.43 -28.23
CA GLY I 163 0.28 21.74 -28.86
C GLY I 163 1.42 22.41 -29.56
N ARG I 164 1.14 23.61 -30.07
CA ARG I 164 2.02 24.28 -31.01
C ARG I 164 2.56 25.63 -30.53
N THR I 165 2.31 25.99 -29.27
CA THR I 165 3.09 27.06 -28.63
C THR I 165 4.49 26.52 -28.25
N ASN I 166 5.40 27.42 -27.88
CA ASN I 166 6.81 27.01 -27.62
C ASN I 166 6.89 25.90 -26.55
N LEU I 167 6.21 26.10 -25.42
CA LEU I 167 6.22 25.09 -24.36
C LEU I 167 5.47 23.82 -24.77
N THR I 168 4.31 23.97 -25.42
CA THR I 168 3.55 22.78 -25.81
C THR I 168 4.24 22.00 -26.96
N MET I 169 5.01 22.70 -27.76
CA MET I 169 5.92 22.05 -28.69
C MET I 169 7.00 21.28 -27.89
N ALA I 170 7.57 21.93 -26.87
CA ALA I 170 8.59 21.29 -26.01
C ALA I 170 8.03 20.01 -25.44
N LEU I 171 6.81 20.08 -24.93
CA LEU I 171 6.11 18.90 -24.40
C LEU I 171 5.78 17.84 -25.49
N THR I 172 5.54 18.29 -26.72
CA THR I 172 5.24 17.39 -27.84
C THR I 172 6.48 16.61 -28.29
N ALA I 173 6.28 15.34 -28.61
CA ALA I 173 7.38 14.43 -28.94
C ALA I 173 7.84 14.54 -30.36
N LYS I 174 6.91 14.45 -31.29
CA LYS I 174 7.24 14.36 -32.72
C LYS I 174 7.65 15.68 -33.31
N ALA I 175 8.79 15.69 -34.01
CA ALA I 175 9.35 16.96 -34.55
C ALA I 175 8.73 17.40 -35.85
N MET I 176 8.37 16.45 -36.72
CA MET I 176 7.76 16.80 -38.02
C MET I 176 6.24 16.63 -38.02
N PRO I 177 5.49 17.71 -38.22
CA PRO I 177 5.86 19.08 -38.56
C PRO I 177 5.87 20.05 -37.41
N TYR I 178 5.63 19.54 -36.21
CA TYR I 178 5.22 20.41 -35.09
C TYR I 178 6.34 21.28 -34.54
N LYS I 179 7.58 20.81 -34.67
CA LYS I 179 8.73 21.42 -33.97
C LYS I 179 9.87 21.90 -34.88
N THR I 180 10.11 21.24 -36.00
CA THR I 180 11.31 21.48 -36.83
C THR I 180 11.52 22.96 -37.09
N ASN I 181 12.72 23.44 -36.75
CA ASN I 181 13.13 24.82 -36.94
C ASN I 181 12.36 25.88 -36.13
N PHE I 182 11.50 25.47 -35.19
CA PHE I 182 10.73 26.45 -34.37
C PHE I 182 11.34 26.74 -32.97
N GLY I 183 12.41 26.04 -32.58
CA GLY I 183 13.01 26.23 -31.26
C GLY I 183 13.85 27.47 -31.20
N PRO I 184 14.67 27.63 -30.15
CA PRO I 184 14.89 26.70 -29.02
C PRO I 184 13.69 26.63 -28.11
N PHE I 185 13.49 25.48 -27.49
CA PHE I 185 12.26 25.21 -26.77
C PHE I 185 12.35 25.47 -25.28
N ALA I 186 11.19 25.67 -24.66
CA ALA I 186 11.07 25.97 -23.24
C ALA I 186 11.84 24.96 -22.40
N PRO I 187 12.56 25.44 -21.37
CA PRO I 187 13.45 24.55 -20.66
C PRO I 187 12.76 23.72 -19.56
N GLU I 188 13.50 22.74 -19.08
CA GLU I 188 13.08 21.84 -18.00
C GLU I 188 11.88 20.98 -18.34
N VAL I 189 11.89 20.45 -19.55
CA VAL I 189 10.94 19.39 -19.96
C VAL I 189 11.73 18.13 -20.19
N TYR I 190 11.28 17.02 -19.61
CA TYR I 190 11.98 15.77 -19.73
C TYR I 190 11.05 14.75 -20.33
N ARG I 191 11.61 13.84 -21.13
CA ARG I 191 10.77 12.86 -21.82
C ARG I 191 11.01 11.47 -21.29
N MET I 192 9.91 10.73 -21.07
CA MET I 192 9.97 9.38 -20.50
C MET I 192 9.25 8.35 -21.38
N PRO I 193 9.58 7.07 -21.20
CA PRO I 193 9.00 6.05 -22.05
C PRO I 193 7.54 5.78 -21.76
N MET I 194 6.80 5.53 -22.82
CA MET I 194 5.36 5.33 -22.77
C MET I 194 5.08 3.83 -22.69
N SER I 195 3.89 3.50 -22.24
CA SER I 195 3.39 2.13 -22.34
C SER I 195 2.68 2.04 -23.68
N TYR I 196 3.33 1.36 -24.63
CA TYR I 196 2.85 1.23 -26.01
C TYR I 196 2.90 -0.25 -26.37
N PRO I 197 1.89 -1.01 -25.93
CA PRO I 197 1.92 -2.47 -25.98
C PRO I 197 2.41 -3.07 -27.29
N PHE I 198 1.88 -2.57 -28.40
CA PHE I 198 2.15 -3.16 -29.71
C PHE I 198 3.63 -3.08 -30.10
N ARG I 199 4.37 -2.13 -29.53
CA ARG I 199 5.77 -1.95 -29.87
C ARG I 199 6.75 -2.09 -28.70
N GLU I 200 6.30 -2.64 -27.58
CA GLU I 200 7.19 -2.93 -26.47
C GLU I 200 8.24 -3.96 -26.89
N GLU I 201 9.50 -3.68 -26.56
CA GLU I 201 10.60 -4.60 -26.88
C GLU I 201 10.38 -5.93 -26.18
N ASN I 202 9.78 -5.91 -25.00
CA ASN I 202 9.36 -7.11 -24.30
C ASN I 202 7.84 -7.17 -24.29
N PRO I 203 7.24 -7.97 -25.19
CA PRO I 203 5.78 -7.93 -25.39
C PRO I 203 5.00 -8.29 -24.14
N GLU I 204 5.60 -9.07 -23.25
CA GLU I 204 4.94 -9.50 -22.02
C GLU I 204 4.88 -8.43 -20.91
N ILE I 205 5.51 -7.27 -21.13
CA ILE I 205 5.59 -6.23 -20.09
C ILE I 205 4.19 -5.81 -19.64
N THR I 206 4.10 -5.56 -18.33
CA THR I 206 2.87 -5.20 -17.67
C THR I 206 2.76 -3.68 -17.53
N GLY I 207 1.53 -3.17 -17.43
CA GLY I 207 1.33 -1.74 -17.19
C GLY I 207 2.07 -1.25 -15.96
N ALA I 208 1.89 -1.96 -14.84
CA ALA I 208 2.64 -1.68 -13.60
C ALA I 208 4.17 -1.66 -13.86
N GLU I 209 4.65 -2.60 -14.64
CA GLU I 209 6.08 -2.69 -14.93
C GLU I 209 6.53 -1.53 -15.79
N ALA I 210 5.69 -1.13 -16.74
CA ALA I 210 6.00 -0.01 -17.62
C ALA I 210 6.04 1.27 -16.82
N ALA I 211 5.11 1.40 -15.86
CA ALA I 211 5.11 2.56 -14.98
C ALA I 211 6.35 2.56 -14.12
N LYS I 212 6.76 1.40 -13.63
CA LYS I 212 7.96 1.33 -12.79
C LYS I 212 9.19 1.76 -13.61
N ARG I 213 9.22 1.36 -14.88
CA ARG I 213 10.32 1.72 -15.78
C ARG I 213 10.40 3.24 -15.91
N ALA I 214 9.24 3.86 -16.12
CA ALA I 214 9.17 5.29 -16.21
C ALA I 214 9.56 5.94 -14.86
N ILE I 215 9.01 5.43 -13.78
CA ILE I 215 9.26 6.01 -12.47
C ILE I 215 10.73 5.97 -12.05
N THR I 216 11.37 4.83 -12.24
CA THR I 216 12.80 4.72 -11.92
C THR I 216 13.62 5.72 -12.73
N MET I 217 13.29 5.82 -14.01
CA MET I 217 13.98 6.73 -14.88
C MET I 217 13.81 8.17 -14.40
N ILE I 218 12.61 8.54 -14.03
CA ILE I 218 12.33 9.89 -13.53
C ILE I 218 13.12 10.15 -12.28
N GLU I 219 13.11 9.17 -11.40
CA GLU I 219 13.75 9.31 -10.09
C GLU I 219 15.25 9.44 -10.29
N LYS I 220 15.82 8.65 -11.19
CA LYS I 220 17.26 8.66 -11.41
C LYS I 220 17.73 9.89 -12.19
N GLN I 221 16.91 10.39 -13.12
CA GLN I 221 17.34 11.48 -14.04
C GLN I 221 16.83 12.87 -13.68
N ILE I 222 15.87 12.95 -12.76
CA ILE I 222 15.38 14.24 -12.25
C ILE I 222 15.26 14.22 -10.73
N GLY I 223 14.61 13.18 -10.21
CA GLY I 223 14.27 13.08 -8.79
C GLY I 223 12.83 13.48 -8.55
N GLY I 224 12.08 12.61 -7.92
CA GLY I 224 10.64 12.84 -7.67
C GLY I 224 10.33 14.18 -7.07
N ASP I 225 11.15 14.63 -6.14
CA ASP I 225 10.88 15.88 -5.42
C ASP I 225 11.22 17.12 -6.24
N GLN I 226 11.77 16.92 -7.43
CA GLN I 226 12.10 17.99 -8.37
C GLN I 226 11.08 18.18 -9.49
N VAL I 227 10.07 17.30 -9.56
CA VAL I 227 9.13 17.34 -10.67
C VAL I 227 7.87 18.08 -10.29
N ALA I 228 7.57 19.15 -11.02
CA ALA I 228 6.35 19.90 -10.80
C ALA I 228 5.14 19.14 -11.26
N ALA I 229 5.27 18.51 -12.42
CA ALA I 229 4.11 17.85 -13.06
C ALA I 229 4.49 16.69 -13.94
N ILE I 230 3.64 15.67 -13.98
CA ILE I 230 3.69 14.64 -15.00
C ILE I 230 2.47 14.93 -15.85
N ILE I 231 2.67 15.06 -17.16
CA ILE I 231 1.53 15.32 -18.07
C ILE I 231 1.41 14.17 -19.07
N ILE I 232 0.22 13.60 -19.18
CA ILE I 232 0.02 12.45 -20.09
C ILE I 232 -1.38 12.44 -20.63
N GLU I 233 -1.50 12.00 -21.88
CA GLU I 233 -2.79 11.77 -22.50
C GLU I 233 -3.18 10.35 -22.16
N PRO I 234 -4.36 10.16 -21.57
CA PRO I 234 -4.79 8.80 -21.22
C PRO I 234 -4.89 7.93 -22.46
N ILE I 235 -5.32 8.50 -23.56
CA ILE I 235 -5.11 7.88 -24.88
C ILE I 235 -4.39 8.93 -25.71
N GLN I 236 -3.21 8.57 -26.20
CA GLN I 236 -2.38 9.49 -26.94
C GLN I 236 -2.97 9.67 -28.32
N GLY I 237 -3.32 10.91 -28.67
CA GLY I 237 -4.02 11.20 -29.94
C GLY I 237 -3.14 11.16 -31.18
N GLU I 238 -2.54 12.30 -31.50
CA GLU I 238 -1.68 12.43 -32.67
C GLU I 238 -0.57 11.38 -32.66
N GLY I 239 -0.18 10.91 -31.49
CA GLY I 239 0.85 9.88 -31.38
C GLY I 239 0.46 8.55 -31.99
N GLY I 240 -0.84 8.33 -32.12
CA GLY I 240 -1.36 7.11 -32.76
C GLY I 240 -2.44 6.36 -32.00
N PHE I 241 -3.24 7.07 -31.21
CA PHE I 241 -4.28 6.44 -30.41
C PHE I 241 -3.68 5.29 -29.61
N ILE I 242 -2.56 5.59 -28.96
CA ILE I 242 -1.89 4.60 -28.10
C ILE I 242 -2.64 4.54 -26.76
N VAL I 243 -3.14 3.35 -26.44
CA VAL I 243 -3.75 3.10 -25.16
C VAL I 243 -2.73 2.33 -24.30
N PRO I 244 -2.38 2.87 -23.12
CA PRO I 244 -1.39 2.23 -22.30
C PRO I 244 -1.94 0.95 -21.73
N ALA I 245 -1.06 0.03 -21.36
CA ALA I 245 -1.48 -1.22 -20.75
C ALA I 245 -2.18 -0.92 -19.40
N GLU I 246 -3.15 -1.75 -19.07
CA GLU I 246 -3.86 -1.65 -17.79
C GLU I 246 -2.84 -1.57 -16.65
N GLY I 247 -3.06 -0.63 -15.73
CA GLY I 247 -2.25 -0.51 -14.53
C GLY I 247 -1.16 0.55 -14.58
N PHE I 248 -0.87 1.03 -15.78
CA PHE I 248 0.14 2.08 -16.02
C PHE I 248 -0.34 3.42 -15.44
N LEU I 249 -1.49 3.91 -15.88
CA LEU I 249 -1.94 5.21 -15.43
C LEU I 249 -2.15 5.29 -13.91
N PRO I 250 -2.81 4.29 -13.31
CA PRO I 250 -2.92 4.33 -11.84
C PRO I 250 -1.57 4.35 -11.11
N ALA I 251 -0.59 3.58 -11.60
CA ALA I 251 0.73 3.54 -10.95
C ALA I 251 1.36 4.94 -10.97
N LEU I 252 1.31 5.60 -12.12
CA LEU I 252 1.83 6.94 -12.24
C LEU I 252 1.08 7.89 -11.31
N SER I 253 -0.23 7.76 -11.27
CA SER I 253 -1.03 8.61 -10.39
C SER I 253 -0.66 8.43 -8.91
N GLU I 254 -0.51 7.18 -8.49
CA GLU I 254 -0.21 6.86 -7.09
C GLU I 254 1.13 7.46 -6.72
N TRP I 255 2.10 7.27 -7.61
CA TRP I 255 3.45 7.77 -7.37
C TRP I 255 3.52 9.29 -7.35
N ALA I 256 2.79 9.93 -8.25
CA ALA I 256 2.75 11.38 -8.30
C ALA I 256 2.24 11.92 -6.98
N LYS I 257 1.20 11.29 -6.42
CA LYS I 257 0.63 11.68 -5.12
C LYS I 257 1.70 11.52 -4.02
N GLU I 258 2.37 10.38 -4.01
CA GLU I 258 3.45 10.19 -3.05
C GLU I 258 4.44 11.33 -3.06
N LYS I 259 4.85 11.76 -4.25
CA LYS I 259 5.99 12.67 -4.38
C LYS I 259 5.59 14.13 -4.44
N GLY I 260 4.32 14.43 -4.25
CA GLY I 260 3.84 15.79 -4.35
C GLY I 260 3.87 16.38 -5.75
N ILE I 261 3.82 15.53 -6.76
CA ILE I 261 3.87 15.91 -8.16
C ILE I 261 2.47 16.04 -8.70
N VAL I 262 2.20 17.14 -9.39
CA VAL I 262 0.87 17.36 -9.96
C VAL I 262 0.71 16.44 -11.17
N PHE I 263 -0.29 15.57 -11.15
CA PHE I 263 -0.58 14.69 -12.24
C PHE I 263 -1.60 15.37 -13.14
N ILE I 264 -1.17 15.71 -14.36
CA ILE I 264 -2.02 16.36 -15.35
C ILE I 264 -2.48 15.37 -16.40
N ALA I 265 -3.79 15.17 -16.53
CA ALA I 265 -4.37 14.38 -17.61
C ALA I 265 -4.74 15.30 -18.76
N ASP I 266 -4.10 15.13 -19.92
CA ASP I 266 -4.46 15.95 -21.06
C ASP I 266 -5.58 15.25 -21.80
N GLU I 267 -6.81 15.70 -21.53
CA GLU I 267 -8.03 15.14 -22.15
C GLU I 267 -8.61 16.08 -23.21
N VAL I 268 -7.75 16.87 -23.88
CA VAL I 268 -8.21 17.79 -24.91
C VAL I 268 -8.89 17.04 -26.06
N GLN I 269 -8.32 15.91 -26.46
CA GLN I 269 -8.91 15.09 -27.54
C GLN I 269 -9.83 13.98 -26.99
N SER I 270 -9.46 13.36 -25.87
CA SER I 270 -10.19 12.22 -25.32
C SER I 270 -11.37 12.59 -24.44
N GLY I 271 -11.46 13.86 -24.06
CA GLY I 271 -12.54 14.29 -23.18
C GLY I 271 -13.93 14.46 -23.79
N PHE I 272 -14.91 14.62 -22.91
CA PHE I 272 -16.36 14.79 -23.26
C PHE I 272 -16.98 13.68 -24.13
N CYS I 273 -17.04 12.48 -23.55
CA CYS I 273 -17.80 11.33 -24.08
C CYS I 273 -17.13 10.58 -25.24
N ARG I 274 -16.03 11.13 -25.74
CA ARG I 274 -15.35 10.58 -26.89
C ARG I 274 -15.04 9.10 -26.74
N THR I 275 -14.68 8.67 -25.53
CA THR I 275 -14.22 7.30 -25.32
C THR I 275 -15.32 6.40 -24.76
N GLY I 276 -16.52 6.93 -24.61
CA GLY I 276 -17.61 6.17 -24.00
C GLY I 276 -17.76 6.41 -22.50
N GLU I 277 -16.88 7.24 -21.95
CA GLU I 277 -17.02 7.77 -20.60
C GLU I 277 -16.82 9.26 -20.70
N TRP I 278 -17.21 10.02 -19.68
CA TRP I 278 -17.00 11.45 -19.74
C TRP I 278 -15.57 11.81 -19.99
N PHE I 279 -14.65 11.12 -19.33
CA PHE I 279 -13.22 11.30 -19.55
C PHE I 279 -12.51 9.98 -19.65
N ALA I 280 -11.51 9.93 -20.52
CA ALA I 280 -10.79 8.70 -20.78
C ALA I 280 -10.21 8.06 -19.48
N VAL I 281 -9.87 8.91 -18.51
CA VAL I 281 -9.33 8.44 -17.23
C VAL I 281 -10.37 7.59 -16.45
N ASP I 282 -11.65 7.84 -16.73
CA ASP I 282 -12.73 7.11 -16.05
C ASP I 282 -12.72 5.60 -16.33
N HIS I 283 -12.18 5.19 -17.47
CA HIS I 283 -12.02 3.79 -17.76
C HIS I 283 -11.31 3.10 -16.64
N GLU I 284 -10.23 3.69 -16.12
CA GLU I 284 -9.44 3.02 -15.06
C GLU I 284 -9.67 3.61 -13.70
N GLY I 285 -10.56 4.61 -13.62
CA GLY I 285 -10.86 5.25 -12.36
C GLY I 285 -9.75 6.15 -11.82
N VAL I 286 -8.85 6.60 -12.67
CA VAL I 286 -7.80 7.51 -12.27
C VAL I 286 -8.37 8.91 -12.07
N VAL I 287 -7.94 9.58 -11.01
CA VAL I 287 -8.44 10.92 -10.64
C VAL I 287 -7.33 11.94 -10.70
N PRO I 288 -7.24 12.70 -11.80
CA PRO I 288 -6.08 13.59 -12.01
C PRO I 288 -6.16 14.80 -11.14
N ASP I 289 -5.00 15.36 -10.83
CA ASP I 289 -4.88 16.57 -10.02
C ASP I 289 -5.33 17.78 -10.82
N ILE I 290 -4.96 17.80 -12.09
CA ILE I 290 -5.48 18.79 -13.03
C ILE I 290 -5.79 18.10 -14.33
N ILE I 291 -6.84 18.55 -14.99
CA ILE I 291 -7.18 17.97 -16.29
C ILE I 291 -7.44 19.08 -17.30
N THR I 292 -6.80 18.95 -18.46
CA THR I 292 -6.88 19.94 -19.53
C THR I 292 -7.91 19.52 -20.59
N MET I 293 -8.72 20.49 -20.99
CA MET I 293 -9.84 20.28 -21.88
C MET I 293 -9.93 21.32 -23.00
N ALA I 294 -10.35 20.86 -24.19
CA ALA I 294 -10.75 21.75 -25.27
C ALA I 294 -11.57 20.97 -26.31
N LYS I 295 -11.26 21.15 -27.58
CA LYS I 295 -11.92 20.43 -28.69
C LYS I 295 -13.45 20.24 -28.44
N GLY I 296 -13.85 19.06 -27.96
CA GLY I 296 -15.28 18.73 -27.84
C GLY I 296 -16.12 19.56 -26.88
N ILE I 297 -15.46 20.24 -25.96
CA ILE I 297 -16.15 20.99 -24.88
C ILE I 297 -17.27 21.91 -25.35
N ALA I 298 -17.09 22.61 -26.47
CA ALA I 298 -18.00 23.68 -26.84
C ALA I 298 -18.60 23.51 -28.23
N GLY I 299 -18.76 22.25 -28.64
CA GLY I 299 -19.44 21.91 -29.89
C GLY I 299 -18.93 22.61 -31.13
N GLY I 300 -17.66 23.00 -31.10
CA GLY I 300 -17.04 23.65 -32.25
C GLY I 300 -16.62 25.07 -31.99
N LEU I 301 -17.18 25.72 -30.99
CA LEU I 301 -16.72 27.07 -30.68
C LEU I 301 -15.35 27.02 -29.96
N PRO I 302 -14.58 28.10 -30.05
CA PRO I 302 -13.27 28.13 -29.41
C PRO I 302 -13.35 28.31 -27.88
N LEU I 303 -13.25 27.20 -27.17
CA LEU I 303 -13.15 27.24 -25.72
C LEU I 303 -12.21 26.16 -25.23
N SER I 304 -11.52 26.45 -24.14
CA SER I 304 -10.68 25.46 -23.45
C SER I 304 -10.73 25.69 -21.94
N ALA I 305 -10.22 24.74 -21.17
CA ALA I 305 -10.33 24.84 -19.72
C ALA I 305 -9.31 23.97 -19.03
N ILE I 306 -8.88 24.41 -17.85
CA ILE I 306 -8.26 23.51 -16.86
C ILE I 306 -9.21 23.37 -15.65
N THR I 307 -9.41 22.14 -15.18
CA THR I 307 -10.12 21.88 -13.94
C THR I 307 -9.27 21.01 -13.06
N GLY I 308 -9.01 21.47 -11.85
CA GLY I 308 -8.18 20.73 -10.91
C GLY I 308 -8.46 21.03 -9.46
N ARG I 309 -7.66 20.42 -8.60
CA ARG I 309 -7.75 20.59 -7.17
C ARG I 309 -7.76 22.05 -6.79
N ALA I 310 -8.72 22.40 -5.93
CA ALA I 310 -8.85 23.74 -5.43
C ALA I 310 -7.54 24.24 -4.83
N ASP I 311 -6.89 23.41 -4.04
CA ASP I 311 -5.67 23.89 -3.35
C ASP I 311 -4.57 24.28 -4.35
N LEU I 312 -4.50 23.59 -5.49
CA LEU I 312 -3.52 23.91 -6.53
C LEU I 312 -3.92 25.20 -7.26
N LEU I 313 -5.09 25.21 -7.89
CA LEU I 313 -5.50 26.39 -8.65
C LEU I 313 -5.62 27.64 -7.80
N ASP I 314 -6.13 27.52 -6.58
CA ASP I 314 -6.29 28.69 -5.71
C ASP I 314 -4.98 29.25 -5.23
N ALA I 315 -3.89 28.48 -5.38
CA ALA I 315 -2.55 28.95 -4.96
C ALA I 315 -2.05 30.10 -5.84
N VAL I 316 -2.57 30.19 -7.07
CA VAL I 316 -2.08 31.17 -8.02
C VAL I 316 -2.51 32.54 -7.56
N HIS I 317 -1.61 33.50 -7.64
CA HIS I 317 -1.89 34.88 -7.21
C HIS I 317 -2.90 35.55 -8.07
N PRO I 318 -3.57 36.60 -7.55
CA PRO I 318 -4.59 37.31 -8.36
C PRO I 318 -4.00 37.79 -9.68
N GLY I 319 -4.70 37.51 -10.78
CA GLY I 319 -4.30 37.97 -12.09
C GLY I 319 -3.25 37.11 -12.77
N GLY I 320 -2.81 36.06 -12.10
CA GLY I 320 -1.76 35.21 -12.62
C GLY I 320 -2.18 34.43 -13.83
N LEU I 321 -3.39 33.90 -13.82
CA LEU I 321 -3.92 33.14 -14.94
C LEU I 321 -4.95 33.98 -15.62
N GLY I 322 -4.95 33.97 -16.95
CA GLY I 322 -5.97 34.70 -17.70
C GLY I 322 -5.75 34.75 -19.20
N GLY I 323 -6.15 35.89 -19.78
CA GLY I 323 -6.28 36.03 -21.24
C GLY I 323 -7.43 36.97 -21.58
N THR I 324 -7.43 37.54 -22.78
CA THR I 324 -8.48 38.46 -23.21
C THR I 324 -9.79 37.74 -23.51
N TYR I 325 -9.75 36.87 -24.52
CA TYR I 325 -10.94 36.21 -25.06
C TYR I 325 -11.44 35.09 -24.16
N GLY I 326 -10.55 34.56 -23.33
CA GLY I 326 -10.81 33.32 -22.59
C GLY I 326 -12.17 33.20 -21.89
N GLY I 327 -12.82 32.06 -22.06
CA GLY I 327 -14.18 31.85 -21.58
C GLY I 327 -15.20 32.74 -22.27
N ASN I 328 -15.07 32.86 -23.58
CA ASN I 328 -15.92 33.74 -24.35
C ASN I 328 -17.39 33.35 -24.16
N PRO I 329 -18.27 34.34 -23.94
CA PRO I 329 -19.66 34.09 -23.59
C PRO I 329 -20.43 33.31 -24.64
N VAL I 330 -20.17 33.62 -25.90
CA VAL I 330 -20.83 32.89 -26.98
C VAL I 330 -20.34 31.45 -26.94
N ALA I 331 -19.04 31.28 -26.72
CA ALA I 331 -18.44 29.95 -26.63
C ALA I 331 -18.98 29.19 -25.41
N CYS I 332 -19.20 29.91 -24.31
CA CYS I 332 -19.74 29.32 -23.10
C CYS I 332 -21.16 28.82 -23.33
N ALA I 333 -21.98 29.64 -23.97
CA ALA I 333 -23.35 29.24 -24.35
C ALA I 333 -23.27 27.94 -25.11
N ALA I 334 -22.37 27.88 -26.10
CA ALA I 334 -22.20 26.68 -26.89
C ALA I 334 -21.87 25.46 -26.01
N ALA I 335 -20.98 25.65 -25.06
CA ALA I 335 -20.54 24.56 -24.19
C ALA I 335 -21.69 24.01 -23.37
N LEU I 336 -22.43 24.90 -22.72
CA LEU I 336 -23.57 24.48 -21.90
C LEU I 336 -24.53 23.63 -22.73
N ALA I 337 -24.86 24.11 -23.93
CA ALA I 337 -25.75 23.36 -24.84
C ALA I 337 -25.11 22.03 -25.25
N ALA I 338 -23.82 22.08 -25.60
CA ALA I 338 -23.10 20.89 -26.03
C ALA I 338 -23.10 19.80 -24.94
N ILE I 339 -22.75 20.19 -23.72
CA ILE I 339 -22.80 19.27 -22.58
C ILE I 339 -24.23 18.74 -22.34
N ASP I 340 -25.20 19.62 -22.50
CA ASP I 340 -26.59 19.25 -22.37
C ASP I 340 -26.97 18.17 -23.39
N THR I 341 -26.60 18.38 -24.64
CA THR I 341 -26.83 17.38 -25.66
C THR I 341 -26.17 16.06 -25.27
N MET I 342 -24.94 16.13 -24.80
CA MET I 342 -24.21 14.93 -24.41
C MET I 342 -25.04 14.08 -23.41
N GLU I 343 -25.70 14.76 -22.48
CA GLU I 343 -26.55 14.12 -21.48
C GLU I 343 -27.89 13.69 -22.06
N GLN I 344 -28.65 14.65 -22.58
CA GLN I 344 -30.00 14.38 -23.11
C GLN I 344 -29.96 13.20 -24.11
N HIS I 345 -28.95 13.12 -24.98
CA HIS I 345 -28.88 12.00 -25.95
C HIS I 345 -27.97 10.85 -25.61
N ASP I 346 -27.47 10.83 -24.36
CA ASP I 346 -26.59 9.78 -23.86
C ASP I 346 -25.48 9.48 -24.86
N LEU I 347 -24.64 10.48 -25.11
CA LEU I 347 -23.56 10.32 -26.09
C LEU I 347 -22.48 9.35 -25.60
N ASN I 348 -22.32 9.21 -24.28
CA ASN I 348 -21.46 8.13 -23.77
C ASN I 348 -21.92 6.78 -24.32
N GLY I 349 -23.23 6.52 -24.22
CA GLY I 349 -23.84 5.33 -24.79
C GLY I 349 -23.63 5.22 -26.30
N ARG I 350 -23.83 6.33 -27.01
CA ARG I 350 -23.63 6.30 -28.46
C ARG I 350 -22.18 5.94 -28.78
N ALA I 351 -21.25 6.48 -27.98
CA ALA I 351 -19.81 6.23 -28.16
C ALA I 351 -19.49 4.75 -27.92
N ARG I 352 -20.05 4.18 -26.86
CA ARG I 352 -19.86 2.75 -26.58
C ARG I 352 -20.42 1.88 -27.71
N HIS I 353 -21.55 2.31 -28.27
CA HIS I 353 -22.19 1.59 -29.38
C HIS I 353 -21.37 1.66 -30.65
N ILE I 354 -20.86 2.86 -30.96
CA ILE I 354 -19.90 3.04 -32.05
C ILE I 354 -18.69 2.08 -31.90
N GLU I 355 -18.18 1.93 -30.68
CA GLU I 355 -17.05 1.03 -30.46
C GLU I 355 -17.39 -0.39 -30.89
N GLU I 356 -18.53 -0.89 -30.40
CA GLU I 356 -18.98 -2.29 -30.69
C GLU I 356 -19.08 -2.50 -32.18
N LEU I 357 -19.75 -1.56 -32.86
CA LEU I 357 -19.94 -1.63 -34.32
C LEU I 357 -18.62 -1.59 -35.09
N ALA I 358 -17.80 -0.56 -34.81
CA ALA I 358 -16.57 -0.32 -35.55
C ALA I 358 -15.51 -1.38 -35.26
N LEU I 359 -15.31 -1.72 -34.00
CA LEU I 359 -14.32 -2.75 -33.67
C LEU I 359 -14.75 -4.11 -34.26
N GLY I 360 -16.06 -4.35 -34.30
CA GLY I 360 -16.60 -5.55 -34.93
C GLY I 360 -16.16 -5.66 -36.38
N LYS I 361 -16.45 -4.62 -37.17
CA LYS I 361 -16.14 -4.66 -38.61
C LYS I 361 -14.61 -4.73 -38.83
N LEU I 362 -13.85 -4.00 -38.01
CA LEU I 362 -12.39 -3.98 -38.13
C LEU I 362 -11.76 -5.32 -37.81
N ARG I 363 -12.29 -6.01 -36.81
CA ARG I 363 -11.76 -7.33 -36.46
C ARG I 363 -12.10 -8.41 -37.49
N GLU I 364 -13.27 -8.26 -38.14
CA GLU I 364 -13.62 -9.06 -39.30
C GLU I 364 -12.56 -8.91 -40.38
N LEU I 365 -12.17 -7.66 -40.65
CA LEU I 365 -11.15 -7.37 -41.64
C LEU I 365 -9.81 -7.97 -41.23
N ALA I 366 -9.48 -7.92 -39.95
CA ALA I 366 -8.23 -8.50 -39.44
C ALA I 366 -8.17 -9.99 -39.71
N ALA I 367 -9.34 -10.60 -39.70
CA ALA I 367 -9.49 -12.05 -39.69
C ALA I 367 -9.27 -12.58 -41.12
N GLU I 368 -9.34 -11.70 -42.11
CA GLU I 368 -9.06 -12.00 -43.52
C GLU I 368 -7.61 -11.75 -43.90
N SER I 375 -0.17 -10.31 -43.76
CA SER I 375 -1.17 -9.36 -43.20
C SER I 375 -0.66 -7.96 -42.89
N VAL I 376 -1.53 -7.00 -43.15
CA VAL I 376 -1.20 -5.60 -43.17
C VAL I 376 -1.81 -4.87 -41.95
N VAL I 377 -2.63 -5.58 -41.17
CA VAL I 377 -3.29 -4.99 -39.99
C VAL I 377 -2.52 -5.40 -38.74
N GLY I 378 -1.71 -4.48 -38.22
CA GLY I 378 -0.88 -4.75 -37.07
C GLY I 378 -1.60 -4.74 -35.73
N ASP I 379 -2.47 -3.77 -35.53
CA ASP I 379 -3.10 -3.58 -34.23
C ASP I 379 -4.40 -2.79 -34.36
N ILE I 380 -5.42 -3.20 -33.62
CA ILE I 380 -6.69 -2.49 -33.54
C ILE I 380 -6.87 -2.11 -32.09
N ARG I 381 -7.12 -0.84 -31.84
CA ARG I 381 -7.12 -0.33 -30.48
C ARG I 381 -7.93 0.94 -30.37
N GLY I 382 -8.19 1.32 -29.12
CA GLY I 382 -9.00 2.49 -28.82
C GLY I 382 -10.24 2.15 -28.01
N ARG I 383 -11.00 3.18 -27.68
CA ARG I 383 -12.25 3.02 -26.95
C ARG I 383 -13.27 3.98 -27.47
N GLY I 384 -14.54 3.58 -27.40
CA GLY I 384 -15.65 4.44 -27.78
C GLY I 384 -15.58 4.89 -29.23
N ALA I 385 -15.67 6.21 -29.43
CA ALA I 385 -15.58 6.83 -30.74
C ALA I 385 -14.17 7.39 -31.03
N MET I 386 -13.18 6.84 -30.32
CA MET I 386 -11.76 7.15 -30.54
C MET I 386 -11.02 5.85 -30.82
N LEU I 387 -11.08 5.39 -32.06
CA LEU I 387 -10.59 4.04 -32.43
C LEU I 387 -9.56 4.17 -33.50
N ALA I 388 -8.71 3.17 -33.60
CA ALA I 388 -7.66 3.22 -34.59
C ALA I 388 -7.20 1.86 -35.07
N ILE I 389 -6.68 1.83 -36.29
CA ILE I 389 -6.06 0.64 -36.83
C ILE I 389 -4.65 1.03 -37.28
N GLU I 390 -3.65 0.38 -36.70
CA GLU I 390 -2.23 0.62 -37.05
C GLU I 390 -1.83 -0.37 -38.14
N LEU I 391 -1.41 0.19 -39.28
CA LEU I 391 -1.08 -0.61 -40.45
C LEU I 391 0.43 -0.86 -40.53
N VAL I 392 0.79 -2.10 -40.81
CA VAL I 392 2.18 -2.52 -40.91
C VAL I 392 2.48 -3.14 -42.29
N GLN I 393 3.76 -3.44 -42.50
CA GLN I 393 4.22 -4.12 -43.70
C GLN I 393 3.81 -5.61 -43.58
N PRO I 394 3.45 -6.25 -44.71
CA PRO I 394 3.00 -7.66 -44.67
C PRO I 394 3.97 -8.59 -43.94
N GLY I 395 3.44 -9.33 -42.98
CA GLY I 395 4.22 -10.32 -42.25
C GLY I 395 5.33 -9.79 -41.34
N SER I 396 5.29 -8.50 -41.00
CA SER I 396 6.16 -7.95 -39.97
C SER I 396 5.44 -6.86 -39.16
N LYS I 397 6.18 -6.23 -38.24
CA LYS I 397 5.70 -5.07 -37.47
C LYS I 397 6.19 -3.72 -38.03
N GLU I 398 6.92 -3.72 -39.14
CA GLU I 398 7.46 -2.48 -39.67
C GLU I 398 6.30 -1.56 -40.08
N PRO I 399 6.40 -0.26 -39.79
CA PRO I 399 5.34 0.69 -40.16
C PRO I 399 5.09 0.79 -41.66
N ASN I 400 3.83 1.04 -42.02
CA ASN I 400 3.39 1.14 -43.42
C ASN I 400 2.68 2.48 -43.68
N ALA I 401 3.45 3.56 -43.67
CA ALA I 401 2.90 4.88 -43.95
C ALA I 401 2.33 4.96 -45.37
N GLU I 402 2.95 4.29 -46.34
CA GLU I 402 2.50 4.36 -47.76
C GLU I 402 1.06 3.87 -47.92
N LEU I 403 0.79 2.71 -47.34
CA LEU I 403 -0.57 2.15 -47.35
C LEU I 403 -1.57 3.07 -46.66
N THR I 404 -1.13 3.66 -45.55
CA THR I 404 -1.96 4.57 -44.78
C THR I 404 -2.34 5.80 -45.58
N LYS I 405 -1.34 6.46 -46.18
CA LYS I 405 -1.59 7.65 -47.03
C LYS I 405 -2.56 7.26 -48.19
N ALA I 406 -2.31 6.09 -48.77
CA ALA I 406 -3.11 5.59 -49.88
C ALA I 406 -4.56 5.27 -49.51
N VAL I 407 -4.76 4.64 -48.35
CA VAL I 407 -6.09 4.27 -47.91
C VAL I 407 -6.91 5.51 -47.62
N ALA I 408 -6.29 6.50 -47.00
CA ALA I 408 -6.97 7.76 -46.73
C ALA I 408 -7.42 8.42 -48.05
N ALA I 409 -6.54 8.40 -49.06
CA ALA I 409 -6.83 8.98 -50.40
C ALA I 409 -7.96 8.21 -51.06
N ALA I 410 -7.89 6.88 -51.01
CA ALA I 410 -8.91 6.00 -51.61
C ALA I 410 -10.28 6.27 -50.99
N CYS I 411 -10.31 6.41 -49.67
CA CYS I 411 -11.56 6.74 -48.97
C CYS I 411 -12.12 8.08 -49.40
N LEU I 412 -11.23 9.07 -49.53
CA LEU I 412 -11.66 10.41 -49.92
C LEU I 412 -12.31 10.33 -51.30
N LYS I 413 -11.68 9.57 -52.20
CA LYS I 413 -12.18 9.39 -53.57
C LYS I 413 -13.63 8.87 -53.60
N GLU I 414 -13.95 7.95 -52.69
CA GLU I 414 -15.32 7.39 -52.58
C GLU I 414 -16.29 8.24 -51.76
N GLY I 415 -15.85 9.38 -51.25
CA GLY I 415 -16.74 10.25 -50.47
C GLY I 415 -16.71 10.01 -48.97
N VAL I 416 -15.59 9.51 -48.45
CA VAL I 416 -15.39 9.35 -46.99
C VAL I 416 -14.16 10.11 -46.54
N ILE I 417 -14.36 11.15 -45.72
CA ILE I 417 -13.25 11.91 -45.16
C ILE I 417 -12.78 11.21 -43.90
N ILE I 418 -11.58 10.63 -43.94
CA ILE I 418 -10.99 9.92 -42.79
C ILE I 418 -9.60 10.49 -42.45
N LEU I 419 -9.26 10.55 -41.17
CA LEU I 419 -7.97 11.12 -40.74
C LEU I 419 -6.95 10.04 -40.43
N THR I 420 -5.67 10.42 -40.55
CA THR I 420 -4.54 9.55 -40.17
C THR I 420 -3.75 10.22 -39.03
N CYS I 421 -2.81 9.47 -38.45
CA CYS I 421 -1.96 9.98 -37.39
C CYS I 421 -0.85 9.01 -37.10
N GLY I 422 -0.11 9.25 -36.02
CA GLY I 422 0.92 8.32 -35.55
C GLY I 422 2.34 8.86 -35.64
N THR I 423 3.15 8.49 -34.66
CA THR I 423 4.58 8.75 -34.68
C THR I 423 5.14 8.32 -36.03
N TYR I 424 4.71 7.16 -36.51
CA TYR I 424 5.31 6.60 -37.74
C TYR I 424 4.41 6.78 -38.95
N GLY I 425 3.42 7.65 -38.82
CA GLY I 425 2.51 7.98 -39.92
C GLY I 425 1.66 6.84 -40.47
N ASN I 426 1.47 5.80 -39.66
CA ASN I 426 0.91 4.55 -40.13
C ASN I 426 -0.33 4.13 -39.34
N VAL I 427 -1.09 5.10 -38.82
CA VAL I 427 -2.31 4.78 -38.07
C VAL I 427 -3.51 5.49 -38.69
N ILE I 428 -4.52 4.69 -39.08
CA ILE I 428 -5.81 5.26 -39.48
C ILE I 428 -6.65 5.38 -38.25
N ARG I 429 -7.24 6.55 -38.07
CA ARG I 429 -8.05 6.81 -36.88
C ARG I 429 -9.48 7.14 -37.24
N LEU I 430 -10.40 6.60 -36.44
CA LEU I 430 -11.81 6.89 -36.57
C LEU I 430 -12.21 7.85 -35.45
N LEU I 431 -12.60 9.04 -35.84
CA LEU I 431 -13.13 10.05 -34.93
C LEU I 431 -14.44 10.61 -35.44
N PRO I 432 -15.44 9.73 -35.61
CA PRO I 432 -16.71 10.20 -36.11
C PRO I 432 -17.42 11.03 -35.08
N PRO I 433 -18.33 11.90 -35.50
CA PRO I 433 -19.17 12.56 -34.51
C PRO I 433 -20.05 11.52 -33.81
N LEU I 434 -20.32 11.72 -32.53
CA LEU I 434 -21.05 10.73 -31.73
C LEU I 434 -22.52 10.61 -32.16
N VAL I 435 -23.05 11.67 -32.76
CA VAL I 435 -24.40 11.64 -33.31
C VAL I 435 -24.53 10.94 -34.68
N ILE I 436 -23.46 10.35 -35.20
CA ILE I 436 -23.53 9.63 -36.48
C ILE I 436 -24.50 8.45 -36.40
N SER I 437 -25.24 8.21 -37.49
CA SER I 437 -26.13 7.06 -37.56
C SER I 437 -25.36 5.77 -37.85
N ASP I 438 -25.90 4.65 -37.38
CA ASP I 438 -25.33 3.34 -37.70
C ASP I 438 -25.19 3.12 -39.24
N GLU I 439 -26.19 3.56 -39.99
CA GLU I 439 -26.23 3.41 -41.44
C GLU I 439 -24.98 4.05 -42.06
N LEU I 440 -24.77 5.34 -41.76
CA LEU I 440 -23.62 6.09 -42.27
C LEU I 440 -22.26 5.51 -41.78
N LEU I 441 -22.17 5.18 -40.49
CA LEU I 441 -20.94 4.64 -39.94
C LEU I 441 -20.58 3.35 -40.67
N ILE I 442 -21.57 2.46 -40.83
CA ILE I 442 -21.33 1.17 -41.51
C ILE I 442 -20.89 1.40 -42.96
N ASP I 443 -21.52 2.38 -43.61
CA ASP I 443 -21.16 2.73 -44.99
C ASP I 443 -19.69 3.12 -45.03
N GLY I 444 -19.33 4.06 -44.15
CA GLY I 444 -17.94 4.51 -44.04
C GLY I 444 -16.97 3.36 -43.78
N LEU I 445 -17.32 2.48 -42.84
CA LEU I 445 -16.46 1.36 -42.49
C LEU I 445 -16.31 0.39 -43.64
N GLU I 446 -17.35 0.26 -44.45
CA GLU I 446 -17.29 -0.62 -45.62
C GLU I 446 -16.30 -0.05 -46.61
N VAL I 447 -16.39 1.27 -46.86
CA VAL I 447 -15.46 1.93 -47.76
C VAL I 447 -14.02 1.78 -47.29
N LEU I 448 -13.84 1.93 -45.98
CA LEU I 448 -12.52 1.79 -45.38
C LEU I 448 -11.97 0.39 -45.61
N ALA I 449 -12.77 -0.61 -45.27
CA ALA I 449 -12.35 -2.01 -45.43
C ALA I 449 -12.03 -2.32 -46.89
N ALA I 450 -12.85 -1.83 -47.81
CA ALA I 450 -12.59 -2.01 -49.25
C ALA I 450 -11.26 -1.39 -49.65
N ALA I 451 -11.00 -0.19 -49.14
CA ALA I 451 -9.77 0.56 -49.45
C ALA I 451 -8.52 -0.18 -49.01
N ILE I 452 -8.55 -0.69 -47.79
CA ILE I 452 -7.39 -1.44 -47.27
C ILE I 452 -7.12 -2.67 -48.12
N LYS I 453 -8.18 -3.45 -48.41
CA LYS I 453 -8.07 -4.63 -49.28
C LYS I 453 -7.54 -4.23 -50.65
N ALA I 454 -8.09 -3.16 -51.23
CA ALA I 454 -7.63 -2.71 -52.54
C ALA I 454 -6.12 -2.41 -52.63
N HIS I 455 -5.52 -1.89 -51.53
CA HIS I 455 -4.07 -1.47 -51.52
C HIS I 455 -3.04 -2.27 -50.67
N ALA I 456 -3.50 -3.21 -49.87
CA ALA I 456 -2.56 -4.06 -49.16
C ALA I 456 -1.66 -4.78 -50.18
N TYR J 10 60.28 1.93 -8.97
CA TYR J 10 59.46 2.82 -8.07
C TYR J 10 60.21 3.58 -6.97
N ARG J 11 59.56 4.63 -6.44
CA ARG J 11 60.15 5.51 -5.42
C ARG J 11 59.87 5.02 -3.99
N ILE J 12 58.64 4.59 -3.71
CA ILE J 12 58.28 4.13 -2.37
C ILE J 12 57.91 2.65 -2.41
N GLU J 13 58.03 2.01 -1.26
CA GLU J 13 57.88 0.58 -1.16
C GLU J 13 56.48 0.18 -1.69
N GLN J 14 56.45 -0.76 -2.62
CA GLN J 14 55.22 -1.18 -3.25
C GLN J 14 54.61 -2.39 -2.55
N LYS J 15 54.27 -2.22 -1.27
CA LYS J 15 53.61 -3.29 -0.47
C LYS J 15 52.46 -2.69 0.37
N ARG J 16 51.35 -3.42 0.43
CA ARG J 16 50.21 -3.03 1.26
C ARG J 16 50.61 -3.17 2.73
N ASN J 17 50.46 -2.10 3.51
CA ASN J 17 50.92 -2.07 4.88
C ASN J 17 50.10 -1.13 5.78
N ILE J 18 49.21 -1.70 6.59
CA ILE J 18 48.38 -0.94 7.53
C ILE J 18 48.82 -1.20 8.98
N ASN J 19 49.45 -0.20 9.61
CA ASN J 19 49.85 -0.27 11.04
C ASN J 19 48.71 0.21 11.95
N GLY J 20 47.97 -0.72 12.53
CA GLY J 20 46.86 -0.36 13.42
C GLY J 20 45.72 0.44 12.78
N ALA J 21 44.95 1.11 13.64
CA ALA J 21 43.71 1.76 13.22
C ALA J 21 43.97 3.05 12.46
N PHE J 22 43.05 3.35 11.54
CA PHE J 22 43.06 4.63 10.82
C PHE J 22 41.63 5.15 10.67
N PRO J 23 41.46 6.45 10.50
CA PRO J 23 42.50 7.46 10.39
C PRO J 23 43.38 7.59 11.63
N GLY J 24 44.69 7.71 11.41
CA GLY J 24 45.64 7.95 12.49
C GLY J 24 45.60 9.39 12.98
N PRO J 25 46.49 9.72 13.93
CA PRO J 25 46.45 11.04 14.58
C PRO J 25 46.63 12.20 13.63
N LYS J 26 47.57 12.09 12.69
CA LYS J 26 47.84 13.22 11.77
C LYS J 26 46.73 13.42 10.74
N SER J 27 46.11 12.31 10.30
CA SER J 27 44.90 12.37 9.47
C SER J 27 43.72 13.01 10.22
N GLN J 28 43.48 12.56 11.45
CA GLN J 28 42.44 13.14 12.29
C GLN J 28 42.62 14.63 12.48
N ALA J 29 43.88 15.05 12.67
CA ALA J 29 44.19 16.47 12.91
C ALA J 29 43.82 17.30 11.68
N LEU J 30 44.04 16.73 10.50
CA LEU J 30 43.65 17.37 9.26
C LEU J 30 42.11 17.40 9.09
N ALA J 31 41.45 16.27 9.35
CA ALA J 31 39.97 16.23 9.31
C ALA J 31 39.35 17.31 10.24
N GLU J 32 39.93 17.48 11.42
CA GLU J 32 39.45 18.51 12.36
C GLU J 32 39.65 19.92 11.76
N ARG J 33 40.79 20.16 11.11
CA ARG J 33 41.03 21.46 10.45
C ARG J 33 40.09 21.68 9.28
N ARG J 34 39.91 20.61 8.50
CA ARG J 34 39.08 20.63 7.33
C ARG J 34 37.68 21.13 7.64
N SER J 35 37.07 20.57 8.67
CA SER J 35 35.66 20.86 8.94
C SER J 35 35.41 22.31 9.33
N ALA J 36 36.45 23.05 9.69
CA ALA J 36 36.31 24.48 9.98
C ALA J 36 36.28 25.36 8.74
N VAL J 37 36.64 24.81 7.59
CA VAL J 37 36.98 25.63 6.41
C VAL J 37 36.53 25.16 5.01
N VAL J 38 36.33 23.85 4.84
CA VAL J 38 35.87 23.29 3.58
C VAL J 38 34.38 22.99 3.65
N ALA J 39 33.64 23.34 2.61
CA ALA J 39 32.17 23.14 2.58
C ALA J 39 31.83 21.68 2.96
N ALA J 40 30.82 21.52 3.82
CA ALA J 40 30.46 20.19 4.38
C ALA J 40 30.05 19.20 3.30
N GLY J 41 29.53 19.68 2.17
CA GLY J 41 29.14 18.80 1.07
C GLY J 41 30.30 18.17 0.32
N VAL J 42 31.48 18.78 0.40
CA VAL J 42 32.63 18.25 -0.24
C VAL J 42 33.20 17.13 0.62
N ALA J 43 32.84 15.90 0.27
CA ALA J 43 33.22 14.70 1.01
C ALA J 43 34.33 13.95 0.30
N SER J 44 35.06 13.13 1.04
CA SER J 44 36.08 12.29 0.46
C SER J 44 35.75 10.84 0.71
N GLY J 45 36.02 9.99 -0.27
CA GLY J 45 35.71 8.56 -0.15
C GLY J 45 36.58 7.86 0.89
N VAL J 46 37.71 8.49 1.19
CA VAL J 46 38.77 7.91 1.98
C VAL J 46 39.10 8.85 3.14
N PRO J 47 39.17 8.31 4.38
CA PRO J 47 39.33 9.15 5.56
C PRO J 47 40.77 9.48 5.93
N VAL J 48 41.75 8.94 5.18
CA VAL J 48 43.17 9.20 5.43
C VAL J 48 43.71 10.24 4.42
N TYR J 49 44.74 11.00 4.81
CA TYR J 49 45.27 12.07 4.00
C TYR J 49 46.62 11.64 3.38
N VAL J 50 46.80 11.85 2.05
CA VAL J 50 48.03 11.42 1.35
C VAL J 50 49.22 12.25 1.76
N GLU J 51 50.39 11.60 1.86
CA GLU J 51 51.70 12.31 1.95
C GLU J 51 52.48 12.07 0.66
N ASP J 52 52.44 10.83 0.18
CA ASP J 52 53.14 10.43 -1.05
C ASP J 52 52.26 9.43 -1.82
N ALA J 53 52.23 9.55 -3.15
CA ALA J 53 51.52 8.60 -4.01
C ALA J 53 52.43 8.21 -5.15
N ASP J 54 52.62 6.91 -5.35
CA ASP J 54 53.60 6.42 -6.30
C ASP J 54 53.33 4.96 -6.63
N GLY J 55 53.59 4.57 -7.87
CA GLY J 55 53.25 3.23 -8.33
C GLY J 55 51.79 2.89 -8.08
N GLY J 56 51.58 1.84 -7.32
CA GLY J 56 50.25 1.42 -6.93
C GLY J 56 49.92 1.68 -5.45
N ILE J 57 50.62 2.62 -4.84
CA ILE J 57 50.50 2.86 -3.41
C ILE J 57 50.14 4.32 -3.09
N ILE J 58 49.20 4.48 -2.16
CA ILE J 58 48.91 5.76 -1.54
C ILE J 58 49.39 5.62 -0.11
N ARG J 59 50.36 6.43 0.28
CA ARG J 59 50.88 6.41 1.63
C ARG J 59 50.38 7.62 2.39
N ASP J 60 49.71 7.37 3.52
CA ASP J 60 49.10 8.46 4.28
C ASP J 60 50.07 9.09 5.27
N VAL J 61 49.63 10.18 5.90
CA VAL J 61 50.51 11.00 6.73
C VAL J 61 50.92 10.26 8.02
N ASP J 62 50.25 9.15 8.31
CA ASP J 62 50.56 8.36 9.50
C ASP J 62 51.35 7.11 9.10
N GLY J 63 51.90 7.12 7.89
CA GLY J 63 52.72 6.02 7.44
C GLY J 63 52.05 4.72 7.03
N ASN J 64 50.73 4.73 6.84
CA ASN J 64 50.05 3.56 6.26
C ASN J 64 50.11 3.55 4.72
N SER J 65 50.26 2.35 4.14
CA SER J 65 50.35 2.20 2.68
C SER J 65 49.18 1.40 2.09
N PHE J 66 48.31 2.10 1.36
CA PHE J 66 47.14 1.48 0.74
C PHE J 66 47.43 1.16 -0.70
N ILE J 67 46.81 0.10 -1.20
CA ILE J 67 46.86 -0.17 -2.63
C ILE J 67 45.88 0.78 -3.34
N ASP J 68 46.34 1.40 -4.42
CA ASP J 68 45.55 2.37 -5.14
C ASP J 68 44.93 1.71 -6.36
N LEU J 69 43.62 1.41 -6.29
CA LEU J 69 42.90 0.82 -7.42
C LEU J 69 41.95 1.84 -8.09
N GLY J 70 42.19 3.13 -7.85
CA GLY J 70 41.34 4.20 -8.44
C GLY J 70 42.07 5.21 -9.32
N SER J 71 43.38 5.27 -9.15
CA SER J 71 44.24 6.24 -9.83
C SER J 71 43.65 7.62 -9.93
N GLY J 72 43.00 8.06 -8.85
CA GLY J 72 42.43 9.41 -8.79
C GLY J 72 41.28 9.63 -9.76
N ILE J 73 40.45 8.60 -9.92
CA ILE J 73 39.41 8.49 -10.98
C ILE J 73 40.05 8.52 -12.35
N ALA J 74 40.90 7.52 -12.62
CA ALA J 74 41.48 7.30 -13.94
C ALA J 74 42.42 8.42 -14.42
N VAL J 75 42.99 9.19 -13.48
CA VAL J 75 43.86 10.31 -13.82
C VAL J 75 45.37 9.91 -13.86
N THR J 76 45.88 9.34 -12.77
CA THR J 76 47.30 9.05 -12.66
C THR J 76 47.60 7.68 -13.29
N SER J 77 47.34 7.57 -14.58
CA SER J 77 47.58 6.28 -15.30
C SER J 77 49.06 5.89 -15.33
N VAL J 78 49.91 6.91 -15.54
CA VAL J 78 51.37 6.74 -15.49
C VAL J 78 51.93 6.69 -14.08
N GLY J 79 51.05 6.84 -13.09
CA GLY J 79 51.47 6.88 -11.69
C GLY J 79 51.42 8.31 -11.16
N ALA J 80 51.16 8.40 -9.86
CA ALA J 80 50.95 9.68 -9.21
C ALA J 80 52.22 10.51 -9.05
N SER J 81 53.39 9.89 -9.24
CA SER J 81 54.65 10.65 -9.28
C SER J 81 55.65 10.00 -10.23
N ASP J 82 55.27 9.89 -11.49
CA ASP J 82 56.18 9.43 -12.53
C ASP J 82 57.38 10.36 -12.65
N PRO J 83 58.60 9.82 -12.45
CA PRO J 83 59.83 10.62 -12.49
C PRO J 83 59.89 11.59 -13.67
N ALA J 84 59.50 11.13 -14.87
CA ALA J 84 59.56 12.00 -16.07
C ALA J 84 58.63 13.18 -15.88
N VAL J 85 57.40 12.90 -15.46
CA VAL J 85 56.39 13.93 -15.25
C VAL J 85 56.94 14.91 -14.20
N VAL J 86 57.44 14.37 -13.10
CA VAL J 86 57.93 15.21 -11.99
C VAL J 86 59.06 16.13 -12.45
N ALA J 87 60.03 15.53 -13.14
CA ALA J 87 61.16 16.28 -13.69
C ALA J 87 60.69 17.41 -14.65
N ALA J 88 59.74 17.07 -15.54
CA ALA J 88 59.24 18.01 -16.57
C ALA J 88 58.51 19.18 -15.95
N VAL J 89 57.70 18.88 -14.94
CA VAL J 89 56.97 19.89 -14.17
C VAL J 89 57.97 20.83 -13.45
N GLN J 90 58.98 20.24 -12.81
CA GLN J 90 60.01 20.99 -12.07
C GLN J 90 60.79 21.92 -12.98
N GLU J 91 61.20 21.40 -14.15
CA GLU J 91 61.97 22.19 -15.14
C GLU J 91 61.14 23.34 -15.69
N ALA J 92 59.91 23.04 -16.11
CA ALA J 92 59.04 24.01 -16.77
C ALA J 92 58.62 25.16 -15.86
N ALA J 93 58.33 24.84 -14.61
CA ALA J 93 57.90 25.85 -13.64
C ALA J 93 59.00 26.91 -13.37
N ALA J 94 60.26 26.51 -13.48
CA ALA J 94 61.40 27.42 -13.25
C ALA J 94 61.51 28.52 -14.32
N HIS J 95 60.94 28.28 -15.50
CA HIS J 95 61.02 29.23 -16.61
C HIS J 95 59.92 30.23 -16.62
N PHE J 96 58.69 29.73 -16.46
CA PHE J 96 57.49 30.56 -16.32
C PHE J 96 56.31 29.63 -16.00
N THR J 97 55.44 30.08 -15.09
CA THR J 97 54.28 29.31 -14.66
C THR J 97 53.10 29.48 -15.61
N HIS J 98 53.01 30.66 -16.24
CA HIS J 98 51.84 31.05 -17.02
C HIS J 98 52.09 32.34 -17.74
N THR J 99 51.72 32.39 -19.02
CA THR J 99 51.67 33.67 -19.77
C THR J 99 50.34 33.86 -20.50
N CYS J 100 49.47 32.84 -20.45
CA CYS J 100 48.21 32.79 -21.24
C CYS J 100 48.44 32.69 -22.75
N PHE J 101 48.21 31.50 -23.29
CA PHE J 101 48.50 31.23 -24.69
C PHE J 101 47.87 32.23 -25.65
N MET J 102 46.66 32.68 -25.34
CA MET J 102 46.00 33.71 -26.18
C MET J 102 46.73 35.05 -26.17
N VAL J 103 47.59 35.29 -25.20
CA VAL J 103 48.39 36.51 -25.17
C VAL J 103 49.80 36.27 -25.71
N THR J 104 50.62 35.54 -24.94
CA THR J 104 51.97 35.18 -25.36
C THR J 104 52.10 33.69 -25.44
N PRO J 105 52.27 33.16 -26.66
CA PRO J 105 52.26 31.71 -26.82
C PRO J 105 53.58 31.10 -26.45
N TYR J 106 53.65 29.77 -26.50
CA TYR J 106 54.79 29.02 -26.04
C TYR J 106 54.81 27.60 -26.59
N GLU J 107 56.00 27.02 -26.64
CA GLU J 107 56.22 25.75 -27.33
C GLU J 107 55.40 24.61 -26.75
N GLY J 108 55.29 24.55 -25.42
CA GLY J 108 54.63 23.44 -24.76
C GLY J 108 53.21 23.16 -25.25
N TYR J 109 52.47 24.23 -25.50
CA TYR J 109 51.11 24.15 -26.00
C TYR J 109 51.18 23.52 -27.36
N VAL J 110 51.95 24.12 -28.26
CA VAL J 110 52.10 23.59 -29.63
C VAL J 110 52.50 22.11 -29.61
N ALA J 111 53.47 21.77 -28.75
CA ALA J 111 54.02 20.42 -28.71
C ALA J 111 52.98 19.40 -28.26
N VAL J 112 52.18 19.73 -27.24
CA VAL J 112 51.12 18.82 -26.74
C VAL J 112 50.10 18.61 -27.86
N THR J 113 49.76 19.71 -28.49
CA THR J 113 48.95 19.77 -29.68
C THR J 113 49.42 18.82 -30.80
N GLU J 114 50.74 18.75 -31.01
CA GLU J 114 51.30 17.88 -32.04
C GLU J 114 51.09 16.43 -31.68
N GLN J 115 51.31 16.10 -30.42
CA GLN J 115 51.17 14.73 -29.97
C GLN J 115 49.73 14.25 -30.08
N LEU J 116 48.78 15.11 -29.72
CA LEU J 116 47.37 14.72 -29.76
C LEU J 116 46.89 14.53 -31.19
N ASN J 117 47.35 15.39 -32.10
CA ASN J 117 47.10 15.20 -33.53
C ASN J 117 47.59 13.82 -34.02
N ARG J 118 48.80 13.46 -33.59
CA ARG J 118 49.43 12.22 -33.96
C ARG J 118 48.72 10.99 -33.38
N LEU J 119 48.36 11.04 -32.10
CA LEU J 119 47.87 9.85 -31.38
C LEU J 119 46.38 9.55 -31.50
N THR J 120 45.59 10.55 -31.89
CA THR J 120 44.16 10.40 -31.98
C THR J 120 43.79 9.66 -33.26
N PRO J 121 42.61 9.04 -33.31
CA PRO J 121 42.25 8.26 -34.51
C PRO J 121 42.05 9.09 -35.77
N GLY J 122 42.22 8.43 -36.90
CA GLY J 122 42.04 9.03 -38.22
C GLY J 122 43.28 9.72 -38.77
N ASP J 123 43.37 9.75 -40.10
CA ASP J 123 44.50 10.37 -40.83
C ASP J 123 44.10 11.69 -41.49
N HIS J 124 42.85 12.10 -41.33
CA HIS J 124 42.39 13.37 -41.86
C HIS J 124 43.00 14.56 -41.13
N ALA J 125 42.80 15.75 -41.68
CA ALA J 125 43.33 16.98 -41.07
C ALA J 125 42.67 17.21 -39.72
N LYS J 126 43.46 17.37 -38.68
CA LYS J 126 42.93 17.58 -37.34
C LYS J 126 43.53 18.83 -36.71
N ARG J 127 42.81 19.44 -35.77
CA ARG J 127 43.35 20.55 -34.97
C ARG J 127 42.95 20.38 -33.51
N THR J 128 43.63 21.10 -32.63
CA THR J 128 43.43 20.94 -31.19
C THR J 128 43.38 22.29 -30.48
N VAL J 129 42.57 22.37 -29.42
CA VAL J 129 42.60 23.51 -28.50
C VAL J 129 42.67 22.89 -27.12
N LEU J 130 43.31 23.62 -26.21
CA LEU J 130 43.55 23.13 -24.86
C LEU J 130 42.83 23.96 -23.80
N PHE J 131 42.36 23.27 -22.76
CA PHE J 131 41.70 23.92 -21.62
C PHE J 131 42.20 23.28 -20.34
N ASN J 132 41.45 23.43 -19.25
CA ASN J 132 41.87 22.90 -17.98
C ASN J 132 41.11 21.61 -17.60
N SER J 133 39.77 21.65 -17.60
CA SER J 133 38.96 20.50 -17.10
C SER J 133 38.25 19.74 -18.20
N GLY J 134 37.86 18.51 -17.86
CA GLY J 134 37.04 17.70 -18.75
C GLY J 134 35.76 18.40 -19.11
N ALA J 135 35.11 18.98 -18.12
CA ALA J 135 33.91 19.76 -18.39
C ALA J 135 34.17 20.86 -19.43
N GLU J 136 35.27 21.57 -19.28
CA GLU J 136 35.57 22.64 -20.23
C GLU J 136 35.77 22.04 -21.64
N ALA J 137 36.42 20.88 -21.69
CA ALA J 137 36.62 20.18 -22.94
C ALA J 137 35.26 19.91 -23.63
N VAL J 138 34.35 19.30 -22.89
CA VAL J 138 33.06 18.96 -23.44
C VAL J 138 32.30 20.22 -23.86
N GLU J 139 32.31 21.23 -23.00
CA GLU J 139 31.68 22.52 -23.33
C GLU J 139 32.16 23.04 -24.67
N ASN J 140 33.48 22.95 -24.90
CA ASN J 140 34.06 23.49 -26.11
C ASN J 140 33.75 22.64 -27.33
N ALA J 141 33.71 21.31 -27.17
CA ALA J 141 33.32 20.42 -28.28
C ALA J 141 31.90 20.78 -28.75
N VAL J 142 31.01 21.04 -27.79
CA VAL J 142 29.64 21.44 -28.13
C VAL J 142 29.59 22.82 -28.79
N LYS J 143 30.36 23.78 -28.27
CA LYS J 143 30.47 25.10 -28.91
C LYS J 143 30.87 24.99 -30.37
N VAL J 144 31.84 24.13 -30.66
CA VAL J 144 32.31 23.98 -32.01
C VAL J 144 31.25 23.35 -32.89
N ALA J 145 30.64 22.28 -32.41
CA ALA J 145 29.62 21.61 -33.19
C ALA J 145 28.50 22.58 -33.52
N ARG J 146 28.08 23.35 -32.53
CA ARG J 146 26.95 24.24 -32.74
C ARG J 146 27.27 25.34 -33.73
N LEU J 147 28.42 25.98 -33.58
CA LEU J 147 28.82 27.01 -34.51
C LEU J 147 29.07 26.43 -35.92
N ALA J 148 29.80 25.32 -36.02
CA ALA J 148 30.19 24.79 -37.35
C ALA J 148 28.98 24.30 -38.13
N THR J 149 28.02 23.66 -37.46
CA THR J 149 26.86 23.10 -38.15
C THR J 149 25.74 24.10 -38.33
N GLY J 150 25.75 25.17 -37.54
CA GLY J 150 24.62 26.08 -37.48
C GLY J 150 23.38 25.52 -36.80
N ARG J 151 23.50 24.41 -36.08
CA ARG J 151 22.34 23.78 -35.44
C ARG J 151 22.44 23.86 -33.91
N ASP J 152 21.32 23.55 -33.26
CA ASP J 152 21.14 23.74 -31.79
C ASP J 152 21.23 22.43 -30.99
N ALA J 153 20.47 21.44 -31.42
CA ALA J 153 20.26 20.25 -30.62
C ALA J 153 21.53 19.46 -30.39
N VAL J 154 21.71 18.95 -29.18
CA VAL J 154 22.80 18.00 -28.89
C VAL J 154 22.20 16.74 -28.27
N VAL J 155 22.53 15.54 -28.76
CA VAL J 155 21.99 14.37 -28.12
C VAL J 155 23.05 13.73 -27.21
N ALA J 156 22.62 13.40 -25.99
CA ALA J 156 23.42 12.61 -25.05
C ALA J 156 22.60 11.39 -24.67
N PHE J 157 23.21 10.49 -23.88
CA PHE J 157 22.60 9.19 -23.65
C PHE J 157 22.25 8.90 -22.21
N ASP J 158 21.35 7.94 -22.01
CA ASP J 158 21.12 7.40 -20.68
C ASP J 158 22.46 6.93 -20.13
N HIS J 159 22.63 7.09 -18.82
CA HIS J 159 23.85 6.73 -18.11
C HIS J 159 25.06 7.56 -18.45
N ALA J 160 24.88 8.63 -19.22
CA ALA J 160 26.00 9.49 -19.54
C ALA J 160 26.41 10.32 -18.33
N TYR J 161 27.69 10.65 -18.32
CA TYR J 161 28.24 11.65 -17.40
C TYR J 161 29.25 12.50 -18.17
N HIS J 162 29.06 13.81 -18.16
CA HIS J 162 29.96 14.70 -18.90
C HIS J 162 30.41 15.94 -18.14
N GLY J 163 30.01 16.09 -16.87
CA GLY J 163 30.57 17.16 -16.05
C GLY J 163 29.60 17.97 -15.22
N ARG J 164 30.13 18.99 -14.56
CA ARG J 164 29.43 19.69 -13.48
C ARG J 164 29.17 21.14 -13.75
N THR J 165 29.49 21.61 -14.95
CA THR J 165 29.02 22.93 -15.37
C THR J 165 27.53 22.80 -15.78
N ASN J 166 26.85 23.91 -15.99
CA ASN J 166 25.43 23.87 -16.28
C ASN J 166 25.10 23.00 -17.50
N LEU J 167 25.80 23.24 -18.61
CA LEU J 167 25.59 22.45 -19.83
C LEU J 167 26.03 21.00 -19.63
N THR J 168 27.18 20.77 -18.97
CA THR J 168 27.66 19.40 -18.80
C THR J 168 26.78 18.63 -17.80
N MET J 169 26.18 19.35 -16.87
CA MET J 169 25.13 18.78 -16.01
C MET J 169 23.93 18.40 -16.88
N ALA J 170 23.54 19.31 -17.76
CA ALA J 170 22.46 19.05 -18.67
C ALA J 170 22.73 17.75 -19.42
N LEU J 171 23.94 17.61 -19.94
CA LEU J 171 24.31 16.44 -20.73
C LEU J 171 24.36 15.20 -19.86
N THR J 172 24.67 15.38 -18.59
CA THR J 172 24.76 14.28 -17.65
C THR J 172 23.38 13.72 -17.32
N ALA J 173 23.28 12.40 -17.19
CA ALA J 173 21.99 11.75 -16.99
C ALA J 173 21.57 11.75 -15.53
N LYS J 174 22.45 11.29 -14.65
CA LYS J 174 22.05 11.02 -13.28
C LYS J 174 21.92 12.32 -12.50
N ALA J 175 20.80 12.48 -11.80
CA ALA J 175 20.55 13.70 -11.03
C ALA J 175 21.28 13.78 -9.67
N MET J 176 21.43 12.66 -8.96
CA MET J 176 22.08 12.66 -7.63
C MET J 176 23.51 12.12 -7.68
N PRO J 177 24.49 12.95 -7.28
CA PRO J 177 24.44 14.32 -6.74
C PRO J 177 24.70 15.45 -7.75
N TYR J 178 24.81 15.10 -9.03
CA TYR J 178 25.40 16.01 -10.01
C TYR J 178 24.49 17.15 -10.40
N LYS J 179 23.17 16.96 -10.31
CA LYS J 179 22.20 17.95 -10.85
C LYS J 179 21.18 18.52 -9.87
N THR J 180 20.78 17.74 -8.87
CA THR J 180 19.67 18.14 -8.00
C THR J 180 19.78 19.58 -7.53
N ASN J 181 18.73 20.35 -7.77
CA ASN J 181 18.62 21.77 -7.37
C ASN J 181 19.59 22.75 -8.01
N PHE J 182 20.36 22.29 -9.00
CA PHE J 182 21.33 23.18 -9.67
C PHE J 182 20.85 23.82 -10.97
N GLY J 183 19.68 23.45 -11.43
CA GLY J 183 19.14 23.97 -12.67
C GLY J 183 18.58 25.36 -12.51
N PRO J 184 17.87 25.87 -13.51
CA PRO J 184 17.45 25.21 -14.77
C PRO J 184 18.62 25.00 -15.70
N PHE J 185 18.56 23.95 -16.50
CA PHE J 185 19.71 23.51 -17.28
C PHE J 185 19.68 24.00 -18.71
N ALA J 186 20.86 24.04 -19.32
CA ALA J 186 21.04 24.57 -20.68
C ALA J 186 20.06 23.91 -21.61
N PRO J 187 19.44 24.71 -22.46
CA PRO J 187 18.48 24.15 -23.38
C PRO J 187 19.01 23.37 -24.62
N GLU J 188 18.07 22.65 -25.25
CA GLU J 188 18.26 21.89 -26.49
C GLU J 188 19.22 20.72 -26.34
N VAL J 189 19.09 20.02 -25.22
CA VAL J 189 19.78 18.77 -25.00
C VAL J 189 18.71 17.69 -24.94
N TYR J 190 18.91 16.62 -25.69
CA TYR J 190 17.97 15.54 -25.76
C TYR J 190 18.66 14.25 -25.35
N ARG J 191 17.93 13.38 -24.68
CA ARG J 191 18.50 12.14 -24.17
C ARG J 191 17.96 10.94 -24.91
N MET J 192 18.85 10.01 -25.25
CA MET J 192 18.48 8.83 -26.05
C MET J 192 18.93 7.55 -25.38
N PRO J 193 18.33 6.41 -25.76
CA PRO J 193 18.65 5.14 -25.10
C PRO J 193 20.00 4.59 -25.46
N MET J 194 20.66 4.03 -24.46
CA MET J 194 22.02 3.54 -24.56
C MET J 194 21.97 2.06 -24.90
N SER J 195 23.07 1.54 -25.42
CA SER J 195 23.23 0.10 -25.54
C SER J 195 23.87 -0.36 -24.25
N TYR J 196 23.08 -1.03 -23.41
CA TYR J 196 23.50 -1.49 -22.09
C TYR J 196 23.10 -2.96 -21.97
N PRO J 197 23.93 -3.85 -22.50
CA PRO J 197 23.53 -5.24 -22.72
C PRO J 197 22.90 -5.91 -21.52
N PHE J 198 23.52 -5.73 -20.36
CA PHE J 198 23.09 -6.45 -19.18
C PHE J 198 21.66 -6.11 -18.77
N ARG J 199 21.18 -4.95 -19.16
CA ARG J 199 19.84 -4.51 -18.73
C ARG J 199 18.86 -4.24 -19.87
N GLU J 200 19.20 -4.65 -21.08
CA GLU J 200 18.27 -4.56 -22.20
C GLU J 200 17.04 -5.41 -21.91
N GLU J 201 15.88 -4.83 -22.15
CA GLU J 201 14.63 -5.56 -21.93
C GLU J 201 14.57 -6.77 -22.83
N ASN J 202 15.15 -6.67 -24.03
CA ASN J 202 15.32 -7.80 -24.93
C ASN J 202 16.77 -8.18 -24.98
N PRO J 203 17.17 -9.21 -24.21
CA PRO J 203 18.59 -9.52 -24.06
C PRO J 203 19.27 -9.88 -25.36
N GLU J 204 18.50 -10.35 -26.35
CA GLU J 204 19.04 -10.76 -27.64
C GLU J 204 19.34 -9.56 -28.58
N ILE J 205 19.01 -8.33 -28.17
CA ILE J 205 19.21 -7.14 -29.02
C ILE J 205 20.69 -6.96 -29.44
N THR J 206 20.87 -6.50 -30.66
CA THR J 206 22.16 -6.34 -31.30
C THR J 206 22.62 -4.91 -31.21
N GLY J 207 23.92 -4.69 -31.29
CA GLY J 207 24.46 -3.31 -31.30
C GLY J 207 23.87 -2.48 -32.41
N ALA J 208 23.89 -3.04 -33.60
CA ALA J 208 23.22 -2.42 -34.74
C ALA J 208 21.76 -2.08 -34.45
N GLU J 209 21.05 -3.01 -33.83
CA GLU J 209 19.62 -2.82 -33.54
C GLU J 209 19.39 -1.75 -32.46
N ALA J 210 20.30 -1.72 -31.48
CA ALA J 210 20.28 -0.69 -30.45
C ALA J 210 20.57 0.70 -31.02
N ALA J 211 21.52 0.77 -31.96
CA ALA J 211 21.78 2.00 -32.66
C ALA J 211 20.57 2.42 -33.51
N LYS J 212 19.91 1.48 -34.16
CA LYS J 212 18.74 1.81 -34.99
C LYS J 212 17.62 2.38 -34.10
N ARG J 213 17.46 1.81 -32.91
CA ARG J 213 16.48 2.29 -31.93
C ARG J 213 16.76 3.74 -31.58
N ALA J 214 18.02 4.04 -31.30
CA ALA J 214 18.41 5.41 -30.98
C ALA J 214 18.19 6.31 -32.18
N ILE J 215 18.62 5.86 -33.36
CA ILE J 215 18.56 6.70 -34.57
C ILE J 215 17.13 7.07 -34.96
N THR J 216 16.24 6.09 -34.94
CA THR J 216 14.84 6.35 -35.25
C THR J 216 14.31 7.40 -34.27
N MET J 217 14.62 7.20 -32.99
CA MET J 217 14.09 8.07 -31.96
C MET J 217 14.60 9.48 -32.21
N ILE J 218 15.88 9.62 -32.53
CA ILE J 218 16.44 10.93 -32.81
C ILE J 218 15.72 11.58 -33.99
N GLU J 219 15.52 10.78 -35.02
CA GLU J 219 14.95 11.28 -36.26
C GLU J 219 13.53 11.74 -35.98
N LYS J 220 12.78 10.94 -35.22
CA LYS J 220 11.37 11.22 -35.00
C LYS J 220 11.17 12.37 -34.03
N GLN J 221 12.08 12.54 -33.07
CA GLN J 221 11.89 13.53 -31.98
C GLN J 221 12.69 14.83 -32.12
N ILE J 222 13.66 14.84 -33.03
CA ILE J 222 14.47 16.05 -33.32
C ILE J 222 14.62 16.24 -34.83
N GLY J 223 15.00 15.17 -35.52
CA GLY J 223 15.31 15.24 -36.96
C GLY J 223 16.80 15.35 -37.18
N GLY J 224 17.35 14.42 -37.95
CA GLY J 224 18.81 14.35 -38.17
C GLY J 224 19.44 15.66 -38.59
N ASP J 225 18.75 16.43 -39.44
CA ASP J 225 19.30 17.67 -39.94
C ASP J 225 19.22 18.80 -38.91
N GLN J 226 18.63 18.55 -37.74
CA GLN J 226 18.54 19.52 -36.64
C GLN J 226 19.55 19.31 -35.53
N VAL J 227 20.31 18.23 -35.59
CA VAL J 227 21.22 17.91 -34.52
C VAL J 227 22.62 18.41 -34.82
N ALA J 228 23.13 19.27 -33.96
CA ALA J 228 24.52 19.77 -34.08
C ALA J 228 25.54 18.67 -33.71
N ALA J 229 25.25 17.86 -32.69
CA ALA J 229 26.22 16.85 -32.24
C ALA J 229 25.61 15.71 -31.45
N ILE J 230 26.21 14.53 -31.59
CA ILE J 230 25.89 13.36 -30.77
C ILE J 230 27.12 13.19 -29.91
N ILE J 231 26.93 13.14 -28.61
CA ILE J 231 28.06 12.97 -27.71
C ILE J 231 27.89 11.69 -26.91
N ILE J 232 28.91 10.84 -26.93
CA ILE J 232 28.84 9.58 -26.23
C ILE J 232 30.20 9.15 -25.73
N GLU J 233 30.20 8.50 -24.57
CA GLU J 233 31.41 7.89 -24.01
C GLU J 233 31.48 6.49 -24.57
N PRO J 234 32.61 6.12 -25.17
CA PRO J 234 32.71 4.78 -25.76
C PRO J 234 32.59 3.70 -24.70
N ILE J 235 33.13 3.99 -23.52
CA ILE J 235 32.77 3.24 -22.32
C ILE J 235 32.29 4.28 -21.30
N GLN J 236 31.05 4.12 -20.86
CA GLN J 236 30.45 5.09 -19.97
C GLN J 236 31.03 4.91 -18.58
N GLY J 237 31.65 5.96 -18.04
CA GLY J 237 32.38 5.88 -16.77
C GLY J 237 31.48 5.84 -15.53
N GLU J 238 31.14 7.03 -15.03
CA GLU J 238 30.32 7.13 -13.83
C GLU J 238 29.00 6.40 -13.97
N GLY J 239 28.52 6.26 -15.20
CA GLY J 239 27.29 5.50 -15.46
C GLY J 239 27.38 4.02 -15.10
N GLY J 240 28.59 3.50 -15.00
CA GLY J 240 28.81 2.10 -14.57
C GLY J 240 29.72 1.25 -15.45
N PHE J 241 30.65 1.88 -16.16
CA PHE J 241 31.54 1.18 -17.09
C PHE J 241 30.73 0.34 -18.08
N ILE J 242 29.74 0.99 -18.68
CA ILE J 242 28.84 0.33 -19.61
C ILE J 242 29.56 0.31 -20.95
N VAL J 243 29.79 -0.89 -21.47
CA VAL J 243 30.35 -1.08 -22.80
C VAL J 243 29.20 -1.45 -23.73
N PRO J 244 29.03 -0.68 -24.79
CA PRO J 244 27.90 -0.94 -25.69
C PRO J 244 28.16 -2.21 -26.45
N ALA J 245 27.10 -2.84 -26.93
CA ALA J 245 27.23 -4.02 -27.78
C ALA J 245 28.01 -3.67 -29.07
N GLU J 246 28.79 -4.64 -29.55
CA GLU J 246 29.55 -4.46 -30.78
C GLU J 246 28.57 -3.99 -31.89
N GLY J 247 29.00 -2.98 -32.65
CA GLY J 247 28.25 -2.49 -33.81
C GLY J 247 27.43 -1.25 -33.57
N PHE J 248 27.23 -0.92 -32.30
CA PHE J 248 26.50 0.28 -31.90
C PHE J 248 27.28 1.53 -32.31
N LEU J 249 28.51 1.67 -31.81
CA LEU J 249 29.24 2.92 -32.03
C LEU J 249 29.47 3.20 -33.49
N PRO J 250 29.91 2.19 -34.26
CA PRO J 250 30.02 2.43 -35.71
C PRO J 250 28.72 2.86 -36.42
N ALA J 251 27.59 2.26 -36.07
CA ALA J 251 26.33 2.65 -36.67
C ALA J 251 26.03 4.12 -36.42
N LEU J 252 26.17 4.55 -35.16
CA LEU J 252 25.97 5.96 -34.82
C LEU J 252 26.92 6.85 -35.58
N SER J 253 28.17 6.43 -35.68
CA SER J 253 29.16 7.21 -36.42
C SER J 253 28.76 7.37 -37.90
N GLU J 254 28.36 6.25 -38.53
CA GLU J 254 28.01 6.22 -39.96
C GLU J 254 26.84 7.19 -40.18
N TRP J 255 25.84 7.10 -39.31
CA TRP J 255 24.65 7.89 -39.42
C TRP J 255 24.91 9.34 -39.20
N ALA J 256 25.77 9.65 -38.25
CA ALA J 256 26.10 11.02 -37.96
C ALA J 256 26.75 11.68 -39.19
N LYS J 257 27.64 10.93 -39.86
CA LYS J 257 28.29 11.41 -41.08
C LYS J 257 27.21 11.66 -42.16
N GLU J 258 26.31 10.70 -42.36
CA GLU J 258 25.23 10.86 -43.32
C GLU J 258 24.47 12.15 -43.10
N LYS J 259 24.18 12.50 -41.86
CA LYS J 259 23.30 13.64 -41.56
C LYS J 259 24.02 14.97 -41.29
N GLY J 260 25.34 15.00 -41.45
CA GLY J 260 26.12 16.21 -41.12
C GLY J 260 26.23 16.56 -39.63
N ILE J 261 26.06 15.54 -38.77
CA ILE J 261 26.07 15.70 -37.33
C ILE J 261 27.47 15.44 -36.80
N VAL J 262 27.97 16.33 -35.94
CA VAL J 262 29.30 16.15 -35.36
C VAL J 262 29.21 15.03 -34.36
N PHE J 263 30.00 13.97 -34.56
CA PHE J 263 30.07 12.86 -33.60
C PHE J 263 31.22 13.13 -32.61
N ILE J 264 30.85 13.37 -31.36
CA ILE J 264 31.81 13.64 -30.29
C ILE J 264 32.02 12.41 -29.42
N ALA J 265 33.25 11.91 -29.37
CA ALA J 265 33.62 10.83 -28.44
C ALA J 265 34.15 11.47 -27.15
N ASP J 266 33.48 11.26 -26.02
CA ASP J 266 34.00 11.75 -24.76
C ASP J 266 34.94 10.73 -24.14
N GLU J 267 36.24 10.92 -24.37
CA GLU J 267 37.27 10.00 -23.90
C GLU J 267 38.05 10.60 -22.71
N VAL J 268 37.37 11.42 -21.91
CA VAL J 268 38.03 12.03 -20.77
C VAL J 268 38.53 10.94 -19.81
N GLN J 269 37.71 9.92 -19.58
CA GLN J 269 38.05 8.86 -18.63
C GLN J 269 38.68 7.68 -19.34
N SER J 270 38.18 7.35 -20.54
CA SER J 270 38.67 6.17 -21.30
C SER J 270 39.93 6.41 -22.14
N GLY J 271 40.32 7.67 -22.33
CA GLY J 271 41.47 8.00 -23.14
C GLY J 271 42.86 7.71 -22.55
N PHE J 272 43.86 7.78 -23.41
CA PHE J 272 45.28 7.59 -23.07
C PHE J 272 45.60 6.26 -22.40
N CYS J 273 45.40 5.20 -23.17
CA CYS J 273 45.89 3.83 -22.85
C CYS J 273 45.06 3.08 -21.81
N ARG J 274 44.10 3.77 -21.21
CA ARG J 274 43.29 3.21 -20.14
C ARG J 274 42.63 1.88 -20.50
N THR J 275 42.20 1.74 -21.75
CA THR J 275 41.48 0.54 -22.18
C THR J 275 42.36 -0.47 -22.92
N GLY J 276 43.65 -0.20 -23.02
CA GLY J 276 44.57 -1.08 -23.77
C GLY J 276 44.81 -0.62 -25.21
N GLU J 277 44.15 0.46 -25.61
CA GLU J 277 44.40 1.12 -26.89
C GLU J 277 44.52 2.60 -26.52
N TRP J 278 45.08 3.41 -27.41
CA TRP J 278 45.22 4.83 -27.10
C TRP J 278 43.91 5.47 -26.76
N PHE J 279 42.87 5.11 -27.51
CA PHE J 279 41.51 5.58 -27.23
C PHE J 279 40.51 4.44 -27.32
N ALA J 280 39.49 4.46 -26.46
CA ALA J 280 38.52 3.37 -26.41
C ALA J 280 37.88 3.12 -27.76
N VAL J 281 37.76 4.17 -28.57
CA VAL J 281 37.14 4.05 -29.89
C VAL J 281 37.96 3.16 -30.82
N ASP J 282 39.26 3.06 -30.57
CA ASP J 282 40.15 2.22 -31.36
C ASP J 282 39.79 0.73 -31.32
N HIS J 283 39.14 0.28 -30.24
CA HIS J 283 38.67 -1.10 -30.18
C HIS J 283 37.83 -1.44 -31.36
N GLU J 284 36.92 -0.55 -31.75
CA GLU J 284 36.01 -0.81 -32.88
C GLU J 284 36.36 -0.02 -34.13
N GLY J 285 37.45 0.74 -34.06
CA GLY J 285 37.92 1.49 -35.23
C GLY J 285 37.10 2.68 -35.60
N VAL J 286 36.30 3.17 -34.66
CA VAL J 286 35.48 4.33 -34.89
C VAL J 286 36.36 5.56 -34.89
N VAL J 287 36.07 6.50 -35.79
CA VAL J 287 36.90 7.68 -35.96
C VAL J 287 36.04 8.93 -35.73
N PRO J 288 36.07 9.49 -34.51
CA PRO J 288 35.18 10.60 -34.14
C PRO J 288 35.51 11.89 -34.85
N ASP J 289 34.51 12.75 -35.02
CA ASP J 289 34.69 14.07 -35.60
C ASP J 289 35.37 15.01 -34.62
N ILE J 290 35.03 14.90 -33.34
CA ILE J 290 35.77 15.58 -32.26
C ILE J 290 35.89 14.63 -31.11
N ILE J 291 37.01 14.72 -30.40
CA ILE J 291 37.20 13.86 -29.24
C ILE J 291 37.67 14.70 -28.06
N THR J 292 37.00 14.54 -26.92
CA THR J 292 37.28 15.30 -25.69
C THR J 292 38.17 14.50 -24.74
N MET J 293 39.18 15.19 -24.20
CA MET J 293 40.22 14.58 -23.39
C MET J 293 40.55 15.36 -22.13
N ALA J 294 40.84 14.63 -21.05
CA ALA J 294 41.42 15.23 -19.82
C ALA J 294 42.00 14.13 -18.94
N LYS J 295 41.71 14.16 -17.64
CA LYS J 295 42.14 13.13 -16.69
C LYS J 295 43.59 12.63 -16.98
N GLY J 296 43.74 11.51 -17.67
CA GLY J 296 45.06 10.90 -17.88
C GLY J 296 46.08 11.68 -18.69
N ILE J 297 45.61 12.64 -19.45
CA ILE J 297 46.44 13.36 -20.41
C ILE J 297 47.73 13.94 -19.83
N ALA J 298 47.67 14.48 -18.62
CA ALA J 298 48.83 15.23 -18.09
C ALA J 298 49.35 14.69 -16.75
N GLY J 299 49.24 13.38 -16.56
CA GLY J 299 49.80 12.69 -15.40
C GLY J 299 49.43 13.31 -14.05
N GLY J 300 48.26 13.97 -14.00
CA GLY J 300 47.78 14.54 -12.75
C GLY J 300 47.69 16.04 -12.73
N LEU J 301 48.41 16.70 -13.61
CA LEU J 301 48.30 18.15 -13.70
C LEU J 301 47.00 18.54 -14.43
N PRO J 302 46.48 19.74 -14.17
CA PRO J 302 45.20 20.12 -14.75
C PRO J 302 45.32 20.53 -16.21
N LEU J 303 44.97 19.60 -17.10
CA LEU J 303 44.93 19.88 -18.53
C LEU J 303 43.78 19.13 -19.17
N SER J 304 43.18 19.74 -20.19
CA SER J 304 42.16 19.10 -21.02
C SER J 304 42.30 19.55 -22.45
N ALA J 305 41.61 18.86 -23.35
CA ALA J 305 41.75 19.16 -24.80
C ALA J 305 40.54 18.70 -25.57
N ILE J 306 40.26 19.39 -26.66
CA ILE J 306 39.48 18.82 -27.77
C ILE J 306 40.39 18.70 -29.02
N THR J 307 40.31 17.56 -29.70
CA THR J 307 40.98 17.36 -30.98
C THR J 307 39.94 16.85 -31.97
N GLY J 308 39.79 17.57 -33.08
CA GLY J 308 38.83 17.21 -34.10
C GLY J 308 39.17 17.68 -35.50
N ARG J 309 38.27 17.39 -36.43
CA ARG J 309 38.43 17.75 -37.81
C ARG J 309 38.79 19.22 -37.96
N ALA J 310 39.80 19.49 -38.79
CA ALA J 310 40.25 20.84 -39.08
C ALA J 310 39.09 21.72 -39.52
N ASP J 311 38.28 21.19 -40.44
CA ASP J 311 37.21 22.02 -41.02
C ASP J 311 36.20 22.46 -39.97
N LEU J 312 36.00 21.63 -38.94
CA LEU J 312 35.09 21.99 -37.83
C LEU J 312 35.73 23.01 -36.90
N LEU J 313 36.87 22.64 -36.32
CA LEU J 313 37.54 23.54 -35.36
C LEU J 313 37.97 24.88 -35.98
N ASP J 314 38.47 24.86 -37.21
CA ASP J 314 38.87 26.12 -37.87
C ASP J 314 37.68 27.01 -38.22
N ALA J 315 36.47 26.48 -38.24
CA ALA J 315 35.26 27.30 -38.52
C ALA J 315 35.02 28.39 -37.42
N VAL J 316 35.53 28.16 -36.22
CA VAL J 316 35.28 29.06 -35.09
C VAL J 316 36.05 30.33 -35.31
N HIS J 317 35.40 31.45 -35.06
CA HIS J 317 35.98 32.78 -35.28
C HIS J 317 37.13 33.07 -34.33
N PRO J 318 38.01 34.02 -34.70
CA PRO J 318 39.15 34.34 -33.84
C PRO J 318 38.67 34.74 -32.46
N GLY J 319 39.29 34.16 -31.44
CA GLY J 319 38.99 34.47 -30.05
C GLY J 319 37.77 33.73 -29.48
N GLY J 320 37.10 32.94 -30.31
CA GLY J 320 35.89 32.27 -29.91
C GLY J 320 36.09 31.21 -28.84
N LEU J 321 37.14 30.42 -28.98
CA LEU J 321 37.46 29.38 -28.01
C LEU J 321 38.67 29.81 -27.24
N GLY J 322 38.64 29.61 -25.92
CA GLY J 322 39.79 29.95 -25.08
C GLY J 322 39.57 29.79 -23.58
N GLY J 323 40.18 30.70 -22.82
CA GLY J 323 40.30 30.59 -21.36
C GLY J 323 41.62 31.22 -20.92
N THR J 324 41.73 31.61 -19.64
CA THR J 324 42.95 32.17 -19.10
C THR J 324 44.07 31.11 -18.92
N TYR J 325 43.83 30.11 -18.07
CA TYR J 325 44.83 29.11 -17.68
C TYR J 325 45.10 28.09 -18.78
N GLY J 326 44.12 27.91 -19.67
CA GLY J 326 44.08 26.76 -20.58
C GLY J 326 45.40 26.47 -21.27
N GLY J 327 45.76 25.18 -21.29
CA GLY J 327 47.04 24.75 -21.85
C GLY J 327 48.20 25.31 -21.06
N ASN J 328 48.09 25.24 -19.75
CA ASN J 328 49.12 25.74 -18.87
C ASN J 328 50.47 25.05 -19.15
N PRO J 329 51.57 25.84 -19.22
CA PRO J 329 52.87 25.33 -19.64
C PRO J 329 53.45 24.26 -18.73
N VAL J 330 53.26 24.43 -17.42
CA VAL J 330 53.68 23.39 -16.47
C VAL J 330 52.87 22.11 -16.72
N ALA J 331 51.57 22.27 -16.95
CA ALA J 331 50.71 21.13 -17.25
C ALA J 331 51.08 20.48 -18.59
N CYS J 332 51.47 21.30 -19.57
CA CYS J 332 51.85 20.81 -20.89
C CYS J 332 53.12 19.99 -20.77
N ALA J 333 54.10 20.51 -20.02
CA ALA J 333 55.32 19.75 -19.74
C ALA J 333 54.95 18.39 -19.19
N ALA J 334 54.03 18.37 -18.21
CA ALA J 334 53.58 17.09 -17.63
C ALA J 334 52.98 16.16 -18.67
N ALA J 335 52.16 16.70 -19.57
CA ALA J 335 51.50 15.89 -20.62
C ALA J 335 52.50 15.26 -21.57
N LEU J 336 53.43 16.07 -22.08
CA LEU J 336 54.49 15.53 -22.96
C LEU J 336 55.22 14.35 -22.28
N ALA J 337 55.63 14.54 -21.02
CA ALA J 337 56.32 13.48 -20.26
C ALA J 337 55.41 12.27 -20.03
N ALA J 338 54.17 12.55 -19.67
CA ALA J 338 53.17 11.49 -19.44
C ALA J 338 52.93 10.63 -20.69
N ILE J 339 52.70 11.29 -21.84
CA ILE J 339 52.58 10.59 -23.12
C ILE J 339 53.85 9.80 -23.47
N ASP J 340 55.00 10.41 -23.19
CA ASP J 340 56.27 9.75 -23.41
C ASP J 340 56.39 8.46 -22.59
N THR J 341 56.05 8.54 -21.31
CA THR J 341 56.03 7.34 -20.46
C THR J 341 55.09 6.29 -21.03
N MET J 342 53.92 6.71 -21.49
CA MET J 342 52.94 5.78 -22.06
C MET J 342 53.56 4.95 -23.18
N GLU J 343 54.36 5.62 -24.02
CA GLU J 343 55.08 4.96 -25.12
C GLU J 343 56.28 4.15 -24.64
N GLN J 344 57.23 4.81 -23.97
CA GLN J 344 58.45 4.16 -23.52
C GLN J 344 58.14 2.88 -22.76
N HIS J 345 57.15 2.90 -21.86
CA HIS J 345 56.83 1.69 -21.08
C HIS J 345 55.67 0.88 -21.61
N ASP J 346 55.21 1.17 -22.83
CA ASP J 346 54.11 0.41 -23.47
C ASP J 346 52.92 0.19 -22.54
N LEU J 347 52.32 1.29 -22.11
CA LEU J 347 51.23 1.23 -21.13
C LEU J 347 49.99 0.63 -21.73
N ASN J 348 49.84 0.73 -23.06
CA ASN J 348 48.78 -0.02 -23.72
C ASN J 348 48.92 -1.50 -23.39
N GLY J 349 50.13 -2.02 -23.55
CA GLY J 349 50.45 -3.42 -23.22
C GLY J 349 50.21 -3.74 -21.76
N ARG J 350 50.63 -2.84 -20.88
CA ARG J 350 50.40 -3.04 -19.45
C ARG J 350 48.90 -3.11 -19.15
N ALA J 351 48.13 -2.25 -19.82
CA ALA J 351 46.68 -2.23 -19.66
C ALA J 351 46.06 -3.54 -20.13
N ARG J 352 46.48 -4.02 -21.29
CA ARG J 352 45.95 -5.26 -21.85
C ARG J 352 46.31 -6.43 -20.88
N HIS J 353 47.49 -6.35 -20.25
CA HIS J 353 47.92 -7.36 -19.30
C HIS J 353 47.10 -7.31 -18.04
N ILE J 354 46.87 -6.11 -17.52
CA ILE J 354 45.97 -5.91 -16.36
C ILE J 354 44.61 -6.54 -16.63
N GLU J 355 44.09 -6.37 -17.85
CA GLU J 355 42.78 -6.92 -18.21
C GLU J 355 42.78 -8.44 -18.01
N GLU J 356 43.80 -9.08 -18.61
CA GLU J 356 43.91 -10.56 -18.56
C GLU J 356 43.97 -11.07 -17.12
N LEU J 357 44.80 -10.44 -16.31
CA LEU J 357 44.94 -10.78 -14.90
C LEU J 357 43.64 -10.56 -14.12
N ALA J 358 43.10 -9.35 -14.20
CA ALA J 358 41.96 -8.93 -13.37
C ALA J 358 40.69 -9.65 -13.79
N LEU J 359 40.42 -9.72 -15.08
CA LEU J 359 39.24 -10.45 -15.52
C LEU J 359 39.34 -11.94 -15.16
N GLY J 360 40.56 -12.48 -15.20
CA GLY J 360 40.81 -13.86 -14.80
C GLY J 360 40.35 -14.11 -13.37
N LYS J 361 40.85 -13.30 -12.44
CA LYS J 361 40.53 -13.46 -11.01
C LYS J 361 39.01 -13.23 -10.77
N LEU J 362 38.42 -12.23 -11.44
CA LEU J 362 37.00 -11.92 -11.29
C LEU J 362 36.10 -13.03 -11.80
N ARG J 363 36.47 -13.64 -12.91
CA ARG J 363 35.67 -14.75 -13.45
C ARG J 363 35.76 -16.03 -12.60
N GLU J 364 36.92 -16.24 -11.96
CA GLU J 364 37.09 -17.31 -10.94
C GLU J 364 36.11 -17.08 -9.80
N LEU J 365 36.00 -15.83 -9.34
CA LEU J 365 35.04 -15.47 -8.27
C LEU J 365 33.58 -15.90 -8.58
N ALA J 366 33.33 -16.22 -9.83
CA ALA J 366 32.07 -16.76 -10.28
C ALA J 366 32.25 -18.20 -10.84
N SER J 375 23.51 -16.15 -6.76
CA SER J 375 24.73 -15.38 -7.06
C SER J 375 24.56 -13.86 -7.11
N VAL J 376 25.61 -13.19 -6.68
CA VAL J 376 25.61 -11.78 -6.41
C VAL J 376 26.40 -11.00 -7.50
N VAL J 377 27.07 -11.74 -8.40
CA VAL J 377 27.85 -11.13 -9.48
C VAL J 377 27.04 -11.14 -10.77
N GLY J 378 26.48 -10.00 -11.11
CA GLY J 378 25.59 -9.88 -12.26
C GLY J 378 26.31 -9.82 -13.60
N ASP J 379 27.40 -9.07 -13.65
CA ASP J 379 28.07 -8.81 -14.92
C ASP J 379 29.51 -8.35 -14.70
N ILE J 380 30.42 -8.87 -15.52
CA ILE J 380 31.83 -8.47 -15.51
C ILE J 380 32.14 -7.91 -16.88
N ARG J 381 32.65 -6.70 -16.92
CA ARG J 381 32.79 -6.00 -18.17
C ARG J 381 33.87 -4.94 -18.10
N GLY J 382 34.22 -4.43 -19.27
CA GLY J 382 35.26 -3.45 -19.40
C GLY J 382 36.42 -3.94 -20.27
N ARG J 383 37.41 -3.07 -20.44
CA ARG J 383 38.59 -3.39 -21.22
C ARG J 383 39.80 -2.76 -20.58
N GLY J 384 40.93 -3.42 -20.73
CA GLY J 384 42.20 -2.91 -20.24
C GLY J 384 42.17 -2.67 -18.75
N ALA J 385 42.57 -1.46 -18.35
CA ALA J 385 42.59 -1.07 -16.94
C ALA J 385 41.33 -0.28 -16.55
N MET J 386 40.26 -0.47 -17.30
CA MET J 386 38.96 0.13 -17.01
C MET J 386 37.94 -1.00 -16.94
N LEU J 387 37.89 -1.65 -15.79
CA LEU J 387 37.13 -2.89 -15.62
C LEU J 387 36.12 -2.72 -14.52
N ALA J 388 35.05 -3.50 -14.56
CA ALA J 388 34.00 -3.36 -13.58
C ALA J 388 33.26 -4.63 -13.33
N ILE J 389 32.73 -4.74 -12.11
CA ILE J 389 31.83 -5.83 -11.76
C ILE J 389 30.56 -5.20 -11.22
N GLU J 390 29.43 -5.49 -11.87
CA GLU J 390 28.11 -5.02 -11.45
C GLU J 390 27.47 -6.05 -10.52
N LEU J 391 27.16 -5.61 -9.30
CA LEU J 391 26.66 -6.49 -8.26
C LEU J 391 25.13 -6.40 -8.17
N VAL J 392 24.51 -7.57 -8.08
CA VAL J 392 23.07 -7.69 -8.05
C VAL J 392 22.59 -8.45 -6.82
N GLN J 393 21.27 -8.49 -6.63
CA GLN J 393 20.64 -9.22 -5.54
C GLN J 393 20.69 -10.71 -5.90
N PRO J 394 20.87 -11.60 -4.90
CA PRO J 394 21.02 -13.01 -5.20
C PRO J 394 19.89 -13.56 -6.06
N GLY J 395 20.26 -14.22 -7.15
CA GLY J 395 19.27 -14.89 -8.01
C GLY J 395 18.33 -13.99 -8.79
N SER J 396 18.65 -12.70 -8.90
CA SER J 396 17.93 -11.80 -9.79
C SER J 396 18.88 -10.76 -10.42
N LYS J 397 18.31 -9.85 -11.20
CA LYS J 397 19.05 -8.74 -11.78
C LYS J 397 18.87 -7.41 -10.99
N GLU J 398 18.14 -7.44 -9.86
CA GLU J 398 17.88 -6.20 -9.09
C GLU J 398 19.22 -5.66 -8.55
N PRO J 399 19.45 -4.35 -8.65
CA PRO J 399 20.71 -3.75 -8.20
C PRO J 399 20.95 -3.93 -6.71
N ASN J 400 22.23 -4.04 -6.35
CA ASN J 400 22.67 -4.28 -4.98
C ASN J 400 23.67 -3.19 -4.54
N ALA J 401 23.16 -1.99 -4.35
CA ALA J 401 23.97 -0.91 -3.84
C ALA J 401 24.54 -1.19 -2.41
N GLU J 402 23.75 -1.86 -1.55
CA GLU J 402 24.14 -2.12 -0.15
C GLU J 402 25.44 -2.96 -0.12
N LEU J 403 25.46 -4.04 -0.90
CA LEU J 403 26.66 -4.90 -1.03
C LEU J 403 27.86 -4.13 -1.59
N THR J 404 27.59 -3.26 -2.57
CA THR J 404 28.61 -2.42 -3.18
C THR J 404 29.23 -1.49 -2.16
N LYS J 405 28.41 -0.76 -1.42
CA LYS J 405 28.94 0.15 -0.39
C LYS J 405 29.79 -0.62 0.62
N ALA J 406 29.26 -1.78 1.02
CA ALA J 406 29.91 -2.65 2.02
C ALA J 406 31.25 -3.17 1.56
N VAL J 407 31.30 -3.62 0.30
CA VAL J 407 32.53 -4.19 -0.24
C VAL J 407 33.63 -3.12 -0.35
N ALA J 408 33.26 -1.93 -0.78
CA ALA J 408 34.20 -0.80 -0.85
C ALA J 408 34.76 -0.48 0.55
N ALA J 409 33.89 -0.48 1.56
CA ALA J 409 34.30 -0.23 2.96
C ALA J 409 35.20 -1.34 3.49
N ALA J 410 34.83 -2.60 3.20
CA ALA J 410 35.61 -3.77 3.61
C ALA J 410 37.02 -3.73 3.02
N CYS J 411 37.11 -3.38 1.73
CA CYS J 411 38.41 -3.25 1.07
C CYS J 411 39.24 -2.17 1.72
N LEU J 412 38.62 -1.05 2.01
CA LEU J 412 39.35 0.07 2.60
C LEU J 412 39.94 -0.36 3.95
N LYS J 413 39.14 -1.09 4.72
CA LYS J 413 39.55 -1.60 6.03
C LYS J 413 40.84 -2.43 5.93
N GLU J 414 40.97 -3.23 4.88
CA GLU J 414 42.17 -4.06 4.66
C GLU J 414 43.32 -3.34 3.95
N GLY J 415 43.16 -2.06 3.64
CA GLY J 415 44.24 -1.29 3.02
C GLY J 415 44.20 -1.25 1.50
N VAL J 416 42.99 -1.39 0.95
CA VAL J 416 42.81 -1.28 -0.50
C VAL J 416 41.76 -0.20 -0.82
N ILE J 417 42.21 0.87 -1.46
CA ILE J 417 41.29 1.94 -1.87
C ILE J 417 40.70 1.63 -3.22
N ILE J 418 39.41 1.35 -3.25
CA ILE J 418 38.72 0.99 -4.47
C ILE J 418 37.49 1.88 -4.68
N LEU J 419 37.16 2.22 -5.93
CA LEU J 419 36.04 3.12 -6.22
C LEU J 419 34.80 2.39 -6.68
N THR J 420 33.64 3.03 -6.50
CA THR J 420 32.37 2.51 -6.97
C THR J 420 31.77 3.51 -7.97
N CYS J 421 30.71 3.10 -8.63
CA CYS J 421 30.01 3.97 -9.59
C CYS J 421 28.68 3.35 -9.99
N GLY J 422 28.02 3.94 -10.98
CA GLY J 422 26.82 3.34 -11.58
C GLY J 422 25.56 4.15 -11.38
N THR J 423 24.70 4.13 -12.39
CA THR J 423 23.37 4.73 -12.29
C THR J 423 22.65 4.21 -11.05
N TYR J 424 22.79 2.92 -10.77
CA TYR J 424 22.10 2.31 -9.61
C TYR J 424 23.00 2.08 -8.40
N GLY J 425 24.18 2.72 -8.41
CA GLY J 425 25.13 2.65 -7.31
C GLY J 425 25.71 1.29 -6.98
N ASN J 426 25.68 0.39 -7.95
CA ASN J 426 25.94 -1.03 -7.69
C ASN J 426 27.06 -1.60 -8.55
N VAL J 427 28.02 -0.76 -8.92
CA VAL J 427 29.13 -1.20 -9.72
C VAL J 427 30.43 -0.90 -9.03
N ILE J 428 31.21 -1.95 -8.80
CA ILE J 428 32.60 -1.78 -8.34
C ILE J 428 33.46 -1.64 -9.57
N ARG J 429 34.30 -0.61 -9.57
CA ARG J 429 35.17 -0.39 -10.71
C ARG J 429 36.64 -0.48 -10.33
N LEU J 430 37.40 -1.07 -11.24
CA LEU J 430 38.86 -1.13 -11.12
C LEU J 430 39.46 -0.09 -12.07
N LEU J 431 40.12 0.90 -11.49
CA LEU J 431 40.88 1.89 -12.25
C LEU J 431 42.27 2.02 -11.64
N PRO J 432 43.04 0.92 -11.64
CA PRO J 432 44.42 1.00 -11.16
C PRO J 432 45.30 1.81 -12.06
N PRO J 433 46.35 2.42 -11.52
CA PRO J 433 47.35 2.99 -12.41
C PRO J 433 47.97 1.89 -13.27
N LEU J 434 48.29 2.23 -14.51
CA LEU J 434 48.80 1.24 -15.46
C LEU J 434 50.20 0.73 -15.06
N VAL J 435 50.95 1.54 -14.32
CA VAL J 435 52.27 1.13 -13.81
C VAL J 435 52.22 0.17 -12.59
N ILE J 436 51.03 -0.25 -12.16
CA ILE J 436 50.91 -1.16 -11.02
C ILE J 436 51.58 -2.50 -11.31
N SER J 437 52.23 -3.07 -10.29
CA SER J 437 52.86 -4.38 -10.41
C SER J 437 51.84 -5.51 -10.30
N ASP J 438 52.11 -6.62 -10.95
CA ASP J 438 51.26 -7.81 -10.86
C ASP J 438 51.05 -8.24 -9.40
N GLU J 439 52.13 -8.16 -8.61
CA GLU J 439 52.11 -8.56 -7.19
C GLU J 439 51.01 -7.74 -6.45
N LEU J 440 51.10 -6.42 -6.53
CA LEU J 440 50.13 -5.53 -5.89
C LEU J 440 48.72 -5.70 -6.44
N LEU J 441 48.59 -5.78 -7.76
CA LEU J 441 47.27 -5.94 -8.35
C LEU J 441 46.61 -7.19 -7.82
N ILE J 442 47.36 -8.30 -7.84
CA ILE J 442 46.82 -9.59 -7.38
C ILE J 442 46.42 -9.51 -5.90
N ASP J 443 47.25 -8.84 -5.11
CA ASP J 443 46.96 -8.65 -3.69
C ASP J 443 45.60 -7.95 -3.58
N GLY J 444 45.47 -6.81 -4.27
CA GLY J 444 44.24 -6.02 -4.27
C GLY J 444 43.03 -6.84 -4.69
N LEU J 445 43.17 -7.58 -5.77
CA LEU J 445 42.11 -8.42 -6.27
C LEU J 445 41.72 -9.52 -5.29
N GLU J 446 42.70 -10.05 -4.55
CA GLU J 446 42.43 -11.06 -3.53
C GLU J 446 41.60 -10.45 -2.41
N VAL J 447 41.98 -9.26 -1.97
CA VAL J 447 41.22 -8.54 -0.95
C VAL J 447 39.80 -8.26 -1.40
N LEU J 448 39.65 -7.87 -2.67
CA LEU J 448 38.33 -7.59 -3.25
C LEU J 448 37.48 -8.85 -3.24
N ALA J 449 38.04 -9.95 -3.74
CA ALA J 449 37.29 -11.22 -3.76
C ALA J 449 36.89 -11.65 -2.36
N ALA J 450 37.82 -11.51 -1.41
CA ALA J 450 37.56 -11.86 0.00
C ALA J 450 36.41 -11.04 0.55
N ALA J 451 36.43 -9.73 0.26
CA ALA J 451 35.39 -8.83 0.73
C ALA J 451 34.00 -9.21 0.20
N ILE J 452 33.89 -9.54 -1.08
CA ILE J 452 32.61 -9.87 -1.66
C ILE J 452 32.09 -11.13 -1.00
N LYS J 453 32.95 -12.14 -0.88
CA LYS J 453 32.60 -13.41 -0.21
C LYS J 453 32.19 -13.16 1.26
N ALA J 454 32.96 -12.33 1.97
CA ALA J 454 32.63 -11.95 3.36
C ALA J 454 31.24 -11.31 3.52
N HIS J 455 30.75 -10.54 2.53
CA HIS J 455 29.41 -9.92 2.56
C HIS J 455 28.63 -10.29 1.31
N SER K 9 64.53 42.08 -6.20
CA SER K 9 65.51 40.99 -6.60
C SER K 9 64.99 39.89 -7.60
N TYR K 10 65.60 39.80 -8.79
CA TYR K 10 65.07 39.03 -9.93
C TYR K 10 66.03 38.04 -10.57
N ARG K 11 65.49 37.16 -11.41
CA ARG K 11 66.27 36.07 -12.05
C ARG K 11 66.87 36.50 -13.39
N ILE K 12 66.10 37.20 -14.21
CA ILE K 12 66.58 37.65 -15.51
C ILE K 12 66.62 39.17 -15.56
N GLU K 13 67.44 39.68 -16.46
CA GLU K 13 67.73 41.09 -16.49
C GLU K 13 66.41 41.85 -16.71
N GLN K 14 66.18 42.83 -15.86
CA GLN K 14 64.95 43.60 -15.90
C GLN K 14 65.09 44.85 -16.74
N LYS K 15 65.41 44.67 -18.02
CA LYS K 15 65.52 45.79 -18.96
C LYS K 15 64.89 45.44 -20.30
N ARG K 16 64.21 46.42 -20.87
CA ARG K 16 63.62 46.28 -22.19
C ARG K 16 64.74 46.20 -23.22
N ASN K 17 64.72 45.14 -24.02
CA ASN K 17 65.78 44.90 -24.99
C ASN K 17 65.31 44.15 -26.26
N ILE K 18 65.11 44.88 -27.36
CA ILE K 18 64.72 44.28 -28.63
C ILE K 18 65.88 44.30 -29.64
N ASN K 19 66.45 43.13 -29.92
CA ASN K 19 67.53 42.96 -30.92
C ASN K 19 66.95 42.71 -32.33
N GLY K 20 66.87 43.77 -33.14
CA GLY K 20 66.33 43.64 -34.50
C GLY K 20 64.89 43.21 -34.60
N ALA K 21 64.51 42.71 -35.78
CA ALA K 21 63.11 42.43 -36.12
C ALA K 21 62.63 41.17 -35.41
N PHE K 22 61.32 41.18 -35.10
CA PHE K 22 60.65 40.00 -34.57
C PHE K 22 59.28 39.88 -35.23
N PRO K 23 58.73 38.67 -35.29
CA PRO K 23 59.27 37.43 -34.70
C PRO K 23 60.58 36.99 -35.31
N GLY K 24 61.51 36.57 -34.47
CA GLY K 24 62.77 36.02 -34.93
C GLY K 24 62.61 34.61 -35.46
N PRO K 25 63.73 33.97 -35.84
CA PRO K 25 63.72 32.65 -36.47
C PRO K 25 63.08 31.53 -35.65
N LYS K 26 63.38 31.47 -34.36
CA LYS K 26 62.85 30.40 -33.50
C LYS K 26 61.35 30.57 -33.22
N SER K 27 60.91 31.83 -33.08
CA SER K 27 59.48 32.15 -33.00
C SER K 27 58.75 31.78 -34.30
N GLN K 28 59.30 32.20 -35.43
CA GLN K 28 58.73 31.86 -36.75
C GLN K 28 58.61 30.33 -36.94
N ALA K 29 59.61 29.57 -36.46
CA ALA K 29 59.59 28.11 -36.54
C ALA K 29 58.41 27.52 -35.77
N LEU K 30 58.15 28.11 -34.60
CA LEU K 30 57.02 27.69 -33.77
C LEU K 30 55.68 28.07 -34.42
N ALA K 31 55.56 29.30 -34.92
CA ALA K 31 54.33 29.70 -35.65
C ALA K 31 54.02 28.72 -36.80
N GLU K 32 55.05 28.32 -37.54
CA GLU K 32 54.87 27.39 -38.67
C GLU K 32 54.36 26.04 -38.12
N ARG K 33 54.91 25.58 -37.01
CA ARG K 33 54.44 24.32 -36.40
C ARG K 33 52.99 24.45 -35.91
N ARG K 34 52.72 25.58 -35.26
CA ARG K 34 51.43 25.88 -34.69
C ARG K 34 50.33 25.76 -35.70
N SER K 35 50.51 26.37 -36.85
CA SER K 35 49.43 26.46 -37.83
C SER K 35 49.02 25.10 -38.39
N ALA K 36 49.85 24.07 -38.23
CA ALA K 36 49.49 22.74 -38.68
C ALA K 36 48.56 22.03 -37.72
N VAL K 37 48.47 22.52 -36.48
CA VAL K 37 47.99 21.69 -35.37
C VAL K 37 47.04 22.34 -34.34
N VAL K 38 47.10 23.67 -34.21
CA VAL K 38 46.23 24.42 -33.33
C VAL K 38 45.12 25.06 -34.12
N ALA K 39 43.90 24.98 -33.62
CA ALA K 39 42.76 25.56 -34.33
C ALA K 39 43.04 27.00 -34.75
N ALA K 40 42.66 27.34 -35.98
CA ALA K 40 42.91 28.63 -36.56
C ALA K 40 42.34 29.79 -35.76
N GLY K 41 41.23 29.57 -35.09
CA GLY K 41 40.56 30.61 -34.31
C GLY K 41 41.29 31.00 -33.04
N VAL K 42 42.15 30.11 -32.54
CA VAL K 42 42.95 30.40 -31.33
C VAL K 42 44.13 31.26 -31.75
N ALA K 43 43.96 32.57 -31.60
CA ALA K 43 44.94 33.57 -32.01
C ALA K 43 45.67 34.10 -30.79
N SER K 44 46.87 34.64 -31.00
CA SER K 44 47.61 35.24 -29.92
C SER K 44 47.84 36.70 -30.21
N GLY K 45 47.80 37.52 -29.17
CA GLY K 45 47.97 38.97 -29.32
C GLY K 45 49.40 39.34 -29.71
N VAL K 46 50.31 38.41 -29.43
CA VAL K 46 51.73 38.62 -29.51
C VAL K 46 52.34 37.53 -30.38
N PRO K 47 53.20 37.92 -31.37
CA PRO K 47 53.74 36.98 -32.36
C PRO K 47 55.03 36.27 -31.94
N VAL K 48 55.58 36.62 -30.77
CA VAL K 48 56.80 35.98 -30.23
C VAL K 48 56.46 34.93 -29.15
N TYR K 49 57.33 33.93 -28.98
CA TYR K 49 57.07 32.80 -28.09
C TYR K 49 57.95 32.91 -26.85
N VAL K 50 57.37 32.78 -25.65
CA VAL K 50 58.13 32.93 -24.39
C VAL K 50 59.06 31.77 -24.18
N GLU K 51 60.21 32.09 -23.60
CA GLU K 51 61.11 31.09 -23.06
C GLU K 51 61.22 31.21 -21.55
N ASP K 52 61.29 32.46 -21.08
CA ASP K 52 61.39 32.76 -19.66
C ASP K 52 60.56 33.99 -19.37
N ALA K 53 59.84 33.98 -18.23
CA ALA K 53 59.06 35.13 -17.79
C ALA K 53 59.35 35.35 -16.32
N ASP K 54 59.74 36.57 -15.97
CA ASP K 54 60.19 36.88 -14.61
C ASP K 54 60.16 38.39 -14.36
N GLY K 55 59.83 38.78 -13.14
CA GLY K 55 59.65 40.18 -12.82
C GLY K 55 58.68 40.85 -13.77
N GLY K 56 59.14 41.86 -14.48
CA GLY K 56 58.32 42.60 -15.45
C GLY K 56 58.72 42.32 -16.89
N ILE K 57 59.37 41.18 -17.12
CA ILE K 57 59.93 40.87 -18.43
C ILE K 57 59.37 39.56 -18.98
N ILE K 58 59.03 39.57 -20.27
CA ILE K 58 58.82 38.33 -21.03
C ILE K 58 59.98 38.25 -22.00
N ARG K 59 60.76 37.19 -21.89
CA ARG K 59 61.86 36.98 -22.80
C ARG K 59 61.52 35.87 -23.80
N ASP K 60 61.62 36.19 -25.09
CA ASP K 60 61.24 35.26 -26.13
C ASP K 60 62.37 34.31 -26.50
N VAL K 61 62.04 33.35 -27.33
CA VAL K 61 62.99 32.29 -27.69
C VAL K 61 64.16 32.79 -28.55
N ASP K 62 64.04 34.01 -29.08
CA ASP K 62 65.11 34.64 -29.88
C ASP K 62 65.86 35.69 -29.04
N GLY K 63 65.71 35.63 -27.72
CA GLY K 63 66.46 36.47 -26.82
C GLY K 63 66.00 37.91 -26.68
N ASN K 64 64.82 38.26 -27.20
CA ASN K 64 64.27 39.61 -26.99
C ASN K 64 63.55 39.71 -25.66
N SER K 65 63.69 40.87 -25.01
CA SER K 65 63.07 41.11 -23.70
C SER K 65 62.02 42.21 -23.76
N PHE K 66 60.75 41.81 -23.62
CA PHE K 66 59.62 42.75 -23.63
C PHE K 66 59.20 43.11 -22.21
N ILE K 67 58.72 44.34 -22.02
CA ILE K 67 58.11 44.73 -20.73
C ILE K 67 56.70 44.14 -20.68
N ASP K 68 56.39 43.47 -19.57
CA ASP K 68 55.11 42.75 -19.41
C ASP K 68 54.15 43.63 -18.63
N LEU K 69 53.22 44.24 -19.34
CA LEU K 69 52.20 45.07 -18.69
C LEU K 69 50.81 44.39 -18.69
N GLY K 70 50.78 43.07 -18.87
CA GLY K 70 49.52 42.30 -18.85
C GLY K 70 49.44 41.21 -17.79
N SER K 71 50.61 40.81 -17.27
CA SER K 71 50.73 39.70 -16.31
C SER K 71 49.84 38.51 -16.63
N GLY K 72 49.74 38.17 -17.91
CA GLY K 72 48.94 37.00 -18.36
C GLY K 72 47.44 37.15 -18.17
N ILE K 73 46.94 38.37 -18.38
CA ILE K 73 45.60 38.82 -17.97
C ILE K 73 45.42 38.73 -16.44
N ALA K 74 46.22 39.50 -15.72
CA ALA K 74 46.07 39.66 -14.27
C ALA K 74 46.36 38.40 -13.46
N VAL K 75 47.12 37.46 -14.01
CA VAL K 75 47.37 36.19 -13.36
C VAL K 75 48.67 36.16 -12.55
N THR K 76 49.79 36.50 -13.19
CA THR K 76 51.11 36.41 -12.53
C THR K 76 51.40 37.69 -11.73
N SER K 77 50.55 37.97 -10.74
CA SER K 77 50.69 39.19 -9.94
C SER K 77 51.97 39.18 -9.11
N VAL K 78 52.29 38.01 -8.57
CA VAL K 78 53.52 37.77 -7.85
C VAL K 78 54.73 37.57 -8.79
N GLY K 79 54.50 37.59 -10.10
CA GLY K 79 55.54 37.34 -11.09
C GLY K 79 55.41 35.95 -11.68
N ALA K 80 55.82 35.82 -12.94
CA ALA K 80 55.64 34.58 -13.66
C ALA K 80 56.59 33.48 -13.21
N SER K 81 57.61 33.80 -12.42
CA SER K 81 58.46 32.76 -11.79
C SER K 81 58.99 33.19 -10.41
N ASP K 82 58.05 33.48 -9.51
CA ASP K 82 58.39 33.77 -8.13
C ASP K 82 59.07 32.58 -7.47
N PRO K 83 60.31 32.79 -6.97
CA PRO K 83 61.10 31.70 -6.39
C PRO K 83 60.31 30.82 -5.43
N ALA K 84 59.50 31.44 -4.57
CA ALA K 84 58.73 30.68 -3.56
C ALA K 84 57.75 29.76 -4.26
N VAL K 85 57.01 30.32 -5.23
CA VAL K 85 56.05 29.54 -6.00
C VAL K 85 56.77 28.39 -6.69
N VAL K 86 57.89 28.72 -7.35
CA VAL K 86 58.63 27.71 -8.11
C VAL K 86 59.08 26.57 -7.21
N ALA K 87 59.68 26.92 -6.08
CA ALA K 87 60.18 25.91 -5.13
C ALA K 87 59.03 25.03 -4.66
N ALA K 88 57.90 25.67 -4.32
CA ALA K 88 56.73 24.97 -3.74
C ALA K 88 56.13 23.96 -4.72
N VAL K 89 56.02 24.39 -5.97
CA VAL K 89 55.54 23.55 -7.06
C VAL K 89 56.46 22.36 -7.24
N GLN K 90 57.77 22.62 -7.26
CA GLN K 90 58.78 21.58 -7.46
C GLN K 90 58.71 20.54 -6.35
N GLU K 91 58.63 21.01 -5.11
CA GLU K 91 58.61 20.12 -3.94
C GLU K 91 57.34 19.27 -3.93
N ALA K 92 56.20 19.92 -4.17
CA ALA K 92 54.88 19.26 -4.14
C ALA K 92 54.70 18.17 -5.21
N ALA K 93 55.18 18.45 -6.42
CA ALA K 93 55.08 17.49 -7.52
C ALA K 93 55.81 16.19 -7.23
N ALA K 94 56.88 16.27 -6.44
CA ALA K 94 57.69 15.10 -6.11
C ALA K 94 56.97 14.09 -5.22
N HIS K 95 55.96 14.57 -4.49
CA HIS K 95 55.22 13.70 -3.56
C HIS K 95 54.04 13.03 -4.20
N PHE K 96 53.25 13.83 -4.93
CA PHE K 96 52.11 13.33 -5.74
C PHE K 96 51.53 14.50 -6.54
N THR K 97 51.17 14.23 -7.79
CA THR K 97 50.64 15.23 -8.69
C THR K 97 49.14 15.45 -8.49
N HIS K 98 48.45 14.39 -8.06
CA HIS K 98 47.00 14.36 -8.01
C HIS K 98 46.52 13.10 -7.35
N THR K 99 45.54 13.23 -6.44
CA THR K 99 44.78 12.09 -5.94
C THR K 99 43.28 12.28 -6.01
N CYS K 100 42.83 13.48 -6.41
CA CYS K 100 41.41 13.91 -6.39
C CYS K 100 40.85 14.07 -4.98
N PHE K 101 40.68 15.31 -4.54
CA PHE K 101 40.30 15.59 -3.17
C PHE K 101 39.04 14.84 -2.73
N MET K 102 38.08 14.69 -3.63
CA MET K 102 36.86 13.92 -3.33
C MET K 102 37.11 12.44 -3.07
N VAL K 103 38.27 11.92 -3.47
CA VAL K 103 38.62 10.53 -3.19
C VAL K 103 39.56 10.45 -2.01
N THR K 104 40.81 10.84 -2.20
CA THR K 104 41.80 10.91 -1.12
C THR K 104 42.25 12.35 -0.88
N PRO K 105 41.89 12.91 0.28
CA PRO K 105 42.19 14.31 0.52
C PRO K 105 43.65 14.53 0.91
N TYR K 106 44.00 15.80 1.09
CA TYR K 106 45.36 16.19 1.35
C TYR K 106 45.45 17.59 1.96
N GLU K 107 46.56 17.84 2.65
CA GLU K 107 46.70 19.06 3.43
C GLU K 107 46.61 20.33 2.57
N GLY K 108 47.20 20.32 1.38
CA GLY K 108 47.28 21.52 0.57
C GLY K 108 45.94 22.19 0.30
N TYR K 109 44.93 21.35 0.07
CA TYR K 109 43.57 21.82 -0.20
C TYR K 109 43.08 22.53 1.05
N VAL K 110 43.12 21.83 2.18
CA VAL K 110 42.68 22.36 3.45
C VAL K 110 43.41 23.67 3.73
N ALA K 111 44.72 23.67 3.53
CA ALA K 111 45.54 24.85 3.82
C ALA K 111 45.13 26.08 3.02
N VAL K 112 44.96 25.89 1.72
CA VAL K 112 44.59 27.00 0.85
C VAL K 112 43.24 27.56 1.31
N THR K 113 42.36 26.62 1.59
CA THR K 113 41.05 26.87 2.19
C THR K 113 41.11 27.71 3.46
N GLU K 114 42.10 27.45 4.30
CA GLU K 114 42.29 28.23 5.54
C GLU K 114 42.70 29.67 5.24
N GLN K 115 43.60 29.86 4.29
CA GLN K 115 44.04 31.20 3.91
C GLN K 115 42.91 32.03 3.32
N LEU K 116 42.09 31.41 2.47
CA LEU K 116 41.02 32.15 1.82
C LEU K 116 39.96 32.57 2.83
N ASN K 117 39.67 31.69 3.80
CA ASN K 117 38.73 32.03 4.89
C ASN K 117 39.25 33.27 5.62
N ARG K 118 40.57 33.28 5.86
CA ARG K 118 41.21 34.36 6.60
C ARG K 118 41.24 35.69 5.82
N LEU K 119 41.58 35.63 4.54
CA LEU K 119 41.87 36.85 3.76
C LEU K 119 40.63 37.53 3.14
N THR K 120 39.53 36.80 3.00
CA THR K 120 38.34 37.32 2.33
C THR K 120 37.57 38.21 3.27
N PRO K 121 36.71 39.08 2.74
CA PRO K 121 36.01 39.99 3.62
C PRO K 121 34.98 39.35 4.53
N GLY K 122 34.67 40.05 5.63
CA GLY K 122 33.65 39.64 6.58
C GLY K 122 34.20 38.73 7.64
N ASP K 123 33.57 38.80 8.82
CA ASP K 123 34.00 38.02 10.00
C ASP K 123 33.04 36.86 10.33
N HIS K 124 31.99 36.72 9.53
CA HIS K 124 31.04 35.63 9.65
C HIS K 124 31.64 34.29 9.26
N ALA K 125 30.93 33.22 9.57
CA ALA K 125 31.41 31.87 9.24
C ALA K 125 31.46 31.71 7.75
N LYS K 126 32.60 31.27 7.23
CA LYS K 126 32.78 31.10 5.80
C LYS K 126 33.30 29.70 5.49
N ARG K 127 33.01 29.22 4.28
CA ARG K 127 33.54 27.95 3.79
C ARG K 127 33.98 28.09 2.35
N THR K 128 34.81 27.16 1.90
CA THR K 128 35.43 27.27 0.59
C THR K 128 35.36 25.93 -0.15
N VAL K 129 35.24 25.99 -1.47
CA VAL K 129 35.48 24.83 -2.33
C VAL K 129 36.42 25.31 -3.41
N LEU K 130 37.23 24.38 -3.92
CA LEU K 130 38.22 24.68 -4.94
C LEU K 130 37.91 23.99 -6.28
N PHE K 131 38.24 24.69 -7.36
CA PHE K 131 38.12 24.17 -8.70
C PHE K 131 39.34 24.59 -9.50
N ASN K 132 39.24 24.57 -10.83
CA ASN K 132 40.38 24.87 -11.68
C ASN K 132 40.30 26.22 -12.31
N SER K 133 39.20 26.52 -13.02
CA SER K 133 39.07 27.77 -13.76
C SER K 133 38.11 28.79 -13.15
N GLY K 134 38.26 30.04 -13.57
CA GLY K 134 37.36 31.08 -13.16
C GLY K 134 35.95 30.72 -13.51
N ALA K 135 35.76 30.24 -14.72
CA ALA K 135 34.42 29.88 -15.16
C ALA K 135 33.82 28.83 -14.23
N GLU K 136 34.62 27.84 -13.87
CA GLU K 136 34.13 26.84 -12.95
C GLU K 136 33.74 27.49 -11.60
N ALA K 137 34.54 28.45 -11.14
CA ALA K 137 34.22 29.15 -9.89
C ALA K 137 32.86 29.81 -9.99
N VAL K 138 32.64 30.60 -11.06
CA VAL K 138 31.38 31.30 -11.21
C VAL K 138 30.21 30.32 -11.34
N GLU K 139 30.40 29.27 -12.13
CA GLU K 139 29.40 28.20 -12.24
C GLU K 139 28.98 27.66 -10.87
N ASN K 140 29.96 27.41 -10.03
CA ASN K 140 29.69 26.87 -8.72
C ASN K 140 29.04 27.86 -7.74
N ALA K 141 29.44 29.13 -7.82
CA ALA K 141 28.79 30.16 -7.04
C ALA K 141 27.28 30.17 -7.35
N VAL K 142 26.96 30.11 -8.63
CA VAL K 142 25.59 30.17 -9.06
C VAL K 142 24.84 28.88 -8.61
N LYS K 143 25.48 27.73 -8.76
CA LYS K 143 24.91 26.51 -8.24
C LYS K 143 24.49 26.69 -6.76
N VAL K 144 25.38 27.28 -5.97
CA VAL K 144 25.16 27.38 -4.54
C VAL K 144 24.04 28.35 -4.26
N ALA K 145 24.04 29.48 -4.93
CA ALA K 145 22.96 30.46 -4.74
C ALA K 145 21.61 29.85 -5.11
N ARG K 146 21.56 29.13 -6.22
CA ARG K 146 20.29 28.54 -6.68
C ARG K 146 19.76 27.46 -5.72
N LEU K 147 20.63 26.57 -5.28
CA LEU K 147 20.25 25.53 -4.30
C LEU K 147 19.91 26.13 -2.93
N ALA K 148 20.76 27.03 -2.42
CA ALA K 148 20.55 27.60 -1.08
C ALA K 148 19.29 28.46 -1.01
N THR K 149 18.95 29.21 -2.04
CA THR K 149 17.81 30.09 -1.98
C THR K 149 16.53 29.40 -2.43
N GLY K 150 16.68 28.31 -3.16
CA GLY K 150 15.52 27.71 -3.82
C GLY K 150 14.95 28.53 -5.00
N ARG K 151 15.70 29.51 -5.49
CA ARG K 151 15.24 30.33 -6.63
C ARG K 151 16.08 30.13 -7.91
N ASP K 152 15.56 30.66 -9.02
CA ASP K 152 16.10 30.41 -10.37
C ASP K 152 16.90 31.57 -10.92
N ALA K 153 16.29 32.75 -10.91
CA ALA K 153 16.82 33.90 -11.64
C ALA K 153 18.17 34.39 -11.11
N VAL K 154 19.06 34.71 -12.02
CA VAL K 154 20.32 35.34 -11.65
C VAL K 154 20.46 36.65 -12.41
N VAL K 155 20.78 37.77 -11.74
CA VAL K 155 21.01 39.00 -12.49
C VAL K 155 22.50 39.27 -12.67
N ALA K 156 22.85 39.58 -13.91
CA ALA K 156 24.17 40.01 -14.28
C ALA K 156 24.02 41.40 -14.94
N PHE K 157 25.14 42.05 -15.23
CA PHE K 157 25.09 43.44 -15.66
C PHE K 157 25.62 43.69 -17.09
N ASP K 158 25.22 44.82 -17.67
CA ASP K 158 25.88 45.31 -18.87
C ASP K 158 27.37 45.40 -18.61
N HIS K 159 28.13 45.12 -19.66
CA HIS K 159 29.61 45.13 -19.61
C HIS K 159 30.22 44.03 -18.75
N ALA K 160 29.40 43.08 -18.26
CA ALA K 160 29.94 41.97 -17.48
C ALA K 160 30.69 40.98 -18.36
N TYR K 161 31.66 40.33 -17.74
CA TYR K 161 32.33 39.16 -18.32
C TYR K 161 32.57 38.15 -17.22
N HIS K 162 32.12 36.92 -17.41
CA HIS K 162 32.27 35.90 -16.37
C HIS K 162 32.73 34.55 -16.87
N GLY K 163 33.00 34.41 -18.17
CA GLY K 163 33.56 33.17 -18.67
C GLY K 163 32.98 32.60 -19.94
N ARG K 164 33.49 31.43 -20.30
CA ARG K 164 33.27 30.85 -21.62
C ARG K 164 32.55 29.52 -21.62
N THR K 165 32.09 29.06 -20.47
CA THR K 165 31.13 27.93 -20.44
C THR K 165 29.74 28.48 -20.79
N ASN K 166 28.79 27.60 -21.05
CA ASN K 166 27.49 28.02 -21.54
C ASN K 166 26.81 29.02 -20.60
N LEU K 167 26.76 28.70 -19.32
CA LEU K 167 26.19 29.61 -18.35
C LEU K 167 27.02 30.88 -18.18
N THR K 168 28.35 30.76 -18.11
CA THR K 168 29.19 31.95 -17.92
C THR K 168 29.19 32.84 -19.18
N MET K 169 28.97 32.24 -20.34
CA MET K 169 28.67 33.00 -21.55
C MET K 169 27.34 33.73 -21.38
N ALA K 170 26.33 33.02 -20.88
CA ALA K 170 25.00 33.60 -20.63
C ALA K 170 25.14 34.82 -19.77
N LEU K 171 25.93 34.68 -18.70
CA LEU K 171 26.17 35.79 -17.76
C LEU K 171 26.99 36.92 -18.39
N THR K 172 27.86 36.56 -19.34
CA THR K 172 28.67 37.55 -20.02
C THR K 172 27.81 38.42 -20.96
N ALA K 173 28.13 39.71 -21.04
CA ALA K 173 27.34 40.67 -21.85
C ALA K 173 27.75 40.71 -23.31
N LYS K 174 29.04 40.84 -23.59
CA LYS K 174 29.50 41.07 -24.95
C LYS K 174 29.45 39.79 -25.78
N ALA K 175 28.86 39.87 -26.97
CA ALA K 175 28.74 38.70 -27.85
C ALA K 175 30.01 38.34 -28.61
N MET K 176 30.76 39.34 -29.09
CA MET K 176 31.97 39.07 -29.92
C MET K 176 33.23 39.21 -29.08
N PRO K 177 34.02 38.13 -28.96
CA PRO K 177 33.92 36.80 -29.56
C PRO K 177 33.36 35.73 -28.65
N TYR K 178 32.92 36.13 -27.46
CA TYR K 178 32.66 35.17 -26.39
C TYR K 178 31.40 34.30 -26.61
N LYS K 179 30.41 34.80 -27.34
CA LYS K 179 29.09 34.15 -27.43
C LYS K 179 28.62 33.78 -28.85
N THR K 180 29.01 34.56 -29.87
CA THR K 180 28.42 34.43 -31.20
C THR K 180 28.40 33.00 -31.66
N ASN K 181 27.21 32.54 -32.03
CA ASN K 181 26.98 31.16 -32.53
C ASN K 181 27.25 30.00 -31.55
N PHE K 182 27.47 30.31 -30.28
CA PHE K 182 27.69 29.26 -29.27
C PHE K 182 26.45 28.88 -28.42
N GLY K 183 25.34 29.58 -28.60
CA GLY K 183 24.13 29.28 -27.87
C GLY K 183 23.41 28.05 -28.37
N PRO K 184 22.17 27.82 -27.91
CA PRO K 184 21.36 28.65 -27.01
C PRO K 184 21.90 28.62 -25.60
N PHE K 185 21.70 29.71 -24.86
CA PHE K 185 22.37 29.89 -23.57
C PHE K 185 21.50 29.53 -22.38
N ALA K 186 22.15 29.22 -21.26
CA ALA K 186 21.50 28.79 -20.03
C ALA K 186 20.39 29.76 -19.64
N PRO K 187 19.23 29.23 -19.22
CA PRO K 187 18.08 30.07 -18.99
C PRO K 187 18.07 30.77 -17.63
N GLU K 188 17.17 31.73 -17.52
CA GLU K 188 16.91 32.51 -16.30
C GLU K 188 18.10 33.37 -15.85
N VAL K 189 18.74 34.00 -16.82
CA VAL K 189 19.74 35.03 -16.58
C VAL K 189 19.17 36.35 -17.11
N TYR K 190 19.19 37.38 -16.27
CA TYR K 190 18.61 38.65 -16.63
C TYR K 190 19.70 39.71 -16.55
N ARG K 191 19.66 40.70 -17.45
CA ARG K 191 20.71 41.70 -17.52
C ARG K 191 20.21 43.07 -17.11
N MET K 192 21.00 43.74 -16.29
CA MET K 192 20.59 45.02 -15.72
C MET K 192 21.64 46.09 -15.99
N PRO K 193 21.24 47.36 -15.93
CA PRO K 193 22.17 48.43 -16.19
C PRO K 193 23.26 48.59 -15.13
N MET K 194 24.45 48.90 -15.61
CA MET K 194 25.65 49.09 -14.78
C MET K 194 25.80 50.55 -14.42
N SER K 195 26.56 50.83 -13.37
CA SER K 195 27.02 52.20 -13.07
C SER K 195 28.32 52.41 -13.79
N TYR K 196 28.26 53.18 -14.88
CA TYR K 196 29.41 53.39 -15.80
C TYR K 196 29.51 54.90 -16.01
N PRO K 197 30.12 55.59 -15.03
CA PRO K 197 30.07 57.06 -14.95
C PRO K 197 30.37 57.77 -16.26
N PHE K 198 31.42 57.35 -16.95
CA PHE K 198 31.84 58.05 -18.14
C PHE K 198 30.79 58.07 -19.25
N ARG K 199 29.89 57.09 -19.24
CA ARG K 199 28.88 56.97 -20.31
C ARG K 199 27.42 57.06 -19.85
N GLU K 200 27.21 57.47 -18.62
CA GLU K 200 25.85 57.70 -18.14
C GLU K 200 25.18 58.79 -18.94
N GLU K 201 23.94 58.55 -19.36
CA GLU K 201 23.19 59.54 -20.12
C GLU K 201 22.98 60.82 -19.32
N ASN K 202 22.87 60.65 -18.00
CA ASN K 202 22.84 61.78 -17.08
C ASN K 202 24.14 61.76 -16.29
N PRO K 203 25.12 62.59 -16.68
CA PRO K 203 26.45 62.52 -16.05
C PRO K 203 26.44 62.73 -14.56
N GLU K 204 25.44 63.45 -14.05
CA GLU K 204 25.38 63.76 -12.62
C GLU K 204 24.84 62.61 -11.74
N ILE K 205 24.41 61.51 -12.36
CA ILE K 205 23.82 60.40 -11.61
C ILE K 205 24.78 59.90 -10.52
N THR K 206 24.19 59.54 -9.36
CA THR K 206 24.96 59.03 -8.18
C THR K 206 24.93 57.52 -8.18
N GLY K 207 25.88 56.97 -7.45
CA GLY K 207 25.97 55.53 -7.27
C GLY K 207 24.69 54.96 -6.68
N ALA K 208 24.22 55.59 -5.60
CA ALA K 208 22.93 55.27 -4.99
C ALA K 208 21.79 55.29 -6.01
N GLU K 209 21.75 56.33 -6.84
CA GLU K 209 20.69 56.47 -7.85
C GLU K 209 20.79 55.40 -8.94
N ALA K 210 22.02 55.07 -9.33
CA ALA K 210 22.30 54.01 -10.33
C ALA K 210 21.88 52.63 -9.78
N ALA K 211 22.14 52.41 -8.49
CA ALA K 211 21.69 51.22 -7.81
C ALA K 211 20.14 51.16 -7.75
N LYS K 212 19.50 52.29 -7.48
CA LYS K 212 18.04 52.32 -7.39
C LYS K 212 17.43 52.01 -8.76
N ARG K 213 18.06 52.52 -9.82
CA ARG K 213 17.62 52.23 -11.18
C ARG K 213 17.66 50.72 -11.45
N ALA K 214 18.77 50.09 -11.09
CA ALA K 214 18.89 48.64 -11.27
C ALA K 214 17.86 47.92 -10.41
N ILE K 215 17.73 48.33 -9.15
CA ILE K 215 16.86 47.64 -8.22
C ILE K 215 15.41 47.68 -8.67
N THR K 216 14.92 48.84 -9.06
CA THR K 216 13.54 48.97 -9.52
C THR K 216 13.34 48.04 -10.71
N MET K 217 14.30 48.06 -11.63
CA MET K 217 14.16 47.26 -12.84
C MET K 217 14.09 45.77 -12.49
N ILE K 218 14.95 45.32 -11.57
CA ILE K 218 14.95 43.94 -11.12
C ILE K 218 13.60 43.59 -10.48
N GLU K 219 13.11 44.50 -9.64
CA GLU K 219 11.88 44.27 -8.89
C GLU K 219 10.72 44.19 -9.88
N LYS K 220 10.71 45.07 -10.87
CA LYS K 220 9.60 45.12 -11.80
C LYS K 220 9.64 43.99 -12.81
N GLN K 221 10.84 43.55 -13.19
CA GLN K 221 10.98 42.57 -14.30
C GLN K 221 11.22 41.11 -13.86
N ILE K 222 11.56 40.93 -12.58
CA ILE K 222 11.71 39.61 -12.00
C ILE K 222 11.00 39.51 -10.63
N GLY K 223 11.27 40.48 -9.76
CA GLY K 223 10.81 40.45 -8.38
C GLY K 223 11.93 40.02 -7.45
N GLY K 224 12.22 40.82 -6.43
CA GLY K 224 13.32 40.54 -5.49
C GLY K 224 13.29 39.14 -4.91
N ASP K 225 12.11 38.64 -4.57
CA ASP K 225 11.98 37.34 -3.93
C ASP K 225 12.16 36.17 -4.92
N GLN K 226 12.30 36.48 -6.22
CA GLN K 226 12.54 35.47 -7.27
C GLN K 226 13.99 35.35 -7.69
N VAL K 227 14.86 36.20 -7.16
CA VAL K 227 16.24 36.22 -7.60
C VAL K 227 17.12 35.42 -6.67
N ALA K 228 17.76 34.41 -7.21
CA ALA K 228 18.71 33.59 -6.47
C ALA K 228 19.99 34.35 -6.19
N ALA K 229 20.47 35.10 -7.18
CA ALA K 229 21.78 35.75 -7.05
C ALA K 229 21.94 37.01 -7.91
N ILE K 230 22.66 38.00 -7.38
CA ILE K 230 23.14 39.12 -8.17
C ILE K 230 24.62 38.86 -8.26
N ILE K 231 25.15 38.83 -9.48
CA ILE K 231 26.60 38.66 -9.67
C ILE K 231 27.19 39.88 -10.35
N ILE K 232 28.25 40.43 -9.76
CA ILE K 232 28.87 41.62 -10.33
C ILE K 232 30.36 41.63 -10.03
N GLU K 233 31.12 42.15 -10.97
CA GLU K 233 32.55 42.41 -10.79
C GLU K 233 32.67 43.80 -10.16
N PRO K 234 33.37 43.91 -9.02
CA PRO K 234 33.52 45.22 -8.38
C PRO K 234 34.22 46.21 -9.30
N ILE K 235 35.20 45.70 -10.05
CA ILE K 235 35.69 46.44 -11.20
C ILE K 235 35.54 45.50 -12.39
N GLN K 236 34.81 45.95 -13.40
CA GLN K 236 34.51 45.11 -14.55
C GLN K 236 35.75 45.04 -15.42
N GLY K 237 36.25 43.82 -15.65
CA GLY K 237 37.52 43.62 -16.36
C GLY K 237 37.43 43.80 -17.87
N GLU K 238 37.10 42.71 -18.55
CA GLU K 238 37.01 42.71 -20.02
C GLU K 238 36.01 43.75 -20.53
N GLY K 239 35.05 44.12 -19.70
CA GLY K 239 34.11 45.19 -20.04
C GLY K 239 34.75 46.56 -20.22
N GLY K 240 35.93 46.76 -19.65
CA GLY K 240 36.67 48.00 -19.80
C GLY K 240 37.20 48.67 -18.52
N PHE K 241 37.48 47.87 -17.49
CA PHE K 241 37.90 48.40 -16.20
C PHE K 241 36.93 49.48 -15.72
N ILE K 242 35.63 49.16 -15.77
CA ILE K 242 34.58 50.10 -15.33
C ILE K 242 34.50 50.04 -13.81
N VAL K 243 34.76 51.18 -13.16
CA VAL K 243 34.56 51.31 -11.69
C VAL K 243 33.21 52.00 -11.52
N PRO K 244 32.33 51.39 -10.71
CA PRO K 244 31.03 51.98 -10.50
C PRO K 244 31.18 53.18 -9.61
N ALA K 245 30.22 54.08 -9.70
CA ALA K 245 30.21 55.25 -8.85
C ALA K 245 30.12 54.83 -7.38
N GLU K 246 30.75 55.63 -6.51
CA GLU K 246 30.71 55.40 -5.06
C GLU K 246 29.26 55.27 -4.60
N GLY K 247 28.98 54.23 -3.80
CA GLY K 247 27.63 54.01 -3.25
C GLY K 247 26.75 52.99 -3.97
N PHE K 248 27.15 52.61 -5.18
CA PHE K 248 26.42 51.63 -5.98
C PHE K 248 26.53 50.25 -5.37
N LEU K 249 27.75 49.76 -5.20
CA LEU K 249 27.92 48.40 -4.67
C LEU K 249 27.28 48.21 -3.29
N PRO K 250 27.49 49.15 -2.35
CA PRO K 250 26.83 48.98 -1.05
C PRO K 250 25.30 48.95 -1.13
N ALA K 251 24.71 49.80 -1.97
CA ALA K 251 23.25 49.80 -2.10
C ALA K 251 22.75 48.42 -2.60
N LEU K 252 23.40 47.86 -3.62
CA LEU K 252 23.05 46.53 -4.11
C LEU K 252 23.20 45.50 -2.99
N SER K 253 24.29 45.59 -2.25
CA SER K 253 24.54 44.64 -1.17
C SER K 253 23.45 44.71 -0.09
N GLU K 254 23.10 45.91 0.33
CA GLU K 254 22.06 46.10 1.33
C GLU K 254 20.73 45.54 0.87
N TRP K 255 20.38 45.83 -0.39
CA TRP K 255 19.14 45.35 -0.95
C TRP K 255 19.10 43.86 -0.99
N ALA K 256 20.13 43.25 -1.57
CA ALA K 256 20.22 41.80 -1.66
C ALA K 256 19.94 41.15 -0.31
N LYS K 257 20.54 41.70 0.74
CA LYS K 257 20.35 41.18 2.10
C LYS K 257 18.88 41.27 2.45
N GLU K 258 18.29 42.41 2.20
CA GLU K 258 16.89 42.60 2.42
C GLU K 258 16.05 41.50 1.78
N LYS K 259 16.36 41.17 0.54
CA LYS K 259 15.49 40.30 -0.24
C LYS K 259 15.92 38.85 -0.26
N GLY K 260 16.91 38.51 0.55
CA GLY K 260 17.38 37.12 0.64
C GLY K 260 18.11 36.65 -0.59
N ILE K 261 18.66 37.60 -1.36
CA ILE K 261 19.38 37.34 -2.62
C ILE K 261 20.86 37.20 -2.35
N VAL K 262 21.46 36.14 -2.88
CA VAL K 262 22.89 35.93 -2.67
C VAL K 262 23.63 36.92 -3.53
N PHE K 263 24.48 37.73 -2.90
CA PHE K 263 25.31 38.70 -3.60
C PHE K 263 26.66 38.09 -3.90
N ILE K 264 26.93 37.87 -5.19
CA ILE K 264 28.19 37.24 -5.62
C ILE K 264 29.14 38.28 -6.19
N ALA K 265 30.31 38.42 -5.59
CA ALA K 265 31.34 39.31 -6.11
C ALA K 265 32.27 38.51 -6.93
N ASP K 266 32.35 38.81 -8.22
CA ASP K 266 33.30 38.11 -9.09
C ASP K 266 34.64 38.83 -9.05
N GLU K 267 35.56 38.30 -8.23
CA GLU K 267 36.89 38.88 -8.04
C GLU K 267 37.97 38.01 -8.68
N VAL K 268 37.61 37.32 -9.74
CA VAL K 268 38.56 36.50 -10.45
C VAL K 268 39.74 37.35 -11.00
N GLN K 269 39.44 38.52 -11.56
CA GLN K 269 40.49 39.39 -12.09
C GLN K 269 40.97 40.41 -11.04
N SER K 270 40.04 40.96 -10.25
CA SER K 270 40.35 42.03 -9.29
C SER K 270 40.91 41.54 -7.95
N GLY K 271 40.83 40.24 -7.71
CA GLY K 271 41.26 39.70 -6.42
C GLY K 271 42.76 39.57 -6.21
N PHE K 272 43.13 39.31 -4.97
CA PHE K 272 44.53 39.10 -4.54
C PHE K 272 45.49 40.25 -4.84
N CYS K 273 45.21 41.38 -4.19
CA CYS K 273 46.10 42.56 -4.12
C CYS K 273 46.13 43.40 -5.38
N ARG K 274 45.47 42.94 -6.43
CA ARG K 274 45.50 43.62 -7.72
C ARG K 274 45.12 45.10 -7.64
N THR K 275 44.15 45.43 -6.78
CA THR K 275 43.63 46.80 -6.71
C THR K 275 44.23 47.60 -5.54
N GLY K 276 45.18 47.01 -4.81
CA GLY K 276 45.79 47.67 -3.67
C GLY K 276 45.16 47.29 -2.35
N GLU K 277 44.14 46.44 -2.42
CA GLU K 277 43.55 45.81 -1.24
C GLU K 277 43.44 44.35 -1.58
N TRP K 278 43.25 43.49 -0.60
CA TRP K 278 43.14 42.07 -0.88
C TRP K 278 42.06 41.78 -1.91
N PHE K 279 40.92 42.45 -1.76
CA PHE K 279 39.83 42.31 -2.73
C PHE K 279 39.25 43.66 -3.08
N ALA K 280 38.84 43.83 -4.32
CA ALA K 280 38.36 45.12 -4.78
C ALA K 280 37.23 45.65 -3.91
N VAL K 281 36.46 44.73 -3.35
CA VAL K 281 35.29 45.06 -2.60
C VAL K 281 35.69 45.78 -1.27
N ASP K 282 36.93 45.54 -0.82
CA ASP K 282 37.48 46.20 0.37
C ASP K 282 37.60 47.71 0.24
N HIS K 283 37.74 48.24 -0.98
CA HIS K 283 37.73 49.72 -1.19
C HIS K 283 36.50 50.34 -0.61
N GLU K 284 35.33 49.75 -0.81
CA GLU K 284 34.08 50.32 -0.25
C GLU K 284 33.56 49.57 0.98
N GLY K 285 34.28 48.56 1.44
CA GLY K 285 33.87 47.79 2.61
C GLY K 285 32.66 46.89 2.39
N VAL K 286 32.36 46.55 1.13
CA VAL K 286 31.27 45.64 0.81
C VAL K 286 31.68 44.21 1.17
N VAL K 287 30.77 43.45 1.78
CA VAL K 287 31.06 42.07 2.23
C VAL K 287 30.14 41.10 1.48
N PRO K 288 30.64 40.49 0.40
CA PRO K 288 29.82 39.61 -0.42
C PRO K 288 29.41 38.31 0.27
N ASP K 289 28.29 37.75 -0.15
CA ASP K 289 27.79 36.48 0.38
C ASP K 289 28.63 35.33 -0.17
N ILE K 290 28.99 35.42 -1.45
CA ILE K 290 29.95 34.47 -2.06
C ILE K 290 30.91 35.29 -2.91
N ILE K 291 32.16 34.87 -2.95
CA ILE K 291 33.10 35.55 -3.80
C ILE K 291 33.87 34.53 -4.61
N THR K 292 33.96 34.79 -5.91
CA THR K 292 34.64 33.90 -6.87
C THR K 292 36.06 34.39 -7.16
N MET K 293 36.98 33.43 -7.17
CA MET K 293 38.39 33.71 -7.31
C MET K 293 39.07 32.76 -8.30
N ALA K 294 40.05 33.31 -9.03
CA ALA K 294 40.97 32.51 -9.83
C ALA K 294 42.19 33.38 -10.21
N LYS K 295 42.63 33.32 -11.47
CA LYS K 295 43.75 34.13 -12.01
C LYS K 295 44.96 34.25 -10.99
N GLY K 296 45.01 35.35 -10.24
CA GLY K 296 46.12 35.60 -9.34
C GLY K 296 46.34 34.64 -8.16
N ILE K 297 45.30 33.89 -7.80
CA ILE K 297 45.34 33.05 -6.60
C ILE K 297 46.56 32.13 -6.48
N ALA K 298 47.03 31.56 -7.59
CA ALA K 298 48.05 30.50 -7.51
C ALA K 298 49.29 30.77 -8.34
N GLY K 299 49.62 32.05 -8.48
CA GLY K 299 50.83 32.49 -9.16
C GLY K 299 51.05 31.90 -10.54
N GLY K 300 49.97 31.55 -11.22
CA GLY K 300 50.06 31.04 -12.57
C GLY K 300 49.61 29.60 -12.74
N LEU K 301 49.59 28.83 -11.66
CA LEU K 301 49.04 27.49 -11.75
C LEU K 301 47.49 27.51 -11.85
N PRO K 302 46.89 26.46 -12.41
CA PRO K 302 45.42 26.43 -12.58
C PRO K 302 44.66 26.11 -11.30
N LEU K 303 44.19 27.15 -10.64
CA LEU K 303 43.36 27.00 -9.45
C LEU K 303 42.30 28.08 -9.43
N SER K 304 41.14 27.71 -8.90
CA SER K 304 40.04 28.65 -8.68
C SER K 304 39.31 28.28 -7.39
N ALA K 305 38.50 29.19 -6.89
CA ALA K 305 37.85 28.96 -5.61
C ALA K 305 36.58 29.80 -5.48
N ILE K 306 35.59 29.25 -4.74
CA ILE K 306 34.52 30.08 -4.18
C ILE K 306 34.65 30.06 -2.68
N THR K 307 34.51 31.23 -2.08
CA THR K 307 34.46 31.34 -0.62
C THR K 307 33.19 32.15 -0.27
N GLY K 308 32.34 31.56 0.55
CA GLY K 308 31.11 32.24 0.95
C GLY K 308 30.57 31.81 2.30
N ARG K 309 29.44 32.40 2.65
CA ARG K 309 28.77 32.11 3.92
C ARG K 309 28.64 30.61 4.15
N ALA K 310 29.03 30.16 5.34
CA ALA K 310 28.89 28.75 5.71
C ALA K 310 27.46 28.23 5.48
N ASP K 311 26.47 29.02 5.90
CA ASP K 311 25.09 28.55 5.82
C ASP K 311 24.66 28.32 4.36
N LEU K 312 25.20 29.09 3.43
CA LEU K 312 24.91 28.89 2.02
C LEU K 312 25.64 27.65 1.50
N LEU K 313 26.96 27.65 1.60
CA LEU K 313 27.76 26.54 1.02
C LEU K 313 27.46 25.21 1.68
N ASP K 314 27.26 25.20 2.99
CA ASP K 314 26.94 23.96 3.68
C ASP K 314 25.53 23.43 3.35
N ALA K 315 24.68 24.24 2.76
CA ALA K 315 23.35 23.75 2.30
C ALA K 315 23.44 22.68 1.18
N VAL K 316 24.52 22.71 0.39
CA VAL K 316 24.63 21.84 -0.76
C VAL K 316 24.85 20.43 -0.27
N HIS K 317 24.16 19.49 -0.90
CA HIS K 317 24.20 18.10 -0.50
C HIS K 317 25.56 17.48 -0.75
N PRO K 318 25.86 16.38 -0.05
CA PRO K 318 27.17 15.71 -0.25
C PRO K 318 27.39 15.35 -1.71
N GLY K 319 28.56 15.70 -2.23
CA GLY K 319 28.94 15.36 -3.60
C GLY K 319 28.39 16.31 -4.65
N GLY K 320 27.64 17.32 -4.23
CA GLY K 320 27.00 18.24 -5.16
C GLY K 320 27.97 19.12 -5.91
N LEU K 321 28.97 19.64 -5.19
CA LEU K 321 30.01 20.50 -5.76
C LEU K 321 31.30 19.72 -5.82
N GLY K 322 32.00 19.81 -6.94
CA GLY K 322 33.27 19.10 -7.11
C GLY K 322 33.89 19.18 -8.51
N GLY K 323 34.54 18.09 -8.92
CA GLY K 323 35.40 18.07 -10.10
C GLY K 323 36.56 17.12 -9.87
N THR K 324 37.20 16.65 -10.94
CA THR K 324 38.33 15.73 -10.83
C THR K 324 39.61 16.44 -10.33
N TYR K 325 40.08 17.41 -11.11
CA TYR K 325 41.36 18.08 -10.88
C TYR K 325 41.30 19.09 -9.77
N GLY K 326 40.09 19.57 -9.49
CA GLY K 326 39.90 20.74 -8.62
C GLY K 326 40.70 20.73 -7.32
N GLY K 327 41.30 21.88 -7.02
CA GLY K 327 42.18 21.99 -5.86
C GLY K 327 43.43 21.12 -5.99
N ASN K 328 44.02 21.14 -7.17
CA ASN K 328 45.17 20.31 -7.45
C ASN K 328 46.31 20.64 -6.50
N PRO K 329 46.95 19.61 -5.95
CA PRO K 329 47.94 19.81 -4.88
C PRO K 329 49.14 20.64 -5.29
N VAL K 330 49.61 20.44 -6.52
CA VAL K 330 50.68 21.26 -7.04
C VAL K 330 50.25 22.71 -7.16
N ALA K 331 49.02 22.91 -7.64
CA ALA K 331 48.46 24.26 -7.70
C ALA K 331 48.29 24.87 -6.31
N CYS K 332 47.92 24.03 -5.34
CA CYS K 332 47.67 24.50 -3.97
C CYS K 332 48.96 24.97 -3.36
N ALA K 333 50.01 24.16 -3.55
CA ALA K 333 51.37 24.55 -3.10
C ALA K 333 51.72 25.92 -3.70
N ALA K 334 51.45 26.11 -4.99
CA ALA K 334 51.65 27.41 -5.64
C ALA K 334 50.90 28.54 -4.94
N ALA K 335 49.64 28.30 -4.64
CA ALA K 335 48.78 29.32 -4.05
C ALA K 335 49.28 29.75 -2.67
N LEU K 336 49.57 28.78 -1.82
CA LEU K 336 50.11 29.08 -0.49
C LEU K 336 51.35 29.97 -0.58
N ALA K 337 52.28 29.59 -1.46
CA ALA K 337 53.50 30.37 -1.69
C ALA K 337 53.18 31.75 -2.28
N ALA K 338 52.30 31.79 -3.26
CA ALA K 338 51.88 33.04 -3.87
C ALA K 338 51.27 34.02 -2.84
N ILE K 339 50.33 33.52 -2.03
CA ILE K 339 49.74 34.33 -0.94
C ILE K 339 50.82 34.80 0.06
N ASP K 340 51.73 33.90 0.36
CA ASP K 340 52.83 34.22 1.25
C ASP K 340 53.69 35.36 0.70
N THR K 341 54.03 35.28 -0.58
CA THR K 341 54.74 36.36 -1.24
C THR K 341 53.95 37.67 -1.15
N MET K 342 52.65 37.60 -1.39
CA MET K 342 51.81 38.80 -1.34
C MET K 342 51.98 39.52 0.00
N GLU K 343 52.04 38.73 1.07
CA GLU K 343 52.22 39.25 2.44
C GLU K 343 53.65 39.70 2.72
N GLN K 344 54.60 38.77 2.58
CA GLN K 344 56.01 39.07 2.83
C GLN K 344 56.46 40.33 2.11
N HIS K 345 56.08 40.51 0.84
CA HIS K 345 56.52 41.70 0.07
C HIS K 345 55.52 42.80 -0.02
N ASP K 346 54.47 42.73 0.78
CA ASP K 346 53.45 43.78 0.83
C ASP K 346 53.02 44.20 -0.57
N LEU K 347 52.46 43.25 -1.34
CA LEU K 347 52.04 43.52 -2.72
C LEU K 347 50.85 44.50 -2.78
N ASN K 348 50.02 44.53 -1.73
CA ASN K 348 49.01 45.57 -1.64
C ASN K 348 49.68 46.95 -1.74
N GLY K 349 50.73 47.15 -0.95
CA GLY K 349 51.52 48.37 -0.98
C GLY K 349 52.16 48.64 -2.35
N ARG K 350 52.73 47.60 -2.94
CA ARG K 350 53.30 47.76 -4.28
C ARG K 350 52.21 48.18 -5.30
N ALA K 351 51.02 47.60 -5.17
CA ALA K 351 49.92 47.94 -6.05
C ALA K 351 49.49 49.40 -5.87
N ARG K 352 49.39 49.85 -4.62
CA ARG K 352 49.01 51.25 -4.35
C ARG K 352 50.06 52.19 -4.91
N HIS K 353 51.33 51.77 -4.83
CA HIS K 353 52.42 52.57 -5.36
C HIS K 353 52.35 52.64 -6.87
N ILE K 354 52.12 51.50 -7.51
CA ILE K 354 51.92 51.46 -8.96
C ILE K 354 50.84 52.44 -9.37
N GLU K 355 49.74 52.48 -8.61
CA GLU K 355 48.63 53.38 -8.95
C GLU K 355 49.13 54.82 -9.00
N GLU K 356 49.81 55.23 -7.93
CA GLU K 356 50.33 56.62 -7.80
C GLU K 356 51.22 57.00 -8.98
N LEU K 357 52.18 56.13 -9.29
CA LEU K 357 53.11 56.32 -10.40
C LEU K 357 52.39 56.38 -11.75
N ALA K 358 51.61 55.35 -12.04
CA ALA K 358 50.99 55.20 -13.34
C ALA K 358 49.88 56.24 -13.57
N LEU K 359 49.02 56.48 -12.57
CA LEU K 359 47.95 57.49 -12.74
C LEU K 359 48.59 58.90 -12.87
N GLY K 360 49.73 59.11 -12.21
CA GLY K 360 50.51 60.35 -12.39
C GLY K 360 50.90 60.59 -13.84
N LYS K 361 51.58 59.62 -14.44
CA LYS K 361 52.05 59.72 -15.82
C LYS K 361 50.87 59.88 -16.79
N LEU K 362 49.80 59.13 -16.55
CA LEU K 362 48.63 59.15 -17.43
C LEU K 362 47.91 60.48 -17.39
N ARG K 363 47.83 61.08 -16.20
CA ARG K 363 47.14 62.37 -16.04
C ARG K 363 47.97 63.50 -16.66
N GLU K 364 49.31 63.36 -16.63
CA GLU K 364 50.21 64.22 -17.42
C GLU K 364 49.92 64.15 -18.93
N LEU K 365 49.77 62.94 -19.46
CA LEU K 365 49.46 62.76 -20.91
C LEU K 365 48.26 63.59 -21.35
N ALA K 366 47.48 64.06 -20.37
CA ALA K 366 46.36 64.91 -20.61
C ALA K 366 46.63 66.31 -20.01
N SER K 375 41.08 66.34 -28.12
CA SER K 375 41.65 65.32 -27.20
C SER K 375 41.07 63.91 -27.34
N VAL K 376 41.98 62.96 -27.19
CA VAL K 376 41.75 61.57 -27.51
C VAL K 376 41.65 60.71 -26.22
N VAL K 377 41.96 61.30 -25.07
CA VAL K 377 41.89 60.58 -23.77
C VAL K 377 40.55 60.93 -23.11
N GLY K 378 39.60 60.00 -23.20
CA GLY K 378 38.27 60.20 -22.64
C GLY K 378 38.17 60.06 -21.12
N ASP K 379 38.84 59.06 -20.56
CA ASP K 379 38.69 58.73 -19.15
C ASP K 379 39.87 57.91 -18.64
N ILE K 380 40.33 58.24 -17.44
CA ILE K 380 41.38 57.48 -16.77
C ILE K 380 40.78 56.98 -15.47
N ARG K 381 40.89 55.68 -15.23
CA ARG K 381 40.19 55.06 -14.13
C ARG K 381 40.85 53.78 -13.71
N GLY K 382 40.43 53.29 -12.54
CA GLY K 382 40.96 52.06 -11.98
C GLY K 382 41.58 52.27 -10.62
N ARG K 383 42.08 51.19 -10.03
CA ARG K 383 42.75 51.25 -8.75
C ARG K 383 43.90 50.28 -8.71
N GLY K 384 44.93 50.64 -7.96
CA GLY K 384 46.10 49.79 -7.77
C GLY K 384 46.80 49.47 -9.08
N ALA K 385 47.05 48.18 -9.30
CA ALA K 385 47.67 47.67 -10.55
C ALA K 385 46.62 47.22 -11.56
N MET K 386 45.39 47.74 -11.44
CA MET K 386 44.31 47.48 -12.39
C MET K 386 43.81 48.84 -12.88
N LEU K 387 44.50 49.40 -13.87
CA LEU K 387 44.27 50.77 -14.31
C LEU K 387 43.96 50.77 -15.79
N ALA K 388 43.28 51.81 -16.24
CA ALA K 388 42.92 51.86 -17.63
C ALA K 388 42.68 53.26 -18.16
N ILE K 389 42.86 53.39 -19.46
CA ILE K 389 42.61 54.65 -20.13
C ILE K 389 41.68 54.34 -21.31
N GLU K 390 40.51 54.98 -21.30
CA GLU K 390 39.54 54.83 -22.38
C GLU K 390 39.76 55.92 -23.42
N LEU K 391 40.01 55.48 -24.65
CA LEU K 391 40.32 56.37 -25.75
C LEU K 391 39.08 56.67 -26.59
N VAL K 392 38.91 57.95 -26.89
CA VAL K 392 37.77 58.44 -27.66
C VAL K 392 38.23 59.18 -28.94
N GLN K 393 37.24 59.54 -29.77
CA GLN K 393 37.47 60.32 -30.97
C GLN K 393 37.71 61.76 -30.53
N PRO K 394 38.60 62.51 -31.24
CA PRO K 394 38.92 63.89 -30.82
C PRO K 394 37.71 64.78 -30.61
N GLY K 395 37.62 65.39 -29.44
CA GLY K 395 36.55 66.34 -29.14
C GLY K 395 35.15 65.79 -28.99
N SER K 396 35.02 64.47 -28.81
CA SER K 396 33.73 63.85 -28.48
C SER K 396 33.93 62.66 -27.54
N LYS K 397 32.83 61.99 -27.20
CA LYS K 397 32.85 60.76 -26.38
C LYS K 397 32.74 59.47 -27.26
N GLU K 398 32.71 59.60 -28.59
CA GLU K 398 32.57 58.42 -29.47
C GLU K 398 33.82 57.51 -29.33
N PRO K 399 33.60 56.17 -29.25
CA PRO K 399 34.73 55.24 -29.02
C PRO K 399 35.74 55.26 -30.16
N ASN K 400 37.01 55.01 -29.81
CA ASN K 400 38.14 55.00 -30.77
C ASN K 400 38.88 53.68 -30.72
N ALA K 401 38.24 52.63 -31.22
CA ALA K 401 38.88 51.32 -31.29
C ALA K 401 40.12 51.32 -32.21
N GLU K 402 40.07 52.08 -33.32
CA GLU K 402 41.18 52.14 -34.31
C GLU K 402 42.50 52.61 -33.62
N LEU K 403 42.41 53.71 -32.86
CA LEU K 403 43.54 54.21 -32.11
C LEU K 403 44.06 53.17 -31.10
N THR K 404 43.12 52.50 -30.44
CA THR K 404 43.43 51.52 -29.40
C THR K 404 44.21 50.38 -29.99
N LYS K 405 43.70 49.80 -31.08
CA LYS K 405 44.39 48.71 -31.79
C LYS K 405 45.83 49.16 -32.19
N ALA K 406 45.91 50.39 -32.73
CA ALA K 406 47.16 50.96 -33.21
C ALA K 406 48.18 51.21 -32.10
N VAL K 407 47.70 51.73 -30.98
CA VAL K 407 48.60 52.00 -29.84
C VAL K 407 49.17 50.71 -29.25
N ALA K 408 48.33 49.68 -29.14
CA ALA K 408 48.80 48.36 -28.70
C ALA K 408 49.88 47.81 -29.62
N ALA K 409 49.65 47.92 -30.94
CA ALA K 409 50.62 47.46 -31.96
C ALA K 409 51.92 48.29 -31.87
N ALA K 410 51.79 49.61 -31.72
CA ALA K 410 52.93 50.51 -31.58
C ALA K 410 53.79 50.16 -30.37
N CYS K 411 53.13 49.90 -29.25
CA CYS K 411 53.82 49.51 -28.03
C CYS K 411 54.56 48.19 -28.22
N LEU K 412 53.91 47.25 -28.87
CA LEU K 412 54.52 45.95 -29.12
C LEU K 412 55.82 46.11 -29.95
N LYS K 413 55.74 46.96 -30.97
CA LYS K 413 56.91 47.27 -31.84
C LYS K 413 58.12 47.75 -31.03
N GLU K 414 57.89 48.56 -30.00
CA GLU K 414 58.98 49.08 -29.14
C GLU K 414 59.39 48.13 -28.01
N GLY K 415 58.78 46.95 -27.91
CA GLY K 415 59.13 45.99 -26.87
C GLY K 415 58.31 46.09 -25.59
N VAL K 416 57.08 46.58 -25.71
CA VAL K 416 56.15 46.64 -24.57
C VAL K 416 54.86 45.90 -24.88
N ILE K 417 54.62 44.79 -24.17
CA ILE K 417 53.39 44.00 -24.37
C ILE K 417 52.29 44.55 -23.48
N ILE K 418 51.28 45.14 -24.11
CA ILE K 418 50.19 45.79 -23.38
C ILE K 418 48.85 45.26 -23.88
N LEU K 419 47.87 45.11 -22.99
CA LEU K 419 46.57 44.54 -23.37
C LEU K 419 45.52 45.60 -23.54
N THR K 420 44.51 45.28 -24.34
CA THR K 420 43.36 46.12 -24.54
C THR K 420 42.10 45.40 -24.07
N CYS K 421 40.97 46.12 -24.04
CA CYS K 421 39.69 45.54 -23.62
C CYS K 421 38.57 46.52 -23.89
N GLY K 422 37.38 46.21 -23.39
CA GLY K 422 36.23 47.13 -23.46
C GLY K 422 35.10 46.65 -24.34
N THR K 423 33.87 46.96 -23.89
CA THR K 423 32.65 46.73 -24.70
C THR K 423 32.81 47.31 -26.08
N TYR K 424 33.39 48.52 -26.16
CA TYR K 424 33.59 49.18 -27.46
C TYR K 424 35.01 49.06 -28.05
N GLY K 425 35.82 48.15 -27.49
CA GLY K 425 37.17 47.88 -27.97
C GLY K 425 38.14 49.04 -27.91
N ASN K 426 37.86 50.00 -27.01
CA ASN K 426 38.57 51.26 -26.99
C ASN K 426 39.20 51.57 -25.63
N VAL K 427 39.58 50.56 -24.87
CA VAL K 427 40.22 50.75 -23.58
C VAL K 427 41.59 50.07 -23.51
N ILE K 428 42.62 50.86 -23.23
CA ILE K 428 43.94 50.31 -22.94
C ILE K 428 44.03 50.06 -21.45
N ARG K 429 44.46 48.85 -21.09
CA ARG K 429 44.53 48.46 -19.69
C ARG K 429 45.93 48.12 -19.26
N LEU K 430 46.26 48.56 -18.05
CA LEU K 430 47.52 48.26 -17.42
C LEU K 430 47.30 47.19 -16.36
N LEU K 431 47.87 46.02 -16.59
CA LEU K 431 47.84 44.92 -15.62
C LEU K 431 49.23 44.38 -15.40
N PRO K 432 50.14 45.23 -14.91
CA PRO K 432 51.51 44.79 -14.73
C PRO K 432 51.58 43.84 -13.57
N PRO K 433 52.58 42.96 -13.54
CA PRO K 433 52.81 42.21 -12.31
C PRO K 433 53.17 43.16 -11.17
N LEU K 434 52.72 42.84 -9.97
CA LEU K 434 52.91 43.74 -8.82
C LEU K 434 54.38 43.84 -8.41
N VAL K 435 55.16 42.81 -8.73
CA VAL K 435 56.61 42.83 -8.46
C VAL K 435 57.43 43.66 -9.50
N ILE K 436 56.76 44.34 -10.43
CA ILE K 436 57.47 45.18 -11.39
C ILE K 436 58.24 46.33 -10.71
N SER K 437 59.42 46.65 -11.22
CA SER K 437 60.22 47.77 -10.70
C SER K 437 59.71 49.11 -11.24
N ASP K 438 59.89 50.16 -10.44
CA ASP K 438 59.51 51.51 -10.85
C ASP K 438 60.21 51.91 -12.20
N GLU K 439 61.48 51.50 -12.35
CA GLU K 439 62.25 51.78 -13.57
C GLU K 439 61.50 51.23 -14.80
N LEU K 440 61.19 49.93 -14.77
CA LEU K 440 60.51 49.26 -15.87
C LEU K 440 59.09 49.80 -16.12
N LEU K 441 58.32 50.01 -15.06
CA LEU K 441 56.96 50.55 -15.20
C LEU K 441 57.03 51.92 -15.90
N ILE K 442 57.94 52.78 -15.43
CA ILE K 442 58.09 54.13 -16.02
C ILE K 442 58.50 54.04 -17.50
N ASP K 443 59.41 53.11 -17.80
CA ASP K 443 59.83 52.89 -19.17
C ASP K 443 58.59 52.55 -20.02
N GLY K 444 57.84 51.55 -19.56
CA GLY K 444 56.64 51.12 -20.25
C GLY K 444 55.66 52.26 -20.45
N LEU K 445 55.40 53.00 -19.39
CA LEU K 445 54.48 54.14 -19.46
C LEU K 445 54.96 55.22 -20.44
N GLU K 446 56.29 55.40 -20.55
CA GLU K 446 56.87 56.36 -21.51
C GLU K 446 56.58 55.90 -22.93
N VAL K 447 56.81 54.63 -23.20
CA VAL K 447 56.51 54.05 -24.49
C VAL K 447 55.02 54.20 -24.84
N LEU K 448 54.15 53.96 -23.84
CA LEU K 448 52.69 54.09 -24.03
C LEU K 448 52.34 55.52 -24.38
N ALA K 449 52.85 56.46 -23.58
CA ALA K 449 52.62 57.88 -23.78
C ALA K 449 53.09 58.34 -25.19
N ALA K 450 54.26 57.87 -25.60
CA ALA K 450 54.78 58.15 -26.93
C ALA K 450 53.84 57.64 -28.02
N ALA K 451 53.35 56.41 -27.86
CA ALA K 451 52.43 55.79 -28.84
C ALA K 451 51.11 56.57 -29.00
N ILE K 452 50.54 57.00 -27.89
CA ILE K 452 49.29 57.75 -27.94
C ILE K 452 49.51 59.08 -28.67
N LYS K 453 50.57 59.80 -28.29
CA LYS K 453 50.95 61.06 -28.96
C LYS K 453 51.22 60.84 -30.46
N ALA K 454 51.99 59.80 -30.78
CA ALA K 454 52.25 59.44 -32.18
C ALA K 454 50.97 59.22 -33.03
N HIS K 455 49.87 58.74 -32.43
CA HIS K 455 48.58 58.59 -33.12
C HIS K 455 47.49 59.31 -32.33
N ARG L 11 -29.35 49.68 -29.63
CA ARG L 11 -30.24 48.61 -29.05
C ARG L 11 -30.56 48.76 -27.57
N ILE L 12 -29.68 49.36 -26.77
CA ILE L 12 -30.07 49.75 -25.43
C ILE L 12 -29.76 51.22 -25.14
N GLU L 13 -30.47 51.75 -24.16
CA GLU L 13 -30.42 53.15 -23.86
C GLU L 13 -29.01 53.58 -23.53
N GLN L 14 -28.54 54.63 -24.21
CA GLN L 14 -27.16 55.06 -24.07
C GLN L 14 -27.03 56.17 -23.05
N LYS L 15 -27.40 55.85 -21.81
CA LYS L 15 -27.28 56.79 -20.69
C LYS L 15 -26.74 56.10 -19.46
N ARG L 16 -25.86 56.79 -18.75
CA ARG L 16 -25.35 56.31 -17.48
C ARG L 16 -26.49 56.33 -16.45
N ASN L 17 -26.74 55.19 -15.81
CA ASN L 17 -27.87 55.04 -14.88
C ASN L 17 -27.64 54.01 -13.76
N ILE L 18 -27.31 54.50 -12.57
CA ILE L 18 -27.08 53.63 -11.42
C ILE L 18 -28.23 53.75 -10.41
N ASN L 19 -29.08 52.72 -10.31
CA ASN L 19 -30.17 52.67 -9.31
C ASN L 19 -29.69 52.08 -7.99
N GLY L 20 -29.37 52.94 -7.02
CA GLY L 20 -28.90 52.46 -5.72
C GLY L 20 -27.61 51.63 -5.74
N ALA L 21 -27.42 50.87 -4.68
CA ALA L 21 -26.15 50.26 -4.39
C ALA L 21 -25.91 49.03 -5.27
N PHE L 22 -24.63 48.79 -5.59
CA PHE L 22 -24.22 47.59 -6.31
C PHE L 22 -22.92 47.04 -5.67
N PRO L 23 -22.66 45.73 -5.82
CA PRO L 23 -23.43 44.79 -6.63
C PRO L 23 -24.82 44.58 -6.07
N GLY L 24 -25.81 44.52 -6.95
CA GLY L 24 -27.16 44.19 -6.56
C GLY L 24 -27.35 42.72 -6.26
N PRO L 25 -28.58 42.31 -5.96
CA PRO L 25 -28.86 40.94 -5.54
C PRO L 25 -28.46 39.87 -6.55
N LYS L 26 -28.76 40.08 -7.82
CA LYS L 26 -28.48 39.06 -8.84
C LYS L 26 -26.99 38.92 -9.12
N SER L 27 -26.27 40.04 -9.07
CA SER L 27 -24.82 40.04 -9.15
C SER L 27 -24.21 39.31 -7.96
N GLN L 28 -24.67 39.64 -6.75
CA GLN L 28 -24.20 38.94 -5.53
C GLN L 28 -24.44 37.42 -5.59
N ALA L 29 -25.58 37.00 -6.13
CA ALA L 29 -25.91 35.58 -6.26
C ALA L 29 -24.88 34.89 -7.17
N LEU L 30 -24.48 35.60 -8.23
CA LEU L 30 -23.47 35.08 -9.16
C LEU L 30 -22.08 35.02 -8.48
N ALA L 31 -21.69 36.08 -7.79
CA ALA L 31 -20.42 36.08 -7.03
C ALA L 31 -20.35 34.88 -6.08
N GLU L 32 -21.46 34.59 -5.42
CA GLU L 32 -21.51 33.50 -4.48
C GLU L 32 -21.31 32.18 -5.22
N ARG L 33 -21.94 32.04 -6.37
CA ARG L 33 -21.76 30.83 -7.18
C ARG L 33 -20.31 30.71 -7.66
N ARG L 34 -19.78 31.85 -8.11
CA ARG L 34 -18.45 31.92 -8.67
C ARG L 34 -17.41 31.38 -7.72
N SER L 35 -17.46 31.82 -6.48
CA SER L 35 -16.40 31.48 -5.54
C SER L 35 -16.34 30.00 -5.22
N ALA L 36 -17.39 29.24 -5.53
CA ALA L 36 -17.38 27.78 -5.33
C ALA L 36 -16.65 27.03 -6.43
N VAL L 37 -16.42 27.70 -7.55
CA VAL L 37 -16.11 27.00 -8.81
C VAL L 37 -15.01 27.60 -9.73
N VAL L 38 -14.75 28.90 -9.61
CA VAL L 38 -13.68 29.56 -10.36
C VAL L 38 -12.46 29.77 -9.48
N ALA L 39 -11.27 29.54 -10.01
CA ALA L 39 -10.05 29.73 -9.26
C ALA L 39 -10.03 31.07 -8.59
N ALA L 40 -9.56 31.08 -7.35
CA ALA L 40 -9.51 32.30 -6.51
C ALA L 40 -8.69 33.44 -7.12
N GLY L 41 -7.65 33.07 -7.87
CA GLY L 41 -6.78 34.06 -8.49
C GLY L 41 -7.41 34.80 -9.65
N VAL L 42 -8.44 34.22 -10.25
CA VAL L 42 -9.11 34.87 -11.36
C VAL L 42 -10.05 35.92 -10.82
N ALA L 43 -9.57 37.17 -10.79
CA ALA L 43 -10.32 38.32 -10.23
C ALA L 43 -10.90 39.17 -11.34
N SER L 44 -11.95 39.91 -11.04
CA SER L 44 -12.55 40.81 -12.01
C SER L 44 -12.44 42.22 -11.50
N GLY L 45 -12.17 43.16 -12.40
CA GLY L 45 -12.03 44.57 -11.99
C GLY L 45 -13.35 45.18 -11.52
N VAL L 46 -14.44 44.54 -11.93
CA VAL L 46 -15.77 45.06 -11.78
C VAL L 46 -16.63 44.00 -11.06
N PRO L 47 -17.36 44.42 -10.01
CA PRO L 47 -18.11 43.48 -9.18
C PRO L 47 -19.53 43.13 -9.69
N VAL L 48 -19.96 43.76 -10.78
CA VAL L 48 -21.28 43.52 -11.35
C VAL L 48 -21.19 42.62 -12.57
N TYR L 49 -22.26 41.91 -12.87
CA TYR L 49 -22.27 40.91 -13.94
C TYR L 49 -23.08 41.43 -15.12
N VAL L 50 -22.51 41.36 -16.32
CA VAL L 50 -23.16 41.84 -17.54
C VAL L 50 -24.35 41.00 -17.94
N GLU L 51 -25.39 41.66 -18.43
CA GLU L 51 -26.50 41.01 -19.10
C GLU L 51 -26.57 41.41 -20.57
N ASP L 52 -26.35 42.70 -20.84
CA ASP L 52 -26.32 43.24 -22.20
C ASP L 52 -25.20 44.28 -22.30
N ALA L 53 -24.47 44.29 -23.42
CA ALA L 53 -23.42 45.28 -23.66
C ALA L 53 -23.58 45.78 -25.09
N ASP L 54 -23.68 47.10 -25.25
CA ASP L 54 -24.04 47.71 -26.53
C ASP L 54 -23.67 49.20 -26.53
N GLY L 55 -23.23 49.69 -27.69
CA GLY L 55 -22.71 51.05 -27.76
C GLY L 55 -21.63 51.31 -26.73
N GLY L 56 -21.88 52.27 -25.84
CA GLY L 56 -20.93 52.63 -24.79
C GLY L 56 -21.42 52.23 -23.40
N ILE L 57 -22.33 51.26 -23.35
CA ILE L 57 -22.98 50.89 -22.09
C ILE L 57 -22.80 49.40 -21.78
N ILE L 58 -22.49 49.13 -20.52
CA ILE L 58 -22.56 47.78 -19.96
C ILE L 58 -23.74 47.80 -18.99
N ARG L 59 -24.76 46.99 -19.28
CA ARG L 59 -25.94 46.88 -18.39
C ARG L 59 -25.85 45.58 -17.59
N ASP L 60 -25.89 45.70 -16.26
CA ASP L 60 -25.72 44.56 -15.40
C ASP L 60 -27.06 43.86 -15.15
N VAL L 61 -26.98 42.70 -14.49
CA VAL L 61 -28.15 41.83 -14.31
C VAL L 61 -29.17 42.44 -13.34
N ASP L 62 -28.77 43.50 -12.62
CA ASP L 62 -29.68 44.21 -11.72
C ASP L 62 -30.19 45.53 -12.37
N GLY L 63 -30.03 45.64 -13.69
CA GLY L 63 -30.53 46.80 -14.41
C GLY L 63 -29.75 48.10 -14.30
N ASN L 64 -28.54 48.09 -13.76
CA ASN L 64 -27.69 49.29 -13.75
C ASN L 64 -26.93 49.44 -15.08
N SER L 65 -26.79 50.68 -15.55
CA SER L 65 -26.10 50.97 -16.82
C SER L 65 -24.82 51.78 -16.59
N PHE L 66 -23.68 51.12 -16.81
CA PHE L 66 -22.37 51.77 -16.67
C PHE L 66 -21.84 52.24 -18.03
N ILE L 67 -21.07 53.32 -18.02
CA ILE L 67 -20.35 53.74 -19.23
C ILE L 67 -19.14 52.82 -19.38
N ASP L 68 -18.94 52.31 -20.59
CA ASP L 68 -17.86 51.36 -20.89
C ASP L 68 -16.71 52.11 -21.53
N LEU L 69 -15.67 52.38 -20.75
CA LEU L 69 -14.48 53.05 -21.26
C LEU L 69 -13.28 52.07 -21.38
N GLY L 70 -13.58 50.77 -21.43
CA GLY L 70 -12.54 49.74 -21.59
C GLY L 70 -12.69 48.83 -22.80
N SER L 71 -13.89 48.80 -23.37
CA SER L 71 -14.23 47.93 -24.52
C SER L 71 -13.66 46.51 -24.42
N GLY L 72 -13.65 45.97 -23.21
CA GLY L 72 -13.15 44.61 -22.98
C GLY L 72 -11.64 44.45 -23.19
N ILE L 73 -10.89 45.47 -22.78
CA ILE L 73 -9.48 45.66 -23.13
C ILE L 73 -9.31 45.75 -24.65
N ALA L 74 -9.92 46.78 -25.23
CA ALA L 74 -9.68 47.14 -26.65
C ALA L 74 -10.21 46.14 -27.64
N VAL L 75 -11.17 45.33 -27.23
CA VAL L 75 -11.70 44.28 -28.09
C VAL L 75 -12.93 44.69 -28.88
N THR L 76 -13.95 45.17 -28.17
CA THR L 76 -15.23 45.49 -28.80
C THR L 76 -15.20 46.92 -29.36
N SER L 77 -14.30 47.17 -30.32
CA SER L 77 -14.12 48.49 -30.91
C SER L 77 -15.37 48.91 -31.71
N VAL L 78 -15.94 47.95 -32.44
CA VAL L 78 -17.20 48.14 -33.15
C VAL L 78 -18.44 48.06 -32.25
N GLY L 79 -18.24 47.80 -30.96
CA GLY L 79 -19.35 47.66 -30.01
C GLY L 79 -19.59 46.20 -29.67
N ALA L 80 -20.06 45.97 -28.43
CA ALA L 80 -20.16 44.61 -27.89
C ALA L 80 -21.28 43.83 -28.52
N SER L 81 -22.17 44.51 -29.23
CA SER L 81 -23.21 43.81 -30.00
C SER L 81 -23.59 44.56 -31.28
N ASP L 82 -22.59 44.76 -32.14
CA ASP L 82 -22.82 45.35 -33.45
C ASP L 82 -23.76 44.45 -34.26
N PRO L 83 -24.91 45.01 -34.69
CA PRO L 83 -25.91 44.25 -35.45
C PRO L 83 -25.33 43.40 -36.58
N ALA L 84 -24.38 43.95 -37.32
CA ALA L 84 -23.79 43.22 -38.42
C ALA L 84 -23.03 41.98 -37.89
N VAL L 85 -22.19 42.19 -36.86
CA VAL L 85 -21.43 41.10 -36.24
C VAL L 85 -22.41 40.04 -35.74
N VAL L 86 -23.43 40.50 -35.01
CA VAL L 86 -24.42 39.60 -34.42
C VAL L 86 -25.10 38.76 -35.52
N ALA L 87 -25.57 39.42 -36.56
CA ALA L 87 -26.24 38.73 -37.67
C ALA L 87 -25.32 37.71 -38.34
N ALA L 88 -24.05 38.11 -38.55
CA ALA L 88 -23.03 37.25 -39.22
C ALA L 88 -22.78 35.98 -38.43
N VAL L 89 -22.62 36.15 -37.12
CA VAL L 89 -22.36 35.03 -36.22
C VAL L 89 -23.53 34.08 -36.26
N GLN L 90 -24.74 34.66 -36.17
CA GLN L 90 -26.00 33.88 -36.16
C GLN L 90 -26.15 33.07 -37.42
N GLU L 91 -25.91 33.70 -38.55
CA GLU L 91 -26.03 33.05 -39.84
C GLU L 91 -25.00 31.92 -39.98
N ALA L 92 -23.73 32.23 -39.67
CA ALA L 92 -22.60 31.31 -39.86
C ALA L 92 -22.71 30.06 -39.00
N ALA L 93 -23.14 30.25 -37.75
CA ALA L 93 -23.29 29.13 -36.83
C ALA L 93 -24.32 28.07 -37.31
N ALA L 94 -25.34 28.52 -38.05
CA ALA L 94 -26.40 27.63 -38.55
C ALA L 94 -25.90 26.66 -39.61
N HIS L 95 -24.77 26.99 -40.25
CA HIS L 95 -24.23 26.15 -41.35
C HIS L 95 -23.27 25.13 -40.84
N PHE L 96 -22.33 25.57 -40.01
CA PHE L 96 -21.34 24.70 -39.31
C PHE L 96 -20.52 25.54 -38.35
N THR L 97 -20.26 24.98 -37.16
CA THR L 97 -19.57 25.68 -36.12
C THR L 97 -18.05 25.58 -36.30
N HIS L 98 -17.61 24.47 -36.90
CA HIS L 98 -16.21 24.12 -36.96
C HIS L 98 -16.01 22.91 -37.82
N THR L 99 -15.02 22.96 -38.70
CA THR L 99 -14.54 21.77 -39.39
C THR L 99 -13.01 21.60 -39.33
N CYS L 100 -12.31 22.57 -38.74
CA CYS L 100 -10.85 22.65 -38.72
C CYS L 100 -10.28 22.90 -40.10
N PHE L 101 -9.83 24.13 -40.31
CA PHE L 101 -9.30 24.51 -41.62
C PHE L 101 -8.24 23.55 -42.18
N MET L 102 -7.36 23.03 -41.33
CA MET L 102 -6.33 22.09 -41.78
C MET L 102 -6.91 20.80 -42.29
N VAL L 103 -8.15 20.51 -41.95
CA VAL L 103 -8.81 19.29 -42.43
C VAL L 103 -9.73 19.59 -43.62
N THR L 104 -10.85 20.25 -43.35
CA THR L 104 -11.77 20.70 -44.39
C THR L 104 -11.85 22.21 -44.39
N PRO L 105 -11.33 22.85 -45.44
CA PRO L 105 -11.30 24.31 -45.46
C PRO L 105 -12.65 24.93 -45.79
N TYR L 106 -12.71 26.25 -45.72
CA TYR L 106 -13.95 27.00 -45.89
C TYR L 106 -13.69 28.46 -46.25
N GLU L 107 -14.68 29.07 -46.89
CA GLU L 107 -14.51 30.39 -47.48
C GLU L 107 -14.15 31.47 -46.44
N GLY L 108 -14.77 31.41 -45.27
CA GLY L 108 -14.60 32.44 -44.27
C GLY L 108 -13.15 32.71 -43.90
N TYR L 109 -12.37 31.65 -43.82
CA TYR L 109 -10.94 31.75 -43.49
C TYR L 109 -10.26 32.51 -44.62
N VAL L 110 -10.43 32.02 -45.84
CA VAL L 110 -9.84 32.64 -47.03
C VAL L 110 -10.25 34.12 -47.10
N ALA L 111 -11.54 34.40 -46.87
CA ALA L 111 -12.07 35.76 -46.99
C ALA L 111 -11.44 36.73 -45.96
N VAL L 112 -11.31 36.28 -44.71
CA VAL L 112 -10.69 37.12 -43.68
C VAL L 112 -9.25 37.42 -44.07
N THR L 113 -8.60 36.37 -44.52
CA THR L 113 -7.25 36.38 -45.08
C THR L 113 -7.07 37.41 -46.19
N GLU L 114 -8.07 37.54 -47.07
CA GLU L 114 -8.05 38.55 -48.14
C GLU L 114 -8.12 39.98 -47.59
N GLN L 115 -9.01 40.21 -46.63
CA GLN L 115 -9.17 41.54 -46.05
C GLN L 115 -7.90 41.98 -45.32
N LEU L 116 -7.24 41.06 -44.63
CA LEU L 116 -6.06 41.43 -43.84
C LEU L 116 -4.90 41.76 -44.76
N ASN L 117 -4.79 41.01 -45.85
CA ASN L 117 -3.80 41.32 -46.89
C ASN L 117 -3.99 42.74 -47.42
N ARG L 118 -5.25 43.10 -47.68
CA ARG L 118 -5.62 44.41 -48.23
C ARG L 118 -5.35 45.54 -47.22
N LEU L 119 -5.71 45.34 -45.95
CA LEU L 119 -5.75 46.44 -44.98
C LEU L 119 -4.43 46.72 -44.27
N THR L 120 -3.54 45.75 -44.26
CA THR L 120 -2.28 45.88 -43.54
C THR L 120 -1.30 46.72 -44.35
N PRO L 121 -0.29 47.30 -43.70
CA PRO L 121 0.63 48.16 -44.43
C PRO L 121 1.51 47.46 -45.45
N GLY L 122 1.97 48.25 -46.42
CA GLY L 122 2.85 47.76 -47.48
C GLY L 122 2.09 47.20 -48.66
N ASP L 123 2.70 47.32 -49.83
CA ASP L 123 2.11 46.83 -51.09
C ASP L 123 2.83 45.53 -51.59
N HIS L 124 3.83 45.05 -50.84
CA HIS L 124 4.56 43.80 -51.18
C HIS L 124 3.70 42.59 -51.00
N ALA L 125 4.17 41.44 -51.48
CA ALA L 125 3.40 40.18 -51.36
C ALA L 125 3.28 39.81 -49.89
N LYS L 126 2.05 39.57 -49.45
CA LYS L 126 1.80 39.22 -48.07
C LYS L 126 0.98 37.95 -47.95
N ARG L 127 1.11 37.24 -46.84
CA ARG L 127 0.29 36.06 -46.56
C ARG L 127 -0.15 36.06 -45.12
N THR L 128 -1.15 35.25 -44.82
CA THR L 128 -1.75 35.26 -43.49
C THR L 128 -2.03 33.84 -43.00
N VAL L 129 -1.92 33.64 -41.68
CA VAL L 129 -2.45 32.43 -41.02
C VAL L 129 -3.26 32.92 -39.85
N LEU L 130 -4.26 32.13 -39.48
CA LEU L 130 -5.18 32.50 -38.42
C LEU L 130 -5.11 31.56 -37.22
N PHE L 131 -5.30 32.13 -36.04
CA PHE L 131 -5.34 31.36 -34.79
C PHE L 131 -6.46 31.91 -33.92
N ASN L 132 -6.41 31.66 -32.61
CA ASN L 132 -7.45 32.09 -31.70
C ASN L 132 -7.07 33.28 -30.87
N SER L 133 -5.93 33.21 -30.16
CA SER L 133 -5.54 34.27 -29.21
C SER L 133 -4.36 35.12 -29.67
N GLY L 134 -4.23 36.29 -29.04
CA GLY L 134 -3.10 37.17 -29.29
C GLY L 134 -1.79 36.48 -28.97
N ALA L 135 -1.76 35.76 -27.85
CA ALA L 135 -0.56 35.00 -27.49
C ALA L 135 -0.20 33.97 -28.58
N GLU L 136 -1.20 33.26 -29.11
CA GLU L 136 -0.94 32.34 -30.21
C GLU L 136 -0.38 33.07 -31.45
N ALA L 137 -0.93 34.23 -31.77
CA ALA L 137 -0.45 35.02 -32.87
C ALA L 137 1.03 35.35 -32.66
N VAL L 138 1.39 35.88 -31.50
CA VAL L 138 2.79 36.25 -31.27
C VAL L 138 3.68 35.02 -31.32
N GLU L 139 3.25 33.94 -30.71
CA GLU L 139 3.98 32.68 -30.77
C GLU L 139 4.30 32.28 -32.19
N ASN L 140 3.31 32.43 -33.04
CA ASN L 140 3.48 32.02 -34.43
C ASN L 140 4.37 32.97 -35.24
N ALA L 141 4.28 34.28 -34.96
CA ALA L 141 5.17 35.25 -35.57
C ALA L 141 6.61 34.87 -35.28
N VAL L 142 6.89 34.52 -34.03
CA VAL L 142 8.24 34.18 -33.61
C VAL L 142 8.67 32.86 -34.25
N LYS L 143 7.77 31.88 -34.31
CA LYS L 143 8.06 30.64 -35.04
C LYS L 143 8.53 30.95 -36.46
N VAL L 144 7.84 31.86 -37.12
CA VAL L 144 8.11 32.13 -38.52
C VAL L 144 9.44 32.82 -38.65
N ALA L 145 9.68 33.82 -37.81
CA ALA L 145 10.92 34.55 -37.87
C ALA L 145 12.07 33.57 -37.64
N ARG L 146 11.93 32.69 -36.66
CA ARG L 146 13.02 31.75 -36.31
C ARG L 146 13.32 30.76 -37.42
N LEU L 147 12.26 30.17 -37.99
CA LEU L 147 12.43 29.25 -39.14
C LEU L 147 12.93 29.98 -40.40
N ALA L 148 12.35 31.13 -40.73
CA ALA L 148 12.70 31.84 -41.96
C ALA L 148 14.14 32.37 -41.93
N THR L 149 14.59 32.88 -40.79
CA THR L 149 15.94 33.45 -40.70
C THR L 149 17.01 32.44 -40.36
N GLY L 150 16.60 31.28 -39.84
CA GLY L 150 17.57 30.34 -39.32
C GLY L 150 18.28 30.80 -38.03
N ARG L 151 17.76 31.84 -37.37
CA ARG L 151 18.37 32.34 -36.13
C ARG L 151 17.47 32.12 -34.90
N ASP L 152 18.05 32.34 -33.71
CA ASP L 152 17.45 32.01 -32.41
C ASP L 152 16.91 33.23 -31.66
N ALA L 153 17.76 34.24 -31.51
CA ALA L 153 17.49 35.35 -30.62
C ALA L 153 16.29 36.19 -31.05
N VAL L 154 15.48 36.58 -30.07
CA VAL L 154 14.38 37.51 -30.30
C VAL L 154 14.54 38.68 -29.33
N VAL L 155 14.50 39.91 -29.80
CA VAL L 155 14.56 41.01 -28.84
C VAL L 155 13.17 41.57 -28.59
N ALA L 156 12.88 41.78 -27.31
CA ALA L 156 11.68 42.48 -26.85
C ALA L 156 12.14 43.68 -26.01
N PHE L 157 11.20 44.52 -25.61
CA PHE L 157 11.55 45.77 -24.94
C PHE L 157 11.08 45.90 -23.49
N ASP L 158 11.72 46.80 -22.76
CA ASP L 158 11.19 47.23 -21.47
C ASP L 158 9.75 47.69 -21.69
N HIS L 159 8.92 47.44 -20.69
CA HIS L 159 7.48 47.79 -20.72
C HIS L 159 6.65 47.02 -21.74
N ALA L 160 7.22 45.99 -22.37
CA ALA L 160 6.47 45.16 -23.30
C ALA L 160 5.48 44.28 -22.57
N TYR L 161 4.40 43.97 -23.28
CA TYR L 161 3.51 42.91 -22.91
C TYR L 161 3.08 42.18 -24.18
N HIS L 162 3.24 40.86 -24.20
CA HIS L 162 2.89 40.07 -25.39
C HIS L 162 2.10 38.81 -25.10
N GLY L 163 1.78 38.53 -23.84
CA GLY L 163 0.93 37.37 -23.53
C GLY L 163 1.35 36.47 -22.41
N ARG L 164 0.55 35.42 -22.20
CA ARG L 164 0.60 34.61 -21.00
C ARG L 164 0.97 33.14 -21.23
N THR L 165 1.33 32.77 -22.45
CA THR L 165 2.03 31.51 -22.67
C THR L 165 3.50 31.66 -22.22
N ASN L 166 4.22 30.55 -22.11
CA ASN L 166 5.60 30.56 -21.60
C ASN L 166 6.49 31.52 -22.40
N LEU L 167 6.47 31.42 -23.72
CA LEU L 167 7.29 32.32 -24.56
C LEU L 167 6.78 33.76 -24.52
N THR L 168 5.46 33.96 -24.56
CA THR L 168 4.94 35.33 -24.52
C THR L 168 5.14 35.97 -23.13
N MET L 169 5.18 35.16 -22.09
CA MET L 169 5.57 35.63 -20.77
C MET L 169 7.02 36.04 -20.85
N ALA L 170 7.84 35.21 -21.49
CA ALA L 170 9.26 35.50 -21.65
C ALA L 170 9.41 36.85 -22.31
N LEU L 171 8.66 37.06 -23.38
CA LEU L 171 8.70 38.34 -24.12
C LEU L 171 8.16 39.51 -23.29
N THR L 172 7.23 39.22 -22.39
CA THR L 172 6.62 40.24 -21.53
C THR L 172 7.62 40.72 -20.46
N ALA L 173 7.63 42.02 -20.21
CA ALA L 173 8.61 42.64 -19.29
C ALA L 173 8.20 42.53 -17.81
N LYS L 174 6.97 42.93 -17.49
CA LYS L 174 6.54 43.02 -16.09
C LYS L 174 6.27 41.64 -15.48
N ALA L 175 6.86 41.36 -14.31
CA ALA L 175 6.70 40.07 -13.62
C ALA L 175 5.36 39.92 -12.88
N MET L 176 4.84 40.98 -12.25
CA MET L 176 3.59 40.88 -11.49
C MET L 176 2.40 41.43 -12.27
N PRO L 177 1.38 40.59 -12.56
CA PRO L 177 1.16 39.20 -12.18
C PRO L 177 1.51 38.18 -13.25
N TYR L 178 2.07 38.66 -14.36
CA TYR L 178 2.11 37.86 -15.58
C TYR L 178 3.12 36.70 -15.56
N LYS L 179 4.18 36.84 -14.77
CA LYS L 179 5.30 35.90 -14.80
C LYS L 179 5.65 35.22 -13.46
N THR L 180 5.45 35.89 -12.33
CA THR L 180 5.92 35.39 -11.05
C THR L 180 5.61 33.91 -10.81
N ASN L 181 6.65 33.12 -10.53
CA ASN L 181 6.57 31.68 -10.26
C ASN L 181 6.08 30.80 -11.44
N PHE L 182 5.95 31.37 -12.65
CA PHE L 182 5.52 30.59 -13.80
C PHE L 182 6.64 30.04 -14.69
N GLY L 183 7.89 30.43 -14.41
CA GLY L 183 9.03 30.00 -15.23
C GLY L 183 9.44 28.57 -14.96
N PRO L 184 10.62 28.16 -15.43
CA PRO L 184 11.59 28.92 -16.21
C PRO L 184 11.09 29.22 -17.60
N PHE L 185 11.53 30.35 -18.15
CA PHE L 185 10.96 30.87 -19.40
C PHE L 185 11.75 30.50 -20.65
N ALA L 186 11.06 30.54 -21.80
CA ALA L 186 11.61 30.18 -23.10
C ALA L 186 12.93 30.91 -23.34
N PRO L 187 13.94 30.19 -23.86
CA PRO L 187 15.26 30.77 -23.99
C PRO L 187 15.46 31.66 -25.20
N GLU L 188 16.57 32.39 -25.17
CA GLU L 188 17.03 33.28 -26.24
C GLU L 188 16.08 34.42 -26.50
N VAL L 189 15.59 35.01 -25.41
CA VAL L 189 14.85 36.27 -25.46
C VAL L 189 15.70 37.31 -24.75
N TYR L 190 15.92 38.45 -25.40
CA TYR L 190 16.77 39.51 -24.86
C TYR L 190 15.94 40.77 -24.75
N ARG L 191 16.17 41.55 -23.70
CA ARG L 191 15.37 42.75 -23.46
C ARG L 191 16.20 44.02 -23.69
N MET L 192 15.60 44.99 -24.37
CA MET L 192 16.30 46.23 -24.73
C MET L 192 15.53 47.46 -24.28
N PRO L 193 16.20 48.61 -24.17
CA PRO L 193 15.55 49.81 -23.67
C PRO L 193 14.56 50.40 -24.66
N MET L 194 13.46 50.91 -24.11
CA MET L 194 12.35 51.47 -24.89
C MET L 194 12.54 52.97 -24.99
N SER L 195 11.87 53.57 -25.95
CA SER L 195 11.76 55.03 -26.02
C SER L 195 10.52 55.39 -25.25
N TYR L 196 10.74 55.95 -24.06
CA TYR L 196 9.67 56.29 -23.10
C TYR L 196 9.90 57.73 -22.66
N PRO L 197 9.48 58.69 -23.50
CA PRO L 197 9.86 60.11 -23.35
C PRO L 197 9.72 60.66 -21.94
N PHE L 198 8.60 60.39 -21.30
CA PHE L 198 8.30 60.96 -20.00
C PHE L 198 9.30 60.54 -18.91
N ARG L 199 9.96 59.41 -19.09
CA ARG L 199 10.90 58.91 -18.09
C ARG L 199 12.34 58.74 -18.55
N GLU L 200 12.67 59.29 -19.71
CA GLU L 200 14.07 59.25 -20.18
C GLU L 200 14.97 60.00 -19.20
N GLU L 201 16.09 59.41 -18.85
CA GLU L 201 17.05 60.07 -17.96
C GLU L 201 17.55 61.38 -18.56
N ASN L 202 17.67 61.41 -19.89
CA ASN L 202 17.97 62.63 -20.61
C ASN L 202 16.73 63.04 -21.38
N PRO L 203 15.97 64.00 -20.82
CA PRO L 203 14.67 64.36 -21.42
C PRO L 203 14.74 64.83 -22.84
N GLU L 204 15.88 65.39 -23.25
CA GLU L 204 16.06 65.90 -24.64
C GLU L 204 16.35 64.80 -25.68
N ILE L 205 16.48 63.53 -25.26
CA ILE L 205 16.80 62.43 -26.19
C ILE L 205 15.78 62.32 -27.33
N THR L 206 16.28 61.99 -28.49
CA THR L 206 15.53 61.92 -29.73
C THR L 206 15.16 60.46 -30.03
N GLY L 207 14.09 60.26 -30.80
CA GLY L 207 13.69 58.94 -31.20
C GLY L 207 14.81 58.20 -31.90
N ALA L 208 15.42 58.85 -32.89
CA ALA L 208 16.61 58.31 -33.57
C ALA L 208 17.70 57.93 -32.58
N GLU L 209 17.95 58.79 -31.59
CA GLU L 209 19.00 58.54 -30.60
C GLU L 209 18.65 57.37 -29.68
N ALA L 210 17.37 57.26 -29.33
CA ALA L 210 16.89 56.15 -28.51
C ALA L 210 17.00 54.84 -29.29
N ALA L 211 16.71 54.89 -30.58
CA ALA L 211 16.87 53.74 -31.43
C ALA L 211 18.34 53.35 -31.51
N LYS L 212 19.23 54.33 -31.62
CA LYS L 212 20.68 54.05 -31.74
C LYS L 212 21.13 53.34 -30.46
N ARG L 213 20.59 53.79 -29.32
CA ARG L 213 20.95 53.23 -28.03
C ARG L 213 20.56 51.75 -28.02
N ALA L 214 19.35 51.47 -28.49
CA ALA L 214 18.87 50.14 -28.55
C ALA L 214 19.72 49.31 -29.54
N ILE L 215 19.97 49.86 -30.71
CA ILE L 215 20.70 49.14 -31.76
C ILE L 215 22.12 48.77 -31.31
N THR L 216 22.83 49.71 -30.72
CA THR L 216 24.20 49.45 -30.28
C THR L 216 24.19 48.32 -29.25
N MET L 217 23.23 48.40 -28.34
CA MET L 217 23.13 47.40 -27.28
C MET L 217 22.87 46.01 -27.88
N ILE L 218 21.95 45.95 -28.85
CA ILE L 218 21.66 44.68 -29.54
C ILE L 218 22.90 44.15 -30.22
N GLU L 219 23.60 45.04 -30.90
CA GLU L 219 24.78 44.65 -31.68
C GLU L 219 25.86 44.15 -30.76
N LYS L 220 26.06 44.83 -29.64
CA LYS L 220 27.13 44.48 -28.72
C LYS L 220 26.81 43.22 -27.92
N GLN L 221 25.54 43.00 -27.61
CA GLN L 221 25.14 41.91 -26.67
C GLN L 221 24.58 40.66 -27.34
N ILE L 222 24.23 40.77 -28.63
CA ILE L 222 23.76 39.62 -29.42
C ILE L 222 24.44 39.58 -30.80
N GLY L 223 24.41 40.71 -31.49
CA GLY L 223 24.92 40.81 -32.84
C GLY L 223 23.74 40.80 -33.80
N GLY L 224 23.66 41.80 -34.65
CA GLY L 224 22.57 41.89 -35.62
C GLY L 224 22.29 40.65 -36.43
N ASP L 225 23.34 39.96 -36.85
CA ASP L 225 23.18 38.77 -37.70
C ASP L 225 22.71 37.54 -36.91
N GLN L 226 22.60 37.66 -35.59
CA GLN L 226 22.13 36.59 -34.70
C GLN L 226 20.68 36.75 -34.28
N VAL L 227 20.04 37.86 -34.63
CA VAL L 227 18.68 38.12 -34.17
C VAL L 227 17.65 37.69 -35.22
N ALA L 228 16.77 36.75 -34.86
CA ALA L 228 15.72 36.30 -35.73
C ALA L 228 14.63 37.37 -35.86
N ALA L 229 14.29 38.02 -34.75
CA ALA L 229 13.19 39.01 -34.78
C ALA L 229 13.31 40.09 -33.70
N ILE L 230 12.86 41.30 -34.03
CA ILE L 230 12.65 42.37 -33.04
C ILE L 230 11.15 42.48 -32.96
N ILE L 231 10.60 42.39 -31.76
CA ILE L 231 9.15 42.50 -31.58
C ILE L 231 8.84 43.70 -30.72
N ILE L 232 7.96 44.56 -31.21
CA ILE L 232 7.62 45.76 -30.47
C ILE L 232 6.19 46.15 -30.73
N GLU L 233 5.55 46.70 -29.70
CA GLU L 233 4.22 47.30 -29.82
C GLU L 233 4.42 48.76 -30.19
N PRO L 234 3.81 49.21 -31.30
CA PRO L 234 3.98 50.59 -31.70
C PRO L 234 3.50 51.55 -30.61
N ILE L 235 2.41 51.18 -29.93
CA ILE L 235 2.07 51.81 -28.66
C ILE L 235 1.94 50.69 -27.66
N GLN L 236 2.75 50.79 -26.61
CA GLN L 236 2.83 49.73 -25.64
C GLN L 236 1.57 49.81 -24.77
N GLY L 237 0.80 48.71 -24.74
CA GLY L 237 -0.49 48.69 -24.04
C GLY L 237 -0.35 48.60 -22.52
N GLU L 238 -0.31 47.38 -22.02
CA GLU L 238 -0.26 47.14 -20.59
C GLU L 238 0.91 47.85 -19.93
N GLY L 239 1.96 48.11 -20.70
CA GLY L 239 3.11 48.84 -20.19
C GLY L 239 2.82 50.28 -19.79
N GLY L 240 1.72 50.82 -20.31
CA GLY L 240 1.27 52.16 -19.91
C GLY L 240 0.95 53.09 -21.05
N PHE L 241 0.53 52.55 -22.19
CA PHE L 241 0.26 53.37 -23.38
C PHE L 241 1.46 54.28 -23.68
N ILE L 242 2.65 53.67 -23.71
CA ILE L 242 3.90 54.39 -24.01
C ILE L 242 4.01 54.54 -25.52
N VAL L 243 4.04 55.80 -25.96
CA VAL L 243 4.25 56.12 -27.36
C VAL L 243 5.72 56.51 -27.48
N PRO L 244 6.46 55.81 -28.36
CA PRO L 244 7.87 56.15 -28.53
C PRO L 244 8.02 57.47 -29.22
N ALA L 245 9.16 58.11 -29.00
CA ALA L 245 9.46 59.38 -29.66
C ALA L 245 9.48 59.19 -31.18
N GLU L 246 9.05 60.21 -31.91
CA GLU L 246 9.07 60.19 -33.38
C GLU L 246 10.49 59.80 -33.85
N GLY L 247 10.56 58.88 -34.81
CA GLY L 247 11.82 58.46 -35.41
C GLY L 247 12.41 57.16 -34.89
N PHE L 248 11.91 56.71 -33.75
CA PHE L 248 12.37 55.48 -33.12
C PHE L 248 11.96 54.29 -33.96
N LEU L 249 10.68 54.13 -34.21
CA LEU L 249 10.21 52.94 -34.90
C LEU L 249 10.80 52.81 -36.30
N PRO L 250 10.83 53.91 -37.08
CA PRO L 250 11.47 53.79 -38.41
C PRO L 250 12.95 53.40 -38.35
N ALA L 251 13.70 53.94 -37.39
CA ALA L 251 15.13 53.61 -37.26
C ALA L 251 15.27 52.09 -37.00
N LEU L 252 14.50 51.53 -36.06
CA LEU L 252 14.50 50.09 -35.81
C LEU L 252 14.12 49.31 -37.05
N SER L 253 13.09 49.76 -37.76
CA SER L 253 12.66 49.08 -38.99
C SER L 253 13.77 49.05 -40.05
N GLU L 254 14.41 50.21 -40.27
CA GLU L 254 15.46 50.33 -41.29
C GLU L 254 16.61 49.38 -40.95
N TRP L 255 17.01 49.37 -39.68
CA TRP L 255 18.11 48.57 -39.20
C TRP L 255 17.82 47.11 -39.30
N ALA L 256 16.60 46.74 -38.95
CA ALA L 256 16.22 45.36 -39.06
C ALA L 256 16.36 44.85 -40.48
N LYS L 257 15.92 45.66 -41.44
CA LYS L 257 15.98 45.33 -42.87
C LYS L 257 17.46 45.15 -43.24
N GLU L 258 18.28 46.09 -42.82
CA GLU L 258 19.72 45.99 -43.02
C GLU L 258 20.31 44.67 -42.58
N LYS L 259 19.91 44.20 -41.40
CA LYS L 259 20.54 43.02 -40.78
C LYS L 259 19.79 41.71 -41.03
N GLY L 260 18.76 41.74 -41.85
CA GLY L 260 17.98 40.53 -42.16
C GLY L 260 17.14 40.04 -41.00
N ILE L 261 16.82 40.94 -40.08
CA ILE L 261 16.04 40.66 -38.88
C ILE L 261 14.57 40.93 -39.16
N VAL L 262 13.71 39.98 -38.81
CA VAL L 262 12.27 40.14 -39.03
C VAL L 262 11.75 41.12 -38.03
N PHE L 263 11.15 42.20 -38.51
CA PHE L 263 10.55 43.22 -37.63
C PHE L 263 9.09 42.89 -37.43
N ILE L 264 8.74 42.52 -36.19
CA ILE L 264 7.37 42.13 -35.84
C ILE L 264 6.68 43.29 -35.11
N ALA L 265 5.61 43.81 -35.68
CA ALA L 265 4.79 44.82 -34.98
C ALA L 265 3.68 44.08 -34.24
N ASP L 266 3.66 44.18 -32.93
CA ASP L 266 2.55 43.60 -32.19
C ASP L 266 1.42 44.61 -32.09
N GLU L 267 0.44 44.45 -32.97
CA GLU L 267 -0.73 45.34 -33.03
C GLU L 267 -1.99 44.66 -32.48
N VAL L 268 -1.83 43.75 -31.52
CA VAL L 268 -2.98 43.04 -30.95
C VAL L 268 -3.93 44.02 -30.29
N GLN L 269 -3.39 44.99 -29.55
CA GLN L 269 -4.22 45.99 -28.87
C GLN L 269 -4.41 47.27 -29.71
N SER L 270 -3.37 47.70 -30.43
CA SER L 270 -3.41 48.93 -31.23
C SER L 270 -4.05 48.80 -32.62
N GLY L 271 -4.25 47.59 -33.08
CA GLY L 271 -4.76 47.35 -34.45
C GLY L 271 -6.25 47.58 -34.65
N PHE L 272 -6.64 47.62 -35.91
CA PHE L 272 -8.04 47.83 -36.35
C PHE L 272 -8.71 49.11 -35.85
N CYS L 273 -8.17 50.25 -36.31
CA CYS L 273 -8.78 51.59 -36.17
C CYS L 273 -8.65 52.20 -34.79
N ARG L 274 -8.13 51.44 -33.84
CA ARG L 274 -8.02 51.88 -32.44
C ARG L 274 -7.30 53.22 -32.28
N THR L 275 -6.27 53.45 -33.09
CA THR L 275 -5.45 54.67 -32.96
C THR L 275 -5.83 55.77 -33.96
N GLY L 276 -6.88 55.55 -34.75
CA GLY L 276 -7.29 56.52 -35.77
C GLY L 276 -6.73 56.21 -37.15
N GLU L 277 -5.93 55.15 -37.23
CA GLU L 277 -5.46 54.59 -38.50
C GLU L 277 -5.72 53.11 -38.41
N TRP L 278 -5.70 52.40 -39.53
CA TRP L 278 -5.92 50.96 -39.48
C TRP L 278 -4.97 50.28 -38.54
N PHE L 279 -3.70 50.68 -38.59
CA PHE L 279 -2.69 50.15 -37.67
C PHE L 279 -1.82 51.27 -37.12
N ALA L 280 -1.40 51.12 -35.87
CA ALA L 280 -0.63 52.17 -35.19
C ALA L 280 0.61 52.55 -35.98
N VAL L 281 1.17 51.58 -36.69
CA VAL L 281 2.40 51.81 -37.44
C VAL L 281 2.17 52.82 -38.56
N ASP L 282 0.91 52.92 -39.02
CA ASP L 282 0.56 53.84 -40.10
C ASP L 282 0.80 55.32 -39.74
N HIS L 283 0.77 55.66 -38.46
CA HIS L 283 1.09 57.01 -38.02
C HIS L 283 2.43 57.43 -38.52
N GLU L 284 3.43 56.57 -38.44
CA GLU L 284 4.79 56.90 -38.90
C GLU L 284 5.18 56.26 -40.24
N GLY L 285 4.24 55.52 -40.85
CA GLY L 285 4.47 54.90 -42.14
C GLY L 285 5.43 53.73 -42.10
N VAL L 286 5.62 53.14 -40.92
CA VAL L 286 6.46 51.96 -40.79
C VAL L 286 5.74 50.74 -41.36
N VAL L 287 6.47 49.89 -42.08
CA VAL L 287 5.90 48.74 -42.77
C VAL L 287 6.56 47.48 -42.18
N PRO L 288 5.91 46.84 -41.20
CA PRO L 288 6.47 45.65 -40.56
C PRO L 288 6.58 44.41 -41.45
N ASP L 289 7.54 43.55 -41.14
CA ASP L 289 7.75 42.33 -41.88
C ASP L 289 6.67 41.32 -41.52
N ILE L 290 6.31 41.29 -40.25
CA ILE L 290 5.14 40.52 -39.80
C ILE L 290 4.37 41.37 -38.80
N ILE L 291 3.06 41.25 -38.82
CA ILE L 291 2.24 42.00 -37.86
C ILE L 291 1.23 41.07 -37.18
N THR L 292 1.19 41.12 -35.84
CA THR L 292 0.33 40.23 -35.03
C THR L 292 -0.95 40.98 -34.65
N MET L 293 -2.06 40.27 -34.79
CA MET L 293 -3.39 40.83 -34.59
C MET L 293 -4.31 39.92 -33.79
N ALA L 294 -5.16 40.55 -32.97
CA ALA L 294 -6.24 39.85 -32.29
C ALA L 294 -7.24 40.90 -31.75
N LYS L 295 -7.69 40.74 -30.50
CA LYS L 295 -8.60 41.67 -29.83
C LYS L 295 -9.70 42.23 -30.81
N GLY L 296 -9.50 43.42 -31.36
CA GLY L 296 -10.52 44.08 -32.18
C GLY L 296 -10.94 43.40 -33.48
N ILE L 297 -10.10 42.51 -33.98
CA ILE L 297 -10.29 41.91 -35.31
C ILE L 297 -11.69 41.35 -35.56
N ALA L 298 -12.31 40.73 -34.55
CA ALA L 298 -13.51 39.95 -34.78
C ALA L 298 -14.68 40.37 -33.92
N GLY L 299 -14.70 41.64 -33.57
CA GLY L 299 -15.80 42.20 -32.78
C GLY L 299 -16.17 41.48 -31.49
N GLY L 300 -15.20 40.81 -30.89
CA GLY L 300 -15.45 40.09 -29.65
C GLY L 300 -15.34 38.58 -29.74
N LEU L 301 -15.45 38.02 -30.94
CA LEU L 301 -15.25 36.57 -31.08
C LEU L 301 -13.76 36.24 -31.00
N PRO L 302 -13.43 35.01 -30.60
CA PRO L 302 -12.03 34.61 -30.49
C PRO L 302 -11.36 34.34 -31.83
N LEU L 303 -10.63 35.35 -32.32
CA LEU L 303 -9.83 35.21 -33.52
C LEU L 303 -8.54 35.99 -33.38
N SER L 304 -7.48 35.47 -33.98
CA SER L 304 -6.19 36.16 -34.07
C SER L 304 -5.54 35.84 -35.40
N ALA L 305 -4.50 36.60 -35.74
CA ALA L 305 -3.84 36.43 -37.04
C ALA L 305 -2.43 36.92 -37.02
N ILE L 306 -1.60 36.30 -37.86
CA ILE L 306 -0.35 36.94 -38.30
C ILE L 306 -0.48 37.23 -39.81
N THR L 307 -0.05 38.43 -40.22
CA THR L 307 0.08 38.78 -41.63
C THR L 307 1.47 39.34 -41.87
N GLY L 308 2.19 38.73 -42.81
CA GLY L 308 3.54 39.18 -43.13
C GLY L 308 3.99 38.88 -44.55
N ARG L 309 5.23 39.24 -44.83
CA ARG L 309 5.86 38.98 -46.10
C ARG L 309 5.65 37.55 -46.55
N ALA L 310 5.21 37.38 -47.78
CA ALA L 310 5.05 36.07 -48.39
C ALA L 310 6.33 35.23 -48.29
N ASP L 311 7.48 35.82 -48.58
CA ASP L 311 8.72 35.03 -48.58
C ASP L 311 9.06 34.47 -47.19
N LEU L 312 8.69 35.19 -46.14
CA LEU L 312 8.86 34.71 -44.75
C LEU L 312 7.86 33.59 -44.40
N LEU L 313 6.57 33.91 -44.48
CA LEU L 313 5.54 32.94 -44.13
C LEU L 313 5.56 31.70 -45.00
N ASP L 314 5.79 31.87 -46.29
CA ASP L 314 5.82 30.70 -47.21
C ASP L 314 7.01 29.80 -46.97
N ALA L 315 8.02 30.27 -46.26
CA ALA L 315 9.17 29.43 -45.95
C ALA L 315 8.82 28.27 -45.02
N VAL L 316 7.76 28.41 -44.23
CA VAL L 316 7.41 27.42 -43.22
C VAL L 316 6.86 26.18 -43.91
N HIS L 317 7.30 25.01 -43.46
CA HIS L 317 6.96 23.74 -44.11
C HIS L 317 5.51 23.43 -43.97
N PRO L 318 4.99 22.59 -44.88
CA PRO L 318 3.58 22.18 -44.74
C PRO L 318 3.26 21.62 -43.35
N GLY L 319 2.19 22.13 -42.74
CA GLY L 319 1.71 21.64 -41.46
C GLY L 319 2.43 22.25 -40.27
N GLY L 320 3.42 23.10 -40.53
CA GLY L 320 4.23 23.69 -39.46
C GLY L 320 3.47 24.65 -38.57
N LEU L 321 2.62 25.48 -39.15
CA LEU L 321 1.81 26.41 -38.41
C LEU L 321 0.38 25.94 -38.44
N GLY L 322 -0.32 26.02 -37.30
CA GLY L 322 -1.72 25.62 -37.23
C GLY L 322 -2.34 25.62 -35.84
N GLY L 323 -3.24 24.67 -35.60
CA GLY L 323 -4.13 24.67 -34.44
C GLY L 323 -5.49 24.08 -34.82
N THR L 324 -6.24 23.61 -33.82
CA THR L 324 -7.54 23.00 -34.06
C THR L 324 -8.60 24.03 -34.42
N TYR L 325 -8.85 24.94 -33.48
CA TYR L 325 -9.93 25.92 -33.59
C TYR L 325 -9.61 27.04 -34.55
N GLY L 326 -8.31 27.28 -34.75
CA GLY L 326 -7.83 28.51 -35.42
C GLY L 326 -8.54 28.90 -36.71
N GLY L 327 -8.87 30.18 -36.82
CA GLY L 327 -9.68 30.67 -37.91
C GLY L 327 -11.07 30.09 -37.89
N ASN L 328 -11.67 30.05 -36.71
CA ASN L 328 -13.02 29.49 -36.57
C ASN L 328 -14.04 30.24 -37.44
N PRO L 329 -14.90 29.49 -38.15
CA PRO L 329 -15.80 30.07 -39.17
C PRO L 329 -16.80 31.06 -38.61
N VAL L 330 -17.32 30.79 -37.43
CA VAL L 330 -18.20 31.74 -36.76
C VAL L 330 -17.42 33.01 -36.42
N ALA L 331 -16.19 32.85 -35.94
CA ALA L 331 -15.31 33.98 -35.64
C ALA L 331 -14.94 34.75 -36.91
N CYS L 332 -14.73 34.03 -38.00
CA CYS L 332 -14.39 34.64 -39.29
C CYS L 332 -15.54 35.50 -39.79
N ALA L 333 -16.76 34.94 -39.72
CA ALA L 333 -17.95 35.68 -40.08
C ALA L 333 -17.96 36.99 -39.30
N ALA L 334 -17.73 36.89 -38.00
CA ALA L 334 -17.70 38.07 -37.14
C ALA L 334 -16.68 39.10 -37.64
N ALA L 335 -15.49 38.62 -38.01
CA ALA L 335 -14.40 39.52 -38.42
C ALA L 335 -14.75 40.28 -39.70
N LEU L 336 -15.25 39.56 -40.69
CA LEU L 336 -15.66 40.19 -41.95
C LEU L 336 -16.68 41.30 -41.69
N ALA L 337 -17.69 41.00 -40.88
CA ALA L 337 -18.70 41.98 -40.52
C ALA L 337 -18.08 43.15 -39.71
N ALA L 338 -17.22 42.82 -38.75
CA ALA L 338 -16.56 43.83 -37.95
C ALA L 338 -15.75 44.80 -38.81
N ILE L 339 -14.92 44.25 -39.70
CA ILE L 339 -14.11 45.07 -40.60
C ILE L 339 -15.04 45.93 -41.48
N ASP L 340 -16.13 45.33 -41.93
CA ASP L 340 -17.09 46.04 -42.77
C ASP L 340 -17.65 47.23 -42.01
N THR L 341 -18.04 47.02 -40.75
CA THR L 341 -18.50 48.12 -39.91
C THR L 341 -17.44 49.20 -39.79
N MET L 342 -16.20 48.79 -39.57
CA MET L 342 -15.11 49.74 -39.44
C MET L 342 -15.03 50.69 -40.65
N GLU L 343 -15.24 50.14 -41.84
CA GLU L 343 -15.28 50.91 -43.09
C GLU L 343 -16.58 51.71 -43.24
N GLN L 344 -17.71 51.01 -43.28
CA GLN L 344 -19.03 51.65 -43.51
C GLN L 344 -19.20 52.86 -42.55
N HIS L 345 -18.81 52.74 -41.29
CA HIS L 345 -18.99 53.84 -40.35
C HIS L 345 -17.77 54.66 -40.06
N ASP L 346 -16.73 54.50 -40.88
CA ASP L 346 -15.46 55.29 -40.75
C ASP L 346 -14.98 55.37 -39.30
N LEU L 347 -14.69 54.20 -38.72
CA LEU L 347 -14.28 54.15 -37.31
C LEU L 347 -12.91 54.78 -37.10
N ASN L 348 -12.07 54.78 -38.14
CA ASN L 348 -10.84 55.57 -38.08
C ASN L 348 -11.17 57.03 -37.73
N GLY L 349 -12.13 57.59 -38.48
CA GLY L 349 -12.61 58.93 -38.22
C GLY L 349 -13.19 59.10 -36.84
N ARG L 350 -14.00 58.14 -36.40
CA ARG L 350 -14.62 58.24 -35.07
C ARG L 350 -13.48 58.21 -33.99
N ALA L 351 -12.44 57.41 -34.25
CA ALA L 351 -11.28 57.34 -33.35
C ALA L 351 -10.53 58.67 -33.28
N ARG L 352 -10.30 59.28 -34.45
CA ARG L 352 -9.59 60.58 -34.50
C ARG L 352 -10.40 61.64 -33.77
N HIS L 353 -11.72 61.54 -33.90
CA HIS L 353 -12.62 62.48 -33.24
C HIS L 353 -12.58 62.30 -31.74
N ILE L 354 -12.63 61.04 -31.29
CA ILE L 354 -12.47 60.73 -29.85
C ILE L 354 -11.19 61.34 -29.28
N GLU L 355 -10.10 61.25 -30.04
CA GLU L 355 -8.83 61.80 -29.59
C GLU L 355 -8.98 63.29 -29.30
N GLU L 356 -9.50 64.02 -30.28
CA GLU L 356 -9.64 65.49 -30.19
C GLU L 356 -10.47 65.86 -28.95
N LEU L 357 -11.61 65.20 -28.78
CA LEU L 357 -12.50 65.44 -27.65
C LEU L 357 -11.81 65.13 -26.32
N ALA L 358 -11.30 63.91 -26.20
CA ALA L 358 -10.77 63.41 -24.96
C ALA L 358 -9.49 64.12 -24.54
N LEU L 359 -8.56 64.29 -25.48
CA LEU L 359 -7.32 64.98 -25.15
C LEU L 359 -7.61 66.46 -24.79
N GLY L 360 -8.63 67.03 -25.43
CA GLY L 360 -9.08 68.38 -25.08
C GLY L 360 -9.45 68.49 -23.60
N LYS L 361 -10.39 67.65 -23.16
CA LYS L 361 -10.87 67.71 -21.77
C LYS L 361 -9.73 67.39 -20.78
N LEU L 362 -8.88 66.43 -21.13
CA LEU L 362 -7.76 66.04 -20.25
C LEU L 362 -6.71 67.14 -20.10
N ARG L 363 -6.42 67.86 -21.19
CA ARG L 363 -5.42 68.94 -21.15
C ARG L 363 -5.96 70.15 -20.38
N GLU L 364 -7.28 70.37 -20.44
CA GLU L 364 -7.96 71.33 -19.56
C GLU L 364 -7.69 71.00 -18.09
N LEU L 365 -7.84 69.73 -17.74
CA LEU L 365 -7.59 69.26 -16.35
C LEU L 365 -6.16 69.46 -15.73
N SER L 375 1.03 69.43 -8.75
CA SER L 375 0.22 68.74 -9.77
C SER L 375 0.45 67.25 -9.84
N VAL L 376 -0.64 66.57 -10.13
CA VAL L 376 -0.74 65.12 -10.05
C VAL L 376 -0.79 64.47 -11.47
N VAL L 377 -0.91 65.31 -12.52
CA VAL L 377 -0.99 64.83 -13.89
C VAL L 377 0.39 64.94 -14.54
N GLY L 378 1.09 63.81 -14.62
CA GLY L 378 2.45 63.79 -15.16
C GLY L 378 2.55 63.85 -16.67
N ASP L 379 1.67 63.14 -17.37
CA ASP L 379 1.79 63.02 -18.82
C ASP L 379 0.45 62.60 -19.42
N ILE L 380 0.11 63.21 -20.56
CA ILE L 380 -1.07 62.84 -21.33
C ILE L 380 -0.57 62.41 -22.70
N ARG L 381 -0.98 61.22 -23.14
CA ARG L 381 -0.41 60.64 -24.34
C ARG L 381 -1.35 59.64 -24.95
N GLY L 382 -1.02 59.26 -26.17
CA GLY L 382 -1.80 58.28 -26.91
C GLY L 382 -2.33 58.84 -28.21
N ARG L 383 -3.02 58.01 -28.97
CA ARG L 383 -3.63 58.42 -30.21
C ARG L 383 -4.97 57.77 -30.39
N GLY L 384 -5.87 58.48 -31.06
CA GLY L 384 -7.19 57.95 -31.39
C GLY L 384 -7.95 57.60 -30.13
N ALA L 385 -8.48 56.38 -30.12
CA ALA L 385 -9.24 55.86 -28.98
C ALA L 385 -8.36 55.01 -28.04
N MET L 386 -7.05 55.25 -28.09
CA MET L 386 -6.09 54.58 -27.21
C MET L 386 -5.32 55.67 -26.51
N LEU L 387 -5.88 56.20 -25.44
CA LEU L 387 -5.34 57.39 -24.78
C LEU L 387 -5.08 57.10 -23.33
N ALA L 388 -4.21 57.87 -22.71
CA ALA L 388 -3.87 57.62 -21.33
C ALA L 388 -3.37 58.85 -20.60
N ILE L 389 -3.52 58.81 -19.30
CA ILE L 389 -2.97 59.85 -18.44
C ILE L 389 -2.18 59.16 -17.35
N GLU L 390 -0.90 59.49 -17.28
CA GLU L 390 0.01 58.95 -16.25
C GLU L 390 0.01 59.88 -15.05
N LEU L 391 -0.37 59.32 -13.90
CA LEU L 391 -0.50 60.07 -12.66
C LEU L 391 0.76 59.94 -11.79
N VAL L 392 1.21 61.09 -11.28
CA VAL L 392 2.41 61.15 -10.46
C VAL L 392 2.12 61.77 -9.09
N GLN L 393 3.12 61.74 -8.23
CA GLN L 393 3.05 62.37 -6.91
C GLN L 393 3.15 63.90 -7.11
N PRO L 394 2.44 64.69 -6.28
CA PRO L 394 2.44 66.16 -6.45
C PRO L 394 3.87 66.76 -6.53
N GLY L 395 4.12 67.53 -7.59
CA GLY L 395 5.37 68.25 -7.75
C GLY L 395 6.61 67.40 -8.01
N SER L 396 6.42 66.15 -8.39
CA SER L 396 7.54 65.30 -8.83
C SER L 396 7.10 64.34 -9.94
N LYS L 397 8.03 63.50 -10.39
CA LYS L 397 7.75 62.47 -11.40
C LYS L 397 7.54 61.07 -10.75
N GLU L 398 7.56 60.97 -9.41
CA GLU L 398 7.41 59.68 -8.73
C GLU L 398 6.01 59.11 -9.03
N PRO L 399 5.91 57.79 -9.30
CA PRO L 399 4.61 57.19 -9.69
C PRO L 399 3.60 57.24 -8.56
N ASN L 400 2.32 57.37 -8.92
CA ASN L 400 1.22 57.49 -7.96
C ASN L 400 0.18 56.38 -8.21
N ALA L 401 0.55 55.15 -7.87
CA ALA L 401 -0.38 54.03 -8.00
C ALA L 401 -1.61 54.17 -7.08
N GLU L 402 -1.41 54.72 -5.87
CA GLU L 402 -2.50 54.88 -4.89
C GLU L 402 -3.67 55.72 -5.50
N LEU L 403 -3.32 56.87 -6.06
CA LEU L 403 -4.30 57.76 -6.71
C LEU L 403 -4.99 57.07 -7.87
N THR L 404 -4.22 56.31 -8.63
CA THR L 404 -4.72 55.58 -9.78
C THR L 404 -5.76 54.54 -9.35
N LYS L 405 -5.42 53.71 -8.36
CA LYS L 405 -6.36 52.69 -7.82
C LYS L 405 -7.64 53.40 -7.31
N ALA L 406 -7.45 54.50 -6.58
CA ALA L 406 -8.55 55.28 -6.00
C ALA L 406 -9.47 55.92 -7.06
N VAL L 407 -8.86 56.48 -8.12
CA VAL L 407 -9.64 57.12 -9.17
C VAL L 407 -10.47 56.09 -9.93
N ALA L 408 -9.89 54.93 -10.19
CA ALA L 408 -10.62 53.84 -10.86
C ALA L 408 -11.84 53.41 -10.04
N ALA L 409 -11.64 53.29 -8.73
CA ALA L 409 -12.72 52.94 -7.80
C ALA L 409 -13.80 54.02 -7.75
N ALA L 410 -13.36 55.27 -7.68
CA ALA L 410 -14.28 56.42 -7.64
C ALA L 410 -15.14 56.46 -8.91
N CYS L 411 -14.52 56.24 -10.06
CA CYS L 411 -15.25 56.22 -11.33
C CYS L 411 -16.27 55.10 -11.35
N LEU L 412 -15.88 53.93 -10.86
CA LEU L 412 -16.78 52.78 -10.82
C LEU L 412 -18.02 53.12 -9.97
N LYS L 413 -17.79 53.76 -8.81
CA LYS L 413 -18.85 54.17 -7.88
C LYS L 413 -19.90 55.03 -8.59
N GLU L 414 -19.46 55.91 -9.49
CA GLU L 414 -20.38 56.81 -10.24
C GLU L 414 -20.95 56.19 -11.51
N GLY L 415 -20.63 54.94 -11.79
CA GLY L 415 -21.19 54.26 -12.97
C GLY L 415 -20.34 54.36 -14.22
N VAL L 416 -19.02 54.51 -14.04
CA VAL L 416 -18.09 54.53 -15.16
C VAL L 416 -17.02 53.44 -14.98
N ILE L 417 -17.03 52.42 -15.85
CA ILE L 417 -16.03 51.34 -15.82
C ILE L 417 -14.79 51.77 -16.62
N ILE L 418 -13.71 52.05 -15.92
CA ILE L 418 -12.49 52.55 -16.56
C ILE L 418 -11.31 51.66 -16.16
N LEU L 419 -10.37 51.43 -17.08
CA LEU L 419 -9.24 50.53 -16.81
C LEU L 419 -7.97 51.29 -16.47
N THR L 420 -7.08 50.61 -15.75
CA THR L 420 -5.77 51.13 -15.44
C THR L 420 -4.69 50.23 -16.07
N CYS L 421 -3.44 50.65 -16.01
CA CYS L 421 -2.32 49.86 -16.51
C CYS L 421 -1.01 50.51 -16.12
N GLY L 422 0.09 50.01 -16.67
CA GLY L 422 1.40 50.61 -16.46
C GLY L 422 2.39 49.77 -15.69
N THR L 423 3.66 49.86 -16.08
CA THR L 423 4.74 49.24 -15.38
C THR L 423 4.67 49.60 -13.91
N TYR L 424 4.37 50.88 -13.63
CA TYR L 424 4.35 51.36 -12.23
C TYR L 424 2.93 51.48 -11.64
N GLY L 425 1.96 50.88 -12.33
CA GLY L 425 0.57 50.86 -11.88
C GLY L 425 -0.11 52.21 -11.76
N ASN L 426 0.38 53.20 -12.50
CA ASN L 426 -0.01 54.60 -12.30
C ASN L 426 -0.51 55.25 -13.55
N VAL L 427 -1.10 54.47 -14.44
CA VAL L 427 -1.63 55.00 -15.69
C VAL L 427 -3.11 54.66 -15.87
N ILE L 428 -3.92 55.70 -16.00
CA ILE L 428 -5.32 55.52 -16.37
C ILE L 428 -5.39 55.50 -17.86
N ARG L 429 -6.09 54.53 -18.41
CA ARG L 429 -6.23 54.43 -19.83
C ARG L 429 -7.69 54.49 -20.30
N LEU L 430 -7.89 55.19 -21.41
CA LEU L 430 -9.20 55.29 -22.07
C LEU L 430 -9.17 54.36 -23.30
N LEU L 431 -9.99 53.31 -23.26
CA LEU L 431 -10.19 52.40 -24.39
C LEU L 431 -11.68 52.24 -24.65
N PRO L 432 -12.34 53.35 -25.00
CA PRO L 432 -13.78 53.27 -25.26
C PRO L 432 -14.03 52.58 -26.56
N PRO L 433 -15.21 51.97 -26.72
CA PRO L 433 -15.56 51.49 -28.05
C PRO L 433 -15.65 52.67 -29.00
N LEU L 434 -15.26 52.45 -30.25
CA LEU L 434 -15.22 53.53 -31.23
C LEU L 434 -16.63 54.05 -31.60
N VAL L 435 -17.63 53.20 -31.44
CA VAL L 435 -19.03 53.61 -31.67
C VAL L 435 -19.65 54.45 -30.52
N ILE L 436 -18.88 54.78 -29.49
CA ILE L 436 -19.40 55.57 -28.39
C ILE L 436 -19.83 56.97 -28.85
N SER L 437 -20.92 57.48 -28.29
CA SER L 437 -21.41 58.82 -28.60
C SER L 437 -20.61 59.88 -27.85
N ASP L 438 -20.52 61.07 -28.45
CA ASP L 438 -19.86 62.21 -27.80
C ASP L 438 -20.46 62.51 -26.41
N GLU L 439 -21.78 62.40 -26.33
CA GLU L 439 -22.52 62.65 -25.07
C GLU L 439 -21.96 61.75 -23.95
N LEU L 440 -21.98 60.44 -24.19
CA LEU L 440 -21.50 59.44 -23.22
C LEU L 440 -20.01 59.60 -22.90
N LEU L 441 -19.19 59.79 -23.93
CA LEU L 441 -17.73 59.97 -23.73
C LEU L 441 -17.49 61.17 -22.82
N ILE L 442 -18.14 62.30 -23.13
CA ILE L 442 -17.98 63.52 -22.33
C ILE L 442 -18.44 63.29 -20.89
N ASP L 443 -19.55 62.59 -20.73
CA ASP L 443 -20.06 62.26 -19.40
C ASP L 443 -18.98 61.50 -18.61
N GLY L 444 -18.48 60.43 -19.23
CA GLY L 444 -17.42 59.64 -18.63
C GLY L 444 -16.20 60.47 -18.27
N LEU L 445 -15.75 61.30 -19.21
CA LEU L 445 -14.57 62.16 -18.99
C LEU L 445 -14.80 63.15 -17.85
N GLU L 446 -16.04 63.62 -17.70
CA GLU L 446 -16.39 64.54 -16.62
C GLU L 446 -16.26 63.83 -15.27
N VAL L 447 -16.80 62.62 -15.20
CA VAL L 447 -16.70 61.78 -14.01
C VAL L 447 -15.23 61.47 -13.66
N LEU L 448 -14.42 61.21 -14.69
CA LEU L 448 -12.99 60.95 -14.50
C LEU L 448 -12.29 62.18 -13.93
N ALA L 449 -12.52 63.34 -14.56
CA ALA L 449 -11.91 64.60 -14.11
C ALA L 449 -12.32 64.93 -12.67
N ALA L 450 -13.60 64.73 -12.34
CA ALA L 450 -14.09 64.93 -10.97
C ALA L 450 -13.36 64.02 -9.98
N ALA L 451 -13.19 62.75 -10.35
CA ALA L 451 -12.52 61.77 -9.49
C ALA L 451 -11.06 62.15 -9.19
N ILE L 452 -10.34 62.56 -10.21
CA ILE L 452 -8.95 62.93 -10.02
C ILE L 452 -8.84 64.13 -9.07
N LYS L 453 -9.66 65.16 -9.32
CA LYS L 453 -9.70 66.32 -8.44
C LYS L 453 -10.07 65.92 -7.02
N ALA L 454 -11.10 65.08 -6.88
CA ALA L 454 -11.55 64.61 -5.56
C ALA L 454 -10.42 63.94 -4.74
N HIS L 455 -9.48 63.25 -5.41
CA HIS L 455 -8.33 62.59 -4.75
C HIS L 455 -7.04 63.08 -5.39
#